data_5JPW
#
_entry.id   5JPW
#
_entity_poly.entity_id   1
_entity_poly.type   'polypeptide(L)'
_entity_poly.pdbx_seq_one_letter_code
;GSMEDYQAAEETAFVVDEVSNIVKEAIESAIGGNAYQHSKVNQWTTNVVEQTLSQLTKLGKPFKYIVTCVIMQKNGAGLH
TASSCFWDSSTDGSCTVRWENKTMYCIVSAFGLSIGGGSGQSGPIKLGMAKITQVDFPPREIV
;
_entity_poly.pdbx_strand_id   A,B
#
# COMPACT_ATOMS: atom_id res chain seq x y z
N GLY A 1 7.46 -21.62 -18.63
CA GLY A 1 7.01 -20.91 -19.84
C GLY A 1 8.17 -20.54 -20.75
N SER A 2 7.88 -20.05 -21.96
CA SER A 2 8.86 -19.65 -22.99
C SER A 2 9.14 -18.14 -22.97
N MET A 3 9.35 -17.57 -21.78
CA MET A 3 9.72 -16.15 -21.61
C MET A 3 11.02 -15.76 -22.34
N GLU A 4 11.90 -16.74 -22.56
CA GLU A 4 13.18 -16.59 -23.25
C GLU A 4 13.06 -16.20 -24.74
N ASP A 5 11.87 -16.34 -25.34
CA ASP A 5 11.57 -15.92 -26.72
C ASP A 5 11.66 -14.39 -26.93
N TYR A 6 11.33 -13.62 -25.90
CA TYR A 6 11.42 -12.15 -25.84
C TYR A 6 12.45 -11.69 -24.78
N GLN A 7 12.64 -10.38 -24.68
CA GLN A 7 13.48 -9.73 -23.66
C GLN A 7 12.94 -8.32 -23.32
N ALA A 8 13.60 -7.63 -22.38
CA ALA A 8 13.36 -6.23 -22.04
C ALA A 8 14.66 -5.41 -22.10
N ALA A 9 14.54 -4.12 -22.41
CA ALA A 9 15.65 -3.17 -22.51
C ALA A 9 15.95 -2.49 -21.16
N GLU A 10 17.21 -2.57 -20.70
CA GLU A 10 17.66 -1.88 -19.47
C GLU A 10 17.83 -0.36 -19.66
N GLU A 11 17.98 0.12 -20.90
CA GLU A 11 18.10 1.56 -21.23
C GLU A 11 16.81 2.37 -21.03
N THR A 12 15.64 1.72 -21.11
CA THR A 12 14.32 2.34 -20.84
C THR A 12 13.86 2.14 -19.39
N ALA A 13 14.42 1.16 -18.66
CA ALA A 13 14.17 0.93 -17.25
C ALA A 13 14.67 2.11 -16.39
N PHE A 14 13.82 2.58 -15.47
CA PHE A 14 14.15 3.62 -14.47
C PHE A 14 15.05 3.07 -13.34
N VAL A 15 15.43 3.93 -12.39
CA VAL A 15 16.13 3.58 -11.14
C VAL A 15 15.57 4.37 -9.95
N VAL A 16 15.67 3.82 -8.74
CA VAL A 16 15.17 4.44 -7.49
C VAL A 16 15.81 5.80 -7.24
N ASP A 17 17.12 5.90 -7.44
CA ASP A 17 17.91 7.15 -7.32
C ASP A 17 17.44 8.26 -8.27
N GLU A 18 16.89 7.90 -9.44
CA GLU A 18 16.26 8.83 -10.37
C GLU A 18 14.89 9.29 -9.85
N VAL A 19 13.98 8.36 -9.58
CA VAL A 19 12.63 8.65 -9.04
C VAL A 19 12.68 9.53 -7.78
N SER A 20 13.64 9.26 -6.90
CA SER A 20 13.95 10.05 -5.70
C SER A 20 14.36 11.51 -5.99
N ASN A 21 14.80 11.83 -7.22
CA ASN A 21 15.09 13.20 -7.69
C ASN A 21 13.94 13.83 -8.50
N ILE A 22 13.20 13.04 -9.30
CA ILE A 22 12.00 13.50 -10.04
C ILE A 22 11.01 14.20 -9.09
N VAL A 23 10.84 13.70 -7.86
CA VAL A 23 9.99 14.36 -6.87
C VAL A 23 10.49 15.74 -6.46
N LYS A 24 11.80 15.94 -6.22
CA LYS A 24 12.35 17.26 -5.85
C LYS A 24 12.21 18.25 -6.99
N GLU A 25 12.65 17.89 -8.21
CA GLU A 25 12.57 18.81 -9.35
C GLU A 25 11.12 19.22 -9.66
N ALA A 26 10.14 18.33 -9.44
CA ALA A 26 8.72 18.64 -9.58
C ALA A 26 8.15 19.49 -8.42
N ILE A 27 8.50 19.21 -7.15
CA ILE A 27 8.10 20.05 -6.01
C ILE A 27 8.65 21.47 -6.17
N GLU A 28 9.95 21.64 -6.35
CA GLU A 28 10.55 22.98 -6.45
C GLU A 28 10.05 23.77 -7.67
N SER A 29 9.71 23.08 -8.78
CA SER A 29 9.00 23.67 -9.92
C SER A 29 7.61 24.21 -9.53
N ALA A 30 6.82 23.46 -8.78
CA ALA A 30 5.52 23.89 -8.24
C ALA A 30 5.63 25.06 -7.24
N ILE A 31 6.65 25.05 -6.37
CA ILE A 31 6.96 26.17 -5.44
C ILE A 31 7.34 27.43 -6.22
N GLY A 32 8.24 27.32 -7.20
CA GLY A 32 8.75 28.44 -8.00
C GLY A 32 9.58 29.48 -7.21
N GLY A 33 10.11 29.11 -6.03
CA GLY A 33 10.88 29.99 -5.15
C GLY A 33 10.06 31.00 -4.34
N ASN A 34 8.75 30.77 -4.16
CA ASN A 34 7.84 31.64 -3.40
C ASN A 34 8.14 31.72 -1.88
N ALA A 35 7.34 32.51 -1.16
CA ALA A 35 7.43 32.71 0.29
C ALA A 35 7.40 31.40 1.09
N TYR A 36 8.16 31.36 2.20
CA TYR A 36 8.28 30.20 3.09
C TYR A 36 6.96 29.95 3.84
N GLN A 37 6.41 28.75 3.67
CA GLN A 37 5.08 28.33 4.14
C GLN A 37 5.14 26.91 4.73
N HIS A 38 4.16 26.58 5.59
CA HIS A 38 4.09 25.29 6.31
C HIS A 38 3.00 24.38 5.73
N SER A 39 1.72 24.77 5.85
CA SER A 39 0.57 24.06 5.28
C SER A 39 0.59 23.95 3.74
N LYS A 40 1.39 24.76 3.04
CA LYS A 40 1.63 24.61 1.60
C LYS A 40 2.23 23.27 1.22
N VAL A 41 3.14 22.73 2.02
CA VAL A 41 3.74 21.41 1.80
C VAL A 41 2.67 20.31 1.65
N ASN A 42 1.56 20.40 2.37
CA ASN A 42 0.42 19.48 2.29
C ASN A 42 -0.22 19.50 0.89
N GLN A 43 -0.54 20.69 0.36
CA GLN A 43 -1.05 20.81 -1.02
C GLN A 43 0.00 20.50 -2.08
N TRP A 44 1.30 20.66 -1.78
CA TRP A 44 2.39 20.40 -2.73
C TRP A 44 2.67 18.92 -2.87
N THR A 45 2.91 18.20 -1.77
CA THR A 45 3.10 16.75 -1.79
C THR A 45 1.91 16.02 -2.45
N THR A 46 0.67 16.50 -2.26
CA THR A 46 -0.48 15.90 -2.99
C THR A 46 -0.49 16.30 -4.48
N ASN A 47 -0.51 17.60 -4.81
CA ASN A 47 -0.60 18.11 -6.20
C ASN A 47 0.54 17.60 -7.10
N VAL A 48 1.76 17.53 -6.58
CA VAL A 48 2.96 17.10 -7.30
C VAL A 48 2.86 15.64 -7.66
N VAL A 49 2.83 14.77 -6.65
CA VAL A 49 2.70 13.30 -6.81
C VAL A 49 1.53 12.95 -7.73
N GLU A 50 0.49 13.80 -7.78
CA GLU A 50 -0.71 13.61 -8.63
C GLU A 50 -0.35 13.46 -10.12
N GLN A 51 0.57 14.29 -10.62
CA GLN A 51 1.06 14.28 -12.00
C GLN A 51 2.45 13.64 -12.13
N THR A 52 3.31 13.85 -11.13
CA THR A 52 4.71 13.38 -11.05
C THR A 52 4.79 11.86 -11.02
N LEU A 53 4.02 11.19 -10.15
CA LEU A 53 3.98 9.73 -10.08
C LEU A 53 3.47 9.11 -11.39
N SER A 54 2.51 9.77 -12.04
CA SER A 54 2.06 9.43 -13.40
C SER A 54 3.18 9.61 -14.45
N GLN A 55 3.95 10.69 -14.38
CA GLN A 55 5.07 11.02 -15.29
C GLN A 55 6.24 10.05 -15.16
N LEU A 56 6.76 9.76 -13.96
CA LEU A 56 7.89 8.83 -13.78
C LEU A 56 7.57 7.39 -14.18
N THR A 57 6.29 7.00 -14.07
CA THR A 57 5.77 5.74 -14.63
C THR A 57 6.00 5.65 -16.14
N LYS A 58 6.07 6.81 -16.83
CA LYS A 58 6.33 6.90 -18.28
C LYS A 58 7.83 7.00 -18.62
N LEU A 59 8.62 7.57 -17.71
CA LEU A 59 10.09 7.60 -17.81
C LEU A 59 10.74 6.21 -17.58
N GLY A 60 10.02 5.31 -16.90
CA GLY A 60 10.35 3.89 -16.75
C GLY A 60 9.58 2.99 -17.73
N LYS A 61 9.04 1.88 -17.22
CA LYS A 61 8.20 0.90 -17.95
C LYS A 61 6.76 0.82 -17.41
N PRO A 62 5.79 0.39 -18.23
CA PRO A 62 4.41 0.14 -17.81
C PRO A 62 4.32 -1.06 -16.85
N PHE A 63 3.94 -0.78 -15.60
CA PHE A 63 3.71 -1.76 -14.52
C PHE A 63 2.66 -1.21 -13.51
N LYS A 64 2.27 -2.03 -12.52
CA LYS A 64 1.43 -1.63 -11.37
C LYS A 64 2.27 -0.89 -10.32
N TYR A 65 2.18 0.44 -10.31
CA TYR A 65 2.71 1.32 -9.26
C TYR A 65 1.58 1.70 -8.29
N ILE A 66 1.91 1.80 -7.00
CA ILE A 66 1.03 2.28 -5.92
C ILE A 66 1.77 3.30 -5.06
N VAL A 67 1.02 4.20 -4.43
CA VAL A 67 1.52 5.07 -3.37
C VAL A 67 0.51 5.20 -2.24
N THR A 68 1.03 5.42 -1.04
CA THR A 68 0.27 5.74 0.17
C THR A 68 0.95 6.91 0.89
N CYS A 69 0.17 7.87 1.36
CA CYS A 69 0.66 9.06 2.05
C CYS A 69 -0.10 9.30 3.36
N VAL A 70 0.61 9.72 4.40
CA VAL A 70 0.14 9.78 5.79
C VAL A 70 0.43 11.17 6.37
N ILE A 71 -0.59 12.03 6.43
CA ILE A 71 -0.51 13.42 6.92
C ILE A 71 -0.91 13.47 8.41
N MET A 72 0.08 13.45 9.31
CA MET A 72 -0.07 13.57 10.77
C MET A 72 -0.03 15.03 11.25
N GLN A 73 -0.43 15.28 12.51
CA GLN A 73 -0.35 16.58 13.18
C GLN A 73 0.27 16.48 14.59
N LYS A 74 1.41 17.16 14.81
CA LYS A 74 2.13 17.22 16.09
C LYS A 74 1.36 17.98 17.20
N ASN A 75 0.27 18.66 16.84
CA ASN A 75 -0.66 19.35 17.77
C ASN A 75 -1.24 18.43 18.87
N GLY A 76 -1.37 17.12 18.61
CA GLY A 76 -1.89 16.15 19.58
C GLY A 76 -2.58 14.90 19.00
N ALA A 77 -2.49 14.68 17.67
CA ALA A 77 -3.33 13.73 16.94
C ALA A 77 -2.50 12.77 16.05
N GLY A 78 -2.25 11.57 16.58
CA GLY A 78 -1.53 10.46 15.90
C GLY A 78 -2.11 9.09 16.24
N LEU A 79 -1.68 8.05 15.51
CA LEU A 79 -2.30 6.71 15.50
C LEU A 79 -1.30 5.57 15.17
N HIS A 80 -1.74 4.31 15.23
CA HIS A 80 -0.90 3.13 14.94
C HIS A 80 -1.12 2.61 13.50
N THR A 81 -0.25 2.96 12.55
CA THR A 81 -0.27 2.41 11.19
C THR A 81 0.71 1.23 11.09
N ALA A 82 0.32 0.17 10.39
CA ALA A 82 1.08 -1.07 10.22
C ALA A 82 1.12 -1.48 8.74
N SER A 83 2.31 -1.42 8.13
CA SER A 83 2.49 -1.58 6.67
C SER A 83 3.32 -2.83 6.38
N SER A 84 2.69 -3.89 5.85
CA SER A 84 3.34 -5.17 5.50
C SER A 84 4.13 -5.08 4.19
N CYS A 85 4.76 -3.94 3.92
CA CYS A 85 5.64 -3.71 2.79
C CYS A 85 7.07 -4.16 3.09
N PHE A 86 7.94 -4.06 2.09
CA PHE A 86 9.34 -4.53 2.12
C PHE A 86 10.24 -3.53 1.38
N TRP A 87 11.42 -3.23 1.94
CA TRP A 87 12.44 -2.43 1.27
C TRP A 87 13.21 -3.29 0.27
N ASP A 88 13.38 -2.79 -0.96
CA ASP A 88 14.24 -3.38 -2.00
C ASP A 88 14.94 -2.26 -2.82
N SER A 89 16.15 -2.54 -3.31
CA SER A 89 16.96 -1.63 -4.15
C SER A 89 17.33 -2.25 -5.50
N SER A 90 18.06 -3.39 -5.49
CA SER A 90 18.42 -4.13 -6.71
C SER A 90 17.42 -5.26 -7.04
N THR A 91 16.72 -5.79 -6.02
CA THR A 91 15.71 -6.87 -6.11
C THR A 91 14.43 -6.46 -6.85
N ASP A 92 13.82 -5.35 -6.43
CA ASP A 92 12.56 -4.76 -6.94
C ASP A 92 12.61 -3.21 -6.84
N GLY A 93 11.60 -2.53 -7.38
CA GLY A 93 11.45 -1.07 -7.33
C GLY A 93 10.63 -0.58 -6.13
N SER A 94 11.22 0.26 -5.27
CA SER A 94 10.55 0.98 -4.17
C SER A 94 11.17 2.36 -3.95
N CYS A 95 10.39 3.37 -3.59
CA CYS A 95 10.85 4.73 -3.30
C CYS A 95 9.95 5.41 -2.25
N THR A 96 10.39 6.51 -1.63
CA THR A 96 9.64 7.21 -0.57
C THR A 96 10.18 8.64 -0.37
N VAL A 97 9.33 9.57 0.06
CA VAL A 97 9.64 11.01 0.18
C VAL A 97 9.04 11.57 1.47
N ARG A 98 9.88 12.22 2.28
CA ARG A 98 9.55 12.68 3.64
C ARG A 98 9.74 14.19 3.82
N TRP A 99 8.64 14.92 4.00
CA TRP A 99 8.57 16.37 4.13
C TRP A 99 7.84 16.77 5.43
N GLU A 100 8.63 17.00 6.48
CA GLU A 100 8.17 17.55 7.76
C GLU A 100 8.01 19.09 7.71
N ASN A 101 7.11 19.63 8.53
CA ASN A 101 6.81 21.06 8.66
C ASN A 101 6.93 21.53 10.13
N LYS A 102 6.58 22.78 10.42
CA LYS A 102 6.62 23.39 11.78
C LYS A 102 5.82 22.59 12.83
N THR A 103 4.56 22.26 12.51
CA THR A 103 3.60 21.54 13.39
C THR A 103 2.84 20.40 12.68
N MET A 104 3.16 20.15 11.41
CA MET A 104 2.55 19.14 10.52
C MET A 104 3.61 18.17 9.98
N TYR A 105 3.19 16.97 9.57
CA TYR A 105 4.04 15.90 9.04
C TYR A 105 3.43 15.29 7.78
N CYS A 106 4.13 15.33 6.65
CA CYS A 106 3.65 14.88 5.36
C CYS A 106 4.63 13.85 4.73
N ILE A 107 4.34 12.55 4.88
CA ILE A 107 5.21 11.46 4.41
C ILE A 107 4.50 10.55 3.38
N VAL A 108 5.02 10.53 2.14
CA VAL A 108 4.52 9.72 1.01
C VAL A 108 5.47 8.57 0.70
N SER A 109 4.92 7.39 0.43
CA SER A 109 5.68 6.16 0.14
C SER A 109 5.17 5.47 -1.13
N ALA A 110 6.06 4.81 -1.88
CA ALA A 110 5.81 4.26 -3.22
C ALA A 110 6.40 2.86 -3.42
N PHE A 111 5.65 2.00 -4.10
CA PHE A 111 6.04 0.63 -4.43
C PHE A 111 5.76 0.35 -5.92
N GLY A 112 6.84 0.15 -6.69
CA GLY A 112 6.84 -0.04 -8.15
C GLY A 112 7.20 -1.47 -8.50
N LEU A 113 6.22 -2.37 -8.35
CA LEU A 113 6.39 -3.82 -8.52
C LEU A 113 6.68 -4.17 -10.00
N SER A 114 7.93 -4.57 -10.26
CA SER A 114 8.51 -4.80 -11.59
C SER A 114 9.31 -6.11 -11.64
N ILE A 115 8.80 -7.10 -12.39
CA ILE A 115 9.41 -8.44 -12.54
C ILE A 115 10.16 -8.66 -13.87
N GLY A 116 10.21 -7.64 -14.74
CA GLY A 116 10.80 -7.70 -16.08
C GLY A 116 12.33 -7.59 -16.17
N GLY A 117 13.04 -7.49 -15.04
CA GLY A 117 14.50 -7.45 -14.98
C GLY A 117 15.13 -6.05 -15.10
N GLY A 118 14.35 -4.98 -14.93
CA GLY A 118 14.78 -3.58 -14.98
C GLY A 118 15.80 -3.21 -13.88
N SER A 119 17.08 -3.37 -14.20
CA SER A 119 18.24 -3.18 -13.31
C SER A 119 19.40 -2.47 -14.03
N GLY A 120 20.59 -2.41 -13.41
CA GLY A 120 21.79 -1.75 -13.97
C GLY A 120 22.14 -0.40 -13.31
N GLN A 121 21.70 -0.17 -12.07
CA GLN A 121 21.94 1.05 -11.30
C GLN A 121 23.44 1.41 -11.12
N SER A 122 23.72 2.72 -10.95
CA SER A 122 25.06 3.27 -10.75
C SER A 122 25.63 2.96 -9.34
N GLY A 123 24.78 2.96 -8.31
CA GLY A 123 25.17 2.69 -6.92
C GLY A 123 25.49 1.20 -6.64
N PRO A 124 26.14 0.89 -5.51
CA PRO A 124 26.48 -0.48 -5.12
C PRO A 124 25.23 -1.29 -4.73
N ILE A 125 25.29 -2.61 -4.91
CA ILE A 125 24.26 -3.56 -4.48
C ILE A 125 24.50 -4.01 -3.03
N LYS A 126 23.41 -4.27 -2.28
CA LYS A 126 23.44 -4.68 -0.87
C LYS A 126 22.51 -5.87 -0.64
N LEU A 127 23.06 -7.03 -0.27
CA LEU A 127 22.32 -8.22 0.13
C LEU A 127 21.85 -8.10 1.59
N GLY A 128 20.67 -8.66 1.88
CA GLY A 128 20.01 -8.63 3.19
C GLY A 128 18.59 -9.21 3.11
N MET A 129 17.79 -8.97 4.15
CA MET A 129 16.36 -9.30 4.18
C MET A 129 15.52 -8.08 4.58
N ALA A 130 14.20 -8.14 4.33
CA ALA A 130 13.23 -7.13 4.74
C ALA A 130 12.10 -7.77 5.57
N LYS A 131 11.48 -6.95 6.42
CA LYS A 131 10.43 -7.31 7.39
C LYS A 131 9.29 -6.28 7.38
N ILE A 132 8.25 -6.54 8.18
CA ILE A 132 7.07 -5.66 8.37
C ILE A 132 7.52 -4.25 8.83
N THR A 133 6.87 -3.20 8.30
CA THR A 133 7.19 -1.79 8.57
C THR A 133 6.02 -1.10 9.29
N GLN A 134 6.04 -1.07 10.62
CA GLN A 134 5.12 -0.24 11.39
C GLN A 134 5.53 1.25 11.36
N VAL A 135 4.54 2.14 11.46
CA VAL A 135 4.67 3.61 11.56
C VAL A 135 3.67 4.13 12.60
N ASP A 136 4.21 4.56 13.75
CA ASP A 136 3.48 5.15 14.87
C ASP A 136 4.18 6.44 15.33
N PHE A 137 3.47 7.57 15.26
CA PHE A 137 3.89 8.87 15.76
C PHE A 137 3.12 9.22 17.06
N PRO A 138 3.62 8.82 18.25
CA PRO A 138 2.94 9.04 19.52
C PRO A 138 2.91 10.55 19.87
N PRO A 139 1.74 11.19 19.98
CA PRO A 139 1.64 12.62 20.28
C PRO A 139 1.91 12.94 21.77
N ARG A 140 1.83 11.93 22.64
CA ARG A 140 2.10 11.97 24.09
C ARG A 140 2.63 10.61 24.58
N GLU A 141 3.08 10.56 25.83
CA GLU A 141 3.37 9.31 26.57
C GLU A 141 2.47 9.19 27.81
N ILE A 142 2.33 7.96 28.33
CA ILE A 142 1.58 7.59 29.53
C ILE A 142 2.25 8.19 30.78
N VAL A 143 1.49 8.95 31.58
CA VAL A 143 1.92 9.56 32.86
C VAL A 143 2.16 8.51 33.95
N GLY B 1 5.49 -11.03 -26.79
CA GLY B 1 6.25 -12.25 -26.46
C GLY B 1 5.38 -13.50 -26.48
N SER B 2 6.00 -14.68 -26.45
CA SER B 2 5.34 -15.99 -26.63
C SER B 2 4.71 -16.56 -25.34
N MET B 3 3.91 -15.74 -24.63
CA MET B 3 3.16 -16.19 -23.44
C MET B 3 2.16 -17.32 -23.75
N GLU B 4 1.70 -17.41 -25.00
CA GLU B 4 0.76 -18.41 -25.49
C GLU B 4 1.30 -19.86 -25.47
N ASP B 5 2.63 -20.04 -25.32
CA ASP B 5 3.27 -21.35 -25.20
C ASP B 5 2.87 -22.11 -23.91
N TYR B 6 2.60 -21.37 -22.82
CA TYR B 6 2.11 -21.87 -21.54
C TYR B 6 0.70 -21.35 -21.22
N GLN B 7 0.14 -21.77 -20.07
CA GLN B 7 -1.14 -21.29 -19.54
C GLN B 7 -1.14 -21.34 -18.00
N ALA B 8 -2.24 -20.92 -17.37
CA ALA B 8 -2.50 -21.05 -15.94
C ALA B 8 -3.87 -21.72 -15.69
N ALA B 9 -3.98 -22.41 -14.55
CA ALA B 9 -5.17 -23.14 -14.13
C ALA B 9 -6.11 -22.25 -13.28
N GLU B 10 -7.38 -22.12 -13.68
CA GLU B 10 -8.40 -21.38 -12.92
C GLU B 10 -8.88 -22.13 -11.65
N GLU B 11 -8.69 -23.46 -11.59
CA GLU B 11 -9.06 -24.29 -10.42
C GLU B 11 -8.17 -24.06 -9.18
N THR B 12 -6.93 -23.59 -9.36
CA THR B 12 -6.00 -23.24 -8.27
C THR B 12 -6.03 -21.73 -7.92
N ALA B 13 -6.55 -20.89 -8.83
CA ALA B 13 -6.76 -19.47 -8.59
C ALA B 13 -7.82 -19.22 -7.49
N PHE B 14 -7.51 -18.32 -6.54
CA PHE B 14 -8.42 -17.88 -5.48
C PHE B 14 -9.47 -16.87 -5.99
N VAL B 15 -10.39 -16.45 -5.11
CA VAL B 15 -11.39 -15.39 -5.36
C VAL B 15 -11.52 -14.47 -4.13
N VAL B 16 -11.92 -13.22 -4.36
CA VAL B 16 -12.08 -12.19 -3.31
C VAL B 16 -13.10 -12.61 -2.25
N ASP B 17 -14.23 -13.18 -2.68
CA ASP B 17 -15.29 -13.71 -1.81
C ASP B 17 -14.81 -14.85 -0.89
N GLU B 18 -13.80 -15.62 -1.31
CA GLU B 18 -13.14 -16.64 -0.50
C GLU B 18 -12.23 -15.97 0.54
N VAL B 19 -11.26 -15.17 0.12
CA VAL B 19 -10.32 -14.43 0.99
C VAL B 19 -11.05 -13.63 2.08
N SER B 20 -12.15 -12.99 1.72
CA SER B 20 -13.06 -12.27 2.62
C SER B 20 -13.70 -13.16 3.70
N ASN B 21 -13.73 -14.49 3.54
CA ASN B 21 -14.19 -15.46 4.54
C ASN B 21 -13.01 -16.12 5.31
N ILE B 22 -11.87 -16.38 4.67
CA ILE B 22 -10.64 -16.89 5.34
C ILE B 22 -10.27 -16.03 6.55
N VAL B 23 -10.43 -14.70 6.46
CA VAL B 23 -10.18 -13.83 7.61
C VAL B 23 -11.14 -14.08 8.78
N LYS B 24 -12.45 -14.28 8.55
CA LYS B 24 -13.41 -14.55 9.64
C LYS B 24 -13.14 -15.89 10.29
N GLU B 25 -13.01 -16.97 9.50
CA GLU B 25 -12.75 -18.30 10.07
C GLU B 25 -11.45 -18.36 10.88
N ALA B 26 -10.43 -17.58 10.49
CA ALA B 26 -9.18 -17.45 11.24
C ALA B 26 -9.31 -16.56 12.50
N ILE B 27 -10.00 -15.41 12.44
CA ILE B 27 -10.26 -14.59 13.63
C ILE B 27 -11.05 -15.38 14.67
N GLU B 28 -12.21 -15.93 14.31
CA GLU B 28 -13.05 -16.65 15.28
C GLU B 28 -12.38 -17.90 15.85
N SER B 29 -11.50 -18.56 15.08
CA SER B 29 -10.59 -19.61 15.57
C SER B 29 -9.63 -19.10 16.66
N ALA B 30 -8.99 -17.94 16.45
CA ALA B 30 -8.14 -17.29 17.44
C ALA B 30 -8.89 -16.83 18.70
N ILE B 31 -10.11 -16.31 18.56
CA ILE B 31 -11.00 -15.94 19.67
C ILE B 31 -11.40 -17.19 20.49
N GLY B 32 -11.81 -18.27 19.81
CA GLY B 32 -12.28 -19.51 20.44
C GLY B 32 -13.56 -19.39 21.28
N GLY B 33 -14.37 -18.33 21.05
CA GLY B 33 -15.61 -18.05 21.80
C GLY B 33 -15.42 -17.47 23.20
N ASN B 34 -14.25 -16.88 23.51
CA ASN B 34 -13.92 -16.27 24.81
C ASN B 34 -14.76 -15.02 25.15
N ALA B 35 -14.50 -14.44 26.34
CA ALA B 35 -15.16 -13.24 26.85
C ALA B 35 -15.08 -12.03 25.88
N TYR B 36 -16.14 -11.22 25.86
CA TYR B 36 -16.27 -10.04 25.00
C TYR B 36 -15.30 -8.93 25.43
N GLN B 37 -14.42 -8.53 24.50
CA GLN B 37 -13.30 -7.61 24.71
C GLN B 37 -13.20 -6.59 23.57
N HIS B 38 -12.54 -5.45 23.83
CA HIS B 38 -12.41 -4.33 22.88
C HIS B 38 -10.99 -4.26 22.31
N SER B 39 -9.99 -3.95 23.14
CA SER B 39 -8.56 -3.91 22.77
C SER B 39 -8.00 -5.26 22.27
N LYS B 40 -8.69 -6.39 22.54
CA LYS B 40 -8.34 -7.70 21.96
C LYS B 40 -8.39 -7.71 20.44
N VAL B 41 -9.36 -7.04 19.83
CA VAL B 41 -9.49 -6.92 18.37
C VAL B 41 -8.20 -6.40 17.73
N ASN B 42 -7.48 -5.49 18.39
CA ASN B 42 -6.19 -4.95 17.95
C ASN B 42 -5.12 -6.05 17.83
N GLN B 43 -4.94 -6.87 18.88
CA GLN B 43 -4.02 -8.01 18.83
C GLN B 43 -4.51 -9.13 17.90
N TRP B 44 -5.82 -9.24 17.66
CA TRP B 44 -6.40 -10.29 16.81
C TRP B 44 -6.22 -9.96 15.33
N THR B 45 -6.65 -8.78 14.88
CA THR B 45 -6.44 -8.33 13.50
C THR B 45 -4.95 -8.36 13.11
N THR B 46 -4.03 -8.05 14.02
CA THR B 46 -2.59 -8.21 13.71
C THR B 46 -2.15 -9.68 13.69
N ASN B 47 -2.34 -10.43 14.79
CA ASN B 47 -1.89 -11.84 14.93
C ASN B 47 -2.46 -12.77 13.84
N VAL B 48 -3.72 -12.58 13.48
CA VAL B 48 -4.43 -13.39 12.47
C VAL B 48 -3.84 -13.15 11.10
N VAL B 49 -3.94 -11.93 10.60
CA VAL B 49 -3.39 -11.53 9.28
C VAL B 49 -1.92 -11.93 9.16
N GLU B 50 -1.19 -12.02 10.28
CA GLU B 50 0.24 -12.40 10.32
C GLU B 50 0.50 -13.79 9.69
N GLN B 51 -0.37 -14.76 9.97
CA GLN B 51 -0.32 -16.13 9.44
C GLN B 51 -1.36 -16.36 8.33
N THR B 52 -2.54 -15.77 8.46
CA THR B 52 -3.69 -15.88 7.56
C THR B 52 -3.40 -15.34 6.17
N LEU B 53 -2.84 -14.13 6.07
CA LEU B 53 -2.47 -13.52 4.78
C LEU B 53 -1.38 -14.36 4.06
N SER B 54 -0.44 -14.92 4.82
CA SER B 54 0.51 -15.92 4.32
C SER B 54 -0.18 -17.19 3.81
N GLN B 55 -1.13 -17.74 4.57
CA GLN B 55 -1.90 -18.96 4.24
C GLN B 55 -2.78 -18.80 2.99
N LEU B 56 -3.58 -17.74 2.86
CA LEU B 56 -4.47 -17.56 1.69
C LEU B 56 -3.70 -17.35 0.38
N THR B 57 -2.50 -16.78 0.45
CA THR B 57 -1.55 -16.71 -0.67
C THR B 57 -1.22 -18.13 -1.19
N LYS B 58 -1.23 -19.13 -0.31
CA LYS B 58 -0.95 -20.55 -0.66
C LYS B 58 -2.19 -21.30 -1.16
N LEU B 59 -3.37 -20.88 -0.72
CA LEU B 59 -4.67 -21.35 -1.24
C LEU B 59 -4.96 -20.81 -2.65
N GLY B 60 -4.31 -19.72 -3.06
CA GLY B 60 -4.29 -19.17 -4.41
C GLY B 60 -3.02 -19.52 -5.19
N LYS B 61 -2.45 -18.53 -5.88
CA LYS B 61 -1.19 -18.62 -6.65
C LYS B 61 -0.09 -17.70 -6.07
N PRO B 62 1.20 -18.02 -6.32
CA PRO B 62 2.33 -17.18 -5.96
C PRO B 62 2.37 -15.87 -6.80
N PHE B 63 2.11 -14.75 -6.14
CA PHE B 63 2.19 -13.38 -6.68
C PHE B 63 2.58 -12.37 -5.59
N LYS B 64 2.81 -11.09 -5.93
CA LYS B 64 3.08 -9.98 -5.00
C LYS B 64 1.81 -9.54 -4.27
N TYR B 65 1.61 -10.06 -3.05
CA TYR B 65 0.67 -9.54 -2.05
C TYR B 65 1.28 -8.37 -1.27
N ILE B 66 0.41 -7.51 -0.75
CA ILE B 66 0.68 -6.45 0.23
C ILE B 66 -0.58 -6.23 1.08
N VAL B 67 -0.39 -5.77 2.31
CA VAL B 67 -1.45 -5.23 3.16
C VAL B 67 -0.99 -3.99 3.90
N THR B 68 -1.95 -3.12 4.21
CA THR B 68 -1.78 -1.95 5.09
C THR B 68 -2.93 -1.91 6.08
N CYS B 69 -2.65 -1.60 7.35
CA CYS B 69 -3.63 -1.53 8.42
C CYS B 69 -3.46 -0.25 9.25
N VAL B 70 -4.58 0.29 9.71
CA VAL B 70 -4.70 1.64 10.29
C VAL B 70 -5.53 1.55 11.57
N ILE B 71 -4.87 1.67 12.73
CA ILE B 71 -5.46 1.60 14.06
C ILE B 71 -5.65 3.02 14.63
N MET B 72 -6.85 3.59 14.44
CA MET B 72 -7.28 4.90 14.97
C MET B 72 -7.90 4.82 16.38
N GLN B 73 -8.05 5.97 17.05
CA GLN B 73 -8.70 6.09 18.36
C GLN B 73 -9.75 7.22 18.40
N LYS B 74 -10.99 6.87 18.71
CA LYS B 74 -12.13 7.81 18.85
C LYS B 74 -12.00 8.75 20.07
N ASN B 75 -11.05 8.47 20.98
CA ASN B 75 -10.71 9.30 22.15
C ASN B 75 -10.35 10.77 21.79
N GLY B 76 -9.83 11.02 20.59
CA GLY B 76 -9.48 12.37 20.12
C GLY B 76 -8.32 12.46 19.11
N ALA B 77 -7.87 11.33 18.55
CA ALA B 77 -6.61 11.22 17.81
C ALA B 77 -6.80 10.55 16.42
N GLY B 78 -6.89 11.38 15.37
CA GLY B 78 -7.01 10.99 13.96
C GLY B 78 -6.24 11.92 13.01
N LEU B 79 -6.10 11.52 11.75
CA LEU B 79 -5.19 12.13 10.76
C LEU B 79 -5.69 11.98 9.30
N HIS B 80 -4.99 12.60 8.33
CA HIS B 80 -5.35 12.54 6.89
C HIS B 80 -4.50 11.50 6.14
N THR B 81 -5.02 10.30 5.86
CA THR B 81 -4.35 9.31 5.00
C THR B 81 -4.90 9.41 3.58
N ALA B 82 -4.03 9.30 2.57
CA ALA B 82 -4.34 9.37 1.16
C ALA B 82 -3.75 8.17 0.42
N SER B 83 -4.61 7.25 -0.04
CA SER B 83 -4.21 5.96 -0.62
C SER B 83 -4.53 5.92 -2.11
N SER B 84 -3.51 5.97 -2.98
CA SER B 84 -3.65 5.94 -4.44
C SER B 84 -3.93 4.53 -4.98
N CYS B 85 -4.69 3.73 -4.23
CA CYS B 85 -5.14 2.40 -4.63
C CYS B 85 -6.41 2.46 -5.49
N PHE B 86 -6.85 1.30 -5.96
CA PHE B 86 -7.99 1.13 -6.88
C PHE B 86 -8.78 -0.12 -6.50
N TRP B 87 -10.11 -0.04 -6.51
CA TRP B 87 -11.00 -1.19 -6.33
C TRP B 87 -11.09 -1.99 -7.65
N ASP B 88 -10.90 -3.29 -7.58
CA ASP B 88 -11.11 -4.25 -8.67
C ASP B 88 -11.76 -5.54 -8.13
N SER B 89 -12.63 -6.18 -8.94
CA SER B 89 -13.32 -7.45 -8.61
C SER B 89 -13.02 -8.56 -9.62
N SER B 90 -13.38 -8.36 -10.89
CA SER B 90 -13.07 -9.30 -11.99
C SER B 90 -11.78 -8.94 -12.73
N THR B 91 -11.36 -7.66 -12.70
CA THR B 91 -10.15 -7.10 -13.34
C THR B 91 -8.85 -7.61 -12.69
N ASP B 92 -8.73 -7.47 -11.37
CA ASP B 92 -7.57 -7.82 -10.54
C ASP B 92 -8.03 -8.26 -9.13
N GLY B 93 -7.10 -8.71 -8.27
CA GLY B 93 -7.37 -9.15 -6.90
C GLY B 93 -7.19 -8.04 -5.86
N SER B 94 -8.24 -7.72 -5.10
CA SER B 94 -8.22 -6.80 -3.94
C SER B 94 -9.22 -7.25 -2.88
N CYS B 95 -8.90 -7.09 -1.59
CA CYS B 95 -9.77 -7.42 -0.45
C CYS B 95 -9.51 -6.49 0.74
N THR B 96 -10.41 -6.44 1.73
CA THR B 96 -10.31 -5.54 2.90
C THR B 96 -11.23 -6.01 4.04
N VAL B 97 -10.85 -5.73 5.29
CA VAL B 97 -11.54 -6.21 6.50
C VAL B 97 -11.61 -5.09 7.55
N ARG B 98 -12.82 -4.81 8.04
CA ARG B 98 -13.12 -3.66 8.91
C ARG B 98 -13.75 -4.09 10.25
N TRP B 99 -13.01 -3.90 11.33
CA TRP B 99 -13.36 -4.29 12.70
C TRP B 99 -13.28 -3.08 13.65
N GLU B 100 -14.42 -2.42 13.84
CA GLU B 100 -14.61 -1.34 14.83
C GLU B 100 -14.85 -1.88 16.25
N ASN B 101 -14.47 -1.11 17.27
CA ASN B 101 -14.60 -1.42 18.70
C ASN B 101 -15.36 -0.29 19.44
N LYS B 102 -15.48 -0.39 20.78
CA LYS B 102 -16.15 0.61 21.65
C LYS B 102 -15.60 2.04 21.49
N THR B 103 -14.27 2.19 21.55
CA THR B 103 -13.54 3.49 21.47
C THR B 103 -12.32 3.45 20.53
N MET B 104 -12.07 2.31 19.88
CA MET B 104 -10.96 2.02 18.96
C MET B 104 -11.47 1.61 17.58
N TYR B 105 -10.65 1.77 16.55
CA TYR B 105 -10.95 1.44 15.15
C TYR B 105 -9.79 0.71 14.50
N CYS B 106 -10.02 -0.51 14.00
CA CYS B 106 -9.00 -1.38 13.43
C CYS B 106 -9.39 -1.83 12.01
N ILE B 107 -8.85 -1.17 10.98
CA ILE B 107 -9.18 -1.42 9.56
C ILE B 107 -7.95 -1.86 8.76
N VAL B 108 -7.97 -3.08 8.20
CA VAL B 108 -6.92 -3.69 7.38
C VAL B 108 -7.36 -3.82 5.92
N SER B 109 -6.46 -3.52 4.98
CA SER B 109 -6.72 -3.53 3.54
C SER B 109 -5.63 -4.30 2.79
N ALA B 110 -5.99 -4.96 1.68
CA ALA B 110 -5.16 -5.92 0.95
C ALA B 110 -5.25 -5.78 -0.58
N PHE B 111 -4.11 -5.92 -1.25
CA PHE B 111 -3.99 -5.83 -2.71
C PHE B 111 -3.15 -6.99 -3.24
N GLY B 112 -3.80 -7.92 -3.95
CA GLY B 112 -3.22 -9.15 -4.51
C GLY B 112 -3.04 -9.03 -6.01
N LEU B 113 -1.98 -8.32 -6.42
CA LEU B 113 -1.68 -7.99 -7.82
C LEU B 113 -1.33 -9.26 -8.62
N SER B 114 -2.25 -9.66 -9.51
CA SER B 114 -2.25 -10.92 -10.26
C SER B 114 -2.60 -10.68 -11.74
N ILE B 115 -1.64 -10.89 -12.64
CA ILE B 115 -1.80 -10.70 -14.11
C ILE B 115 -1.93 -12.01 -14.91
N GLY B 116 -1.92 -13.17 -14.23
CA GLY B 116 -1.96 -14.51 -14.84
C GLY B 116 -3.33 -15.02 -15.31
N GLY B 117 -4.39 -14.21 -15.19
CA GLY B 117 -5.75 -14.54 -15.66
C GLY B 117 -6.62 -15.32 -14.67
N GLY B 118 -6.25 -15.34 -13.38
CA GLY B 118 -6.99 -15.99 -12.28
C GLY B 118 -8.38 -15.40 -12.05
N SER B 119 -9.39 -15.95 -12.72
CA SER B 119 -10.80 -15.53 -12.74
C SER B 119 -11.77 -16.73 -12.70
N GLY B 120 -13.07 -16.50 -12.91
CA GLY B 120 -14.11 -17.54 -12.88
C GLY B 120 -15.01 -17.52 -11.63
N GLN B 121 -15.11 -16.36 -10.96
CA GLN B 121 -15.93 -16.16 -9.75
C GLN B 121 -17.42 -16.51 -9.91
N SER B 122 -18.06 -16.89 -8.81
CA SER B 122 -19.49 -17.25 -8.73
C SER B 122 -20.43 -16.03 -8.86
N GLY B 123 -20.03 -14.88 -8.30
CA GLY B 123 -20.81 -13.64 -8.33
C GLY B 123 -20.81 -12.94 -9.70
N PRO B 124 -21.72 -11.98 -9.94
CA PRO B 124 -21.81 -11.23 -11.20
C PRO B 124 -20.63 -10.27 -11.38
N ILE B 125 -20.29 -9.98 -12.63
CA ILE B 125 -19.26 -8.99 -13.01
C ILE B 125 -19.87 -7.59 -13.14
N LYS B 126 -19.10 -6.55 -12.78
CA LYS B 126 -19.52 -5.14 -12.82
C LYS B 126 -18.46 -4.26 -13.49
N LEU B 127 -18.80 -3.67 -14.63
CA LEU B 127 -17.96 -2.70 -15.34
C LEU B 127 -18.09 -1.31 -14.69
N GLY B 128 -17.00 -0.54 -14.71
CA GLY B 128 -16.88 0.80 -14.12
C GLY B 128 -15.43 1.29 -14.16
N MET B 129 -15.14 2.35 -13.39
CA MET B 129 -13.78 2.86 -13.16
C MET B 129 -13.49 3.00 -11.66
N ALA B 130 -12.20 3.15 -11.31
CA ALA B 130 -11.72 3.42 -9.95
C ALA B 130 -10.84 4.67 -9.92
N LYS B 131 -10.81 5.32 -8.75
CA LYS B 131 -10.11 6.58 -8.47
C LYS B 131 -9.35 6.52 -7.13
N ILE B 132 -8.64 7.59 -6.79
CA ILE B 132 -7.90 7.76 -5.52
C ILE B 132 -8.82 7.54 -4.31
N THR B 133 -8.31 6.85 -3.27
CA THR B 133 -9.04 6.52 -2.03
C THR B 133 -8.43 7.22 -0.83
N GLN B 134 -8.91 8.43 -0.51
CA GLN B 134 -8.58 9.08 0.76
C GLN B 134 -9.35 8.45 1.93
N VAL B 135 -8.75 8.47 3.12
CA VAL B 135 -9.31 8.02 4.39
C VAL B 135 -8.87 8.93 5.54
N ASP B 136 -9.83 9.70 6.05
CA ASP B 136 -9.68 10.66 7.16
C ASP B 136 -10.81 10.40 8.17
N PHE B 137 -10.44 10.08 9.41
CA PHE B 137 -11.33 10.06 10.56
C PHE B 137 -11.14 11.37 11.36
N PRO B 138 -12.00 12.39 11.19
CA PRO B 138 -11.93 13.63 11.97
C PRO B 138 -12.39 13.38 13.42
N PRO B 139 -11.53 13.54 14.44
CA PRO B 139 -11.92 13.34 15.85
C PRO B 139 -12.77 14.49 16.41
N ARG B 140 -12.77 15.66 15.76
CA ARG B 140 -13.54 16.88 16.07
C ARG B 140 -13.84 17.67 14.79
N GLU B 141 -14.69 18.69 14.90
CA GLU B 141 -14.89 19.73 13.87
C GLU B 141 -14.49 21.12 14.39
N ILE B 142 -14.24 22.07 13.47
CA ILE B 142 -13.91 23.47 13.72
C ILE B 142 -15.11 24.21 14.32
N VAL B 143 -14.91 24.87 15.47
CA VAL B 143 -15.92 25.68 16.20
C VAL B 143 -16.24 26.98 15.45
N GLY A 1 12.67 -23.61 -22.48
CA GLY A 1 13.08 -23.61 -23.90
C GLY A 1 13.33 -22.19 -24.42
N SER A 2 12.29 -21.52 -24.92
CA SER A 2 12.39 -20.23 -25.65
C SER A 2 12.36 -18.98 -24.74
N MET A 3 12.35 -19.13 -23.42
CA MET A 3 12.20 -18.03 -22.45
C MET A 3 13.36 -17.02 -22.53
N GLU A 4 14.61 -17.49 -22.41
CA GLU A 4 15.82 -16.65 -22.46
C GLU A 4 16.12 -16.03 -23.84
N ASP A 5 15.50 -16.55 -24.92
CA ASP A 5 15.59 -15.96 -26.27
C ASP A 5 14.81 -14.63 -26.39
N TYR A 6 13.85 -14.39 -25.49
CA TYR A 6 13.16 -13.10 -25.35
C TYR A 6 13.76 -12.26 -24.21
N GLN A 7 13.80 -10.95 -24.40
CA GLN A 7 14.28 -9.95 -23.45
C GLN A 7 13.59 -8.59 -23.71
N ALA A 8 13.96 -7.55 -22.96
CA ALA A 8 13.40 -6.20 -23.06
C ALA A 8 14.47 -5.10 -23.05
N ALA A 9 14.07 -3.89 -23.46
CA ALA A 9 14.91 -2.69 -23.51
C ALA A 9 15.40 -2.27 -22.12
N GLU A 10 16.72 -2.15 -21.96
CA GLU A 10 17.42 -1.70 -20.75
C GLU A 10 17.50 -0.16 -20.62
N GLU A 11 17.30 0.60 -21.70
CA GLU A 11 17.46 2.06 -21.72
C GLU A 11 16.22 2.80 -21.17
N THR A 12 15.04 2.28 -21.48
CA THR A 12 13.73 2.70 -20.97
C THR A 12 13.50 2.27 -19.51
N ALA A 13 14.32 1.36 -18.97
CA ALA A 13 14.28 0.97 -17.57
C ALA A 13 14.62 2.15 -16.65
N PHE A 14 13.90 2.26 -15.53
CA PHE A 14 14.11 3.29 -14.51
C PHE A 14 14.88 2.73 -13.30
N VAL A 15 15.28 3.59 -12.37
CA VAL A 15 15.92 3.23 -11.09
C VAL A 15 15.29 4.04 -9.95
N VAL A 16 15.19 3.46 -8.75
CA VAL A 16 14.52 4.09 -7.60
C VAL A 16 15.21 5.40 -7.21
N ASP A 17 16.55 5.45 -7.29
CA ASP A 17 17.36 6.65 -7.04
C ASP A 17 17.05 7.82 -8.00
N GLU A 18 16.61 7.52 -9.24
CA GLU A 18 16.12 8.52 -10.19
C GLU A 18 14.74 9.03 -9.77
N VAL A 19 13.76 8.14 -9.64
CA VAL A 19 12.36 8.45 -9.25
C VAL A 19 12.30 9.27 -7.96
N SER A 20 13.10 8.88 -6.97
CA SER A 20 13.27 9.57 -5.68
C SER A 20 13.90 10.96 -5.81
N ASN A 21 14.45 11.35 -6.97
CA ASN A 21 14.93 12.70 -7.29
C ASN A 21 13.95 13.50 -8.18
N ILE A 22 13.20 12.83 -9.08
CA ILE A 22 12.09 13.43 -9.86
C ILE A 22 11.12 14.16 -8.94
N VAL A 23 10.78 13.56 -7.79
CA VAL A 23 9.89 14.21 -6.83
C VAL A 23 10.46 15.53 -6.27
N LYS A 24 11.76 15.60 -5.93
CA LYS A 24 12.37 16.85 -5.43
C LYS A 24 12.36 17.93 -6.51
N GLU A 25 12.87 17.62 -7.70
CA GLU A 25 12.90 18.64 -8.78
C GLU A 25 11.49 19.11 -9.21
N ALA A 26 10.49 18.21 -9.17
CA ALA A 26 9.09 18.54 -9.44
C ALA A 26 8.43 19.37 -8.31
N ILE A 27 8.73 19.08 -7.03
CA ILE A 27 8.27 19.93 -5.92
C ILE A 27 8.83 21.34 -6.07
N GLU A 28 10.15 21.51 -6.13
CA GLU A 28 10.75 22.85 -6.15
C GLU A 28 10.35 23.66 -7.40
N SER A 29 10.06 22.99 -8.52
CA SER A 29 9.44 23.59 -9.72
C SER A 29 8.06 24.19 -9.42
N ALA A 30 7.19 23.47 -8.70
CA ALA A 30 5.88 23.98 -8.25
C ALA A 30 6.00 25.13 -7.22
N ILE A 31 7.02 25.10 -6.34
CA ILE A 31 7.32 26.17 -5.37
C ILE A 31 7.80 27.45 -6.08
N GLY A 32 8.64 27.32 -7.12
CA GLY A 32 9.24 28.42 -7.87
C GLY A 32 10.22 29.30 -7.07
N GLY A 33 10.65 28.84 -5.89
CA GLY A 33 11.47 29.62 -4.93
C GLY A 33 10.71 30.77 -4.23
N ASN A 34 9.36 30.77 -4.29
CA ASN A 34 8.49 31.73 -3.58
C ASN A 34 8.53 31.55 -2.04
N ALA A 35 7.71 32.31 -1.31
CA ALA A 35 7.52 32.21 0.14
C ALA A 35 7.21 30.78 0.61
N TYR A 36 8.17 30.11 1.26
CA TYR A 36 8.04 28.77 1.85
C TYR A 36 7.12 28.79 3.08
N GLN A 37 5.86 28.39 2.91
CA GLN A 37 4.86 28.27 3.99
C GLN A 37 4.68 26.82 4.46
N HIS A 38 4.05 26.62 5.62
CA HIS A 38 3.77 25.28 6.17
C HIS A 38 2.63 24.56 5.42
N SER A 39 1.46 25.19 5.33
CA SER A 39 0.28 24.61 4.67
C SER A 39 0.46 24.49 3.15
N LYS A 40 1.39 25.27 2.56
CA LYS A 40 1.83 25.07 1.18
C LYS A 40 2.41 23.68 0.93
N VAL A 41 3.27 23.16 1.81
CA VAL A 41 3.83 21.80 1.68
C VAL A 41 2.73 20.73 1.54
N ASN A 42 1.58 20.91 2.19
CA ASN A 42 0.44 19.98 2.11
C ASN A 42 -0.18 19.97 0.70
N GLN A 43 -0.49 21.15 0.12
CA GLN A 43 -0.98 21.23 -1.27
C GLN A 43 0.09 20.84 -2.29
N TRP A 44 1.38 20.97 -1.97
CA TRP A 44 2.49 20.63 -2.86
C TRP A 44 2.71 19.11 -2.91
N THR A 45 2.86 18.44 -1.77
CA THR A 45 3.02 16.99 -1.71
C THR A 45 1.83 16.23 -2.32
N THR A 46 0.62 16.81 -2.34
CA THR A 46 -0.50 16.24 -3.13
C THR A 46 -0.43 16.61 -4.62
N ASN A 47 -0.42 17.91 -4.98
CA ASN A 47 -0.45 18.39 -6.37
C ASN A 47 0.70 17.87 -7.25
N VAL A 48 1.89 17.76 -6.67
CA VAL A 48 3.09 17.29 -7.38
C VAL A 48 2.96 15.83 -7.73
N VAL A 49 2.85 14.97 -6.71
CA VAL A 49 2.64 13.51 -6.85
C VAL A 49 1.50 13.23 -7.82
N GLU A 50 0.51 14.11 -7.93
CA GLU A 50 -0.65 13.95 -8.82
C GLU A 50 -0.24 13.78 -10.31
N GLN A 51 0.72 14.59 -10.78
CA GLN A 51 1.27 14.55 -12.15
C GLN A 51 2.65 13.88 -12.22
N THR A 52 3.48 14.07 -11.20
CA THR A 52 4.81 13.49 -11.04
C THR A 52 4.77 11.97 -11.05
N LEU A 53 3.95 11.36 -10.20
CA LEU A 53 3.81 9.89 -10.13
C LEU A 53 3.30 9.30 -11.46
N SER A 54 2.39 9.99 -12.13
CA SER A 54 1.92 9.58 -13.46
C SER A 54 2.98 9.76 -14.56
N GLN A 55 3.89 10.75 -14.45
CA GLN A 55 5.03 11.02 -15.32
C GLN A 55 6.17 9.99 -15.16
N LEU A 56 6.64 9.73 -13.94
CA LEU A 56 7.74 8.79 -13.68
C LEU A 56 7.41 7.34 -14.06
N THR A 57 6.12 6.97 -14.04
CA THR A 57 5.62 5.72 -14.60
C THR A 57 5.93 5.62 -16.10
N LYS A 58 5.92 6.75 -16.81
CA LYS A 58 6.19 6.81 -18.26
C LYS A 58 7.69 6.81 -18.58
N LEU A 59 8.51 7.33 -17.67
CA LEU A 59 9.98 7.24 -17.70
C LEU A 59 10.50 5.82 -17.45
N GLY A 60 9.65 4.94 -16.91
CA GLY A 60 9.88 3.51 -16.72
C GLY A 60 9.07 2.65 -17.68
N LYS A 61 8.22 1.78 -17.10
CA LYS A 61 7.38 0.79 -17.81
C LYS A 61 5.92 0.83 -17.31
N PRO A 62 4.94 0.45 -18.15
CA PRO A 62 3.51 0.50 -17.82
C PRO A 62 3.13 -0.56 -16.77
N PHE A 63 2.82 -0.12 -15.54
CA PHE A 63 2.34 -0.98 -14.45
C PHE A 63 1.36 -0.24 -13.50
N LYS A 64 0.57 -0.99 -12.71
CA LYS A 64 -0.26 -0.47 -11.61
C LYS A 64 0.62 0.03 -10.45
N TYR A 65 0.96 1.31 -10.45
CA TYR A 65 1.50 1.98 -9.26
C TYR A 65 0.44 2.16 -8.16
N ILE A 66 0.90 2.48 -6.95
CA ILE A 66 0.08 2.95 -5.82
C ILE A 66 0.86 3.98 -5.00
N VAL A 67 0.13 4.78 -4.22
CA VAL A 67 0.67 5.70 -3.23
C VAL A 67 -0.19 5.70 -1.97
N THR A 68 0.46 5.92 -0.83
CA THR A 68 -0.13 6.06 0.49
C THR A 68 0.64 7.14 1.27
N CYS A 69 -0.04 8.17 1.77
CA CYS A 69 0.59 9.21 2.61
C CYS A 69 -0.12 9.44 3.94
N VAL A 70 0.67 9.86 4.93
CA VAL A 70 0.28 10.00 6.34
C VAL A 70 0.74 11.36 6.86
N ILE A 71 -0.19 12.32 6.92
CA ILE A 71 0.04 13.67 7.44
C ILE A 71 -0.43 13.70 8.90
N MET A 72 0.51 13.79 9.84
CA MET A 72 0.25 13.77 11.29
C MET A 72 0.84 15.03 11.96
N GLN A 73 0.28 15.43 13.10
CA GLN A 73 0.71 16.60 13.88
C GLN A 73 1.24 16.20 15.26
N LYS A 74 2.17 17.00 15.79
CA LYS A 74 2.87 16.78 17.08
C LYS A 74 2.15 17.41 18.28
N ASN A 75 0.99 18.03 18.06
CA ASN A 75 0.14 18.69 19.07
C ASN A 75 -0.51 17.73 20.10
N GLY A 76 -0.59 16.43 19.79
CA GLY A 76 -1.26 15.42 20.62
C GLY A 76 -2.06 14.35 19.85
N ALA A 77 -2.13 14.39 18.52
CA ALA A 77 -2.76 13.36 17.69
C ALA A 77 -2.15 11.97 17.95
N GLY A 78 -2.99 10.98 18.33
CA GLY A 78 -2.57 9.64 18.73
C GLY A 78 -3.29 8.54 17.95
N LEU A 79 -2.51 7.82 17.13
CA LEU A 79 -2.93 6.81 16.15
C LEU A 79 -1.93 5.64 16.16
N HIS A 80 -2.40 4.44 15.82
CA HIS A 80 -1.59 3.23 15.64
C HIS A 80 -1.73 2.75 14.18
N THR A 81 -0.70 2.97 13.36
CA THR A 81 -0.74 2.67 11.91
C THR A 81 0.40 1.72 11.56
N ALA A 82 0.08 0.52 11.08
CA ALA A 82 1.06 -0.54 10.84
C ALA A 82 1.08 -0.93 9.35
N SER A 83 2.24 -0.76 8.71
CA SER A 83 2.44 -0.95 7.27
C SER A 83 3.52 -1.99 7.02
N SER A 84 3.17 -3.15 6.48
CA SER A 84 4.15 -4.21 6.12
C SER A 84 4.98 -3.89 4.87
N CYS A 85 5.09 -2.61 4.51
CA CYS A 85 6.02 -2.10 3.52
C CYS A 85 7.48 -2.25 3.97
N PHE A 86 8.39 -2.06 3.01
CA PHE A 86 9.83 -2.09 3.15
C PHE A 86 10.49 -1.32 1.98
N TRP A 87 11.74 -0.88 2.14
CA TRP A 87 12.52 -0.27 1.08
C TRP A 87 13.27 -1.34 0.27
N ASP A 88 13.35 -1.16 -1.05
CA ASP A 88 14.21 -1.94 -1.96
C ASP A 88 14.73 -1.11 -3.15
N SER A 89 15.83 -1.56 -3.77
CA SER A 89 16.42 -0.97 -4.98
C SER A 89 16.81 -2.03 -6.02
N SER A 90 17.66 -3.02 -5.66
CA SER A 90 18.00 -4.14 -6.55
C SER A 90 17.00 -5.31 -6.45
N THR A 91 16.37 -5.48 -5.28
CA THR A 91 15.44 -6.57 -4.94
C THR A 91 14.11 -6.49 -5.70
N ASP A 92 13.54 -5.28 -5.81
CA ASP A 92 12.27 -4.98 -6.52
C ASP A 92 12.15 -3.46 -6.82
N GLY A 93 10.94 -2.98 -7.17
CA GLY A 93 10.61 -1.58 -7.42
C GLY A 93 9.75 -0.92 -6.32
N SER A 94 10.23 0.20 -5.77
CA SER A 94 9.53 1.10 -4.82
C SER A 94 9.92 2.57 -5.03
N CYS A 95 9.36 3.51 -4.26
CA CYS A 95 9.85 4.88 -4.08
C CYS A 95 9.14 5.54 -2.88
N THR A 96 9.84 6.24 -1.98
CA THR A 96 9.20 6.91 -0.82
C THR A 96 9.87 8.24 -0.47
N VAL A 97 9.09 9.21 0.03
CA VAL A 97 9.51 10.62 0.20
C VAL A 97 9.01 11.15 1.54
N ARG A 98 9.80 12.01 2.18
CA ARG A 98 9.58 12.53 3.55
C ARG A 98 9.89 14.03 3.65
N TRP A 99 8.87 14.83 3.90
CA TRP A 99 8.91 16.31 3.97
C TRP A 99 8.36 16.79 5.31
N GLU A 100 9.26 17.22 6.18
CA GLU A 100 8.93 17.85 7.47
C GLU A 100 8.26 19.22 7.28
N ASN A 101 7.65 19.74 8.35
CA ASN A 101 6.96 21.03 8.37
C ASN A 101 7.24 21.80 9.69
N LYS A 102 6.64 22.99 9.84
CA LYS A 102 6.76 23.88 11.04
C LYS A 102 6.50 23.16 12.37
N THR A 103 5.33 22.54 12.49
CA THR A 103 4.87 21.79 13.69
C THR A 103 4.25 20.41 13.36
N MET A 104 3.90 20.18 12.11
CA MET A 104 3.46 18.88 11.56
C MET A 104 4.56 18.23 10.71
N TYR A 105 4.32 17.04 10.17
CA TYR A 105 5.21 16.39 9.19
C TYR A 105 4.41 15.53 8.19
N CYS A 106 4.99 15.29 7.02
CA CYS A 106 4.35 14.66 5.87
C CYS A 106 5.24 13.53 5.32
N ILE A 107 4.70 12.31 5.19
CA ILE A 107 5.37 11.16 4.56
C ILE A 107 4.49 10.57 3.45
N VAL A 108 5.08 10.25 2.29
CA VAL A 108 4.40 9.69 1.11
C VAL A 108 5.18 8.52 0.54
N SER A 109 4.63 7.32 0.69
CA SER A 109 5.24 6.05 0.28
C SER A 109 4.52 5.46 -0.93
N ALA A 110 5.28 5.14 -1.98
CA ALA A 110 4.80 4.65 -3.27
C ALA A 110 5.42 3.30 -3.65
N PHE A 111 4.73 2.58 -4.53
CA PHE A 111 5.13 1.26 -5.05
C PHE A 111 4.77 1.09 -6.53
N GLY A 112 5.43 0.16 -7.20
CA GLY A 112 5.30 -0.11 -8.64
C GLY A 112 6.17 -1.29 -9.06
N LEU A 113 5.62 -2.51 -8.98
CA LEU A 113 6.34 -3.77 -9.20
C LEU A 113 6.62 -4.00 -10.70
N SER A 114 7.76 -3.52 -11.16
CA SER A 114 8.16 -3.49 -12.57
C SER A 114 8.61 -4.87 -13.10
N ILE A 115 7.70 -5.58 -13.79
CA ILE A 115 7.93 -6.92 -14.35
C ILE A 115 8.31 -6.96 -15.84
N GLY A 116 8.32 -5.81 -16.51
CA GLY A 116 8.55 -5.68 -17.97
C GLY A 116 10.00 -5.94 -18.44
N GLY A 117 10.93 -6.28 -17.54
CA GLY A 117 12.33 -6.57 -17.85
C GLY A 117 13.27 -5.35 -17.68
N GLY A 118 12.97 -4.47 -16.72
CA GLY A 118 13.77 -3.29 -16.38
C GLY A 118 15.18 -3.65 -15.87
N SER A 119 16.17 -3.60 -16.77
CA SER A 119 17.57 -4.02 -16.55
C SER A 119 18.56 -2.87 -16.88
N GLY A 120 19.85 -3.18 -17.05
CA GLY A 120 20.92 -2.24 -17.47
C GLY A 120 21.91 -1.85 -16.38
N GLN A 121 21.75 -2.36 -15.15
CA GLN A 121 22.72 -2.25 -14.06
C GLN A 121 23.99 -3.11 -14.32
N SER A 122 24.88 -3.20 -13.32
CA SER A 122 26.11 -4.02 -13.35
C SER A 122 25.87 -5.52 -13.65
N GLY A 123 24.66 -6.03 -13.36
CA GLY A 123 24.23 -7.40 -13.61
C GLY A 123 23.61 -8.06 -12.37
N PRO A 124 24.41 -8.45 -11.36
CA PRO A 124 23.92 -9.07 -10.13
C PRO A 124 23.17 -8.08 -9.22
N ILE A 125 22.34 -8.61 -8.33
CA ILE A 125 21.41 -7.86 -7.46
C ILE A 125 21.48 -8.31 -5.98
N LYS A 126 22.24 -7.57 -5.16
CA LYS A 126 22.49 -7.86 -3.73
C LYS A 126 22.20 -6.66 -2.80
N LEU A 127 21.10 -6.76 -2.04
CA LEU A 127 20.65 -5.85 -0.98
C LEU A 127 19.81 -6.59 0.09
N GLY A 128 19.47 -5.88 1.18
CA GLY A 128 18.59 -6.38 2.25
C GLY A 128 18.69 -5.56 3.55
N MET A 129 18.14 -4.34 3.55
CA MET A 129 18.11 -3.40 4.69
C MET A 129 16.75 -2.67 4.81
N ALA A 130 15.72 -3.39 5.26
CA ALA A 130 14.43 -2.84 5.72
C ALA A 130 13.62 -3.85 6.56
N LYS A 131 12.67 -3.34 7.36
CA LYS A 131 11.71 -4.04 8.23
C LYS A 131 10.30 -3.42 8.13
N ILE A 132 9.33 -3.99 8.85
CA ILE A 132 7.94 -3.50 8.97
C ILE A 132 7.90 -2.03 9.43
N THR A 133 7.14 -1.20 8.73
CA THR A 133 7.01 0.25 8.98
C THR A 133 5.76 0.53 9.83
N GLN A 134 5.92 0.53 11.16
CA GLN A 134 4.84 0.85 12.11
C GLN A 134 5.06 2.21 12.79
N VAL A 135 3.95 2.90 13.09
CA VAL A 135 3.90 4.24 13.71
C VAL A 135 2.94 4.23 14.89
N ASP A 136 3.32 4.93 15.97
CA ASP A 136 2.52 5.11 17.18
C ASP A 136 2.80 6.45 17.87
N PHE A 137 1.77 7.07 18.44
CA PHE A 137 1.84 8.29 19.26
C PHE A 137 1.00 8.12 20.55
N PRO A 138 1.60 7.75 21.69
CA PRO A 138 0.90 7.66 22.97
C PRO A 138 0.54 9.05 23.54
N PRO A 139 -0.37 9.13 24.54
CA PRO A 139 -0.82 10.41 25.10
C PRO A 139 0.28 11.15 25.89
N ARG A 140 0.98 10.44 26.78
CA ARG A 140 2.12 10.93 27.58
C ARG A 140 2.96 9.78 28.13
N GLU A 141 2.28 8.91 28.88
CA GLU A 141 2.84 7.76 29.61
C GLU A 141 3.14 6.58 28.66
N ILE A 142 3.79 5.54 29.20
CA ILE A 142 4.22 4.33 28.46
C ILE A 142 3.49 3.06 28.96
N VAL A 143 3.61 1.96 28.21
CA VAL A 143 3.00 0.64 28.47
C VAL A 143 4.01 -0.36 29.05
N GLY B 1 2.72 -15.14 -31.45
CA GLY B 1 2.87 -16.53 -31.94
C GLY B 1 2.45 -17.55 -30.89
N SER B 2 3.37 -17.97 -30.02
CA SER B 2 3.20 -19.10 -29.07
C SER B 2 2.60 -18.72 -27.71
N MET B 3 2.18 -17.47 -27.51
CA MET B 3 1.69 -16.95 -26.23
C MET B 3 0.42 -17.68 -25.74
N GLU B 4 -0.63 -17.72 -26.58
CA GLU B 4 -1.92 -18.38 -26.27
C GLU B 4 -1.84 -19.92 -26.17
N ASP B 5 -0.78 -20.54 -26.69
CA ASP B 5 -0.52 -21.98 -26.53
C ASP B 5 -0.12 -22.36 -25.09
N TYR B 6 0.36 -21.40 -24.29
CA TYR B 6 0.60 -21.56 -22.86
C TYR B 6 -0.55 -20.97 -22.03
N GLN B 7 -0.86 -21.63 -20.91
CA GLN B 7 -1.89 -21.24 -19.94
C GLN B 7 -1.53 -21.78 -18.55
N ALA B 8 -2.40 -21.57 -17.55
CA ALA B 8 -2.20 -21.99 -16.16
C ALA B 8 -3.45 -22.65 -15.55
N ALA B 9 -3.26 -23.33 -14.43
CA ALA B 9 -4.30 -24.01 -13.66
C ALA B 9 -5.36 -23.04 -13.10
N GLU B 10 -6.62 -23.29 -13.44
CA GLU B 10 -7.79 -22.53 -12.97
C GLU B 10 -8.32 -22.98 -11.58
N GLU B 11 -7.93 -24.17 -11.10
CA GLU B 11 -8.45 -24.75 -9.85
C GLU B 11 -7.73 -24.20 -8.61
N THR B 12 -6.42 -24.00 -8.74
CA THR B 12 -5.53 -23.34 -7.76
C THR B 12 -5.74 -21.82 -7.68
N ALA B 13 -6.43 -21.23 -8.66
CA ALA B 13 -6.80 -19.82 -8.65
C ALA B 13 -7.73 -19.49 -7.47
N PHE B 14 -7.49 -18.35 -6.82
CA PHE B 14 -8.31 -17.84 -5.72
C PHE B 14 -9.28 -16.76 -6.20
N VAL B 15 -10.20 -16.33 -5.33
CA VAL B 15 -11.15 -15.21 -5.56
C VAL B 15 -11.20 -14.31 -4.32
N VAL B 16 -11.38 -13.01 -4.51
CA VAL B 16 -11.37 -12.02 -3.42
C VAL B 16 -12.46 -12.31 -2.37
N ASP B 17 -13.64 -12.74 -2.84
CA ASP B 17 -14.77 -13.16 -1.99
C ASP B 17 -14.44 -14.36 -1.07
N GLU B 18 -13.54 -15.23 -1.49
CA GLU B 18 -13.00 -16.33 -0.65
C GLU B 18 -12.05 -15.77 0.40
N VAL B 19 -10.98 -15.09 -0.02
CA VAL B 19 -9.95 -14.49 0.86
C VAL B 19 -10.57 -13.61 1.95
N SER B 20 -11.54 -12.78 1.56
CA SER B 20 -12.34 -11.91 2.44
C SER B 20 -13.21 -12.69 3.44
N ASN B 21 -13.39 -14.00 3.30
CA ASN B 21 -14.06 -14.89 4.26
C ASN B 21 -13.05 -15.73 5.10
N ILE B 22 -11.88 -16.10 4.53
CA ILE B 22 -10.77 -16.73 5.28
C ILE B 22 -10.42 -15.91 6.52
N VAL B 23 -10.36 -14.59 6.39
CA VAL B 23 -10.08 -13.72 7.54
C VAL B 23 -11.12 -13.82 8.66
N LYS B 24 -12.43 -13.88 8.35
CA LYS B 24 -13.48 -14.03 9.38
C LYS B 24 -13.36 -15.37 10.08
N GLU B 25 -13.32 -16.48 9.32
CA GLU B 25 -13.21 -17.81 9.95
C GLU B 25 -11.92 -17.99 10.78
N ALA B 26 -10.81 -17.38 10.33
CA ALA B 26 -9.54 -17.38 11.06
C ALA B 26 -9.56 -16.49 12.33
N ILE B 27 -10.21 -15.33 12.28
CA ILE B 27 -10.42 -14.50 13.48
C ILE B 27 -11.23 -15.27 14.52
N GLU B 28 -12.44 -15.73 14.19
CA GLU B 28 -13.31 -16.39 15.18
C GLU B 28 -12.70 -17.69 15.73
N SER B 29 -11.88 -18.38 14.94
CA SER B 29 -11.04 -19.51 15.40
C SER B 29 -10.06 -19.11 16.51
N ALA B 30 -9.35 -17.98 16.35
CA ALA B 30 -8.48 -17.42 17.40
C ALA B 30 -9.25 -16.94 18.65
N ILE B 31 -10.46 -16.39 18.48
CA ILE B 31 -11.35 -15.98 19.58
C ILE B 31 -11.86 -17.19 20.39
N GLY B 32 -12.21 -18.29 19.70
CA GLY B 32 -12.76 -19.51 20.30
C GLY B 32 -14.16 -19.36 20.92
N GLY B 33 -14.85 -18.25 20.66
CA GLY B 33 -16.11 -17.87 21.31
C GLY B 33 -15.98 -17.45 22.79
N ASN B 34 -14.76 -17.15 23.26
CA ASN B 34 -14.47 -16.64 24.61
C ASN B 34 -15.01 -15.20 24.81
N ALA B 35 -14.73 -14.60 25.98
CA ALA B 35 -15.05 -13.21 26.33
C ALA B 35 -14.57 -12.20 25.26
N TYR B 36 -15.50 -11.63 24.49
CA TYR B 36 -15.25 -10.60 23.48
C TYR B 36 -14.88 -9.25 24.14
N GLN B 37 -13.58 -8.94 24.18
CA GLN B 37 -13.04 -7.66 24.71
C GLN B 37 -12.67 -6.69 23.58
N HIS B 38 -12.47 -5.41 23.92
CA HIS B 38 -12.06 -4.38 22.95
C HIS B 38 -10.60 -4.50 22.53
N SER B 39 -9.66 -4.50 23.48
CA SER B 39 -8.22 -4.59 23.22
C SER B 39 -7.81 -5.95 22.66
N LYS B 40 -8.63 -7.00 22.88
CA LYS B 40 -8.49 -8.29 22.20
C LYS B 40 -8.56 -8.18 20.67
N VAL B 41 -9.51 -7.41 20.12
CA VAL B 41 -9.62 -7.19 18.67
C VAL B 41 -8.31 -6.66 18.06
N ASN B 42 -7.55 -5.83 18.79
CA ASN B 42 -6.26 -5.29 18.36
C ASN B 42 -5.19 -6.40 18.21
N GLN B 43 -5.02 -7.25 19.22
CA GLN B 43 -4.11 -8.40 19.12
C GLN B 43 -4.61 -9.46 18.13
N TRP B 44 -5.91 -9.55 17.86
CA TRP B 44 -6.50 -10.51 16.93
C TRP B 44 -6.29 -10.08 15.49
N THR B 45 -6.67 -8.86 15.12
CA THR B 45 -6.46 -8.31 13.77
C THR B 45 -4.98 -8.29 13.36
N THR B 46 -4.03 -8.22 14.31
CA THR B 46 -2.59 -8.44 13.99
C THR B 46 -2.23 -9.94 13.93
N ASN B 47 -2.44 -10.72 15.00
CA ASN B 47 -2.03 -12.13 15.10
C ASN B 47 -2.62 -13.02 14.00
N VAL B 48 -3.87 -12.78 13.62
CA VAL B 48 -4.57 -13.55 12.59
C VAL B 48 -3.95 -13.31 11.23
N VAL B 49 -4.00 -12.06 10.75
CA VAL B 49 -3.39 -11.62 9.49
C VAL B 49 -1.93 -12.10 9.39
N GLU B 50 -1.24 -12.25 10.53
CA GLU B 50 0.16 -12.71 10.56
C GLU B 50 0.37 -14.08 9.90
N GLN B 51 -0.53 -15.04 10.16
CA GLN B 51 -0.52 -16.39 9.59
C GLN B 51 -1.57 -16.59 8.47
N THR B 52 -2.72 -15.94 8.60
CA THR B 52 -3.83 -15.94 7.64
C THR B 52 -3.39 -15.41 6.29
N LEU B 53 -2.80 -14.20 6.25
CA LEU B 53 -2.32 -13.59 4.99
C LEU B 53 -1.23 -14.45 4.31
N SER B 54 -0.35 -15.07 5.09
CA SER B 54 0.65 -16.00 4.55
C SER B 54 0.05 -17.33 4.06
N GLN B 55 -1.06 -17.80 4.65
CA GLN B 55 -1.86 -18.98 4.27
C GLN B 55 -2.67 -18.75 2.98
N LEU B 56 -3.46 -17.68 2.88
CA LEU B 56 -4.31 -17.41 1.71
C LEU B 56 -3.51 -17.14 0.42
N THR B 57 -2.27 -16.67 0.56
CA THR B 57 -1.29 -16.59 -0.53
C THR B 57 -1.02 -17.99 -1.11
N LYS B 58 -1.02 -19.02 -0.26
CA LYS B 58 -0.77 -20.42 -0.68
C LYS B 58 -2.00 -21.09 -1.29
N LEU B 59 -3.20 -20.66 -0.88
CA LEU B 59 -4.48 -21.06 -1.49
C LEU B 59 -4.67 -20.47 -2.90
N GLY B 60 -3.88 -19.45 -3.26
CA GLY B 60 -3.80 -18.86 -4.58
C GLY B 60 -2.50 -19.22 -5.31
N LYS B 61 -1.69 -18.20 -5.61
CA LYS B 61 -0.43 -18.28 -6.37
C LYS B 61 0.71 -17.50 -5.66
N PRO B 62 1.98 -17.80 -5.95
CA PRO B 62 3.13 -17.09 -5.36
C PRO B 62 3.31 -15.67 -5.95
N PHE B 63 3.04 -14.64 -5.16
CA PHE B 63 3.28 -13.21 -5.49
C PHE B 63 3.69 -12.40 -4.23
N LYS B 64 4.22 -11.18 -4.43
CA LYS B 64 4.46 -10.18 -3.37
C LYS B 64 3.13 -9.58 -2.89
N TYR B 65 2.58 -10.08 -1.78
CA TYR B 65 1.49 -9.42 -1.06
C TYR B 65 1.99 -8.19 -0.26
N ILE B 66 1.07 -7.35 0.17
CA ILE B 66 1.27 -6.28 1.15
C ILE B 66 0.02 -6.11 2.01
N VAL B 67 0.18 -5.52 3.19
CA VAL B 67 -0.91 -5.09 4.08
C VAL B 67 -0.58 -3.75 4.72
N THR B 68 -1.63 -2.98 4.96
CA THR B 68 -1.61 -1.67 5.63
C THR B 68 -2.85 -1.56 6.52
N CYS B 69 -2.69 -1.32 7.82
CA CYS B 69 -3.81 -1.11 8.74
C CYS B 69 -3.70 0.19 9.55
N VAL B 70 -4.88 0.74 9.89
CA VAL B 70 -5.07 2.05 10.51
C VAL B 70 -6.02 1.91 11.70
N ILE B 71 -5.46 1.92 12.91
CA ILE B 71 -6.20 1.85 14.17
C ILE B 71 -6.30 3.28 14.73
N MET B 72 -7.50 3.86 14.70
CA MET B 72 -7.79 5.22 15.16
C MET B 72 -8.89 5.23 16.23
N GLN B 73 -9.01 6.33 16.98
CA GLN B 73 -9.97 6.49 18.08
C GLN B 73 -10.84 7.74 17.91
N LYS B 74 -12.05 7.71 18.48
CA LYS B 74 -13.08 8.77 18.39
C LYS B 74 -12.98 9.79 19.54
N ASN B 75 -12.00 9.65 20.44
CA ASN B 75 -11.74 10.52 21.59
C ASN B 75 -11.25 11.95 21.23
N GLY B 76 -10.75 12.15 20.00
CA GLY B 76 -10.17 13.42 19.54
C GLY B 76 -8.91 13.32 18.66
N ALA B 77 -8.40 12.11 18.39
CA ALA B 77 -7.28 11.90 17.47
C ALA B 77 -7.57 12.48 16.06
N GLY B 78 -6.68 13.35 15.55
CA GLY B 78 -6.86 14.09 14.31
C GLY B 78 -5.65 13.98 13.37
N LEU B 79 -5.86 13.31 12.25
CA LEU B 79 -4.88 12.91 11.24
C LEU B 79 -5.48 13.12 9.83
N HIS B 80 -4.62 13.34 8.83
CA HIS B 80 -4.96 13.42 7.41
C HIS B 80 -4.20 12.32 6.65
N THR B 81 -4.87 11.24 6.30
CA THR B 81 -4.26 10.05 5.68
C THR B 81 -4.92 9.79 4.33
N ALA B 82 -4.15 9.75 3.25
CA ALA B 82 -4.67 9.65 1.89
C ALA B 82 -4.06 8.44 1.15
N SER B 83 -4.92 7.51 0.72
CA SER B 83 -4.53 6.24 0.12
C SER B 83 -5.15 6.11 -1.27
N SER B 84 -4.34 6.12 -2.34
CA SER B 84 -4.82 5.92 -3.72
C SER B 84 -5.20 4.48 -4.05
N CYS B 85 -5.52 3.68 -3.02
CA CYS B 85 -6.14 2.37 -3.16
C CYS B 85 -7.58 2.46 -3.71
N PHE B 86 -8.10 1.30 -4.10
CA PHE B 86 -9.46 1.07 -4.58
C PHE B 86 -9.81 -0.42 -4.42
N TRP B 87 -11.10 -0.76 -4.46
CA TRP B 87 -11.58 -2.14 -4.44
C TRP B 87 -11.69 -2.67 -5.89
N ASP B 88 -11.34 -3.95 -6.10
CA ASP B 88 -11.56 -4.70 -7.34
C ASP B 88 -11.86 -6.19 -7.09
N SER B 89 -12.52 -6.86 -8.05
CA SER B 89 -12.84 -8.30 -8.02
C SER B 89 -12.37 -9.01 -9.29
N SER B 90 -12.86 -8.64 -10.48
CA SER B 90 -12.39 -9.17 -11.78
C SER B 90 -11.32 -8.30 -12.45
N THR B 91 -11.24 -7.01 -12.09
CA THR B 91 -10.30 -6.02 -12.68
C THR B 91 -8.85 -6.34 -12.30
N ASP B 92 -8.61 -6.75 -11.04
CA ASP B 92 -7.31 -7.19 -10.50
C ASP B 92 -7.51 -8.00 -9.18
N GLY B 93 -6.44 -8.17 -8.38
CA GLY B 93 -6.45 -8.81 -7.07
C GLY B 93 -6.24 -7.84 -5.89
N SER B 94 -7.13 -7.90 -4.90
CA SER B 94 -7.10 -7.17 -3.61
C SER B 94 -7.75 -7.98 -2.48
N CYS B 95 -7.76 -7.48 -1.24
CA CYS B 95 -8.64 -7.94 -0.13
C CYS B 95 -8.59 -6.92 1.02
N THR B 96 -9.71 -6.52 1.62
CA THR B 96 -9.73 -5.54 2.73
C THR B 96 -10.80 -5.88 3.78
N VAL B 97 -10.52 -5.58 5.06
CA VAL B 97 -11.33 -6.03 6.21
C VAL B 97 -11.49 -4.87 7.21
N ARG B 98 -12.67 -4.80 7.86
CA ARG B 98 -13.09 -3.70 8.73
C ARG B 98 -13.80 -4.21 9.99
N TRP B 99 -13.17 -3.99 11.15
CA TRP B 99 -13.63 -4.43 12.48
C TRP B 99 -13.72 -3.24 13.44
N GLU B 100 -14.95 -2.78 13.68
CA GLU B 100 -15.25 -1.81 14.73
C GLU B 100 -14.94 -2.34 16.15
N ASN B 101 -14.92 -1.44 17.12
CA ASN B 101 -14.65 -1.72 18.53
C ASN B 101 -15.56 -0.89 19.46
N LYS B 102 -15.38 -1.02 20.79
CA LYS B 102 -16.14 -0.30 21.84
C LYS B 102 -16.22 1.21 21.62
N THR B 103 -15.06 1.86 21.51
CA THR B 103 -14.90 3.33 21.30
C THR B 103 -13.87 3.68 20.20
N MET B 104 -13.02 2.72 19.81
CA MET B 104 -12.09 2.80 18.68
C MET B 104 -12.60 1.97 17.48
N TYR B 105 -11.85 1.93 16.39
CA TYR B 105 -12.10 1.02 15.26
C TYR B 105 -10.78 0.64 14.55
N CYS B 106 -10.84 -0.45 13.78
CA CYS B 106 -9.69 -1.09 13.13
C CYS B 106 -10.03 -1.38 11.66
N ILE B 107 -9.21 -0.91 10.72
CA ILE B 107 -9.30 -1.25 9.29
C ILE B 107 -7.96 -1.81 8.79
N VAL B 108 -7.99 -2.88 7.99
CA VAL B 108 -6.83 -3.58 7.44
C VAL B 108 -7.02 -3.87 5.96
N SER B 109 -6.29 -3.15 5.13
CA SER B 109 -6.36 -3.21 3.66
C SER B 109 -5.12 -3.91 3.09
N ALA B 110 -5.36 -4.98 2.32
CA ALA B 110 -4.34 -5.83 1.70
C ALA B 110 -4.42 -5.81 0.16
N PHE B 111 -3.30 -6.17 -0.47
CA PHE B 111 -3.15 -6.21 -1.93
C PHE B 111 -2.30 -7.40 -2.38
N GLY B 112 -2.49 -7.81 -3.64
CA GLY B 112 -1.91 -9.03 -4.19
C GLY B 112 -2.11 -9.17 -5.69
N LEU B 113 -1.17 -8.62 -6.48
CA LEU B 113 -1.23 -8.58 -7.95
C LEU B 113 -0.90 -9.96 -8.55
N SER B 114 -1.95 -10.76 -8.77
CA SER B 114 -1.86 -12.15 -9.20
C SER B 114 -1.74 -12.28 -10.73
N ILE B 115 -0.51 -12.46 -11.22
CA ILE B 115 -0.16 -12.51 -12.65
C ILE B 115 0.04 -13.92 -13.22
N GLY B 116 -0.04 -14.96 -12.37
CA GLY B 116 0.23 -16.36 -12.73
C GLY B 116 -0.86 -17.06 -13.58
N GLY B 117 -1.91 -16.36 -13.99
CA GLY B 117 -3.01 -16.89 -14.81
C GLY B 117 -4.22 -17.41 -14.02
N GLY B 118 -4.52 -16.78 -12.87
CA GLY B 118 -5.67 -17.10 -12.01
C GLY B 118 -7.02 -16.87 -12.71
N SER B 119 -7.61 -17.95 -13.24
CA SER B 119 -8.84 -17.96 -14.04
C SER B 119 -9.91 -18.93 -13.47
N GLY B 120 -10.93 -19.29 -14.25
CA GLY B 120 -11.97 -20.27 -13.89
C GLY B 120 -13.36 -19.69 -13.63
N GLN B 121 -13.52 -18.37 -13.73
CA GLN B 121 -14.82 -17.67 -13.71
C GLN B 121 -15.63 -17.90 -15.01
N SER B 122 -16.74 -17.16 -15.17
CA SER B 122 -17.63 -17.22 -16.35
C SER B 122 -16.92 -16.94 -17.69
N GLY B 123 -15.83 -16.18 -17.68
CA GLY B 123 -15.01 -15.83 -18.86
C GLY B 123 -14.74 -14.33 -18.94
N PRO B 124 -15.74 -13.49 -19.28
CA PRO B 124 -15.58 -12.04 -19.37
C PRO B 124 -15.39 -11.39 -17.98
N ILE B 125 -14.73 -10.24 -17.96
CA ILE B 125 -14.62 -9.36 -16.78
C ILE B 125 -15.84 -8.43 -16.66
N LYS B 126 -16.12 -7.91 -15.46
CA LYS B 126 -17.08 -6.82 -15.21
C LYS B 126 -16.37 -5.51 -14.84
N LEU B 127 -17.11 -4.40 -14.83
CA LEU B 127 -16.68 -3.10 -14.32
C LEU B 127 -16.59 -3.08 -12.78
N GLY B 128 -15.98 -2.02 -12.24
CA GLY B 128 -15.88 -1.73 -10.80
C GLY B 128 -16.37 -0.33 -10.43
N MET B 129 -16.58 -0.10 -9.13
CA MET B 129 -17.06 1.15 -8.52
C MET B 129 -16.27 1.42 -7.23
N ALA B 130 -15.12 2.10 -7.36
CA ALA B 130 -14.31 2.59 -6.26
C ALA B 130 -13.51 3.85 -6.65
N LYS B 131 -13.12 4.64 -5.64
CA LYS B 131 -12.36 5.89 -5.72
C LYS B 131 -11.24 5.94 -4.67
N ILE B 132 -10.44 7.02 -4.67
CA ILE B 132 -9.37 7.31 -3.69
C ILE B 132 -9.89 7.22 -2.26
N THR B 133 -9.18 6.48 -1.40
CA THR B 133 -9.54 6.24 0.01
C THR B 133 -8.79 7.22 0.92
N GLN B 134 -9.37 8.40 1.12
CA GLN B 134 -8.87 9.40 2.09
C GLN B 134 -9.67 9.34 3.40
N VAL B 135 -8.99 9.59 4.52
CA VAL B 135 -9.55 9.72 5.87
C VAL B 135 -9.03 10.99 6.55
N ASP B 136 -9.94 11.71 7.22
CA ASP B 136 -9.66 12.94 7.98
C ASP B 136 -10.52 13.05 9.25
N PHE B 137 -9.95 13.60 10.32
CA PHE B 137 -10.63 13.89 11.59
C PHE B 137 -10.29 15.33 12.07
N PRO B 138 -11.17 16.33 11.81
CA PRO B 138 -10.98 17.70 12.30
C PRO B 138 -11.21 17.81 13.83
N PRO B 139 -10.79 18.91 14.48
CA PRO B 139 -10.92 19.10 15.92
C PRO B 139 -12.37 19.25 16.39
N ARG B 140 -13.14 20.14 15.74
CA ARG B 140 -14.57 20.40 15.98
C ARG B 140 -15.23 21.08 14.79
N GLU B 141 -14.67 22.24 14.44
CA GLU B 141 -15.15 23.16 13.39
C GLU B 141 -14.76 22.65 11.99
N ILE B 142 -15.27 23.34 10.95
CA ILE B 142 -15.07 22.99 9.53
C ILE B 142 -14.27 24.07 8.77
N VAL B 143 -13.82 23.75 7.55
CA VAL B 143 -13.02 24.62 6.66
C VAL B 143 -13.87 25.23 5.54
N GLY A 1 8.29 -19.21 -23.11
CA GLY A 1 9.29 -19.99 -23.88
C GLY A 1 9.56 -19.40 -25.26
N SER A 2 10.24 -18.24 -25.33
CA SER A 2 10.59 -17.56 -26.59
C SER A 2 11.86 -16.71 -26.45
N MET A 3 12.98 -17.19 -26.97
CA MET A 3 14.31 -16.54 -26.91
C MET A 3 14.34 -15.17 -27.63
N GLU A 4 13.60 -15.03 -28.73
CA GLU A 4 13.48 -13.76 -29.48
C GLU A 4 12.78 -12.62 -28.72
N ASP A 5 12.05 -12.92 -27.63
CA ASP A 5 11.32 -11.94 -26.82
C ASP A 5 12.23 -11.15 -25.86
N TYR A 6 13.45 -11.64 -25.60
CA TYR A 6 14.48 -10.90 -24.87
C TYR A 6 14.94 -9.66 -25.66
N GLN A 7 15.17 -8.55 -24.96
CA GLN A 7 15.64 -7.26 -25.49
C GLN A 7 16.65 -6.61 -24.52
N ALA A 8 17.21 -5.46 -24.90
CA ALA A 8 18.21 -4.70 -24.14
C ALA A 8 17.71 -3.32 -23.66
N ALA A 9 16.39 -3.22 -23.40
CA ALA A 9 15.65 -2.01 -23.01
C ALA A 9 16.00 -1.41 -21.61
N GLU A 10 17.15 -1.74 -21.05
CA GLU A 10 17.64 -1.26 -19.75
C GLU A 10 17.88 0.26 -19.72
N GLU A 11 18.20 0.86 -20.88
CA GLU A 11 18.47 2.31 -21.01
C GLU A 11 17.22 3.20 -20.94
N THR A 12 16.05 2.68 -21.35
CA THR A 12 14.77 3.39 -21.31
C THR A 12 14.01 3.16 -20.00
N ALA A 13 14.27 2.05 -19.28
CA ALA A 13 13.77 1.82 -17.93
C ALA A 13 14.27 2.88 -16.94
N PHE A 14 13.45 3.21 -15.93
CA PHE A 14 13.79 4.16 -14.86
C PHE A 14 14.21 3.44 -13.57
N VAL A 15 14.80 4.21 -12.64
CA VAL A 15 15.24 3.73 -11.32
C VAL A 15 14.87 4.76 -10.23
N VAL A 16 14.79 4.29 -8.98
CA VAL A 16 14.34 5.06 -7.81
C VAL A 16 15.22 6.29 -7.56
N ASP A 17 16.53 6.18 -7.80
CA ASP A 17 17.47 7.31 -7.71
C ASP A 17 17.05 8.50 -8.58
N GLU A 18 16.40 8.25 -9.73
CA GLU A 18 15.87 9.30 -10.61
C GLU A 18 14.54 9.82 -10.06
N VAL A 19 13.59 8.91 -9.84
CA VAL A 19 12.24 9.22 -9.31
C VAL A 19 12.28 10.03 -8.02
N SER A 20 13.16 9.66 -7.10
CA SER A 20 13.46 10.35 -5.83
C SER A 20 14.04 11.75 -6.01
N ASN A 21 14.42 12.18 -7.22
CA ASN A 21 14.76 13.55 -7.58
C ASN A 21 13.62 14.26 -8.35
N ILE A 22 12.90 13.56 -9.25
CA ILE A 22 11.69 14.08 -9.94
C ILE A 22 10.72 14.68 -8.92
N VAL A 23 10.48 14.00 -7.79
CA VAL A 23 9.58 14.54 -6.77
C VAL A 23 10.04 15.91 -6.22
N LYS A 24 11.34 16.12 -5.94
CA LYS A 24 11.83 17.42 -5.46
C LYS A 24 11.68 18.49 -6.53
N GLU A 25 12.19 18.24 -7.75
CA GLU A 25 12.10 19.24 -8.82
C GLU A 25 10.64 19.57 -9.20
N ALA A 26 9.73 18.60 -9.12
CA ALA A 26 8.30 18.81 -9.37
C ALA A 26 7.58 19.54 -8.22
N ILE A 27 7.90 19.22 -6.95
CA ILE A 27 7.37 19.98 -5.80
C ILE A 27 7.78 21.45 -5.91
N GLU A 28 9.08 21.75 -5.95
CA GLU A 28 9.56 23.13 -5.97
C GLU A 28 9.11 23.92 -7.22
N SER A 29 8.92 23.25 -8.35
CA SER A 29 8.25 23.80 -9.53
C SER A 29 6.81 24.24 -9.23
N ALA A 30 5.99 23.38 -8.61
CA ALA A 30 4.62 23.69 -8.20
C ALA A 30 4.53 24.77 -7.09
N ILE A 31 5.51 24.84 -6.19
CA ILE A 31 5.62 25.90 -5.16
C ILE A 31 5.80 27.30 -5.80
N GLY A 32 6.51 27.39 -6.92
CA GLY A 32 6.78 28.66 -7.62
C GLY A 32 7.92 29.50 -7.02
N GLY A 33 8.73 28.92 -6.12
CA GLY A 33 9.91 29.55 -5.52
C GLY A 33 9.71 30.12 -4.10
N ASN A 34 8.53 29.97 -3.49
CA ASN A 34 8.30 30.28 -2.08
C ASN A 34 9.12 29.35 -1.15
N ALA A 35 9.25 29.70 0.14
CA ALA A 35 9.92 28.87 1.15
C ALA A 35 9.03 27.69 1.62
N TYR A 36 9.53 26.89 2.56
CA TYR A 36 8.73 25.89 3.29
C TYR A 36 7.46 26.52 3.89
N GLN A 37 6.34 25.79 3.84
CA GLN A 37 5.01 26.29 4.24
C GLN A 37 4.29 25.30 5.17
N HIS A 38 3.22 25.75 5.83
CA HIS A 38 2.53 25.00 6.90
C HIS A 38 1.50 24.02 6.29
N SER A 39 0.25 24.44 6.05
CA SER A 39 -0.77 23.58 5.41
C SER A 39 -0.62 23.47 3.89
N LYS A 40 0.06 24.43 3.23
CA LYS A 40 0.31 24.41 1.78
C LYS A 40 1.04 23.14 1.33
N VAL A 41 1.99 22.63 2.12
CA VAL A 41 2.69 21.36 1.85
C VAL A 41 1.75 20.16 1.68
N ASN A 42 0.60 20.16 2.34
CA ASN A 42 -0.41 19.08 2.23
C ASN A 42 -1.05 19.06 0.84
N GLN A 43 -1.44 20.22 0.29
CA GLN A 43 -1.92 20.30 -1.09
C GLN A 43 -0.82 20.01 -2.12
N TRP A 44 0.46 20.26 -1.78
CA TRP A 44 1.59 20.04 -2.69
C TRP A 44 1.94 18.56 -2.79
N THR A 45 2.17 17.88 -1.66
CA THR A 45 2.44 16.43 -1.66
C THR A 45 1.32 15.62 -2.33
N THR A 46 0.05 16.07 -2.26
CA THR A 46 -1.02 15.43 -3.06
C THR A 46 -0.99 15.86 -4.53
N ASN A 47 -1.12 17.16 -4.86
CA ASN A 47 -1.23 17.68 -6.24
C ASN A 47 -0.05 17.30 -7.14
N VAL A 48 1.17 17.30 -6.58
CA VAL A 48 2.40 17.00 -7.32
C VAL A 48 2.43 15.55 -7.72
N VAL A 49 2.45 14.65 -6.74
CA VAL A 49 2.40 13.19 -6.94
C VAL A 49 1.25 12.82 -7.89
N GLU A 50 0.17 13.60 -7.91
CA GLU A 50 -1.01 13.34 -8.77
C GLU A 50 -0.65 13.29 -10.26
N GLN A 51 0.15 14.25 -10.74
CA GLN A 51 0.63 14.34 -12.13
C GLN A 51 2.06 13.79 -12.28
N THR A 52 2.94 14.06 -11.31
CA THR A 52 4.35 13.65 -11.25
C THR A 52 4.51 12.13 -11.31
N LEU A 53 3.82 11.39 -10.43
CA LEU A 53 3.87 9.93 -10.41
C LEU A 53 3.37 9.34 -11.75
N SER A 54 2.33 9.93 -12.34
CA SER A 54 1.86 9.57 -13.68
C SER A 54 2.93 9.82 -14.77
N GLN A 55 3.60 10.98 -14.73
CA GLN A 55 4.68 11.40 -15.63
C GLN A 55 5.90 10.47 -15.59
N LEU A 56 6.43 10.14 -14.42
CA LEU A 56 7.63 9.29 -14.30
C LEU A 56 7.44 7.83 -14.71
N THR A 57 6.22 7.30 -14.60
CA THR A 57 5.85 6.03 -15.24
C THR A 57 6.03 6.10 -16.76
N LYS A 58 5.84 7.29 -17.36
CA LYS A 58 6.02 7.48 -18.81
C LYS A 58 7.49 7.69 -19.20
N LEU A 59 8.30 8.24 -18.28
CA LEU A 59 9.74 8.42 -18.48
C LEU A 59 10.49 7.06 -18.49
N GLY A 60 9.94 6.07 -17.79
CA GLY A 60 10.47 4.70 -17.71
C GLY A 60 9.77 3.72 -18.65
N LYS A 61 8.90 2.87 -18.09
CA LYS A 61 8.10 1.85 -18.78
C LYS A 61 6.65 1.78 -18.28
N PRO A 62 5.69 1.31 -19.11
CA PRO A 62 4.29 1.15 -18.73
C PRO A 62 4.09 -0.02 -17.75
N PHE A 63 3.76 0.26 -16.49
CA PHE A 63 3.40 -0.73 -15.48
C PHE A 63 2.39 -0.21 -14.46
N LYS A 64 1.86 -1.11 -13.62
CA LYS A 64 1.04 -0.74 -12.46
C LYS A 64 1.91 -0.11 -11.36
N TYR A 65 1.67 1.16 -11.06
CA TYR A 65 2.17 1.84 -9.86
C TYR A 65 1.07 1.94 -8.78
N ILE A 66 1.48 2.23 -7.56
CA ILE A 66 0.63 2.55 -6.40
C ILE A 66 1.38 3.55 -5.51
N VAL A 67 0.64 4.32 -4.72
CA VAL A 67 1.18 5.15 -3.64
C VAL A 67 0.26 5.10 -2.42
N THR A 68 0.87 5.27 -1.25
CA THR A 68 0.23 5.40 0.06
C THR A 68 0.94 6.51 0.85
N CYS A 69 0.21 7.48 1.40
CA CYS A 69 0.77 8.51 2.27
C CYS A 69 -0.04 8.70 3.57
N VAL A 70 0.67 9.02 4.65
CA VAL A 70 0.15 9.08 6.02
C VAL A 70 0.62 10.38 6.67
N ILE A 71 -0.32 11.29 6.88
CA ILE A 71 -0.10 12.65 7.36
C ILE A 71 -0.66 12.73 8.79
N MET A 72 0.23 12.56 9.77
CA MET A 72 -0.12 12.44 11.18
C MET A 72 0.79 13.29 12.08
N GLN A 73 0.28 13.69 13.25
CA GLN A 73 0.98 14.60 14.15
C GLN A 73 2.09 13.88 14.96
N LYS A 74 3.17 14.59 15.32
CA LYS A 74 4.32 14.02 16.04
C LYS A 74 4.14 13.97 17.58
N ASN A 75 3.06 14.58 18.10
CA ASN A 75 2.77 14.76 19.52
C ASN A 75 2.50 13.46 20.30
N GLY A 76 1.85 12.47 19.67
CA GLY A 76 1.50 11.17 20.28
C GLY A 76 0.00 10.97 20.59
N ALA A 77 -0.88 11.41 19.70
CA ALA A 77 -2.33 11.13 19.71
C ALA A 77 -2.65 9.67 19.31
N GLY A 78 -3.93 9.34 19.09
CA GLY A 78 -4.40 8.01 18.65
C GLY A 78 -4.09 7.71 17.17
N LEU A 79 -2.81 7.45 16.86
CA LEU A 79 -2.26 7.23 15.51
C LEU A 79 -1.38 5.96 15.45
N HIS A 80 -1.99 4.81 15.12
CA HIS A 80 -1.29 3.52 14.88
C HIS A 80 -1.44 3.11 13.41
N THR A 81 -0.36 2.64 12.79
CA THR A 81 -0.33 2.19 11.39
C THR A 81 0.63 1.01 11.25
N ALA A 82 0.34 0.08 10.33
CA ALA A 82 1.26 -1.02 10.02
C ALA A 82 1.16 -1.42 8.55
N SER A 83 2.28 -1.87 7.99
CA SER A 83 2.33 -2.32 6.60
C SER A 83 3.38 -3.43 6.42
N SER A 84 3.01 -4.51 5.72
CA SER A 84 3.97 -5.57 5.35
C SER A 84 4.82 -5.22 4.13
N CYS A 85 4.91 -3.93 3.81
CA CYS A 85 5.79 -3.38 2.77
C CYS A 85 7.27 -3.49 3.16
N PHE A 86 8.14 -3.31 2.16
CA PHE A 86 9.60 -3.37 2.28
C PHE A 86 10.27 -2.72 1.07
N TRP A 87 11.36 -1.97 1.29
CA TRP A 87 12.19 -1.45 0.21
C TRP A 87 13.04 -2.57 -0.43
N ASP A 88 13.36 -2.42 -1.71
CA ASP A 88 14.30 -3.25 -2.46
C ASP A 88 15.15 -2.39 -3.41
N SER A 89 16.36 -2.86 -3.72
CA SER A 89 17.28 -2.20 -4.67
C SER A 89 17.41 -3.01 -5.96
N SER A 90 18.00 -4.22 -5.89
CA SER A 90 18.23 -5.08 -7.04
C SER A 90 17.06 -6.04 -7.32
N THR A 91 16.28 -6.38 -6.29
CA THR A 91 15.19 -7.37 -6.30
C THR A 91 13.90 -6.83 -6.94
N ASP A 92 13.50 -5.60 -6.58
CA ASP A 92 12.32 -4.84 -7.06
C ASP A 92 12.62 -3.32 -7.06
N GLY A 93 11.62 -2.47 -7.34
CA GLY A 93 11.73 -1.00 -7.38
C GLY A 93 10.62 -0.29 -6.58
N SER A 94 11.01 0.55 -5.61
CA SER A 94 10.10 1.23 -4.65
C SER A 94 10.62 2.63 -4.30
N CYS A 95 9.81 3.67 -4.47
CA CYS A 95 10.20 5.08 -4.40
C CYS A 95 9.43 5.85 -3.31
N THR A 96 10.09 6.28 -2.25
CA THR A 96 9.48 6.91 -1.06
C THR A 96 10.08 8.28 -0.74
N VAL A 97 9.26 9.19 -0.20
CA VAL A 97 9.57 10.62 -0.01
C VAL A 97 9.05 11.08 1.37
N ARG A 98 9.88 11.85 2.08
CA ARG A 98 9.69 12.23 3.49
C ARG A 98 9.87 13.74 3.70
N TRP A 99 8.76 14.46 3.82
CA TRP A 99 8.72 15.90 4.09
C TRP A 99 8.19 16.15 5.51
N GLU A 100 8.91 16.95 6.29
CA GLU A 100 8.49 17.38 7.63
C GLU A 100 7.70 18.71 7.57
N ASN A 101 6.92 19.01 8.60
CA ASN A 101 6.08 20.22 8.72
C ASN A 101 6.35 20.94 10.06
N LYS A 102 5.64 22.05 10.33
CA LYS A 102 5.74 22.89 11.53
C LYS A 102 5.61 22.10 12.84
N THR A 103 4.57 21.28 12.95
CA THR A 103 4.24 20.47 14.16
C THR A 103 3.77 19.04 13.83
N MET A 104 3.63 18.70 12.55
CA MET A 104 3.33 17.36 12.03
C MET A 104 4.37 16.92 10.98
N TYR A 105 4.17 15.80 10.32
CA TYR A 105 5.00 15.34 9.21
C TYR A 105 4.17 14.59 8.16
N CYS A 106 4.65 14.55 6.92
CA CYS A 106 3.97 13.99 5.76
C CYS A 106 4.89 13.04 4.98
N ILE A 107 4.79 11.74 5.26
CA ILE A 107 5.50 10.66 4.55
C ILE A 107 4.61 10.03 3.46
N VAL A 108 5.20 9.76 2.29
CA VAL A 108 4.59 9.08 1.16
C VAL A 108 5.51 7.97 0.66
N SER A 109 4.94 6.80 0.36
CA SER A 109 5.64 5.64 -0.17
C SER A 109 4.95 5.14 -1.43
N ALA A 110 5.69 5.06 -2.53
CA ALA A 110 5.24 4.50 -3.79
C ALA A 110 5.94 3.16 -4.10
N PHE A 111 5.24 2.31 -4.83
CA PHE A 111 5.70 1.01 -5.30
C PHE A 111 5.44 0.93 -6.80
N GLY A 112 6.51 1.02 -7.59
CA GLY A 112 6.51 1.20 -9.04
C GLY A 112 7.61 0.35 -9.68
N LEU A 113 7.27 -0.89 -10.00
CA LEU A 113 8.19 -1.92 -10.51
C LEU A 113 8.79 -1.54 -11.88
N SER A 114 9.87 -2.22 -12.27
CA SER A 114 10.66 -1.92 -13.48
C SER A 114 10.79 -3.15 -14.39
N ILE A 115 10.50 -2.96 -15.68
CA ILE A 115 10.51 -3.98 -16.73
C ILE A 115 11.95 -4.27 -17.16
N GLY A 116 12.66 -3.23 -17.60
CA GLY A 116 14.05 -3.32 -18.05
C GLY A 116 15.03 -3.58 -16.90
N GLY A 117 14.69 -3.13 -15.68
CA GLY A 117 15.49 -3.38 -14.47
C GLY A 117 16.89 -2.72 -14.50
N GLY A 118 17.05 -1.64 -15.28
CA GLY A 118 18.32 -0.94 -15.49
C GLY A 118 18.98 -0.46 -14.20
N SER A 119 20.32 -0.42 -14.20
CA SER A 119 21.15 0.05 -13.09
C SER A 119 21.05 1.57 -12.85
N GLY A 120 21.74 2.07 -11.81
CA GLY A 120 21.64 3.45 -11.31
C GLY A 120 21.07 3.55 -9.89
N GLN A 121 21.13 2.46 -9.10
CA GLN A 121 20.80 2.44 -7.67
C GLN A 121 21.67 3.41 -6.84
N SER A 122 21.43 3.50 -5.53
CA SER A 122 22.21 4.34 -4.58
C SER A 122 23.73 4.04 -4.56
N GLY A 123 24.16 2.87 -5.02
CA GLY A 123 25.56 2.45 -5.17
C GLY A 123 25.76 0.99 -4.79
N PRO A 124 25.70 0.63 -3.49
CA PRO A 124 25.83 -0.75 -3.02
C PRO A 124 24.59 -1.60 -3.40
N ILE A 125 24.79 -2.92 -3.46
CA ILE A 125 23.75 -3.94 -3.69
C ILE A 125 23.52 -4.76 -2.41
N LYS A 126 22.29 -5.24 -2.21
CA LYS A 126 21.87 -6.01 -1.02
C LYS A 126 21.10 -7.27 -1.44
N LEU A 127 21.37 -8.38 -0.76
CA LEU A 127 20.88 -9.72 -1.07
C LEU A 127 20.41 -10.41 0.23
N GLY A 128 19.14 -10.81 0.26
CA GLY A 128 18.46 -11.37 1.45
C GLY A 128 16.96 -11.06 1.50
N MET A 129 16.32 -11.45 2.60
CA MET A 129 14.91 -11.17 2.90
C MET A 129 14.69 -9.75 3.48
N ALA A 130 13.45 -9.42 3.81
CA ALA A 130 13.03 -8.17 4.48
C ALA A 130 12.09 -8.43 5.67
N LYS A 131 11.75 -7.34 6.39
CA LYS A 131 10.90 -7.35 7.60
C LYS A 131 9.66 -6.45 7.43
N ILE A 132 8.70 -6.56 8.36
CA ILE A 132 7.47 -5.76 8.43
C ILE A 132 7.78 -4.31 8.86
N THR A 133 7.04 -3.33 8.36
CA THR A 133 7.18 -1.89 8.68
C THR A 133 5.95 -1.40 9.45
N GLN A 134 6.02 -1.45 10.78
CA GLN A 134 5.04 -0.82 11.68
C GLN A 134 5.46 0.63 12.02
N VAL A 135 4.47 1.49 12.25
CA VAL A 135 4.59 2.90 12.69
C VAL A 135 3.56 3.16 13.79
N ASP A 136 4.04 3.28 15.02
CA ASP A 136 3.23 3.65 16.18
C ASP A 136 3.97 4.65 17.09
N PHE A 137 3.20 5.48 17.81
CA PHE A 137 3.71 6.41 18.81
C PHE A 137 4.11 5.67 20.11
N PRO A 138 5.07 6.19 20.89
CA PRO A 138 5.50 5.57 22.16
C PRO A 138 4.42 5.71 23.26
N PRO A 139 4.45 4.87 24.31
CA PRO A 139 3.41 4.84 25.36
C PRO A 139 3.36 6.13 26.19
N ARG A 140 4.52 6.60 26.68
CA ARG A 140 4.72 7.91 27.33
C ARG A 140 6.18 8.34 27.30
N GLU A 141 7.06 7.48 27.79
CA GLU A 141 8.50 7.70 27.90
C GLU A 141 9.20 7.69 26.53
N ILE A 142 10.47 8.07 26.51
CA ILE A 142 11.35 8.12 25.33
C ILE A 142 12.66 7.34 25.54
N VAL A 143 13.41 7.12 24.46
CA VAL A 143 14.74 6.45 24.44
C VAL A 143 15.87 7.47 24.55
N GLY B 1 5.71 -16.19 -26.02
CA GLY B 1 5.35 -16.82 -27.32
C GLY B 1 5.40 -18.33 -27.26
N SER B 2 4.52 -18.97 -26.48
CA SER B 2 4.49 -20.43 -26.28
C SER B 2 3.08 -20.94 -25.92
N MET B 3 2.37 -21.51 -26.90
CA MET B 3 0.99 -22.04 -26.77
C MET B 3 0.88 -23.17 -25.73
N GLU B 4 1.90 -24.03 -25.61
CA GLU B 4 1.96 -25.11 -24.61
C GLU B 4 2.02 -24.63 -23.15
N ASP B 5 2.37 -23.37 -22.89
CA ASP B 5 2.49 -22.80 -21.54
C ASP B 5 1.12 -22.45 -20.91
N TYR B 6 0.06 -22.35 -21.72
CA TYR B 6 -1.32 -22.23 -21.24
C TYR B 6 -1.76 -23.51 -20.49
N GLN B 7 -2.51 -23.31 -19.39
CA GLN B 7 -3.07 -24.36 -18.53
C GLN B 7 -4.50 -23.98 -18.06
N ALA B 8 -5.16 -24.88 -17.32
CA ALA B 8 -6.53 -24.73 -16.82
C ALA B 8 -6.60 -24.64 -15.28
N ALA B 9 -5.55 -24.12 -14.63
CA ALA B 9 -5.34 -24.00 -13.19
C ALA B 9 -6.30 -23.05 -12.43
N GLU B 10 -7.45 -22.71 -13.00
CA GLU B 10 -8.49 -21.85 -12.41
C GLU B 10 -9.11 -22.44 -11.14
N GLU B 11 -9.13 -23.77 -11.00
CA GLU B 11 -9.69 -24.47 -9.83
C GLU B 11 -8.82 -24.39 -8.56
N THR B 12 -7.49 -24.29 -8.72
CA THR B 12 -6.54 -24.17 -7.61
C THR B 12 -6.27 -22.70 -7.23
N ALA B 13 -6.47 -21.76 -8.15
CA ALA B 13 -6.45 -20.33 -7.86
C ALA B 13 -7.52 -19.93 -6.82
N PHE B 14 -7.22 -18.91 -6.01
CA PHE B 14 -8.13 -18.37 -4.99
C PHE B 14 -8.94 -17.17 -5.52
N VAL B 15 -9.89 -16.68 -4.71
CA VAL B 15 -10.69 -15.48 -4.96
C VAL B 15 -10.88 -14.67 -3.67
N VAL B 16 -11.21 -13.38 -3.78
CA VAL B 16 -11.38 -12.48 -2.64
C VAL B 16 -12.52 -12.93 -1.72
N ASP B 17 -13.63 -13.44 -2.28
CA ASP B 17 -14.75 -14.00 -1.53
C ASP B 17 -14.33 -15.14 -0.58
N GLU B 18 -13.27 -15.88 -0.92
CA GLU B 18 -12.65 -16.89 -0.06
C GLU B 18 -11.87 -16.20 1.09
N VAL B 19 -10.85 -15.39 0.78
CA VAL B 19 -10.00 -14.68 1.77
C VAL B 19 -10.82 -13.84 2.75
N SER B 20 -11.84 -13.14 2.26
CA SER B 20 -12.80 -12.35 3.04
C SER B 20 -13.62 -13.18 4.03
N ASN B 21 -13.55 -14.51 3.99
CA ASN B 21 -14.06 -15.44 5.01
C ASN B 21 -12.92 -16.08 5.85
N ILE B 22 -11.79 -16.45 5.23
CA ILE B 22 -10.59 -16.95 5.95
C ILE B 22 -10.21 -16.00 7.09
N VAL B 23 -10.24 -14.68 6.86
CA VAL B 23 -9.93 -13.72 7.92
C VAL B 23 -10.88 -13.83 9.13
N LYS B 24 -12.21 -13.98 8.94
CA LYS B 24 -13.14 -14.13 10.06
C LYS B 24 -12.91 -15.43 10.81
N GLU B 25 -12.86 -16.55 10.09
CA GLU B 25 -12.65 -17.86 10.75
C GLU B 25 -11.29 -17.94 11.48
N ALA B 26 -10.25 -17.29 10.95
CA ALA B 26 -8.93 -17.21 11.58
C ALA B 26 -8.89 -16.25 12.79
N ILE B 27 -9.55 -15.08 12.72
CA ILE B 27 -9.67 -14.18 13.87
C ILE B 27 -10.38 -14.90 15.02
N GLU B 28 -11.61 -15.38 14.81
CA GLU B 28 -12.39 -16.00 15.89
C GLU B 28 -11.74 -17.28 16.46
N SER B 29 -11.00 -18.02 15.64
CA SER B 29 -10.11 -19.11 16.07
C SER B 29 -9.03 -18.62 17.05
N ALA B 30 -8.30 -17.55 16.72
CA ALA B 30 -7.30 -16.94 17.60
C ALA B 30 -7.88 -16.30 18.88
N ILE B 31 -9.11 -15.77 18.83
CA ILE B 31 -9.84 -15.24 20.00
C ILE B 31 -10.12 -16.35 21.04
N GLY B 32 -10.39 -17.59 20.59
CA GLY B 32 -10.70 -18.73 21.45
C GLY B 32 -12.16 -18.77 21.95
N GLY B 33 -13.06 -17.97 21.36
CA GLY B 33 -14.49 -17.96 21.66
C GLY B 33 -14.97 -16.85 22.60
N ASN B 34 -14.09 -15.94 23.05
CA ASN B 34 -14.47 -14.72 23.76
C ASN B 34 -15.32 -13.76 22.88
N ALA B 35 -15.99 -12.78 23.46
CA ALA B 35 -16.74 -11.75 22.74
C ALA B 35 -15.82 -10.69 22.10
N TYR B 36 -16.40 -9.70 21.43
CA TYR B 36 -15.68 -8.49 21.02
C TYR B 36 -14.95 -7.85 22.20
N GLN B 37 -13.71 -7.37 21.96
CA GLN B 37 -12.82 -6.82 22.98
C GLN B 37 -12.39 -5.38 22.61
N HIS B 38 -11.56 -4.75 23.45
CA HIS B 38 -11.09 -3.37 23.25
C HIS B 38 -9.70 -3.38 22.57
N SER B 39 -8.62 -3.21 23.31
CA SER B 39 -7.24 -3.26 22.79
C SER B 39 -6.81 -4.64 22.28
N LYS B 40 -7.44 -5.73 22.74
CA LYS B 40 -7.17 -7.11 22.28
C LYS B 40 -7.36 -7.27 20.76
N VAL B 41 -8.37 -6.61 20.18
CA VAL B 41 -8.63 -6.55 18.73
C VAL B 41 -7.41 -6.05 17.94
N ASN B 42 -6.61 -5.13 18.51
CA ASN B 42 -5.41 -4.60 17.87
C ASN B 42 -4.32 -5.69 17.73
N GLN B 43 -4.06 -6.48 18.78
CA GLN B 43 -3.14 -7.62 18.66
C GLN B 43 -3.68 -8.74 17.75
N TRP B 44 -5.00 -8.85 17.61
CA TRP B 44 -5.63 -9.89 16.78
C TRP B 44 -5.54 -9.55 15.30
N THR B 45 -5.98 -8.35 14.89
CA THR B 45 -5.85 -7.91 13.49
C THR B 45 -4.39 -7.94 12.99
N THR B 46 -3.40 -7.71 13.85
CA THR B 46 -1.98 -7.93 13.47
C THR B 46 -1.60 -9.43 13.48
N ASN B 47 -1.69 -10.13 14.61
CA ASN B 47 -1.24 -11.53 14.79
C ASN B 47 -1.87 -12.52 13.80
N VAL B 48 -3.16 -12.33 13.49
CA VAL B 48 -3.92 -13.21 12.60
C VAL B 48 -3.42 -13.06 11.19
N VAL B 49 -3.56 -11.86 10.60
CA VAL B 49 -3.06 -11.52 9.26
C VAL B 49 -1.60 -11.95 9.11
N GLU B 50 -0.82 -11.96 10.19
CA GLU B 50 0.60 -12.34 10.17
C GLU B 50 0.85 -13.76 9.61
N GLN B 51 0.05 -14.73 10.07
CA GLN B 51 0.08 -16.13 9.62
C GLN B 51 -1.01 -16.44 8.58
N THR B 52 -2.21 -15.89 8.75
CA THR B 52 -3.39 -16.06 7.89
C THR B 52 -3.13 -15.62 6.46
N LEU B 53 -2.63 -14.41 6.27
CA LEU B 53 -2.30 -13.88 4.93
C LEU B 53 -1.22 -14.75 4.24
N SER B 54 -0.23 -15.22 5.00
CA SER B 54 0.77 -16.19 4.50
C SER B 54 0.12 -17.53 4.09
N GLN B 55 -0.79 -18.07 4.89
CA GLN B 55 -1.54 -19.32 4.67
C GLN B 55 -2.41 -19.27 3.41
N LEU B 56 -3.22 -18.22 3.21
CA LEU B 56 -4.13 -18.13 2.06
C LEU B 56 -3.45 -17.93 0.71
N THR B 57 -2.24 -17.36 0.69
CA THR B 57 -1.37 -17.39 -0.50
C THR B 57 -1.02 -18.82 -0.88
N LYS B 58 -0.96 -19.74 0.10
CA LYS B 58 -0.67 -21.17 -0.16
C LYS B 58 -1.92 -21.95 -0.60
N LEU B 59 -3.09 -21.52 -0.14
CA LEU B 59 -4.40 -22.06 -0.55
C LEU B 59 -4.77 -21.70 -2.01
N GLY B 60 -4.11 -20.70 -2.60
CA GLY B 60 -4.27 -20.25 -3.99
C GLY B 60 -3.07 -20.57 -4.89
N LYS B 61 -2.21 -19.57 -5.12
CA LYS B 61 -0.99 -19.65 -5.95
C LYS B 61 0.16 -18.80 -5.37
N PRO B 62 1.43 -19.14 -5.66
CA PRO B 62 2.60 -18.38 -5.23
C PRO B 62 2.71 -17.04 -5.97
N PHE B 63 2.47 -15.92 -5.27
CA PHE B 63 2.67 -14.57 -5.79
C PHE B 63 3.09 -13.58 -4.69
N LYS B 64 3.50 -12.37 -5.09
CA LYS B 64 3.72 -11.24 -4.17
C LYS B 64 2.38 -10.72 -3.64
N TYR B 65 2.20 -10.76 -2.33
CA TYR B 65 1.14 -10.07 -1.61
C TYR B 65 1.70 -8.86 -0.84
N ILE B 66 0.81 -7.97 -0.42
CA ILE B 66 1.07 -6.82 0.46
C ILE B 66 -0.17 -6.55 1.31
N VAL B 67 0.01 -5.94 2.47
CA VAL B 67 -1.08 -5.39 3.29
C VAL B 67 -0.68 -4.06 3.89
N THR B 68 -1.67 -3.22 4.11
CA THR B 68 -1.60 -1.92 4.80
C THR B 68 -2.81 -1.78 5.73
N CYS B 69 -2.59 -1.42 7.00
CA CYS B 69 -3.67 -1.14 7.95
C CYS B 69 -3.45 0.16 8.73
N VAL B 70 -4.54 0.83 9.08
CA VAL B 70 -4.57 2.16 9.68
C VAL B 70 -5.58 2.18 10.83
N ILE B 71 -5.07 2.36 12.04
CA ILE B 71 -5.78 2.27 13.31
C ILE B 71 -5.85 3.68 13.91
N MET B 72 -6.95 4.36 13.65
CA MET B 72 -7.17 5.78 13.94
C MET B 72 -8.52 6.02 14.62
N GLN B 73 -8.59 7.06 15.45
CA GLN B 73 -9.74 7.33 16.31
C GLN B 73 -10.80 8.20 15.60
N LYS B 74 -12.08 7.87 15.83
CA LYS B 74 -13.24 8.49 15.15
C LYS B 74 -13.59 9.92 15.61
N ASN B 75 -12.95 10.40 16.68
CA ASN B 75 -13.22 11.67 17.36
C ASN B 75 -12.92 12.93 16.51
N GLY B 76 -11.95 12.86 15.60
CA GLY B 76 -11.55 13.97 14.71
C GLY B 76 -10.26 14.70 15.11
N ALA B 77 -9.30 14.01 15.74
CA ALA B 77 -7.91 14.45 15.86
C ALA B 77 -7.20 14.48 14.48
N GLY B 78 -5.94 14.95 14.44
CA GLY B 78 -5.14 15.20 13.23
C GLY B 78 -4.64 13.96 12.47
N LEU B 79 -5.56 13.10 12.00
CA LEU B 79 -5.30 11.86 11.25
C LEU B 79 -5.75 12.03 9.78
N HIS B 80 -4.82 12.31 8.86
CA HIS B 80 -5.05 12.39 7.41
C HIS B 80 -4.29 11.27 6.69
N THR B 81 -4.95 10.54 5.78
CA THR B 81 -4.33 9.48 4.97
C THR B 81 -4.87 9.52 3.55
N ALA B 82 -4.04 9.16 2.57
CA ALA B 82 -4.45 9.03 1.18
C ALA B 82 -3.72 7.88 0.48
N SER B 83 -4.40 7.24 -0.46
CA SER B 83 -3.84 6.16 -1.26
C SER B 83 -4.43 6.12 -2.67
N SER B 84 -3.57 5.96 -3.68
CA SER B 84 -4.03 5.78 -5.09
C SER B 84 -4.45 4.32 -5.37
N CYS B 85 -4.74 3.55 -4.32
CA CYS B 85 -5.29 2.20 -4.41
C CYS B 85 -6.74 2.20 -4.94
N PHE B 86 -7.20 1.02 -5.34
CA PHE B 86 -8.54 0.78 -5.88
C PHE B 86 -8.88 -0.71 -5.84
N TRP B 87 -10.12 -1.06 -5.51
CA TRP B 87 -10.63 -2.43 -5.60
C TRP B 87 -10.87 -2.83 -7.07
N ASP B 88 -10.73 -4.12 -7.36
CA ASP B 88 -11.07 -4.74 -8.65
C ASP B 88 -11.73 -6.12 -8.42
N SER B 89 -12.60 -6.53 -9.34
CA SER B 89 -13.25 -7.84 -9.33
C SER B 89 -12.72 -8.76 -10.42
N SER B 90 -12.96 -8.42 -11.69
CA SER B 90 -12.54 -9.22 -12.86
C SER B 90 -11.14 -8.84 -13.37
N THR B 91 -10.71 -7.59 -13.14
CA THR B 91 -9.48 -6.98 -13.64
C THR B 91 -8.22 -7.43 -12.86
N ASP B 92 -8.31 -7.44 -11.51
CA ASP B 92 -7.28 -7.84 -10.55
C ASP B 92 -7.92 -8.45 -9.27
N GLY B 93 -7.13 -8.75 -8.23
CA GLY B 93 -7.58 -9.31 -6.94
C GLY B 93 -7.08 -8.51 -5.72
N SER B 94 -8.01 -8.08 -4.85
CA SER B 94 -7.74 -7.23 -3.67
C SER B 94 -8.69 -7.55 -2.52
N CYS B 95 -8.17 -7.85 -1.32
CA CYS B 95 -8.92 -8.38 -0.18
C CYS B 95 -8.79 -7.48 1.06
N THR B 96 -9.88 -6.84 1.49
CA THR B 96 -9.90 -5.83 2.58
C THR B 96 -10.91 -6.19 3.68
N VAL B 97 -10.60 -5.80 4.92
CA VAL B 97 -11.31 -6.21 6.15
C VAL B 97 -11.47 -5.01 7.08
N ARG B 98 -12.65 -4.85 7.67
CA ARG B 98 -13.09 -3.66 8.43
C ARG B 98 -13.69 -4.03 9.78
N TRP B 99 -12.89 -3.92 10.84
CA TRP B 99 -13.30 -4.17 12.23
C TRP B 99 -13.39 -2.85 12.99
N GLU B 100 -14.55 -2.58 13.60
CA GLU B 100 -14.76 -1.43 14.49
C GLU B 100 -14.39 -1.80 15.95
N ASN B 101 -14.12 -0.80 16.79
CA ASN B 101 -13.72 -0.93 18.19
C ASN B 101 -14.58 -0.02 19.10
N LYS B 102 -14.30 0.02 20.42
CA LYS B 102 -15.03 0.77 21.46
C LYS B 102 -15.23 2.25 21.12
N THR B 103 -14.14 2.94 20.76
CA THR B 103 -14.11 4.39 20.43
C THR B 103 -13.22 4.73 19.22
N MET B 104 -12.54 3.74 18.65
CA MET B 104 -11.71 3.81 17.42
C MET B 104 -12.14 2.72 16.42
N TYR B 105 -11.43 2.61 15.30
CA TYR B 105 -11.60 1.53 14.32
C TYR B 105 -10.26 1.06 13.75
N CYS B 106 -10.24 -0.15 13.22
CA CYS B 106 -9.08 -0.82 12.64
C CYS B 106 -9.41 -1.41 11.26
N ILE B 107 -9.16 -0.63 10.20
CA ILE B 107 -9.30 -1.06 8.81
C ILE B 107 -7.97 -1.57 8.24
N VAL B 108 -8.01 -2.69 7.51
CA VAL B 108 -6.88 -3.32 6.82
C VAL B 108 -7.24 -3.61 5.37
N SER B 109 -6.32 -3.35 4.45
CA SER B 109 -6.46 -3.60 3.02
C SER B 109 -5.27 -4.40 2.51
N ALA B 110 -5.52 -5.55 1.91
CA ALA B 110 -4.52 -6.38 1.24
C ALA B 110 -4.69 -6.34 -0.28
N PHE B 111 -3.58 -6.51 -0.98
CA PHE B 111 -3.48 -6.58 -2.43
C PHE B 111 -2.69 -7.84 -2.80
N GLY B 112 -3.42 -8.85 -3.28
CA GLY B 112 -2.95 -10.22 -3.54
C GLY B 112 -3.50 -10.70 -4.87
N LEU B 113 -2.71 -10.55 -5.93
CA LEU B 113 -3.09 -10.88 -7.30
C LEU B 113 -3.25 -12.40 -7.50
N SER B 114 -3.91 -12.81 -8.59
CA SER B 114 -4.25 -14.20 -8.89
C SER B 114 -3.76 -14.63 -10.28
N ILE B 115 -3.07 -15.77 -10.33
CA ILE B 115 -2.43 -16.35 -11.53
C ILE B 115 -3.50 -17.00 -12.41
N GLY B 116 -4.24 -17.96 -11.85
CA GLY B 116 -5.31 -18.68 -12.56
C GLY B 116 -6.54 -17.81 -12.83
N GLY B 117 -6.78 -16.77 -12.01
CA GLY B 117 -7.88 -15.81 -12.21
C GLY B 117 -9.28 -16.42 -12.12
N GLY B 118 -9.43 -17.54 -11.40
CA GLY B 118 -10.68 -18.31 -11.29
C GLY B 118 -11.86 -17.49 -10.76
N SER B 119 -13.07 -17.84 -11.19
CA SER B 119 -14.33 -17.22 -10.77
C SER B 119 -14.70 -17.51 -9.30
N GLY B 120 -15.81 -16.92 -8.84
CA GLY B 120 -16.24 -16.94 -7.43
C GLY B 120 -16.30 -15.55 -6.78
N GLN B 121 -16.36 -14.48 -7.58
CA GLN B 121 -16.57 -13.09 -7.14
C GLN B 121 -17.90 -12.92 -6.37
N SER B 122 -18.18 -11.70 -5.88
CA SER B 122 -19.43 -11.36 -5.16
C SER B 122 -20.73 -11.61 -5.96
N GLY B 123 -20.63 -11.75 -7.29
CA GLY B 123 -21.73 -12.09 -8.20
C GLY B 123 -21.67 -11.27 -9.50
N PRO B 124 -22.00 -9.96 -9.47
CA PRO B 124 -21.91 -9.09 -10.65
C PRO B 124 -20.46 -8.81 -11.06
N ILE B 125 -20.27 -8.46 -12.34
CA ILE B 125 -19.01 -8.03 -12.94
C ILE B 125 -19.04 -6.53 -13.28
N LYS B 126 -17.88 -5.86 -13.21
CA LYS B 126 -17.73 -4.42 -13.46
C LYS B 126 -16.57 -4.14 -14.42
N LEU B 127 -16.78 -3.21 -15.35
CA LEU B 127 -15.88 -2.89 -16.46
C LEU B 127 -15.74 -1.36 -16.58
N GLY B 128 -14.51 -0.86 -16.48
CA GLY B 128 -14.19 0.57 -16.44
C GLY B 128 -12.94 0.89 -15.62
N MET B 129 -12.65 2.19 -15.46
CA MET B 129 -11.56 2.72 -14.63
C MET B 129 -11.93 2.80 -13.14
N ALA B 130 -11.02 3.32 -12.30
CA ALA B 130 -11.20 3.57 -10.87
C ALA B 130 -10.72 4.98 -10.46
N LYS B 131 -10.94 5.34 -9.18
CA LYS B 131 -10.60 6.64 -8.58
C LYS B 131 -9.66 6.49 -7.37
N ILE B 132 -9.10 7.61 -6.91
CA ILE B 132 -8.22 7.70 -5.72
C ILE B 132 -9.04 7.49 -4.43
N THR B 133 -8.43 6.91 -3.39
CA THR B 133 -9.05 6.66 -2.08
C THR B 133 -8.34 7.48 -0.99
N GLN B 134 -8.86 8.69 -0.73
CA GLN B 134 -8.48 9.51 0.43
C GLN B 134 -9.40 9.22 1.63
N VAL B 135 -8.86 9.35 2.84
CA VAL B 135 -9.53 9.17 4.13
C VAL B 135 -9.01 10.21 5.14
N ASP B 136 -9.82 11.23 5.40
CA ASP B 136 -9.54 12.34 6.32
C ASP B 136 -10.75 12.68 7.21
N PHE B 137 -10.49 13.24 8.39
CA PHE B 137 -11.53 13.71 9.31
C PHE B 137 -12.17 15.02 8.82
N PRO B 138 -13.46 15.29 9.12
CA PRO B 138 -14.15 16.52 8.70
C PRO B 138 -13.67 17.77 9.46
N PRO B 139 -13.87 18.99 8.93
CA PRO B 139 -13.34 20.23 9.52
C PRO B 139 -13.92 20.56 10.90
N ARG B 140 -15.25 20.52 11.03
CA ARG B 140 -15.99 20.60 12.31
C ARG B 140 -17.41 20.04 12.18
N GLU B 141 -18.16 20.56 11.21
CA GLU B 141 -19.55 20.20 10.92
C GLU B 141 -19.68 18.79 10.32
N ILE B 142 -20.92 18.31 10.22
CA ILE B 142 -21.29 17.00 9.66
C ILE B 142 -22.35 17.13 8.54
N VAL B 143 -22.58 16.04 7.80
CA VAL B 143 -23.60 15.93 6.72
C VAL B 143 -24.92 15.38 7.26
N GLY A 1 33.58 -13.74 -25.57
CA GLY A 1 32.90 -14.01 -26.85
C GLY A 1 32.57 -12.73 -27.61
N SER A 2 31.56 -12.78 -28.48
CA SER A 2 31.03 -11.65 -29.24
C SER A 2 30.48 -10.53 -28.35
N MET A 3 31.11 -9.34 -28.38
CA MET A 3 30.68 -8.18 -27.59
C MET A 3 29.32 -7.64 -28.04
N GLU A 4 29.07 -7.59 -29.35
CA GLU A 4 27.86 -7.04 -29.98
C GLU A 4 26.57 -7.84 -29.71
N ASP A 5 26.68 -9.09 -29.26
CA ASP A 5 25.54 -9.96 -28.89
C ASP A 5 24.73 -9.42 -27.70
N TYR A 6 25.34 -8.58 -26.85
CA TYR A 6 24.75 -7.96 -25.67
C TYR A 6 25.01 -6.43 -25.65
N GLN A 7 24.33 -5.70 -24.75
CA GLN A 7 24.47 -4.24 -24.64
C GLN A 7 24.10 -3.71 -23.23
N ALA A 8 24.44 -2.45 -22.94
CA ALA A 8 24.24 -1.79 -21.65
C ALA A 8 22.96 -0.91 -21.63
N ALA A 9 21.83 -1.48 -22.03
CA ALA A 9 20.51 -0.83 -22.07
C ALA A 9 19.90 -0.52 -20.68
N GLU A 10 20.58 -0.85 -19.58
CA GLU A 10 20.14 -0.68 -18.18
C GLU A 10 19.66 0.74 -17.80
N GLU A 11 20.11 1.77 -18.53
CA GLU A 11 19.64 3.16 -18.42
C GLU A 11 18.12 3.35 -18.67
N THR A 12 17.45 2.38 -19.28
CA THR A 12 15.98 2.33 -19.44
C THR A 12 15.24 2.28 -18.09
N ALA A 13 15.84 1.64 -17.07
CA ALA A 13 15.32 1.63 -15.71
C ALA A 13 15.67 2.94 -14.98
N PHE A 14 14.72 3.46 -14.18
CA PHE A 14 14.96 4.57 -13.26
C PHE A 14 15.85 4.16 -12.07
N VAL A 15 16.20 5.12 -11.20
CA VAL A 15 16.90 4.89 -9.93
C VAL A 15 16.19 5.61 -8.78
N VAL A 16 16.21 5.04 -7.58
CA VAL A 16 15.51 5.55 -6.39
C VAL A 16 16.01 6.94 -6.00
N ASP A 17 17.33 7.16 -6.11
CA ASP A 17 17.98 8.44 -5.83
C ASP A 17 17.49 9.59 -6.74
N GLU A 18 17.05 9.27 -7.96
CA GLU A 18 16.39 10.20 -8.89
C GLU A 18 14.95 10.47 -8.46
N VAL A 19 14.12 9.42 -8.35
CA VAL A 19 12.70 9.53 -7.96
C VAL A 19 12.51 10.30 -6.66
N SER A 20 13.37 10.06 -5.68
CA SER A 20 13.43 10.76 -4.38
C SER A 20 13.73 12.26 -4.51
N ASN A 21 14.26 12.74 -5.65
CA ASN A 21 14.47 14.16 -5.97
C ASN A 21 13.35 14.74 -6.87
N ILE A 22 12.77 13.96 -7.80
CA ILE A 22 11.60 14.36 -8.62
C ILE A 22 10.48 14.89 -7.73
N VAL A 23 10.22 14.26 -6.58
CA VAL A 23 9.19 14.74 -5.67
C VAL A 23 9.49 16.13 -5.09
N LYS A 24 10.73 16.44 -4.71
CA LYS A 24 11.10 17.79 -4.21
C LYS A 24 10.95 18.83 -5.31
N GLU A 25 11.55 18.61 -6.48
CA GLU A 25 11.46 19.59 -7.57
C GLU A 25 10.00 19.82 -8.04
N ALA A 26 9.15 18.78 -8.00
CA ALA A 26 7.74 18.89 -8.35
C ALA A 26 6.90 19.59 -7.26
N ILE A 27 7.13 19.28 -5.96
CA ILE A 27 6.47 20.00 -4.86
C ILE A 27 6.85 21.48 -4.90
N GLU A 28 8.14 21.81 -4.86
CA GLU A 28 8.59 23.21 -4.82
C GLU A 28 8.15 24.02 -6.07
N SER A 29 8.03 23.38 -7.23
CA SER A 29 7.38 23.94 -8.43
C SER A 29 5.92 24.32 -8.18
N ALA A 30 5.11 23.42 -7.61
CA ALA A 30 3.72 23.69 -7.23
C ALA A 30 3.58 24.77 -6.12
N ILE A 31 4.54 24.84 -5.18
CA ILE A 31 4.62 25.90 -4.15
C ILE A 31 4.89 27.28 -4.78
N GLY A 32 5.71 27.35 -5.83
CA GLY A 32 6.09 28.60 -6.50
C GLY A 32 7.03 29.50 -5.67
N GLY A 33 7.69 28.94 -4.66
CA GLY A 33 8.62 29.66 -3.77
C GLY A 33 7.95 30.50 -2.65
N ASN A 34 6.67 30.28 -2.36
CA ASN A 34 5.96 30.91 -1.24
C ASN A 34 6.63 30.64 0.13
N ALA A 35 6.37 31.53 1.11
CA ALA A 35 6.77 31.39 2.51
C ALA A 35 5.98 30.28 3.24
N TYR A 36 6.20 30.14 4.56
CA TYR A 36 5.49 29.19 5.44
C TYR A 36 3.95 29.25 5.29
N GLN A 37 3.28 28.11 5.46
CA GLN A 37 1.83 27.93 5.28
C GLN A 37 1.20 27.09 6.40
N HIS A 38 -0.12 26.91 6.34
CA HIS A 38 -0.90 25.96 7.18
C HIS A 38 -1.10 24.62 6.42
N SER A 39 -2.35 24.23 6.14
CA SER A 39 -2.75 23.00 5.44
C SER A 39 -2.35 22.89 3.97
N LYS A 40 -1.66 23.88 3.39
CA LYS A 40 -1.13 23.83 2.01
C LYS A 40 -0.32 22.55 1.74
N VAL A 41 0.55 22.16 2.67
CA VAL A 41 1.37 20.94 2.56
C VAL A 41 0.53 19.67 2.33
N ASN A 42 -0.68 19.56 2.91
CA ASN A 42 -1.62 18.47 2.65
C ASN A 42 -2.16 18.47 1.21
N GLN A 43 -2.69 19.61 0.73
CA GLN A 43 -3.16 19.74 -0.66
C GLN A 43 -2.01 19.60 -1.68
N TRP A 44 -0.78 19.91 -1.29
CA TRP A 44 0.42 19.75 -2.12
C TRP A 44 0.87 18.30 -2.21
N THR A 45 1.12 17.65 -1.08
CA THR A 45 1.54 16.24 -1.05
C THR A 45 0.52 15.29 -1.67
N THR A 46 -0.77 15.66 -1.76
CA THR A 46 -1.74 14.94 -2.60
C THR A 46 -1.65 15.36 -4.07
N ASN A 47 -1.88 16.64 -4.41
CA ASN A 47 -1.95 17.14 -5.80
C ASN A 47 -0.70 16.84 -6.64
N VAL A 48 0.49 16.96 -6.03
CA VAL A 48 1.77 16.72 -6.69
C VAL A 48 1.92 15.27 -7.04
N VAL A 49 1.99 14.40 -6.03
CA VAL A 49 2.06 12.94 -6.19
C VAL A 49 1.02 12.43 -7.18
N GLU A 50 -0.13 13.11 -7.30
CA GLU A 50 -1.22 12.75 -8.23
C GLU A 50 -0.75 12.72 -9.71
N GLN A 51 0.06 13.71 -10.13
CA GLN A 51 0.63 13.80 -11.47
C GLN A 51 2.11 13.37 -11.51
N THR A 52 2.88 13.73 -10.50
CA THR A 52 4.31 13.41 -10.31
C THR A 52 4.58 11.91 -10.30
N LEU A 53 3.87 11.15 -9.45
CA LEU A 53 4.02 9.68 -9.39
C LEU A 53 3.68 9.02 -10.75
N SER A 54 2.67 9.55 -11.44
CA SER A 54 2.36 9.16 -12.83
C SER A 54 3.47 9.54 -13.83
N GLN A 55 4.14 10.69 -13.68
CA GLN A 55 5.24 11.16 -14.53
C GLN A 55 6.53 10.33 -14.37
N LEU A 56 7.02 10.12 -13.15
CA LEU A 56 8.23 9.31 -12.88
C LEU A 56 8.06 7.83 -13.25
N THR A 57 6.83 7.32 -13.25
CA THR A 57 6.46 6.02 -13.82
C THR A 57 6.82 5.95 -15.31
N LYS A 58 6.76 7.07 -16.03
CA LYS A 58 7.09 7.14 -17.48
C LYS A 58 8.58 7.40 -17.74
N LEU A 59 9.28 8.04 -16.79
CA LEU A 59 10.74 8.25 -16.85
C LEU A 59 11.55 6.94 -16.67
N GLY A 60 10.91 5.88 -16.16
CA GLY A 60 11.46 4.52 -16.07
C GLY A 60 10.75 3.54 -17.01
N LYS A 61 10.03 2.56 -16.45
CA LYS A 61 9.36 1.46 -17.17
C LYS A 61 7.89 1.24 -16.74
N PRO A 62 7.04 0.72 -17.64
CA PRO A 62 5.61 0.49 -17.38
C PRO A 62 5.37 -0.68 -16.41
N PHE A 63 5.03 -0.35 -15.16
CA PHE A 63 4.69 -1.29 -14.07
C PHE A 63 3.57 -0.75 -13.17
N LYS A 64 3.15 -1.54 -12.17
CA LYS A 64 2.01 -1.27 -11.28
C LYS A 64 2.48 -0.71 -9.92
N TYR A 65 2.86 0.57 -9.94
CA TYR A 65 3.27 1.37 -8.78
C TYR A 65 2.09 1.60 -7.83
N ILE A 66 2.38 1.67 -6.53
CA ILE A 66 1.45 2.08 -5.48
C ILE A 66 2.11 3.12 -4.58
N VAL A 67 1.28 3.93 -3.92
CA VAL A 67 1.68 4.72 -2.75
C VAL A 67 0.63 4.62 -1.67
N THR A 68 1.06 4.90 -0.45
CA THR A 68 0.23 5.20 0.70
C THR A 68 0.83 6.37 1.47
N CYS A 69 0.02 7.36 1.81
CA CYS A 69 0.38 8.40 2.76
C CYS A 69 -0.65 8.48 3.90
N VAL A 70 -0.19 8.89 5.07
CA VAL A 70 -1.01 9.04 6.28
C VAL A 70 -0.84 10.46 6.81
N ILE A 71 -1.95 11.20 6.84
CA ILE A 71 -2.03 12.61 7.24
C ILE A 71 -2.87 12.68 8.51
N MET A 72 -2.28 13.19 9.58
CA MET A 72 -2.98 13.37 10.86
C MET A 72 -2.53 14.65 11.58
N GLN A 73 -3.49 15.35 12.17
CA GLN A 73 -3.32 16.57 12.95
C GLN A 73 -4.35 16.59 14.09
N LYS A 74 -3.91 16.36 15.33
CA LYS A 74 -4.74 16.51 16.54
C LYS A 74 -3.93 16.98 17.76
N ASN A 75 -2.91 16.21 18.13
CA ASN A 75 -2.06 16.45 19.31
C ASN A 75 -0.56 16.60 18.97
N GLY A 76 -0.15 16.29 17.74
CA GLY A 76 1.25 16.28 17.28
C GLY A 76 2.06 15.05 17.72
N ALA A 77 1.48 14.16 18.53
CA ALA A 77 2.05 12.86 18.91
C ALA A 77 2.07 11.87 17.73
N GLY A 78 2.82 10.77 17.88
CA GLY A 78 2.90 9.71 16.87
C GLY A 78 1.62 8.84 16.77
N LEU A 79 1.43 8.23 15.60
CA LEU A 79 0.43 7.20 15.31
C LEU A 79 1.07 5.81 15.20
N HIS A 80 0.27 4.76 14.96
CA HIS A 80 0.72 3.38 14.72
C HIS A 80 0.21 2.90 13.36
N THR A 81 1.00 3.05 12.29
CA THR A 81 0.66 2.55 10.95
C THR A 81 1.56 1.36 10.62
N ALA A 82 1.05 0.39 9.86
CA ALA A 82 1.80 -0.80 9.47
C ALA A 82 1.45 -1.27 8.05
N SER A 83 2.44 -1.80 7.35
CA SER A 83 2.31 -2.24 5.95
C SER A 83 3.10 -3.51 5.65
N SER A 84 2.56 -4.38 4.79
CA SER A 84 3.28 -5.57 4.29
C SER A 84 4.28 -5.24 3.17
N CYS A 85 4.59 -3.95 2.96
CA CYS A 85 5.69 -3.49 2.12
C CYS A 85 7.06 -3.94 2.65
N PHE A 86 8.11 -3.69 1.87
CA PHE A 86 9.51 -3.97 2.16
C PHE A 86 10.42 -3.13 1.23
N TRP A 87 11.68 -2.90 1.63
CA TRP A 87 12.67 -2.24 0.78
C TRP A 87 13.25 -3.24 -0.25
N ASP A 88 13.59 -2.75 -1.43
CA ASP A 88 14.26 -3.48 -2.51
C ASP A 88 15.10 -2.54 -3.40
N SER A 89 16.09 -3.10 -4.11
CA SER A 89 16.98 -2.40 -5.04
C SER A 89 17.16 -3.14 -6.37
N SER A 90 17.62 -4.40 -6.33
CA SER A 90 17.78 -5.26 -7.51
C SER A 90 16.47 -5.98 -7.89
N THR A 91 15.69 -6.38 -6.89
CA THR A 91 14.48 -7.21 -7.02
C THR A 91 13.31 -6.45 -7.65
N ASP A 92 13.04 -5.23 -7.17
CA ASP A 92 12.02 -4.29 -7.64
C ASP A 92 12.50 -2.82 -7.44
N GLY A 93 11.63 -1.82 -7.58
CA GLY A 93 11.89 -0.42 -7.18
C GLY A 93 11.03 0.06 -6.00
N SER A 94 11.51 1.07 -5.26
CA SER A 94 10.83 1.72 -4.12
C SER A 94 11.14 3.23 -4.05
N CYS A 95 10.43 3.98 -3.19
CA CYS A 95 10.75 5.36 -2.80
C CYS A 95 9.91 5.78 -1.56
N THR A 96 10.33 6.78 -0.78
CA THR A 96 9.53 7.33 0.34
C THR A 96 9.84 8.81 0.56
N VAL A 97 8.84 9.57 0.99
CA VAL A 97 8.82 11.04 1.01
C VAL A 97 8.20 11.56 2.30
N ARG A 98 9.07 11.86 3.26
CA ARG A 98 8.73 12.36 4.60
C ARG A 98 8.61 13.90 4.64
N TRP A 99 7.40 14.41 4.94
CA TRP A 99 7.10 15.84 5.14
C TRP A 99 6.40 16.03 6.48
N GLU A 100 7.07 16.72 7.41
CA GLU A 100 6.52 17.18 8.69
C GLU A 100 6.14 18.68 8.66
N ASN A 101 5.46 19.15 9.71
CA ASN A 101 5.09 20.56 9.91
C ASN A 101 4.87 20.90 11.40
N LYS A 102 4.34 22.11 11.68
CA LYS A 102 4.05 22.68 13.02
C LYS A 102 3.39 21.68 13.99
N THR A 103 2.24 21.15 13.61
CA THR A 103 1.44 20.16 14.36
C THR A 103 0.90 19.02 13.49
N MET A 104 0.65 19.28 12.20
CA MET A 104 0.36 18.24 11.19
C MET A 104 1.63 17.53 10.74
N TYR A 105 1.49 16.25 10.37
CA TYR A 105 2.53 15.44 9.71
C TYR A 105 1.91 14.65 8.57
N CYS A 106 2.64 14.52 7.47
CA CYS A 106 2.16 14.00 6.20
C CYS A 106 3.24 13.18 5.45
N ILE A 107 3.55 11.98 5.97
CA ILE A 107 4.54 11.08 5.37
C ILE A 107 3.94 10.25 4.23
N VAL A 108 4.71 10.03 3.17
CA VAL A 108 4.36 9.26 1.97
C VAL A 108 5.33 8.10 1.77
N SER A 109 4.82 6.95 1.31
CA SER A 109 5.56 5.70 1.11
C SER A 109 5.13 5.05 -0.21
N ALA A 110 6.06 4.79 -1.12
CA ALA A 110 5.83 4.32 -2.50
C ALA A 110 6.60 3.05 -2.86
N PHE A 111 5.96 2.17 -3.63
CA PHE A 111 6.53 0.88 -4.05
C PHE A 111 6.17 0.57 -5.50
N GLY A 112 7.21 0.28 -6.31
CA GLY A 112 7.17 0.04 -7.75
C GLY A 112 7.52 -1.40 -8.09
N LEU A 113 6.62 -2.32 -7.73
CA LEU A 113 6.82 -3.76 -7.89
C LEU A 113 6.94 -4.16 -9.38
N SER A 114 7.99 -4.91 -9.71
CA SER A 114 8.55 -5.09 -11.06
C SER A 114 9.02 -6.53 -11.29
N ILE A 115 8.13 -7.36 -11.85
CA ILE A 115 8.32 -8.81 -12.06
C ILE A 115 9.00 -9.20 -13.39
N GLY A 116 9.37 -8.21 -14.23
CA GLY A 116 9.96 -8.42 -15.56
C GLY A 116 11.43 -8.89 -15.61
N GLY A 117 12.11 -8.97 -14.46
CA GLY A 117 13.46 -9.54 -14.32
C GLY A 117 14.63 -8.55 -14.36
N GLY A 118 14.37 -7.24 -14.48
CA GLY A 118 15.37 -6.19 -14.60
C GLY A 118 14.93 -4.86 -13.98
N SER A 119 15.24 -4.66 -12.69
CA SER A 119 14.84 -3.48 -11.89
C SER A 119 16.08 -2.72 -11.41
N GLY A 120 16.39 -1.59 -12.06
CA GLY A 120 17.55 -0.72 -11.78
C GLY A 120 18.92 -1.30 -12.15
N GLN A 121 19.00 -2.62 -12.38
CA GLN A 121 20.19 -3.40 -12.77
C GLN A 121 19.86 -4.36 -13.93
N SER A 122 20.91 -4.96 -14.50
CA SER A 122 20.85 -5.95 -15.60
C SER A 122 21.39 -7.34 -15.20
N GLY A 123 22.10 -7.43 -14.07
CA GLY A 123 22.62 -8.68 -13.49
C GLY A 123 21.52 -9.56 -12.85
N PRO A 124 21.91 -10.68 -12.21
CA PRO A 124 20.96 -11.59 -11.56
C PRO A 124 20.24 -10.92 -10.38
N ILE A 125 19.01 -11.37 -10.10
CA ILE A 125 18.15 -10.88 -9.02
C ILE A 125 17.75 -12.00 -8.07
N LYS A 126 17.59 -11.66 -6.78
CA LYS A 126 17.22 -12.58 -5.70
C LYS A 126 16.48 -11.86 -4.57
N LEU A 127 15.84 -12.64 -3.71
CA LEU A 127 15.13 -12.19 -2.50
C LEU A 127 16.15 -11.86 -1.40
N GLY A 128 16.17 -10.60 -0.96
CA GLY A 128 17.05 -10.06 0.09
C GLY A 128 16.37 -9.97 1.46
N MET A 129 16.90 -9.11 2.34
CA MET A 129 16.26 -8.75 3.61
C MET A 129 14.93 -8.01 3.36
N ALA A 130 13.84 -8.77 3.35
CA ALA A 130 12.48 -8.33 3.02
C ALA A 130 11.50 -8.73 4.12
N LYS A 131 11.19 -7.78 5.02
CA LYS A 131 10.23 -7.95 6.11
C LYS A 131 9.20 -6.81 6.14
N ILE A 132 8.14 -7.00 6.92
CA ILE A 132 7.02 -6.06 7.15
C ILE A 132 7.53 -4.66 7.54
N THR A 133 7.01 -3.62 6.89
CA THR A 133 7.37 -2.21 7.13
C THR A 133 6.32 -1.54 8.03
N GLN A 134 6.59 -1.49 9.33
CA GLN A 134 5.83 -0.64 10.26
C GLN A 134 6.33 0.81 10.20
N VAL A 135 5.42 1.75 10.44
CA VAL A 135 5.64 3.20 10.58
C VAL A 135 4.90 3.70 11.83
N ASP A 136 5.59 3.65 12.96
CA ASP A 136 5.12 4.12 14.27
C ASP A 136 6.19 4.96 15.00
N PHE A 137 5.78 5.69 16.04
CA PHE A 137 6.65 6.52 16.87
C PHE A 137 6.50 6.15 18.37
N PRO A 138 7.51 6.44 19.22
CA PRO A 138 7.50 6.08 20.64
C PRO A 138 6.46 6.89 21.45
N PRO A 139 6.07 6.42 22.66
CA PRO A 139 5.05 7.06 23.48
C PRO A 139 5.47 8.44 24.00
N ARG A 140 6.64 8.54 24.65
CA ARG A 140 7.26 9.80 25.11
C ARG A 140 8.75 9.62 25.36
N GLU A 141 9.07 8.72 26.30
CA GLU A 141 10.42 8.39 26.77
C GLU A 141 10.94 7.08 26.14
N ILE A 142 12.19 6.69 26.42
CA ILE A 142 12.72 5.37 26.04
C ILE A 142 11.95 4.22 26.73
N VAL A 143 11.72 3.12 25.99
CA VAL A 143 10.97 1.92 26.41
C VAL A 143 11.48 0.65 25.71
N GLY B 1 -17.67 -26.69 -30.77
CA GLY B 1 -16.48 -27.53 -31.07
C GLY B 1 -16.26 -28.60 -30.01
N SER B 2 -15.05 -29.12 -29.93
CA SER B 2 -14.58 -30.09 -28.92
C SER B 2 -14.70 -29.54 -27.48
N MET B 3 -15.55 -30.14 -26.65
CA MET B 3 -15.74 -29.73 -25.26
C MET B 3 -14.49 -29.97 -24.39
N GLU B 4 -13.82 -31.11 -24.59
CA GLU B 4 -12.64 -31.56 -23.82
C GLU B 4 -11.37 -30.71 -24.02
N ASP B 5 -11.32 -29.88 -25.07
CA ASP B 5 -10.20 -28.95 -25.35
C ASP B 5 -10.02 -27.87 -24.27
N TYR B 6 -11.09 -27.56 -23.53
CA TYR B 6 -11.14 -26.56 -22.45
C TYR B 6 -11.77 -27.15 -21.16
N GLN B 7 -11.66 -26.44 -20.03
CA GLN B 7 -12.20 -26.88 -18.74
C GLN B 7 -12.50 -25.71 -17.78
N ALA B 8 -13.22 -25.98 -16.70
CA ALA B 8 -13.67 -25.00 -15.70
C ALA B 8 -12.75 -24.97 -14.45
N ALA B 9 -11.44 -24.84 -14.66
CA ALA B 9 -10.41 -24.77 -13.63
C ALA B 9 -10.42 -23.49 -12.77
N GLU B 10 -11.35 -22.54 -13.03
CA GLU B 10 -11.49 -21.24 -12.36
C GLU B 10 -11.54 -21.28 -10.82
N GLU B 11 -11.95 -22.41 -10.24
CA GLU B 11 -11.92 -22.69 -8.79
C GLU B 11 -10.53 -22.59 -8.14
N THR B 12 -9.45 -22.61 -8.94
CA THR B 12 -8.07 -22.37 -8.49
C THR B 12 -7.87 -20.96 -7.93
N ALA B 13 -8.60 -19.95 -8.45
CA ALA B 13 -8.59 -18.59 -7.93
C ALA B 13 -9.49 -18.46 -6.68
N PHE B 14 -9.07 -17.63 -5.73
CA PHE B 14 -9.87 -17.27 -4.55
C PHE B 14 -11.02 -16.28 -4.90
N VAL B 15 -11.89 -16.00 -3.93
CA VAL B 15 -12.98 -15.01 -4.02
C VAL B 15 -12.85 -13.98 -2.88
N VAL B 16 -13.15 -12.72 -3.16
CA VAL B 16 -13.09 -11.63 -2.15
C VAL B 16 -14.03 -11.89 -0.98
N ASP B 17 -15.24 -12.38 -1.26
CA ASP B 17 -16.25 -12.80 -0.28
C ASP B 17 -15.74 -13.86 0.71
N GLU B 18 -14.88 -14.77 0.24
CA GLU B 18 -14.20 -15.78 1.05
C GLU B 18 -13.11 -15.13 1.91
N VAL B 19 -12.12 -14.47 1.30
CA VAL B 19 -11.01 -13.80 1.99
C VAL B 19 -11.49 -12.84 3.09
N SER B 20 -12.56 -12.10 2.83
CA SER B 20 -13.22 -11.20 3.77
C SER B 20 -13.85 -11.92 4.98
N ASN B 21 -14.07 -13.24 4.93
CA ASN B 21 -14.49 -14.10 6.05
C ASN B 21 -13.31 -14.80 6.76
N ILE B 22 -12.26 -15.22 6.02
CA ILE B 22 -11.03 -15.81 6.59
C ILE B 22 -10.47 -14.91 7.70
N VAL B 23 -10.48 -13.59 7.50
CA VAL B 23 -10.00 -12.67 8.55
C VAL B 23 -10.82 -12.72 9.84
N LYS B 24 -12.16 -12.80 9.76
CA LYS B 24 -13.02 -12.93 10.96
C LYS B 24 -12.76 -14.24 11.68
N GLU B 25 -12.83 -15.36 10.97
CA GLU B 25 -12.61 -16.67 11.61
C GLU B 25 -11.20 -16.81 12.21
N ALA B 26 -10.18 -16.18 11.60
CA ALA B 26 -8.81 -16.17 12.11
C ALA B 26 -8.62 -15.23 13.32
N ILE B 27 -9.21 -14.02 13.29
CA ILE B 27 -9.19 -13.11 14.44
C ILE B 27 -9.89 -13.77 15.64
N GLU B 28 -11.14 -14.19 15.48
CA GLU B 28 -11.93 -14.76 16.59
C GLU B 28 -11.30 -16.05 17.17
N SER B 29 -10.60 -16.84 16.34
CA SER B 29 -9.75 -17.95 16.76
C SER B 29 -8.61 -17.49 17.69
N ALA B 30 -7.85 -16.45 17.31
CA ALA B 30 -6.81 -15.84 18.15
C ALA B 30 -7.36 -15.20 19.44
N ILE B 31 -8.57 -14.62 19.41
CA ILE B 31 -9.29 -14.10 20.59
C ILE B 31 -9.66 -15.22 21.58
N GLY B 32 -10.02 -16.40 21.09
CA GLY B 32 -10.45 -17.54 21.91
C GLY B 32 -11.82 -17.36 22.59
N GLY B 33 -12.64 -16.42 22.10
CA GLY B 33 -13.97 -16.11 22.65
C GLY B 33 -13.99 -15.24 23.92
N ASN B 34 -12.88 -14.57 24.26
CA ASN B 34 -12.80 -13.60 25.37
C ASN B 34 -13.83 -12.44 25.23
N ALA B 35 -14.16 -11.81 26.36
CA ALA B 35 -14.99 -10.61 26.45
C ALA B 35 -14.25 -9.35 25.92
N TYR B 36 -14.88 -8.17 26.04
CA TYR B 36 -14.31 -6.86 25.68
C TYR B 36 -12.89 -6.62 26.23
N GLN B 37 -12.06 -5.90 25.48
CA GLN B 37 -10.65 -5.63 25.80
C GLN B 37 -10.26 -4.15 25.56
N HIS B 38 -9.00 -3.80 25.85
CA HIS B 38 -8.36 -2.53 25.49
C HIS B 38 -7.57 -2.68 24.17
N SER B 39 -6.24 -2.48 24.20
CA SER B 39 -5.31 -2.56 23.07
C SER B 39 -5.12 -3.96 22.44
N LYS B 40 -5.79 -5.01 22.94
CA LYS B 40 -5.77 -6.35 22.34
C LYS B 40 -6.09 -6.33 20.84
N VAL B 41 -7.09 -5.58 20.41
CA VAL B 41 -7.48 -5.47 18.99
C VAL B 41 -6.32 -5.01 18.09
N ASN B 42 -5.42 -4.14 18.58
CA ASN B 42 -4.21 -3.73 17.86
C ASN B 42 -3.20 -4.89 17.69
N GLN B 43 -2.85 -5.59 18.78
CA GLN B 43 -1.97 -6.76 18.70
C GLN B 43 -2.59 -7.92 17.90
N TRP B 44 -3.92 -8.01 17.84
CA TRP B 44 -4.66 -9.01 17.08
C TRP B 44 -4.66 -8.69 15.58
N THR B 45 -5.13 -7.50 15.19
CA THR B 45 -5.17 -7.08 13.79
C THR B 45 -3.78 -7.04 13.12
N THR B 46 -2.69 -6.93 13.90
CA THR B 46 -1.34 -7.19 13.36
C THR B 46 -1.00 -8.69 13.35
N ASN B 47 -0.99 -9.39 14.50
CA ASN B 47 -0.56 -10.79 14.64
C ASN B 47 -1.31 -11.76 13.70
N VAL B 48 -2.62 -11.55 13.54
CA VAL B 48 -3.49 -12.40 12.71
C VAL B 48 -3.12 -12.23 11.25
N VAL B 49 -3.32 -11.03 10.70
CA VAL B 49 -2.96 -10.66 9.32
C VAL B 49 -1.52 -11.12 8.99
N GLU B 50 -0.63 -11.17 9.98
CA GLU B 50 0.77 -11.61 9.81
C GLU B 50 0.89 -13.04 9.24
N GLN B 51 0.05 -13.97 9.73
CA GLN B 51 -0.01 -15.37 9.27
C GLN B 51 -1.22 -15.65 8.34
N THR B 52 -2.37 -15.05 8.64
CA THR B 52 -3.63 -15.13 7.90
C THR B 52 -3.50 -14.65 6.46
N LEU B 53 -2.97 -13.44 6.24
CA LEU B 53 -2.78 -12.89 4.88
C LEU B 53 -1.81 -13.75 4.05
N SER B 54 -0.79 -14.31 4.70
CA SER B 54 0.06 -15.37 4.12
C SER B 54 -0.75 -16.63 3.75
N GLN B 55 -1.57 -17.16 4.66
CA GLN B 55 -2.40 -18.36 4.47
C GLN B 55 -3.41 -18.24 3.31
N LEU B 56 -4.23 -17.18 3.27
CA LEU B 56 -5.22 -16.97 2.20
C LEU B 56 -4.63 -16.75 0.81
N THR B 57 -3.40 -16.25 0.73
CA THR B 57 -2.59 -16.24 -0.51
C THR B 57 -2.39 -17.66 -1.04
N LYS B 58 -2.26 -18.66 -0.15
CA LYS B 58 -2.03 -20.07 -0.54
C LYS B 58 -3.33 -20.82 -0.86
N LEU B 59 -4.46 -20.37 -0.31
CA LEU B 59 -5.81 -20.85 -0.65
C LEU B 59 -6.27 -20.43 -2.06
N GLY B 60 -5.58 -19.45 -2.68
CA GLY B 60 -5.77 -19.04 -4.07
C GLY B 60 -4.55 -19.34 -4.96
N LYS B 61 -3.86 -18.30 -5.44
CA LYS B 61 -2.72 -18.38 -6.37
C LYS B 61 -1.51 -17.54 -5.89
N PRO B 62 -0.28 -17.92 -6.29
CA PRO B 62 0.95 -17.23 -5.90
C PRO B 62 1.10 -15.86 -6.60
N PHE B 63 0.76 -14.79 -5.89
CA PHE B 63 0.90 -13.39 -6.34
C PHE B 63 1.36 -12.44 -5.22
N LYS B 64 1.80 -11.24 -5.62
CA LYS B 64 2.44 -10.24 -4.76
C LYS B 64 1.42 -9.37 -4.03
N TYR B 65 0.84 -9.93 -2.96
CA TYR B 65 -0.04 -9.24 -2.02
C TYR B 65 0.63 -8.03 -1.36
N ILE B 66 -0.19 -7.09 -0.90
CA ILE B 66 0.16 -6.00 0.01
C ILE B 66 -1.02 -5.73 0.94
N VAL B 67 -0.74 -5.17 2.10
CA VAL B 67 -1.74 -4.52 2.96
C VAL B 67 -1.16 -3.25 3.53
N THR B 68 -2.06 -2.37 3.97
CA THR B 68 -1.77 -1.23 4.84
C THR B 68 -2.88 -1.10 5.90
N CYS B 69 -2.50 -0.76 7.13
CA CYS B 69 -3.44 -0.41 8.19
C CYS B 69 -2.96 0.82 8.97
N VAL B 70 -3.92 1.59 9.48
CA VAL B 70 -3.69 2.85 10.20
C VAL B 70 -4.39 2.76 11.54
N ILE B 71 -3.60 2.57 12.60
CA ILE B 71 -4.04 2.43 13.97
C ILE B 71 -3.81 3.76 14.69
N MET B 72 -4.90 4.45 15.01
CA MET B 72 -4.84 5.74 15.69
C MET B 72 -5.85 5.84 16.85
N GLN B 73 -5.38 6.39 17.96
CA GLN B 73 -6.11 6.63 19.20
C GLN B 73 -5.64 7.96 19.82
N LYS B 74 -6.42 9.02 19.62
CA LYS B 74 -6.20 10.33 20.29
C LYS B 74 -7.52 11.01 20.66
N ASN B 75 -8.31 11.38 19.66
CA ASN B 75 -9.65 11.96 19.81
C ASN B 75 -10.80 11.00 19.40
N GLY B 76 -10.51 10.00 18.56
CA GLY B 76 -11.46 9.00 18.06
C GLY B 76 -12.17 9.35 16.75
N ALA B 77 -12.02 10.58 16.26
CA ALA B 77 -12.55 11.08 14.99
C ALA B 77 -11.56 12.08 14.34
N GLY B 78 -10.54 11.55 13.65
CA GLY B 78 -9.46 12.36 13.05
C GLY B 78 -8.39 11.50 12.39
N LEU B 79 -8.58 11.17 11.11
CA LEU B 79 -7.64 10.41 10.26
C LEU B 79 -7.86 10.78 8.79
N HIS B 80 -6.82 11.22 8.09
CA HIS B 80 -6.80 11.54 6.66
C HIS B 80 -5.74 10.69 5.95
N THR B 81 -6.09 9.48 5.51
CA THR B 81 -5.14 8.57 4.84
C THR B 81 -5.49 8.55 3.35
N ALA B 82 -4.49 8.44 2.47
CA ALA B 82 -4.71 8.42 1.02
C ALA B 82 -3.77 7.43 0.31
N SER B 83 -4.34 6.63 -0.59
CA SER B 83 -3.62 5.57 -1.32
C SER B 83 -3.93 5.57 -2.81
N SER B 84 -2.92 5.24 -3.64
CA SER B 84 -3.11 5.05 -5.09
C SER B 84 -3.71 3.68 -5.44
N CYS B 85 -4.22 2.94 -4.44
CA CYS B 85 -5.02 1.74 -4.63
C CYS B 85 -6.34 2.03 -5.37
N PHE B 86 -7.06 0.96 -5.71
CA PHE B 86 -8.37 0.96 -6.35
C PHE B 86 -9.03 -0.43 -6.19
N TRP B 87 -10.36 -0.50 -6.30
CA TRP B 87 -11.10 -1.77 -6.32
C TRP B 87 -10.96 -2.45 -7.69
N ASP B 88 -10.80 -3.78 -7.67
CA ASP B 88 -10.86 -4.64 -8.86
C ASP B 88 -11.48 -6.02 -8.52
N SER B 89 -12.09 -6.66 -9.54
CA SER B 89 -12.78 -7.96 -9.45
C SER B 89 -12.29 -8.96 -10.51
N SER B 90 -12.44 -8.61 -11.80
CA SER B 90 -11.97 -9.43 -12.93
C SER B 90 -10.48 -9.19 -13.23
N THR B 91 -10.03 -7.95 -13.09
CA THR B 91 -8.68 -7.48 -13.43
C THR B 91 -7.62 -8.06 -12.49
N ASP B 92 -7.83 -7.94 -11.18
CA ASP B 92 -7.00 -8.46 -10.08
C ASP B 92 -7.90 -8.82 -8.86
N GLY B 93 -7.32 -9.14 -7.69
CA GLY B 93 -8.05 -9.32 -6.43
C GLY B 93 -7.80 -8.21 -5.39
N SER B 94 -8.76 -8.01 -4.49
CA SER B 94 -8.73 -7.04 -3.36
C SER B 94 -9.44 -7.58 -2.11
N CYS B 95 -9.28 -6.93 -0.96
CA CYS B 95 -10.06 -7.15 0.29
C CYS B 95 -9.84 -5.98 1.27
N THR B 96 -10.73 -5.74 2.22
CA THR B 96 -10.55 -4.73 3.29
C THR B 96 -11.28 -5.12 4.57
N VAL B 97 -10.70 -4.75 5.73
CA VAL B 97 -11.06 -5.26 7.05
C VAL B 97 -11.10 -4.13 8.07
N ARG B 98 -12.29 -3.57 8.23
CA ARG B 98 -12.61 -2.46 9.15
C ARG B 98 -12.91 -2.95 10.59
N TRP B 99 -12.05 -2.58 11.54
CA TRP B 99 -12.24 -2.80 12.98
C TRP B 99 -12.16 -1.48 13.74
N GLU B 100 -13.25 -1.10 14.40
CA GLU B 100 -13.34 0.03 15.33
C GLU B 100 -13.36 -0.42 16.81
N ASN B 101 -13.26 0.54 17.73
CA ASN B 101 -13.36 0.32 19.17
C ASN B 101 -13.76 1.61 19.93
N LYS B 102 -13.75 1.56 21.27
CA LYS B 102 -14.09 2.65 22.21
C LYS B 102 -13.57 4.04 21.78
N THR B 103 -12.25 4.14 21.62
CA THR B 103 -11.53 5.36 21.20
C THR B 103 -10.44 5.08 20.13
N MET B 104 -9.96 3.84 20.03
CA MET B 104 -8.98 3.40 19.02
C MET B 104 -9.68 2.89 17.75
N TYR B 105 -9.21 3.33 16.58
CA TYR B 105 -9.64 2.85 15.26
C TYR B 105 -8.47 2.13 14.58
N CYS B 106 -8.75 0.94 14.04
CA CYS B 106 -7.75 0.02 13.48
C CYS B 106 -8.25 -0.62 12.16
N ILE B 107 -8.38 0.19 11.12
CA ILE B 107 -8.82 -0.24 9.78
C ILE B 107 -7.66 -0.78 8.93
N VAL B 108 -7.90 -1.88 8.20
CA VAL B 108 -6.94 -2.57 7.32
C VAL B 108 -7.48 -2.59 5.88
N SER B 109 -6.57 -2.49 4.91
CA SER B 109 -6.86 -2.43 3.47
C SER B 109 -5.83 -3.27 2.70
N ALA B 110 -6.29 -4.25 1.92
CA ALA B 110 -5.46 -5.27 1.25
C ALA B 110 -5.70 -5.35 -0.27
N PHE B 111 -4.63 -5.61 -1.02
CA PHE B 111 -4.64 -5.68 -2.48
C PHE B 111 -3.75 -6.82 -2.99
N GLY B 112 -4.32 -7.70 -3.81
CA GLY B 112 -3.69 -8.91 -4.37
C GLY B 112 -3.52 -8.77 -5.89
N LEU B 113 -2.59 -7.90 -6.29
CA LEU B 113 -2.37 -7.55 -7.69
C LEU B 113 -1.85 -8.77 -8.50
N SER B 114 -2.49 -9.01 -9.64
CA SER B 114 -2.46 -10.28 -10.39
C SER B 114 -2.43 -10.04 -11.91
N ILE B 115 -1.24 -10.15 -12.52
CA ILE B 115 -0.98 -9.85 -13.93
C ILE B 115 -1.00 -11.09 -14.87
N GLY B 116 -1.30 -12.28 -14.33
CA GLY B 116 -1.28 -13.56 -15.07
C GLY B 116 -2.48 -13.80 -16.02
N GLY B 117 -3.47 -12.91 -16.04
CA GLY B 117 -4.59 -12.93 -17.00
C GLY B 117 -5.90 -13.60 -16.53
N GLY B 118 -5.94 -14.12 -15.29
CA GLY B 118 -7.08 -14.85 -14.73
C GLY B 118 -7.24 -14.65 -13.22
N SER B 119 -8.03 -13.66 -12.82
CA SER B 119 -8.25 -13.25 -11.42
C SER B 119 -9.72 -13.41 -11.03
N GLY B 120 -10.05 -14.46 -10.29
CA GLY B 120 -11.42 -14.81 -9.85
C GLY B 120 -12.38 -15.28 -10.96
N GLN B 121 -12.04 -15.03 -12.23
CA GLN B 121 -12.77 -15.41 -13.45
C GLN B 121 -11.81 -16.01 -14.49
N SER B 122 -12.40 -16.60 -15.55
CA SER B 122 -11.70 -17.19 -16.70
C SER B 122 -11.96 -16.44 -18.03
N GLY B 123 -12.97 -15.57 -18.07
CA GLY B 123 -13.32 -14.72 -19.21
C GLY B 123 -12.37 -13.53 -19.44
N PRO B 124 -12.66 -12.66 -20.43
CA PRO B 124 -11.80 -11.53 -20.80
C PRO B 124 -11.73 -10.46 -19.71
N ILE B 125 -10.54 -9.91 -19.48
CA ILE B 125 -10.27 -8.87 -18.47
C ILE B 125 -10.02 -7.51 -19.13
N LYS B 126 -10.42 -6.44 -18.44
CA LYS B 126 -10.27 -5.02 -18.87
C LYS B 126 -10.07 -4.08 -17.67
N LEU B 127 -9.70 -2.83 -17.97
CA LEU B 127 -9.60 -1.74 -16.99
C LEU B 127 -10.97 -1.09 -16.79
N GLY B 128 -11.53 -1.30 -15.60
CA GLY B 128 -12.83 -0.76 -15.14
C GLY B 128 -12.72 0.60 -14.46
N MET B 129 -13.73 0.98 -13.67
CA MET B 129 -13.70 2.16 -12.80
C MET B 129 -12.60 2.03 -11.73
N ALA B 130 -11.45 2.65 -11.99
CA ALA B 130 -10.20 2.54 -11.22
C ALA B 130 -9.60 3.92 -10.95
N LYS B 131 -9.87 4.45 -9.75
CA LYS B 131 -9.35 5.74 -9.28
C LYS B 131 -8.73 5.62 -7.86
N ILE B 132 -8.00 6.66 -7.46
CA ILE B 132 -7.32 6.82 -6.16
C ILE B 132 -8.28 6.54 -4.98
N THR B 133 -7.84 5.75 -4.01
CA THR B 133 -8.59 5.38 -2.79
C THR B 133 -8.12 6.22 -1.62
N GLN B 134 -8.76 7.37 -1.38
CA GLN B 134 -8.68 8.07 -0.10
C GLN B 134 -9.59 7.40 0.93
N VAL B 135 -9.16 7.46 2.20
CA VAL B 135 -9.89 7.00 3.39
C VAL B 135 -9.71 8.04 4.49
N ASP B 136 -10.67 8.95 4.54
CA ASP B 136 -10.78 10.05 5.50
C ASP B 136 -12.21 10.17 6.06
N PHE B 137 -12.37 10.93 7.14
CA PHE B 137 -13.66 11.20 7.80
C PHE B 137 -13.96 12.72 7.84
N PRO B 138 -15.25 13.12 7.93
CA PRO B 138 -15.65 14.52 7.97
C PRO B 138 -15.23 15.24 9.27
N PRO B 139 -15.20 16.59 9.29
CA PRO B 139 -14.74 17.36 10.45
C PRO B 139 -15.66 17.21 11.67
N ARG B 140 -16.97 17.45 11.50
CA ARG B 140 -18.02 17.25 12.52
C ARG B 140 -19.40 17.16 11.89
N GLU B 141 -19.78 18.23 11.20
CA GLU B 141 -21.06 18.43 10.52
C GLU B 141 -20.91 18.22 8.99
N ILE B 142 -22.02 18.25 8.25
CA ILE B 142 -22.05 18.18 6.79
C ILE B 142 -21.37 19.41 6.17
N VAL B 143 -20.51 19.19 5.17
CA VAL B 143 -19.71 20.22 4.46
C VAL B 143 -19.58 19.93 2.96
N GLY A 1 3.32 -13.97 -23.60
CA GLY A 1 4.36 -12.93 -23.62
C GLY A 1 5.57 -13.38 -24.43
N SER A 2 5.86 -12.68 -25.54
CA SER A 2 6.96 -12.97 -26.49
C SER A 2 8.38 -12.65 -25.98
N MET A 3 8.54 -12.30 -24.70
CA MET A 3 9.81 -11.97 -24.03
C MET A 3 10.79 -13.15 -23.92
N GLU A 4 10.43 -14.35 -24.40
CA GLU A 4 11.24 -15.57 -24.43
C GLU A 4 12.63 -15.41 -25.10
N ASP A 5 12.74 -14.57 -26.13
CA ASP A 5 14.01 -14.26 -26.83
C ASP A 5 14.76 -13.06 -26.21
N TYR A 6 14.06 -12.22 -25.43
CA TYR A 6 14.58 -11.09 -24.67
C TYR A 6 14.93 -11.49 -23.21
N GLN A 7 15.26 -10.50 -22.39
CA GLN A 7 15.53 -10.61 -20.95
C GLN A 7 15.01 -9.37 -20.20
N ALA A 8 15.31 -9.24 -18.91
CA ALA A 8 15.12 -8.00 -18.15
C ALA A 8 15.76 -6.79 -18.86
N ALA A 9 14.95 -5.79 -19.23
CA ALA A 9 15.34 -4.59 -19.98
C ALA A 9 16.08 -3.56 -19.10
N GLU A 10 17.17 -3.98 -18.45
CA GLU A 10 17.98 -3.13 -17.56
C GLU A 10 18.55 -1.88 -18.24
N GLU A 11 18.78 -1.94 -19.55
CA GLU A 11 19.26 -0.83 -20.40
C GLU A 11 18.35 0.40 -20.46
N THR A 12 17.04 0.23 -20.25
CA THR A 12 16.06 1.34 -20.16
C THR A 12 15.65 1.63 -18.71
N ALA A 13 15.75 0.65 -17.81
CA ALA A 13 15.36 0.78 -16.40
C ALA A 13 16.11 1.92 -15.67
N PHE A 14 15.35 2.85 -15.08
CA PHE A 14 15.84 3.96 -14.26
C PHE A 14 16.50 3.50 -12.93
N VAL A 15 17.12 4.43 -12.21
CA VAL A 15 17.78 4.21 -10.91
C VAL A 15 17.02 4.91 -9.77
N VAL A 16 17.04 4.33 -8.57
CA VAL A 16 16.35 4.86 -7.37
C VAL A 16 16.86 6.26 -6.99
N ASP A 17 18.17 6.49 -7.09
CA ASP A 17 18.83 7.78 -6.87
C ASP A 17 18.31 8.88 -7.82
N GLU A 18 17.94 8.53 -9.05
CA GLU A 18 17.31 9.43 -10.03
C GLU A 18 15.87 9.73 -9.61
N VAL A 19 15.04 8.70 -9.41
CA VAL A 19 13.64 8.83 -8.94
C VAL A 19 13.51 9.73 -7.70
N SER A 20 14.42 9.55 -6.74
CA SER A 20 14.52 10.35 -5.51
C SER A 20 14.86 11.84 -5.76
N ASN A 21 15.16 12.23 -7.00
CA ASN A 21 15.44 13.60 -7.44
C ASN A 21 14.35 14.13 -8.40
N ILE A 22 13.75 13.27 -9.24
CA ILE A 22 12.53 13.56 -10.03
C ILE A 22 11.44 14.15 -9.14
N VAL A 23 11.23 13.59 -7.94
CA VAL A 23 10.22 14.14 -7.03
C VAL A 23 10.50 15.60 -6.63
N LYS A 24 11.74 15.98 -6.34
CA LYS A 24 12.11 17.37 -5.99
C LYS A 24 11.93 18.31 -7.16
N GLU A 25 12.50 17.99 -8.33
CA GLU A 25 12.38 18.87 -9.50
C GLU A 25 10.91 19.05 -9.97
N ALA A 26 10.07 18.02 -9.79
CA ALA A 26 8.65 18.09 -10.06
C ALA A 26 7.85 18.89 -9.01
N ILE A 27 8.18 18.76 -7.71
CA ILE A 27 7.57 19.60 -6.67
C ILE A 27 7.85 21.08 -6.95
N GLU A 28 9.12 21.47 -7.11
CA GLU A 28 9.45 22.88 -7.35
C GLU A 28 8.83 23.45 -8.64
N SER A 29 8.63 22.62 -9.67
CA SER A 29 7.86 22.98 -10.87
C SER A 29 6.39 23.32 -10.56
N ALA A 30 5.73 22.53 -9.69
CA ALA A 30 4.38 22.81 -9.19
C ALA A 30 4.30 24.04 -8.27
N ILE A 31 5.31 24.29 -7.43
CA ILE A 31 5.43 25.50 -6.59
C ILE A 31 5.57 26.77 -7.45
N GLY A 32 6.38 26.71 -8.51
CA GLY A 32 6.63 27.81 -9.45
C GLY A 32 7.35 29.03 -8.83
N GLY A 33 7.93 28.89 -7.64
CA GLY A 33 8.53 29.99 -6.87
C GLY A 33 7.52 31.04 -6.36
N ASN A 34 6.23 30.67 -6.23
CA ASN A 34 5.17 31.52 -5.67
C ASN A 34 5.38 31.80 -4.16
N ALA A 35 4.43 32.53 -3.54
CA ALA A 35 4.44 32.87 -2.11
C ALA A 35 4.70 31.64 -1.20
N TYR A 36 5.48 31.84 -0.14
CA TYR A 36 5.89 30.79 0.81
C TYR A 36 4.68 30.25 1.59
N GLN A 37 4.23 29.04 1.21
CA GLN A 37 2.99 28.41 1.69
C GLN A 37 3.28 27.03 2.29
N HIS A 38 3.03 26.89 3.60
CA HIS A 38 3.24 25.64 4.34
C HIS A 38 2.12 24.61 4.09
N SER A 39 0.86 24.94 4.36
CA SER A 39 -0.27 24.01 4.12
C SER A 39 -0.39 23.52 2.68
N LYS A 40 0.12 24.28 1.70
CA LYS A 40 0.25 23.86 0.29
C LYS A 40 1.11 22.60 0.08
N VAL A 41 2.10 22.34 0.94
CA VAL A 41 2.95 21.14 0.87
C VAL A 41 2.11 19.85 0.84
N ASN A 42 0.95 19.82 1.53
CA ASN A 42 0.00 18.70 1.51
C ASN A 42 -0.61 18.48 0.12
N GLN A 43 -1.16 19.52 -0.52
CA GLN A 43 -1.67 19.40 -1.90
C GLN A 43 -0.58 19.14 -2.92
N TRP A 44 0.66 19.59 -2.67
CA TRP A 44 1.79 19.41 -3.58
C TRP A 44 2.33 17.98 -3.52
N THR A 45 2.67 17.50 -2.33
CA THR A 45 3.16 16.13 -2.12
C THR A 45 2.17 15.06 -2.60
N THR A 46 0.85 15.35 -2.63
CA THR A 46 -0.13 14.46 -3.28
C THR A 46 -0.23 14.69 -4.80
N ASN A 47 -0.48 15.92 -5.28
CA ASN A 47 -0.67 16.24 -6.71
C ASN A 47 0.55 15.87 -7.58
N VAL A 48 1.75 16.07 -7.06
CA VAL A 48 3.01 15.82 -7.77
C VAL A 48 3.19 14.35 -7.96
N VAL A 49 3.32 13.60 -6.86
CA VAL A 49 3.47 12.14 -6.85
C VAL A 49 2.39 11.46 -7.73
N GLU A 50 1.21 12.08 -7.85
CA GLU A 50 0.12 11.55 -8.71
C GLU A 50 0.55 11.42 -10.19
N GLN A 51 1.20 12.45 -10.74
CA GLN A 51 1.69 12.48 -12.13
C GLN A 51 3.16 12.07 -12.24
N THR A 52 4.01 12.51 -11.32
CA THR A 52 5.44 12.18 -11.18
C THR A 52 5.68 10.68 -11.13
N LEU A 53 5.05 9.96 -10.21
CA LEU A 53 5.25 8.52 -10.09
C LEU A 53 4.81 7.78 -11.39
N SER A 54 3.72 8.24 -12.01
CA SER A 54 3.32 7.77 -13.34
C SER A 54 4.37 8.05 -14.42
N GLN A 55 4.93 9.27 -14.47
CA GLN A 55 5.97 9.72 -15.40
C GLN A 55 7.27 8.90 -15.30
N LEU A 56 7.83 8.70 -14.09
CA LEU A 56 9.09 7.97 -13.94
C LEU A 56 9.00 6.47 -14.26
N THR A 57 7.82 5.87 -14.08
CA THR A 57 7.49 4.55 -14.62
C THR A 57 7.61 4.51 -16.15
N LYS A 58 7.42 5.66 -16.84
CA LYS A 58 7.58 5.77 -18.31
C LYS A 58 9.01 6.08 -18.75
N LEU A 59 9.82 6.69 -17.87
CA LEU A 59 11.23 7.00 -18.12
C LEU A 59 12.13 5.75 -18.26
N GLY A 60 11.64 4.57 -17.84
CA GLY A 60 12.32 3.29 -18.06
C GLY A 60 11.37 2.10 -18.17
N LYS A 61 11.21 1.34 -17.09
CA LYS A 61 10.46 0.06 -17.07
C LYS A 61 8.97 0.24 -16.65
N PRO A 62 7.99 0.06 -17.56
CA PRO A 62 6.58 0.31 -17.26
C PRO A 62 5.93 -0.83 -16.44
N PHE A 63 5.72 -0.61 -15.14
CA PHE A 63 5.11 -1.56 -14.19
C PHE A 63 4.18 -0.89 -13.15
N LYS A 64 3.33 -1.68 -12.48
CA LYS A 64 2.45 -1.27 -11.36
C LYS A 64 3.24 -0.91 -10.09
N TYR A 65 3.40 0.39 -9.84
CA TYR A 65 3.84 0.96 -8.56
C TYR A 65 2.67 1.09 -7.56
N ILE A 66 3.00 1.48 -6.32
CA ILE A 66 2.07 2.01 -5.31
C ILE A 66 2.77 3.13 -4.52
N VAL A 67 1.98 4.03 -3.95
CA VAL A 67 2.41 5.13 -3.07
C VAL A 67 1.36 5.35 -1.98
N THR A 68 1.84 5.71 -0.80
CA THR A 68 1.01 6.12 0.32
C THR A 68 1.69 7.25 1.10
N CYS A 69 0.93 8.07 1.83
CA CYS A 69 1.46 9.06 2.77
C CYS A 69 0.53 9.30 3.97
N VAL A 70 1.12 9.78 5.08
CA VAL A 70 0.43 10.14 6.32
C VAL A 70 0.88 11.54 6.77
N ILE A 71 -0.10 12.39 7.11
CA ILE A 71 0.06 13.76 7.60
C ILE A 71 -0.35 13.77 9.07
N MET A 72 0.63 13.97 9.94
CA MET A 72 0.46 13.99 11.40
C MET A 72 0.79 15.36 12.00
N GLN A 73 0.20 15.67 13.16
CA GLN A 73 0.38 16.94 13.86
C GLN A 73 1.33 16.82 15.06
N LYS A 74 2.00 17.92 15.43
CA LYS A 74 2.92 18.02 16.58
C LYS A 74 2.29 17.72 17.95
N ASN A 75 0.95 17.73 18.03
CA ASN A 75 0.18 17.27 19.20
C ASN A 75 0.46 15.78 19.55
N GLY A 76 0.86 14.96 18.56
CA GLY A 76 1.26 13.56 18.76
C GLY A 76 0.12 12.63 19.22
N ALA A 77 -1.13 12.96 18.88
CA ALA A 77 -2.33 12.25 19.36
C ALA A 77 -2.31 10.73 19.07
N GLY A 78 -2.99 9.95 19.92
CA GLY A 78 -2.96 8.48 19.91
C GLY A 78 -3.65 7.85 18.71
N LEU A 79 -2.82 7.40 17.76
CA LEU A 79 -3.17 6.73 16.50
C LEU A 79 -2.12 5.65 16.18
N HIS A 80 -2.55 4.55 15.54
CA HIS A 80 -1.67 3.40 15.25
C HIS A 80 -1.86 2.94 13.81
N THR A 81 -0.78 2.73 13.07
CA THR A 81 -0.82 2.37 11.64
C THR A 81 0.13 1.20 11.37
N ALA A 82 -0.30 0.26 10.54
CA ALA A 82 0.46 -0.95 10.23
C ALA A 82 0.24 -1.39 8.78
N SER A 83 1.31 -1.52 8.00
CA SER A 83 1.25 -1.98 6.61
C SER A 83 2.26 -3.10 6.34
N SER A 84 1.83 -4.13 5.60
CA SER A 84 2.70 -5.24 5.20
C SER A 84 3.57 -4.92 3.98
N CYS A 85 3.66 -3.63 3.61
CA CYS A 85 4.60 -3.14 2.62
C CYS A 85 6.06 -3.40 3.03
N PHE A 86 6.94 -3.35 2.04
CA PHE A 86 8.36 -3.61 2.15
C PHE A 86 9.12 -2.93 1.00
N TRP A 87 10.24 -2.30 1.32
CA TRP A 87 11.15 -1.73 0.31
C TRP A 87 11.92 -2.85 -0.42
N ASP A 88 12.53 -2.52 -1.56
CA ASP A 88 13.50 -3.38 -2.26
C ASP A 88 14.66 -2.54 -2.85
N SER A 89 15.80 -3.21 -3.03
CA SER A 89 17.08 -2.66 -3.51
C SER A 89 17.53 -3.30 -4.83
N SER A 90 17.79 -4.61 -4.81
CA SER A 90 18.29 -5.39 -5.95
C SER A 90 17.23 -6.36 -6.50
N THR A 91 16.32 -6.82 -5.64
CA THR A 91 15.13 -7.65 -5.94
C THR A 91 14.08 -6.91 -6.78
N ASP A 92 13.81 -5.66 -6.45
CA ASP A 92 12.78 -4.81 -7.07
C ASP A 92 13.05 -3.30 -6.87
N GLY A 93 12.13 -2.44 -7.30
CA GLY A 93 12.21 -0.98 -7.16
C GLY A 93 11.47 -0.44 -5.93
N SER A 94 11.93 0.71 -5.42
CA SER A 94 11.36 1.46 -4.29
C SER A 94 11.89 2.90 -4.28
N CYS A 95 11.23 3.80 -3.54
CA CYS A 95 11.68 5.17 -3.26
C CYS A 95 10.82 5.82 -2.13
N THR A 96 11.38 6.73 -1.32
CA THR A 96 10.68 7.34 -0.17
C THR A 96 11.10 8.81 0.03
N VAL A 97 10.15 9.66 0.45
CA VAL A 97 10.22 11.13 0.35
C VAL A 97 9.58 11.79 1.58
N ARG A 98 10.33 12.68 2.24
CA ARG A 98 9.98 13.27 3.56
C ARG A 98 10.03 14.81 3.56
N TRP A 99 8.90 15.44 3.89
CA TRP A 99 8.70 16.90 3.85
C TRP A 99 8.04 17.39 5.15
N GLU A 100 8.83 18.01 6.02
CA GLU A 100 8.32 18.70 7.22
C GLU A 100 7.47 19.95 6.87
N ASN A 101 6.77 20.51 7.86
CA ASN A 101 5.92 21.69 7.70
C ASN A 101 5.92 22.60 8.95
N LYS A 102 5.11 23.67 8.93
CA LYS A 102 4.98 24.68 10.00
C LYS A 102 4.78 24.09 11.40
N THR A 103 3.79 23.20 11.52
CA THR A 103 3.47 22.43 12.75
C THR A 103 3.25 20.95 12.43
N MET A 104 2.46 20.63 11.41
CA MET A 104 2.34 19.27 10.87
C MET A 104 3.63 18.79 10.19
N TYR A 105 3.69 17.50 9.83
CA TYR A 105 4.74 16.88 9.02
C TYR A 105 4.12 15.77 8.15
N CYS A 106 4.67 15.57 6.95
CA CYS A 106 4.22 14.53 6.02
C CYS A 106 5.36 13.64 5.51
N ILE A 107 5.05 12.34 5.34
CA ILE A 107 5.98 11.30 4.90
C ILE A 107 5.31 10.44 3.82
N VAL A 108 5.89 10.39 2.62
CA VAL A 108 5.45 9.59 1.47
C VAL A 108 6.38 8.40 1.30
N SER A 109 5.81 7.22 1.05
CA SER A 109 6.58 6.00 0.75
C SER A 109 6.01 5.30 -0.49
N ALA A 110 6.87 5.09 -1.50
CA ALA A 110 6.56 4.41 -2.76
C ALA A 110 7.23 3.03 -2.83
N PHE A 111 6.59 2.11 -3.54
CA PHE A 111 7.08 0.76 -3.79
C PHE A 111 6.74 0.31 -5.23
N GLY A 112 7.54 -0.59 -5.81
CA GLY A 112 7.43 -1.05 -7.20
C GLY A 112 7.63 -2.56 -7.32
N LEU A 113 6.56 -3.34 -7.11
CA LEU A 113 6.59 -4.81 -7.03
C LEU A 113 6.32 -5.46 -8.40
N SER A 114 7.26 -6.28 -8.89
CA SER A 114 7.28 -6.79 -10.27
C SER A 114 7.91 -8.19 -10.38
N ILE A 115 7.11 -9.16 -10.82
CA ILE A 115 7.45 -10.60 -10.99
C ILE A 115 8.67 -10.88 -11.89
N GLY A 116 9.02 -9.95 -12.79
CA GLY A 116 10.12 -10.12 -13.76
C GLY A 116 11.53 -10.05 -13.15
N GLY A 117 11.66 -9.53 -11.92
CA GLY A 117 12.93 -9.40 -11.19
C GLY A 117 13.96 -8.46 -11.82
N GLY A 118 13.55 -7.63 -12.80
CA GLY A 118 14.41 -6.76 -13.60
C GLY A 118 14.82 -5.48 -12.87
N SER A 119 15.62 -5.62 -11.80
CA SER A 119 16.19 -4.56 -10.96
C SER A 119 17.69 -4.78 -10.70
N GLY A 120 18.34 -3.84 -10.02
CA GLY A 120 19.79 -3.84 -9.72
C GLY A 120 20.59 -2.75 -10.46
N GLN A 121 19.94 -1.87 -11.25
CA GLN A 121 20.50 -0.68 -11.90
C GLN A 121 20.91 0.44 -10.90
N SER A 122 21.64 0.10 -9.84
CA SER A 122 22.17 1.06 -8.87
C SER A 122 23.50 0.64 -8.19
N GLY A 123 23.88 -0.64 -8.30
CA GLY A 123 25.04 -1.23 -7.61
C GLY A 123 24.69 -2.56 -6.92
N PRO A 124 25.57 -3.08 -6.05
CA PRO A 124 25.30 -4.26 -5.23
C PRO A 124 24.22 -4.02 -4.16
N ILE A 125 23.82 -5.07 -3.45
CA ILE A 125 22.87 -5.05 -2.33
C ILE A 125 23.32 -4.14 -1.17
N LYS A 126 22.83 -2.90 -1.15
CA LYS A 126 22.99 -1.95 -0.02
C LYS A 126 22.28 -2.42 1.26
N LEU A 127 22.61 -1.79 2.39
CA LEU A 127 21.99 -2.06 3.70
C LEU A 127 20.51 -1.64 3.70
N GLY A 128 19.60 -2.54 4.08
CA GLY A 128 18.15 -2.30 4.11
C GLY A 128 17.32 -3.58 4.04
N MET A 129 16.95 -4.14 5.19
CA MET A 129 16.11 -5.34 5.30
C MET A 129 14.68 -5.11 4.75
N ALA A 130 13.96 -6.19 4.42
CA ALA A 130 12.58 -6.19 3.93
C ALA A 130 11.62 -6.91 4.88
N LYS A 131 11.01 -6.17 5.81
CA LYS A 131 9.98 -6.65 6.74
C LYS A 131 8.75 -5.72 6.77
N ILE A 132 7.72 -6.10 7.54
CA ILE A 132 6.49 -5.33 7.83
C ILE A 132 6.82 -3.90 8.30
N THR A 133 6.07 -2.91 7.81
CA THR A 133 6.26 -1.47 8.10
C THR A 133 5.15 -0.95 9.03
N GLN A 134 5.39 -0.98 10.33
CA GLN A 134 4.52 -0.38 11.34
C GLN A 134 4.97 1.06 11.68
N VAL A 135 4.02 1.93 12.02
CA VAL A 135 4.19 3.34 12.39
C VAL A 135 3.18 3.72 13.49
N ASP A 136 3.67 4.06 14.68
CA ASP A 136 2.88 4.39 15.87
C ASP A 136 3.51 5.56 16.65
N PHE A 137 2.68 6.53 17.04
CA PHE A 137 3.03 7.68 17.89
C PHE A 137 1.96 7.86 18.98
N PRO A 138 2.19 7.37 20.21
CA PRO A 138 1.28 7.58 21.34
C PRO A 138 1.37 9.04 21.89
N PRO A 139 0.37 9.50 22.67
CA PRO A 139 0.32 10.88 23.18
C PRO A 139 1.47 11.21 24.14
N ARG A 140 1.70 10.36 25.15
CA ARG A 140 2.80 10.44 26.12
C ARG A 140 3.00 9.07 26.79
N GLU A 141 2.02 8.71 27.60
CA GLU A 141 1.95 7.48 28.39
C GLU A 141 1.84 6.23 27.51
N ILE A 142 2.03 5.06 28.11
CA ILE A 142 1.98 3.75 27.46
C ILE A 142 0.74 2.93 27.88
N VAL A 143 0.39 1.93 27.06
CA VAL A 143 -0.76 1.01 27.23
C VAL A 143 -0.36 -0.44 26.93
N GLY B 1 9.05 -17.09 -19.75
CA GLY B 1 7.91 -17.83 -19.16
C GLY B 1 7.18 -18.66 -20.20
N SER B 2 7.13 -19.98 -20.00
CA SER B 2 6.55 -21.00 -20.92
C SER B 2 5.00 -21.01 -21.00
N MET B 3 4.32 -20.02 -20.42
CA MET B 3 2.86 -19.86 -20.40
C MET B 3 2.23 -19.59 -21.79
N GLU B 4 3.04 -19.50 -22.85
CA GLU B 4 2.64 -19.30 -24.26
C GLU B 4 1.59 -20.32 -24.78
N ASP B 5 1.64 -21.57 -24.33
CA ASP B 5 0.67 -22.64 -24.67
C ASP B 5 -0.54 -22.69 -23.71
N TYR B 6 -0.40 -22.12 -22.51
CA TYR B 6 -1.43 -21.96 -21.50
C TYR B 6 -2.15 -20.61 -21.62
N GLN B 7 -3.01 -20.29 -20.63
CA GLN B 7 -3.74 -19.03 -20.48
C GLN B 7 -3.86 -18.67 -18.98
N ALA B 8 -4.63 -17.62 -18.65
CA ALA B 8 -5.07 -17.33 -17.28
C ALA B 8 -5.70 -18.56 -16.61
N ALA B 9 -5.09 -19.06 -15.52
CA ALA B 9 -5.49 -20.26 -14.79
C ALA B 9 -6.74 -20.02 -13.90
N GLU B 10 -7.84 -19.56 -14.49
CA GLU B 10 -9.10 -19.25 -13.80
C GLU B 10 -9.68 -20.44 -13.02
N GLU B 11 -9.42 -21.67 -13.48
CA GLU B 11 -9.83 -22.93 -12.85
C GLU B 11 -9.27 -23.18 -11.44
N THR B 12 -8.16 -22.52 -11.07
CA THR B 12 -7.57 -22.56 -9.72
C THR B 12 -7.66 -21.20 -9.00
N ALA B 13 -7.84 -20.09 -9.73
CA ALA B 13 -7.96 -18.74 -9.17
C ALA B 13 -9.19 -18.60 -8.24
N PHE B 14 -8.95 -18.28 -6.97
CA PHE B 14 -9.97 -18.22 -5.91
C PHE B 14 -10.81 -16.92 -5.94
N VAL B 15 -11.99 -16.95 -5.29
CA VAL B 15 -13.01 -15.89 -5.34
C VAL B 15 -12.98 -14.96 -4.11
N VAL B 16 -13.25 -13.68 -4.33
CA VAL B 16 -13.25 -12.61 -3.30
C VAL B 16 -14.23 -12.89 -2.16
N ASP B 17 -15.43 -13.37 -2.50
CA ASP B 17 -16.47 -13.78 -1.55
C ASP B 17 -16.00 -14.89 -0.58
N GLU B 18 -15.11 -15.79 -1.04
CA GLU B 18 -14.49 -16.82 -0.20
C GLU B 18 -13.40 -16.21 0.68
N VAL B 19 -12.42 -15.51 0.08
CA VAL B 19 -11.34 -14.76 0.75
C VAL B 19 -11.85 -13.91 1.93
N SER B 20 -12.95 -13.17 1.71
CA SER B 20 -13.64 -12.36 2.72
C SER B 20 -14.25 -13.16 3.88
N ASN B 21 -14.23 -14.50 3.82
CA ASN B 21 -14.68 -15.44 4.85
C ASN B 21 -13.51 -16.23 5.48
N ILE B 22 -12.45 -16.52 4.70
CA ILE B 22 -11.14 -17.05 5.18
C ILE B 22 -10.62 -16.19 6.33
N VAL B 23 -10.71 -14.86 6.23
CA VAL B 23 -10.29 -13.96 7.31
C VAL B 23 -11.05 -14.22 8.63
N LYS B 24 -12.38 -14.39 8.59
CA LYS B 24 -13.19 -14.66 9.79
C LYS B 24 -12.84 -16.01 10.41
N GLU B 25 -12.86 -17.09 9.61
CA GLU B 25 -12.56 -18.42 10.16
C GLU B 25 -11.13 -18.53 10.73
N ALA B 26 -10.18 -17.78 10.16
CA ALA B 26 -8.81 -17.68 10.66
C ALA B 26 -8.68 -16.82 11.93
N ILE B 27 -9.40 -15.69 12.03
CA ILE B 27 -9.45 -14.88 13.26
C ILE B 27 -9.98 -15.74 14.42
N GLU B 28 -11.15 -16.36 14.27
CA GLU B 28 -11.72 -17.17 15.36
C GLU B 28 -10.83 -18.37 15.78
N SER B 29 -10.07 -18.94 14.84
CA SER B 29 -9.04 -19.95 15.13
C SER B 29 -7.92 -19.39 16.04
N ALA B 30 -7.46 -18.16 15.79
CA ALA B 30 -6.49 -17.47 16.64
C ALA B 30 -7.06 -17.04 18.01
N ILE B 31 -8.34 -16.64 18.08
CA ILE B 31 -9.06 -16.34 19.34
C ILE B 31 -9.19 -17.60 20.22
N GLY B 32 -9.52 -18.74 19.61
CA GLY B 32 -9.69 -20.04 20.28
C GLY B 32 -10.85 -20.11 21.28
N GLY B 33 -11.77 -19.15 21.25
CA GLY B 33 -12.86 -19.00 22.23
C GLY B 33 -12.40 -18.67 23.66
N ASN B 34 -11.20 -18.09 23.82
CA ASN B 34 -10.65 -17.63 25.11
C ASN B 34 -11.46 -16.44 25.70
N ALA B 35 -11.01 -15.89 26.84
CA ALA B 35 -11.61 -14.74 27.50
C ALA B 35 -11.87 -13.56 26.54
N TYR B 36 -13.00 -12.87 26.73
CA TYR B 36 -13.44 -11.75 25.88
C TYR B 36 -12.49 -10.55 26.01
N GLN B 37 -11.62 -10.39 25.02
CA GLN B 37 -10.50 -9.43 24.99
C GLN B 37 -10.69 -8.44 23.84
N HIS B 38 -10.89 -7.17 24.19
CA HIS B 38 -11.08 -6.07 23.24
C HIS B 38 -9.79 -5.65 22.55
N SER B 39 -8.79 -5.14 23.28
CA SER B 39 -7.49 -4.70 22.72
C SER B 39 -6.72 -5.79 21.95
N LYS B 40 -6.98 -7.08 22.23
CA LYS B 40 -6.47 -8.22 21.46
C LYS B 40 -6.81 -8.16 19.96
N VAL B 41 -7.92 -7.53 19.57
CA VAL B 41 -8.30 -7.39 18.15
C VAL B 41 -7.20 -6.76 17.30
N ASN B 42 -6.39 -5.86 17.87
CA ASN B 42 -5.23 -5.24 17.21
C ASN B 42 -4.13 -6.26 16.88
N GLN B 43 -3.71 -7.10 17.84
CA GLN B 43 -2.76 -8.17 17.56
C GLN B 43 -3.35 -9.26 16.65
N TRP B 44 -4.66 -9.46 16.65
CA TRP B 44 -5.33 -10.48 15.84
C TRP B 44 -5.46 -10.04 14.38
N THR B 45 -6.03 -8.86 14.12
CA THR B 45 -6.12 -8.30 12.76
C THR B 45 -4.76 -8.17 12.07
N THR B 46 -3.65 -7.97 12.82
CA THR B 46 -2.29 -8.04 12.24
C THR B 46 -1.77 -9.48 12.10
N ASN B 47 -1.71 -10.28 13.18
CA ASN B 47 -1.14 -11.64 13.18
C ASN B 47 -1.85 -12.59 12.20
N VAL B 48 -3.17 -12.49 12.10
CA VAL B 48 -3.99 -13.34 11.25
C VAL B 48 -3.71 -13.04 9.81
N VAL B 49 -4.02 -11.83 9.37
CA VAL B 49 -3.78 -11.35 8.00
C VAL B 49 -2.33 -11.63 7.57
N GLU B 50 -1.37 -11.65 8.51
CA GLU B 50 0.03 -11.98 8.19
C GLU B 50 0.20 -13.38 7.56
N GLN B 51 -0.45 -14.40 8.15
CA GLN B 51 -0.42 -15.79 7.67
C GLN B 51 -1.59 -16.12 6.74
N THR B 52 -2.79 -15.64 7.04
CA THR B 52 -4.04 -15.75 6.26
C THR B 52 -3.87 -15.25 4.84
N LEU B 53 -3.44 -14.00 4.66
CA LEU B 53 -3.26 -13.43 3.31
C LEU B 53 -2.23 -14.24 2.51
N SER B 54 -1.17 -14.74 3.16
CA SER B 54 -0.25 -15.71 2.57
C SER B 54 -0.94 -17.04 2.20
N GLN B 55 -1.73 -17.65 3.09
CA GLN B 55 -2.49 -18.89 2.88
C GLN B 55 -3.43 -18.81 1.67
N LEU B 56 -4.22 -17.75 1.53
CA LEU B 56 -5.15 -17.59 0.40
C LEU B 56 -4.48 -17.22 -0.92
N THR B 57 -3.26 -16.69 -0.90
CA THR B 57 -2.37 -16.73 -2.06
C THR B 57 -2.07 -18.19 -2.43
N LYS B 58 -1.84 -19.08 -1.46
CA LYS B 58 -1.47 -20.49 -1.76
C LYS B 58 -2.62 -21.35 -2.26
N LEU B 59 -3.86 -20.92 -2.01
CA LEU B 59 -5.08 -21.63 -2.44
C LEU B 59 -5.21 -21.82 -3.97
N GLY B 60 -4.51 -21.03 -4.81
CA GLY B 60 -4.52 -21.23 -6.27
C GLY B 60 -3.91 -20.10 -7.09
N LYS B 61 -4.41 -18.88 -6.85
CA LYS B 61 -4.01 -17.61 -7.49
C LYS B 61 -2.52 -17.26 -7.32
N PRO B 62 -1.90 -16.43 -8.20
CA PRO B 62 -0.46 -16.16 -8.17
C PRO B 62 -0.04 -15.23 -7.01
N PHE B 63 1.25 -15.24 -6.63
CA PHE B 63 1.79 -14.44 -5.53
C PHE B 63 1.97 -12.95 -5.89
N LYS B 64 0.94 -12.15 -5.56
CA LYS B 64 0.96 -10.67 -5.67
C LYS B 64 -0.19 -9.97 -4.93
N TYR B 65 0.00 -9.73 -3.63
CA TYR B 65 -0.94 -9.02 -2.76
C TYR B 65 -0.24 -8.05 -1.79
N ILE B 66 -0.99 -7.07 -1.29
CA ILE B 66 -0.61 -6.14 -0.22
C ILE B 66 -1.80 -5.94 0.72
N VAL B 67 -1.51 -5.54 1.95
CA VAL B 67 -2.47 -5.16 2.99
C VAL B 67 -1.93 -3.99 3.79
N THR B 68 -2.86 -3.16 4.25
CA THR B 68 -2.60 -2.11 5.22
C THR B 68 -3.80 -1.98 6.16
N CYS B 69 -3.58 -1.48 7.38
CA CYS B 69 -4.63 -1.13 8.33
C CYS B 69 -4.26 0.09 9.19
N VAL B 70 -5.30 0.75 9.73
CA VAL B 70 -5.20 1.90 10.63
C VAL B 70 -6.15 1.69 11.81
N ILE B 71 -5.65 1.99 13.01
CA ILE B 71 -6.35 1.97 14.29
C ILE B 71 -6.52 3.42 14.73
N MET B 72 -7.76 3.88 14.66
CA MET B 72 -8.18 5.22 15.12
C MET B 72 -9.00 5.12 16.41
N GLN B 73 -9.07 6.22 17.16
CA GLN B 73 -9.71 6.31 18.49
C GLN B 73 -10.87 7.31 18.48
N LYS B 74 -11.88 7.09 19.34
CA LYS B 74 -13.16 7.83 19.38
C LYS B 74 -13.01 9.35 19.64
N ASN B 75 -11.84 9.79 20.13
CA ASN B 75 -11.44 11.20 20.23
C ASN B 75 -11.40 11.91 18.87
N GLY B 76 -11.12 11.19 17.78
CA GLY B 76 -11.11 11.69 16.39
C GLY B 76 -10.16 12.88 16.17
N ALA B 77 -8.94 12.83 16.73
CA ALA B 77 -7.92 13.89 16.67
C ALA B 77 -7.46 14.26 15.23
N GLY B 78 -6.61 15.27 15.09
CA GLY B 78 -6.10 15.76 13.79
C GLY B 78 -5.14 14.79 13.08
N LEU B 79 -5.67 13.92 12.22
CA LEU B 79 -4.94 12.90 11.44
C LEU B 79 -5.42 12.79 9.99
N HIS B 80 -4.54 13.06 9.01
CA HIS B 80 -4.85 12.99 7.57
C HIS B 80 -4.04 11.87 6.91
N THR B 81 -4.66 11.02 6.10
CA THR B 81 -4.00 9.91 5.38
C THR B 81 -4.46 9.86 3.94
N ALA B 82 -3.55 9.55 3.02
CA ALA B 82 -3.85 9.46 1.59
C ALA B 82 -3.03 8.35 0.93
N SER B 83 -3.68 7.45 0.19
CA SER B 83 -3.01 6.39 -0.57
C SER B 83 -3.54 6.30 -2.00
N SER B 84 -2.64 6.09 -2.95
CA SER B 84 -3.02 5.93 -4.37
C SER B 84 -3.46 4.49 -4.70
N CYS B 85 -3.70 3.66 -3.67
CA CYS B 85 -4.30 2.35 -3.83
C CYS B 85 -5.72 2.44 -4.43
N PHE B 86 -6.18 1.31 -4.95
CA PHE B 86 -7.46 1.14 -5.62
C PHE B 86 -7.86 -0.34 -5.59
N TRP B 87 -9.14 -0.60 -5.35
CA TRP B 87 -9.70 -1.95 -5.48
C TRP B 87 -9.83 -2.35 -6.97
N ASP B 88 -9.96 -3.65 -7.24
CA ASP B 88 -10.34 -4.19 -8.55
C ASP B 88 -11.35 -5.34 -8.38
N SER B 89 -12.22 -5.51 -9.38
CA SER B 89 -13.33 -6.47 -9.43
C SER B 89 -13.11 -7.56 -10.49
N SER B 90 -13.03 -7.17 -11.76
CA SER B 90 -12.91 -8.07 -12.93
C SER B 90 -11.53 -7.96 -13.59
N THR B 91 -10.86 -6.81 -13.43
CA THR B 91 -9.50 -6.47 -13.87
C THR B 91 -8.41 -7.20 -13.07
N ASP B 92 -8.59 -7.31 -11.75
CA ASP B 92 -7.63 -7.83 -10.77
C ASP B 92 -8.35 -8.26 -9.47
N GLY B 93 -7.62 -8.64 -8.43
CA GLY B 93 -8.16 -9.06 -7.13
C GLY B 93 -8.14 -7.95 -6.06
N SER B 94 -8.99 -8.10 -5.04
CA SER B 94 -9.08 -7.23 -3.86
C SER B 94 -9.92 -7.91 -2.76
N CYS B 95 -9.83 -7.42 -1.52
CA CYS B 95 -10.66 -7.82 -0.36
C CYS B 95 -10.44 -6.87 0.84
N THR B 96 -11.47 -6.51 1.60
CA THR B 96 -11.37 -5.55 2.73
C THR B 96 -12.26 -5.96 3.90
N VAL B 97 -11.82 -5.67 5.14
CA VAL B 97 -12.41 -6.18 6.38
C VAL B 97 -12.42 -5.10 7.47
N ARG B 98 -13.44 -5.11 8.33
CA ARG B 98 -13.69 -4.06 9.35
C ARG B 98 -14.11 -4.65 10.70
N TRP B 99 -13.39 -4.26 11.76
CA TRP B 99 -13.54 -4.78 13.12
C TRP B 99 -13.52 -3.62 14.14
N GLU B 100 -14.70 -3.24 14.62
CA GLU B 100 -14.84 -2.28 15.73
C GLU B 100 -14.26 -2.83 17.06
N ASN B 101 -14.06 -1.94 18.03
CA ASN B 101 -13.52 -2.28 19.36
C ASN B 101 -14.22 -1.47 20.48
N LYS B 102 -13.79 -1.64 21.74
CA LYS B 102 -14.36 -1.00 22.96
C LYS B 102 -14.58 0.52 22.83
N THR B 103 -13.51 1.22 22.41
CA THR B 103 -13.52 2.66 22.11
C THR B 103 -12.86 2.97 20.76
N MET B 104 -11.68 2.41 20.50
CA MET B 104 -11.02 2.45 19.18
C MET B 104 -11.79 1.64 18.11
N TYR B 105 -11.34 1.72 16.86
CA TYR B 105 -11.82 0.91 15.74
C TYR B 105 -10.67 0.65 14.76
N CYS B 106 -10.66 -0.52 14.11
CA CYS B 106 -9.65 -0.90 13.12
C CYS B 106 -10.27 -1.38 11.79
N ILE B 107 -9.61 -1.01 10.69
CA ILE B 107 -10.01 -1.34 9.32
C ILE B 107 -8.79 -1.82 8.53
N VAL B 108 -8.88 -2.98 7.89
CA VAL B 108 -7.81 -3.59 7.08
C VAL B 108 -8.26 -3.74 5.62
N SER B 109 -7.50 -3.17 4.71
CA SER B 109 -7.79 -3.18 3.27
C SER B 109 -6.67 -3.87 2.50
N ALA B 110 -6.99 -5.00 1.87
CA ALA B 110 -6.10 -5.74 0.98
C ALA B 110 -6.35 -5.40 -0.50
N PHE B 111 -5.31 -5.55 -1.31
CA PHE B 111 -5.34 -5.36 -2.76
C PHE B 111 -4.46 -6.41 -3.46
N GLY B 112 -4.81 -6.80 -4.69
CA GLY B 112 -4.22 -7.91 -5.43
C GLY B 112 -3.89 -7.57 -6.87
N LEU B 113 -2.76 -6.90 -7.10
CA LEU B 113 -2.40 -6.26 -8.36
C LEU B 113 -1.47 -7.15 -9.22
N SER B 114 -1.98 -7.73 -10.31
CA SER B 114 -1.34 -8.74 -11.16
C SER B 114 -1.42 -8.43 -12.66
N ILE B 115 -0.25 -8.30 -13.30
CA ILE B 115 -0.08 -7.97 -14.74
C ILE B 115 -0.74 -8.96 -15.73
N GLY B 116 -1.00 -10.20 -15.30
CA GLY B 116 -1.57 -11.26 -16.15
C GLY B 116 -3.06 -11.11 -16.46
N GLY B 117 -3.78 -10.25 -15.73
CA GLY B 117 -5.22 -9.99 -15.91
C GLY B 117 -6.15 -11.18 -15.63
N GLY B 118 -5.64 -12.24 -15.00
CA GLY B 118 -6.32 -13.53 -14.79
C GLY B 118 -7.31 -13.53 -13.63
N SER B 119 -8.34 -12.68 -13.71
CA SER B 119 -9.41 -12.52 -12.72
C SER B 119 -10.81 -12.52 -13.36
N GLY B 120 -11.86 -12.37 -12.54
CA GLY B 120 -13.27 -12.42 -12.95
C GLY B 120 -14.06 -13.65 -12.48
N GLN B 121 -13.45 -14.51 -11.65
CA GLN B 121 -14.02 -15.72 -11.01
C GLN B 121 -15.12 -15.42 -9.96
N SER B 122 -15.94 -14.39 -10.17
CA SER B 122 -17.04 -14.01 -9.26
C SER B 122 -18.35 -13.58 -9.95
N GLY B 123 -18.33 -13.32 -11.26
CA GLY B 123 -19.46 -12.78 -12.03
C GLY B 123 -19.05 -11.59 -12.92
N PRO B 124 -20.04 -10.85 -13.47
CA PRO B 124 -19.79 -9.63 -14.24
C PRO B 124 -19.27 -8.47 -13.36
N ILE B 125 -18.91 -7.36 -13.99
CA ILE B 125 -18.46 -6.11 -13.35
C ILE B 125 -19.51 -5.50 -12.40
N LYS B 126 -19.40 -5.80 -11.10
CA LYS B 126 -20.20 -5.15 -10.04
C LYS B 126 -19.90 -3.65 -9.89
N LEU B 127 -20.75 -2.94 -9.15
CA LEU B 127 -20.60 -1.51 -8.83
C LEU B 127 -19.37 -1.29 -7.92
N GLY B 128 -18.45 -0.39 -8.31
CA GLY B 128 -17.23 -0.09 -7.55
C GLY B 128 -16.13 0.52 -8.42
N MET B 129 -16.07 1.85 -8.50
CA MET B 129 -15.04 2.61 -9.24
C MET B 129 -13.62 2.39 -8.68
N ALA B 130 -12.59 2.69 -9.48
CA ALA B 130 -11.17 2.59 -9.12
C ALA B 130 -10.45 3.95 -9.18
N LYS B 131 -10.43 4.68 -8.06
CA LYS B 131 -9.70 5.94 -7.88
C LYS B 131 -8.85 5.94 -6.58
N ILE B 132 -8.12 7.04 -6.35
CA ILE B 132 -7.32 7.34 -5.15
C ILE B 132 -8.15 7.17 -3.86
N THR B 133 -7.54 6.61 -2.81
CA THR B 133 -8.19 6.32 -1.52
C THR B 133 -7.63 7.24 -0.41
N GLN B 134 -8.31 8.38 -0.20
CA GLN B 134 -8.02 9.29 0.91
C GLN B 134 -8.93 9.00 2.13
N VAL B 135 -8.44 9.24 3.33
CA VAL B 135 -9.13 9.04 4.62
C VAL B 135 -8.65 10.06 5.67
N ASP B 136 -9.57 10.89 6.16
CA ASP B 136 -9.33 11.97 7.11
C ASP B 136 -10.51 12.09 8.11
N PHE B 137 -10.18 12.31 9.39
CA PHE B 137 -11.12 12.55 10.49
C PHE B 137 -10.67 13.78 11.28
N PRO B 138 -11.18 14.99 11.00
CA PRO B 138 -10.82 16.20 11.75
C PRO B 138 -11.44 16.22 13.16
N PRO B 139 -10.89 17.01 14.10
CA PRO B 139 -11.34 17.05 15.50
C PRO B 139 -12.80 17.49 15.67
N ARG B 140 -13.16 18.63 15.06
CA ARG B 140 -14.53 19.18 15.00
C ARG B 140 -14.61 20.21 13.87
N GLU B 141 -13.92 21.32 14.08
CA GLU B 141 -13.81 22.47 13.19
C GLU B 141 -13.08 22.13 11.88
N ILE B 142 -13.16 23.04 10.92
CA ILE B 142 -12.54 22.92 9.59
C ILE B 142 -11.37 23.90 9.40
N VAL B 143 -10.50 23.61 8.43
CA VAL B 143 -9.29 24.37 8.05
C VAL B 143 -9.17 24.49 6.54
N GLY A 1 11.11 -23.77 -14.46
CA GLY A 1 11.82 -23.57 -15.74
C GLY A 1 12.84 -22.45 -15.66
N SER A 2 13.88 -22.51 -16.51
CA SER A 2 15.13 -21.72 -16.43
C SER A 2 15.06 -20.29 -17.00
N MET A 3 13.94 -19.58 -16.80
CA MET A 3 13.74 -18.21 -17.32
C MET A 3 14.78 -17.19 -16.82
N GLU A 4 15.40 -17.44 -15.65
CA GLU A 4 16.50 -16.64 -15.09
C GLU A 4 17.79 -16.60 -15.95
N ASP A 5 17.92 -17.48 -16.95
CA ASP A 5 19.05 -17.49 -17.89
C ASP A 5 19.00 -16.30 -18.88
N TYR A 6 17.81 -15.77 -19.18
CA TYR A 6 17.60 -14.52 -19.92
C TYR A 6 17.71 -13.29 -18.99
N GLN A 7 17.98 -12.12 -19.57
CA GLN A 7 18.05 -10.82 -18.88
C GLN A 7 17.59 -9.67 -19.80
N ALA A 8 17.26 -8.51 -19.21
CA ALA A 8 16.80 -7.30 -19.89
C ALA A 8 17.79 -6.13 -19.70
N ALA A 9 17.64 -5.08 -20.51
CA ALA A 9 18.47 -3.87 -20.48
C ALA A 9 18.15 -2.95 -19.29
N GLU A 10 18.65 -3.29 -18.10
CA GLU A 10 18.51 -2.45 -16.89
C GLU A 10 19.16 -1.05 -17.02
N GLU A 11 20.13 -0.91 -17.95
CA GLU A 11 20.86 0.34 -18.21
C GLU A 11 20.04 1.46 -18.87
N THR A 12 18.96 1.12 -19.60
CA THR A 12 18.04 2.08 -20.23
C THR A 12 16.76 2.33 -19.40
N ALA A 13 16.37 1.38 -18.55
CA ALA A 13 15.27 1.56 -17.60
C ALA A 13 15.62 2.60 -16.50
N PHE A 14 14.58 3.17 -15.85
CA PHE A 14 14.75 4.15 -14.77
C PHE A 14 15.35 3.52 -13.49
N VAL A 15 15.81 4.36 -12.55
CA VAL A 15 16.38 3.93 -11.25
C VAL A 15 15.84 4.78 -10.10
N VAL A 16 15.92 4.29 -8.86
CA VAL A 16 15.48 5.00 -7.64
C VAL A 16 16.17 6.36 -7.47
N ASP A 17 17.47 6.44 -7.82
CA ASP A 17 18.25 7.69 -7.82
C ASP A 17 17.68 8.76 -8.78
N GLU A 18 17.01 8.34 -9.85
CA GLU A 18 16.28 9.24 -10.76
C GLU A 18 14.96 9.70 -10.14
N VAL A 19 14.09 8.77 -9.74
CA VAL A 19 12.78 9.04 -9.10
C VAL A 19 12.91 9.96 -7.87
N SER A 20 13.96 9.76 -7.08
CA SER A 20 14.34 10.59 -5.93
C SER A 20 14.62 12.06 -6.29
N ASN A 21 14.81 12.40 -7.58
CA ASN A 21 14.96 13.75 -8.10
C ASN A 21 13.73 14.23 -8.90
N ILE A 22 13.04 13.34 -9.65
CA ILE A 22 11.76 13.65 -10.31
C ILE A 22 10.77 14.25 -9.31
N VAL A 23 10.68 13.70 -8.09
CA VAL A 23 9.79 14.24 -7.07
C VAL A 23 10.10 15.71 -6.74
N LYS A 24 11.38 16.10 -6.58
CA LYS A 24 11.78 17.49 -6.31
C LYS A 24 11.44 18.40 -7.49
N GLU A 25 11.92 18.06 -8.69
CA GLU A 25 11.70 18.92 -9.87
C GLU A 25 10.20 19.10 -10.19
N ALA A 26 9.38 18.06 -9.97
CA ALA A 26 7.93 18.14 -10.16
C ALA A 26 7.22 18.93 -9.05
N ILE A 27 7.62 18.77 -7.78
CA ILE A 27 7.09 19.59 -6.68
C ILE A 27 7.41 21.07 -6.93
N GLU A 28 8.68 21.41 -7.10
CA GLU A 28 9.10 22.81 -7.27
C GLU A 28 8.49 23.48 -8.52
N SER A 29 8.23 22.72 -9.58
CA SER A 29 7.43 23.14 -10.74
C SER A 29 6.00 23.53 -10.34
N ALA A 30 5.30 22.68 -9.58
CA ALA A 30 3.95 22.96 -9.06
C ALA A 30 3.91 24.13 -8.05
N ILE A 31 4.96 24.31 -7.23
CA ILE A 31 5.12 25.46 -6.32
C ILE A 31 5.20 26.79 -7.10
N GLY A 32 5.85 26.80 -8.27
CA GLY A 32 6.03 28.00 -9.10
C GLY A 32 7.04 29.02 -8.54
N GLY A 33 7.90 28.60 -7.61
CA GLY A 33 8.94 29.43 -6.99
C GLY A 33 8.51 30.25 -5.75
N ASN A 34 7.31 30.04 -5.21
CA ASN A 34 6.82 30.66 -3.98
C ASN A 34 7.72 30.39 -2.75
N ALA A 35 7.71 31.34 -1.80
CA ALA A 35 8.34 31.25 -0.48
C ALA A 35 7.51 30.38 0.50
N TYR A 36 7.95 30.30 1.76
CA TYR A 36 7.36 29.58 2.91
C TYR A 36 5.82 29.60 2.97
N GLN A 37 5.21 28.45 3.26
CA GLN A 37 3.75 28.26 3.32
C GLN A 37 3.29 27.46 4.57
N HIS A 38 1.96 27.33 4.75
CA HIS A 38 1.32 26.63 5.87
C HIS A 38 1.12 25.12 5.58
N SER A 39 -0.05 24.76 5.06
CA SER A 39 -0.46 23.40 4.64
C SER A 39 -0.32 23.16 3.14
N LYS A 40 0.21 24.11 2.36
CA LYS A 40 0.47 23.95 0.91
C LYS A 40 1.24 22.67 0.59
N VAL A 41 2.28 22.36 1.37
CA VAL A 41 3.07 21.13 1.22
C VAL A 41 2.20 19.85 1.21
N ASN A 42 1.10 19.81 1.97
CA ASN A 42 0.15 18.70 1.97
C ASN A 42 -0.64 18.59 0.63
N GLN A 43 -1.20 19.70 0.13
CA GLN A 43 -1.85 19.69 -1.20
C GLN A 43 -0.85 19.47 -2.34
N TRP A 44 0.42 19.84 -2.17
CA TRP A 44 1.49 19.65 -3.15
C TRP A 44 1.94 18.19 -3.21
N THR A 45 2.35 17.60 -2.07
CA THR A 45 2.75 16.18 -2.02
C THR A 45 1.65 15.23 -2.46
N THR A 46 0.36 15.61 -2.41
CA THR A 46 -0.72 14.81 -3.04
C THR A 46 -0.90 15.14 -4.53
N ASN A 47 -1.11 16.41 -4.91
CA ASN A 47 -1.35 16.84 -6.31
C ASN A 47 -0.21 16.45 -7.27
N VAL A 48 1.03 16.50 -6.79
CA VAL A 48 2.24 16.19 -7.57
C VAL A 48 2.35 14.71 -7.77
N VAL A 49 2.60 13.95 -6.69
CA VAL A 49 2.71 12.48 -6.71
C VAL A 49 1.54 11.84 -7.46
N GLU A 50 0.36 12.48 -7.48
CA GLU A 50 -0.79 12.03 -8.28
C GLU A 50 -0.45 11.80 -9.76
N GLN A 51 0.07 12.84 -10.44
CA GLN A 51 0.44 12.80 -11.86
C GLN A 51 1.91 12.38 -12.06
N THR A 52 2.81 12.87 -11.21
CA THR A 52 4.25 12.61 -11.19
C THR A 52 4.56 11.12 -11.07
N LEU A 53 4.02 10.43 -10.05
CA LEU A 53 4.25 8.99 -9.88
C LEU A 53 3.72 8.18 -11.08
N SER A 54 2.58 8.61 -11.64
CA SER A 54 2.04 8.04 -12.89
C SER A 54 2.97 8.29 -14.09
N GLN A 55 3.58 9.47 -14.21
CA GLN A 55 4.53 9.86 -15.25
C GLN A 55 5.87 9.07 -15.19
N LEU A 56 6.52 9.01 -14.02
CA LEU A 56 7.79 8.27 -13.87
C LEU A 56 7.66 6.75 -14.01
N THR A 57 6.46 6.22 -13.76
CA THR A 57 6.08 4.85 -14.13
C THR A 57 6.19 4.64 -15.65
N LYS A 58 5.98 5.69 -16.46
CA LYS A 58 6.04 5.62 -17.94
C LYS A 58 7.43 5.90 -18.51
N LEU A 59 8.28 6.60 -17.76
CA LEU A 59 9.67 6.92 -18.13
C LEU A 59 10.59 5.68 -18.27
N GLY A 60 10.18 4.53 -17.76
CA GLY A 60 10.85 3.22 -17.98
C GLY A 60 9.85 2.06 -17.96
N LYS A 61 10.11 1.04 -17.13
CA LYS A 61 9.34 -0.22 -17.02
C LYS A 61 7.84 0.03 -16.71
N PRO A 62 6.90 -0.26 -17.65
CA PRO A 62 5.47 -0.06 -17.44
C PRO A 62 4.87 -1.11 -16.48
N PHE A 63 4.52 -0.69 -15.27
CA PHE A 63 3.86 -1.49 -14.22
C PHE A 63 2.86 -0.62 -13.42
N LYS A 64 2.17 -1.20 -12.42
CA LYS A 64 1.42 -0.45 -11.41
C LYS A 64 2.32 -0.17 -10.20
N TYR A 65 2.37 1.10 -9.79
CA TYR A 65 3.09 1.60 -8.61
C TYR A 65 2.08 2.11 -7.59
N ILE A 66 2.39 1.94 -6.30
CA ILE A 66 1.56 2.42 -5.19
C ILE A 66 2.38 3.34 -4.29
N VAL A 67 1.69 4.24 -3.61
CA VAL A 67 2.18 5.09 -2.53
C VAL A 67 1.15 5.12 -1.41
N THR A 68 1.66 5.32 -0.20
CA THR A 68 0.90 5.67 0.99
C THR A 68 1.60 6.83 1.68
N CYS A 69 0.84 7.80 2.18
CA CYS A 69 1.36 8.88 3.00
C CYS A 69 0.42 9.22 4.18
N VAL A 70 1.03 9.46 5.34
CA VAL A 70 0.35 9.77 6.61
C VAL A 70 0.81 11.14 7.09
N ILE A 71 -0.16 12.02 7.36
CA ILE A 71 -0.01 13.44 7.66
C ILE A 71 -0.54 13.68 9.08
N MET A 72 0.38 13.65 10.03
CA MET A 72 0.13 13.61 11.49
C MET A 72 0.79 14.80 12.19
N GLN A 73 0.00 15.78 12.64
CA GLN A 73 0.53 16.97 13.31
C GLN A 73 1.16 16.63 14.67
N LYS A 74 2.35 17.19 14.95
CA LYS A 74 3.11 17.04 16.22
C LYS A 74 2.40 17.53 17.49
N ASN A 75 1.25 18.20 17.34
CA ASN A 75 0.38 18.71 18.41
C ASN A 75 -0.18 17.61 19.34
N GLY A 76 -0.14 16.34 18.93
CA GLY A 76 -0.53 15.17 19.73
C GLY A 76 -1.48 14.18 19.05
N ALA A 77 -1.92 14.46 17.83
CA ALA A 77 -2.88 13.67 17.05
C ALA A 77 -2.30 12.36 16.46
N GLY A 78 -1.55 11.59 17.26
CA GLY A 78 -0.97 10.29 16.87
C GLY A 78 -1.91 9.12 17.09
N LEU A 79 -1.62 7.99 16.44
CA LEU A 79 -2.47 6.79 16.38
C LEU A 79 -1.63 5.50 16.18
N HIS A 80 -2.28 4.35 15.95
CA HIS A 80 -1.59 3.13 15.50
C HIS A 80 -1.82 2.86 14.01
N THR A 81 -0.80 2.45 13.27
CA THR A 81 -0.85 2.11 11.84
C THR A 81 0.08 0.92 11.55
N ALA A 82 -0.31 0.05 10.62
CA ALA A 82 0.47 -1.10 10.19
C ALA A 82 0.29 -1.36 8.69
N SER A 83 1.36 -1.79 8.03
CA SER A 83 1.35 -2.12 6.60
C SER A 83 2.28 -3.29 6.26
N SER A 84 1.84 -4.17 5.36
CA SER A 84 2.62 -5.31 4.85
C SER A 84 3.65 -4.89 3.78
N CYS A 85 4.07 -3.62 3.78
CA CYS A 85 5.23 -3.16 3.05
C CYS A 85 6.54 -3.74 3.63
N PHE A 86 7.63 -3.52 2.91
CA PHE A 86 9.01 -3.87 3.24
C PHE A 86 9.96 -3.07 2.33
N TRP A 87 11.17 -2.74 2.79
CA TRP A 87 12.19 -2.12 1.93
C TRP A 87 12.89 -3.21 1.12
N ASP A 88 13.08 -2.95 -0.18
CA ASP A 88 13.77 -3.84 -1.10
C ASP A 88 14.29 -3.07 -2.33
N SER A 89 15.58 -3.23 -2.63
CA SER A 89 16.29 -2.62 -3.77
C SER A 89 16.77 -3.69 -4.77
N SER A 90 17.11 -4.88 -4.29
CA SER A 90 17.58 -6.02 -5.08
C SER A 90 16.44 -6.79 -5.75
N THR A 91 15.31 -6.94 -5.04
CA THR A 91 14.18 -7.79 -5.44
C THR A 91 13.24 -7.08 -6.43
N ASP A 92 12.76 -5.88 -6.06
CA ASP A 92 11.89 -4.98 -6.85
C ASP A 92 12.35 -3.51 -6.64
N GLY A 93 11.51 -2.50 -6.93
CA GLY A 93 11.80 -1.08 -6.70
C GLY A 93 10.97 -0.46 -5.57
N SER A 94 11.52 0.58 -4.94
CA SER A 94 10.83 1.46 -3.98
C SER A 94 11.49 2.85 -3.91
N CYS A 95 10.73 3.88 -3.52
CA CYS A 95 11.21 5.27 -3.41
C CYS A 95 10.41 6.08 -2.36
N THR A 96 10.92 6.20 -1.14
CA THR A 96 10.30 7.02 -0.08
C THR A 96 10.80 8.47 -0.09
N VAL A 97 9.92 9.41 0.27
CA VAL A 97 10.15 10.86 0.22
C VAL A 97 9.53 11.51 1.48
N ARG A 98 10.30 12.37 2.16
CA ARG A 98 9.92 13.04 3.41
C ARG A 98 9.94 14.56 3.24
N TRP A 99 8.84 15.22 3.63
CA TRP A 99 8.70 16.69 3.62
C TRP A 99 8.12 17.17 4.96
N GLU A 100 8.32 18.44 5.29
CA GLU A 100 7.92 19.02 6.57
C GLU A 100 7.27 20.40 6.38
N ASN A 101 6.27 20.70 7.21
CA ASN A 101 5.33 21.80 7.02
C ASN A 101 5.48 22.81 8.18
N LYS A 102 4.61 23.82 8.27
CA LYS A 102 4.63 24.85 9.32
C LYS A 102 4.62 24.28 10.74
N THR A 103 3.71 23.35 10.99
CA THR A 103 3.49 22.64 12.27
C THR A 103 3.16 21.14 12.08
N MET A 104 2.75 20.74 10.88
CA MET A 104 2.52 19.35 10.46
C MET A 104 3.81 18.75 9.82
N TYR A 105 3.82 17.44 9.59
CA TYR A 105 4.78 16.78 8.69
C TYR A 105 4.08 15.73 7.82
N CYS A 106 4.72 15.33 6.71
CA CYS A 106 4.18 14.34 5.78
C CYS A 106 5.29 13.42 5.25
N ILE A 107 5.01 12.11 5.19
CA ILE A 107 5.93 11.07 4.70
C ILE A 107 5.22 10.18 3.69
N VAL A 108 5.72 10.11 2.45
CA VAL A 108 5.16 9.28 1.37
C VAL A 108 6.15 8.19 0.97
N SER A 109 5.69 6.94 0.90
CA SER A 109 6.54 5.77 0.60
C SER A 109 6.05 5.04 -0.64
N ALA A 110 6.78 5.17 -1.76
CA ALA A 110 6.44 4.47 -3.01
C ALA A 110 6.99 3.03 -3.04
N PHE A 111 6.17 2.11 -3.55
CA PHE A 111 6.52 0.70 -3.78
C PHE A 111 6.15 0.31 -5.22
N GLY A 112 7.13 -0.23 -5.95
CA GLY A 112 7.10 -0.53 -7.37
C GLY A 112 7.48 -1.98 -7.64
N LEU A 113 6.55 -2.89 -7.33
CA LEU A 113 6.70 -4.34 -7.54
C LEU A 113 6.81 -4.64 -9.04
N SER A 114 7.90 -5.30 -9.44
CA SER A 114 8.40 -5.40 -10.82
C SER A 114 9.05 -6.76 -11.09
N ILE A 115 8.24 -7.77 -11.42
CA ILE A 115 8.66 -9.18 -11.56
C ILE A 115 9.39 -9.51 -12.88
N GLY A 116 9.53 -8.54 -13.80
CA GLY A 116 10.10 -8.73 -15.14
C GLY A 116 11.64 -8.63 -15.25
N GLY A 117 12.36 -8.46 -14.14
CA GLY A 117 13.83 -8.39 -14.10
C GLY A 117 14.43 -7.05 -14.55
N GLY A 118 13.65 -5.97 -14.52
CA GLY A 118 14.06 -4.60 -14.85
C GLY A 118 14.94 -3.93 -13.78
N SER A 119 15.28 -2.66 -14.02
CA SER A 119 16.06 -1.81 -13.10
C SER A 119 15.22 -1.29 -11.91
N GLY A 120 15.82 -0.38 -11.12
CA GLY A 120 15.33 0.11 -9.83
C GLY A 120 16.34 -0.04 -8.67
N GLN A 121 17.58 -0.47 -8.98
CA GLN A 121 18.62 -0.90 -8.03
C GLN A 121 19.93 -0.11 -8.16
N SER A 122 20.84 -0.35 -7.21
CA SER A 122 22.11 0.41 -7.05
C SER A 122 23.37 -0.46 -7.20
N GLY A 123 23.22 -1.75 -7.50
CA GLY A 123 24.28 -2.77 -7.58
C GLY A 123 23.71 -4.19 -7.64
N PRO A 124 24.56 -5.23 -7.49
CA PRO A 124 24.13 -6.63 -7.45
C PRO A 124 23.29 -6.95 -6.21
N ILE A 125 22.66 -8.13 -6.17
CA ILE A 125 21.88 -8.62 -5.02
C ILE A 125 22.75 -8.71 -3.75
N LYS A 126 22.27 -8.06 -2.69
CA LYS A 126 22.92 -7.92 -1.38
C LYS A 126 22.02 -8.39 -0.24
N LEU A 127 22.63 -8.77 0.88
CA LEU A 127 21.93 -9.26 2.08
C LEU A 127 21.29 -8.09 2.86
N GLY A 128 20.17 -8.34 3.55
CA GLY A 128 19.46 -7.32 4.33
C GLY A 128 18.11 -7.76 4.92
N MET A 129 17.48 -6.87 5.69
CA MET A 129 16.20 -7.09 6.36
C MET A 129 14.99 -6.76 5.47
N ALA A 130 13.90 -7.51 5.63
CA ALA A 130 12.60 -7.29 4.99
C ALA A 130 11.45 -7.88 5.85
N LYS A 131 10.83 -7.06 6.70
CA LYS A 131 9.68 -7.43 7.54
C LYS A 131 8.54 -6.39 7.43
N ILE A 132 7.40 -6.68 8.08
CA ILE A 132 6.20 -5.81 8.16
C ILE A 132 6.57 -4.40 8.67
N THR A 133 6.01 -3.36 8.06
CA THR A 133 6.21 -1.95 8.42
C THR A 133 5.11 -1.48 9.35
N GLN A 134 5.35 -1.48 10.67
CA GLN A 134 4.46 -0.84 11.65
C GLN A 134 4.96 0.58 11.99
N VAL A 135 4.02 1.49 12.25
CA VAL A 135 4.21 2.90 12.58
C VAL A 135 3.17 3.33 13.61
N ASP A 136 3.61 3.76 14.80
CA ASP A 136 2.74 4.31 15.84
C ASP A 136 3.34 5.54 16.51
N PHE A 137 2.47 6.43 16.99
CA PHE A 137 2.83 7.69 17.64
C PHE A 137 1.97 7.93 18.90
N PRO A 138 2.45 8.70 19.88
CA PRO A 138 1.72 8.96 21.13
C PRO A 138 0.43 9.75 20.85
N PRO A 139 -0.75 9.23 21.22
CA PRO A 139 -2.02 9.96 21.12
C PRO A 139 -2.12 11.07 22.19
N ARG A 140 -3.20 11.85 22.13
CA ARG A 140 -3.62 12.82 23.16
C ARG A 140 -5.01 12.46 23.69
N GLU A 141 -5.36 13.03 24.85
CA GLU A 141 -6.70 12.99 25.44
C GLU A 141 -7.01 14.30 26.18
N ILE A 142 -8.23 14.42 26.70
CA ILE A 142 -8.75 15.54 27.50
C ILE A 142 -9.34 15.03 28.84
N VAL A 143 -9.82 15.95 29.69
CA VAL A 143 -10.47 15.68 30.98
C VAL A 143 -11.68 14.75 30.90
N GLY B 1 1.23 -7.38 -29.04
CA GLY B 1 0.99 -8.79 -29.44
C GLY B 1 -0.25 -9.38 -28.77
N SER B 2 -0.86 -10.37 -29.42
CA SER B 2 -2.21 -10.91 -29.15
C SER B 2 -2.31 -11.90 -27.98
N MET B 3 -1.55 -11.69 -26.89
CA MET B 3 -1.54 -12.60 -25.72
C MET B 3 -2.92 -12.77 -25.05
N GLU B 4 -3.82 -11.79 -25.19
CA GLU B 4 -5.21 -11.86 -24.72
C GLU B 4 -6.07 -12.97 -25.36
N ASP B 5 -5.61 -13.59 -26.46
CA ASP B 5 -6.28 -14.73 -27.10
C ASP B 5 -6.19 -16.03 -26.26
N TYR B 6 -5.15 -16.17 -25.44
CA TYR B 6 -5.03 -17.23 -24.42
C TYR B 6 -5.77 -16.86 -23.12
N GLN B 7 -6.09 -17.88 -22.31
CA GLN B 7 -6.74 -17.75 -21.00
C GLN B 7 -6.29 -18.86 -20.04
N ALA B 8 -6.52 -18.66 -18.73
CA ALA B 8 -6.18 -19.59 -17.65
C ALA B 8 -7.43 -20.08 -16.89
N ALA B 9 -7.27 -21.13 -16.07
CA ALA B 9 -8.33 -21.75 -15.29
C ALA B 9 -8.68 -20.91 -14.03
N GLU B 10 -9.49 -19.85 -14.20
CA GLU B 10 -10.00 -19.04 -13.08
C GLU B 10 -10.90 -19.84 -12.10
N GLU B 11 -11.46 -20.96 -12.55
CA GLU B 11 -12.34 -21.83 -11.76
C GLU B 11 -11.65 -22.61 -10.62
N THR B 12 -10.34 -22.84 -10.71
CA THR B 12 -9.52 -23.50 -9.67
C THR B 12 -8.74 -22.50 -8.79
N ALA B 13 -8.44 -21.30 -9.30
CA ALA B 13 -7.82 -20.23 -8.52
C ALA B 13 -8.79 -19.64 -7.47
N PHE B 14 -8.24 -19.08 -6.39
CA PHE B 14 -9.02 -18.49 -5.29
C PHE B 14 -9.71 -17.18 -5.68
N VAL B 15 -10.80 -16.85 -4.98
CA VAL B 15 -11.61 -15.64 -5.18
C VAL B 15 -11.88 -14.92 -3.86
N VAL B 16 -12.19 -13.62 -3.96
CA VAL B 16 -12.42 -12.68 -2.85
C VAL B 16 -13.52 -13.17 -1.91
N ASP B 17 -14.56 -13.81 -2.43
CA ASP B 17 -15.63 -14.45 -1.65
C ASP B 17 -15.11 -15.50 -0.67
N GLU B 18 -14.02 -16.21 -1.01
CA GLU B 18 -13.37 -17.18 -0.11
C GLU B 18 -12.44 -16.46 0.86
N VAL B 19 -11.56 -15.61 0.34
CA VAL B 19 -10.60 -14.79 1.12
C VAL B 19 -11.29 -14.00 2.24
N SER B 20 -12.48 -13.45 1.96
CA SER B 20 -13.37 -12.77 2.90
C SER B 20 -13.86 -13.65 4.06
N ASN B 21 -13.75 -14.97 3.97
CA ASN B 21 -14.08 -15.95 5.02
C ASN B 21 -12.82 -16.53 5.70
N ILE B 22 -11.70 -16.73 4.97
CA ILE B 22 -10.40 -17.12 5.55
C ILE B 22 -10.02 -16.19 6.70
N VAL B 23 -10.20 -14.87 6.53
CA VAL B 23 -9.90 -13.92 7.60
C VAL B 23 -10.69 -14.21 8.89
N LYS B 24 -11.99 -14.53 8.81
CA LYS B 24 -12.80 -14.88 9.99
C LYS B 24 -12.33 -16.18 10.62
N GLU B 25 -12.25 -17.27 9.85
CA GLU B 25 -11.86 -18.57 10.41
C GLU B 25 -10.44 -18.57 11.02
N ALA B 26 -9.51 -17.79 10.43
CA ALA B 26 -8.16 -17.63 10.96
C ALA B 26 -8.10 -16.72 12.21
N ILE B 27 -8.87 -15.61 12.24
CA ILE B 27 -8.98 -14.78 13.44
C ILE B 27 -9.55 -15.61 14.60
N GLU B 28 -10.73 -16.21 14.41
CA GLU B 28 -11.39 -16.98 15.48
C GLU B 28 -10.56 -18.18 15.97
N SER B 29 -9.77 -18.80 15.10
CA SER B 29 -8.74 -19.79 15.45
C SER B 29 -7.70 -19.21 16.42
N ALA B 30 -7.11 -18.04 16.11
CA ALA B 30 -6.15 -17.34 16.97
C ALA B 30 -6.78 -16.82 18.29
N ILE B 31 -8.05 -16.42 18.30
CA ILE B 31 -8.82 -16.04 19.51
C ILE B 31 -8.94 -17.24 20.48
N GLY B 32 -9.12 -18.46 19.95
CA GLY B 32 -9.28 -19.69 20.76
C GLY B 32 -10.65 -19.79 21.45
N GLY B 33 -11.65 -19.02 21.03
CA GLY B 33 -13.01 -19.04 21.56
C GLY B 33 -13.28 -18.10 22.76
N ASN B 34 -12.33 -17.24 23.13
CA ASN B 34 -12.48 -16.22 24.18
C ASN B 34 -13.67 -15.25 23.93
N ALA B 35 -14.24 -14.72 25.03
CA ALA B 35 -15.25 -13.67 25.05
C ALA B 35 -14.64 -12.27 24.78
N TYR B 36 -15.46 -11.22 24.92
CA TYR B 36 -15.15 -9.79 24.77
C TYR B 36 -13.79 -9.36 25.33
N GLN B 37 -13.07 -8.51 24.61
CA GLN B 37 -11.72 -8.01 24.97
C GLN B 37 -11.56 -6.49 24.71
N HIS B 38 -10.41 -5.93 25.12
CA HIS B 38 -10.05 -4.51 24.99
C HIS B 38 -9.39 -4.19 23.64
N SER B 39 -8.05 -4.23 23.59
CA SER B 39 -7.19 -4.01 22.41
C SER B 39 -6.70 -5.32 21.76
N LYS B 40 -7.15 -6.49 22.24
CA LYS B 40 -6.83 -7.79 21.63
C LYS B 40 -7.08 -7.84 20.12
N VAL B 41 -8.21 -7.29 19.68
CA VAL B 41 -8.57 -7.17 18.25
C VAL B 41 -7.46 -6.52 17.41
N ASN B 42 -6.72 -5.54 17.95
CA ASN B 42 -5.57 -4.91 17.29
C ASN B 42 -4.39 -5.87 17.13
N GLN B 43 -3.96 -6.57 18.19
CA GLN B 43 -2.91 -7.60 18.08
C GLN B 43 -3.35 -8.80 17.24
N TRP B 44 -4.65 -9.10 17.16
CA TRP B 44 -5.22 -10.19 16.37
C TRP B 44 -5.23 -9.83 14.88
N THR B 45 -5.84 -8.71 14.49
CA THR B 45 -5.88 -8.25 13.10
C THR B 45 -4.47 -8.02 12.51
N THR B 46 -3.43 -7.82 13.33
CA THR B 46 -2.04 -7.83 12.83
C THR B 46 -1.44 -9.25 12.81
N ASN B 47 -1.42 -9.98 13.93
CA ASN B 47 -0.83 -11.33 14.06
C ASN B 47 -1.41 -12.36 13.08
N VAL B 48 -2.72 -12.26 12.80
CA VAL B 48 -3.44 -13.17 11.91
C VAL B 48 -3.10 -12.85 10.48
N VAL B 49 -3.51 -11.67 9.99
CA VAL B 49 -3.24 -11.19 8.62
C VAL B 49 -1.75 -11.35 8.27
N GLU B 50 -0.84 -11.29 9.26
CA GLU B 50 0.59 -11.55 9.05
C GLU B 50 0.88 -12.89 8.35
N GLN B 51 0.37 -14.00 8.91
CA GLN B 51 0.55 -15.36 8.38
C GLN B 51 -0.61 -15.80 7.47
N THR B 52 -1.84 -15.41 7.80
CA THR B 52 -3.08 -15.69 7.06
C THR B 52 -3.06 -15.11 5.66
N LEU B 53 -2.78 -13.81 5.49
CA LEU B 53 -2.71 -13.17 4.18
C LEU B 53 -1.61 -13.77 3.29
N SER B 54 -0.48 -14.13 3.92
CA SER B 54 0.58 -14.91 3.29
C SER B 54 0.06 -16.29 2.84
N GLN B 55 -0.62 -17.06 3.69
CA GLN B 55 -1.22 -18.37 3.41
C GLN B 55 -2.24 -18.35 2.26
N LEU B 56 -3.23 -17.44 2.29
CA LEU B 56 -4.28 -17.38 1.25
C LEU B 56 -3.80 -16.91 -0.11
N THR B 57 -2.68 -16.19 -0.15
CA THR B 57 -1.94 -15.97 -1.39
C THR B 57 -1.47 -17.29 -1.96
N LYS B 58 -0.99 -18.21 -1.11
CA LYS B 58 -0.41 -19.50 -1.56
C LYS B 58 -1.47 -20.51 -2.03
N LEU B 59 -2.71 -20.35 -1.55
CA LEU B 59 -3.85 -21.22 -1.86
C LEU B 59 -4.27 -21.26 -3.36
N GLY B 60 -3.75 -20.38 -4.23
CA GLY B 60 -3.97 -20.45 -5.67
C GLY B 60 -2.94 -19.69 -6.52
N LYS B 61 -3.03 -18.35 -6.52
CA LYS B 61 -2.18 -17.40 -7.27
C LYS B 61 -0.69 -17.41 -6.79
N PRO B 62 0.24 -16.77 -7.53
CA PRO B 62 1.63 -16.57 -7.07
C PRO B 62 1.73 -15.44 -6.03
N PHE B 63 2.92 -15.24 -5.46
CA PHE B 63 3.22 -14.27 -4.41
C PHE B 63 3.16 -12.80 -4.92
N LYS B 64 2.00 -12.18 -4.74
CA LYS B 64 1.75 -10.74 -4.92
C LYS B 64 0.51 -10.27 -4.14
N TYR B 65 0.74 -9.55 -3.05
CA TYR B 65 -0.28 -8.89 -2.24
C TYR B 65 0.32 -7.68 -1.49
N ILE B 66 -0.56 -6.84 -0.96
CA ILE B 66 -0.29 -5.87 0.10
C ILE B 66 -1.56 -5.69 0.94
N VAL B 67 -1.39 -5.25 2.18
CA VAL B 67 -2.42 -4.68 3.04
C VAL B 67 -1.87 -3.44 3.72
N THR B 68 -2.79 -2.53 4.04
CA THR B 68 -2.61 -1.40 4.93
C THR B 68 -3.78 -1.35 5.90
N CYS B 69 -3.49 -1.06 7.16
CA CYS B 69 -4.52 -0.85 8.19
C CYS B 69 -4.18 0.31 9.14
N VAL B 70 -5.23 1.02 9.57
CA VAL B 70 -5.14 2.23 10.39
C VAL B 70 -6.09 2.10 11.58
N ILE B 71 -5.57 2.40 12.77
CA ILE B 71 -6.19 2.23 14.07
C ILE B 71 -6.30 3.62 14.72
N MET B 72 -7.45 4.25 14.50
CA MET B 72 -7.77 5.64 14.85
C MET B 72 -8.96 5.67 15.82
N GLN B 73 -8.71 5.65 17.13
CA GLN B 73 -9.79 5.64 18.13
C GLN B 73 -10.75 6.84 18.01
N LYS B 74 -12.00 6.66 18.45
CA LYS B 74 -13.08 7.68 18.37
C LYS B 74 -12.95 8.84 19.37
N ASN B 75 -12.00 8.75 20.30
CA ASN B 75 -11.71 9.73 21.36
C ASN B 75 -11.27 11.12 20.82
N GLY B 76 -10.86 11.22 19.55
CA GLY B 76 -10.51 12.47 18.87
C GLY B 76 -9.16 12.52 18.16
N ALA B 77 -8.35 11.45 18.24
CA ALA B 77 -7.03 11.34 17.62
C ALA B 77 -7.09 11.12 16.09
N GLY B 78 -7.83 11.98 15.38
CA GLY B 78 -7.92 12.01 13.91
C GLY B 78 -6.81 12.83 13.26
N LEU B 79 -6.53 12.55 11.99
CA LEU B 79 -5.43 13.11 11.19
C LEU B 79 -5.71 12.95 9.68
N HIS B 80 -4.76 13.31 8.80
CA HIS B 80 -4.92 13.16 7.34
C HIS B 80 -4.09 11.98 6.80
N THR B 81 -4.65 11.21 5.88
CA THR B 81 -3.98 10.11 5.17
C THR B 81 -4.41 10.05 3.71
N ALA B 82 -3.49 9.68 2.82
CA ALA B 82 -3.75 9.48 1.40
C ALA B 82 -3.01 8.25 0.87
N SER B 83 -3.63 7.54 -0.06
CA SER B 83 -3.03 6.38 -0.73
C SER B 83 -3.47 6.26 -2.19
N SER B 84 -2.54 5.84 -3.05
CA SER B 84 -2.80 5.59 -4.48
C SER B 84 -3.45 4.22 -4.72
N CYS B 85 -4.16 3.68 -3.72
CA CYS B 85 -5.07 2.55 -3.91
C CYS B 85 -6.29 2.96 -4.77
N PHE B 86 -7.09 1.96 -5.14
CA PHE B 86 -8.36 2.03 -5.84
C PHE B 86 -9.06 0.66 -5.75
N TRP B 87 -10.39 0.61 -5.84
CA TRP B 87 -11.13 -0.64 -5.90
C TRP B 87 -11.14 -1.18 -7.34
N ASP B 88 -10.82 -2.47 -7.50
CA ASP B 88 -10.82 -3.19 -8.78
C ASP B 88 -11.09 -4.70 -8.60
N SER B 89 -12.21 -5.16 -9.18
CA SER B 89 -12.63 -6.57 -9.20
C SER B 89 -12.48 -7.21 -10.59
N SER B 90 -12.68 -6.44 -11.65
CA SER B 90 -12.55 -6.88 -13.04
C SER B 90 -11.08 -6.92 -13.52
N THR B 91 -10.28 -5.97 -13.05
CA THR B 91 -8.87 -5.78 -13.46
C THR B 91 -7.92 -6.72 -12.72
N ASP B 92 -7.94 -6.69 -11.39
CA ASP B 92 -7.11 -7.45 -10.45
C ASP B 92 -8.00 -8.01 -9.29
N GLY B 93 -7.43 -8.31 -8.11
CA GLY B 93 -8.19 -8.68 -6.91
C GLY B 93 -7.97 -7.72 -5.73
N SER B 94 -8.96 -7.63 -4.83
CA SER B 94 -8.89 -6.86 -3.56
C SER B 94 -9.88 -7.38 -2.51
N CYS B 95 -9.52 -7.30 -1.23
CA CYS B 95 -10.31 -7.82 -0.09
C CYS B 95 -10.14 -6.96 1.17
N THR B 96 -11.05 -6.00 1.39
CA THR B 96 -11.08 -5.18 2.60
C THR B 96 -11.87 -5.84 3.74
N VAL B 97 -11.45 -5.63 4.99
CA VAL B 97 -12.02 -6.22 6.21
C VAL B 97 -12.07 -5.16 7.31
N ARG B 98 -13.20 -5.09 8.05
CA ARG B 98 -13.47 -4.09 9.10
C ARG B 98 -13.80 -4.80 10.42
N TRP B 99 -13.13 -4.40 11.51
CA TRP B 99 -13.36 -4.88 12.87
C TRP B 99 -13.46 -3.69 13.84
N GLU B 100 -14.07 -3.90 15.01
CA GLU B 100 -14.32 -2.84 15.99
C GLU B 100 -14.01 -3.33 17.41
N ASN B 101 -13.48 -2.43 18.23
CA ASN B 101 -12.84 -2.75 19.51
C ASN B 101 -13.63 -2.09 20.67
N LYS B 102 -13.13 -2.16 21.90
CA LYS B 102 -13.79 -1.58 23.10
C LYS B 102 -14.15 -0.10 22.96
N THR B 103 -13.15 0.71 22.56
CA THR B 103 -13.27 2.16 22.29
C THR B 103 -12.47 2.62 21.05
N MET B 104 -11.61 1.75 20.52
CA MET B 104 -10.87 1.93 19.26
C MET B 104 -11.63 1.28 18.09
N TYR B 105 -11.21 1.54 16.85
CA TYR B 105 -11.63 0.77 15.67
C TYR B 105 -10.46 0.53 14.71
N CYS B 106 -10.54 -0.49 13.87
CA CYS B 106 -9.49 -0.86 12.93
C CYS B 106 -10.07 -1.32 11.57
N ILE B 107 -9.44 -0.90 10.47
CA ILE B 107 -9.83 -1.23 9.09
C ILE B 107 -8.60 -1.65 8.29
N VAL B 108 -8.63 -2.81 7.64
CA VAL B 108 -7.53 -3.37 6.83
C VAL B 108 -8.00 -3.59 5.39
N SER B 109 -7.25 -3.10 4.41
CA SER B 109 -7.62 -3.15 2.99
C SER B 109 -6.58 -3.88 2.15
N ALA B 110 -6.88 -5.12 1.73
CA ALA B 110 -5.97 -5.92 0.90
C ALA B 110 -6.11 -5.62 -0.60
N PHE B 111 -4.98 -5.59 -1.31
CA PHE B 111 -4.86 -5.43 -2.75
C PHE B 111 -3.92 -6.50 -3.32
N GLY B 112 -4.46 -7.39 -4.15
CA GLY B 112 -3.78 -8.53 -4.78
C GLY B 112 -3.57 -8.30 -6.27
N LEU B 113 -2.58 -7.46 -6.61
CA LEU B 113 -2.33 -7.02 -7.99
C LEU B 113 -1.85 -8.17 -8.89
N SER B 114 -2.55 -8.41 -9.99
CA SER B 114 -2.47 -9.61 -10.82
C SER B 114 -2.63 -9.29 -12.32
N ILE B 115 -1.59 -9.61 -13.11
CA ILE B 115 -1.49 -9.31 -14.55
C ILE B 115 -1.53 -10.56 -15.46
N GLY B 116 -1.65 -11.76 -14.87
CA GLY B 116 -1.61 -13.05 -15.56
C GLY B 116 -2.97 -13.63 -16.00
N GLY B 117 -4.07 -12.90 -15.77
CA GLY B 117 -5.43 -13.30 -16.18
C GLY B 117 -6.11 -14.35 -15.28
N GLY B 118 -5.70 -14.43 -14.01
CA GLY B 118 -6.26 -15.34 -13.00
C GLY B 118 -7.60 -14.86 -12.40
N SER B 119 -8.11 -15.60 -11.41
CA SER B 119 -9.33 -15.27 -10.66
C SER B 119 -9.14 -14.12 -9.64
N GLY B 120 -10.19 -13.83 -8.87
CA GLY B 120 -10.34 -12.68 -7.98
C GLY B 120 -11.59 -11.83 -8.26
N GLN B 121 -12.50 -12.31 -9.12
CA GLN B 121 -13.66 -11.59 -9.65
C GLN B 121 -14.99 -12.32 -9.43
N SER B 122 -16.10 -11.63 -9.71
CA SER B 122 -17.48 -12.08 -9.43
C SER B 122 -18.36 -12.18 -10.71
N GLY B 123 -17.76 -11.96 -11.88
CA GLY B 123 -18.43 -11.86 -13.19
C GLY B 123 -17.52 -11.29 -14.28
N PRO B 124 -18.07 -10.92 -15.46
CA PRO B 124 -17.32 -10.28 -16.55
C PRO B 124 -16.85 -8.86 -16.20
N ILE B 125 -16.16 -8.19 -17.14
CA ILE B 125 -15.63 -6.83 -16.99
C ILE B 125 -16.72 -5.73 -16.92
N LYS B 126 -17.26 -5.51 -15.71
CA LYS B 126 -18.23 -4.45 -15.42
C LYS B 126 -17.60 -3.05 -15.48
N LEU B 127 -18.44 -2.03 -15.65
CA LEU B 127 -18.07 -0.60 -15.62
C LEU B 127 -18.14 -0.07 -14.18
N GLY B 128 -17.16 0.75 -13.77
CA GLY B 128 -17.08 1.30 -12.41
C GLY B 128 -16.00 2.38 -12.22
N MET B 129 -16.01 3.03 -11.06
CA MET B 129 -15.07 4.10 -10.68
C MET B 129 -13.74 3.56 -10.13
N ALA B 130 -12.64 4.29 -10.38
CA ALA B 130 -11.29 3.98 -9.92
C ALA B 130 -10.41 5.24 -9.80
N LYS B 131 -10.37 5.85 -8.61
CA LYS B 131 -9.52 7.02 -8.29
C LYS B 131 -8.75 6.83 -6.98
N ILE B 132 -7.87 7.80 -6.65
CA ILE B 132 -7.06 7.85 -5.41
C ILE B 132 -7.93 7.72 -4.15
N THR B 133 -7.44 6.99 -3.14
CA THR B 133 -8.11 6.77 -1.85
C THR B 133 -7.54 7.72 -0.78
N GLN B 134 -8.19 8.87 -0.57
CA GLN B 134 -7.91 9.74 0.57
C GLN B 134 -8.88 9.44 1.73
N VAL B 135 -8.40 9.59 2.96
CA VAL B 135 -9.11 9.34 4.21
C VAL B 135 -8.60 10.28 5.31
N ASP B 136 -9.50 11.10 5.86
CA ASP B 136 -9.19 12.03 6.95
C ASP B 136 -10.30 12.07 8.01
N PHE B 137 -9.92 12.38 9.24
CA PHE B 137 -10.81 12.47 10.41
C PHE B 137 -10.53 13.74 11.23
N PRO B 138 -11.51 14.25 11.99
CA PRO B 138 -11.36 15.47 12.78
C PRO B 138 -10.32 15.28 13.90
N PRO B 139 -9.25 16.10 13.94
CA PRO B 139 -8.27 16.08 15.04
C PRO B 139 -8.85 16.66 16.34
N ARG B 140 -8.07 16.58 17.42
CA ARG B 140 -8.29 17.27 18.71
C ARG B 140 -7.13 18.22 19.02
N GLU B 141 -7.38 19.15 19.93
CA GLU B 141 -6.36 20.03 20.52
C GLU B 141 -6.69 20.31 22.01
N ILE B 142 -5.79 21.04 22.68
CA ILE B 142 -5.90 21.50 24.08
C ILE B 142 -5.71 23.02 24.17
N VAL B 143 -5.83 23.58 25.38
CA VAL B 143 -5.63 25.02 25.69
C VAL B 143 -4.26 25.58 25.28
N GLY A 1 17.88 -18.92 -6.94
CA GLY A 1 17.58 -19.82 -8.08
C GLY A 1 18.30 -19.40 -9.35
N SER A 2 18.23 -20.24 -10.39
CA SER A 2 18.95 -20.10 -11.68
C SER A 2 18.52 -18.90 -12.56
N MET A 3 17.57 -18.07 -12.11
CA MET A 3 17.09 -16.88 -12.85
C MET A 3 18.21 -15.95 -13.30
N GLU A 4 19.27 -15.77 -12.49
CA GLU A 4 20.40 -14.87 -12.76
C GLU A 4 21.20 -15.16 -14.04
N ASP A 5 21.06 -16.35 -14.65
CA ASP A 5 21.65 -16.69 -15.95
C ASP A 5 21.05 -15.89 -17.13
N TYR A 6 19.86 -15.30 -16.97
CA TYR A 6 19.15 -14.53 -18.00
C TYR A 6 18.54 -13.25 -17.41
N GLN A 7 18.77 -12.11 -18.08
CA GLN A 7 18.30 -10.80 -17.64
C GLN A 7 17.86 -9.93 -18.82
N ALA A 8 16.67 -9.34 -18.69
CA ALA A 8 16.08 -8.44 -19.68
C ALA A 8 16.79 -7.06 -19.73
N ALA A 9 16.35 -6.20 -20.66
CA ALA A 9 16.78 -4.82 -20.80
C ALA A 9 16.49 -3.98 -19.54
N GLU A 10 17.49 -3.74 -18.69
CA GLU A 10 17.38 -2.83 -17.54
C GLU A 10 17.45 -1.35 -17.95
N GLU A 11 17.91 -1.03 -19.18
CA GLU A 11 18.00 0.34 -19.70
C GLU A 11 16.65 1.06 -19.85
N THR A 12 15.55 0.32 -20.04
CA THR A 12 14.17 0.85 -20.08
C THR A 12 13.58 1.03 -18.66
N ALA A 13 14.03 0.25 -17.68
CA ALA A 13 13.66 0.39 -16.27
C ALA A 13 14.34 1.62 -15.62
N PHE A 14 13.56 2.59 -15.15
CA PHE A 14 14.10 3.77 -14.46
C PHE A 14 14.72 3.41 -13.09
N VAL A 15 15.60 4.29 -12.59
CA VAL A 15 16.36 4.06 -11.35
C VAL A 15 15.83 4.93 -10.21
N VAL A 16 15.80 4.35 -9.00
CA VAL A 16 15.33 4.97 -7.75
C VAL A 16 16.10 6.25 -7.45
N ASP A 17 17.42 6.23 -7.63
CA ASP A 17 18.32 7.39 -7.47
C ASP A 17 17.90 8.60 -8.32
N GLU A 18 17.31 8.37 -9.49
CA GLU A 18 16.85 9.41 -10.41
C GLU A 18 15.44 9.90 -10.06
N VAL A 19 14.46 8.99 -9.95
CA VAL A 19 13.11 9.27 -9.41
C VAL A 19 13.15 10.10 -8.13
N SER A 20 14.00 9.72 -7.18
CA SER A 20 14.21 10.40 -5.90
C SER A 20 14.82 11.81 -6.03
N ASN A 21 15.16 12.26 -7.25
CA ASN A 21 15.57 13.63 -7.59
C ASN A 21 14.52 14.36 -8.46
N ILE A 22 13.76 13.65 -9.32
CA ILE A 22 12.58 14.18 -10.02
C ILE A 22 11.62 14.84 -9.03
N VAL A 23 11.36 14.19 -7.89
CA VAL A 23 10.47 14.78 -6.88
C VAL A 23 10.97 16.12 -6.34
N LYS A 24 12.28 16.29 -6.08
CA LYS A 24 12.85 17.58 -5.61
C LYS A 24 12.73 18.66 -6.68
N GLU A 25 13.19 18.39 -7.91
CA GLU A 25 13.12 19.41 -8.97
C GLU A 25 11.68 19.80 -9.33
N ALA A 26 10.73 18.85 -9.25
CA ALA A 26 9.30 19.11 -9.45
C ALA A 26 8.65 19.88 -8.28
N ILE A 27 9.05 19.62 -7.03
CA ILE A 27 8.60 20.42 -5.87
C ILE A 27 9.01 21.87 -6.04
N GLU A 28 10.30 22.16 -6.21
CA GLU A 28 10.77 23.55 -6.32
C GLU A 28 10.16 24.32 -7.51
N SER A 29 9.85 23.62 -8.61
CA SER A 29 9.04 24.14 -9.73
C SER A 29 7.64 24.58 -9.29
N ALA A 30 6.94 23.75 -8.50
CA ALA A 30 5.63 24.08 -7.92
C ALA A 30 5.68 25.21 -6.86
N ILE A 31 6.75 25.29 -6.06
CA ILE A 31 6.98 26.39 -5.09
C ILE A 31 7.17 27.72 -5.83
N GLY A 32 7.94 27.74 -6.92
CA GLY A 32 8.24 28.94 -7.73
C GLY A 32 9.08 30.00 -7.02
N GLY A 33 9.71 29.66 -5.88
CA GLY A 33 10.45 30.58 -5.01
C GLY A 33 9.58 31.44 -4.07
N ASN A 34 8.27 31.15 -3.96
CA ASN A 34 7.33 31.84 -3.07
C ASN A 34 7.70 31.64 -1.57
N ALA A 35 7.05 32.43 -0.69
CA ALA A 35 7.06 32.28 0.75
C ALA A 35 6.62 30.88 1.21
N TYR A 36 7.59 30.04 1.57
CA TYR A 36 7.42 28.70 2.14
C TYR A 36 6.55 28.71 3.42
N GLN A 37 5.66 27.73 3.57
CA GLN A 37 4.76 27.58 4.72
C GLN A 37 4.51 26.12 5.06
N HIS A 38 4.11 25.81 6.31
CA HIS A 38 3.78 24.44 6.75
C HIS A 38 2.67 23.77 5.92
N SER A 39 1.51 24.44 5.80
CA SER A 39 0.36 23.91 5.06
C SER A 39 0.58 23.86 3.55
N LYS A 40 1.46 24.73 3.01
CA LYS A 40 1.91 24.65 1.60
C LYS A 40 2.57 23.31 1.29
N VAL A 41 3.47 22.82 2.14
CA VAL A 41 4.14 21.52 1.91
C VAL A 41 3.15 20.36 1.76
N ASN A 42 2.02 20.38 2.47
CA ASN A 42 0.97 19.37 2.38
C ASN A 42 0.32 19.35 0.98
N GLN A 43 -0.05 20.52 0.43
CA GLN A 43 -0.54 20.61 -0.95
C GLN A 43 0.54 20.33 -1.99
N TRP A 44 1.83 20.51 -1.66
CA TRP A 44 2.95 20.29 -2.59
C TRP A 44 3.28 18.80 -2.71
N THR A 45 3.49 18.10 -1.60
CA THR A 45 3.72 16.65 -1.62
C THR A 45 2.60 15.89 -2.33
N THR A 46 1.33 16.33 -2.22
CA THR A 46 0.24 15.72 -3.01
C THR A 46 0.26 16.16 -4.49
N ASN A 47 0.22 17.47 -4.80
CA ASN A 47 0.16 18.01 -6.18
C ASN A 47 1.32 17.56 -7.07
N VAL A 48 2.53 17.47 -6.50
CA VAL A 48 3.74 17.08 -7.22
C VAL A 48 3.65 15.64 -7.64
N VAL A 49 3.57 14.72 -6.67
CA VAL A 49 3.44 13.28 -6.90
C VAL A 49 2.31 12.98 -7.89
N GLU A 50 1.27 13.83 -7.93
CA GLU A 50 0.13 13.70 -8.85
C GLU A 50 0.52 13.75 -10.34
N GLN A 51 1.59 14.49 -10.69
CA GLN A 51 2.14 14.64 -12.04
C GLN A 51 3.52 13.98 -12.18
N THR A 52 4.40 14.15 -11.19
CA THR A 52 5.73 13.53 -11.05
C THR A 52 5.68 12.02 -11.21
N LEU A 53 4.86 11.32 -10.41
CA LEU A 53 4.79 9.86 -10.49
C LEU A 53 4.30 9.41 -11.88
N SER A 54 3.35 10.15 -12.45
CA SER A 54 2.86 9.94 -13.83
C SER A 54 3.91 10.26 -14.91
N GLN A 55 4.86 11.17 -14.66
CA GLN A 55 5.97 11.57 -15.53
C GLN A 55 7.10 10.52 -15.54
N LEU A 56 7.61 10.10 -14.39
CA LEU A 56 8.70 9.11 -14.30
C LEU A 56 8.33 7.71 -14.80
N THR A 57 7.03 7.38 -14.75
CA THR A 57 6.45 6.22 -15.43
C THR A 57 6.75 6.27 -16.93
N LYS A 58 6.75 7.46 -17.53
CA LYS A 58 7.02 7.66 -18.97
C LYS A 58 8.50 7.68 -19.30
N LEU A 59 9.31 8.21 -18.37
CA LEU A 59 10.77 8.28 -18.53
C LEU A 59 11.40 6.87 -18.44
N GLY A 60 10.76 5.97 -17.69
CA GLY A 60 11.08 4.54 -17.60
C GLY A 60 10.17 3.66 -18.47
N LYS A 61 9.44 2.75 -17.82
CA LYS A 61 8.64 1.67 -18.46
C LYS A 61 7.22 1.54 -17.88
N PRO A 62 6.24 1.06 -18.68
CA PRO A 62 4.85 0.88 -18.25
C PRO A 62 4.69 -0.33 -17.30
N PHE A 63 4.33 -0.05 -16.04
CA PHE A 63 3.95 -1.03 -15.02
C PHE A 63 2.90 -0.43 -14.06
N LYS A 64 2.31 -1.24 -13.17
CA LYS A 64 1.60 -0.73 -11.99
C LYS A 64 2.59 -0.13 -10.98
N TYR A 65 2.20 1.03 -10.46
CA TYR A 65 2.81 1.75 -9.33
C TYR A 65 1.68 2.15 -8.37
N ILE A 66 2.04 2.39 -7.11
CA ILE A 66 1.16 2.92 -6.07
C ILE A 66 1.91 3.94 -5.24
N VAL A 67 1.17 4.85 -4.63
CA VAL A 67 1.68 5.86 -3.70
C VAL A 67 0.73 6.02 -2.52
N THR A 68 1.30 6.36 -1.37
CA THR A 68 0.56 6.66 -0.14
C THR A 68 1.29 7.74 0.66
N CYS A 69 0.57 8.51 1.49
CA CYS A 69 1.14 9.48 2.42
C CYS A 69 0.34 9.60 3.73
N VAL A 70 1.05 9.92 4.82
CA VAL A 70 0.52 10.07 6.19
C VAL A 70 1.00 11.40 6.78
N ILE A 71 0.06 12.33 6.97
CA ILE A 71 0.30 13.67 7.53
C ILE A 71 -0.30 13.68 8.95
N MET A 72 0.57 13.45 9.94
CA MET A 72 0.21 13.37 11.36
C MET A 72 1.29 14.00 12.24
N GLN A 73 1.17 15.30 12.50
CA GLN A 73 1.94 16.07 13.46
C GLN A 73 1.23 17.42 13.66
N LYS A 74 0.81 17.74 14.89
CA LYS A 74 0.09 18.98 15.25
C LYS A 74 0.34 19.37 16.71
N ASN A 75 -0.11 18.53 17.65
CA ASN A 75 0.22 18.60 19.09
C ASN A 75 1.12 17.43 19.56
N GLY A 76 1.24 16.35 18.78
CA GLY A 76 2.01 15.14 19.07
C GLY A 76 1.16 13.89 19.36
N ALA A 77 -0.16 14.06 19.54
CA ALA A 77 -1.13 12.98 19.68
C ALA A 77 -1.30 12.18 18.37
N GLY A 78 -0.97 10.89 18.40
CA GLY A 78 -1.07 9.95 17.27
C GLY A 78 -1.79 8.64 17.60
N LEU A 79 -2.00 7.82 16.57
CA LEU A 79 -2.82 6.60 16.57
C LEU A 79 -1.97 5.33 16.32
N HIS A 80 -2.60 4.16 16.14
CA HIS A 80 -1.88 2.90 15.82
C HIS A 80 -2.00 2.60 14.32
N THR A 81 -0.92 2.74 13.55
CA THR A 81 -0.90 2.43 12.11
C THR A 81 0.15 1.35 11.83
N ALA A 82 -0.19 0.39 10.97
CA ALA A 82 0.69 -0.73 10.63
C ALA A 82 0.59 -1.10 9.15
N SER A 83 1.75 -1.30 8.51
CA SER A 83 1.83 -1.77 7.13
C SER A 83 2.83 -2.92 7.00
N SER A 84 2.44 -3.97 6.27
CA SER A 84 3.35 -5.04 5.83
C SER A 84 4.10 -4.64 4.55
N CYS A 85 4.25 -3.34 4.29
CA CYS A 85 5.20 -2.83 3.31
C CYS A 85 6.64 -3.16 3.70
N PHE A 86 7.53 -3.05 2.72
CA PHE A 86 8.96 -3.33 2.82
C PHE A 86 9.68 -2.68 1.63
N TRP A 87 10.83 -2.04 1.87
CA TRP A 87 11.68 -1.50 0.83
C TRP A 87 12.34 -2.64 0.02
N ASP A 88 12.61 -2.40 -1.27
CA ASP A 88 13.46 -3.25 -2.12
C ASP A 88 14.46 -2.40 -2.92
N SER A 89 15.61 -2.98 -3.27
CA SER A 89 16.64 -2.34 -4.11
C SER A 89 16.92 -3.13 -5.41
N SER A 90 17.45 -4.35 -5.32
CA SER A 90 17.58 -5.26 -6.48
C SER A 90 16.30 -6.02 -6.78
N THR A 91 15.55 -6.40 -5.74
CA THR A 91 14.37 -7.29 -5.81
C THR A 91 13.18 -6.67 -6.55
N ASP A 92 12.97 -5.36 -6.40
CA ASP A 92 11.91 -4.55 -7.02
C ASP A 92 12.22 -3.05 -6.91
N GLY A 93 11.34 -2.19 -7.46
CA GLY A 93 11.44 -0.73 -7.40
C GLY A 93 10.62 -0.13 -6.23
N SER A 94 11.22 0.81 -5.49
CA SER A 94 10.60 1.57 -4.39
C SER A 94 11.24 2.95 -4.27
N CYS A 95 10.45 4.00 -4.02
CA CYS A 95 10.95 5.39 -3.92
C CYS A 95 10.09 6.24 -2.98
N THR A 96 10.67 6.79 -1.91
CA THR A 96 9.97 7.52 -0.83
C THR A 96 10.66 8.85 -0.49
N VAL A 97 9.88 9.83 0.00
CA VAL A 97 10.30 11.22 0.19
C VAL A 97 9.74 11.75 1.51
N ARG A 98 10.54 12.54 2.23
CA ARG A 98 10.21 13.08 3.56
C ARG A 98 10.41 14.61 3.61
N TRP A 99 9.41 15.32 4.14
CA TRP A 99 9.36 16.78 4.19
C TRP A 99 8.80 17.27 5.54
N GLU A 100 9.69 17.79 6.39
CA GLU A 100 9.34 18.36 7.69
C GLU A 100 8.92 19.83 7.60
N ASN A 101 8.02 20.26 8.48
CA ASN A 101 7.43 21.61 8.53
C ASN A 101 7.67 22.26 9.92
N LYS A 102 7.12 23.46 10.16
CA LYS A 102 7.20 24.21 11.44
C LYS A 102 6.71 23.41 12.64
N THR A 103 5.41 23.13 12.68
CA THR A 103 4.69 22.38 13.74
C THR A 103 4.07 21.08 13.21
N MET A 104 4.38 20.70 11.96
CA MET A 104 3.86 19.54 11.24
C MET A 104 5.00 18.77 10.53
N TYR A 105 4.70 17.61 9.93
CA TYR A 105 5.52 17.00 8.88
C TYR A 105 4.62 16.14 7.96
N CYS A 106 5.12 15.83 6.77
CA CYS A 106 4.51 14.88 5.83
C CYS A 106 5.57 13.90 5.31
N ILE A 107 5.12 12.69 4.97
CA ILE A 107 5.90 11.64 4.29
C ILE A 107 5.07 11.03 3.17
N VAL A 108 5.69 10.78 2.02
CA VAL A 108 5.09 10.08 0.89
C VAL A 108 5.98 8.91 0.49
N SER A 109 5.36 7.78 0.15
CA SER A 109 6.06 6.56 -0.28
C SER A 109 5.45 6.00 -1.54
N ALA A 110 6.26 5.43 -2.41
CA ALA A 110 5.87 4.79 -3.66
C ALA A 110 6.47 3.38 -3.80
N PHE A 111 5.70 2.49 -4.42
CA PHE A 111 6.09 1.13 -4.76
C PHE A 111 5.73 0.80 -6.22
N GLY A 112 6.48 -0.12 -6.83
CA GLY A 112 6.30 -0.56 -8.22
C GLY A 112 6.73 -2.03 -8.39
N LEU A 113 5.80 -2.95 -8.13
CA LEU A 113 6.02 -4.40 -8.19
C LEU A 113 6.02 -4.92 -9.63
N SER A 114 7.11 -5.56 -10.06
CA SER A 114 7.42 -5.92 -11.45
C SER A 114 8.10 -7.29 -11.56
N ILE A 115 7.50 -8.23 -12.31
CA ILE A 115 8.00 -9.61 -12.47
C ILE A 115 8.52 -9.96 -13.88
N GLY A 116 8.62 -8.96 -14.78
CA GLY A 116 8.98 -9.12 -16.20
C GLY A 116 10.43 -9.55 -16.51
N GLY A 117 11.30 -9.71 -15.50
CA GLY A 117 12.68 -10.21 -15.62
C GLY A 117 13.76 -9.15 -15.85
N GLY A 118 13.39 -7.86 -15.88
CA GLY A 118 14.28 -6.71 -16.02
C GLY A 118 13.58 -5.43 -15.57
N SER A 119 13.42 -5.26 -14.25
CA SER A 119 12.84 -4.07 -13.61
C SER A 119 13.40 -3.87 -12.20
N GLY A 120 13.10 -2.73 -11.57
CA GLY A 120 13.58 -2.30 -10.25
C GLY A 120 14.99 -1.69 -10.24
N GLN A 121 15.86 -2.09 -11.18
CA GLN A 121 17.24 -1.62 -11.37
C GLN A 121 17.52 -1.18 -12.81
N SER A 122 18.68 -0.54 -13.02
CA SER A 122 19.11 0.07 -14.29
C SER A 122 20.45 -0.47 -14.84
N GLY A 123 21.27 -1.10 -14.00
CA GLY A 123 22.59 -1.61 -14.38
C GLY A 123 23.29 -2.40 -13.25
N PRO A 124 23.80 -1.73 -12.20
CA PRO A 124 24.38 -2.39 -11.03
C PRO A 124 23.29 -3.09 -10.18
N ILE A 125 23.71 -4.00 -9.30
CA ILE A 125 22.86 -4.71 -8.33
C ILE A 125 23.41 -4.60 -6.90
N LYS A 126 22.53 -4.38 -5.92
CA LYS A 126 22.84 -4.31 -4.47
C LYS A 126 21.82 -5.06 -3.60
N LEU A 127 22.22 -5.44 -2.39
CA LEU A 127 21.34 -6.04 -1.38
C LEU A 127 20.47 -4.97 -0.67
N GLY A 128 19.49 -5.43 0.12
CA GLY A 128 18.69 -4.60 1.03
C GLY A 128 17.87 -5.44 2.02
N MET A 129 17.47 -4.83 3.15
CA MET A 129 16.55 -5.45 4.12
C MET A 129 15.08 -5.38 3.66
N ALA A 130 14.26 -6.28 4.19
CA ALA A 130 12.80 -6.34 3.99
C ALA A 130 12.08 -6.83 5.25
N LYS A 131 11.57 -5.91 6.08
CA LYS A 131 10.77 -6.19 7.28
C LYS A 131 9.48 -5.35 7.31
N ILE A 132 8.56 -5.69 8.22
CA ILE A 132 7.29 -4.97 8.49
C ILE A 132 7.55 -3.51 8.94
N THR A 133 6.61 -2.60 8.65
CA THR A 133 6.71 -1.15 8.92
C THR A 133 5.51 -0.68 9.77
N GLN A 134 5.70 -0.61 11.08
CA GLN A 134 4.71 -0.04 12.02
C GLN A 134 5.04 1.43 12.37
N VAL A 135 4.00 2.22 12.64
CA VAL A 135 4.04 3.65 13.00
C VAL A 135 2.96 3.92 14.05
N ASP A 136 3.38 4.05 15.32
CA ASP A 136 2.50 4.33 16.46
C ASP A 136 3.17 5.26 17.48
N PHE A 137 2.61 6.46 17.65
CA PHE A 137 3.09 7.50 18.57
C PHE A 137 1.93 8.11 19.38
N PRO A 138 1.51 7.47 20.49
CA PRO A 138 0.44 8.00 21.34
C PRO A 138 0.83 9.32 22.04
N PRO A 139 -0.14 10.07 22.62
CA PRO A 139 0.11 11.36 23.26
C PRO A 139 0.93 11.28 24.56
N ARG A 140 0.94 10.12 25.22
CA ARG A 140 1.69 9.79 26.45
C ARG A 140 2.69 8.65 26.20
N GLU A 141 3.42 8.23 27.23
CA GLU A 141 4.28 7.03 27.23
C GLU A 141 3.51 5.72 26.98
N ILE A 142 4.25 4.63 26.78
CA ILE A 142 3.73 3.28 26.51
C ILE A 142 4.15 2.26 27.58
N VAL A 143 3.53 1.07 27.55
CA VAL A 143 3.80 -0.08 28.44
C VAL A 143 4.89 -0.99 27.85
N GLY B 1 -8.78 -4.09 -25.12
CA GLY B 1 -7.89 -4.69 -26.14
C GLY B 1 -8.14 -6.18 -26.30
N SER B 2 -7.50 -6.81 -27.30
CA SER B 2 -7.72 -8.19 -27.76
C SER B 2 -7.33 -9.31 -26.76
N MET B 3 -6.86 -8.97 -25.55
CA MET B 3 -6.47 -9.91 -24.51
C MET B 3 -7.57 -10.94 -24.18
N GLU B 4 -8.85 -10.54 -24.20
CA GLU B 4 -10.00 -11.39 -23.85
C GLU B 4 -10.19 -12.64 -24.73
N ASP B 5 -9.54 -12.73 -25.91
CA ASP B 5 -9.53 -13.93 -26.75
C ASP B 5 -8.77 -15.12 -26.11
N TYR B 6 -7.89 -14.88 -25.14
CA TYR B 6 -7.08 -15.89 -24.46
C TYR B 6 -7.06 -15.66 -22.94
N GLN B 7 -7.32 -16.73 -22.17
CA GLN B 7 -7.40 -16.67 -20.71
C GLN B 7 -6.79 -17.93 -20.07
N ALA B 8 -5.92 -17.72 -19.08
CA ALA B 8 -5.27 -18.78 -18.31
C ALA B 8 -6.24 -19.50 -17.36
N ALA B 9 -5.73 -20.51 -16.65
CA ALA B 9 -6.43 -21.26 -15.61
C ALA B 9 -6.84 -20.35 -14.42
N GLU B 10 -8.10 -19.89 -14.39
CA GLU B 10 -8.66 -19.15 -13.24
C GLU B 10 -8.95 -20.07 -12.04
N GLU B 11 -9.01 -21.39 -12.24
CA GLU B 11 -9.25 -22.38 -11.17
C GLU B 11 -8.15 -22.43 -10.08
N THR B 12 -6.91 -22.07 -10.42
CA THR B 12 -5.78 -21.96 -9.46
C THR B 12 -5.76 -20.61 -8.72
N ALA B 13 -6.33 -19.56 -9.30
CA ALA B 13 -6.55 -18.28 -8.62
C ALA B 13 -7.70 -18.39 -7.60
N PHE B 14 -7.48 -18.00 -6.35
CA PHE B 14 -8.54 -17.92 -5.34
C PHE B 14 -9.57 -16.83 -5.69
N VAL B 15 -10.72 -16.83 -5.01
CA VAL B 15 -11.78 -15.81 -5.15
C VAL B 15 -11.90 -14.94 -3.91
N VAL B 16 -12.22 -13.65 -4.10
CA VAL B 16 -12.39 -12.67 -3.01
C VAL B 16 -13.46 -13.10 -2.00
N ASP B 17 -14.56 -13.69 -2.50
CA ASP B 17 -15.67 -14.23 -1.71
C ASP B 17 -15.24 -15.35 -0.74
N GLU B 18 -14.20 -16.12 -1.09
CA GLU B 18 -13.60 -17.14 -0.23
C GLU B 18 -12.77 -16.48 0.87
N VAL B 19 -11.75 -15.71 0.50
CA VAL B 19 -10.82 -15.02 1.42
C VAL B 19 -11.55 -14.13 2.43
N SER B 20 -12.56 -13.40 1.98
CA SER B 20 -13.44 -12.57 2.80
C SER B 20 -14.30 -13.37 3.80
N ASN B 21 -14.22 -14.70 3.78
CA ASN B 21 -14.81 -15.61 4.77
C ASN B 21 -13.74 -16.37 5.59
N ILE B 22 -12.58 -16.71 4.99
CA ILE B 22 -11.40 -17.25 5.71
C ILE B 22 -11.04 -16.34 6.88
N VAL B 23 -11.05 -15.02 6.69
CA VAL B 23 -10.77 -14.08 7.78
C VAL B 23 -11.75 -14.21 8.96
N LYS B 24 -13.05 -14.37 8.72
CA LYS B 24 -14.04 -14.55 9.79
C LYS B 24 -13.83 -15.85 10.54
N GLU B 25 -13.74 -16.98 9.83
CA GLU B 25 -13.56 -18.29 10.49
C GLU B 25 -12.23 -18.38 11.26
N ALA B 26 -11.16 -17.73 10.76
CA ALA B 26 -9.88 -17.62 11.44
C ALA B 26 -9.91 -16.69 12.66
N ILE B 27 -10.65 -15.57 12.61
CA ILE B 27 -10.86 -14.70 13.78
C ILE B 27 -11.55 -15.48 14.89
N GLU B 28 -12.72 -16.07 14.65
CA GLU B 28 -13.45 -16.79 15.70
C GLU B 28 -12.66 -17.97 16.30
N SER B 29 -11.82 -18.63 15.50
CA SER B 29 -10.84 -19.61 15.97
C SER B 29 -9.84 -19.02 16.98
N ALA B 30 -9.28 -17.83 16.69
CA ALA B 30 -8.39 -17.10 17.60
C ALA B 30 -9.10 -16.56 18.87
N ILE B 31 -10.37 -16.13 18.76
CA ILE B 31 -11.21 -15.73 19.91
C ILE B 31 -11.45 -16.91 20.86
N GLY B 32 -11.76 -18.10 20.30
CA GLY B 32 -12.04 -19.33 21.07
C GLY B 32 -13.34 -19.29 21.90
N GLY B 33 -14.22 -18.31 21.65
CA GLY B 33 -15.43 -18.04 22.44
C GLY B 33 -15.20 -17.30 23.76
N ASN B 34 -14.00 -16.76 24.00
CA ASN B 34 -13.66 -15.95 25.18
C ASN B 34 -14.46 -14.64 25.26
N ALA B 35 -14.41 -13.96 26.41
CA ALA B 35 -14.90 -12.61 26.64
C ALA B 35 -14.29 -11.60 25.65
N TYR B 36 -15.08 -11.22 24.65
CA TYR B 36 -14.78 -10.18 23.66
C TYR B 36 -14.47 -8.82 24.30
N GLN B 37 -13.45 -8.11 23.78
CA GLN B 37 -13.00 -6.80 24.27
C GLN B 37 -12.52 -5.90 23.12
N HIS B 38 -12.53 -4.57 23.31
CA HIS B 38 -12.05 -3.60 22.32
C HIS B 38 -10.59 -3.81 21.92
N SER B 39 -9.67 -3.86 22.89
CA SER B 39 -8.23 -4.05 22.65
C SER B 39 -7.88 -5.44 22.13
N LYS B 40 -8.69 -6.46 22.46
CA LYS B 40 -8.58 -7.80 21.87
C LYS B 40 -8.72 -7.78 20.34
N VAL B 41 -9.70 -7.06 19.80
CA VAL B 41 -9.90 -6.97 18.34
C VAL B 41 -8.65 -6.46 17.61
N ASN B 42 -7.89 -5.53 18.22
CA ASN B 42 -6.65 -4.98 17.66
C ASN B 42 -5.57 -6.08 17.51
N GLN B 43 -5.33 -6.88 18.56
CA GLN B 43 -4.44 -8.04 18.46
C GLN B 43 -4.98 -9.16 17.54
N TRP B 44 -6.29 -9.24 17.33
CA TRP B 44 -6.92 -10.27 16.50
C TRP B 44 -6.79 -9.94 15.02
N THR B 45 -7.19 -8.73 14.59
CA THR B 45 -7.03 -8.29 13.20
C THR B 45 -5.58 -8.37 12.73
N THR B 46 -4.59 -8.12 13.61
CA THR B 46 -3.17 -8.35 13.24
C THR B 46 -2.79 -9.84 13.25
N ASN B 47 -2.97 -10.58 14.36
CA ASN B 47 -2.56 -11.99 14.52
C ASN B 47 -3.17 -12.93 13.48
N VAL B 48 -4.44 -12.69 13.13
CA VAL B 48 -5.19 -13.49 12.15
C VAL B 48 -4.57 -13.35 10.79
N VAL B 49 -4.59 -12.13 10.23
CA VAL B 49 -4.03 -11.80 8.92
C VAL B 49 -2.57 -12.27 8.83
N GLU B 50 -1.85 -12.34 9.96
CA GLU B 50 -0.44 -12.79 10.02
C GLU B 50 -0.24 -14.23 9.52
N GLN B 51 -1.22 -15.13 9.75
CA GLN B 51 -1.22 -16.53 9.32
C GLN B 51 -2.26 -16.81 8.23
N THR B 52 -3.43 -16.19 8.32
CA THR B 52 -4.55 -16.23 7.37
C THR B 52 -4.11 -15.82 5.97
N LEU B 53 -3.48 -14.65 5.83
CA LEU B 53 -3.00 -14.18 4.52
C LEU B 53 -1.97 -15.14 3.90
N SER B 54 -1.13 -15.76 4.74
CA SER B 54 -0.18 -16.80 4.33
C SER B 54 -0.86 -18.13 3.96
N GLN B 55 -1.99 -18.47 4.58
CA GLN B 55 -2.83 -19.65 4.29
C GLN B 55 -3.57 -19.54 2.95
N LEU B 56 -4.30 -18.46 2.70
CA LEU B 56 -5.02 -18.23 1.44
C LEU B 56 -4.11 -18.09 0.21
N THR B 57 -2.88 -17.63 0.41
CA THR B 57 -1.81 -17.66 -0.60
C THR B 57 -1.54 -19.11 -1.07
N LYS B 58 -1.76 -20.10 -0.20
CA LYS B 58 -1.59 -21.53 -0.53
C LYS B 58 -2.85 -22.14 -1.14
N LEU B 59 -4.02 -21.71 -0.68
CA LEU B 59 -5.33 -22.16 -1.18
C LEU B 59 -5.59 -21.70 -2.64
N GLY B 60 -4.93 -20.63 -3.08
CA GLY B 60 -4.88 -20.19 -4.48
C GLY B 60 -3.51 -20.46 -5.12
N LYS B 61 -2.78 -19.38 -5.45
CA LYS B 61 -1.55 -19.40 -6.27
C LYS B 61 -0.44 -18.48 -5.71
N PRO B 62 0.85 -18.76 -6.00
CA PRO B 62 1.98 -17.95 -5.53
C PRO B 62 2.11 -16.63 -6.30
N PHE B 63 1.92 -15.51 -5.58
CA PHE B 63 2.16 -14.13 -6.04
C PHE B 63 2.56 -13.22 -4.85
N LYS B 64 2.96 -11.97 -5.13
CA LYS B 64 3.07 -10.92 -4.09
C LYS B 64 1.69 -10.47 -3.63
N TYR B 65 1.52 -10.40 -2.31
CA TYR B 65 0.39 -9.79 -1.63
C TYR B 65 0.91 -8.82 -0.56
N ILE B 66 0.17 -7.74 -0.31
CA ILE B 66 0.44 -6.74 0.73
C ILE B 66 -0.82 -6.54 1.57
N VAL B 67 -0.63 -6.11 2.81
CA VAL B 67 -1.69 -5.69 3.73
C VAL B 67 -1.31 -4.42 4.46
N THR B 68 -2.33 -3.65 4.81
CA THR B 68 -2.25 -2.46 5.66
C THR B 68 -3.41 -2.43 6.65
N CYS B 69 -3.22 -1.82 7.81
CA CYS B 69 -4.31 -1.50 8.74
C CYS B 69 -4.09 -0.18 9.50
N VAL B 70 -5.20 0.45 9.89
CA VAL B 70 -5.24 1.75 10.58
C VAL B 70 -6.22 1.68 11.74
N ILE B 71 -5.69 1.79 12.96
CA ILE B 71 -6.41 1.71 14.23
C ILE B 71 -6.48 3.13 14.81
N MET B 72 -7.56 3.83 14.47
CA MET B 72 -7.88 5.19 14.91
C MET B 72 -8.87 5.13 16.08
N GLN B 73 -8.64 5.92 17.14
CA GLN B 73 -9.48 5.91 18.33
C GLN B 73 -10.76 6.76 18.15
N LYS B 74 -11.87 6.32 18.76
CA LYS B 74 -13.21 6.95 18.65
C LYS B 74 -13.37 8.25 19.47
N ASN B 75 -12.32 8.66 20.18
CA ASN B 75 -12.18 9.97 20.86
C ASN B 75 -12.39 11.19 19.93
N GLY B 76 -12.24 11.01 18.61
CA GLY B 76 -12.41 12.04 17.58
C GLY B 76 -11.10 12.69 17.09
N ALA B 77 -9.98 12.46 17.80
CA ALA B 77 -8.64 12.89 17.42
C ALA B 77 -8.09 12.07 16.24
N GLY B 78 -8.35 12.51 15.01
CA GLY B 78 -7.81 11.92 13.77
C GLY B 78 -6.63 12.70 13.18
N LEU B 79 -6.27 12.33 11.95
CA LEU B 79 -5.11 12.79 11.18
C LEU B 79 -5.45 13.00 9.69
N HIS B 80 -4.48 13.34 8.84
CA HIS B 80 -4.66 13.44 7.37
C HIS B 80 -3.97 12.25 6.67
N THR B 81 -4.72 11.26 6.20
CA THR B 81 -4.20 10.10 5.45
C THR B 81 -4.70 10.13 4.01
N ALA B 82 -3.82 9.90 3.05
CA ALA B 82 -4.19 9.84 1.64
C ALA B 82 -3.45 8.71 0.91
N SER B 83 -4.17 7.73 0.37
CA SER B 83 -3.60 6.67 -0.45
C SER B 83 -4.21 6.68 -1.86
N SER B 84 -3.37 6.48 -2.88
CA SER B 84 -3.81 6.27 -4.26
C SER B 84 -4.16 4.80 -4.53
N CYS B 85 -4.45 4.03 -3.48
CA CYS B 85 -5.05 2.71 -3.59
C CYS B 85 -6.46 2.76 -4.19
N PHE B 86 -6.95 1.61 -4.66
CA PHE B 86 -8.21 1.44 -5.37
C PHE B 86 -8.63 -0.04 -5.37
N TRP B 87 -9.92 -0.32 -5.18
CA TRP B 87 -10.45 -1.68 -5.29
C TRP B 87 -10.42 -2.16 -6.75
N ASP B 88 -10.31 -3.47 -6.96
CA ASP B 88 -10.51 -4.16 -8.24
C ASP B 88 -11.33 -5.45 -8.03
N SER B 89 -12.10 -5.87 -9.06
CA SER B 89 -12.86 -7.11 -9.06
C SER B 89 -12.45 -8.07 -10.19
N SER B 90 -12.64 -7.69 -11.47
CA SER B 90 -12.12 -8.44 -12.62
C SER B 90 -10.65 -8.11 -12.93
N THR B 91 -10.25 -6.86 -12.73
CA THR B 91 -8.96 -6.30 -13.15
C THR B 91 -7.77 -6.88 -12.36
N ASP B 92 -7.96 -7.13 -11.06
CA ASP B 92 -6.98 -7.71 -10.12
C ASP B 92 -7.69 -8.24 -8.85
N GLY B 93 -6.94 -8.80 -7.90
CA GLY B 93 -7.42 -9.27 -6.61
C GLY B 93 -7.20 -8.25 -5.48
N SER B 94 -8.22 -8.03 -4.66
CA SER B 94 -8.16 -7.27 -3.39
C SER B 94 -9.21 -7.80 -2.41
N CYS B 95 -8.93 -7.74 -1.10
CA CYS B 95 -9.80 -8.25 -0.04
C CYS B 95 -9.59 -7.48 1.28
N THR B 96 -10.65 -6.87 1.81
CA THR B 96 -10.61 -5.96 2.97
C THR B 96 -11.68 -6.29 4.02
N VAL B 97 -11.42 -5.99 5.29
CA VAL B 97 -12.20 -6.41 6.46
C VAL B 97 -12.29 -5.27 7.47
N ARG B 98 -13.47 -5.10 8.09
CA ARG B 98 -13.77 -4.01 9.04
C ARG B 98 -14.35 -4.54 10.35
N TRP B 99 -13.80 -4.09 11.48
CA TRP B 99 -14.16 -4.53 12.83
C TRP B 99 -14.22 -3.33 13.80
N GLU B 100 -15.43 -2.91 14.13
CA GLU B 100 -15.69 -1.82 15.08
C GLU B 100 -15.64 -2.31 16.54
N ASN B 101 -15.24 -1.44 17.48
CA ASN B 101 -15.10 -1.72 18.90
C ASN B 101 -15.93 -0.73 19.75
N LYS B 102 -15.87 -0.83 21.09
CA LYS B 102 -16.54 0.08 22.05
C LYS B 102 -16.19 1.55 21.85
N THR B 103 -14.93 1.90 22.11
CA THR B 103 -14.35 3.26 22.04
C THR B 103 -13.20 3.37 21.03
N MET B 104 -13.07 2.38 20.15
CA MET B 104 -12.08 2.29 19.06
C MET B 104 -12.72 1.67 17.81
N TYR B 105 -11.98 1.60 16.71
CA TYR B 105 -12.28 0.71 15.58
C TYR B 105 -10.98 0.35 14.84
N CYS B 106 -11.01 -0.75 14.10
CA CYS B 106 -9.90 -1.18 13.26
C CYS B 106 -10.40 -1.60 11.86
N ILE B 107 -9.59 -1.31 10.85
CA ILE B 107 -9.83 -1.67 9.45
C ILE B 107 -8.53 -2.23 8.85
N VAL B 108 -8.62 -3.36 8.16
CA VAL B 108 -7.51 -4.00 7.45
C VAL B 108 -7.86 -4.20 5.99
N SER B 109 -6.88 -4.01 5.10
CA SER B 109 -7.05 -4.16 3.66
C SER B 109 -5.88 -4.94 3.06
N ALA B 110 -6.15 -5.76 2.04
CA ALA B 110 -5.17 -6.57 1.33
C ALA B 110 -5.29 -6.40 -0.20
N PHE B 111 -4.15 -6.44 -0.87
CA PHE B 111 -3.99 -6.25 -2.32
C PHE B 111 -3.10 -7.34 -2.92
N GLY B 112 -3.36 -7.71 -4.18
CA GLY B 112 -2.65 -8.76 -4.93
C GLY B 112 -2.57 -8.46 -6.42
N LEU B 113 -1.53 -7.72 -6.83
CA LEU B 113 -1.29 -7.29 -8.21
C LEU B 113 -0.65 -8.43 -9.04
N SER B 114 -1.34 -8.87 -10.09
CA SER B 114 -1.05 -10.08 -10.87
C SER B 114 -1.29 -9.88 -12.37
N ILE B 115 -0.24 -10.04 -13.20
CA ILE B 115 -0.29 -9.82 -14.66
C ILE B 115 -0.16 -11.09 -15.52
N GLY B 116 -0.18 -12.28 -14.90
CA GLY B 116 0.04 -13.59 -15.55
C GLY B 116 -1.06 -14.08 -16.52
N GLY B 117 -2.16 -13.34 -16.69
CA GLY B 117 -3.23 -13.62 -17.68
C GLY B 117 -4.39 -14.48 -17.17
N GLY B 118 -4.36 -14.87 -15.89
CA GLY B 118 -5.40 -15.64 -15.19
C GLY B 118 -5.24 -15.52 -13.67
N SER B 119 -5.62 -14.37 -13.13
CA SER B 119 -5.63 -14.07 -11.70
C SER B 119 -6.69 -13.00 -11.35
N GLY B 120 -6.93 -12.77 -10.06
CA GLY B 120 -7.95 -11.85 -9.52
C GLY B 120 -9.37 -12.43 -9.47
N GLN B 121 -9.71 -13.35 -10.38
CA GLN B 121 -11.01 -14.03 -10.49
C GLN B 121 -10.86 -15.56 -10.57
N SER B 122 -11.99 -16.28 -10.44
CA SER B 122 -12.07 -17.74 -10.38
C SER B 122 -12.94 -18.38 -11.48
N GLY B 123 -13.82 -17.61 -12.12
CA GLY B 123 -14.74 -18.11 -13.16
C GLY B 123 -15.57 -17.00 -13.83
N PRO B 124 -16.58 -16.42 -13.12
CA PRO B 124 -17.35 -15.28 -13.63
C PRO B 124 -16.50 -14.00 -13.65
N ILE B 125 -16.96 -12.99 -14.41
CA ILE B 125 -16.35 -11.64 -14.49
C ILE B 125 -17.39 -10.55 -14.23
N LYS B 126 -17.00 -9.52 -13.47
CA LYS B 126 -17.81 -8.32 -13.15
C LYS B 126 -17.01 -7.02 -13.23
N LEU B 127 -17.71 -5.89 -13.41
CA LEU B 127 -17.11 -4.54 -13.38
C LEU B 127 -16.86 -4.06 -11.93
N GLY B 128 -16.15 -2.94 -11.78
CA GLY B 128 -15.97 -2.20 -10.53
C GLY B 128 -15.36 -0.81 -10.74
N MET B 129 -15.57 0.09 -9.77
CA MET B 129 -14.94 1.42 -9.74
C MET B 129 -13.46 1.35 -9.29
N ALA B 130 -12.67 2.37 -9.66
CA ALA B 130 -11.29 2.57 -9.24
C ALA B 130 -10.96 4.06 -9.10
N LYS B 131 -11.04 4.60 -7.88
CA LYS B 131 -10.67 5.99 -7.53
C LYS B 131 -9.73 6.04 -6.32
N ILE B 132 -9.15 7.22 -6.05
CA ILE B 132 -8.28 7.53 -4.90
C ILE B 132 -9.02 7.31 -3.56
N THR B 133 -8.28 6.95 -2.49
CA THR B 133 -8.82 6.66 -1.15
C THR B 133 -8.15 7.54 -0.09
N GLN B 134 -8.72 8.72 0.15
CA GLN B 134 -8.35 9.60 1.26
C GLN B 134 -9.25 9.35 2.49
N VAL B 135 -8.70 9.59 3.67
CA VAL B 135 -9.36 9.49 4.98
C VAL B 135 -8.76 10.52 5.95
N ASP B 136 -9.55 11.55 6.26
CA ASP B 136 -9.19 12.66 7.13
C ASP B 136 -10.39 13.11 8.00
N PHE B 137 -10.28 12.89 9.31
CA PHE B 137 -11.32 13.22 10.30
C PHE B 137 -10.74 14.02 11.47
N PRO B 138 -10.60 15.36 11.34
CA PRO B 138 -10.09 16.22 12.42
C PRO B 138 -11.04 16.27 13.64
N PRO B 139 -10.57 16.78 14.80
CA PRO B 139 -11.37 16.83 16.03
C PRO B 139 -12.52 17.84 16.01
N ARG B 140 -12.48 18.83 15.12
CA ARG B 140 -13.50 19.86 14.85
C ARG B 140 -14.02 19.78 13.41
N GLU B 141 -14.94 20.66 13.03
CA GLU B 141 -15.41 20.85 11.65
C GLU B 141 -14.29 21.28 10.68
N ILE B 142 -14.61 21.31 9.38
CA ILE B 142 -13.70 21.67 8.28
C ILE B 142 -14.20 22.88 7.48
N VAL B 143 -13.33 23.44 6.62
CA VAL B 143 -13.60 24.57 5.72
C VAL B 143 -14.11 24.09 4.36
N GLY A 1 7.96 -4.59 -23.13
CA GLY A 1 8.19 -4.16 -24.53
C GLY A 1 8.25 -5.34 -25.47
N SER A 2 9.40 -6.03 -25.54
CA SER A 2 9.69 -7.18 -26.44
C SER A 2 8.86 -8.45 -26.20
N MET A 3 7.55 -8.38 -26.46
CA MET A 3 6.59 -9.49 -26.43
C MET A 3 6.80 -10.48 -27.60
N GLU A 4 6.39 -10.10 -28.82
CA GLU A 4 6.37 -10.98 -30.00
C GLU A 4 7.54 -10.72 -30.97
N ASP A 5 7.56 -9.54 -31.58
CA ASP A 5 8.56 -9.02 -32.51
C ASP A 5 9.02 -7.60 -32.11
N TYR A 6 8.47 -7.09 -31.00
CA TYR A 6 8.82 -5.79 -30.41
C TYR A 6 10.24 -5.77 -29.81
N GLN A 7 10.72 -4.59 -29.42
CA GLN A 7 12.04 -4.35 -28.84
C GLN A 7 11.95 -3.55 -27.52
N ALA A 8 13.01 -3.63 -26.70
CA ALA A 8 13.15 -2.95 -25.41
C ALA A 8 14.26 -1.89 -25.47
N ALA A 9 13.92 -0.70 -25.97
CA ALA A 9 14.83 0.45 -26.01
C ALA A 9 15.23 0.94 -24.60
N GLU A 10 16.41 1.54 -24.46
CA GLU A 10 16.94 1.96 -23.15
C GLU A 10 16.51 3.39 -22.75
N GLU A 11 16.15 4.24 -23.72
CA GLU A 11 15.68 5.63 -23.48
C GLU A 11 14.27 5.71 -22.85
N THR A 12 13.45 4.67 -23.03
CA THR A 12 12.11 4.48 -22.44
C THR A 12 12.16 3.71 -21.11
N ALA A 13 13.29 3.07 -20.79
CA ALA A 13 13.53 2.49 -19.46
C ALA A 13 13.68 3.60 -18.39
N PHE A 14 13.49 3.22 -17.13
CA PHE A 14 13.50 4.11 -15.96
C PHE A 14 14.23 3.44 -14.77
N VAL A 15 14.53 4.21 -13.73
CA VAL A 15 15.23 3.76 -12.52
C VAL A 15 14.71 4.52 -11.30
N VAL A 16 14.75 3.93 -10.11
CA VAL A 16 14.24 4.55 -8.87
C VAL A 16 14.96 5.87 -8.56
N ASP A 17 16.26 5.96 -8.86
CA ASP A 17 17.05 7.19 -8.70
C ASP A 17 16.55 8.36 -9.58
N GLU A 18 15.87 8.07 -10.70
CA GLU A 18 15.14 9.06 -11.50
C GLU A 18 13.80 9.40 -10.86
N VAL A 19 12.93 8.40 -10.63
CA VAL A 19 11.59 8.54 -10.03
C VAL A 19 11.62 9.34 -8.72
N SER A 20 12.58 9.03 -7.85
CA SER A 20 12.84 9.69 -6.57
C SER A 20 13.33 11.14 -6.71
N ASN A 21 13.67 11.61 -7.92
CA ASN A 21 13.98 13.01 -8.24
C ASN A 21 12.80 13.73 -8.94
N ILE A 22 11.97 13.02 -9.73
CA ILE A 22 10.71 13.54 -10.31
C ILE A 22 9.86 14.20 -9.22
N VAL A 23 9.75 13.56 -8.05
CA VAL A 23 9.01 14.12 -6.92
C VAL A 23 9.59 15.45 -6.41
N LYS A 24 10.91 15.60 -6.26
CA LYS A 24 11.51 16.86 -5.77
C LYS A 24 11.31 17.99 -6.77
N GLU A 25 11.63 17.77 -8.05
CA GLU A 25 11.47 18.83 -9.06
C GLU A 25 10.00 19.26 -9.25
N ALA A 26 9.06 18.31 -9.10
CA ALA A 26 7.62 18.59 -9.12
C ALA A 26 7.13 19.33 -7.86
N ILE A 27 7.63 18.97 -6.65
CA ILE A 27 7.33 19.71 -5.42
C ILE A 27 7.75 21.17 -5.56
N GLU A 28 9.02 21.46 -5.88
CA GLU A 28 9.50 22.83 -5.95
C GLU A 28 8.75 23.70 -6.98
N SER A 29 8.29 23.09 -8.08
CA SER A 29 7.37 23.72 -9.05
C SER A 29 6.03 24.13 -8.41
N ALA A 30 5.42 23.26 -7.61
CA ALA A 30 4.19 23.54 -6.86
C ALA A 30 4.38 24.55 -5.71
N ILE A 31 5.55 24.55 -5.04
CA ILE A 31 5.91 25.55 -4.02
C ILE A 31 5.96 26.97 -4.61
N GLY A 32 6.56 27.12 -5.80
CA GLY A 32 6.73 28.42 -6.48
C GLY A 32 7.97 29.22 -6.05
N GLY A 33 8.92 28.60 -5.33
CA GLY A 33 10.22 29.17 -4.96
C GLY A 33 10.44 29.46 -3.47
N ASN A 34 9.43 29.26 -2.61
CA ASN A 34 9.55 29.29 -1.15
C ASN A 34 10.35 28.09 -0.59
N ALA A 35 10.52 28.00 0.73
CA ALA A 35 11.26 26.94 1.43
C ALA A 35 10.32 25.86 2.00
N TYR A 36 10.79 25.13 3.01
CA TYR A 36 9.96 24.33 3.93
C TYR A 36 8.80 25.15 4.54
N GLN A 37 7.75 24.46 5.00
CA GLN A 37 6.54 25.06 5.59
C GLN A 37 5.89 24.14 6.63
N HIS A 38 4.74 24.54 7.19
CA HIS A 38 3.95 23.76 8.16
C HIS A 38 2.86 22.95 7.41
N SER A 39 1.60 23.43 7.42
CA SER A 39 0.46 22.79 6.74
C SER A 39 0.55 22.83 5.21
N LYS A 40 1.28 23.78 4.62
CA LYS A 40 1.48 23.90 3.17
C LYS A 40 2.07 22.63 2.53
N VAL A 41 3.04 22.00 3.20
CA VAL A 41 3.66 20.74 2.75
C VAL A 41 2.65 19.60 2.64
N ASN A 42 1.58 19.60 3.46
CA ASN A 42 0.47 18.64 3.36
C ASN A 42 -0.29 18.77 2.01
N GLN A 43 -0.64 20.00 1.60
CA GLN A 43 -1.24 20.22 0.27
C GLN A 43 -0.26 19.93 -0.88
N TRP A 44 1.06 20.06 -0.66
CA TRP A 44 2.07 19.82 -1.68
C TRP A 44 2.29 18.33 -1.91
N THR A 45 2.58 17.56 -0.85
CA THR A 45 2.75 16.10 -0.95
C THR A 45 1.52 15.40 -1.54
N THR A 46 0.29 15.93 -1.35
CA THR A 46 -0.90 15.39 -2.04
C THR A 46 -1.00 15.89 -3.49
N ASN A 47 -0.96 17.21 -3.76
CA ASN A 47 -1.08 17.79 -5.10
C ASN A 47 -0.04 17.27 -6.10
N VAL A 48 1.19 17.08 -5.63
CA VAL A 48 2.33 16.61 -6.43
C VAL A 48 2.09 15.19 -6.87
N VAL A 49 2.05 14.26 -5.91
CA VAL A 49 1.84 12.83 -6.15
C VAL A 49 0.61 12.60 -7.06
N GLU A 50 -0.38 13.49 -7.01
CA GLU A 50 -1.57 13.42 -7.88
C GLU A 50 -1.23 13.38 -9.38
N GLN A 51 -0.34 14.28 -9.84
CA GLN A 51 0.13 14.37 -11.23
C GLN A 51 1.49 13.68 -11.45
N THR A 52 2.40 13.78 -10.49
CA THR A 52 3.72 13.14 -10.48
C THR A 52 3.64 11.63 -10.63
N LEU A 53 2.85 10.95 -9.79
CA LEU A 53 2.71 9.49 -9.86
C LEU A 53 2.13 9.05 -11.23
N SER A 54 1.16 9.80 -11.75
CA SER A 54 0.61 9.51 -13.09
C SER A 54 1.60 9.82 -14.24
N GLN A 55 2.52 10.77 -14.06
CA GLN A 55 3.62 11.14 -14.98
C GLN A 55 4.78 10.13 -14.99
N LEU A 56 5.33 9.76 -13.83
CA LEU A 56 6.47 8.82 -13.75
C LEU A 56 6.11 7.40 -14.25
N THR A 57 4.84 7.02 -14.13
CA THR A 57 4.26 5.82 -14.76
C THR A 57 4.48 5.83 -16.27
N LYS A 58 4.47 7.02 -16.89
CA LYS A 58 4.69 7.20 -18.34
C LYS A 58 6.17 7.29 -18.73
N LEU A 59 7.02 7.77 -17.82
CA LEU A 59 8.47 7.80 -17.99
C LEU A 59 9.11 6.40 -17.91
N GLY A 60 8.45 5.47 -17.23
CA GLY A 60 8.74 4.05 -17.19
C GLY A 60 7.79 3.24 -18.06
N LYS A 61 7.40 2.07 -17.57
CA LYS A 61 6.53 1.09 -18.27
C LYS A 61 5.15 0.92 -17.58
N PRO A 62 4.12 0.49 -18.32
CA PRO A 62 2.78 0.24 -17.80
C PRO A 62 2.75 -1.02 -16.92
N PHE A 63 2.55 -0.84 -15.60
CA PHE A 63 2.43 -1.91 -14.62
C PHE A 63 1.42 -1.53 -13.51
N LYS A 64 1.13 -2.46 -12.60
CA LYS A 64 0.49 -2.17 -11.30
C LYS A 64 1.43 -1.32 -10.42
N TYR A 65 0.95 -0.17 -9.97
CA TYR A 65 1.55 0.72 -8.97
C TYR A 65 0.56 0.98 -7.83
N ILE A 66 1.04 1.51 -6.72
CA ILE A 66 0.27 1.87 -5.52
C ILE A 66 0.96 3.02 -4.79
N VAL A 67 0.19 3.80 -4.02
CA VAL A 67 0.71 4.77 -3.05
C VAL A 67 -0.07 4.72 -1.75
N THR A 68 0.64 5.00 -0.66
CA THR A 68 0.08 5.21 0.68
C THR A 68 0.92 6.24 1.44
N CYS A 69 0.28 7.28 1.98
CA CYS A 69 0.93 8.26 2.84
C CYS A 69 0.17 8.45 4.17
N VAL A 70 0.90 8.91 5.19
CA VAL A 70 0.36 9.25 6.51
C VAL A 70 1.06 10.52 7.02
N ILE A 71 0.24 11.53 7.32
CA ILE A 71 0.60 12.89 7.70
C ILE A 71 0.02 13.15 9.09
N MET A 72 0.89 13.37 10.07
CA MET A 72 0.50 13.45 11.48
C MET A 72 1.18 14.62 12.21
N GLN A 73 0.49 15.12 13.24
CA GLN A 73 0.78 16.36 13.94
C GLN A 73 1.43 16.12 15.31
N LYS A 74 2.71 16.49 15.38
CA LYS A 74 3.61 16.36 16.53
C LYS A 74 3.20 17.25 17.73
N ASN A 75 2.18 18.10 17.52
CA ASN A 75 1.37 18.78 18.53
C ASN A 75 0.79 17.85 19.62
N GLY A 76 0.59 16.56 19.32
CA GLY A 76 0.13 15.55 20.30
C GLY A 76 -0.83 14.46 19.79
N ALA A 77 -1.11 14.39 18.48
CA ALA A 77 -2.01 13.39 17.89
C ALA A 77 -1.52 11.94 18.13
N GLY A 78 -2.41 11.08 18.62
CA GLY A 78 -2.14 9.67 18.97
C GLY A 78 -3.02 8.68 18.20
N LEU A 79 -2.40 7.89 17.31
CA LEU A 79 -3.05 6.93 16.41
C LEU A 79 -2.18 5.67 16.16
N HIS A 80 -2.74 4.66 15.49
CA HIS A 80 -2.07 3.41 15.10
C HIS A 80 -2.14 3.22 13.57
N THR A 81 -1.01 2.92 12.93
CA THR A 81 -0.90 2.64 11.49
C THR A 81 0.11 1.53 11.27
N ALA A 82 -0.07 0.69 10.25
CA ALA A 82 0.91 -0.36 9.92
C ALA A 82 0.99 -0.61 8.41
N SER A 83 2.14 -1.08 7.95
CA SER A 83 2.40 -1.35 6.53
C SER A 83 3.50 -2.39 6.29
N SER A 84 3.54 -2.90 5.06
CA SER A 84 4.61 -3.77 4.54
C SER A 84 5.40 -3.13 3.37
N CYS A 85 5.18 -1.84 3.13
CA CYS A 85 5.75 -1.09 2.00
C CYS A 85 7.24 -0.76 2.21
N PHE A 86 8.11 -1.45 1.47
CA PHE A 86 9.57 -1.33 1.57
C PHE A 86 10.19 -1.07 0.19
N TRP A 87 11.34 -0.39 0.20
CA TRP A 87 12.18 -0.19 -0.98
C TRP A 87 12.84 -1.52 -1.38
N ASP A 88 13.03 -1.71 -2.68
CA ASP A 88 13.82 -2.78 -3.28
C ASP A 88 14.60 -2.22 -4.50
N SER A 89 15.77 -2.82 -4.80
CA SER A 89 16.63 -2.48 -5.95
C SER A 89 16.75 -3.65 -6.94
N SER A 90 17.35 -4.76 -6.50
CA SER A 90 17.57 -5.97 -7.32
C SER A 90 16.38 -6.95 -7.29
N THR A 91 15.62 -6.96 -6.19
CA THR A 91 14.52 -7.91 -5.93
C THR A 91 13.25 -7.56 -6.72
N ASP A 92 12.81 -6.30 -6.58
CA ASP A 92 11.59 -5.68 -7.11
C ASP A 92 11.83 -4.16 -7.31
N GLY A 93 10.80 -3.40 -7.69
CA GLY A 93 10.84 -1.94 -7.90
C GLY A 93 9.84 -1.17 -7.03
N SER A 94 10.33 -0.18 -6.28
CA SER A 94 9.53 0.70 -5.40
C SER A 94 10.14 2.11 -5.31
N CYS A 95 9.41 3.10 -4.79
CA CYS A 95 9.91 4.47 -4.59
C CYS A 95 9.19 5.15 -3.41
N THR A 96 9.92 5.69 -2.43
CA THR A 96 9.34 6.29 -1.21
C THR A 96 9.98 7.64 -0.87
N VAL A 97 9.19 8.58 -0.34
CA VAL A 97 9.56 10.00 -0.18
C VAL A 97 9.16 10.49 1.21
N ARG A 98 10.03 11.30 1.83
CA ARG A 98 9.94 11.74 3.23
C ARG A 98 10.28 13.22 3.40
N TRP A 99 9.37 13.99 3.98
CA TRP A 99 9.45 15.45 4.18
C TRP A 99 9.02 15.82 5.61
N GLU A 100 10.01 16.12 6.44
CA GLU A 100 9.80 16.68 7.79
C GLU A 100 9.34 18.16 7.76
N ASN A 101 8.56 18.56 8.77
CA ASN A 101 8.06 19.93 8.96
C ASN A 101 8.39 20.42 10.39
N LYS A 102 7.99 21.66 10.74
CA LYS A 102 8.32 22.32 12.02
C LYS A 102 7.70 21.64 13.25
N THR A 103 6.40 21.36 13.18
CA THR A 103 5.58 20.70 14.23
C THR A 103 4.74 19.53 13.67
N MET A 104 5.06 19.09 12.46
CA MET A 104 4.41 18.00 11.70
C MET A 104 5.46 17.21 10.91
N TYR A 105 5.04 16.15 10.22
CA TYR A 105 5.86 15.44 9.23
C TYR A 105 4.95 14.72 8.21
N CYS A 106 5.47 14.46 7.01
CA CYS A 106 4.78 13.69 5.98
C CYS A 106 5.70 12.64 5.34
N ILE A 107 5.16 11.43 5.15
CA ILE A 107 5.84 10.30 4.49
C ILE A 107 4.88 9.64 3.49
N VAL A 108 5.34 9.43 2.24
CA VAL A 108 4.59 8.83 1.14
C VAL A 108 5.38 7.69 0.50
N SER A 109 4.88 6.47 0.69
CA SER A 109 5.52 5.25 0.23
C SER A 109 4.77 4.67 -0.97
N ALA A 110 5.46 4.51 -2.10
CA ALA A 110 4.93 3.99 -3.35
C ALA A 110 5.66 2.73 -3.80
N PHE A 111 4.98 1.99 -4.68
CA PHE A 111 5.48 0.79 -5.33
C PHE A 111 5.13 0.82 -6.83
N GLY A 112 5.89 0.09 -7.64
CA GLY A 112 5.78 0.15 -9.10
C GLY A 112 6.78 -0.79 -9.74
N LEU A 113 6.34 -2.03 -10.01
CA LEU A 113 7.20 -3.08 -10.56
C LEU A 113 7.68 -2.77 -11.98
N SER A 114 8.56 -3.61 -12.49
CA SER A 114 9.16 -3.50 -13.81
C SER A 114 8.85 -4.73 -14.69
N ILE A 115 8.97 -4.55 -16.00
CA ILE A 115 8.75 -5.54 -17.07
C ILE A 115 9.62 -6.80 -16.92
N GLY A 116 10.94 -6.61 -16.75
CA GLY A 116 11.91 -7.70 -16.49
C GLY A 116 12.75 -7.51 -15.24
N GLY A 117 12.97 -6.27 -14.78
CA GLY A 117 13.77 -5.93 -13.58
C GLY A 117 15.27 -6.27 -13.67
N GLY A 118 15.77 -6.65 -14.85
CA GLY A 118 17.12 -7.19 -15.09
C GLY A 118 17.78 -6.69 -16.37
N SER A 119 17.50 -5.44 -16.75
CA SER A 119 17.95 -4.77 -17.97
C SER A 119 18.63 -3.43 -17.63
N GLY A 120 19.92 -3.48 -17.29
CA GLY A 120 20.68 -2.32 -16.84
C GLY A 120 20.28 -1.80 -15.45
N GLN A 121 19.85 -2.71 -14.55
CA GLN A 121 19.52 -2.41 -13.15
C GLN A 121 20.71 -1.81 -12.37
N SER A 122 20.44 -1.25 -11.18
CA SER A 122 21.38 -0.50 -10.34
C SER A 122 22.77 -1.16 -10.15
N GLY A 123 22.78 -2.48 -10.00
CA GLY A 123 23.96 -3.34 -9.87
C GLY A 123 23.93 -4.12 -8.55
N PRO A 124 24.38 -3.51 -7.44
CA PRO A 124 24.41 -4.16 -6.12
C PRO A 124 23.01 -4.29 -5.49
N ILE A 125 22.92 -5.15 -4.47
CA ILE A 125 21.77 -5.30 -3.59
C ILE A 125 21.77 -4.24 -2.46
N LYS A 126 20.58 -3.96 -1.91
CA LYS A 126 20.37 -3.17 -0.68
C LYS A 126 20.97 -3.85 0.57
N LEU A 127 20.95 -3.15 1.71
CA LEU A 127 21.49 -3.64 2.99
C LEU A 127 20.44 -3.57 4.12
N GLY A 128 20.50 -4.53 5.05
CA GLY A 128 19.52 -4.79 6.10
C GLY A 128 18.32 -5.65 5.64
N MET A 129 17.62 -6.27 6.60
CA MET A 129 16.37 -7.02 6.36
C MET A 129 15.16 -6.10 6.08
N ALA A 130 14.06 -6.71 5.62
CA ALA A 130 12.75 -6.09 5.41
C ALA A 130 11.64 -6.96 6.04
N LYS A 131 10.97 -6.44 7.07
CA LYS A 131 9.80 -7.04 7.74
C LYS A 131 8.63 -6.03 7.84
N ILE A 132 7.51 -6.42 8.47
CA ILE A 132 6.36 -5.52 8.73
C ILE A 132 6.81 -4.31 9.60
N THR A 133 6.29 -3.12 9.30
CA THR A 133 6.55 -1.86 10.03
C THR A 133 5.24 -1.26 10.55
N GLN A 134 5.14 -1.11 11.87
CA GLN A 134 4.02 -0.46 12.54
C GLN A 134 4.43 0.89 13.14
N VAL A 135 3.81 1.95 12.64
CA VAL A 135 3.95 3.37 13.01
C VAL A 135 2.78 3.77 13.92
N ASP A 136 3.05 3.92 15.22
CA ASP A 136 2.07 4.39 16.21
C ASP A 136 2.65 5.47 17.13
N PHE A 137 1.77 6.29 17.71
CA PHE A 137 2.10 7.35 18.66
C PHE A 137 1.36 7.12 19.99
N PRO A 138 1.98 6.46 21.00
CA PRO A 138 1.36 6.21 22.30
C PRO A 138 1.24 7.50 23.13
N PRO A 139 0.42 7.50 24.21
CA PRO A 139 0.23 8.67 25.06
C PRO A 139 1.45 9.00 25.96
N ARG A 140 2.31 8.02 26.25
CA ARG A 140 3.59 8.24 26.96
C ARG A 140 4.59 9.02 26.11
N GLU A 141 5.31 9.91 26.77
CA GLU A 141 6.41 10.70 26.20
C GLU A 141 7.71 9.86 26.06
N ILE A 142 8.76 10.48 25.53
CA ILE A 142 10.13 9.93 25.42
C ILE A 142 11.16 10.86 26.09
N VAL A 143 12.34 10.32 26.41
CA VAL A 143 13.46 10.99 27.11
C VAL A 143 14.80 10.79 26.38
N GLY B 1 2.37 -21.28 -12.70
CA GLY B 1 2.47 -22.76 -12.76
C GLY B 1 3.12 -23.21 -14.06
N SER B 2 2.32 -23.34 -15.13
CA SER B 2 2.69 -23.82 -16.47
C SER B 2 3.69 -22.93 -17.25
N MET B 3 4.94 -22.85 -16.77
CA MET B 3 6.07 -22.18 -17.43
C MET B 3 6.55 -22.94 -18.67
N GLU B 4 7.25 -24.07 -18.48
CA GLU B 4 7.92 -24.83 -19.57
C GLU B 4 7.16 -26.08 -19.99
N ASP B 5 7.05 -27.04 -19.09
CA ASP B 5 6.35 -28.33 -19.22
C ASP B 5 5.43 -28.58 -18.01
N TYR B 6 5.38 -27.63 -17.08
CA TYR B 6 4.53 -27.64 -15.89
C TYR B 6 3.03 -27.48 -16.23
N GLN B 7 2.16 -27.67 -15.24
CA GLN B 7 0.70 -27.57 -15.36
C GLN B 7 0.10 -26.63 -14.28
N ALA B 8 -1.12 -26.15 -14.53
CA ALA B 8 -1.89 -25.25 -13.66
C ALA B 8 -3.13 -25.97 -13.11
N ALA B 9 -2.96 -26.74 -12.03
CA ALA B 9 -4.05 -27.42 -11.33
C ALA B 9 -5.04 -26.43 -10.68
N GLU B 10 -6.31 -26.82 -10.55
CA GLU B 10 -7.38 -25.94 -10.03
C GLU B 10 -7.50 -25.98 -8.49
N GLU B 11 -7.06 -27.06 -7.84
CA GLU B 11 -7.09 -27.21 -6.37
C GLU B 11 -6.08 -26.32 -5.62
N THR B 12 -5.01 -25.91 -6.30
CA THR B 12 -3.97 -24.97 -5.83
C THR B 12 -4.26 -23.50 -6.21
N ALA B 13 -5.21 -23.27 -7.12
CA ALA B 13 -5.74 -21.94 -7.40
C ALA B 13 -6.54 -21.39 -6.19
N PHE B 14 -6.72 -20.07 -6.15
CA PHE B 14 -7.38 -19.34 -5.07
C PHE B 14 -8.28 -18.22 -5.64
N VAL B 15 -9.14 -17.64 -4.79
CA VAL B 15 -10.08 -16.56 -5.16
C VAL B 15 -10.26 -15.60 -3.98
N VAL B 16 -10.58 -14.33 -4.23
CA VAL B 16 -10.73 -13.32 -3.16
C VAL B 16 -11.83 -13.71 -2.17
N ASP B 17 -12.91 -14.33 -2.63
CA ASP B 17 -14.00 -14.83 -1.77
C ASP B 17 -13.53 -15.91 -0.77
N GLU B 18 -12.44 -16.62 -1.05
CA GLU B 18 -11.75 -17.50 -0.09
C GLU B 18 -10.87 -16.68 0.85
N VAL B 19 -9.91 -15.91 0.32
CA VAL B 19 -8.97 -15.08 1.08
C VAL B 19 -9.66 -14.18 2.11
N SER B 20 -10.75 -13.55 1.70
CA SER B 20 -11.62 -12.68 2.51
C SER B 20 -12.40 -13.44 3.60
N ASN B 21 -12.38 -14.78 3.61
CA ASN B 21 -12.90 -15.63 4.67
C ASN B 21 -11.80 -16.22 5.58
N ILE B 22 -10.58 -16.46 5.03
CA ILE B 22 -9.37 -16.83 5.82
C ILE B 22 -9.18 -15.86 6.99
N VAL B 23 -9.34 -14.56 6.74
CA VAL B 23 -9.22 -13.54 7.79
C VAL B 23 -10.26 -13.70 8.91
N LYS B 24 -11.55 -13.96 8.60
CA LYS B 24 -12.59 -14.13 9.64
C LYS B 24 -12.34 -15.37 10.48
N GLU B 25 -12.10 -16.52 9.85
CA GLU B 25 -11.88 -17.76 10.62
C GLU B 25 -10.60 -17.70 11.48
N ALA B 26 -9.56 -16.99 11.00
CA ALA B 26 -8.33 -16.74 11.75
C ALA B 26 -8.54 -15.73 12.90
N ILE B 27 -9.33 -14.66 12.71
CA ILE B 27 -9.69 -13.72 13.79
C ILE B 27 -10.39 -14.49 14.92
N GLU B 28 -11.49 -15.20 14.64
CA GLU B 28 -12.26 -15.88 15.69
C GLU B 28 -11.43 -16.91 16.49
N SER B 29 -10.47 -17.57 15.83
CA SER B 29 -9.46 -18.43 16.47
C SER B 29 -8.59 -17.66 17.49
N ALA B 30 -8.10 -16.46 17.12
CA ALA B 30 -7.33 -15.57 18.00
C ALA B 30 -8.18 -14.93 19.13
N ILE B 31 -9.47 -14.64 18.88
CA ILE B 31 -10.42 -14.16 19.91
C ILE B 31 -10.62 -15.22 21.01
N GLY B 32 -10.77 -16.49 20.64
CA GLY B 32 -11.01 -17.60 21.57
C GLY B 32 -12.48 -17.82 21.95
N GLY B 33 -13.43 -17.20 21.22
CA GLY B 33 -14.88 -17.41 21.37
C GLY B 33 -15.69 -16.22 21.92
N ASN B 34 -15.04 -15.12 22.32
CA ASN B 34 -15.69 -13.85 22.68
C ASN B 34 -16.30 -13.13 21.43
N ALA B 35 -16.91 -11.95 21.63
CA ALA B 35 -17.54 -11.16 20.57
C ALA B 35 -16.62 -10.01 20.08
N TYR B 36 -17.22 -8.96 19.51
CA TYR B 36 -16.61 -7.65 19.31
C TYR B 36 -15.99 -7.08 20.62
N GLN B 37 -15.04 -6.15 20.48
CA GLN B 37 -14.32 -5.53 21.61
C GLN B 37 -13.88 -4.08 21.28
N HIS B 38 -13.15 -3.43 22.19
CA HIS B 38 -12.58 -2.08 22.00
C HIS B 38 -11.13 -2.18 21.50
N SER B 39 -10.13 -2.01 22.37
CA SER B 39 -8.69 -2.10 22.04
C SER B 39 -8.23 -3.52 21.67
N LYS B 40 -8.93 -4.58 22.11
CA LYS B 40 -8.61 -5.97 21.78
C LYS B 40 -8.59 -6.24 20.27
N VAL B 41 -9.54 -5.68 19.53
CA VAL B 41 -9.61 -5.80 18.05
C VAL B 41 -8.36 -5.23 17.36
N ASN B 42 -7.69 -4.23 17.95
CA ASN B 42 -6.41 -3.69 17.46
C ASN B 42 -5.30 -4.76 17.51
N GLN B 43 -5.14 -5.47 18.65
CA GLN B 43 -4.18 -6.59 18.72
C GLN B 43 -4.57 -7.76 17.83
N TRP B 44 -5.86 -7.95 17.53
CA TRP B 44 -6.34 -9.05 16.69
C TRP B 44 -6.07 -8.78 15.22
N THR B 45 -6.53 -7.63 14.68
CA THR B 45 -6.26 -7.25 13.29
C THR B 45 -4.76 -7.21 12.95
N THR B 46 -3.87 -6.93 13.92
CA THR B 46 -2.42 -7.06 13.69
C THR B 46 -1.93 -8.50 13.80
N ASN B 47 -2.22 -9.22 14.91
CA ASN B 47 -1.76 -10.60 15.15
C ASN B 47 -2.22 -11.59 14.06
N VAL B 48 -3.44 -11.41 13.56
CA VAL B 48 -4.05 -12.25 12.53
C VAL B 48 -3.30 -12.08 11.23
N VAL B 49 -3.36 -10.88 10.64
CA VAL B 49 -2.70 -10.55 9.38
C VAL B 49 -1.23 -10.97 9.39
N GLU B 50 -0.59 -10.98 10.57
CA GLU B 50 0.81 -11.42 10.73
C GLU B 50 1.05 -12.86 10.20
N GLN B 51 0.18 -13.81 10.57
CA GLN B 51 0.24 -15.22 10.14
C GLN B 51 -0.71 -15.53 8.97
N THR B 52 -1.91 -14.94 8.97
CA THR B 52 -2.93 -15.05 7.93
C THR B 52 -2.41 -14.64 6.56
N LEU B 53 -1.82 -13.43 6.44
CA LEU B 53 -1.29 -12.96 5.15
C LEU B 53 -0.17 -13.89 4.63
N SER B 54 0.70 -14.37 5.52
CA SER B 54 1.75 -15.32 5.13
C SER B 54 1.20 -16.71 4.76
N GLN B 55 0.07 -17.13 5.34
CA GLN B 55 -0.69 -18.36 5.05
C GLN B 55 -1.46 -18.31 3.72
N LEU B 56 -2.26 -17.28 3.47
CA LEU B 56 -3.05 -17.16 2.23
C LEU B 56 -2.18 -17.01 0.97
N THR B 57 -0.98 -16.44 1.12
CA THR B 57 0.06 -16.41 0.09
C THR B 57 0.45 -17.84 -0.34
N LYS B 58 0.29 -18.83 0.55
CA LYS B 58 0.55 -20.26 0.27
C LYS B 58 -0.66 -21.03 -0.25
N LEU B 59 -1.88 -20.60 0.12
CA LEU B 59 -3.13 -21.15 -0.39
C LEU B 59 -3.37 -20.76 -1.87
N GLY B 60 -2.81 -19.62 -2.27
CA GLY B 60 -2.67 -19.19 -3.67
C GLY B 60 -1.27 -19.47 -4.20
N LYS B 61 -0.72 -18.50 -4.93
CA LYS B 61 0.57 -18.60 -5.66
C LYS B 61 1.62 -17.57 -5.20
N PRO B 62 2.93 -17.80 -5.49
CA PRO B 62 4.00 -16.87 -5.15
C PRO B 62 3.97 -15.61 -6.04
N PHE B 63 3.73 -14.45 -5.43
CA PHE B 63 3.74 -13.13 -6.07
C PHE B 63 4.15 -12.01 -5.09
N LYS B 64 4.29 -10.76 -5.57
CA LYS B 64 4.36 -9.54 -4.75
C LYS B 64 3.00 -9.24 -4.13
N TYR B 65 2.87 -9.43 -2.82
CA TYR B 65 1.74 -8.94 -2.00
C TYR B 65 2.17 -7.72 -1.17
N ILE B 66 1.20 -6.92 -0.71
CA ILE B 66 1.39 -5.80 0.21
C ILE B 66 0.16 -5.65 1.12
N VAL B 67 0.37 -5.03 2.27
CA VAL B 67 -0.66 -4.65 3.24
C VAL B 67 -0.41 -3.27 3.80
N THR B 68 -1.51 -2.58 4.11
CA THR B 68 -1.54 -1.27 4.77
C THR B 68 -2.82 -1.16 5.60
N CYS B 69 -2.70 -0.82 6.89
CA CYS B 69 -3.85 -0.58 7.77
C CYS B 69 -3.71 0.71 8.58
N VAL B 70 -4.85 1.23 9.05
CA VAL B 70 -4.94 2.43 9.89
C VAL B 70 -6.08 2.28 10.90
N ILE B 71 -5.74 2.42 12.18
CA ILE B 71 -6.57 2.19 13.36
C ILE B 71 -6.60 3.47 14.19
N MET B 72 -7.78 4.10 14.27
CA MET B 72 -7.93 5.44 14.87
C MET B 72 -9.14 5.51 15.82
N GLN B 73 -9.04 6.42 16.79
CA GLN B 73 -9.93 6.54 17.94
C GLN B 73 -10.93 7.69 17.80
N LYS B 74 -12.20 7.29 17.71
CA LYS B 74 -13.39 8.15 17.53
C LYS B 74 -13.68 9.06 18.73
N ASN B 75 -12.91 8.89 19.81
CA ASN B 75 -12.72 9.83 20.92
C ASN B 75 -12.32 11.26 20.49
N GLY B 76 -11.70 11.44 19.31
CA GLY B 76 -11.35 12.75 18.74
C GLY B 76 -9.96 12.86 18.10
N ALA B 77 -9.22 11.76 17.93
CA ALA B 77 -7.84 11.75 17.44
C ALA B 77 -7.72 12.05 15.93
N GLY B 78 -7.61 13.33 15.57
CA GLY B 78 -7.47 13.78 14.17
C GLY B 78 -6.10 13.47 13.55
N LEU B 79 -6.12 13.09 12.26
CA LEU B 79 -4.96 12.73 11.43
C LEU B 79 -5.23 13.01 9.94
N HIS B 80 -4.22 12.87 9.09
CA HIS B 80 -4.35 12.85 7.62
C HIS B 80 -3.71 11.58 7.05
N THR B 81 -4.46 10.76 6.32
CA THR B 81 -3.94 9.57 5.61
C THR B 81 -4.48 9.59 4.19
N ALA B 82 -3.71 9.11 3.22
CA ALA B 82 -4.18 8.96 1.86
C ALA B 82 -3.66 7.68 1.24
N SER B 83 -4.50 7.04 0.43
CA SER B 83 -4.16 5.80 -0.27
C SER B 83 -4.71 5.79 -1.69
N SER B 84 -4.12 4.95 -2.55
CA SER B 84 -4.62 4.65 -3.88
C SER B 84 -5.28 3.27 -3.95
N CYS B 85 -5.43 2.58 -2.80
CA CYS B 85 -5.99 1.22 -2.77
C CYS B 85 -7.49 1.16 -3.14
N PHE B 86 -7.87 0.01 -3.68
CA PHE B 86 -9.16 -0.30 -4.29
C PHE B 86 -9.32 -1.83 -4.41
N TRP B 87 -10.56 -2.29 -4.59
CA TRP B 87 -10.85 -3.69 -4.90
C TRP B 87 -11.01 -3.89 -6.42
N ASP B 88 -10.57 -5.04 -6.91
CA ASP B 88 -10.72 -5.51 -8.30
C ASP B 88 -11.13 -7.00 -8.33
N SER B 89 -11.86 -7.41 -9.37
CA SER B 89 -12.27 -8.80 -9.61
C SER B 89 -11.69 -9.35 -10.92
N SER B 90 -12.13 -8.84 -12.08
CA SER B 90 -11.61 -9.23 -13.40
C SER B 90 -10.32 -8.47 -13.77
N THR B 91 -10.20 -7.21 -13.33
CA THR B 91 -9.14 -6.27 -13.68
C THR B 91 -7.77 -6.67 -13.10
N ASP B 92 -7.73 -6.95 -11.80
CA ASP B 92 -6.57 -7.36 -10.98
C ASP B 92 -7.05 -8.15 -9.74
N GLY B 93 -6.15 -8.49 -8.79
CA GLY B 93 -6.45 -9.19 -7.53
C GLY B 93 -6.08 -8.39 -6.28
N SER B 94 -7.01 -8.29 -5.33
CA SER B 94 -6.90 -7.60 -4.04
C SER B 94 -7.85 -8.18 -2.97
N CYS B 95 -7.58 -7.94 -1.70
CA CYS B 95 -8.39 -8.42 -0.56
C CYS B 95 -8.31 -7.42 0.61
N THR B 96 -9.40 -6.71 0.92
CA THR B 96 -9.47 -5.70 1.99
C THR B 96 -10.50 -6.07 3.06
N VAL B 97 -10.24 -5.72 4.33
CA VAL B 97 -11.02 -6.17 5.50
C VAL B 97 -11.30 -4.98 6.43
N ARG B 98 -12.51 -4.94 7.01
CA ARG B 98 -13.05 -3.82 7.79
C ARG B 98 -13.81 -4.29 9.04
N TRP B 99 -13.41 -3.79 10.20
CA TRP B 99 -13.94 -4.14 11.53
C TRP B 99 -14.18 -2.88 12.38
N GLU B 100 -15.45 -2.51 12.53
CA GLU B 100 -15.89 -1.44 13.43
C GLU B 100 -15.84 -1.86 14.92
N ASN B 101 -15.61 -0.89 15.81
CA ASN B 101 -15.60 -1.07 17.27
C ASN B 101 -16.53 -0.03 17.95
N LYS B 102 -16.62 -0.06 19.29
CA LYS B 102 -17.55 0.78 20.09
C LYS B 102 -17.27 2.28 20.00
N THR B 103 -16.00 2.66 20.19
CA THR B 103 -15.48 4.06 20.14
C THR B 103 -14.23 4.18 19.26
N MET B 104 -13.96 3.16 18.44
CA MET B 104 -12.82 3.03 17.53
C MET B 104 -13.26 2.34 16.23
N TYR B 105 -12.35 2.20 15.26
CA TYR B 105 -12.54 1.37 14.06
C TYR B 105 -11.18 0.92 13.52
N CYS B 106 -11.14 -0.19 12.79
CA CYS B 106 -9.95 -0.68 12.10
C CYS B 106 -10.25 -1.13 10.66
N ILE B 107 -9.38 -0.73 9.73
CA ILE B 107 -9.44 -1.09 8.31
C ILE B 107 -8.06 -1.51 7.79
N VAL B 108 -7.97 -2.65 7.10
CA VAL B 108 -6.76 -3.24 6.56
C VAL B 108 -6.94 -3.61 5.09
N SER B 109 -6.29 -2.83 4.21
CA SER B 109 -6.32 -3.06 2.76
C SER B 109 -5.07 -3.86 2.34
N ALA B 110 -5.27 -4.94 1.59
CA ALA B 110 -4.19 -5.74 1.01
C ALA B 110 -4.36 -5.92 -0.50
N PHE B 111 -3.22 -6.01 -1.18
CA PHE B 111 -3.09 -6.30 -2.62
C PHE B 111 -2.33 -7.60 -2.85
N GLY B 112 -2.67 -8.29 -3.93
CA GLY B 112 -2.20 -9.64 -4.21
C GLY B 112 -2.58 -10.12 -5.60
N LEU B 113 -1.70 -9.86 -6.57
CA LEU B 113 -1.91 -10.23 -7.97
C LEU B 113 -1.93 -11.76 -8.16
N SER B 114 -2.43 -12.18 -9.32
CA SER B 114 -2.44 -13.57 -9.76
C SER B 114 -1.33 -13.86 -10.78
N ILE B 115 -1.00 -15.14 -10.93
CA ILE B 115 -0.03 -15.70 -11.90
C ILE B 115 -0.39 -15.35 -13.34
N GLY B 116 -1.59 -15.74 -13.80
CA GLY B 116 -2.10 -15.48 -15.15
C GLY B 116 -3.32 -14.54 -15.20
N GLY B 117 -4.11 -14.48 -14.12
CA GLY B 117 -5.33 -13.65 -14.05
C GLY B 117 -6.41 -13.99 -15.10
N GLY B 118 -6.40 -15.23 -15.62
CA GLY B 118 -7.27 -15.72 -16.70
C GLY B 118 -8.69 -16.08 -16.26
N SER B 119 -9.41 -16.82 -17.12
CA SER B 119 -10.74 -17.37 -16.84
C SER B 119 -10.76 -18.32 -15.62
N GLY B 120 -11.96 -18.57 -15.08
CA GLY B 120 -12.16 -19.28 -13.80
C GLY B 120 -12.18 -18.37 -12.56
N GLN B 121 -11.99 -17.04 -12.74
CA GLN B 121 -12.29 -16.02 -11.72
C GLN B 121 -13.80 -15.89 -11.45
N SER B 122 -14.22 -14.90 -10.66
CA SER B 122 -15.61 -14.65 -10.22
C SER B 122 -16.65 -14.69 -11.37
N GLY B 123 -16.30 -14.14 -12.54
CA GLY B 123 -17.12 -14.12 -13.76
C GLY B 123 -17.32 -12.70 -14.29
N PRO B 124 -18.19 -11.88 -13.66
CA PRO B 124 -18.41 -10.49 -14.04
C PRO B 124 -17.26 -9.56 -13.60
N ILE B 125 -17.34 -8.29 -14.03
CA ILE B 125 -16.60 -7.14 -13.49
C ILE B 125 -17.32 -6.53 -12.28
N LYS B 126 -16.53 -5.86 -11.43
CA LYS B 126 -17.00 -4.96 -10.36
C LYS B 126 -17.73 -3.73 -10.92
N LEU B 127 -18.40 -2.98 -10.03
CA LEU B 127 -19.18 -1.78 -10.36
C LEU B 127 -18.60 -0.52 -9.65
N GLY B 128 -18.90 0.66 -10.22
CA GLY B 128 -18.34 1.97 -9.83
C GLY B 128 -16.90 2.21 -10.30
N MET B 129 -16.49 3.48 -10.35
CA MET B 129 -15.09 3.88 -10.60
C MET B 129 -14.19 3.61 -9.38
N ALA B 130 -12.86 3.67 -9.61
CA ALA B 130 -11.82 3.63 -8.59
C ALA B 130 -10.79 4.75 -8.83
N LYS B 131 -10.69 5.69 -7.89
CA LYS B 131 -9.71 6.79 -7.85
C LYS B 131 -8.96 6.81 -6.50
N ILE B 132 -8.12 7.84 -6.27
CA ILE B 132 -7.44 8.09 -5.00
C ILE B 132 -8.47 8.24 -3.85
N THR B 133 -8.15 7.72 -2.67
CA THR B 133 -8.98 7.70 -1.46
C THR B 133 -8.22 8.30 -0.28
N GLN B 134 -8.45 9.60 -0.02
CA GLN B 134 -7.94 10.29 1.17
C GLN B 134 -8.93 10.19 2.34
N VAL B 135 -8.41 9.90 3.53
CA VAL B 135 -9.10 9.66 4.80
C VAL B 135 -8.45 10.50 5.91
N ASP B 136 -9.12 11.59 6.27
CA ASP B 136 -8.71 12.53 7.32
C ASP B 136 -9.86 12.80 8.31
N PHE B 137 -9.51 13.24 9.53
CA PHE B 137 -10.46 13.63 10.58
C PHE B 137 -10.22 15.10 10.96
N PRO B 138 -10.96 16.06 10.37
CA PRO B 138 -10.81 17.49 10.66
C PRO B 138 -11.33 17.83 12.08
N PRO B 139 -10.99 19.02 12.61
CA PRO B 139 -11.42 19.45 13.95
C PRO B 139 -12.91 19.82 14.03
N ARG B 140 -13.55 20.17 12.91
CA ARG B 140 -15.01 20.39 12.82
C ARG B 140 -15.79 19.08 12.99
N GLU B 141 -16.90 19.16 13.72
CA GLU B 141 -17.90 18.11 13.86
C GLU B 141 -18.87 18.03 12.66
N ILE B 142 -19.77 17.03 12.68
CA ILE B 142 -20.79 16.76 11.66
C ILE B 142 -22.20 16.74 12.26
N VAL B 143 -23.22 16.93 11.40
CA VAL B 143 -24.67 17.01 11.73
C VAL B 143 -25.51 16.04 10.92
N GLY A 1 25.81 -18.86 -13.22
CA GLY A 1 25.70 -18.02 -14.43
C GLY A 1 27.01 -17.32 -14.74
N SER A 2 27.38 -17.21 -16.02
CA SER A 2 28.64 -16.60 -16.48
C SER A 2 28.58 -15.06 -16.55
N MET A 3 29.75 -14.42 -16.64
CA MET A 3 29.95 -12.97 -16.76
C MET A 3 29.49 -12.44 -18.13
N GLU A 4 29.85 -13.12 -19.22
CA GLU A 4 29.50 -12.74 -20.59
C GLU A 4 28.00 -12.90 -20.94
N ASP A 5 27.24 -13.60 -20.10
CA ASP A 5 25.79 -13.77 -20.26
C ASP A 5 24.98 -12.51 -19.90
N TYR A 6 25.51 -11.67 -19.00
CA TYR A 6 24.97 -10.35 -18.65
C TYR A 6 25.33 -9.30 -19.73
N GLN A 7 24.60 -8.17 -19.73
CA GLN A 7 24.74 -7.09 -20.73
C GLN A 7 24.74 -5.70 -20.08
N ALA A 8 25.37 -4.71 -20.73
CA ALA A 8 25.53 -3.34 -20.22
C ALA A 8 24.21 -2.53 -20.11
N ALA A 9 23.12 -3.06 -20.67
CA ALA A 9 21.78 -2.47 -20.67
C ALA A 9 21.15 -2.28 -19.28
N GLU A 10 21.74 -2.85 -18.23
CA GLU A 10 21.27 -2.79 -16.83
C GLU A 10 21.01 -1.35 -16.32
N GLU A 11 21.70 -0.34 -16.86
CA GLU A 11 21.49 1.08 -16.54
C GLU A 11 20.06 1.60 -16.77
N THR A 12 19.25 0.86 -17.53
CA THR A 12 17.80 1.10 -17.72
C THR A 12 16.99 1.02 -16.41
N ALA A 13 17.46 0.24 -15.42
CA ALA A 13 16.88 0.17 -14.09
C ALA A 13 17.06 1.51 -13.33
N PHE A 14 15.96 2.19 -13.02
CA PHE A 14 15.98 3.41 -12.21
C PHE A 14 16.53 3.16 -10.79
N VAL A 15 16.87 4.23 -10.06
CA VAL A 15 17.30 4.16 -8.65
C VAL A 15 16.68 5.28 -7.82
N VAL A 16 16.59 5.06 -6.51
CA VAL A 16 15.96 5.97 -5.52
C VAL A 16 16.60 7.36 -5.55
N ASP A 17 17.91 7.43 -5.79
CA ASP A 17 18.67 8.68 -5.96
C ASP A 17 18.17 9.54 -7.14
N GLU A 18 17.57 8.94 -8.18
CA GLU A 18 16.88 9.68 -9.24
C GLU A 18 15.50 10.13 -8.75
N VAL A 19 14.66 9.15 -8.37
CA VAL A 19 13.26 9.35 -7.92
C VAL A 19 13.13 10.45 -6.86
N SER A 20 14.00 10.42 -5.86
CA SER A 20 14.09 11.41 -4.79
C SER A 20 14.41 12.82 -5.31
N ASN A 21 15.04 12.98 -6.47
CA ASN A 21 15.23 14.27 -7.15
C ASN A 21 14.03 14.67 -8.04
N ILE A 22 13.39 13.71 -8.74
CA ILE A 22 12.17 13.94 -9.55
C ILE A 22 11.10 14.64 -8.73
N VAL A 23 10.87 14.22 -7.49
CA VAL A 23 9.87 14.87 -6.62
C VAL A 23 10.21 16.33 -6.30
N LYS A 24 11.48 16.68 -5.99
CA LYS A 24 11.87 18.07 -5.73
C LYS A 24 11.71 18.95 -6.97
N GLU A 25 12.29 18.56 -8.10
CA GLU A 25 12.20 19.38 -9.32
C GLU A 25 10.74 19.56 -9.79
N ALA A 26 9.89 18.56 -9.60
CA ALA A 26 8.46 18.64 -9.87
C ALA A 26 7.70 19.54 -8.87
N ILE A 27 7.96 19.42 -7.56
CA ILE A 27 7.38 20.32 -6.55
C ILE A 27 7.70 21.77 -6.87
N GLU A 28 8.97 22.14 -7.01
CA GLU A 28 9.34 23.54 -7.26
C GLU A 28 8.75 24.10 -8.57
N SER A 29 8.52 23.26 -9.58
CA SER A 29 7.81 23.65 -10.81
C SER A 29 6.31 23.98 -10.57
N ALA A 30 5.66 23.30 -9.64
CA ALA A 30 4.29 23.58 -9.20
C ALA A 30 4.21 24.78 -8.23
N ILE A 31 5.23 25.00 -7.39
CA ILE A 31 5.40 26.19 -6.55
C ILE A 31 5.53 27.46 -7.42
N GLY A 32 6.29 27.39 -8.52
CA GLY A 32 6.59 28.52 -9.39
C GLY A 32 7.62 29.51 -8.81
N GLY A 33 8.37 29.11 -7.78
CA GLY A 33 9.39 29.91 -7.10
C GLY A 33 8.90 30.85 -5.99
N ASN A 34 7.63 30.72 -5.56
CA ASN A 34 7.05 31.52 -4.47
C ASN A 34 7.76 31.30 -3.10
N ALA A 35 7.66 32.30 -2.22
CA ALA A 35 8.11 32.26 -0.82
C ALA A 35 7.16 31.44 0.08
N TYR A 36 7.39 31.48 1.40
CA TYR A 36 6.64 30.82 2.48
C TYR A 36 5.11 30.86 2.32
N GLN A 37 4.44 29.75 2.65
CA GLN A 37 2.98 29.55 2.51
C GLN A 37 2.34 28.88 3.74
N HIS A 38 1.00 28.77 3.74
CA HIS A 38 0.19 28.11 4.77
C HIS A 38 -0.01 26.61 4.45
N SER A 39 -1.16 26.25 3.85
CA SER A 39 -1.58 24.89 3.50
C SER A 39 -1.13 24.44 2.10
N LYS A 40 -0.45 25.29 1.30
CA LYS A 40 -0.03 25.01 -0.08
C LYS A 40 0.73 23.70 -0.23
N VAL A 41 1.64 23.39 0.69
CA VAL A 41 2.42 22.13 0.67
C VAL A 41 1.51 20.89 0.62
N ASN A 42 0.31 20.94 1.23
CA ASN A 42 -0.67 19.86 1.21
C ASN A 42 -1.23 19.62 -0.21
N GLN A 43 -1.65 20.68 -0.92
CA GLN A 43 -2.07 20.56 -2.32
C GLN A 43 -0.90 20.24 -3.27
N TRP A 44 0.33 20.59 -2.92
CA TRP A 44 1.53 20.35 -3.73
C TRP A 44 1.97 18.89 -3.62
N THR A 45 2.20 18.37 -2.41
CA THR A 45 2.55 16.96 -2.21
C THR A 45 1.54 16.00 -2.85
N THR A 46 0.24 16.34 -2.84
CA THR A 46 -0.76 15.52 -3.56
C THR A 46 -0.71 15.73 -5.08
N ASN A 47 -0.82 16.96 -5.59
CA ASN A 47 -0.83 17.28 -7.03
C ASN A 47 0.43 16.80 -7.77
N VAL A 48 1.59 16.88 -7.11
CA VAL A 48 2.87 16.46 -7.66
C VAL A 48 2.91 14.97 -7.85
N VAL A 49 2.80 14.20 -6.76
CA VAL A 49 2.76 12.73 -6.79
C VAL A 49 1.72 12.23 -7.81
N GLU A 50 0.64 12.99 -8.05
CA GLU A 50 -0.41 12.64 -9.02
C GLU A 50 0.12 12.50 -10.46
N GLN A 51 1.10 13.32 -10.87
CA GLN A 51 1.75 13.29 -12.19
C GLN A 51 3.18 12.72 -12.13
N THR A 52 3.96 13.12 -11.13
CA THR A 52 5.32 12.65 -10.83
C THR A 52 5.40 11.14 -10.70
N LEU A 53 4.58 10.53 -9.83
CA LEU A 53 4.62 9.08 -9.60
C LEU A 53 4.31 8.30 -10.90
N SER A 54 3.36 8.80 -11.70
CA SER A 54 3.12 8.32 -13.06
C SER A 54 4.38 8.43 -13.93
N GLN A 55 5.02 9.61 -14.01
CA GLN A 55 6.22 9.90 -14.80
C GLN A 55 7.45 9.05 -14.42
N LEU A 56 7.83 8.96 -13.13
CA LEU A 56 9.03 8.22 -12.70
C LEU A 56 8.95 6.71 -12.95
N THR A 57 7.75 6.14 -12.95
CA THR A 57 7.49 4.76 -13.43
C THR A 57 7.89 4.61 -14.89
N LYS A 58 7.73 5.66 -15.71
CA LYS A 58 8.10 5.62 -17.15
C LYS A 58 9.60 5.84 -17.38
N LEU A 59 10.29 6.51 -16.46
CA LEU A 59 11.77 6.62 -16.46
C LEU A 59 12.47 5.30 -16.10
N GLY A 60 11.75 4.34 -15.52
CA GLY A 60 12.22 2.98 -15.21
C GLY A 60 11.60 1.92 -16.12
N LYS A 61 10.73 1.07 -15.56
CA LYS A 61 10.05 -0.06 -16.21
C LYS A 61 8.55 -0.11 -15.88
N PRO A 62 7.69 -0.64 -16.78
CA PRO A 62 6.24 -0.73 -16.58
C PRO A 62 5.86 -1.81 -15.56
N PHE A 63 5.52 -1.38 -14.34
CA PHE A 63 4.97 -2.22 -13.26
C PHE A 63 3.91 -1.47 -12.43
N LYS A 64 3.10 -2.23 -11.68
CA LYS A 64 2.14 -1.75 -10.67
C LYS A 64 2.87 -1.10 -9.48
N TYR A 65 2.92 0.23 -9.48
CA TYR A 65 3.25 1.04 -8.31
C TYR A 65 2.06 1.11 -7.32
N ILE A 66 2.34 1.58 -6.11
CA ILE A 66 1.40 2.05 -5.10
C ILE A 66 2.07 3.18 -4.30
N VAL A 67 1.28 4.06 -3.69
CA VAL A 67 1.75 4.92 -2.59
C VAL A 67 0.70 4.95 -1.49
N THR A 68 1.16 5.22 -0.27
CA THR A 68 0.31 5.61 0.87
C THR A 68 0.93 6.79 1.59
N CYS A 69 0.11 7.77 1.98
CA CYS A 69 0.52 8.89 2.82
C CYS A 69 -0.41 9.08 4.02
N VAL A 70 0.17 9.48 5.14
CA VAL A 70 -0.46 9.57 6.47
C VAL A 70 -0.14 10.94 7.08
N ILE A 71 -1.10 11.86 6.98
CA ILE A 71 -0.99 13.23 7.51
C ILE A 71 -1.66 13.24 8.89
N MET A 72 -0.82 13.18 9.93
CA MET A 72 -1.21 13.30 11.34
C MET A 72 -0.12 14.00 12.16
N GLN A 73 -0.28 15.32 12.36
CA GLN A 73 0.26 16.07 13.50
C GLN A 73 -0.66 17.26 13.84
N LYS A 74 -0.54 17.77 15.08
CA LYS A 74 -1.15 19.02 15.56
C LYS A 74 -0.31 19.60 16.71
N ASN A 75 -0.49 19.08 17.93
CA ASN A 75 0.28 19.45 19.13
C ASN A 75 1.64 18.69 19.25
N GLY A 76 1.79 17.57 18.55
CA GLY A 76 2.95 16.66 18.63
C GLY A 76 2.60 15.16 18.68
N ALA A 77 1.30 14.81 18.70
CA ALA A 77 0.78 13.44 18.75
C ALA A 77 0.98 12.64 17.44
N GLY A 78 0.53 11.38 17.46
CA GLY A 78 0.56 10.42 16.35
C GLY A 78 -0.42 9.26 16.54
N LEU A 79 -0.36 8.25 15.67
CA LEU A 79 -1.19 7.05 15.66
C LEU A 79 -0.37 5.77 15.34
N HIS A 80 -1.00 4.59 15.30
CA HIS A 80 -0.33 3.31 15.02
C HIS A 80 -0.67 2.80 13.62
N THR A 81 0.28 2.79 12.69
CA THR A 81 0.10 2.29 11.32
C THR A 81 1.02 1.09 11.07
N ALA A 82 0.52 0.09 10.36
CA ALA A 82 1.30 -1.09 10.00
C ALA A 82 0.99 -1.56 8.57
N SER A 83 2.03 -1.97 7.85
CA SER A 83 1.99 -2.17 6.40
C SER A 83 2.77 -3.42 6.01
N SER A 84 2.13 -4.41 5.37
CA SER A 84 2.83 -5.60 4.86
C SER A 84 3.51 -5.27 3.52
N CYS A 85 4.51 -4.39 3.61
CA CYS A 85 5.38 -3.96 2.51
C CYS A 85 6.82 -4.41 2.75
N PHE A 86 7.67 -4.23 1.74
CA PHE A 86 9.03 -4.77 1.67
C PHE A 86 9.95 -3.76 0.97
N TRP A 87 11.10 -3.44 1.58
CA TRP A 87 12.13 -2.59 1.00
C TRP A 87 12.95 -3.40 -0.04
N ASP A 88 13.06 -2.90 -1.27
CA ASP A 88 13.72 -3.57 -2.39
C ASP A 88 14.42 -2.56 -3.32
N SER A 89 15.70 -2.27 -3.03
CA SER A 89 16.52 -1.27 -3.74
C SER A 89 16.84 -1.68 -5.18
N SER A 90 17.53 -2.82 -5.34
CA SER A 90 17.85 -3.41 -6.65
C SER A 90 16.74 -4.35 -7.15
N THR A 91 16.06 -5.05 -6.24
CA THR A 91 15.20 -6.21 -6.57
C THR A 91 13.86 -5.80 -7.21
N ASP A 92 13.27 -4.70 -6.74
CA ASP A 92 12.00 -4.12 -7.22
C ASP A 92 12.15 -2.58 -7.33
N GLY A 93 11.17 -1.79 -6.85
CA GLY A 93 11.25 -0.33 -6.73
C GLY A 93 10.69 0.20 -5.40
N SER A 94 11.23 1.34 -4.93
CA SER A 94 10.74 2.06 -3.74
C SER A 94 11.26 3.51 -3.70
N CYS A 95 10.57 4.39 -2.98
CA CYS A 95 11.03 5.73 -2.57
C CYS A 95 10.10 6.27 -1.46
N THR A 96 10.55 7.23 -0.64
CA THR A 96 9.71 7.87 0.38
C THR A 96 10.06 9.36 0.52
N VAL A 97 9.04 10.21 0.67
CA VAL A 97 9.15 11.67 0.60
C VAL A 97 8.41 12.29 1.80
N ARG A 98 9.02 13.32 2.40
CA ARG A 98 8.66 13.88 3.71
C ARG A 98 8.78 15.40 3.70
N TRP A 99 7.68 16.11 3.95
CA TRP A 99 7.59 17.58 3.91
C TRP A 99 6.80 18.15 5.10
N GLU A 100 7.27 19.30 5.61
CA GLU A 100 6.57 20.05 6.67
C GLU A 100 5.35 20.82 6.16
N ASN A 101 4.50 21.28 7.06
CA ASN A 101 3.29 22.07 6.76
C ASN A 101 2.99 23.03 7.93
N LYS A 102 1.85 23.76 7.89
CA LYS A 102 1.36 24.69 8.93
C LYS A 102 1.54 24.16 10.36
N THR A 103 0.86 23.04 10.65
CA THR A 103 0.91 22.31 11.93
C THR A 103 0.93 20.78 11.74
N MET A 104 0.78 20.30 10.49
CA MET A 104 0.49 18.90 10.15
C MET A 104 1.46 18.36 9.08
N TYR A 105 2.67 17.99 9.52
CA TYR A 105 3.71 17.36 8.70
C TYR A 105 3.16 16.15 7.91
N CYS A 106 3.47 16.06 6.62
CA CYS A 106 2.97 15.02 5.71
C CYS A 106 4.10 14.09 5.22
N ILE A 107 3.85 12.79 5.21
CA ILE A 107 4.77 11.73 4.78
C ILE A 107 4.11 10.79 3.76
N VAL A 108 4.74 10.59 2.60
CA VAL A 108 4.28 9.72 1.50
C VAL A 108 5.33 8.66 1.18
N SER A 109 4.94 7.38 1.25
CA SER A 109 5.81 6.22 1.02
C SER A 109 5.33 5.44 -0.21
N ALA A 110 6.19 5.36 -1.23
CA ALA A 110 5.95 4.69 -2.51
C ALA A 110 6.67 3.33 -2.60
N PHE A 111 5.97 2.35 -3.20
CA PHE A 111 6.50 1.03 -3.51
C PHE A 111 6.13 0.66 -4.95
N GLY A 112 6.99 -0.13 -5.61
CA GLY A 112 6.78 -0.67 -6.96
C GLY A 112 7.23 -2.12 -6.99
N LEU A 113 6.37 -3.03 -7.46
CA LEU A 113 6.56 -4.47 -7.33
C LEU A 113 6.99 -5.11 -8.65
N SER A 114 8.01 -5.97 -8.61
CA SER A 114 8.70 -6.51 -9.79
C SER A 114 8.93 -8.02 -9.68
N ILE A 115 8.61 -8.75 -10.75
CA ILE A 115 8.78 -10.22 -10.87
C ILE A 115 9.76 -10.67 -11.98
N GLY A 116 10.31 -9.73 -12.75
CA GLY A 116 11.18 -10.00 -13.92
C GLY A 116 12.70 -9.99 -13.63
N GLY A 117 13.11 -9.69 -12.39
CA GLY A 117 14.52 -9.65 -11.98
C GLY A 117 15.32 -8.44 -12.50
N GLY A 118 14.63 -7.40 -13.00
CA GLY A 118 15.22 -6.15 -13.52
C GLY A 118 16.17 -5.48 -12.52
N SER A 119 17.46 -5.40 -12.86
CA SER A 119 18.55 -4.92 -12.00
C SER A 119 19.50 -3.96 -12.75
N GLY A 120 20.44 -3.35 -12.02
CA GLY A 120 21.40 -2.35 -12.51
C GLY A 120 21.58 -1.13 -11.61
N GLN A 121 21.54 -1.32 -10.28
CA GLN A 121 21.81 -0.30 -9.25
C GLN A 121 23.18 0.40 -9.41
N SER A 122 23.37 1.51 -8.69
CA SER A 122 24.60 2.30 -8.63
C SER A 122 25.83 1.48 -8.20
N GLY A 123 25.68 0.63 -7.18
CA GLY A 123 26.70 -0.31 -6.71
C GLY A 123 26.45 -1.77 -7.14
N PRO A 124 27.35 -2.70 -6.82
CA PRO A 124 27.16 -4.13 -7.11
C PRO A 124 25.99 -4.71 -6.29
N ILE A 125 25.26 -5.66 -6.88
CA ILE A 125 24.18 -6.37 -6.18
C ILE A 125 24.72 -7.24 -5.04
N LYS A 126 23.88 -7.52 -4.04
CA LYS A 126 24.17 -8.46 -2.94
C LYS A 126 22.91 -9.19 -2.46
N LEU A 127 23.13 -10.26 -1.69
CA LEU A 127 22.09 -10.99 -0.96
C LEU A 127 21.47 -10.08 0.12
N GLY A 128 20.14 -9.97 0.09
CA GLY A 128 19.35 -9.18 1.04
C GLY A 128 17.90 -9.65 1.14
N MET A 129 17.22 -9.24 2.21
CA MET A 129 15.81 -9.53 2.48
C MET A 129 15.14 -8.36 3.22
N ALA A 130 13.82 -8.40 3.36
CA ALA A 130 13.01 -7.38 4.03
C ALA A 130 11.90 -8.00 4.92
N LYS A 131 11.34 -7.17 5.80
CA LYS A 131 10.31 -7.52 6.79
C LYS A 131 9.15 -6.50 6.77
N ILE A 132 8.10 -6.78 7.54
CA ILE A 132 6.91 -5.92 7.73
C ILE A 132 7.30 -4.48 8.06
N THR A 133 6.66 -3.51 7.40
CA THR A 133 6.93 -2.06 7.54
C THR A 133 5.90 -1.43 8.49
N GLN A 134 6.24 -1.35 9.78
CA GLN A 134 5.42 -0.61 10.76
C GLN A 134 5.92 0.84 10.93
N VAL A 135 4.99 1.74 11.24
CA VAL A 135 5.18 3.18 11.46
C VAL A 135 4.24 3.64 12.60
N ASP A 136 4.81 3.72 13.80
CA ASP A 136 4.08 4.08 15.03
C ASP A 136 4.95 4.91 16.00
N PHE A 137 4.31 5.52 16.99
CA PHE A 137 4.94 6.26 18.08
C PHE A 137 4.57 5.61 19.43
N PRO A 138 5.36 4.63 19.92
CA PRO A 138 5.12 3.93 21.18
C PRO A 138 5.48 4.81 22.40
N PRO A 139 5.07 4.42 23.63
CA PRO A 139 5.33 5.21 24.84
C PRO A 139 6.81 5.23 25.27
N ARG A 140 7.57 4.14 25.01
CA ARG A 140 9.00 4.00 25.33
C ARG A 140 9.69 2.93 24.49
N GLU A 141 9.25 1.69 24.67
CA GLU A 141 9.83 0.46 24.11
C GLU A 141 9.12 0.02 22.82
N ILE A 142 9.58 -1.07 22.19
CA ILE A 142 9.08 -1.57 20.88
C ILE A 142 8.65 -3.06 20.94
N VAL A 143 8.04 -3.53 19.85
CA VAL A 143 7.53 -4.91 19.65
C VAL A 143 8.33 -5.67 18.57
N GLY B 1 -13.79 -11.68 -29.56
CA GLY B 1 -13.59 -12.99 -28.88
C GLY B 1 -14.84 -13.86 -29.00
N SER B 2 -14.67 -15.17 -29.26
CA SER B 2 -15.77 -16.14 -29.32
C SER B 2 -16.10 -16.75 -27.95
N MET B 3 -17.29 -17.36 -27.83
CA MET B 3 -17.79 -18.01 -26.61
C MET B 3 -17.04 -19.32 -26.29
N GLU B 4 -16.80 -20.16 -27.31
CA GLU B 4 -16.09 -21.45 -27.18
C GLU B 4 -14.58 -21.32 -26.89
N ASP B 5 -14.01 -20.12 -27.03
CA ASP B 5 -12.60 -19.83 -26.71
C ASP B 5 -12.33 -19.75 -25.19
N TYR B 6 -13.34 -19.39 -24.39
CA TYR B 6 -13.32 -19.41 -22.94
C TYR B 6 -13.50 -20.84 -22.38
N GLN B 7 -13.14 -21.06 -21.11
CA GLN B 7 -13.18 -22.37 -20.45
C GLN B 7 -13.76 -22.28 -19.02
N ALA B 8 -14.34 -23.38 -18.53
CA ALA B 8 -15.01 -23.46 -17.22
C ALA B 8 -14.07 -23.33 -16.00
N ALA B 9 -12.75 -23.35 -16.23
CA ALA B 9 -11.70 -23.24 -15.22
C ALA B 9 -11.67 -21.89 -14.46
N GLU B 10 -12.43 -20.89 -14.90
CA GLU B 10 -12.51 -19.54 -14.32
C GLU B 10 -12.82 -19.53 -12.81
N GLU B 11 -13.51 -20.55 -12.29
CA GLU B 11 -13.79 -20.72 -10.86
C GLU B 11 -12.55 -20.77 -9.94
N THR B 12 -11.37 -20.99 -10.52
CA THR B 12 -10.07 -20.90 -9.84
C THR B 12 -9.78 -19.49 -9.27
N ALA B 13 -10.35 -18.43 -9.86
CA ALA B 13 -10.27 -17.07 -9.35
C ALA B 13 -11.05 -16.92 -8.03
N PHE B 14 -10.32 -16.63 -6.95
CA PHE B 14 -10.90 -16.28 -5.64
C PHE B 14 -11.76 -15.01 -5.69
N VAL B 15 -12.54 -14.76 -4.63
CA VAL B 15 -13.48 -13.63 -4.54
C VAL B 15 -13.50 -13.02 -3.13
N VAL B 16 -13.91 -11.76 -2.99
CA VAL B 16 -13.95 -11.02 -1.73
C VAL B 16 -14.82 -11.72 -0.69
N ASP B 17 -15.95 -12.30 -1.11
CA ASP B 17 -16.86 -13.08 -0.27
C ASP B 17 -16.20 -14.33 0.36
N GLU B 18 -15.17 -14.90 -0.28
CA GLU B 18 -14.33 -15.97 0.28
C GLU B 18 -13.36 -15.40 1.32
N VAL B 19 -12.47 -14.49 0.90
CA VAL B 19 -11.45 -13.82 1.74
C VAL B 19 -12.05 -13.25 3.03
N SER B 20 -13.19 -12.56 2.91
CA SER B 20 -13.94 -11.99 4.03
C SER B 20 -14.41 -13.04 5.04
N ASN B 21 -14.57 -14.31 4.66
CA ASN B 21 -14.83 -15.42 5.59
C ASN B 21 -13.52 -16.04 6.16
N ILE B 22 -12.45 -16.17 5.35
CA ILE B 22 -11.13 -16.66 5.80
C ILE B 22 -10.65 -15.89 7.02
N VAL B 23 -10.78 -14.55 7.03
CA VAL B 23 -10.37 -13.74 8.18
C VAL B 23 -11.14 -14.06 9.47
N LYS B 24 -12.47 -14.27 9.41
CA LYS B 24 -13.26 -14.63 10.60
C LYS B 24 -12.89 -16.02 11.12
N GLU B 25 -12.90 -17.04 10.27
CA GLU B 25 -12.57 -18.41 10.71
C GLU B 25 -11.14 -18.51 11.28
N ALA B 26 -10.19 -17.73 10.74
CA ALA B 26 -8.83 -17.64 11.24
C ALA B 26 -8.74 -16.86 12.58
N ILE B 27 -9.40 -15.71 12.72
CA ILE B 27 -9.47 -14.96 13.99
C ILE B 27 -10.00 -15.86 15.10
N GLU B 28 -11.18 -16.44 14.95
CA GLU B 28 -11.78 -17.27 16.01
C GLU B 28 -10.91 -18.49 16.40
N SER B 29 -10.14 -19.05 15.46
CA SER B 29 -9.16 -20.11 15.75
C SER B 29 -7.99 -19.62 16.65
N ALA B 30 -7.55 -18.36 16.50
CA ALA B 30 -6.57 -17.71 17.36
C ALA B 30 -7.14 -17.26 18.71
N ILE B 31 -8.43 -16.85 18.75
CA ILE B 31 -9.18 -16.56 19.98
C ILE B 31 -9.32 -17.82 20.85
N GLY B 32 -9.55 -18.98 20.23
CA GLY B 32 -9.78 -20.26 20.92
C GLY B 32 -11.15 -20.38 21.60
N GLY B 33 -12.10 -19.50 21.24
CA GLY B 33 -13.46 -19.46 21.79
C GLY B 33 -13.64 -18.65 23.09
N ASN B 34 -12.63 -17.91 23.53
CA ASN B 34 -12.68 -17.06 24.74
C ASN B 34 -13.76 -15.94 24.65
N ALA B 35 -14.23 -15.47 25.81
CA ALA B 35 -15.12 -14.32 25.98
C ALA B 35 -14.38 -12.97 25.81
N TYR B 36 -15.05 -11.87 26.11
CA TYR B 36 -14.60 -10.46 26.07
C TYR B 36 -13.16 -10.23 26.61
N GLN B 37 -12.39 -9.37 25.94
CA GLN B 37 -10.98 -9.07 26.23
C GLN B 37 -10.66 -7.55 26.19
N HIS B 38 -9.42 -7.19 26.56
CA HIS B 38 -8.89 -5.82 26.54
C HIS B 38 -8.23 -5.51 25.18
N SER B 39 -6.90 -5.64 25.08
CA SER B 39 -6.06 -5.36 23.91
C SER B 39 -5.87 -6.56 22.96
N LYS B 40 -6.42 -7.74 23.27
CA LYS B 40 -6.25 -9.00 22.51
C LYS B 40 -6.55 -8.85 21.02
N VAL B 41 -7.62 -8.14 20.66
CA VAL B 41 -8.00 -7.90 19.25
C VAL B 41 -6.85 -7.27 18.46
N ASN B 42 -6.00 -6.46 19.07
CA ASN B 42 -4.82 -5.83 18.45
C ASN B 42 -3.76 -6.87 18.04
N GLN B 43 -3.40 -7.79 18.95
CA GLN B 43 -2.50 -8.90 18.62
C GLN B 43 -3.14 -9.93 17.67
N TRP B 44 -4.47 -10.05 17.67
CA TRP B 44 -5.20 -10.98 16.80
C TRP B 44 -5.27 -10.46 15.37
N THR B 45 -5.78 -9.25 15.14
CA THR B 45 -5.83 -8.63 13.81
C THR B 45 -4.45 -8.57 13.13
N THR B 46 -3.35 -8.42 13.90
CA THR B 46 -2.00 -8.52 13.31
C THR B 46 -1.57 -9.98 13.09
N ASN B 47 -1.57 -10.86 14.11
CA ASN B 47 -1.13 -12.25 14.02
C ASN B 47 -1.89 -13.07 12.97
N VAL B 48 -3.18 -12.80 12.80
CA VAL B 48 -4.05 -13.48 11.84
C VAL B 48 -3.63 -13.12 10.43
N VAL B 49 -3.74 -11.84 10.05
CA VAL B 49 -3.31 -11.33 8.75
C VAL B 49 -1.89 -11.81 8.40
N GLU B 50 -1.03 -12.02 9.41
CA GLU B 50 0.36 -12.49 9.21
C GLU B 50 0.43 -13.87 8.53
N GLN B 51 -0.51 -14.77 8.81
CA GLN B 51 -0.61 -16.12 8.21
C GLN B 51 -1.78 -16.23 7.21
N THR B 52 -2.94 -15.68 7.54
CA THR B 52 -4.16 -15.59 6.72
C THR B 52 -3.90 -14.96 5.37
N LEU B 53 -3.32 -13.76 5.34
CA LEU B 53 -3.08 -13.04 4.07
C LEU B 53 -2.14 -13.84 3.15
N SER B 54 -1.12 -14.50 3.74
CA SER B 54 -0.29 -15.48 3.03
C SER B 54 -1.13 -16.63 2.46
N GLN B 55 -1.97 -17.28 3.28
CA GLN B 55 -2.85 -18.41 2.93
C GLN B 55 -3.86 -18.10 1.81
N LEU B 56 -4.65 -17.02 1.92
CA LEU B 56 -5.69 -16.68 0.93
C LEU B 56 -5.14 -16.33 -0.45
N THR B 57 -3.91 -15.80 -0.54
CA THR B 57 -3.17 -15.65 -1.80
C THR B 57 -2.97 -17.01 -2.47
N LYS B 58 -2.82 -18.08 -1.69
CA LYS B 58 -2.65 -19.46 -2.23
C LYS B 58 -3.97 -20.09 -2.65
N LEU B 59 -5.09 -19.70 -2.01
CA LEU B 59 -6.45 -20.10 -2.44
C LEU B 59 -6.89 -19.44 -3.76
N GLY B 60 -6.28 -18.33 -4.16
CA GLY B 60 -6.48 -17.68 -5.46
C GLY B 60 -5.34 -18.00 -6.44
N LYS B 61 -4.53 -16.99 -6.79
CA LYS B 61 -3.38 -17.08 -7.72
C LYS B 61 -2.11 -16.40 -7.16
N PRO B 62 -0.91 -16.85 -7.56
CA PRO B 62 0.37 -16.29 -7.11
C PRO B 62 0.63 -14.89 -7.69
N PHE B 63 0.37 -13.84 -6.90
CA PHE B 63 0.66 -12.44 -7.20
C PHE B 63 1.12 -11.66 -5.96
N LYS B 64 1.73 -10.49 -6.20
CA LYS B 64 2.14 -9.50 -5.19
C LYS B 64 0.92 -8.87 -4.50
N TYR B 65 0.62 -9.33 -3.29
CA TYR B 65 -0.28 -8.67 -2.35
C TYR B 65 0.43 -7.52 -1.59
N ILE B 66 -0.38 -6.68 -0.95
CA ILE B 66 -0.01 -5.69 0.07
C ILE B 66 -1.20 -5.54 1.02
N VAL B 67 -0.94 -5.07 2.24
CA VAL B 67 -1.98 -4.49 3.10
C VAL B 67 -1.43 -3.24 3.79
N THR B 68 -2.34 -2.37 4.18
CA THR B 68 -2.08 -1.24 5.09
C THR B 68 -3.19 -1.16 6.12
N CYS B 69 -2.84 -0.99 7.40
CA CYS B 69 -3.78 -0.79 8.48
C CYS B 69 -3.45 0.45 9.33
N VAL B 70 -4.51 1.07 9.86
CA VAL B 70 -4.50 2.36 10.55
C VAL B 70 -5.29 2.25 11.85
N ILE B 71 -4.57 2.18 12.96
CA ILE B 71 -5.10 2.06 14.32
C ILE B 71 -5.09 3.46 14.96
N MET B 72 -6.28 4.03 15.14
CA MET B 72 -6.49 5.40 15.66
C MET B 72 -7.48 5.40 16.84
N GLN B 73 -7.44 6.46 17.66
CA GLN B 73 -8.19 6.61 18.91
C GLN B 73 -9.70 6.78 18.66
N LYS B 74 -10.51 5.98 19.37
CA LYS B 74 -11.98 5.89 19.28
C LYS B 74 -12.72 7.00 20.07
N ASN B 75 -12.00 7.85 20.80
CA ASN B 75 -12.52 8.97 21.61
C ASN B 75 -13.33 10.02 20.81
N GLY B 76 -13.16 10.08 19.48
CA GLY B 76 -13.80 11.04 18.58
C GLY B 76 -12.85 11.72 17.59
N ALA B 77 -11.57 11.33 17.58
CA ALA B 77 -10.52 11.87 16.71
C ALA B 77 -10.38 11.11 15.37
N GLY B 78 -9.46 11.58 14.52
CA GLY B 78 -9.12 11.02 13.21
C GLY B 78 -7.93 11.75 12.57
N LEU B 79 -7.57 11.35 11.35
CA LEU B 79 -6.43 11.88 10.58
C LEU B 79 -6.71 11.90 9.07
N HIS B 80 -5.75 12.37 8.25
CA HIS B 80 -5.89 12.41 6.77
C HIS B 80 -4.97 11.38 6.10
N THR B 81 -5.53 10.31 5.51
CA THR B 81 -4.77 9.31 4.74
C THR B 81 -5.18 9.35 3.28
N ALA B 82 -4.20 9.25 2.38
CA ALA B 82 -4.44 9.18 0.94
C ALA B 82 -3.55 8.11 0.28
N SER B 83 -4.16 7.30 -0.58
CA SER B 83 -3.57 6.07 -1.10
C SER B 83 -3.81 5.96 -2.60
N SER B 84 -2.74 5.90 -3.41
CA SER B 84 -2.88 5.68 -4.87
C SER B 84 -3.09 4.19 -5.15
N CYS B 85 -4.23 3.69 -4.67
CA CYS B 85 -4.74 2.33 -4.88
C CYS B 85 -6.01 2.36 -5.73
N PHE B 86 -6.46 1.17 -6.14
CA PHE B 86 -7.53 0.97 -7.11
C PHE B 86 -8.37 -0.27 -6.72
N TRP B 87 -9.70 -0.12 -6.72
CA TRP B 87 -10.65 -1.22 -6.49
C TRP B 87 -10.76 -2.07 -7.78
N ASP B 88 -10.52 -3.37 -7.66
CA ASP B 88 -10.49 -4.32 -8.79
C ASP B 88 -11.09 -5.68 -8.38
N SER B 89 -12.43 -5.80 -8.46
CA SER B 89 -13.21 -6.97 -8.02
C SER B 89 -12.91 -8.23 -8.87
N SER B 90 -13.20 -8.16 -10.18
CA SER B 90 -12.89 -9.22 -11.14
C SER B 90 -11.48 -9.07 -11.75
N THR B 91 -10.97 -7.85 -11.85
CA THR B 91 -9.78 -7.53 -12.66
C THR B 91 -8.47 -7.96 -11.98
N ASP B 92 -8.38 -7.80 -10.65
CA ASP B 92 -7.23 -8.14 -9.81
C ASP B 92 -7.72 -8.83 -8.50
N GLY B 93 -7.21 -8.46 -7.32
CA GLY B 93 -7.72 -8.86 -6.01
C GLY B 93 -7.80 -7.70 -5.01
N SER B 94 -8.75 -7.77 -4.07
CA SER B 94 -8.93 -6.81 -2.97
C SER B 94 -9.79 -7.39 -1.84
N CYS B 95 -9.66 -6.85 -0.62
CA CYS B 95 -10.57 -7.05 0.52
C CYS B 95 -10.25 -6.02 1.62
N THR B 96 -11.15 -5.77 2.58
CA THR B 96 -10.91 -4.90 3.73
C THR B 96 -11.65 -5.42 4.97
N VAL B 97 -11.02 -5.32 6.14
CA VAL B 97 -11.50 -5.91 7.40
C VAL B 97 -11.40 -4.87 8.52
N ARG B 98 -12.46 -4.79 9.35
CA ARG B 98 -12.66 -3.75 10.36
C ARG B 98 -13.15 -4.35 11.69
N TRP B 99 -12.39 -4.11 12.75
CA TRP B 99 -12.67 -4.57 14.12
C TRP B 99 -12.57 -3.41 15.12
N GLU B 100 -13.00 -3.66 16.37
CA GLU B 100 -12.96 -2.71 17.48
C GLU B 100 -12.07 -3.21 18.63
N ASN B 101 -11.71 -2.30 19.54
CA ASN B 101 -10.84 -2.55 20.68
C ASN B 101 -11.23 -1.60 21.85
N LYS B 102 -10.48 -1.65 22.96
CA LYS B 102 -10.65 -0.84 24.18
C LYS B 102 -11.05 0.62 23.92
N THR B 103 -10.11 1.40 23.39
CA THR B 103 -10.26 2.84 23.11
C THR B 103 -9.64 3.26 21.76
N MET B 104 -9.37 2.29 20.88
CA MET B 104 -8.81 2.49 19.54
C MET B 104 -9.43 1.52 18.53
N TYR B 105 -10.07 2.03 17.47
CA TYR B 105 -10.60 1.19 16.39
C TYR B 105 -9.48 0.74 15.44
N CYS B 106 -9.63 -0.41 14.78
CA CYS B 106 -8.59 -1.01 13.95
C CYS B 106 -9.12 -1.49 12.57
N ILE B 107 -8.63 -0.87 11.50
CA ILE B 107 -9.03 -1.13 10.10
C ILE B 107 -7.83 -1.53 9.24
N VAL B 108 -7.94 -2.63 8.48
CA VAL B 108 -6.91 -3.19 7.59
C VAL B 108 -7.47 -3.37 6.17
N SER B 109 -6.83 -2.72 5.19
CA SER B 109 -7.22 -2.75 3.78
C SER B 109 -6.17 -3.46 2.94
N ALA B 110 -6.57 -4.52 2.24
CA ALA B 110 -5.73 -5.39 1.43
C ALA B 110 -5.98 -5.20 -0.07
N PHE B 111 -4.89 -5.25 -0.84
CA PHE B 111 -4.88 -5.19 -2.30
C PHE B 111 -3.95 -6.28 -2.87
N GLY B 112 -4.28 -6.81 -4.03
CA GLY B 112 -3.49 -7.79 -4.78
C GLY B 112 -3.49 -7.44 -6.26
N LEU B 113 -2.31 -7.30 -6.86
CA LEU B 113 -2.13 -6.70 -8.19
C LEU B 113 -1.91 -7.77 -9.27
N SER B 114 -2.64 -7.67 -10.38
CA SER B 114 -2.73 -8.71 -11.42
C SER B 114 -2.60 -8.13 -12.84
N ILE B 115 -1.75 -8.75 -13.66
CA ILE B 115 -1.50 -8.38 -15.07
C ILE B 115 -1.88 -9.46 -16.11
N GLY B 116 -2.34 -10.63 -15.66
CA GLY B 116 -2.66 -11.79 -16.51
C GLY B 116 -4.13 -11.91 -16.96
N GLY B 117 -5.01 -11.00 -16.52
CA GLY B 117 -6.44 -11.00 -16.89
C GLY B 117 -7.29 -12.09 -16.21
N GLY B 118 -6.76 -12.74 -15.16
CA GLY B 118 -7.43 -13.81 -14.40
C GLY B 118 -8.80 -13.40 -13.86
N SER B 119 -9.86 -14.03 -14.36
CA SER B 119 -11.28 -13.73 -14.09
C SER B 119 -12.08 -14.98 -13.72
N GLY B 120 -13.34 -14.79 -13.31
CA GLY B 120 -14.27 -15.84 -12.86
C GLY B 120 -15.08 -15.49 -11.60
N GLN B 121 -15.46 -14.21 -11.44
CA GLN B 121 -16.32 -13.70 -10.37
C GLN B 121 -17.69 -14.42 -10.27
N SER B 122 -18.40 -14.18 -9.17
CA SER B 122 -19.73 -14.76 -8.88
C SER B 122 -20.78 -14.41 -9.95
N GLY B 123 -20.78 -13.15 -10.42
CA GLY B 123 -21.62 -12.66 -11.52
C GLY B 123 -20.82 -12.44 -12.83
N PRO B 124 -21.49 -12.03 -13.92
CA PRO B 124 -20.82 -11.73 -15.19
C PRO B 124 -19.90 -10.51 -15.07
N ILE B 125 -18.83 -10.48 -15.86
CA ILE B 125 -17.92 -9.33 -15.94
C ILE B 125 -18.60 -8.12 -16.62
N LYS B 126 -18.09 -6.91 -16.36
CA LYS B 126 -18.53 -5.67 -17.02
C LYS B 126 -17.41 -4.64 -17.14
N LEU B 127 -17.66 -3.60 -17.94
CA LEU B 127 -16.81 -2.40 -18.06
C LEU B 127 -16.84 -1.60 -16.76
N GLY B 128 -15.68 -1.42 -16.14
CA GLY B 128 -15.49 -0.66 -14.91
C GLY B 128 -14.09 -0.03 -14.80
N MET B 129 -13.97 0.96 -13.93
CA MET B 129 -12.72 1.67 -13.61
C MET B 129 -12.69 2.10 -12.14
N ALA B 130 -11.53 2.58 -11.67
CA ALA B 130 -11.29 3.03 -10.30
C ALA B 130 -10.46 4.32 -10.25
N LYS B 131 -10.47 4.97 -9.07
CA LYS B 131 -9.79 6.24 -8.78
C LYS B 131 -8.99 6.16 -7.46
N ILE B 132 -8.25 7.22 -7.13
CA ILE B 132 -7.46 7.37 -5.89
C ILE B 132 -8.30 7.06 -4.65
N THR B 133 -7.75 6.26 -3.73
CA THR B 133 -8.41 5.82 -2.50
C THR B 133 -7.99 6.72 -1.34
N GLN B 134 -8.71 7.82 -1.11
CA GLN B 134 -8.54 8.65 0.08
C GLN B 134 -9.49 8.21 1.21
N VAL B 135 -9.05 8.42 2.46
CA VAL B 135 -9.77 8.10 3.70
C VAL B 135 -9.37 9.10 4.79
N ASP B 136 -10.25 10.06 5.02
CA ASP B 136 -10.09 11.17 5.96
C ASP B 136 -11.41 11.54 6.65
N PHE B 137 -11.32 12.35 7.70
CA PHE B 137 -12.47 12.91 8.44
C PHE B 137 -12.46 14.45 8.30
N PRO B 138 -13.10 15.01 7.26
CA PRO B 138 -13.16 16.45 7.03
C PRO B 138 -14.13 17.16 8.00
N PRO B 139 -14.09 18.51 8.09
CA PRO B 139 -14.95 19.27 9.00
C PRO B 139 -16.44 19.26 8.61
N ARG B 140 -16.75 19.23 7.30
CA ARG B 140 -18.13 19.20 6.76
C ARG B 140 -18.18 18.64 5.34
N GLU B 141 -17.52 19.34 4.42
CA GLU B 141 -17.54 19.12 2.96
C GLU B 141 -16.31 18.31 2.49
N ILE B 142 -16.23 18.00 1.19
CA ILE B 142 -15.18 17.15 0.58
C ILE B 142 -14.43 17.83 -0.57
N VAL B 143 -13.37 17.19 -1.06
CA VAL B 143 -12.47 17.63 -2.15
C VAL B 143 -12.61 16.75 -3.41
N GLY A 1 24.71 5.10 -41.01
CA GLY A 1 23.73 4.74 -39.97
C GLY A 1 23.34 5.93 -39.11
N SER A 2 23.04 5.69 -37.84
CA SER A 2 22.76 6.69 -36.79
C SER A 2 24.02 7.48 -36.35
N MET A 3 23.92 8.29 -35.29
CA MET A 3 24.99 9.12 -34.70
C MET A 3 26.32 8.38 -34.52
N GLU A 4 26.32 7.26 -33.79
CA GLU A 4 27.53 6.47 -33.53
C GLU A 4 27.50 5.09 -34.20
N ASP A 5 26.75 4.16 -33.63
CA ASP A 5 26.36 2.89 -34.23
C ASP A 5 24.83 2.70 -34.23
N TYR A 6 24.13 3.52 -33.44
CA TYR A 6 22.68 3.47 -33.16
C TYR A 6 22.13 4.78 -32.56
N GLN A 7 20.80 4.84 -32.38
CA GLN A 7 20.04 5.88 -31.68
C GLN A 7 20.33 5.92 -30.16
N ALA A 8 19.70 6.87 -29.45
CA ALA A 8 19.85 7.12 -28.00
C ALA A 8 18.52 6.96 -27.22
N ALA A 9 17.80 5.87 -27.49
CA ALA A 9 16.51 5.51 -26.86
C ALA A 9 16.59 5.08 -25.38
N GLU A 10 17.77 5.13 -24.74
CA GLU A 10 18.02 4.68 -23.35
C GLU A 10 17.06 5.29 -22.30
N GLU A 11 16.50 6.47 -22.57
CA GLU A 11 15.46 7.12 -21.75
C GLU A 11 14.17 6.29 -21.57
N THR A 12 13.95 5.27 -22.41
CA THR A 12 12.79 4.35 -22.36
C THR A 12 12.71 3.53 -21.06
N ALA A 13 13.85 3.30 -20.40
CA ALA A 13 13.93 2.70 -19.07
C ALA A 13 14.16 3.77 -17.99
N PHE A 14 13.76 3.46 -16.76
CA PHE A 14 13.94 4.31 -15.58
C PHE A 14 14.68 3.55 -14.46
N VAL A 15 15.17 4.28 -13.46
CA VAL A 15 15.84 3.72 -12.27
C VAL A 15 15.34 4.42 -11.01
N VAL A 16 15.17 3.70 -9.92
CA VAL A 16 14.73 4.19 -8.59
C VAL A 16 15.52 5.41 -8.11
N ASP A 17 16.85 5.41 -8.28
CA ASP A 17 17.73 6.54 -7.95
C ASP A 17 17.37 7.83 -8.73
N GLU A 18 16.82 7.68 -9.94
CA GLU A 18 16.25 8.78 -10.74
C GLU A 18 14.88 9.20 -10.18
N VAL A 19 13.90 8.29 -10.07
CA VAL A 19 12.55 8.56 -9.54
C VAL A 19 12.59 9.33 -8.21
N SER A 20 13.49 8.90 -7.32
CA SER A 20 13.72 9.51 -6.00
C SER A 20 14.35 10.91 -6.05
N ASN A 21 14.75 11.40 -7.23
CA ASN A 21 15.19 12.77 -7.50
C ASN A 21 14.14 13.56 -8.31
N ILE A 22 13.37 12.93 -9.22
CA ILE A 22 12.23 13.54 -9.92
C ILE A 22 11.30 14.22 -8.90
N VAL A 23 11.02 13.57 -7.77
CA VAL A 23 10.19 14.17 -6.73
C VAL A 23 10.77 15.48 -6.18
N LYS A 24 12.08 15.57 -5.89
CA LYS A 24 12.72 16.80 -5.38
C LYS A 24 12.66 17.92 -6.40
N GLU A 25 13.12 17.65 -7.63
CA GLU A 25 13.12 18.68 -8.68
C GLU A 25 11.71 19.15 -9.06
N ALA A 26 10.70 18.26 -9.02
CA ALA A 26 9.31 18.59 -9.27
C ALA A 26 8.66 19.35 -8.10
N ILE A 27 8.98 19.02 -6.84
CA ILE A 27 8.52 19.80 -5.68
C ILE A 27 9.00 21.24 -5.79
N GLU A 28 10.32 21.46 -5.85
CA GLU A 28 10.87 22.83 -5.89
C GLU A 28 10.40 23.65 -7.12
N SER A 29 10.16 22.98 -8.25
CA SER A 29 9.49 23.57 -9.43
C SER A 29 8.09 24.10 -9.10
N ALA A 30 7.25 23.28 -8.45
CA ALA A 30 5.89 23.66 -8.01
C ALA A 30 5.89 24.71 -6.87
N ILE A 31 6.88 24.70 -5.97
CA ILE A 31 7.06 25.71 -4.91
C ILE A 31 7.22 27.12 -5.51
N GLY A 32 8.03 27.26 -6.56
CA GLY A 32 8.33 28.55 -7.21
C GLY A 32 9.47 29.35 -6.56
N GLY A 33 10.26 28.73 -5.66
CA GLY A 33 11.49 29.30 -5.08
C GLY A 33 11.45 29.66 -3.59
N ASN A 34 10.32 29.49 -2.91
CA ASN A 34 10.24 29.60 -1.44
C ASN A 34 11.02 28.47 -0.72
N ALA A 35 11.19 28.57 0.61
CA ALA A 35 11.95 27.64 1.45
C ALA A 35 11.01 26.65 2.19
N TYR A 36 11.41 26.24 3.40
CA TYR A 36 10.68 25.36 4.31
C TYR A 36 9.42 26.06 4.86
N GLN A 37 8.24 25.69 4.32
CA GLN A 37 6.93 26.22 4.72
C GLN A 37 6.25 25.35 5.79
N HIS A 38 5.11 25.82 6.34
CA HIS A 38 4.21 25.03 7.21
C HIS A 38 3.25 24.18 6.36
N SER A 39 1.95 24.48 6.36
CA SER A 39 0.88 23.72 5.67
C SER A 39 1.03 23.66 4.15
N LYS A 40 1.78 24.59 3.54
CA LYS A 40 2.09 24.57 2.10
C LYS A 40 2.77 23.25 1.66
N VAL A 41 3.70 22.73 2.46
CA VAL A 41 4.37 21.42 2.23
C VAL A 41 3.37 20.28 2.07
N ASN A 42 2.26 20.28 2.81
CA ASN A 42 1.20 19.27 2.69
C ASN A 42 0.50 19.33 1.32
N GLN A 43 0.08 20.52 0.86
CA GLN A 43 -0.50 20.65 -0.49
C GLN A 43 0.52 20.33 -1.59
N TRP A 44 1.82 20.47 -1.33
CA TRP A 44 2.88 20.19 -2.30
C TRP A 44 3.15 18.70 -2.43
N THR A 45 3.41 17.99 -1.32
CA THR A 45 3.61 16.54 -1.35
C THR A 45 2.42 15.78 -1.98
N THR A 46 1.18 16.30 -1.85
CA THR A 46 0.03 15.73 -2.59
C THR A 46 -0.01 16.19 -4.06
N ASN A 47 -0.07 17.50 -4.36
CA ASN A 47 -0.23 18.04 -5.72
C ASN A 47 0.89 17.60 -6.68
N VAL A 48 2.13 17.55 -6.20
CA VAL A 48 3.31 17.21 -7.00
C VAL A 48 3.25 15.76 -7.41
N VAL A 49 3.26 14.84 -6.45
CA VAL A 49 3.13 13.39 -6.67
C VAL A 49 1.93 13.08 -7.57
N GLU A 50 0.88 13.91 -7.54
CA GLU A 50 -0.32 13.74 -8.39
C GLU A 50 0.02 13.69 -9.88
N GLN A 51 0.78 14.70 -10.36
CA GLN A 51 1.22 14.82 -11.76
C GLN A 51 2.60 14.18 -12.00
N THR A 52 3.52 14.32 -11.05
CA THR A 52 4.91 13.82 -11.07
C THR A 52 4.98 12.30 -11.17
N LEU A 53 4.28 11.58 -10.28
CA LEU A 53 4.21 10.11 -10.33
C LEU A 53 3.57 9.64 -11.65
N SER A 54 2.55 10.37 -12.12
CA SER A 54 1.94 10.15 -13.44
C SER A 54 2.87 10.43 -14.62
N GLN A 55 3.83 11.37 -14.49
CA GLN A 55 4.85 11.74 -15.47
C GLN A 55 6.01 10.73 -15.56
N LEU A 56 6.61 10.34 -14.43
CA LEU A 56 7.71 9.36 -14.42
C LEU A 56 7.28 7.95 -14.86
N THR A 57 5.99 7.63 -14.70
CA THR A 57 5.36 6.45 -15.30
C THR A 57 5.49 6.47 -16.82
N LYS A 58 5.50 7.67 -17.44
CA LYS A 58 5.63 7.85 -18.90
C LYS A 58 7.08 7.85 -19.37
N LEU A 59 8.01 8.31 -18.53
CA LEU A 59 9.45 8.19 -18.80
C LEU A 59 9.90 6.72 -18.70
N GLY A 60 9.27 5.93 -17.83
CA GLY A 60 9.44 4.49 -17.73
C GLY A 60 8.54 3.74 -18.72
N LYS A 61 7.94 2.64 -18.25
CA LYS A 61 7.02 1.78 -19.02
C LYS A 61 5.58 1.80 -18.46
N PRO A 62 4.57 1.42 -19.28
CA PRO A 62 3.17 1.32 -18.83
C PRO A 62 2.98 0.12 -17.89
N PHE A 63 2.74 0.39 -16.61
CA PHE A 63 2.46 -0.60 -15.58
C PHE A 63 1.53 -0.06 -14.48
N LYS A 64 1.10 -0.92 -13.56
CA LYS A 64 0.42 -0.57 -12.30
C LYS A 64 1.40 0.04 -11.30
N TYR A 65 1.27 1.33 -11.00
CA TYR A 65 1.99 2.03 -9.93
C TYR A 65 0.98 2.46 -8.85
N ILE A 66 1.33 2.23 -7.59
CA ILE A 66 0.58 2.60 -6.39
C ILE A 66 1.39 3.58 -5.56
N VAL A 67 0.69 4.42 -4.81
CA VAL A 67 1.28 5.29 -3.78
C VAL A 67 0.36 5.35 -2.58
N THR A 68 0.96 5.64 -1.42
CA THR A 68 0.24 5.98 -0.20
C THR A 68 1.05 6.99 0.61
N CYS A 69 0.40 7.81 1.43
CA CYS A 69 1.05 8.73 2.37
C CYS A 69 0.24 8.93 3.66
N VAL A 70 0.94 9.33 4.71
CA VAL A 70 0.39 9.63 6.05
C VAL A 70 0.97 10.94 6.54
N ILE A 71 0.09 11.90 6.81
CA ILE A 71 0.36 13.23 7.33
C ILE A 71 -0.09 13.25 8.80
N MET A 72 0.86 13.47 9.69
CA MET A 72 0.69 13.47 11.15
C MET A 72 1.45 14.64 11.81
N GLN A 73 1.12 15.01 13.04
CA GLN A 73 1.85 16.00 13.84
C GLN A 73 2.19 15.52 15.26
N LYS A 74 3.22 16.13 15.86
CA LYS A 74 3.73 15.82 17.21
C LYS A 74 2.86 16.37 18.36
N ASN A 75 1.86 17.18 18.03
CA ASN A 75 0.89 17.79 18.96
C ASN A 75 0.02 16.76 19.72
N GLY A 76 -0.03 15.50 19.27
CA GLY A 76 -0.71 14.38 19.93
C GLY A 76 -1.71 13.61 19.07
N ALA A 77 -1.48 13.52 17.75
CA ALA A 77 -2.31 12.78 16.80
C ALA A 77 -2.22 11.24 16.97
N GLY A 78 -2.83 10.72 18.04
CA GLY A 78 -2.76 9.31 18.48
C GLY A 78 -3.39 8.31 17.52
N LEU A 79 -2.56 7.72 16.66
CA LEU A 79 -2.93 6.72 15.67
C LEU A 79 -2.09 5.43 15.80
N HIS A 80 -2.58 4.35 15.21
CA HIS A 80 -1.84 3.08 15.04
C HIS A 80 -1.88 2.68 13.56
N THR A 81 -0.84 2.99 12.80
CA THR A 81 -0.70 2.58 11.39
C THR A 81 0.33 1.45 11.30
N ALA A 82 0.01 0.43 10.51
CA ALA A 82 0.86 -0.76 10.34
C ALA A 82 0.85 -1.22 8.89
N SER A 83 2.01 -1.25 8.24
CA SER A 83 2.15 -1.72 6.86
C SER A 83 3.19 -2.83 6.75
N SER A 84 2.90 -3.84 5.94
CA SER A 84 3.85 -4.94 5.63
C SER A 84 4.75 -4.60 4.43
N CYS A 85 4.83 -3.31 4.06
CA CYS A 85 5.70 -2.81 3.01
C CYS A 85 7.18 -2.84 3.42
N PHE A 86 8.07 -2.67 2.44
CA PHE A 86 9.52 -2.64 2.59
C PHE A 86 10.17 -1.87 1.43
N TRP A 87 11.33 -1.25 1.66
CA TRP A 87 12.09 -0.59 0.61
C TRP A 87 12.87 -1.63 -0.22
N ASP A 88 12.71 -1.59 -1.54
CA ASP A 88 13.54 -2.36 -2.49
C ASP A 88 13.91 -1.52 -3.73
N SER A 89 15.16 -1.67 -4.18
CA SER A 89 15.77 -0.92 -5.30
C SER A 89 16.56 -1.81 -6.27
N SER A 90 17.27 -2.82 -5.74
CA SER A 90 17.97 -3.87 -6.52
C SER A 90 17.05 -5.07 -6.78
N THR A 91 16.30 -5.50 -5.76
CA THR A 91 15.42 -6.68 -5.77
C THR A 91 14.23 -6.50 -6.73
N ASP A 92 13.60 -5.32 -6.72
CA ASP A 92 12.48 -4.91 -7.58
C ASP A 92 12.34 -3.36 -7.67
N GLY A 93 11.18 -2.84 -8.09
CA GLY A 93 10.91 -1.40 -8.28
C GLY A 93 10.02 -0.72 -7.23
N SER A 94 10.58 0.22 -6.47
CA SER A 94 9.91 1.16 -5.54
C SER A 94 10.50 2.58 -5.62
N CYS A 95 9.92 3.53 -4.88
CA CYS A 95 10.47 4.87 -4.58
C CYS A 95 9.77 5.43 -3.33
N THR A 96 10.48 5.95 -2.33
CA THR A 96 9.86 6.51 -1.10
C THR A 96 10.54 7.81 -0.63
N VAL A 97 9.76 8.73 -0.06
CA VAL A 97 10.17 10.12 0.21
C VAL A 97 9.64 10.56 1.58
N ARG A 98 10.49 11.27 2.33
CA ARG A 98 10.21 11.76 3.70
C ARG A 98 10.53 13.24 3.85
N TRP A 99 9.49 14.06 4.09
CA TRP A 99 9.58 15.52 4.27
C TRP A 99 9.02 15.89 5.65
N GLU A 100 9.91 16.07 6.61
CA GLU A 100 9.58 16.65 7.91
C GLU A 100 9.10 18.12 7.80
N ASN A 101 8.55 18.66 8.89
CA ASN A 101 8.10 20.05 8.99
C ASN A 101 8.46 20.66 10.37
N LYS A 102 8.06 21.92 10.62
CA LYS A 102 8.34 22.68 11.85
C LYS A 102 7.78 22.00 13.11
N THR A 103 6.55 21.49 13.03
CA THR A 103 5.86 20.72 14.09
C THR A 103 5.14 19.47 13.57
N MET A 104 4.65 19.48 12.33
CA MET A 104 4.10 18.28 11.67
C MET A 104 5.20 17.47 10.94
N TYR A 105 4.82 16.33 10.36
CA TYR A 105 5.66 15.54 9.46
C TYR A 105 4.82 14.75 8.45
N CYS A 106 5.38 14.49 7.26
CA CYS A 106 4.73 13.69 6.23
C CYS A 106 5.70 12.69 5.56
N ILE A 107 5.18 11.51 5.25
CA ILE A 107 5.88 10.42 4.57
C ILE A 107 5.01 9.87 3.43
N VAL A 108 5.61 9.64 2.26
CA VAL A 108 4.98 9.13 1.06
C VAL A 108 5.81 8.00 0.45
N SER A 109 5.18 6.88 0.13
CA SER A 109 5.83 5.73 -0.49
C SER A 109 5.13 5.33 -1.80
N ALA A 110 5.91 4.83 -2.76
CA ALA A 110 5.51 4.41 -4.09
C ALA A 110 6.07 3.02 -4.42
N PHE A 111 5.21 2.18 -5.00
CA PHE A 111 5.51 0.81 -5.41
C PHE A 111 4.95 0.58 -6.82
N GLY A 112 5.46 -0.40 -7.55
CA GLY A 112 5.05 -0.67 -8.93
C GLY A 112 6.08 -1.51 -9.66
N LEU A 113 5.98 -2.83 -9.51
CA LEU A 113 6.90 -3.80 -10.10
C LEU A 113 6.70 -3.84 -11.63
N SER A 114 7.74 -4.23 -12.37
CA SER A 114 7.76 -4.14 -13.84
C SER A 114 8.71 -5.16 -14.46
N ILE A 115 8.25 -6.40 -14.61
CA ILE A 115 9.04 -7.52 -15.17
C ILE A 115 9.45 -7.34 -16.65
N GLY A 116 8.84 -6.38 -17.35
CA GLY A 116 9.05 -6.07 -18.78
C GLY A 116 10.11 -4.99 -19.07
N GLY A 117 10.87 -4.53 -18.07
CA GLY A 117 11.94 -3.53 -18.21
C GLY A 117 11.98 -2.43 -17.15
N GLY A 118 11.55 -2.72 -15.91
CA GLY A 118 11.55 -1.82 -14.76
C GLY A 118 12.94 -1.54 -14.15
N SER A 119 12.94 -1.05 -12.91
CA SER A 119 14.16 -0.87 -12.10
C SER A 119 14.93 -2.19 -11.91
N GLY A 120 16.22 -2.09 -11.58
CA GLY A 120 17.18 -3.19 -11.65
C GLY A 120 18.20 -3.07 -12.81
N GLN A 121 18.37 -1.86 -13.36
CA GLN A 121 19.40 -1.54 -14.37
C GLN A 121 20.84 -1.74 -13.83
N SER A 122 21.85 -1.61 -14.69
CA SER A 122 23.30 -1.68 -14.39
C SER A 122 23.85 -0.52 -13.53
N GLY A 123 22.99 0.15 -12.75
CA GLY A 123 23.33 1.21 -11.78
C GLY A 123 23.95 0.68 -10.47
N PRO A 124 24.14 1.55 -9.46
CA PRO A 124 24.73 1.17 -8.17
C PRO A 124 23.80 0.26 -7.36
N ILE A 125 24.39 -0.67 -6.60
CA ILE A 125 23.70 -1.46 -5.57
C ILE A 125 23.54 -0.69 -4.26
N LYS A 126 22.67 -1.20 -3.40
CA LYS A 126 22.32 -0.68 -2.07
C LYS A 126 22.09 -1.82 -1.09
N LEU A 127 22.12 -1.52 0.21
CA LEU A 127 21.94 -2.48 1.30
C LEU A 127 20.99 -1.89 2.36
N GLY A 128 19.86 -2.57 2.62
CA GLY A 128 18.82 -2.16 3.57
C GLY A 128 17.92 -3.33 3.97
N MET A 129 17.32 -3.25 5.16
CA MET A 129 16.44 -4.30 5.69
C MET A 129 15.04 -4.30 5.03
N ALA A 130 14.31 -5.40 5.14
CA ALA A 130 12.95 -5.57 4.60
C ALA A 130 12.06 -6.37 5.56
N LYS A 131 11.48 -5.68 6.55
CA LYS A 131 10.53 -6.25 7.53
C LYS A 131 9.26 -5.40 7.65
N ILE A 132 8.33 -5.81 8.51
CA ILE A 132 7.10 -5.05 8.85
C ILE A 132 7.43 -3.63 9.33
N THR A 133 6.70 -2.64 8.81
CA THR A 133 6.88 -1.21 9.09
C THR A 133 5.66 -0.64 9.80
N GLN A 134 5.67 -0.66 11.14
CA GLN A 134 4.67 0.01 11.97
C GLN A 134 5.08 1.44 12.31
N VAL A 135 4.08 2.32 12.43
CA VAL A 135 4.16 3.76 12.71
C VAL A 135 3.02 4.14 13.66
N ASP A 136 3.36 4.33 14.94
CA ASP A 136 2.43 4.69 16.02
C ASP A 136 3.06 5.67 17.02
N PHE A 137 2.34 6.74 17.32
CA PHE A 137 2.75 7.82 18.24
C PHE A 137 1.51 8.33 19.03
N PRO A 138 1.20 7.77 20.21
CA PRO A 138 0.06 8.21 21.03
C PRO A 138 0.26 9.61 21.63
N PRO A 139 -0.80 10.25 22.19
CA PRO A 139 -0.71 11.55 22.87
C PRO A 139 0.02 11.48 24.22
N ARG A 140 0.22 10.27 24.79
CA ARG A 140 1.05 10.04 25.98
C ARG A 140 2.48 10.53 25.74
N GLU A 141 2.96 11.31 26.70
CA GLU A 141 4.26 12.00 26.71
C GLU A 141 4.80 12.12 28.14
N ILE A 142 6.05 12.57 28.30
CA ILE A 142 6.73 12.78 29.58
C ILE A 142 7.17 14.24 29.76
N VAL A 143 7.45 14.64 31.00
CA VAL A 143 7.85 16.00 31.43
C VAL A 143 9.09 15.95 32.32
N GLY B 1 -11.41 -41.92 -17.72
CA GLY B 1 -12.29 -41.98 -16.53
C GLY B 1 -12.46 -40.61 -15.89
N SER B 2 -12.98 -40.58 -14.66
CA SER B 2 -13.21 -39.34 -13.88
C SER B 2 -12.83 -39.45 -12.39
N MET B 3 -13.26 -40.53 -11.71
CA MET B 3 -13.00 -40.74 -10.27
C MET B 3 -11.51 -40.95 -9.95
N GLU B 4 -10.81 -41.76 -10.76
CA GLU B 4 -9.41 -42.14 -10.57
C GLU B 4 -8.43 -41.51 -11.59
N ASP B 5 -8.93 -41.14 -12.78
CA ASP B 5 -8.12 -40.56 -13.88
C ASP B 5 -7.95 -39.03 -13.76
N TYR B 6 -8.85 -38.37 -13.01
CA TYR B 6 -8.77 -36.97 -12.56
C TYR B 6 -8.73 -36.90 -11.03
N GLN B 7 -8.30 -35.75 -10.49
CA GLN B 7 -8.20 -35.46 -9.05
C GLN B 7 -8.87 -34.12 -8.71
N ALA B 8 -9.13 -33.86 -7.42
CA ALA B 8 -9.76 -32.63 -6.91
C ALA B 8 -8.74 -31.49 -6.65
N ALA B 9 -7.75 -31.32 -7.52
CA ALA B 9 -6.69 -30.31 -7.43
C ALA B 9 -7.15 -28.84 -7.58
N GLU B 10 -8.44 -28.59 -7.83
CA GLU B 10 -9.05 -27.26 -8.04
C GLU B 10 -8.77 -26.25 -6.91
N GLU B 11 -8.51 -26.72 -5.68
CA GLU B 11 -8.09 -25.91 -4.54
C GLU B 11 -6.79 -25.10 -4.76
N THR B 12 -5.96 -25.51 -5.73
CA THR B 12 -4.67 -24.87 -6.10
C THR B 12 -4.76 -23.39 -6.49
N ALA B 13 -5.95 -22.95 -6.92
CA ALA B 13 -6.27 -21.54 -7.17
C ALA B 13 -7.30 -21.05 -6.13
N PHE B 14 -7.12 -19.82 -5.66
CA PHE B 14 -8.03 -19.15 -4.73
C PHE B 14 -8.77 -17.97 -5.40
N VAL B 15 -9.86 -17.54 -4.79
CA VAL B 15 -10.77 -16.49 -5.29
C VAL B 15 -11.07 -15.48 -4.18
N VAL B 16 -11.04 -14.19 -4.52
CA VAL B 16 -11.24 -13.04 -3.63
C VAL B 16 -12.50 -13.15 -2.76
N ASP B 17 -13.61 -13.63 -3.33
CA ASP B 17 -14.86 -13.91 -2.64
C ASP B 17 -14.69 -14.91 -1.47
N GLU B 18 -13.75 -15.86 -1.59
CA GLU B 18 -13.37 -16.77 -0.51
C GLU B 18 -12.28 -16.17 0.39
N VAL B 19 -11.19 -15.64 -0.15
CA VAL B 19 -10.12 -14.95 0.63
C VAL B 19 -10.70 -13.96 1.66
N SER B 20 -11.73 -13.21 1.27
CA SER B 20 -12.49 -12.26 2.11
C SER B 20 -13.38 -12.91 3.17
N ASN B 21 -13.56 -14.24 3.16
CA ASN B 21 -14.21 -15.07 4.17
C ASN B 21 -13.21 -15.84 5.07
N ILE B 22 -12.03 -16.22 4.52
CA ILE B 22 -10.92 -16.80 5.31
C ILE B 22 -10.60 -15.93 6.52
N VAL B 23 -10.58 -14.61 6.35
CA VAL B 23 -10.35 -13.68 7.46
C VAL B 23 -11.42 -13.80 8.57
N LYS B 24 -12.72 -13.91 8.23
CA LYS B 24 -13.80 -14.05 9.23
C LYS B 24 -13.69 -15.36 9.98
N GLU B 25 -13.58 -16.48 9.27
CA GLU B 25 -13.47 -17.79 9.92
C GLU B 25 -12.19 -17.94 10.76
N ALA B 26 -11.07 -17.33 10.33
CA ALA B 26 -9.81 -17.33 11.08
C ALA B 26 -9.83 -16.38 12.29
N ILE B 27 -10.49 -15.21 12.20
CA ILE B 27 -10.69 -14.31 13.35
C ILE B 27 -11.46 -15.06 14.45
N GLU B 28 -12.68 -15.53 14.17
CA GLU B 28 -13.50 -16.20 15.19
C GLU B 28 -12.85 -17.47 15.78
N SER B 29 -12.06 -18.19 14.99
CA SER B 29 -11.19 -19.28 15.45
C SER B 29 -10.18 -18.80 16.51
N ALA B 30 -9.45 -17.72 16.24
CA ALA B 30 -8.50 -17.11 17.19
C ALA B 30 -9.17 -16.45 18.42
N ILE B 31 -10.38 -15.89 18.28
CA ILE B 31 -11.18 -15.34 19.39
C ILE B 31 -11.48 -16.43 20.44
N GLY B 32 -11.86 -17.63 20.01
CA GLY B 32 -12.23 -18.75 20.90
C GLY B 32 -13.70 -18.73 21.37
N GLY B 33 -14.56 -17.90 20.78
CA GLY B 33 -16.02 -17.89 21.00
C GLY B 33 -16.61 -16.67 21.71
N ASN B 34 -15.79 -15.70 22.14
CA ASN B 34 -16.25 -14.40 22.63
C ASN B 34 -16.93 -13.55 21.52
N ALA B 35 -17.57 -12.44 21.90
CA ALA B 35 -18.32 -11.54 21.00
C ALA B 35 -17.49 -10.28 20.62
N TYR B 36 -18.17 -9.15 20.46
CA TYR B 36 -17.62 -7.82 20.16
C TYR B 36 -16.86 -7.25 21.38
N GLN B 37 -15.54 -7.40 21.38
CA GLN B 37 -14.63 -6.87 22.42
C GLN B 37 -14.23 -5.40 22.17
N HIS B 38 -13.51 -4.78 23.11
CA HIS B 38 -12.86 -3.46 22.94
C HIS B 38 -11.47 -3.61 22.29
N SER B 39 -10.38 -3.45 23.04
CA SER B 39 -8.99 -3.48 22.51
C SER B 39 -8.55 -4.85 21.97
N LYS B 40 -9.21 -5.94 22.38
CA LYS B 40 -8.94 -7.31 21.89
C LYS B 40 -9.04 -7.40 20.36
N VAL B 41 -10.01 -6.72 19.73
CA VAL B 41 -10.15 -6.66 18.26
C VAL B 41 -8.88 -6.19 17.55
N ASN B 42 -8.10 -5.29 18.15
CA ASN B 42 -6.86 -4.77 17.59
C ASN B 42 -5.76 -5.83 17.55
N GLN B 43 -5.54 -6.58 18.65
CA GLN B 43 -4.60 -7.71 18.63
C GLN B 43 -5.06 -8.84 17.69
N TRP B 44 -6.37 -8.96 17.43
CA TRP B 44 -6.91 -10.00 16.56
C TRP B 44 -6.73 -9.65 15.08
N THR B 45 -7.18 -8.47 14.64
CA THR B 45 -6.98 -8.03 13.25
C THR B 45 -5.51 -8.01 12.84
N THR B 46 -4.57 -7.77 13.77
CA THR B 46 -3.13 -7.95 13.48
C THR B 46 -2.69 -9.42 13.52
N ASN B 47 -2.84 -10.14 14.65
CA ASN B 47 -2.35 -11.52 14.84
C ASN B 47 -2.91 -12.51 13.82
N VAL B 48 -4.19 -12.37 13.46
CA VAL B 48 -4.88 -13.26 12.53
C VAL B 48 -4.33 -13.09 11.15
N VAL B 49 -4.45 -11.89 10.56
CA VAL B 49 -3.88 -11.55 9.25
C VAL B 49 -2.41 -11.95 9.17
N GLU B 50 -1.69 -11.93 10.29
CA GLU B 50 -0.25 -12.31 10.36
C GLU B 50 -0.03 -13.74 9.83
N GLN B 51 -0.78 -14.72 10.35
CA GLN B 51 -0.71 -16.13 9.97
C GLN B 51 -1.68 -16.49 8.84
N THR B 52 -2.89 -15.93 8.85
CA THR B 52 -4.00 -16.14 7.90
C THR B 52 -3.64 -15.70 6.49
N LEU B 53 -3.17 -14.46 6.31
CA LEU B 53 -2.73 -13.96 5.00
C LEU B 53 -1.53 -14.79 4.47
N SER B 54 -0.63 -15.17 5.38
CA SER B 54 0.48 -16.10 5.09
C SER B 54 0.00 -17.52 4.72
N GLN B 55 -1.14 -18.00 5.24
CA GLN B 55 -1.76 -19.31 4.98
C GLN B 55 -2.51 -19.35 3.64
N LEU B 56 -3.37 -18.37 3.35
CA LEU B 56 -4.12 -18.33 2.08
C LEU B 56 -3.24 -18.17 0.84
N THR B 57 -2.08 -17.53 1.00
CA THR B 57 -1.01 -17.50 -0.02
C THR B 57 -0.55 -18.92 -0.37
N LYS B 58 -0.59 -19.83 0.61
CA LYS B 58 -0.16 -21.23 0.41
C LYS B 58 -1.25 -22.10 -0.22
N LEU B 59 -2.52 -21.81 0.05
CA LEU B 59 -3.63 -22.53 -0.60
C LEU B 59 -3.83 -22.04 -2.04
N GLY B 60 -3.52 -20.76 -2.30
CA GLY B 60 -3.42 -20.17 -3.63
C GLY B 60 -2.05 -20.42 -4.28
N LYS B 61 -1.46 -19.37 -4.86
CA LYS B 61 -0.18 -19.43 -5.60
C LYS B 61 0.94 -18.57 -4.97
N PRO B 62 2.23 -18.93 -5.18
CA PRO B 62 3.38 -18.17 -4.69
C PRO B 62 3.59 -16.87 -5.49
N PHE B 63 3.27 -15.73 -4.86
CA PHE B 63 3.48 -14.38 -5.42
C PHE B 63 3.73 -13.34 -4.32
N LYS B 64 4.11 -12.11 -4.69
CA LYS B 64 4.23 -10.95 -3.79
C LYS B 64 2.86 -10.46 -3.32
N TYR B 65 2.44 -10.87 -2.12
CA TYR B 65 1.36 -10.23 -1.37
C TYR B 65 1.87 -9.01 -0.59
N ILE B 66 0.97 -8.08 -0.30
CA ILE B 66 1.15 -6.93 0.60
C ILE B 66 -0.13 -6.73 1.40
N VAL B 67 0.00 -6.14 2.58
CA VAL B 67 -1.12 -5.66 3.39
C VAL B 67 -0.75 -4.35 4.07
N THR B 68 -1.77 -3.56 4.38
CA THR B 68 -1.66 -2.38 5.23
C THR B 68 -2.94 -2.20 6.05
N CYS B 69 -2.85 -1.56 7.22
CA CYS B 69 -4.00 -1.18 8.03
C CYS B 69 -3.77 0.11 8.82
N VAL B 70 -4.87 0.73 9.24
CA VAL B 70 -4.89 1.88 10.16
C VAL B 70 -5.99 1.72 11.21
N ILE B 71 -5.63 2.02 12.45
CA ILE B 71 -6.43 1.91 13.67
C ILE B 71 -6.55 3.32 14.26
N MET B 72 -7.79 3.78 14.38
CA MET B 72 -8.15 5.15 14.79
C MET B 72 -9.36 5.14 15.74
N GLN B 73 -9.51 6.20 16.56
CA GLN B 73 -10.65 6.40 17.45
C GLN B 73 -11.32 7.76 17.25
N LYS B 74 -12.67 7.79 17.31
CA LYS B 74 -13.52 8.99 17.20
C LYS B 74 -13.31 10.05 18.29
N ASN B 75 -12.50 9.74 19.31
CA ASN B 75 -12.10 10.60 20.43
C ASN B 75 -11.32 11.87 20.00
N GLY B 76 -10.80 11.91 18.77
CA GLY B 76 -10.14 13.08 18.17
C GLY B 76 -8.74 12.83 17.61
N ALA B 77 -8.44 11.61 17.15
CA ALA B 77 -7.16 11.21 16.55
C ALA B 77 -6.92 11.87 15.17
N GLY B 78 -6.64 13.18 15.16
CA GLY B 78 -6.50 14.03 13.97
C GLY B 78 -5.34 13.68 13.05
N LEU B 79 -5.64 12.91 12.00
CA LEU B 79 -4.70 12.44 10.98
C LEU B 79 -5.18 12.79 9.57
N HIS B 80 -4.26 12.76 8.60
CA HIS B 80 -4.55 12.89 7.16
C HIS B 80 -3.86 11.74 6.42
N THR B 81 -4.60 10.66 6.11
CA THR B 81 -4.06 9.52 5.36
C THR B 81 -4.68 9.48 3.97
N ALA B 82 -3.85 9.32 2.94
CA ALA B 82 -4.26 9.34 1.55
C ALA B 82 -3.59 8.19 0.78
N SER B 83 -4.40 7.27 0.24
CA SER B 83 -3.89 6.16 -0.59
C SER B 83 -4.51 6.19 -1.98
N SER B 84 -3.70 5.91 -3.00
CA SER B 84 -4.16 5.77 -4.39
C SER B 84 -4.64 4.34 -4.70
N CYS B 85 -4.90 3.55 -3.66
CA CYS B 85 -5.45 2.19 -3.78
C CYS B 85 -6.92 2.21 -4.23
N PHE B 86 -7.41 1.04 -4.64
CA PHE B 86 -8.78 0.80 -5.09
C PHE B 86 -9.15 -0.68 -4.92
N TRP B 87 -10.43 -0.98 -4.71
CA TRP B 87 -10.91 -2.37 -4.69
C TRP B 87 -11.02 -2.88 -6.14
N ASP B 88 -10.48 -4.06 -6.39
CA ASP B 88 -10.72 -4.84 -7.59
C ASP B 88 -10.87 -6.35 -7.28
N SER B 89 -11.79 -7.00 -8.00
CA SER B 89 -12.14 -8.43 -7.84
C SER B 89 -12.24 -9.14 -9.20
N SER B 90 -12.99 -8.55 -10.14
CA SER B 90 -13.10 -9.04 -11.52
C SER B 90 -11.88 -8.63 -12.36
N THR B 91 -11.30 -7.46 -12.10
CA THR B 91 -10.17 -6.87 -12.84
C THR B 91 -8.82 -7.55 -12.52
N ASP B 92 -8.51 -7.74 -11.22
CA ASP B 92 -7.27 -8.34 -10.73
C ASP B 92 -7.44 -8.92 -9.29
N GLY B 93 -6.35 -9.19 -8.55
CA GLY B 93 -6.34 -9.82 -7.22
C GLY B 93 -6.13 -8.86 -6.03
N SER B 94 -7.16 -8.69 -5.19
CA SER B 94 -7.16 -7.99 -3.88
C SER B 94 -8.01 -8.73 -2.83
N CYS B 95 -8.01 -8.25 -1.58
CA CYS B 95 -8.92 -8.62 -0.49
C CYS B 95 -8.91 -7.51 0.59
N THR B 96 -10.05 -6.95 1.01
CA THR B 96 -10.09 -5.87 2.04
C THR B 96 -11.18 -6.10 3.07
N VAL B 97 -10.94 -5.71 4.33
CA VAL B 97 -11.76 -6.05 5.51
C VAL B 97 -11.90 -4.84 6.42
N ARG B 98 -13.10 -4.65 6.97
CA ARG B 98 -13.47 -3.52 7.84
C ARG B 98 -14.19 -3.98 9.11
N TRP B 99 -13.59 -3.72 10.27
CA TRP B 99 -14.10 -4.09 11.59
C TRP B 99 -14.19 -2.84 12.47
N GLU B 100 -15.39 -2.26 12.53
CA GLU B 100 -15.73 -1.20 13.50
C GLU B 100 -15.69 -1.69 14.96
N ASN B 101 -15.76 -0.76 15.91
CA ASN B 101 -15.83 -1.05 17.33
C ASN B 101 -16.76 -0.08 18.09
N LYS B 102 -16.85 -0.21 19.41
CA LYS B 102 -17.71 0.59 20.32
C LYS B 102 -17.43 2.10 20.21
N THR B 103 -16.15 2.47 20.18
CA THR B 103 -15.66 3.86 20.02
C THR B 103 -14.53 3.99 18.99
N MET B 104 -13.64 3.00 18.89
CA MET B 104 -12.61 2.93 17.83
C MET B 104 -13.12 2.26 16.55
N TYR B 105 -12.28 2.21 15.52
CA TYR B 105 -12.46 1.38 14.33
C TYR B 105 -11.11 0.99 13.72
N CYS B 106 -11.10 -0.09 12.94
CA CYS B 106 -9.94 -0.56 12.18
C CYS B 106 -10.34 -1.00 10.77
N ILE B 107 -9.47 -0.69 9.80
CA ILE B 107 -9.59 -1.10 8.40
C ILE B 107 -8.25 -1.69 7.91
N VAL B 108 -8.32 -2.82 7.22
CA VAL B 108 -7.17 -3.57 6.69
C VAL B 108 -7.41 -3.93 5.23
N SER B 109 -6.44 -3.66 4.37
CA SER B 109 -6.51 -3.98 2.94
C SER B 109 -5.30 -4.83 2.51
N ALA B 110 -5.54 -5.75 1.58
CA ALA B 110 -4.58 -6.69 1.02
C ALA B 110 -4.61 -6.63 -0.51
N PHE B 111 -3.42 -6.66 -1.10
CA PHE B 111 -3.17 -6.62 -2.53
C PHE B 111 -2.10 -7.66 -2.88
N GLY B 112 -1.98 -8.02 -4.15
CA GLY B 112 -1.03 -9.05 -4.60
C GLY B 112 -1.50 -9.70 -5.89
N LEU B 113 -1.15 -9.09 -7.02
CA LEU B 113 -1.53 -9.55 -8.35
C LEU B 113 -0.84 -10.88 -8.67
N SER B 114 -1.40 -11.67 -9.59
CA SER B 114 -0.95 -13.04 -9.88
C SER B 114 -1.34 -13.46 -11.29
N ILE B 115 -0.56 -13.01 -12.29
CA ILE B 115 -0.78 -13.32 -13.72
C ILE B 115 -0.67 -14.82 -14.01
N GLY B 116 0.07 -15.55 -13.17
CA GLY B 116 0.34 -16.99 -13.29
C GLY B 116 -0.79 -17.94 -12.82
N GLY B 117 -1.97 -17.42 -12.47
CA GLY B 117 -3.15 -18.22 -12.06
C GLY B 117 -3.89 -17.71 -10.81
N GLY B 118 -3.91 -16.39 -10.60
CA GLY B 118 -4.57 -15.70 -9.48
C GLY B 118 -6.10 -15.58 -9.59
N SER B 119 -6.66 -14.61 -8.85
CA SER B 119 -8.08 -14.24 -8.92
C SER B 119 -8.52 -13.84 -10.35
N GLY B 120 -9.83 -13.88 -10.61
CA GLY B 120 -10.42 -13.83 -11.96
C GLY B 120 -10.93 -15.17 -12.47
N GLN B 121 -11.21 -16.12 -11.57
CA GLN B 121 -11.87 -17.41 -11.87
C GLN B 121 -13.31 -17.21 -12.43
N SER B 122 -13.95 -18.29 -12.87
CA SER B 122 -15.33 -18.35 -13.42
C SER B 122 -16.46 -18.06 -12.39
N GLY B 123 -16.16 -17.30 -11.33
CA GLY B 123 -17.09 -16.85 -10.28
C GLY B 123 -17.92 -15.60 -10.69
N PRO B 124 -18.65 -14.99 -9.73
CA PRO B 124 -19.53 -13.84 -9.99
C PRO B 124 -18.76 -12.56 -10.36
N ILE B 125 -19.44 -11.64 -11.05
CA ILE B 125 -18.89 -10.36 -11.56
C ILE B 125 -19.28 -9.17 -10.67
N LYS B 126 -18.38 -8.79 -9.77
CA LYS B 126 -18.55 -7.66 -8.83
C LYS B 126 -18.46 -6.30 -9.54
N LEU B 127 -19.18 -5.31 -9.02
CA LEU B 127 -19.27 -3.95 -9.57
C LEU B 127 -18.95 -2.93 -8.46
N GLY B 128 -17.90 -2.13 -8.66
CA GLY B 128 -17.47 -1.05 -7.74
C GLY B 128 -16.58 -0.01 -8.42
N MET B 129 -16.49 1.19 -7.84
CA MET B 129 -15.64 2.29 -8.34
C MET B 129 -14.15 2.07 -8.01
N ALA B 130 -13.26 2.77 -8.70
CA ALA B 130 -11.81 2.72 -8.51
C ALA B 130 -11.16 4.10 -8.66
N LYS B 131 -11.15 4.88 -7.58
CA LYS B 131 -10.52 6.21 -7.50
C LYS B 131 -9.63 6.34 -6.25
N ILE B 132 -9.00 7.50 -6.06
CA ILE B 132 -8.20 7.86 -4.87
C ILE B 132 -9.04 7.68 -3.59
N THR B 133 -8.46 7.04 -2.56
CA THR B 133 -9.09 6.73 -1.27
C THR B 133 -8.37 7.49 -0.14
N GLN B 134 -8.85 8.69 0.17
CA GLN B 134 -8.41 9.45 1.35
C GLN B 134 -9.30 9.15 2.56
N VAL B 135 -8.71 9.21 3.76
CA VAL B 135 -9.33 9.08 5.07
C VAL B 135 -8.72 10.10 6.05
N ASP B 136 -9.53 11.07 6.45
CA ASP B 136 -9.14 12.14 7.37
C ASP B 136 -10.32 12.55 8.29
N PHE B 137 -10.05 12.62 9.59
CA PHE B 137 -11.01 12.99 10.64
C PHE B 137 -10.30 13.82 11.74
N PRO B 138 -10.29 15.17 11.63
CA PRO B 138 -9.66 16.04 12.64
C PRO B 138 -10.41 16.02 13.99
N PRO B 139 -9.82 16.57 15.08
CA PRO B 139 -10.47 16.70 16.38
C PRO B 139 -11.61 17.74 16.40
N ARG B 140 -11.69 18.61 15.38
CA ARG B 140 -12.82 19.53 15.17
C ARG B 140 -14.14 18.77 15.06
N GLU B 141 -15.12 19.23 15.82
CA GLU B 141 -16.45 18.65 15.98
C GLU B 141 -17.49 19.77 16.25
N ILE B 142 -18.77 19.42 16.24
CA ILE B 142 -19.91 20.31 16.51
C ILE B 142 -20.74 19.85 17.71
N VAL B 143 -21.56 20.76 18.26
CA VAL B 143 -22.42 20.55 19.45
C VAL B 143 -23.84 21.05 19.17
N GLY A 1 14.40 -22.92 -22.12
CA GLY A 1 14.29 -22.64 -23.57
C GLY A 1 14.43 -21.15 -23.86
N SER A 2 14.87 -20.79 -25.08
CA SER A 2 15.14 -19.39 -25.45
C SER A 2 13.88 -18.50 -25.45
N MET A 3 12.74 -19.01 -25.94
CA MET A 3 11.51 -18.23 -26.10
C MET A 3 10.90 -17.79 -24.76
N GLU A 4 10.93 -18.64 -23.74
CA GLU A 4 10.50 -18.34 -22.35
C GLU A 4 11.53 -17.53 -21.53
N ASP A 5 12.66 -17.16 -22.13
CA ASP A 5 13.81 -16.49 -21.51
C ASP A 5 14.17 -15.15 -22.20
N TYR A 6 13.26 -14.69 -23.06
CA TYR A 6 13.09 -13.32 -23.58
C TYR A 6 13.67 -12.21 -22.68
N GLN A 7 14.55 -11.39 -23.26
CA GLN A 7 15.21 -10.27 -22.57
C GLN A 7 14.23 -9.09 -22.33
N ALA A 8 14.67 -8.10 -21.55
CA ALA A 8 13.93 -6.88 -21.22
C ALA A 8 14.75 -5.61 -21.54
N ALA A 9 14.07 -4.55 -21.98
CA ALA A 9 14.67 -3.28 -22.39
C ALA A 9 15.04 -2.38 -21.19
N GLU A 10 16.12 -2.73 -20.49
CA GLU A 10 16.64 -1.96 -19.35
C GLU A 10 17.02 -0.49 -19.69
N GLU A 11 17.24 -0.20 -20.98
CA GLU A 11 17.50 1.14 -21.53
C GLU A 11 16.29 2.10 -21.49
N THR A 12 15.06 1.57 -21.54
CA THR A 12 13.81 2.37 -21.42
C THR A 12 13.15 2.19 -20.05
N ALA A 13 13.52 1.15 -19.30
CA ALA A 13 13.10 0.99 -17.92
C ALA A 13 13.65 2.13 -17.03
N PHE A 14 12.97 2.37 -15.91
CA PHE A 14 13.30 3.42 -14.93
C PHE A 14 13.83 2.78 -13.63
N VAL A 15 14.39 3.59 -12.73
CA VAL A 15 14.87 3.16 -11.41
C VAL A 15 14.54 4.19 -10.33
N VAL A 16 14.52 3.74 -9.08
CA VAL A 16 14.26 4.52 -7.87
C VAL A 16 15.20 5.71 -7.74
N ASP A 17 16.45 5.55 -8.17
CA ASP A 17 17.44 6.64 -8.23
C ASP A 17 17.00 7.81 -9.12
N GLU A 18 16.18 7.56 -10.16
CA GLU A 18 15.56 8.61 -10.97
C GLU A 18 14.29 9.15 -10.29
N VAL A 19 13.36 8.27 -9.92
CA VAL A 19 12.07 8.60 -9.26
C VAL A 19 12.27 9.51 -8.04
N SER A 20 13.29 9.23 -7.24
CA SER A 20 13.71 10.01 -6.07
C SER A 20 14.12 11.45 -6.41
N ASN A 21 14.44 11.77 -7.68
CA ASN A 21 14.69 13.13 -8.18
C ASN A 21 13.44 13.73 -8.87
N ILE A 22 12.72 12.94 -9.70
CA ILE A 22 11.45 13.33 -10.35
C ILE A 22 10.47 13.90 -9.31
N VAL A 23 10.36 13.28 -8.13
CA VAL A 23 9.50 13.80 -7.06
C VAL A 23 9.90 15.22 -6.62
N LYS A 24 11.19 15.53 -6.41
CA LYS A 24 11.63 16.88 -6.02
C LYS A 24 11.35 17.90 -7.12
N GLU A 25 11.79 17.62 -8.34
CA GLU A 25 11.59 18.56 -9.46
C GLU A 25 10.10 18.82 -9.75
N ALA A 26 9.24 17.81 -9.59
CA ALA A 26 7.79 17.95 -9.73
C ALA A 26 7.15 18.73 -8.56
N ILE A 27 7.55 18.47 -7.30
CA ILE A 27 7.08 19.23 -6.14
C ILE A 27 7.41 20.71 -6.34
N GLU A 28 8.69 21.07 -6.50
CA GLU A 28 9.08 22.48 -6.62
C GLU A 28 8.50 23.20 -7.85
N SER A 29 8.28 22.46 -8.96
CA SER A 29 7.52 22.95 -10.12
C SER A 29 6.06 23.28 -9.76
N ALA A 30 5.37 22.39 -9.05
CA ALA A 30 4.00 22.59 -8.58
C ALA A 30 3.86 23.68 -7.49
N ILE A 31 4.85 23.83 -6.61
CA ILE A 31 4.92 24.90 -5.60
C ILE A 31 4.84 26.28 -6.26
N GLY A 32 5.67 26.52 -7.29
CA GLY A 32 5.81 27.81 -7.97
C GLY A 32 6.92 28.73 -7.42
N GLY A 33 7.80 28.22 -6.55
CA GLY A 33 9.03 28.90 -6.09
C GLY A 33 9.10 29.26 -4.59
N ASN A 34 8.04 29.02 -3.82
CA ASN A 34 8.05 29.14 -2.35
C ASN A 34 8.95 28.05 -1.69
N ALA A 35 9.21 28.17 -0.39
CA ALA A 35 10.06 27.27 0.39
C ALA A 35 9.22 26.26 1.22
N TYR A 36 9.73 25.85 2.37
CA TYR A 36 9.05 25.02 3.37
C TYR A 36 7.78 25.71 3.90
N GLN A 37 6.67 24.99 3.92
CA GLN A 37 5.33 25.50 4.29
C GLN A 37 4.66 24.66 5.40
N HIS A 38 3.41 25.01 5.76
CA HIS A 38 2.64 24.36 6.84
C HIS A 38 1.67 23.32 6.24
N SER A 39 0.40 23.67 6.01
CA SER A 39 -0.62 22.83 5.36
C SER A 39 -0.42 22.69 3.84
N LYS A 40 0.27 23.63 3.19
CA LYS A 40 0.57 23.57 1.75
C LYS A 40 1.34 22.30 1.36
N VAL A 41 2.35 21.92 2.15
CA VAL A 41 3.14 20.68 1.93
C VAL A 41 2.29 19.41 1.91
N ASN A 42 1.24 19.32 2.74
CA ASN A 42 0.27 18.21 2.75
C ASN A 42 -0.46 18.10 1.39
N GLN A 43 -1.07 19.19 0.92
CA GLN A 43 -1.74 19.22 -0.39
C GLN A 43 -0.75 19.04 -1.56
N TRP A 44 0.54 19.33 -1.38
CA TRP A 44 1.57 19.09 -2.39
C TRP A 44 1.98 17.63 -2.47
N THR A 45 2.40 17.01 -1.35
CA THR A 45 2.77 15.58 -1.33
C THR A 45 1.63 14.65 -1.78
N THR A 46 0.36 15.07 -1.70
CA THR A 46 -0.75 14.33 -2.33
C THR A 46 -0.94 14.70 -3.81
N ASN A 47 -1.17 15.98 -4.16
CA ASN A 47 -1.47 16.43 -5.53
C ASN A 47 -0.35 16.10 -6.54
N VAL A 48 0.91 16.28 -6.14
CA VAL A 48 2.08 16.06 -6.99
C VAL A 48 2.20 14.61 -7.33
N VAL A 49 2.40 13.77 -6.32
CA VAL A 49 2.49 12.30 -6.45
C VAL A 49 1.31 11.76 -7.26
N GLU A 50 0.14 12.42 -7.22
CA GLU A 50 -1.04 12.02 -8.01
C GLU A 50 -0.72 11.93 -9.52
N GLN A 51 -0.25 13.04 -10.12
CA GLN A 51 0.12 13.10 -11.55
C GLN A 51 1.57 12.65 -11.81
N THR A 52 2.49 12.97 -10.90
CA THR A 52 3.93 12.67 -10.95
C THR A 52 4.19 11.17 -10.99
N LEU A 53 3.62 10.40 -10.06
CA LEU A 53 3.76 8.94 -10.01
C LEU A 53 3.22 8.25 -11.27
N SER A 54 2.18 8.82 -11.88
CA SER A 54 1.77 8.44 -13.23
C SER A 54 2.89 8.74 -14.25
N GLN A 55 3.33 10.00 -14.36
CA GLN A 55 4.35 10.46 -15.33
C GLN A 55 5.62 9.59 -15.33
N LEU A 56 6.21 9.30 -14.17
CA LEU A 56 7.42 8.48 -14.07
C LEU A 56 7.22 7.01 -14.45
N THR A 57 6.02 6.48 -14.22
CA THR A 57 5.60 5.22 -14.81
C THR A 57 5.58 5.34 -16.33
N LYS A 58 5.04 6.44 -16.89
CA LYS A 58 4.92 6.59 -18.38
C LYS A 58 6.29 6.68 -19.08
N LEU A 59 7.33 7.12 -18.36
CA LEU A 59 8.72 7.10 -18.81
C LEU A 59 9.35 5.68 -18.88
N GLY A 60 8.63 4.61 -18.50
CA GLY A 60 9.05 3.21 -18.67
C GLY A 60 7.88 2.21 -18.82
N LYS A 61 7.52 1.51 -17.73
CA LYS A 61 6.48 0.44 -17.70
C LYS A 61 5.03 0.94 -17.94
N PRO A 62 4.05 0.05 -18.16
CA PRO A 62 2.63 0.41 -18.14
C PRO A 62 2.14 0.80 -16.72
N PHE A 63 0.94 1.38 -16.65
CA PHE A 63 0.24 1.84 -15.43
C PHE A 63 0.05 0.76 -14.36
N LYS A 64 0.95 0.74 -13.37
CA LYS A 64 0.94 -0.11 -12.17
C LYS A 64 1.92 0.41 -11.11
N TYR A 65 1.42 1.19 -10.14
CA TYR A 65 2.14 1.62 -8.93
C TYR A 65 1.14 1.91 -7.80
N ILE A 66 1.55 1.72 -6.53
CA ILE A 66 0.77 2.11 -5.34
C ILE A 66 1.57 3.12 -4.52
N VAL A 67 0.88 4.05 -3.86
CA VAL A 67 1.39 4.93 -2.81
C VAL A 67 0.36 5.05 -1.69
N THR A 68 0.88 5.22 -0.47
CA THR A 68 0.13 5.64 0.70
C THR A 68 0.92 6.70 1.48
N CYS A 69 0.26 7.54 2.26
CA CYS A 69 0.86 8.58 3.08
C CYS A 69 -0.02 8.87 4.32
N VAL A 70 0.61 9.17 5.46
CA VAL A 70 -0.05 9.59 6.71
C VAL A 70 0.47 10.96 7.14
N ILE A 71 -0.43 11.80 7.64
CA ILE A 71 -0.23 13.20 8.03
C ILE A 71 -0.71 13.38 9.49
N MET A 72 0.24 13.60 10.38
CA MET A 72 -0.02 13.84 11.80
C MET A 72 0.77 15.01 12.37
N GLN A 73 0.40 15.43 13.59
CA GLN A 73 0.86 16.67 14.24
C GLN A 73 1.78 16.37 15.43
N LYS A 74 2.98 16.94 15.41
CA LYS A 74 4.11 16.64 16.30
C LYS A 74 4.06 17.39 17.64
N ASN A 75 3.04 18.22 17.86
CA ASN A 75 2.73 18.92 19.11
C ASN A 75 2.39 17.98 20.29
N GLY A 76 2.00 16.73 20.00
CA GLY A 76 1.58 15.72 20.99
C GLY A 76 0.27 14.99 20.64
N ALA A 77 0.01 14.72 19.35
CA ALA A 77 -1.11 13.89 18.91
C ALA A 77 -0.95 12.40 19.30
N GLY A 78 -1.99 11.58 19.07
CA GLY A 78 -2.06 10.16 19.46
C GLY A 78 -2.77 9.28 18.43
N LEU A 79 -2.01 8.51 17.64
CA LEU A 79 -2.54 7.56 16.64
C LEU A 79 -1.72 6.26 16.54
N HIS A 80 -2.30 5.22 15.92
CA HIS A 80 -1.63 3.95 15.60
C HIS A 80 -1.79 3.61 14.12
N THR A 81 -0.70 3.26 13.43
CA THR A 81 -0.70 2.83 12.03
C THR A 81 0.22 1.62 11.88
N ALA A 82 -0.16 0.65 11.04
CA ALA A 82 0.56 -0.60 10.84
C ALA A 82 0.51 -1.04 9.38
N SER A 83 1.66 -1.21 8.74
CA SER A 83 1.76 -1.63 7.34
C SER A 83 2.73 -2.79 7.17
N SER A 84 2.31 -3.86 6.47
CA SER A 84 3.15 -5.05 6.24
C SER A 84 3.97 -4.93 4.95
N CYS A 85 4.12 -3.71 4.44
CA CYS A 85 4.92 -3.39 3.25
C CYS A 85 6.40 -3.74 3.41
N PHE A 86 7.12 -3.83 2.30
CA PHE A 86 8.51 -4.24 2.24
C PHE A 86 9.20 -3.73 0.96
N TRP A 87 10.41 -3.18 1.12
CA TRP A 87 11.28 -2.78 0.01
C TRP A 87 12.05 -4.00 -0.55
N ASP A 88 12.33 -3.98 -1.86
CA ASP A 88 13.21 -4.90 -2.57
C ASP A 88 14.16 -4.15 -3.51
N SER A 89 15.36 -4.70 -3.72
CA SER A 89 16.38 -4.16 -4.63
C SER A 89 16.36 -4.84 -6.00
N SER A 90 16.71 -6.13 -6.05
CA SER A 90 16.81 -6.92 -7.28
C SER A 90 15.50 -7.63 -7.63
N THR A 91 14.68 -7.93 -6.62
CA THR A 91 13.40 -8.66 -6.74
C THR A 91 12.26 -7.77 -7.27
N ASP A 92 12.29 -6.47 -6.99
CA ASP A 92 11.23 -5.48 -7.25
C ASP A 92 11.78 -4.03 -7.12
N GLY A 93 10.93 -3.00 -7.07
CA GLY A 93 11.33 -1.60 -6.85
C GLY A 93 10.30 -0.74 -6.09
N SER A 94 10.79 0.21 -5.28
CA SER A 94 9.98 1.05 -4.36
C SER A 94 10.66 2.40 -4.07
N CYS A 95 9.93 3.51 -4.09
CA CYS A 95 10.47 4.88 -3.85
C CYS A 95 9.67 5.65 -2.78
N THR A 96 10.15 5.66 -1.53
CA THR A 96 9.60 6.46 -0.43
C THR A 96 10.21 7.87 -0.36
N VAL A 97 9.44 8.85 0.13
CA VAL A 97 9.80 10.28 0.25
C VAL A 97 9.26 10.84 1.57
N ARG A 98 10.07 11.67 2.25
CA ARG A 98 9.78 12.23 3.59
C ARG A 98 9.87 13.76 3.59
N TRP A 99 8.77 14.43 3.93
CA TRP A 99 8.65 15.90 3.97
C TRP A 99 8.06 16.34 5.32
N GLU A 100 8.94 16.84 6.20
CA GLU A 100 8.53 17.45 7.48
C GLU A 100 8.01 18.89 7.29
N ASN A 101 7.11 19.33 8.18
CA ASN A 101 6.51 20.68 8.18
C ASN A 101 6.79 21.38 9.53
N LYS A 102 6.28 22.60 9.71
CA LYS A 102 6.51 23.43 10.92
C LYS A 102 6.01 22.80 12.22
N THR A 103 4.80 22.24 12.21
CA THR A 103 4.15 21.53 13.34
C THR A 103 3.58 20.15 12.97
N MET A 104 3.32 19.89 11.68
CA MET A 104 2.97 18.58 11.13
C MET A 104 4.17 17.90 10.45
N TYR A 105 3.98 16.65 10.05
CA TYR A 105 4.88 15.91 9.16
C TYR A 105 4.08 14.93 8.29
N CYS A 106 4.55 14.70 7.06
CA CYS A 106 3.93 13.79 6.10
C CYS A 106 4.99 12.88 5.45
N ILE A 107 4.70 11.58 5.36
CA ILE A 107 5.62 10.54 4.86
C ILE A 107 4.92 9.63 3.85
N VAL A 108 5.30 9.73 2.57
CA VAL A 108 4.71 8.98 1.45
C VAL A 108 5.62 7.82 1.04
N SER A 109 5.03 6.65 0.76
CA SER A 109 5.79 5.43 0.41
C SER A 109 5.21 4.72 -0.81
N ALA A 110 5.99 4.67 -1.89
CA ALA A 110 5.62 4.08 -3.18
C ALA A 110 6.18 2.67 -3.37
N PHE A 111 5.38 1.73 -3.86
CA PHE A 111 5.75 0.32 -4.09
C PHE A 111 5.27 -0.16 -5.48
N GLY A 112 6.20 -0.45 -6.39
CA GLY A 112 5.92 -0.74 -7.81
C GLY A 112 5.99 -2.22 -8.16
N LEU A 113 5.14 -3.04 -7.55
CA LEU A 113 5.10 -4.51 -7.70
C LEU A 113 5.03 -4.97 -9.16
N SER A 114 6.13 -5.54 -9.66
CA SER A 114 6.38 -5.92 -11.06
C SER A 114 7.41 -7.07 -11.17
N ILE A 115 6.91 -8.26 -11.52
CA ILE A 115 7.69 -9.52 -11.68
C ILE A 115 8.79 -9.50 -12.77
N GLY A 116 8.84 -8.46 -13.61
CA GLY A 116 9.60 -8.42 -14.87
C GLY A 116 11.13 -8.43 -14.75
N GLY A 117 11.67 -8.36 -13.53
CA GLY A 117 13.11 -8.39 -13.26
C GLY A 117 13.86 -7.21 -13.88
N GLY A 118 13.31 -6.00 -13.74
CA GLY A 118 13.88 -4.74 -14.25
C GLY A 118 15.10 -4.26 -13.44
N SER A 119 16.16 -5.06 -13.43
CA SER A 119 17.47 -4.81 -12.83
C SER A 119 18.24 -3.65 -13.52
N GLY A 120 19.46 -3.37 -13.05
CA GLY A 120 20.31 -2.28 -13.57
C GLY A 120 20.38 -1.06 -12.65
N GLN A 121 20.32 -1.24 -11.33
CA GLN A 121 20.54 -0.18 -10.33
C GLN A 121 21.95 0.45 -10.45
N SER A 122 22.13 1.60 -9.80
CA SER A 122 23.40 2.34 -9.72
C SER A 122 24.55 1.55 -9.04
N GLY A 123 24.20 0.58 -8.19
CA GLY A 123 25.13 -0.36 -7.52
C GLY A 123 24.70 -1.83 -7.66
N PRO A 124 25.50 -2.77 -7.13
CA PRO A 124 25.18 -4.20 -7.13
C PRO A 124 24.02 -4.54 -6.18
N ILE A 125 23.58 -5.80 -6.20
CA ILE A 125 22.57 -6.32 -5.27
C ILE A 125 23.02 -6.17 -3.80
N LYS A 126 22.07 -5.85 -2.92
CA LYS A 126 22.28 -5.72 -1.46
C LYS A 126 21.33 -6.60 -0.65
N LEU A 127 21.65 -6.82 0.62
CA LEU A 127 20.89 -7.64 1.56
C LEU A 127 20.16 -6.74 2.58
N GLY A 128 18.83 -6.73 2.50
CA GLY A 128 17.92 -5.96 3.35
C GLY A 128 16.89 -6.87 4.02
N MET A 129 16.92 -6.98 5.35
CA MET A 129 15.90 -7.70 6.14
C MET A 129 14.53 -7.01 6.01
N ALA A 130 13.67 -7.55 5.16
CA ALA A 130 12.28 -7.14 4.99
C ALA A 130 11.44 -7.54 6.21
N LYS A 131 11.01 -6.54 6.99
CA LYS A 131 10.16 -6.72 8.18
C LYS A 131 8.94 -5.78 8.13
N ILE A 132 7.97 -6.01 9.03
CA ILE A 132 6.74 -5.21 9.17
C ILE A 132 7.09 -3.75 9.57
N THR A 133 6.43 -2.77 8.94
CA THR A 133 6.63 -1.32 9.14
C THR A 133 5.47 -0.74 9.92
N GLN A 134 5.58 -0.75 11.25
CA GLN A 134 4.64 -0.10 12.15
C GLN A 134 5.07 1.35 12.44
N VAL A 135 4.10 2.22 12.70
CA VAL A 135 4.24 3.67 12.96
C VAL A 135 3.19 4.10 13.98
N ASP A 136 3.61 4.33 15.22
CA ASP A 136 2.77 4.81 16.31
C ASP A 136 3.46 5.93 17.10
N PHE A 137 2.84 7.11 17.13
CA PHE A 137 3.26 8.27 17.90
C PHE A 137 2.18 8.58 18.95
N PRO A 138 2.33 8.09 20.20
CA PRO A 138 1.43 8.42 21.31
C PRO A 138 1.65 9.86 21.83
N PRO A 139 0.71 10.42 22.62
CA PRO A 139 0.79 11.80 23.09
C PRO A 139 1.92 12.03 24.09
N ARG A 140 1.96 11.21 25.16
CA ARG A 140 3.00 11.18 26.21
C ARG A 140 2.97 9.84 26.93
N GLU A 141 1.89 9.64 27.69
CA GLU A 141 1.63 8.46 28.53
C GLU A 141 1.39 7.20 27.68
N ILE A 142 1.27 6.05 28.35
CA ILE A 142 1.04 4.74 27.74
C ILE A 142 -0.27 4.10 28.23
N VAL A 143 -0.81 3.17 27.42
CA VAL A 143 -2.06 2.40 27.66
C VAL A 143 -1.87 0.92 27.31
N GLY B 1 1.01 -15.47 -31.19
CA GLY B 1 1.53 -16.86 -31.32
C GLY B 1 1.17 -17.69 -30.12
N SER B 2 1.00 -19.00 -30.28
CA SER B 2 0.56 -19.90 -29.18
C SER B 2 1.54 -19.92 -27.98
N MET B 3 2.86 -19.83 -28.23
CA MET B 3 3.89 -19.91 -27.18
C MET B 3 3.92 -18.70 -26.23
N GLU B 4 3.43 -17.53 -26.66
CA GLU B 4 3.28 -16.31 -25.84
C GLU B 4 1.85 -16.14 -25.26
N ASP B 5 0.98 -17.14 -25.47
CA ASP B 5 -0.44 -17.13 -25.15
C ASP B 5 -0.86 -18.31 -24.23
N TYR B 6 0.14 -19.01 -23.70
CA TYR B 6 0.10 -19.96 -22.58
C TYR B 6 -0.99 -19.64 -21.54
N GLN B 7 -1.82 -20.64 -21.24
CA GLN B 7 -2.93 -20.51 -20.30
C GLN B 7 -2.44 -20.50 -18.83
N ALA B 8 -3.35 -20.22 -17.89
CA ALA B 8 -3.10 -20.20 -16.44
C ALA B 8 -4.06 -21.14 -15.69
N ALA B 9 -3.58 -21.78 -14.63
CA ALA B 9 -4.32 -22.74 -13.82
C ALA B 9 -5.32 -22.07 -12.85
N GLU B 10 -6.44 -21.58 -13.37
CA GLU B 10 -7.51 -20.95 -12.57
C GLU B 10 -8.11 -21.88 -11.49
N GLU B 11 -7.93 -23.20 -11.63
CA GLU B 11 -8.32 -24.22 -10.65
C GLU B 11 -7.49 -24.22 -9.34
N THR B 12 -6.23 -23.75 -9.38
CA THR B 12 -5.37 -23.61 -8.19
C THR B 12 -5.22 -22.15 -7.76
N ALA B 13 -5.54 -21.19 -8.63
CA ALA B 13 -5.59 -19.78 -8.29
C ALA B 13 -6.69 -19.49 -7.23
N PHE B 14 -6.51 -18.42 -6.46
CA PHE B 14 -7.44 -17.96 -5.42
C PHE B 14 -8.22 -16.72 -5.87
N VAL B 15 -9.20 -16.28 -5.08
CA VAL B 15 -10.06 -15.11 -5.38
C VAL B 15 -10.38 -14.31 -4.12
N VAL B 16 -10.81 -13.05 -4.26
CA VAL B 16 -11.23 -12.17 -3.16
C VAL B 16 -12.32 -12.81 -2.29
N ASP B 17 -13.29 -13.49 -2.92
CA ASP B 17 -14.39 -14.18 -2.24
C ASP B 17 -13.92 -15.31 -1.31
N GLU B 18 -12.72 -15.87 -1.57
CA GLU B 18 -12.05 -16.85 -0.71
C GLU B 18 -11.35 -16.15 0.47
N VAL B 19 -10.42 -15.22 0.18
CA VAL B 19 -9.67 -14.43 1.20
C VAL B 19 -10.58 -13.75 2.20
N SER B 20 -11.70 -13.19 1.71
CA SER B 20 -12.76 -12.56 2.51
C SER B 20 -13.38 -13.50 3.55
N ASN B 21 -13.25 -14.82 3.42
CA ASN B 21 -13.65 -15.82 4.42
C ASN B 21 -12.44 -16.30 5.27
N ILE B 22 -11.29 -16.60 4.64
CA ILE B 22 -10.03 -16.97 5.32
C ILE B 22 -9.69 -15.97 6.42
N VAL B 23 -9.85 -14.66 6.19
CA VAL B 23 -9.59 -13.66 7.23
C VAL B 23 -10.48 -13.85 8.47
N LYS B 24 -11.77 -14.13 8.34
CA LYS B 24 -12.65 -14.38 9.49
C LYS B 24 -12.26 -15.66 10.23
N GLU B 25 -12.14 -16.78 9.51
CA GLU B 25 -11.82 -18.06 10.15
C GLU B 25 -10.45 -18.03 10.84
N ALA B 26 -9.46 -17.30 10.28
CA ALA B 26 -8.15 -17.10 10.90
C ALA B 26 -8.20 -16.16 12.13
N ILE B 27 -8.92 -15.03 12.06
CA ILE B 27 -9.11 -14.15 13.21
C ILE B 27 -9.72 -14.92 14.37
N GLU B 28 -10.89 -15.51 14.20
CA GLU B 28 -11.57 -16.23 15.30
C GLU B 28 -10.78 -17.44 15.84
N SER B 29 -10.01 -18.13 14.98
CA SER B 29 -9.04 -19.15 15.39
C SER B 29 -7.95 -18.57 16.30
N ALA B 30 -7.34 -17.43 15.93
CA ALA B 30 -6.33 -16.74 16.72
C ALA B 30 -6.87 -16.11 18.02
N ILE B 31 -8.12 -15.62 18.03
CA ILE B 31 -8.81 -15.10 19.22
C ILE B 31 -8.87 -16.17 20.32
N GLY B 32 -9.31 -17.39 19.98
CA GLY B 32 -9.52 -18.49 20.92
C GLY B 32 -10.95 -18.61 21.49
N GLY B 33 -11.92 -17.87 20.92
CA GLY B 33 -13.36 -18.01 21.22
C GLY B 33 -14.04 -16.82 21.90
N ASN B 34 -13.31 -15.75 22.25
CA ASN B 34 -13.88 -14.48 22.73
C ASN B 34 -14.64 -13.75 21.59
N ALA B 35 -15.38 -12.68 21.93
CA ALA B 35 -16.18 -11.87 21.01
C ALA B 35 -15.46 -10.57 20.62
N TYR B 36 -16.22 -9.50 20.35
CA TYR B 36 -15.75 -8.14 20.11
C TYR B 36 -14.98 -7.60 21.32
N GLN B 37 -13.80 -7.01 21.08
CA GLN B 37 -12.86 -6.54 22.10
C GLN B 37 -12.44 -5.07 21.88
N HIS B 38 -11.54 -4.54 22.72
CA HIS B 38 -11.05 -3.15 22.69
C HIS B 38 -9.70 -3.07 21.95
N SER B 39 -8.58 -3.08 22.67
CA SER B 39 -7.21 -3.11 22.12
C SER B 39 -6.80 -4.47 21.54
N LYS B 40 -7.44 -5.58 21.97
CA LYS B 40 -7.19 -6.93 21.44
C LYS B 40 -7.41 -7.01 19.92
N VAL B 41 -8.50 -6.42 19.41
CA VAL B 41 -8.82 -6.39 17.97
C VAL B 41 -7.71 -5.74 17.13
N ASN B 42 -7.04 -4.69 17.63
CA ASN B 42 -5.89 -4.04 16.99
C ASN B 42 -4.72 -5.04 16.80
N GLN B 43 -4.28 -5.69 17.88
CA GLN B 43 -3.23 -6.72 17.82
C GLN B 43 -3.65 -7.95 17.00
N TRP B 44 -4.95 -8.22 16.84
CA TRP B 44 -5.46 -9.31 16.00
C TRP B 44 -5.42 -8.95 14.51
N THR B 45 -6.03 -7.84 14.10
CA THR B 45 -6.01 -7.40 12.69
C THR B 45 -4.59 -7.18 12.13
N THR B 46 -3.58 -6.97 12.99
CA THR B 46 -2.16 -7.00 12.56
C THR B 46 -1.58 -8.42 12.60
N ASN B 47 -1.55 -9.11 13.75
CA ASN B 47 -0.91 -10.42 13.92
C ASN B 47 -1.47 -11.52 12.99
N VAL B 48 -2.80 -11.54 12.80
CA VAL B 48 -3.49 -12.53 11.96
C VAL B 48 -3.10 -12.35 10.53
N VAL B 49 -3.43 -11.19 9.95
CA VAL B 49 -3.09 -10.80 8.57
C VAL B 49 -1.60 -11.05 8.29
N GLU B 50 -0.74 -10.96 9.30
CA GLU B 50 0.71 -11.22 9.16
C GLU B 50 0.99 -12.62 8.58
N GLN B 51 0.47 -13.67 9.23
CA GLN B 51 0.61 -15.07 8.80
C GLN B 51 -0.49 -15.51 7.82
N THR B 52 -1.71 -15.02 8.01
CA THR B 52 -2.93 -15.33 7.23
C THR B 52 -2.80 -14.91 5.77
N LEU B 53 -2.45 -13.65 5.52
CA LEU B 53 -2.30 -13.12 4.15
C LEU B 53 -1.15 -13.86 3.42
N SER B 54 -0.12 -14.28 4.14
CA SER B 54 0.88 -15.24 3.64
C SER B 54 0.22 -16.57 3.26
N GLN B 55 -0.46 -17.25 4.21
CA GLN B 55 -1.08 -18.57 4.02
C GLN B 55 -1.98 -18.66 2.78
N LEU B 56 -2.89 -17.71 2.58
CA LEU B 56 -3.80 -17.70 1.42
C LEU B 56 -3.13 -17.40 0.08
N THR B 57 -2.03 -16.66 0.09
CA THR B 57 -1.13 -16.61 -1.04
C THR B 57 -0.57 -18.01 -1.31
N LYS B 58 -0.15 -18.76 -0.28
CA LYS B 58 0.44 -20.11 -0.49
C LYS B 58 -0.54 -21.12 -1.07
N LEU B 59 -1.84 -20.92 -0.83
CA LEU B 59 -2.93 -21.67 -1.47
C LEU B 59 -3.12 -21.40 -2.98
N GLY B 60 -2.36 -20.47 -3.59
CA GLY B 60 -2.35 -20.21 -5.04
C GLY B 60 -1.00 -19.71 -5.59
N LYS B 61 -0.89 -18.39 -5.85
CA LYS B 61 0.29 -17.72 -6.44
C LYS B 61 1.54 -17.74 -5.53
N PRO B 62 2.74 -17.39 -6.04
CA PRO B 62 3.91 -17.15 -5.19
C PRO B 62 3.75 -15.91 -4.29
N PHE B 63 4.62 -15.79 -3.29
CA PHE B 63 4.74 -14.63 -2.39
C PHE B 63 4.85 -13.30 -3.17
N LYS B 64 3.84 -12.43 -3.00
CA LYS B 64 3.63 -11.07 -3.58
C LYS B 64 2.22 -10.54 -3.26
N TYR B 65 2.12 -9.80 -2.16
CA TYR B 65 0.98 -8.98 -1.76
C TYR B 65 1.47 -7.72 -1.03
N ILE B 66 0.57 -6.77 -0.77
CA ILE B 66 0.74 -5.72 0.23
C ILE B 66 -0.53 -5.60 1.06
N VAL B 67 -0.39 -5.17 2.30
CA VAL B 67 -1.48 -4.75 3.18
C VAL B 67 -1.05 -3.55 4.01
N THR B 68 -1.97 -2.63 4.25
CA THR B 68 -1.80 -1.53 5.19
C THR B 68 -3.06 -1.37 6.06
N CYS B 69 -2.94 -0.80 7.26
CA CYS B 69 -4.04 -0.56 8.19
C CYS B 69 -3.75 0.67 9.08
N VAL B 70 -4.80 1.38 9.48
CA VAL B 70 -4.75 2.52 10.42
C VAL B 70 -5.78 2.34 11.53
N ILE B 71 -5.38 2.72 12.75
CA ILE B 71 -6.08 2.52 14.02
C ILE B 71 -6.20 3.90 14.71
N MET B 72 -7.42 4.39 14.76
CA MET B 72 -7.75 5.68 15.41
C MET B 72 -8.98 5.60 16.32
N GLN B 73 -9.17 6.64 17.13
CA GLN B 73 -10.13 6.68 18.24
C GLN B 73 -11.29 7.65 17.95
N LYS B 74 -12.52 7.14 18.07
CA LYS B 74 -13.77 7.80 17.63
C LYS B 74 -14.36 8.77 18.66
N ASN B 75 -13.71 8.93 19.82
CA ASN B 75 -14.03 9.91 20.87
C ASN B 75 -13.91 11.38 20.42
N GLY B 76 -13.17 11.66 19.34
CA GLY B 76 -12.91 13.00 18.81
C GLY B 76 -11.42 13.30 18.56
N ALA B 77 -10.63 12.32 18.10
CA ALA B 77 -9.26 12.55 17.62
C ALA B 77 -9.22 13.35 16.30
N GLY B 78 -8.02 13.74 15.84
CA GLY B 78 -7.82 14.62 14.68
C GLY B 78 -6.61 14.25 13.81
N LEU B 79 -6.74 13.23 12.95
CA LEU B 79 -5.66 12.69 12.11
C LEU B 79 -5.99 12.85 10.61
N HIS B 80 -4.96 12.88 9.73
CA HIS B 80 -5.14 12.89 8.27
C HIS B 80 -4.37 11.74 7.61
N THR B 81 -4.98 11.01 6.68
CA THR B 81 -4.35 9.93 5.90
C THR B 81 -4.80 10.03 4.44
N ALA B 82 -3.92 9.72 3.49
CA ALA B 82 -4.18 9.81 2.05
C ALA B 82 -3.51 8.64 1.31
N SER B 83 -4.28 7.84 0.58
CA SER B 83 -3.74 6.74 -0.24
C SER B 83 -4.24 6.80 -1.68
N SER B 84 -3.36 6.59 -2.65
CA SER B 84 -3.72 6.58 -4.08
C SER B 84 -4.03 5.17 -4.58
N CYS B 85 -4.30 4.24 -3.67
CA CYS B 85 -4.66 2.85 -3.95
C CYS B 85 -5.97 2.74 -4.76
N PHE B 86 -6.18 1.58 -5.38
CA PHE B 86 -7.30 1.30 -6.27
C PHE B 86 -7.58 -0.21 -6.38
N TRP B 87 -8.85 -0.59 -6.30
CA TRP B 87 -9.32 -1.96 -6.56
C TRP B 87 -9.52 -2.19 -8.07
N ASP B 88 -9.27 -3.42 -8.52
CA ASP B 88 -9.58 -3.94 -9.86
C ASP B 88 -10.29 -5.29 -9.77
N SER B 89 -11.24 -5.54 -10.68
CA SER B 89 -11.97 -6.81 -10.79
C SER B 89 -11.26 -7.81 -11.72
N SER B 90 -11.22 -7.52 -13.02
CA SER B 90 -10.68 -8.41 -14.05
C SER B 90 -9.19 -8.15 -14.33
N THR B 91 -8.72 -6.92 -14.07
CA THR B 91 -7.34 -6.46 -14.30
C THR B 91 -6.35 -6.97 -13.24
N ASP B 92 -6.83 -7.19 -12.01
CA ASP B 92 -6.03 -7.50 -10.81
C ASP B 92 -6.90 -8.09 -9.68
N GLY B 93 -6.41 -8.13 -8.42
CA GLY B 93 -7.21 -8.55 -7.25
C GLY B 93 -6.77 -7.91 -5.93
N SER B 94 -7.75 -7.63 -5.05
CA SER B 94 -7.58 -6.91 -3.77
C SER B 94 -8.61 -7.40 -2.74
N CYS B 95 -8.31 -7.35 -1.44
CA CYS B 95 -9.22 -7.77 -0.36
C CYS B 95 -9.13 -6.86 0.89
N THR B 96 -10.11 -5.99 1.10
CA THR B 96 -10.21 -5.11 2.27
C THR B 96 -11.14 -5.67 3.35
N VAL B 97 -10.83 -5.40 4.63
CA VAL B 97 -11.53 -5.92 5.81
C VAL B 97 -11.66 -4.81 6.87
N ARG B 98 -12.83 -4.68 7.49
CA ARG B 98 -13.20 -3.60 8.42
C ARG B 98 -13.69 -4.16 9.76
N TRP B 99 -12.98 -3.81 10.85
CA TRP B 99 -13.26 -4.26 12.21
C TRP B 99 -13.35 -3.05 13.16
N GLU B 100 -14.56 -2.66 13.52
CA GLU B 100 -14.82 -1.63 14.53
C GLU B 100 -14.65 -2.18 15.96
N ASN B 101 -14.27 -1.31 16.91
CA ASN B 101 -14.07 -1.63 18.32
C ASN B 101 -15.00 -0.74 19.20
N LYS B 102 -14.91 -0.87 20.53
CA LYS B 102 -15.76 -0.14 21.50
C LYS B 102 -15.61 1.39 21.44
N THR B 103 -14.37 1.88 21.36
CA THR B 103 -14.01 3.32 21.23
C THR B 103 -13.02 3.62 20.10
N MET B 104 -12.26 2.63 19.64
CA MET B 104 -11.41 2.69 18.44
C MET B 104 -12.08 2.00 17.23
N TYR B 105 -11.46 2.11 16.06
CA TYR B 105 -11.75 1.33 14.87
C TYR B 105 -10.48 1.10 14.05
N CYS B 106 -10.40 -0.04 13.36
CA CYS B 106 -9.27 -0.44 12.53
C CYS B 106 -9.76 -0.96 11.15
N ILE B 107 -9.10 -0.52 10.08
CA ILE B 107 -9.48 -0.83 8.69
C ILE B 107 -8.24 -1.24 7.87
N VAL B 108 -8.18 -2.51 7.46
CA VAL B 108 -7.06 -3.10 6.72
C VAL B 108 -7.42 -3.31 5.25
N SER B 109 -6.46 -3.11 4.34
CA SER B 109 -6.70 -3.19 2.89
C SER B 109 -5.57 -3.89 2.12
N ALA B 110 -5.84 -5.09 1.60
CA ALA B 110 -4.91 -5.89 0.80
C ALA B 110 -5.01 -5.59 -0.70
N PHE B 111 -3.87 -5.53 -1.39
CA PHE B 111 -3.74 -5.28 -2.83
C PHE B 111 -2.68 -6.24 -3.44
N GLY B 112 -3.13 -7.29 -4.12
CA GLY B 112 -2.27 -8.37 -4.63
C GLY B 112 -1.84 -8.19 -6.09
N LEU B 113 -1.12 -7.10 -6.37
CA LEU B 113 -0.66 -6.68 -7.71
C LEU B 113 0.00 -7.82 -8.52
N SER B 114 -0.69 -8.30 -9.56
CA SER B 114 -0.35 -9.48 -10.36
C SER B 114 -0.90 -9.40 -11.79
N ILE B 115 0.01 -9.15 -12.76
CA ILE B 115 -0.26 -9.10 -14.21
C ILE B 115 -0.76 -10.41 -14.87
N GLY B 116 -0.80 -11.52 -14.12
CA GLY B 116 -1.04 -12.88 -14.65
C GLY B 116 -2.43 -13.14 -15.21
N GLY B 117 -3.38 -12.20 -15.07
CA GLY B 117 -4.74 -12.30 -15.60
C GLY B 117 -5.54 -13.45 -14.97
N GLY B 118 -5.42 -13.63 -13.65
CA GLY B 118 -6.08 -14.67 -12.87
C GLY B 118 -7.58 -14.42 -12.65
N SER B 119 -8.34 -14.41 -13.74
CA SER B 119 -9.80 -14.30 -13.81
C SER B 119 -10.52 -15.53 -13.19
N GLY B 120 -11.86 -15.54 -13.25
CA GLY B 120 -12.71 -16.61 -12.71
C GLY B 120 -13.45 -16.24 -11.42
N GLN B 121 -13.83 -14.97 -11.24
CA GLN B 121 -14.67 -14.51 -10.13
C GLN B 121 -16.05 -15.21 -10.09
N SER B 122 -16.74 -15.08 -8.95
CA SER B 122 -18.10 -15.60 -8.72
C SER B 122 -19.17 -15.00 -9.66
N GLY B 123 -18.92 -13.80 -10.18
CA GLY B 123 -19.76 -13.12 -11.18
C GLY B 123 -18.94 -12.61 -12.39
N PRO B 124 -19.61 -12.00 -13.40
CA PRO B 124 -18.95 -11.42 -14.56
C PRO B 124 -18.17 -10.13 -14.21
N ILE B 125 -17.44 -9.60 -15.19
CA ILE B 125 -16.72 -8.32 -15.08
C ILE B 125 -17.68 -7.16 -14.72
N LYS B 126 -17.24 -6.25 -13.85
CA LYS B 126 -17.98 -5.04 -13.43
C LYS B 126 -17.19 -3.75 -13.69
N LEU B 127 -17.89 -2.62 -13.68
CA LEU B 127 -17.34 -1.28 -13.91
C LEU B 127 -17.27 -0.50 -12.59
N GLY B 128 -16.05 -0.24 -12.13
CA GLY B 128 -15.73 0.49 -10.89
C GLY B 128 -14.82 1.68 -11.17
N MET B 129 -15.30 2.91 -10.95
CA MET B 129 -14.49 4.12 -11.03
C MET B 129 -13.39 4.14 -9.95
N ALA B 130 -12.17 3.77 -10.34
CA ALA B 130 -10.96 3.83 -9.52
C ALA B 130 -10.54 5.29 -9.29
N LYS B 131 -10.69 5.77 -8.05
CA LYS B 131 -10.29 7.11 -7.62
C LYS B 131 -9.43 7.06 -6.35
N ILE B 132 -8.83 8.19 -5.97
CA ILE B 132 -8.00 8.35 -4.76
C ILE B 132 -8.82 8.08 -3.49
N THR B 133 -8.22 7.38 -2.51
CA THR B 133 -8.84 6.99 -1.23
C THR B 133 -8.20 7.78 -0.09
N GLN B 134 -8.74 8.98 0.15
CA GLN B 134 -8.40 9.79 1.32
C GLN B 134 -9.31 9.44 2.53
N VAL B 135 -8.78 9.61 3.73
CA VAL B 135 -9.42 9.30 5.01
C VAL B 135 -8.92 10.26 6.10
N ASP B 136 -9.75 11.22 6.47
CA ASP B 136 -9.50 12.21 7.51
C ASP B 136 -10.72 12.35 8.44
N PHE B 137 -10.50 12.11 9.73
CA PHE B 137 -11.49 12.30 10.80
C PHE B 137 -10.99 13.42 11.73
N PRO B 138 -11.43 14.68 11.54
CA PRO B 138 -11.10 15.81 12.41
C PRO B 138 -11.86 15.72 13.76
N PRO B 139 -11.44 16.49 14.78
CA PRO B 139 -12.01 16.39 16.13
C PRO B 139 -13.45 16.92 16.20
N ARG B 140 -13.68 18.15 15.70
CA ARG B 140 -14.97 18.83 15.57
C ARG B 140 -14.85 19.97 14.56
N GLU B 141 -14.11 20.99 14.96
CA GLU B 141 -13.85 22.22 14.22
C GLU B 141 -13.00 21.97 12.95
N ILE B 142 -12.83 23.01 12.14
CA ILE B 142 -12.07 22.99 10.89
C ILE B 142 -10.89 23.98 10.91
N VAL B 143 -9.88 23.73 10.06
CA VAL B 143 -8.66 24.54 9.89
C VAL B 143 -8.31 24.68 8.40
N GLY A 1 12.62 -21.80 -21.81
CA GLY A 1 13.78 -21.13 -21.18
C GLY A 1 14.81 -20.74 -22.22
N SER A 2 14.77 -19.49 -22.70
CA SER A 2 15.62 -18.97 -23.80
C SER A 2 16.34 -17.68 -23.38
N MET A 3 17.59 -17.80 -22.96
CA MET A 3 18.39 -16.66 -22.47
C MET A 3 18.62 -15.55 -23.51
N GLU A 4 18.61 -15.88 -24.80
CA GLU A 4 18.79 -14.90 -25.89
C GLU A 4 17.57 -14.00 -26.15
N ASP A 5 16.38 -14.38 -25.66
CA ASP A 5 15.15 -13.57 -25.79
C ASP A 5 15.12 -12.39 -24.80
N TYR A 6 15.71 -12.52 -23.62
CA TYR A 6 15.87 -11.45 -22.65
C TYR A 6 16.92 -10.41 -23.11
N GLN A 7 16.73 -9.14 -22.74
CA GLN A 7 17.59 -8.01 -23.13
C GLN A 7 17.84 -7.07 -21.95
N ALA A 8 18.91 -6.27 -22.01
CA ALA A 8 19.34 -5.34 -20.97
C ALA A 8 18.52 -4.02 -20.97
N ALA A 9 17.22 -4.10 -20.68
CA ALA A 9 16.30 -2.96 -20.57
C ALA A 9 16.53 -2.07 -19.33
N GLU A 10 17.52 -2.39 -18.48
CA GLU A 10 17.86 -1.63 -17.27
C GLU A 10 18.25 -0.15 -17.53
N GLU A 11 18.63 0.20 -18.76
CA GLU A 11 18.94 1.58 -19.16
C GLU A 11 17.70 2.47 -19.41
N THR A 12 16.58 1.88 -19.85
CA THR A 12 15.29 2.58 -20.02
C THR A 12 14.45 2.52 -18.75
N ALA A 13 14.58 1.44 -17.96
CA ALA A 13 13.97 1.34 -16.63
C ALA A 13 14.57 2.37 -15.65
N PHE A 14 13.71 3.11 -14.95
CA PHE A 14 14.05 4.04 -13.88
C PHE A 14 14.70 3.37 -12.65
N VAL A 15 15.21 4.17 -11.69
CA VAL A 15 15.89 3.68 -10.48
C VAL A 15 15.51 4.49 -9.24
N VAL A 16 15.46 3.85 -8.06
CA VAL A 16 15.02 4.46 -6.78
C VAL A 16 15.82 5.73 -6.44
N ASP A 17 17.13 5.68 -6.67
CA ASP A 17 18.08 6.79 -6.50
C ASP A 17 17.69 8.03 -7.34
N GLU A 18 17.11 7.82 -8.53
CA GLU A 18 16.55 8.86 -9.39
C GLU A 18 15.19 9.34 -8.88
N VAL A 19 14.23 8.43 -8.61
CA VAL A 19 12.88 8.76 -8.08
C VAL A 19 12.96 9.69 -6.86
N SER A 20 13.91 9.40 -5.96
CA SER A 20 14.21 10.21 -4.77
C SER A 20 14.56 11.67 -5.09
N ASN A 21 15.04 11.99 -6.30
CA ASN A 21 15.26 13.36 -6.78
C ASN A 21 14.09 13.90 -7.63
N ILE A 22 13.41 13.06 -8.44
CA ILE A 22 12.20 13.45 -9.21
C ILE A 22 11.18 14.13 -8.29
N VAL A 23 10.96 13.59 -7.09
CA VAL A 23 10.02 14.21 -6.15
C VAL A 23 10.44 15.61 -5.70
N LYS A 24 11.72 15.85 -5.38
CA LYS A 24 12.19 17.18 -4.93
C LYS A 24 12.10 18.21 -6.05
N GLU A 25 12.67 17.90 -7.22
CA GLU A 25 12.65 18.82 -8.35
C GLU A 25 11.23 19.16 -8.84
N ALA A 26 10.28 18.22 -8.69
CA ALA A 26 8.87 18.44 -8.98
C ALA A 26 8.14 19.23 -7.90
N ILE A 27 8.34 18.94 -6.60
CA ILE A 27 7.75 19.73 -5.50
C ILE A 27 8.14 21.19 -5.65
N GLU A 28 9.44 21.50 -5.70
CA GLU A 28 9.90 22.89 -5.81
C GLU A 28 9.38 23.63 -7.07
N SER A 29 9.11 22.91 -8.15
CA SER A 29 8.46 23.48 -9.35
C SER A 29 7.00 23.90 -9.10
N ALA A 30 6.26 23.15 -8.28
CA ALA A 30 4.90 23.48 -7.84
C ALA A 30 4.85 24.54 -6.73
N ILE A 31 5.88 24.61 -5.87
CA ILE A 31 6.06 25.67 -4.85
C ILE A 31 6.21 27.06 -5.51
N GLY A 32 6.87 27.14 -6.67
CA GLY A 32 7.10 28.40 -7.40
C GLY A 32 8.25 29.26 -6.86
N GLY A 33 9.08 28.73 -5.95
CA GLY A 33 10.28 29.38 -5.40
C GLY A 33 10.19 29.89 -3.95
N ASN A 34 9.04 29.75 -3.28
CA ASN A 34 8.91 29.97 -1.84
C ASN A 34 9.74 28.95 -0.99
N ALA A 35 9.85 29.22 0.31
CA ALA A 35 10.54 28.37 1.30
C ALA A 35 9.62 27.26 1.86
N TYR A 36 9.91 26.79 3.08
CA TYR A 36 9.00 26.01 3.92
C TYR A 36 7.61 26.64 4.07
N GLN A 37 6.62 25.84 4.46
CA GLN A 37 5.23 26.27 4.61
C GLN A 37 4.46 25.46 5.67
N HIS A 38 3.21 25.86 5.93
CA HIS A 38 2.26 25.19 6.85
C HIS A 38 1.31 24.28 6.04
N SER A 39 0.06 24.71 5.77
CA SER A 39 -0.93 23.90 5.02
C SER A 39 -0.59 23.69 3.54
N LYS A 40 0.24 24.54 2.94
CA LYS A 40 0.71 24.36 1.55
C LYS A 40 1.45 23.03 1.33
N VAL A 41 2.34 22.64 2.24
CA VAL A 41 3.07 21.35 2.20
C VAL A 41 2.13 20.15 2.01
N ASN A 42 0.95 20.16 2.66
CA ASN A 42 -0.09 19.14 2.51
C ASN A 42 -0.64 19.10 1.07
N GLN A 43 -1.12 20.22 0.54
CA GLN A 43 -1.60 20.27 -0.86
C GLN A 43 -0.49 19.96 -1.88
N TRP A 44 0.77 20.24 -1.55
CA TRP A 44 1.92 20.00 -2.42
C TRP A 44 2.26 18.51 -2.49
N THR A 45 2.47 17.85 -1.34
CA THR A 45 2.75 16.41 -1.30
C THR A 45 1.63 15.54 -1.91
N THR A 46 0.39 16.04 -2.00
CA THR A 46 -0.67 15.37 -2.79
C THR A 46 -0.65 15.77 -4.27
N ASN A 47 -0.77 17.07 -4.61
CA ASN A 47 -0.85 17.57 -5.99
C ASN A 47 0.35 17.18 -6.86
N VAL A 48 1.55 17.17 -6.29
CA VAL A 48 2.80 16.84 -6.98
C VAL A 48 2.81 15.38 -7.34
N VAL A 49 2.82 14.49 -6.33
CA VAL A 49 2.76 13.03 -6.49
C VAL A 49 1.65 12.64 -7.46
N GLU A 50 0.55 13.40 -7.53
CA GLU A 50 -0.58 13.09 -8.43
C GLU A 50 -0.16 13.04 -9.92
N GLN A 51 0.66 14.00 -10.36
CA GLN A 51 1.22 14.08 -11.72
C GLN A 51 2.64 13.49 -11.80
N THR A 52 3.50 13.81 -10.85
CA THR A 52 4.90 13.36 -10.73
C THR A 52 5.04 11.85 -10.73
N LEU A 53 4.29 11.15 -9.86
CA LEU A 53 4.29 9.69 -9.84
C LEU A 53 3.80 9.11 -11.18
N SER A 54 2.79 9.73 -11.80
CA SER A 54 2.34 9.34 -13.15
C SER A 54 3.41 9.56 -14.23
N GLN A 55 4.28 10.57 -14.08
CA GLN A 55 5.38 10.93 -14.99
C GLN A 55 6.58 9.98 -14.88
N LEU A 56 7.08 9.68 -13.68
CA LEU A 56 8.22 8.75 -13.50
C LEU A 56 7.92 7.31 -13.94
N THR A 57 6.66 6.89 -13.88
CA THR A 57 6.16 5.65 -14.50
C THR A 57 6.41 5.66 -16.00
N LYS A 58 6.33 6.83 -16.65
CA LYS A 58 6.59 6.97 -18.10
C LYS A 58 8.08 7.00 -18.42
N LEU A 59 8.87 7.63 -17.53
CA LEU A 59 10.34 7.65 -17.65
C LEU A 59 10.97 6.26 -17.44
N GLY A 60 10.29 5.35 -16.74
CA GLY A 60 10.71 3.96 -16.51
C GLY A 60 10.03 2.96 -17.43
N LYS A 61 9.06 2.19 -16.90
CA LYS A 61 8.29 1.17 -17.62
C LYS A 61 6.79 1.21 -17.24
N PRO A 62 5.88 0.78 -18.14
CA PRO A 62 4.45 0.68 -17.86
C PRO A 62 4.14 -0.47 -16.89
N PHE A 63 3.72 -0.13 -15.67
CA PHE A 63 3.30 -1.10 -14.63
C PHE A 63 2.24 -0.52 -13.68
N LYS A 64 1.78 -1.31 -12.70
CA LYS A 64 0.83 -0.90 -11.64
C LYS A 64 1.55 -0.42 -10.37
N TYR A 65 1.74 0.90 -10.27
CA TYR A 65 2.32 1.60 -9.11
C TYR A 65 1.22 1.84 -8.05
N ILE A 66 1.62 1.91 -6.77
CA ILE A 66 0.75 2.24 -5.62
C ILE A 66 1.38 3.40 -4.86
N VAL A 67 0.54 4.24 -4.22
CA VAL A 67 0.98 5.19 -3.19
C VAL A 67 -0.01 5.24 -2.03
N THR A 68 0.53 5.46 -0.84
CA THR A 68 -0.16 5.68 0.43
C THR A 68 0.52 6.81 1.21
N CYS A 69 -0.20 7.90 1.47
CA CYS A 69 0.33 9.04 2.23
C CYS A 69 -0.54 9.38 3.44
N VAL A 70 0.10 9.65 4.58
CA VAL A 70 -0.54 9.89 5.89
C VAL A 70 -0.27 11.33 6.33
N ILE A 71 -1.31 12.16 6.30
CA ILE A 71 -1.27 13.57 6.70
C ILE A 71 -1.91 13.73 8.10
N MET A 72 -1.09 14.05 9.09
CA MET A 72 -1.49 14.26 10.48
C MET A 72 -0.63 15.36 11.12
N GLN A 73 -1.23 16.55 11.30
CA GLN A 73 -0.54 17.77 11.74
C GLN A 73 -1.33 18.70 12.69
N LYS A 74 -2.48 18.23 13.22
CA LYS A 74 -3.38 19.02 14.10
C LYS A 74 -2.77 19.30 15.49
N ASN A 75 -2.78 18.31 16.40
CA ASN A 75 -2.42 18.47 17.82
C ASN A 75 -1.26 17.55 18.31
N GLY A 76 -0.99 16.45 17.61
CA GLY A 76 -0.03 15.42 18.02
C GLY A 76 -0.56 13.98 18.05
N ALA A 77 -1.79 13.73 17.57
CA ALA A 77 -2.45 12.41 17.52
C ALA A 77 -1.58 11.26 16.94
N GLY A 78 -0.89 10.53 17.82
CA GLY A 78 0.07 9.49 17.48
C GLY A 78 -0.57 8.20 16.99
N LEU A 79 -1.00 8.20 15.72
CA LEU A 79 -1.45 7.01 14.98
C LEU A 79 -0.41 5.89 14.98
N HIS A 80 -0.89 4.64 14.88
CA HIS A 80 -0.08 3.42 14.88
C HIS A 80 -0.38 2.61 13.61
N THR A 81 0.28 2.96 12.50
CA THR A 81 0.09 2.30 11.21
C THR A 81 1.19 1.26 11.01
N ALA A 82 0.83 0.09 10.47
CA ALA A 82 1.73 -1.04 10.26
C ALA A 82 1.58 -1.58 8.83
N SER A 83 2.70 -1.71 8.12
CA SER A 83 2.73 -2.03 6.70
C SER A 83 3.65 -3.22 6.45
N SER A 84 3.11 -4.34 5.94
CA SER A 84 3.92 -5.52 5.56
C SER A 84 4.60 -5.31 4.20
N CYS A 85 5.11 -4.10 3.98
CA CYS A 85 6.00 -3.77 2.87
C CYS A 85 7.45 -4.16 3.21
N PHE A 86 8.35 -3.90 2.27
CA PHE A 86 9.78 -4.20 2.35
C PHE A 86 10.57 -3.11 1.61
N TRP A 87 11.83 -2.89 2.00
CA TRP A 87 12.76 -1.99 1.30
C TRP A 87 13.66 -2.80 0.35
N ASP A 88 13.79 -2.34 -0.89
CA ASP A 88 14.69 -2.89 -1.91
C ASP A 88 15.27 -1.75 -2.78
N SER A 89 16.56 -1.87 -3.15
CA SER A 89 17.30 -0.92 -4.00
C SER A 89 17.69 -1.55 -5.35
N SER A 90 18.42 -2.67 -5.34
CA SER A 90 18.76 -3.46 -6.55
C SER A 90 17.75 -4.57 -6.81
N THR A 91 17.30 -5.24 -5.74
CA THR A 91 16.50 -6.48 -5.72
C THR A 91 15.07 -6.31 -6.27
N ASP A 92 14.49 -5.14 -6.07
CA ASP A 92 13.11 -4.77 -6.45
C ASP A 92 12.95 -3.23 -6.55
N GLY A 93 11.74 -2.76 -6.84
CA GLY A 93 11.39 -1.36 -7.09
C GLY A 93 10.44 -0.76 -6.04
N SER A 94 10.92 0.26 -5.31
CA SER A 94 10.19 1.00 -4.28
C SER A 94 10.54 2.51 -4.36
N CYS A 95 9.86 3.36 -3.58
CA CYS A 95 10.21 4.77 -3.36
C CYS A 95 9.38 5.36 -2.21
N THR A 96 9.96 6.20 -1.34
CA THR A 96 9.24 6.82 -0.21
C THR A 96 9.81 8.20 0.13
N VAL A 97 8.95 9.14 0.53
CA VAL A 97 9.27 10.57 0.68
C VAL A 97 8.63 11.11 1.95
N ARG A 98 9.45 11.61 2.87
CA ARG A 98 9.03 12.02 4.23
C ARG A 98 9.21 13.52 4.48
N TRP A 99 8.13 14.29 4.25
CA TRP A 99 8.07 15.72 4.51
C TRP A 99 7.35 16.00 5.83
N GLU A 100 8.12 16.36 6.85
CA GLU A 100 7.65 16.88 8.14
C GLU A 100 7.97 18.38 8.27
N ASN A 101 7.36 19.05 9.25
CA ASN A 101 7.62 20.45 9.59
C ASN A 101 7.64 20.63 11.12
N LYS A 102 7.87 21.86 11.61
CA LYS A 102 8.08 22.18 13.04
C LYS A 102 7.10 21.52 14.02
N THR A 103 5.83 21.46 13.63
CA THR A 103 4.72 20.82 14.36
C THR A 103 3.84 19.92 13.46
N MET A 104 4.36 19.43 12.32
CA MET A 104 3.59 18.76 11.27
C MET A 104 4.26 17.49 10.71
N TYR A 105 3.46 16.61 10.10
CA TYR A 105 3.86 15.32 9.54
C TYR A 105 2.98 14.95 8.32
N CYS A 106 3.61 14.86 7.13
CA CYS A 106 2.96 14.68 5.82
C CYS A 106 3.77 13.76 4.90
N ILE A 107 3.88 12.46 5.21
CA ILE A 107 4.74 11.51 4.46
C ILE A 107 3.98 10.70 3.41
N VAL A 108 4.68 10.23 2.36
CA VAL A 108 4.17 9.43 1.24
C VAL A 108 5.06 8.23 0.94
N SER A 109 4.52 7.02 1.12
CA SER A 109 5.15 5.76 0.72
C SER A 109 4.58 5.30 -0.62
N ALA A 110 5.44 4.84 -1.52
CA ALA A 110 5.11 4.34 -2.86
C ALA A 110 5.85 3.05 -3.19
N PHE A 111 5.38 2.40 -4.26
CA PHE A 111 5.95 1.16 -4.75
C PHE A 111 5.76 1.04 -6.28
N GLY A 112 6.54 0.17 -6.93
CA GLY A 112 6.56 0.05 -8.39
C GLY A 112 7.57 -0.98 -8.87
N LEU A 113 7.13 -2.25 -8.88
CA LEU A 113 7.97 -3.44 -9.09
C LEU A 113 7.31 -4.47 -10.01
N SER A 114 8.12 -5.35 -10.62
CA SER A 114 7.68 -6.35 -11.61
C SER A 114 8.34 -7.72 -11.39
N ILE A 115 7.51 -8.76 -11.38
CA ILE A 115 7.92 -10.18 -11.34
C ILE A 115 8.28 -10.76 -12.73
N GLY A 116 8.08 -10.00 -13.81
CA GLY A 116 8.21 -10.46 -15.20
C GLY A 116 9.55 -10.10 -15.86
N GLY A 117 10.57 -9.79 -15.06
CA GLY A 117 11.89 -9.29 -15.50
C GLY A 117 12.21 -7.86 -15.00
N GLY A 118 11.54 -7.38 -13.95
CA GLY A 118 11.73 -6.07 -13.32
C GLY A 118 13.19 -5.75 -12.98
N SER A 119 13.81 -4.89 -13.79
CA SER A 119 15.19 -4.40 -13.67
C SER A 119 15.23 -2.88 -13.55
N GLY A 120 16.40 -2.26 -13.74
CA GLY A 120 16.60 -0.80 -13.64
C GLY A 120 17.54 -0.35 -12.52
N GLN A 121 18.18 -1.27 -11.80
CA GLN A 121 19.21 -0.97 -10.79
C GLN A 121 20.34 -0.07 -11.32
N SER A 122 21.03 0.64 -10.42
CA SER A 122 22.15 1.56 -10.76
C SER A 122 23.37 0.85 -11.38
N GLY A 123 23.49 -0.47 -11.24
CA GLY A 123 24.57 -1.30 -11.78
C GLY A 123 24.93 -2.46 -10.85
N PRO A 124 25.56 -2.19 -9.69
CA PRO A 124 25.91 -3.21 -8.70
C PRO A 124 24.68 -3.77 -7.95
N ILE A 125 24.90 -4.84 -7.18
CA ILE A 125 23.91 -5.56 -6.37
C ILE A 125 24.29 -5.56 -4.89
N LYS A 126 23.83 -4.55 -4.13
CA LYS A 126 23.97 -4.48 -2.67
C LYS A 126 22.99 -5.42 -1.92
N LEU A 127 23.23 -5.61 -0.63
CA LEU A 127 22.42 -6.44 0.28
C LEU A 127 21.00 -5.84 0.46
N GLY A 128 19.97 -6.65 0.20
CA GLY A 128 18.55 -6.27 0.20
C GLY A 128 17.81 -6.67 1.47
N MET A 129 17.91 -5.85 2.52
CA MET A 129 17.24 -6.03 3.82
C MET A 129 15.71 -5.87 3.75
N ALA A 130 15.00 -6.97 3.50
CA ALA A 130 13.54 -7.05 3.48
C ALA A 130 12.99 -7.38 4.89
N LYS A 131 12.51 -6.35 5.61
CA LYS A 131 11.78 -6.47 6.88
C LYS A 131 10.47 -5.67 6.86
N ILE A 132 9.58 -5.89 7.83
CA ILE A 132 8.31 -5.17 8.04
C ILE A 132 8.55 -3.66 8.21
N THR A 133 7.58 -2.83 7.80
CA THR A 133 7.65 -1.36 7.84
C THR A 133 6.49 -0.79 8.67
N GLN A 134 6.69 -0.60 9.99
CA GLN A 134 5.77 0.19 10.80
C GLN A 134 5.99 1.71 10.56
N VAL A 135 4.91 2.48 10.65
CA VAL A 135 4.85 3.95 10.62
C VAL A 135 3.96 4.45 11.75
N ASP A 136 4.58 4.84 12.86
CA ASP A 136 3.92 5.38 14.06
C ASP A 136 4.66 6.58 14.63
N PHE A 137 3.92 7.48 15.29
CA PHE A 137 4.44 8.71 15.90
C PHE A 137 3.96 8.85 17.37
N PRO A 138 4.70 9.61 18.21
CA PRO A 138 4.36 9.83 19.62
C PRO A 138 3.17 10.80 19.81
N PRO A 139 2.59 10.89 21.03
CA PRO A 139 1.41 11.73 21.30
C PRO A 139 1.69 13.24 21.37
N ARG A 140 2.96 13.66 21.49
CA ARG A 140 3.42 15.06 21.41
C ARG A 140 4.92 15.14 21.12
N GLU A 141 5.73 14.71 22.09
CA GLU A 141 7.18 14.86 22.10
C GLU A 141 7.88 13.86 21.16
N ILE A 142 8.54 14.40 20.14
CA ILE A 142 9.34 13.67 19.15
C ILE A 142 10.84 13.62 19.54
N VAL A 143 11.61 12.80 18.81
CA VAL A 143 13.07 12.56 18.91
C VAL A 143 13.49 11.96 20.26
N GLY B 1 1.93 -15.15 -29.58
CA GLY B 1 0.49 -15.10 -29.27
C GLY B 1 -0.17 -16.44 -29.55
N SER B 2 -0.24 -17.31 -28.53
CA SER B 2 -0.74 -18.69 -28.62
C SER B 2 -1.86 -18.95 -27.60
N MET B 3 -3.12 -18.84 -28.05
CA MET B 3 -4.29 -19.01 -27.18
C MET B 3 -4.41 -20.41 -26.53
N GLU B 4 -3.85 -21.45 -27.15
CA GLU B 4 -3.88 -22.81 -26.62
C GLU B 4 -2.92 -23.06 -25.43
N ASP B 5 -1.93 -22.18 -25.22
CA ASP B 5 -0.98 -22.28 -24.10
C ASP B 5 -1.60 -21.79 -22.77
N TYR B 6 -2.52 -20.83 -22.82
CA TYR B 6 -3.29 -20.37 -21.65
C TYR B 6 -4.34 -21.41 -21.22
N GLN B 7 -4.61 -21.50 -19.92
CA GLN B 7 -5.54 -22.46 -19.31
C GLN B 7 -6.43 -21.80 -18.25
N ALA B 8 -7.58 -22.40 -17.93
CA ALA B 8 -8.56 -21.88 -16.97
C ALA B 8 -8.15 -22.13 -15.49
N ALA B 9 -7.05 -21.52 -15.06
CA ALA B 9 -6.53 -21.56 -13.68
C ALA B 9 -7.39 -20.81 -12.64
N GLU B 10 -8.51 -20.21 -13.04
CA GLU B 10 -9.43 -19.49 -12.15
C GLU B 10 -10.03 -20.36 -11.02
N GLU B 11 -10.01 -21.68 -11.15
CA GLU B 11 -10.47 -22.62 -10.11
C GLU B 11 -9.47 -22.85 -8.97
N THR B 12 -8.16 -22.69 -9.23
CA THR B 12 -7.11 -22.75 -8.20
C THR B 12 -6.81 -21.37 -7.60
N ALA B 13 -6.91 -20.31 -8.40
CA ALA B 13 -6.79 -18.92 -7.91
C ALA B 13 -7.97 -18.56 -6.98
N PHE B 14 -7.71 -17.75 -5.93
CA PHE B 14 -8.75 -17.37 -4.96
C PHE B 14 -9.58 -16.15 -5.43
N VAL B 15 -10.67 -15.84 -4.70
CA VAL B 15 -11.62 -14.77 -5.03
C VAL B 15 -11.91 -13.88 -3.83
N VAL B 16 -12.05 -12.58 -4.06
CA VAL B 16 -12.28 -11.56 -3.02
C VAL B 16 -13.56 -11.84 -2.21
N ASP B 17 -14.58 -12.38 -2.87
CA ASP B 17 -15.84 -12.83 -2.27
C ASP B 17 -15.67 -13.94 -1.23
N GLU B 18 -14.50 -14.61 -1.19
CA GLU B 18 -14.16 -15.67 -0.25
C GLU B 18 -13.12 -15.18 0.76
N VAL B 19 -12.05 -14.53 0.28
CA VAL B 19 -11.05 -13.87 1.14
C VAL B 19 -11.67 -12.92 2.19
N SER B 20 -12.80 -12.28 1.83
CA SER B 20 -13.62 -11.47 2.74
C SER B 20 -14.22 -12.24 3.93
N ASN B 21 -14.32 -13.57 3.86
CA ASN B 21 -14.75 -14.47 4.93
C ASN B 21 -13.57 -15.22 5.60
N ILE B 22 -12.49 -15.55 4.86
CA ILE B 22 -11.24 -16.11 5.42
C ILE B 22 -10.76 -15.27 6.62
N VAL B 23 -10.84 -13.94 6.51
CA VAL B 23 -10.44 -13.08 7.64
C VAL B 23 -11.31 -13.27 8.88
N LYS B 24 -12.66 -13.36 8.75
CA LYS B 24 -13.55 -13.53 9.91
C LYS B 24 -13.35 -14.89 10.57
N GLU B 25 -13.41 -15.96 9.79
CA GLU B 25 -13.25 -17.32 10.33
C GLU B 25 -11.89 -17.54 11.01
N ALA B 26 -10.83 -16.86 10.52
CA ALA B 26 -9.51 -16.88 11.14
C ALA B 26 -9.42 -15.99 12.39
N ILE B 27 -10.00 -14.77 12.40
CA ILE B 27 -10.05 -13.92 13.60
C ILE B 27 -10.71 -14.68 14.74
N GLU B 28 -11.93 -15.17 14.54
CA GLU B 28 -12.66 -15.89 15.59
C GLU B 28 -11.92 -17.14 16.12
N SER B 29 -11.11 -17.80 15.28
CA SER B 29 -10.24 -18.91 15.70
C SER B 29 -9.12 -18.47 16.67
N ALA B 30 -8.58 -17.25 16.50
CA ALA B 30 -7.59 -16.64 17.38
C ALA B 30 -8.22 -15.99 18.63
N ILE B 31 -9.47 -15.51 18.56
CA ILE B 31 -10.26 -15.02 19.70
C ILE B 31 -10.50 -16.15 20.73
N GLY B 32 -10.71 -17.38 20.28
CA GLY B 32 -10.97 -18.55 21.14
C GLY B 32 -12.41 -18.66 21.66
N GLY B 33 -13.34 -17.88 21.11
CA GLY B 33 -14.79 -17.93 21.40
C GLY B 33 -15.36 -16.79 22.25
N ASN B 34 -14.53 -15.84 22.71
CA ASN B 34 -15.00 -14.58 23.31
C ASN B 34 -15.79 -13.69 22.31
N ALA B 35 -16.43 -12.64 22.84
CA ALA B 35 -17.18 -11.64 22.08
C ALA B 35 -16.26 -10.50 21.56
N TYR B 36 -16.84 -9.32 21.32
CA TYR B 36 -16.13 -8.05 21.15
C TYR B 36 -15.11 -7.77 22.28
N GLN B 37 -14.14 -6.89 22.01
CA GLN B 37 -13.08 -6.48 22.93
C GLN B 37 -12.59 -5.04 22.65
N HIS B 38 -11.73 -4.51 23.54
CA HIS B 38 -11.05 -3.22 23.37
C HIS B 38 -9.66 -3.46 22.71
N SER B 39 -8.57 -3.45 23.49
CA SER B 39 -7.19 -3.60 22.97
C SER B 39 -6.88 -4.97 22.34
N LYS B 40 -7.62 -6.04 22.67
CA LYS B 40 -7.47 -7.36 22.02
C LYS B 40 -7.71 -7.30 20.51
N VAL B 41 -8.74 -6.58 20.05
CA VAL B 41 -9.03 -6.38 18.61
C VAL B 41 -7.82 -5.86 17.82
N ASN B 42 -7.00 -4.98 18.40
CA ASN B 42 -5.75 -4.48 17.83
C ASN B 42 -4.73 -5.62 17.61
N GLN B 43 -4.39 -6.37 18.67
CA GLN B 43 -3.46 -7.50 18.54
C GLN B 43 -4.01 -8.61 17.64
N TRP B 44 -5.33 -8.74 17.51
CA TRP B 44 -5.99 -9.75 16.69
C TRP B 44 -5.90 -9.38 15.21
N THR B 45 -6.34 -8.18 14.82
CA THR B 45 -6.24 -7.74 13.41
C THR B 45 -4.80 -7.74 12.88
N THR B 46 -3.77 -7.62 13.75
CA THR B 46 -2.37 -7.79 13.32
C THR B 46 -1.95 -9.27 13.31
N ASN B 47 -2.05 -10.00 14.43
CA ASN B 47 -1.61 -11.40 14.57
C ASN B 47 -2.28 -12.36 13.57
N VAL B 48 -3.56 -12.13 13.29
CA VAL B 48 -4.35 -12.96 12.37
C VAL B 48 -3.88 -12.75 10.95
N VAL B 49 -4.04 -11.54 10.42
CA VAL B 49 -3.57 -11.14 9.08
C VAL B 49 -2.12 -11.59 8.85
N GLU B 50 -1.29 -11.61 9.90
CA GLU B 50 0.12 -12.02 9.79
C GLU B 50 0.29 -13.46 9.24
N GLN B 51 -0.54 -14.40 9.71
CA GLN B 51 -0.58 -15.79 9.24
C GLN B 51 -1.66 -16.03 8.19
N THR B 52 -2.87 -15.50 8.40
CA THR B 52 -4.07 -15.64 7.56
C THR B 52 -3.88 -15.09 6.14
N LEU B 53 -3.33 -13.89 6.00
CA LEU B 53 -3.00 -13.34 4.68
C LEU B 53 -1.92 -14.20 4.00
N SER B 54 -0.92 -14.66 4.76
CA SER B 54 0.07 -15.60 4.23
C SER B 54 -0.54 -16.94 3.79
N GLN B 55 -1.63 -17.41 4.43
CA GLN B 55 -2.34 -18.65 4.16
C GLN B 55 -3.22 -18.59 2.89
N LEU B 56 -4.04 -17.55 2.71
CA LEU B 56 -4.84 -17.40 1.49
C LEU B 56 -3.98 -17.21 0.22
N THR B 57 -2.80 -16.61 0.35
CA THR B 57 -1.78 -16.57 -0.71
C THR B 57 -1.37 -17.99 -1.14
N LYS B 58 -1.41 -18.96 -0.22
CA LYS B 58 -1.11 -20.38 -0.54
C LYS B 58 -2.28 -21.11 -1.18
N LEU B 59 -3.50 -20.80 -0.75
CA LEU B 59 -4.71 -21.45 -1.27
C LEU B 59 -5.13 -20.90 -2.64
N GLY B 60 -4.66 -19.70 -3.00
CA GLY B 60 -4.85 -19.05 -4.30
C GLY B 60 -3.68 -19.30 -5.25
N LYS B 61 -2.80 -18.30 -5.40
CA LYS B 61 -1.61 -18.34 -6.27
C LYS B 61 -0.39 -17.63 -5.63
N PRO B 62 0.85 -18.06 -5.97
CA PRO B 62 2.09 -17.42 -5.52
C PRO B 62 2.31 -16.06 -6.21
N PHE B 63 2.19 -14.96 -5.45
CA PHE B 63 2.45 -13.60 -5.92
C PHE B 63 2.94 -12.67 -4.77
N LYS B 64 3.24 -11.41 -5.08
CA LYS B 64 3.60 -10.35 -4.11
C LYS B 64 2.35 -9.63 -3.57
N TYR B 65 1.83 -10.10 -2.44
CA TYR B 65 0.73 -9.47 -1.69
C TYR B 65 1.29 -8.42 -0.71
N ILE B 66 0.61 -7.28 -0.59
CA ILE B 66 0.91 -6.18 0.34
C ILE B 66 -0.28 -5.96 1.27
N VAL B 67 -0.01 -5.45 2.47
CA VAL B 67 -1.03 -4.97 3.41
C VAL B 67 -0.56 -3.70 4.12
N THR B 68 -1.52 -2.84 4.43
CA THR B 68 -1.38 -1.62 5.22
C THR B 68 -2.56 -1.52 6.19
N CYS B 69 -2.29 -1.48 7.49
CA CYS B 69 -3.31 -1.32 8.52
C CYS B 69 -3.04 -0.10 9.41
N VAL B 70 -4.11 0.57 9.83
CA VAL B 70 -4.12 1.87 10.51
C VAL B 70 -4.86 1.73 11.83
N ILE B 71 -4.11 1.62 12.93
CA ILE B 71 -4.65 1.49 14.29
C ILE B 71 -4.60 2.86 14.98
N MET B 72 -5.77 3.44 15.26
CA MET B 72 -5.89 4.73 15.96
C MET B 72 -6.97 4.66 17.04
N GLN B 73 -6.78 5.38 18.15
CA GLN B 73 -7.76 5.41 19.25
C GLN B 73 -8.78 6.53 19.04
N LYS B 74 -10.05 6.30 19.41
CA LYS B 74 -11.17 7.24 19.29
C LYS B 74 -11.09 8.45 20.25
N ASN B 75 -10.01 8.57 21.04
CA ASN B 75 -9.68 9.75 21.86
C ASN B 75 -9.75 11.07 21.05
N GLY B 76 -9.37 11.01 19.77
CA GLY B 76 -9.56 12.09 18.79
C GLY B 76 -8.62 12.05 17.58
N ALA B 77 -8.01 10.89 17.27
CA ALA B 77 -7.01 10.73 16.23
C ALA B 77 -7.60 10.72 14.79
N GLY B 78 -8.23 11.83 14.40
CA GLY B 78 -8.77 12.08 13.05
C GLY B 78 -7.67 12.40 12.02
N LEU B 79 -6.80 11.42 11.78
CA LEU B 79 -5.79 11.41 10.72
C LEU B 79 -6.41 11.51 9.31
N HIS B 80 -5.63 11.94 8.32
CA HIS B 80 -6.07 12.09 6.92
C HIS B 80 -5.14 11.32 5.99
N THR B 81 -5.43 10.05 5.73
CA THR B 81 -4.65 9.21 4.80
C THR B 81 -5.30 9.20 3.42
N ALA B 82 -4.49 9.28 2.37
CA ALA B 82 -4.91 9.23 0.98
C ALA B 82 -4.13 8.15 0.22
N SER B 83 -4.86 7.25 -0.45
CA SER B 83 -4.30 6.06 -1.10
C SER B 83 -4.73 6.03 -2.56
N SER B 84 -3.78 6.11 -3.50
CA SER B 84 -4.08 5.99 -4.95
C SER B 84 -4.25 4.51 -5.35
N CYS B 85 -4.99 3.76 -4.53
CA CYS B 85 -5.47 2.42 -4.83
C CYS B 85 -6.81 2.48 -5.58
N PHE B 86 -7.34 1.31 -5.92
CA PHE B 86 -8.57 1.13 -6.70
C PHE B 86 -9.31 -0.13 -6.24
N TRP B 87 -10.64 -0.15 -6.31
CA TRP B 87 -11.44 -1.35 -6.03
C TRP B 87 -11.67 -2.16 -7.32
N ASP B 88 -11.43 -3.47 -7.25
CA ASP B 88 -11.72 -4.43 -8.33
C ASP B 88 -12.24 -5.76 -7.74
N SER B 89 -13.25 -6.37 -8.39
CA SER B 89 -13.85 -7.66 -8.00
C SER B 89 -13.55 -8.76 -9.04
N SER B 90 -13.95 -8.56 -10.31
CA SER B 90 -13.63 -9.46 -11.44
C SER B 90 -12.34 -9.04 -12.16
N THR B 91 -12.14 -7.73 -12.31
CA THR B 91 -11.11 -7.07 -13.14
C THR B 91 -9.68 -7.27 -12.63
N ASP B 92 -9.51 -7.37 -11.32
CA ASP B 92 -8.23 -7.49 -10.61
C ASP B 92 -8.44 -8.05 -9.18
N GLY B 93 -7.37 -8.13 -8.40
CA GLY B 93 -7.35 -8.70 -7.04
C GLY B 93 -7.06 -7.67 -5.93
N SER B 94 -7.97 -7.57 -4.96
CA SER B 94 -7.92 -6.70 -3.77
C SER B 94 -8.58 -7.39 -2.56
N CYS B 95 -8.47 -6.82 -1.35
CA CYS B 95 -9.11 -7.31 -0.13
C CYS B 95 -9.00 -6.30 1.03
N THR B 96 -10.10 -5.89 1.67
CA THR B 96 -10.06 -4.89 2.77
C THR B 96 -11.05 -5.23 3.89
N VAL B 97 -10.64 -4.98 5.15
CA VAL B 97 -11.33 -5.44 6.36
C VAL B 97 -11.29 -4.34 7.42
N ARG B 98 -12.46 -3.93 7.91
CA ARG B 98 -12.64 -2.76 8.79
C ARG B 98 -13.29 -3.11 10.14
N TRP B 99 -12.45 -3.27 11.18
CA TRP B 99 -12.87 -3.56 12.55
C TRP B 99 -12.75 -2.31 13.45
N GLU B 100 -13.82 -1.53 13.49
CA GLU B 100 -14.04 -0.50 14.51
C GLU B 100 -14.65 -1.09 15.80
N ASN B 101 -14.59 -0.35 16.90
CA ASN B 101 -15.22 -0.68 18.18
C ASN B 101 -15.78 0.60 18.84
N LYS B 102 -16.39 0.48 20.03
CA LYS B 102 -17.00 1.58 20.80
C LYS B 102 -16.08 2.81 20.96
N THR B 103 -14.79 2.56 21.23
CA THR B 103 -13.75 3.60 21.41
C THR B 103 -12.39 3.29 20.73
N MET B 104 -12.35 2.41 19.72
CA MET B 104 -11.15 2.12 18.91
C MET B 104 -11.44 1.97 17.41
N TYR B 105 -10.39 2.11 16.58
CA TYR B 105 -10.40 1.98 15.12
C TYR B 105 -9.20 1.17 14.63
N CYS B 106 -9.45 -0.05 14.14
CA CYS B 106 -8.44 -1.04 13.78
C CYS B 106 -8.71 -1.61 12.37
N ILE B 107 -8.37 -0.86 11.32
CA ILE B 107 -8.72 -1.18 9.92
C ILE B 107 -7.49 -1.63 9.10
N VAL B 108 -7.68 -2.56 8.15
CA VAL B 108 -6.63 -3.14 7.29
C VAL B 108 -7.06 -3.19 5.82
N SER B 109 -6.19 -2.68 4.94
CA SER B 109 -6.32 -2.74 3.48
C SER B 109 -5.21 -3.60 2.90
N ALA B 110 -5.56 -4.55 2.04
CA ALA B 110 -4.66 -5.50 1.39
C ALA B 110 -4.86 -5.51 -0.13
N PHE B 111 -3.79 -5.85 -0.85
CA PHE B 111 -3.77 -5.92 -2.31
C PHE B 111 -2.94 -7.12 -2.79
N GLY B 112 -3.38 -7.75 -3.88
CA GLY B 112 -2.90 -9.04 -4.34
C GLY B 112 -3.40 -9.36 -5.75
N LEU B 113 -2.70 -8.83 -6.74
CA LEU B 113 -3.06 -8.81 -8.16
C LEU B 113 -1.89 -9.19 -9.07
N SER B 114 -2.18 -9.61 -10.31
CA SER B 114 -1.20 -10.11 -11.29
C SER B 114 -1.47 -9.61 -12.70
N ILE B 115 -0.42 -9.10 -13.36
CA ILE B 115 -0.42 -8.66 -14.76
C ILE B 115 -0.17 -9.80 -15.77
N GLY B 116 0.20 -10.99 -15.31
CA GLY B 116 0.69 -12.13 -16.10
C GLY B 116 -0.37 -13.20 -16.41
N GLY B 117 -1.66 -12.83 -16.35
CA GLY B 117 -2.80 -13.74 -16.46
C GLY B 117 -3.61 -13.87 -15.16
N GLY B 118 -3.50 -12.91 -14.23
CA GLY B 118 -4.23 -12.83 -12.97
C GLY B 118 -5.74 -13.01 -13.09
N SER B 119 -6.22 -14.21 -12.76
CA SER B 119 -7.62 -14.65 -12.79
C SER B 119 -8.09 -15.10 -11.39
N GLY B 120 -9.24 -15.78 -11.31
CA GLY B 120 -9.82 -16.27 -10.04
C GLY B 120 -11.17 -15.65 -9.68
N GLN B 121 -11.79 -14.86 -10.57
CA GLN B 121 -13.15 -14.31 -10.39
C GLN B 121 -14.21 -15.39 -10.13
N SER B 122 -15.36 -15.00 -9.54
CA SER B 122 -16.47 -15.91 -9.21
C SER B 122 -17.15 -16.55 -10.44
N GLY B 123 -16.96 -15.99 -11.64
CA GLY B 123 -17.53 -16.44 -12.90
C GLY B 123 -17.89 -15.28 -13.83
N PRO B 124 -18.95 -14.50 -13.53
CA PRO B 124 -19.34 -13.33 -14.32
C PRO B 124 -18.36 -12.16 -14.19
N ILE B 125 -18.56 -11.14 -15.04
CA ILE B 125 -17.77 -9.90 -15.12
C ILE B 125 -18.65 -8.66 -14.89
N LYS B 126 -18.74 -8.22 -13.63
CA LYS B 126 -19.42 -6.96 -13.24
C LYS B 126 -18.57 -5.71 -13.56
N LEU B 127 -19.19 -4.54 -13.48
CA LEU B 127 -18.57 -3.22 -13.70
C LEU B 127 -17.52 -2.91 -12.61
N GLY B 128 -16.29 -2.59 -13.04
CA GLY B 128 -15.12 -2.37 -12.18
C GLY B 128 -14.80 -0.89 -11.96
N MET B 129 -15.48 -0.25 -10.99
CA MET B 129 -15.30 1.15 -10.60
C MET B 129 -13.94 1.42 -9.91
N ALA B 130 -12.93 1.75 -10.71
CA ALA B 130 -11.59 2.15 -10.27
C ALA B 130 -11.51 3.67 -10.01
N LYS B 131 -11.61 4.09 -8.75
CA LYS B 131 -11.36 5.47 -8.29
C LYS B 131 -10.40 5.50 -7.08
N ILE B 132 -9.88 6.69 -6.74
CA ILE B 132 -9.00 6.94 -5.58
C ILE B 132 -9.66 6.49 -4.26
N THR B 133 -8.86 6.08 -3.27
CA THR B 133 -9.29 5.59 -1.96
C THR B 133 -8.71 6.44 -0.83
N GLN B 134 -9.41 7.49 -0.40
CA GLN B 134 -9.08 8.18 0.85
C GLN B 134 -9.59 7.39 2.06
N VAL B 135 -8.88 7.50 3.18
CA VAL B 135 -9.19 6.95 4.51
C VAL B 135 -8.86 7.98 5.58
N ASP B 136 -9.89 8.71 6.00
CA ASP B 136 -9.84 9.71 7.06
C ASP B 136 -11.00 9.55 8.04
N PHE B 137 -10.83 10.07 9.26
CA PHE B 137 -11.85 10.04 10.31
C PHE B 137 -11.98 11.42 11.00
N PRO B 138 -13.14 11.73 11.61
CA PRO B 138 -13.40 13.01 12.26
C PRO B 138 -12.66 13.17 13.61
N PRO B 139 -12.60 14.38 14.18
CA PRO B 139 -11.88 14.64 15.43
C PRO B 139 -12.56 14.08 16.70
N ARG B 140 -13.86 13.73 16.65
CA ARG B 140 -14.61 13.04 17.72
C ARG B 140 -15.89 12.38 17.20
N GLU B 141 -16.82 13.20 16.73
CA GLU B 141 -18.17 12.82 16.34
C GLU B 141 -18.22 12.15 14.97
N ILE B 142 -18.71 10.91 14.94
CA ILE B 142 -18.83 10.04 13.76
C ILE B 142 -20.28 9.93 13.27
N VAL B 143 -20.46 9.35 12.07
CA VAL B 143 -21.74 9.12 11.35
C VAL B 143 -22.45 10.42 10.94
N GLY A 1 13.89 -17.88 -28.88
CA GLY A 1 15.02 -17.19 -28.25
C GLY A 1 15.80 -16.36 -29.26
N SER A 2 15.33 -15.13 -29.52
CA SER A 2 15.99 -14.14 -30.41
C SER A 2 15.89 -12.72 -29.84
N MET A 3 14.71 -12.10 -29.86
CA MET A 3 14.47 -10.76 -29.29
C MET A 3 14.40 -10.77 -27.75
N GLU A 4 14.00 -11.88 -27.13
CA GLU A 4 13.90 -12.03 -25.67
C GLU A 4 15.25 -12.03 -24.93
N ASP A 5 16.36 -12.16 -25.67
CA ASP A 5 17.73 -12.07 -25.14
C ASP A 5 18.09 -10.66 -24.63
N TYR A 6 17.36 -9.62 -25.05
CA TYR A 6 17.43 -8.26 -24.53
C TYR A 6 16.09 -7.81 -23.92
N GLN A 7 16.09 -6.63 -23.28
CA GLN A 7 14.91 -6.01 -22.67
C GLN A 7 15.00 -4.48 -22.74
N ALA A 8 14.05 -3.77 -22.13
CA ALA A 8 13.99 -2.30 -22.06
C ALA A 8 15.31 -1.66 -21.60
N ALA A 9 16.00 -0.97 -22.52
CA ALA A 9 17.27 -0.28 -22.27
C ALA A 9 17.11 0.91 -21.29
N GLU A 10 18.22 1.41 -20.75
CA GLU A 10 18.22 2.48 -19.74
C GLU A 10 17.62 3.81 -20.27
N GLU A 11 17.55 3.99 -21.59
CA GLU A 11 16.91 5.15 -22.25
C GLU A 11 15.38 5.22 -22.09
N THR A 12 14.72 4.07 -21.90
CA THR A 12 13.26 3.94 -21.70
C THR A 12 12.91 3.41 -20.30
N ALA A 13 13.88 2.80 -19.60
CA ALA A 13 13.77 2.51 -18.17
C ALA A 13 13.86 3.79 -17.33
N PHE A 14 13.61 3.66 -16.03
CA PHE A 14 13.78 4.72 -15.03
C PHE A 14 14.39 4.14 -13.74
N VAL A 15 14.87 5.00 -12.83
CA VAL A 15 15.55 4.60 -11.59
C VAL A 15 15.06 5.43 -10.41
N VAL A 16 15.11 4.86 -9.21
CA VAL A 16 14.66 5.50 -7.96
C VAL A 16 15.37 6.84 -7.71
N ASP A 17 16.68 6.89 -7.98
CA ASP A 17 17.51 8.09 -7.88
C ASP A 17 17.04 9.25 -8.79
N GLU A 18 16.39 8.94 -9.92
CA GLU A 18 15.73 9.92 -10.78
C GLU A 18 14.42 10.39 -10.15
N VAL A 19 13.45 9.49 -9.95
CA VAL A 19 12.12 9.74 -9.32
C VAL A 19 12.23 10.56 -8.04
N SER A 20 13.15 10.18 -7.16
CA SER A 20 13.45 10.84 -5.87
C SER A 20 14.03 12.25 -6.02
N ASN A 21 14.47 12.66 -7.21
CA ASN A 21 14.88 14.03 -7.56
C ASN A 21 13.76 14.79 -8.33
N ILE A 22 12.93 14.10 -9.13
CA ILE A 22 11.76 14.69 -9.81
C ILE A 22 10.84 15.36 -8.79
N VAL A 23 10.60 14.73 -7.64
CA VAL A 23 9.79 15.33 -6.58
C VAL A 23 10.36 16.65 -6.07
N LYS A 24 11.68 16.78 -5.85
CA LYS A 24 12.28 18.06 -5.41
C LYS A 24 12.13 19.14 -6.48
N GLU A 25 12.54 18.86 -7.71
CA GLU A 25 12.45 19.87 -8.78
C GLU A 25 10.99 20.29 -9.10
N ALA A 26 10.03 19.38 -8.94
CA ALA A 26 8.61 19.65 -9.09
C ALA A 26 8.00 20.41 -7.89
N ILE A 27 8.41 20.11 -6.65
CA ILE A 27 8.00 20.89 -5.47
C ILE A 27 8.40 22.35 -5.66
N GLU A 28 9.69 22.64 -5.89
CA GLU A 28 10.16 24.03 -6.02
C GLU A 28 9.48 24.81 -7.17
N SER A 29 9.04 24.13 -8.23
CA SER A 29 8.19 24.70 -9.29
C SER A 29 6.81 25.13 -8.75
N ALA A 30 6.13 24.28 -7.98
CA ALA A 30 4.85 24.59 -7.33
C ALA A 30 4.96 25.60 -6.16
N ILE A 31 6.12 25.67 -5.49
CA ILE A 31 6.44 26.70 -4.49
C ILE A 31 6.41 28.12 -5.11
N GLY A 32 6.84 28.25 -6.37
CA GLY A 32 6.94 29.55 -7.07
C GLY A 32 8.23 30.32 -6.78
N GLY A 33 9.25 29.67 -6.23
CA GLY A 33 10.57 30.26 -5.90
C GLY A 33 10.69 30.89 -4.50
N ASN A 34 9.64 30.83 -3.67
CA ASN A 34 9.69 31.16 -2.24
C ASN A 34 10.58 30.17 -1.43
N ALA A 35 10.79 30.45 -0.14
CA ALA A 35 11.58 29.64 0.78
C ALA A 35 10.75 28.49 1.41
N TYR A 36 11.16 28.03 2.59
CA TYR A 36 10.30 27.31 3.54
C TYR A 36 8.99 28.06 3.83
N GLN A 37 7.98 27.34 4.32
CA GLN A 37 6.64 27.85 4.61
C GLN A 37 5.98 27.03 5.75
N HIS A 38 4.77 27.40 6.18
CA HIS A 38 3.99 26.65 7.20
C HIS A 38 3.04 25.64 6.51
N SER A 39 1.73 25.82 6.62
CA SER A 39 0.67 24.95 6.06
C SER A 39 0.75 24.74 4.55
N LYS A 40 1.40 25.65 3.81
CA LYS A 40 1.66 25.55 2.37
C LYS A 40 2.32 24.21 1.98
N VAL A 41 3.24 23.70 2.79
CA VAL A 41 3.90 22.39 2.57
C VAL A 41 2.90 21.23 2.43
N ASN A 42 1.75 21.28 3.11
CA ASN A 42 0.68 20.28 2.97
C ASN A 42 0.01 20.33 1.59
N GLN A 43 -0.33 21.53 1.08
CA GLN A 43 -0.87 21.64 -0.29
C GLN A 43 0.18 21.31 -1.36
N TRP A 44 1.47 21.41 -1.06
CA TRP A 44 2.55 21.10 -1.99
C TRP A 44 2.79 19.60 -2.10
N THR A 45 3.04 18.91 -0.98
CA THR A 45 3.21 17.44 -0.99
C THR A 45 2.00 16.70 -1.59
N THR A 46 0.78 17.26 -1.50
CA THR A 46 -0.37 16.68 -2.22
C THR A 46 -0.41 17.10 -3.70
N ASN A 47 -0.42 18.40 -4.03
CA ASN A 47 -0.52 18.91 -5.42
C ASN A 47 0.59 18.38 -6.35
N VAL A 48 1.81 18.28 -5.82
CA VAL A 48 2.99 17.83 -6.57
C VAL A 48 2.82 16.39 -6.95
N VAL A 49 2.80 15.49 -5.96
CA VAL A 49 2.58 14.04 -6.17
C VAL A 49 1.38 13.78 -7.09
N GLU A 50 0.36 14.66 -7.06
CA GLU A 50 -0.84 14.53 -7.89
C GLU A 50 -0.54 14.50 -9.40
N GLN A 51 0.39 15.34 -9.86
CA GLN A 51 0.83 15.45 -11.26
C GLN A 51 2.20 14.80 -11.50
N THR A 52 3.15 14.98 -10.59
CA THR A 52 4.50 14.42 -10.57
C THR A 52 4.50 12.90 -10.62
N LEU A 53 3.78 12.23 -9.71
CA LEU A 53 3.72 10.76 -9.70
C LEU A 53 3.13 10.22 -11.01
N SER A 54 2.09 10.90 -11.53
CA SER A 54 1.54 10.62 -12.86
C SER A 54 2.56 10.82 -13.99
N GLN A 55 3.39 11.87 -13.94
CA GLN A 55 4.45 12.19 -14.91
C GLN A 55 5.60 11.17 -14.92
N LEU A 56 6.18 10.83 -13.76
CA LEU A 56 7.34 9.93 -13.68
C LEU A 56 7.05 8.49 -14.12
N THR A 57 5.80 8.04 -14.00
CA THR A 57 5.30 6.81 -14.63
C THR A 57 5.45 6.86 -16.15
N LYS A 58 5.34 8.05 -16.76
CA LYS A 58 5.46 8.21 -18.23
C LYS A 58 6.91 8.38 -18.69
N LEU A 59 7.79 8.84 -17.80
CA LEU A 59 9.25 8.86 -18.02
C LEU A 59 9.86 7.44 -18.07
N GLY A 60 9.20 6.47 -17.41
CA GLY A 60 9.50 5.05 -17.45
C GLY A 60 8.57 4.30 -18.42
N LYS A 61 7.82 3.33 -17.88
CA LYS A 61 6.82 2.50 -18.60
C LYS A 61 5.45 2.46 -17.90
N PRO A 62 4.36 2.18 -18.66
CA PRO A 62 2.99 2.09 -18.12
C PRO A 62 2.82 0.88 -17.18
N PHE A 63 2.60 1.13 -15.89
CA PHE A 63 2.28 0.12 -14.88
C PHE A 63 1.41 0.67 -13.74
N LYS A 64 0.82 -0.20 -12.91
CA LYS A 64 0.11 0.19 -11.68
C LYS A 64 1.10 0.62 -10.58
N TYR A 65 1.29 1.92 -10.43
CA TYR A 65 1.88 2.52 -9.22
C TYR A 65 0.88 2.49 -8.05
N ILE A 66 1.41 2.57 -6.83
CA ILE A 66 0.67 2.89 -5.61
C ILE A 66 1.43 3.96 -4.82
N VAL A 67 0.69 4.77 -4.07
CA VAL A 67 1.21 5.70 -3.07
C VAL A 67 0.31 5.74 -1.85
N THR A 68 0.91 5.98 -0.70
CA THR A 68 0.25 6.28 0.56
C THR A 68 0.95 7.44 1.26
N CYS A 69 0.19 8.36 1.86
CA CYS A 69 0.73 9.40 2.73
C CYS A 69 -0.11 9.59 4.00
N VAL A 70 0.57 10.00 5.08
CA VAL A 70 -0.01 10.25 6.41
C VAL A 70 0.43 11.64 6.87
N ILE A 71 -0.51 12.59 6.82
CA ILE A 71 -0.35 13.97 7.25
C ILE A 71 -1.02 14.15 8.63
N MET A 72 -0.24 14.55 9.64
CA MET A 72 -0.74 14.86 10.97
C MET A 72 0.05 16.01 11.64
N GLN A 73 -0.51 16.56 12.72
CA GLN A 73 0.07 17.61 13.54
C GLN A 73 1.01 17.03 14.62
N LYS A 74 1.96 17.83 15.13
CA LYS A 74 2.86 17.53 16.27
C LYS A 74 2.21 17.58 17.66
N ASN A 75 0.87 17.65 17.74
CA ASN A 75 0.08 17.74 18.98
C ASN A 75 0.18 16.48 19.89
N GLY A 76 0.85 15.41 19.45
CA GLY A 76 1.10 14.17 20.21
C GLY A 76 0.22 12.98 19.79
N ALA A 77 -0.71 13.19 18.86
CA ALA A 77 -1.56 12.15 18.26
C ALA A 77 -0.75 11.23 17.32
N GLY A 78 -0.15 10.18 17.88
CA GLY A 78 0.58 9.12 17.16
C GLY A 78 -0.27 7.85 17.08
N LEU A 79 -1.08 7.73 16.02
CA LEU A 79 -2.01 6.61 15.80
C LEU A 79 -1.26 5.28 15.60
N HIS A 80 -1.94 4.14 15.79
CA HIS A 80 -1.33 2.81 15.60
C HIS A 80 -1.48 2.37 14.15
N THR A 81 -0.46 2.58 13.32
CA THR A 81 -0.47 2.25 11.89
C THR A 81 0.57 1.18 11.58
N ALA A 82 0.18 0.14 10.84
CA ALA A 82 1.04 -1.00 10.55
C ALA A 82 0.94 -1.43 9.08
N SER A 83 2.08 -1.60 8.43
CA SER A 83 2.20 -1.87 6.99
C SER A 83 3.19 -3.01 6.73
N SER A 84 2.74 -4.10 6.10
CA SER A 84 3.62 -5.22 5.69
C SER A 84 4.51 -4.89 4.47
N CYS A 85 4.68 -3.59 4.16
CA CYS A 85 5.68 -3.11 3.23
C CYS A 85 7.12 -3.40 3.70
N PHE A 86 8.06 -3.21 2.78
CA PHE A 86 9.49 -3.39 2.98
C PHE A 86 10.29 -2.65 1.90
N TRP A 87 11.54 -2.28 2.22
CA TRP A 87 12.53 -1.76 1.27
C TRP A 87 13.24 -2.93 0.56
N ASP A 88 13.69 -2.71 -0.68
CA ASP A 88 14.55 -3.59 -1.47
C ASP A 88 15.47 -2.76 -2.38
N SER A 89 16.53 -3.38 -2.93
CA SER A 89 17.40 -2.78 -3.96
C SER A 89 17.61 -3.69 -5.19
N SER A 90 18.07 -4.93 -5.00
CA SER A 90 18.20 -5.95 -6.06
C SER A 90 16.85 -6.61 -6.39
N THR A 91 16.11 -7.02 -5.35
CA THR A 91 14.90 -7.85 -5.42
C THR A 91 13.71 -7.10 -6.04
N ASP A 92 13.46 -5.88 -5.56
CA ASP A 92 12.47 -4.89 -6.00
C ASP A 92 13.03 -3.46 -5.74
N GLY A 93 12.18 -2.44 -5.67
CA GLY A 93 12.51 -1.09 -5.20
C GLY A 93 11.35 -0.41 -4.47
N SER A 94 11.54 0.86 -4.13
CA SER A 94 10.53 1.81 -3.60
C SER A 94 10.96 3.26 -3.91
N CYS A 95 10.11 4.24 -3.63
CA CYS A 95 10.51 5.66 -3.59
C CYS A 95 9.69 6.40 -2.53
N THR A 96 10.31 7.04 -1.54
CA THR A 96 9.58 7.79 -0.50
C THR A 96 10.18 9.16 -0.25
N VAL A 97 9.33 10.12 0.14
CA VAL A 97 9.64 11.54 0.28
C VAL A 97 9.15 12.01 1.64
N ARG A 98 10.08 12.43 2.48
CA ARG A 98 9.87 12.75 3.90
C ARG A 98 10.06 14.26 4.15
N TRP A 99 8.97 15.01 4.14
CA TRP A 99 8.95 16.46 4.42
C TRP A 99 8.39 16.72 5.82
N GLU A 100 9.22 17.31 6.67
CA GLU A 100 8.89 17.78 8.01
C GLU A 100 8.75 19.32 8.05
N ASN A 101 8.10 19.84 9.09
CA ASN A 101 7.90 21.28 9.30
C ASN A 101 7.81 21.63 10.81
N LYS A 102 7.57 22.92 11.12
CA LYS A 102 7.42 23.49 12.47
C LYS A 102 6.65 22.60 13.45
N THR A 103 5.35 22.42 13.18
CA THR A 103 4.41 21.65 14.02
C THR A 103 3.53 20.68 13.22
N MET A 104 3.99 20.25 12.05
CA MET A 104 3.35 19.21 11.22
C MET A 104 4.39 18.28 10.59
N TYR A 105 3.95 17.10 10.14
CA TYR A 105 4.75 16.15 9.37
C TYR A 105 3.91 15.55 8.24
N CYS A 106 4.52 15.43 7.06
CA CYS A 106 3.87 14.94 5.85
C CYS A 106 4.77 14.02 5.03
N ILE A 107 4.76 12.74 5.39
CA ILE A 107 5.51 11.67 4.72
C ILE A 107 4.66 10.98 3.64
N VAL A 108 5.24 10.77 2.45
CA VAL A 108 4.61 10.08 1.31
C VAL A 108 5.50 8.95 0.80
N SER A 109 4.94 7.75 0.70
CA SER A 109 5.60 6.51 0.30
C SER A 109 5.00 5.96 -0.98
N ALA A 110 5.84 5.67 -1.98
CA ALA A 110 5.47 5.15 -3.29
C ALA A 110 6.15 3.81 -3.59
N PHE A 111 5.46 2.98 -4.36
CA PHE A 111 5.94 1.70 -4.89
C PHE A 111 5.40 1.52 -6.33
N GLY A 112 6.18 1.91 -7.33
CA GLY A 112 5.90 1.66 -8.75
C GLY A 112 7.20 1.54 -9.55
N LEU A 113 7.68 0.32 -9.75
CA LEU A 113 8.97 -0.03 -10.39
C LEU A 113 8.90 -1.37 -11.16
N SER A 114 8.26 -1.36 -12.33
CA SER A 114 8.09 -2.58 -13.15
C SER A 114 8.15 -2.25 -14.65
N ILE A 115 9.35 -2.33 -15.24
CA ILE A 115 9.63 -2.03 -16.66
C ILE A 115 9.86 -3.25 -17.56
N GLY A 116 10.08 -4.43 -16.98
CA GLY A 116 10.31 -5.69 -17.71
C GLY A 116 9.56 -6.91 -17.15
N GLY A 117 8.93 -6.78 -15.98
CA GLY A 117 8.21 -7.86 -15.27
C GLY A 117 9.11 -8.96 -14.66
N GLY A 118 10.44 -8.83 -14.78
CA GLY A 118 11.43 -9.77 -14.28
C GLY A 118 12.85 -9.17 -14.21
N SER A 119 13.79 -9.95 -13.68
CA SER A 119 15.23 -9.62 -13.60
C SER A 119 15.94 -9.74 -14.97
N GLY A 120 17.22 -9.35 -15.04
CA GLY A 120 18.04 -9.38 -16.27
C GLY A 120 18.20 -8.02 -16.97
N GLN A 121 18.06 -6.92 -16.22
CA GLN A 121 18.27 -5.53 -16.68
C GLN A 121 19.73 -5.27 -17.11
N SER A 122 19.99 -4.11 -17.74
CA SER A 122 21.32 -3.72 -18.26
C SER A 122 22.38 -3.50 -17.16
N GLY A 123 21.96 -3.18 -15.93
CA GLY A 123 22.79 -2.98 -14.74
C GLY A 123 22.31 -3.81 -13.54
N PRO A 124 22.53 -5.14 -13.53
CA PRO A 124 22.07 -6.02 -12.46
C PRO A 124 22.93 -5.82 -11.19
N ILE A 125 22.27 -5.90 -10.01
CA ILE A 125 22.89 -5.78 -8.68
C ILE A 125 22.35 -6.88 -7.75
N LYS A 126 23.21 -7.46 -6.90
CA LYS A 126 22.86 -8.46 -5.88
C LYS A 126 22.99 -7.84 -4.48
N LEU A 127 21.88 -7.84 -3.74
CA LEU A 127 21.69 -7.37 -2.36
C LEU A 127 20.69 -8.30 -1.62
N GLY A 128 20.31 -7.97 -0.38
CA GLY A 128 19.42 -8.79 0.46
C GLY A 128 18.93 -8.06 1.71
N MET A 129 17.75 -7.43 1.61
CA MET A 129 17.15 -6.58 2.65
C MET A 129 15.61 -6.63 2.56
N ALA A 130 14.92 -6.85 3.69
CA ALA A 130 13.44 -6.83 3.80
C ALA A 130 12.97 -6.85 5.27
N LYS A 131 12.38 -5.76 5.77
CA LYS A 131 11.74 -5.64 7.11
C LYS A 131 10.38 -4.93 7.05
N ILE A 132 9.46 -5.30 7.95
CA ILE A 132 8.10 -4.73 8.11
C ILE A 132 8.16 -3.22 8.42
N THR A 133 7.13 -2.46 8.02
CA THR A 133 7.03 -1.00 8.20
C THR A 133 5.87 -0.63 9.12
N GLN A 134 6.12 -0.57 10.43
CA GLN A 134 5.16 -0.02 11.41
C GLN A 134 5.49 1.44 11.76
N VAL A 135 4.44 2.22 12.01
CA VAL A 135 4.43 3.63 12.43
C VAL A 135 3.39 3.79 13.54
N ASP A 136 3.86 3.70 14.79
CA ASP A 136 3.06 3.89 15.99
C ASP A 136 3.87 4.62 17.08
N PHE A 137 3.16 5.17 18.08
CA PHE A 137 3.74 5.81 19.26
C PHE A 137 3.40 4.94 20.50
N PRO A 138 4.25 3.96 20.87
CA PRO A 138 4.00 3.08 22.01
C PRO A 138 4.10 3.88 23.33
N PRO A 139 2.99 4.04 24.10
CA PRO A 139 3.00 4.87 25.30
C PRO A 139 3.80 4.23 26.45
N ARG A 140 3.70 2.91 26.58
CA ARG A 140 4.33 2.01 27.56
C ARG A 140 4.52 0.61 26.96
N GLU A 141 5.16 -0.27 27.71
CA GLU A 141 5.25 -1.70 27.44
C GLU A 141 3.86 -2.39 27.53
N ILE A 142 3.56 -3.27 26.56
CA ILE A 142 2.30 -4.02 26.43
C ILE A 142 2.57 -5.49 26.05
N VAL A 143 1.52 -6.33 26.05
CA VAL A 143 1.55 -7.75 25.61
C VAL A 143 1.53 -7.85 24.09
N GLY B 1 2.59 -23.36 -28.36
CA GLY B 1 1.21 -23.25 -27.86
C GLY B 1 0.58 -24.62 -27.65
N SER B 2 0.81 -25.22 -26.47
CA SER B 2 0.27 -26.54 -26.07
C SER B 2 -0.21 -26.52 -24.62
N MET B 3 0.72 -26.49 -23.64
CA MET B 3 0.39 -26.40 -22.21
C MET B 3 -0.08 -25.00 -21.77
N GLU B 4 0.28 -23.94 -22.51
CA GLU B 4 -0.08 -22.55 -22.20
C GLU B 4 -1.58 -22.23 -22.34
N ASP B 5 -2.35 -23.12 -22.99
CA ASP B 5 -3.80 -22.98 -23.19
C ASP B 5 -4.59 -22.88 -21.87
N TYR B 6 -4.14 -23.57 -20.81
CA TYR B 6 -4.70 -23.54 -19.46
C TYR B 6 -3.62 -23.67 -18.37
N GLN B 7 -3.69 -22.84 -17.33
CA GLN B 7 -2.69 -22.77 -16.26
C GLN B 7 -3.29 -22.40 -14.87
N ALA B 8 -4.62 -22.31 -14.75
CA ALA B 8 -5.29 -21.72 -13.59
C ALA B 8 -6.53 -22.53 -13.16
N ALA B 9 -6.29 -23.73 -12.63
CA ALA B 9 -7.30 -24.60 -12.03
C ALA B 9 -7.84 -24.03 -10.70
N GLU B 10 -9.16 -24.05 -10.52
CA GLU B 10 -9.81 -23.48 -9.32
C GLU B 10 -9.40 -24.18 -8.01
N GLU B 11 -8.91 -25.42 -8.07
CA GLU B 11 -8.45 -26.19 -6.91
C GLU B 11 -7.16 -25.66 -6.26
N THR B 12 -6.30 -24.99 -7.03
CA THR B 12 -5.04 -24.35 -6.57
C THR B 12 -5.14 -22.81 -6.57
N ALA B 13 -6.09 -22.24 -7.31
CA ALA B 13 -6.45 -20.83 -7.19
C ALA B 13 -7.17 -20.55 -5.85
N PHE B 14 -7.39 -19.26 -5.56
CA PHE B 14 -8.17 -18.77 -4.43
C PHE B 14 -9.03 -17.57 -4.86
N VAL B 15 -10.00 -17.18 -4.03
CA VAL B 15 -10.96 -16.10 -4.32
C VAL B 15 -11.15 -15.19 -3.10
N VAL B 16 -11.49 -13.92 -3.33
CA VAL B 16 -11.70 -12.90 -2.29
C VAL B 16 -12.77 -13.34 -1.29
N ASP B 17 -13.87 -13.93 -1.78
CA ASP B 17 -14.97 -14.48 -0.96
C ASP B 17 -14.51 -15.58 0.01
N GLU B 18 -13.44 -16.32 -0.32
CA GLU B 18 -12.79 -17.27 0.60
C GLU B 18 -11.97 -16.52 1.64
N VAL B 19 -10.94 -15.78 1.23
CA VAL B 19 -10.04 -14.96 2.09
C VAL B 19 -10.81 -14.13 3.12
N SER B 20 -11.86 -13.44 2.67
CA SER B 20 -12.75 -12.59 3.46
C SER B 20 -13.58 -13.37 4.50
N ASN B 21 -13.66 -14.70 4.40
CA ASN B 21 -14.25 -15.61 5.40
C ASN B 21 -13.18 -16.28 6.30
N ILE B 22 -11.97 -16.54 5.77
CA ILE B 22 -10.83 -17.07 6.55
C ILE B 22 -10.53 -16.14 7.74
N VAL B 23 -10.57 -14.83 7.53
CA VAL B 23 -10.37 -13.88 8.64
C VAL B 23 -11.41 -14.02 9.76
N LYS B 24 -12.70 -14.23 9.45
CA LYS B 24 -13.73 -14.43 10.50
C LYS B 24 -13.49 -15.73 11.26
N GLU B 25 -13.34 -16.85 10.55
CA GLU B 25 -13.14 -18.14 11.23
C GLU B 25 -11.83 -18.20 12.04
N ALA B 26 -10.78 -17.49 11.60
CA ALA B 26 -9.52 -17.35 12.32
C ALA B 26 -9.60 -16.39 13.52
N ILE B 27 -10.33 -15.26 13.41
CA ILE B 27 -10.60 -14.37 14.56
C ILE B 27 -11.27 -15.16 15.67
N GLU B 28 -12.42 -15.80 15.42
CA GLU B 28 -13.13 -16.53 16.47
C GLU B 28 -12.32 -17.66 17.13
N SER B 29 -11.37 -18.26 16.42
CA SER B 29 -10.39 -19.20 16.97
C SER B 29 -9.44 -18.52 17.99
N ALA B 30 -8.89 -17.35 17.66
CA ALA B 30 -8.06 -16.53 18.56
C ALA B 30 -8.84 -15.86 19.71
N ILE B 31 -10.14 -15.58 19.52
CA ILE B 31 -11.06 -15.12 20.59
C ILE B 31 -11.18 -16.18 21.71
N GLY B 32 -11.16 -17.47 21.36
CA GLY B 32 -11.32 -18.58 22.30
C GLY B 32 -12.79 -18.93 22.62
N GLY B 33 -13.73 -18.45 21.80
CA GLY B 33 -15.18 -18.69 21.95
C GLY B 33 -15.93 -17.69 22.85
N ASN B 34 -15.25 -16.66 23.38
CA ASN B 34 -15.88 -15.52 24.05
C ASN B 34 -16.74 -14.66 23.09
N ALA B 35 -17.49 -13.71 23.64
CA ALA B 35 -18.31 -12.75 22.89
C ALA B 35 -17.49 -11.56 22.34
N TYR B 36 -18.17 -10.46 21.98
CA TYR B 36 -17.54 -9.15 21.79
C TYR B 36 -16.72 -8.73 23.03
N GLN B 37 -15.73 -7.87 22.83
CA GLN B 37 -14.77 -7.42 23.84
C GLN B 37 -14.37 -5.95 23.60
N HIS B 38 -13.65 -5.33 24.55
CA HIS B 38 -13.12 -3.95 24.42
C HIS B 38 -11.76 -3.96 23.67
N SER B 39 -10.66 -3.59 24.34
CA SER B 39 -9.31 -3.49 23.76
C SER B 39 -8.76 -4.79 23.16
N LYS B 40 -9.29 -5.95 23.57
CA LYS B 40 -8.95 -7.28 23.04
C LYS B 40 -9.02 -7.36 21.50
N VAL B 41 -10.01 -6.70 20.89
CA VAL B 41 -10.16 -6.64 19.42
C VAL B 41 -8.92 -6.09 18.71
N ASN B 42 -8.15 -5.20 19.34
CA ASN B 42 -6.91 -4.66 18.77
C ASN B 42 -5.81 -5.73 18.70
N GLN B 43 -5.61 -6.53 19.75
CA GLN B 43 -4.68 -7.66 19.69
C GLN B 43 -5.14 -8.77 18.73
N TRP B 44 -6.44 -8.88 18.46
CA TRP B 44 -7.00 -9.89 17.55
C TRP B 44 -6.80 -9.50 16.10
N THR B 45 -7.23 -8.31 15.68
CA THR B 45 -7.02 -7.82 14.31
C THR B 45 -5.54 -7.78 13.91
N THR B 46 -4.60 -7.63 14.87
CA THR B 46 -3.16 -7.79 14.58
C THR B 46 -2.73 -9.27 14.58
N ASN B 47 -2.92 -10.02 15.68
CA ASN B 47 -2.46 -11.42 15.83
C ASN B 47 -2.99 -12.36 14.75
N VAL B 48 -4.26 -12.17 14.34
CA VAL B 48 -4.92 -12.99 13.34
C VAL B 48 -4.25 -12.78 12.00
N VAL B 49 -4.35 -11.58 11.44
CA VAL B 49 -3.71 -11.19 10.17
C VAL B 49 -2.24 -11.62 10.14
N GLU B 50 -1.57 -11.63 11.30
CA GLU B 50 -0.15 -12.02 11.41
C GLU B 50 0.14 -13.44 10.91
N GLN B 51 -0.76 -14.39 11.20
CA GLN B 51 -0.68 -15.81 10.80
C GLN B 51 -1.65 -16.15 9.66
N THR B 52 -2.88 -15.64 9.72
CA THR B 52 -3.95 -15.78 8.73
C THR B 52 -3.55 -15.29 7.35
N LEU B 53 -3.05 -14.04 7.24
CA LEU B 53 -2.62 -13.50 5.94
C LEU B 53 -1.48 -14.36 5.34
N SER B 54 -0.54 -14.77 6.19
CA SER B 54 0.51 -15.72 5.81
C SER B 54 -0.04 -17.09 5.34
N GLN B 55 -1.09 -17.62 5.99
CA GLN B 55 -1.78 -18.88 5.66
C GLN B 55 -2.54 -18.83 4.32
N LEU B 56 -3.39 -17.82 4.09
CA LEU B 56 -4.22 -17.74 2.88
C LEU B 56 -3.43 -17.54 1.58
N THR B 57 -2.24 -16.95 1.66
CA THR B 57 -1.24 -16.95 0.58
C THR B 57 -0.84 -18.38 0.19
N LYS B 58 -0.84 -19.32 1.15
CA LYS B 58 -0.46 -20.73 0.88
C LYS B 58 -1.64 -21.58 0.40
N LEU B 59 -2.87 -21.17 0.72
CA LEU B 59 -4.10 -21.75 0.15
C LEU B 59 -4.26 -21.43 -1.34
N GLY B 60 -3.67 -20.32 -1.80
CA GLY B 60 -3.54 -19.92 -3.19
C GLY B 60 -2.17 -20.29 -3.79
N LYS B 61 -1.44 -19.28 -4.27
CA LYS B 61 -0.08 -19.39 -4.84
C LYS B 61 0.92 -18.40 -4.21
N PRO B 62 2.24 -18.70 -4.26
CA PRO B 62 3.30 -17.84 -3.71
C PRO B 62 3.43 -16.51 -4.50
N PHE B 63 3.09 -15.40 -3.86
CA PHE B 63 3.27 -14.04 -4.41
C PHE B 63 3.48 -12.99 -3.31
N LYS B 64 3.94 -11.78 -3.67
CA LYS B 64 4.01 -10.62 -2.76
C LYS B 64 2.61 -10.06 -2.46
N TYR B 65 2.06 -10.41 -1.30
CA TYR B 65 0.95 -9.68 -0.67
C TYR B 65 1.44 -8.37 -0.04
N ILE B 66 0.53 -7.42 0.14
CA ILE B 66 0.67 -6.24 0.99
C ILE B 66 -0.58 -6.10 1.86
N VAL B 67 -0.40 -5.51 3.03
CA VAL B 67 -1.47 -5.09 3.93
C VAL B 67 -1.11 -3.78 4.61
N THR B 68 -2.14 -2.99 4.92
CA THR B 68 -2.07 -1.78 5.74
C THR B 68 -3.23 -1.74 6.72
N CYS B 69 -3.00 -1.29 7.95
CA CYS B 69 -4.06 -1.00 8.92
C CYS B 69 -3.79 0.30 9.70
N VAL B 70 -4.87 0.91 10.19
CA VAL B 70 -4.86 2.13 11.00
C VAL B 70 -5.84 1.95 12.17
N ILE B 71 -5.30 1.94 13.38
CA ILE B 71 -6.03 1.81 14.64
C ILE B 71 -6.03 3.18 15.35
N MET B 72 -7.22 3.74 15.52
CA MET B 72 -7.44 5.05 16.15
C MET B 72 -8.62 4.97 17.14
N GLN B 73 -8.34 5.27 18.42
CA GLN B 73 -9.29 5.31 19.53
C GLN B 73 -8.75 6.20 20.68
N LYS B 74 -8.90 7.52 20.61
CA LYS B 74 -8.46 8.49 21.65
C LYS B 74 -9.58 9.51 21.95
N ASN B 75 -9.81 10.47 21.05
CA ASN B 75 -10.80 11.56 21.22
C ASN B 75 -11.71 11.80 19.98
N GLY B 76 -11.30 11.34 18.79
CA GLY B 76 -12.04 11.44 17.52
C GLY B 76 -11.27 12.03 16.33
N ALA B 77 -10.01 12.46 16.52
CA ALA B 77 -9.16 13.09 15.51
C ALA B 77 -8.80 12.17 14.33
N GLY B 78 -9.49 12.34 13.19
CA GLY B 78 -9.16 11.72 11.91
C GLY B 78 -7.96 12.39 11.23
N LEU B 79 -6.77 11.74 11.31
CA LEU B 79 -5.58 12.06 10.51
C LEU B 79 -5.89 12.28 9.02
N HIS B 80 -5.07 13.10 8.32
CA HIS B 80 -5.19 13.30 6.87
C HIS B 80 -4.38 12.23 6.15
N THR B 81 -5.01 11.11 5.77
CA THR B 81 -4.35 10.00 5.06
C THR B 81 -4.93 9.83 3.67
N ALA B 82 -4.05 9.71 2.68
CA ALA B 82 -4.44 9.60 1.26
C ALA B 82 -3.71 8.45 0.57
N SER B 83 -4.48 7.60 -0.12
CA SER B 83 -4.00 6.37 -0.74
C SER B 83 -4.50 6.29 -2.19
N SER B 84 -3.60 6.22 -3.17
CA SER B 84 -3.96 6.03 -4.59
C SER B 84 -4.41 4.60 -4.92
N CYS B 85 -4.76 3.81 -3.89
CA CYS B 85 -5.45 2.53 -4.04
C CYS B 85 -6.84 2.69 -4.68
N PHE B 86 -7.41 1.55 -5.07
CA PHE B 86 -8.73 1.43 -5.68
C PHE B 86 -9.23 -0.03 -5.58
N TRP B 87 -10.55 -0.20 -5.59
CA TRP B 87 -11.22 -1.50 -5.74
C TRP B 87 -11.27 -1.89 -7.23
N ASP B 88 -11.28 -3.20 -7.51
CA ASP B 88 -11.53 -3.81 -8.82
C ASP B 88 -12.26 -5.16 -8.64
N SER B 89 -12.87 -5.69 -9.71
CA SER B 89 -13.48 -7.03 -9.74
C SER B 89 -12.96 -7.89 -10.91
N SER B 90 -13.13 -7.43 -12.16
CA SER B 90 -12.58 -8.08 -13.36
C SER B 90 -11.08 -7.78 -13.56
N THR B 91 -10.70 -6.51 -13.43
CA THR B 91 -9.37 -5.96 -13.75
C THR B 91 -8.28 -6.49 -12.82
N ASP B 92 -8.54 -6.43 -11.50
CA ASP B 92 -7.75 -6.94 -10.38
C ASP B 92 -8.72 -7.32 -9.23
N GLY B 93 -8.24 -7.40 -7.99
CA GLY B 93 -9.06 -7.53 -6.78
C GLY B 93 -8.45 -6.83 -5.55
N SER B 94 -9.08 -7.00 -4.39
CA SER B 94 -8.62 -6.61 -3.05
C SER B 94 -9.28 -7.50 -1.99
N CYS B 95 -8.88 -7.38 -0.71
CA CYS B 95 -9.62 -7.95 0.42
C CYS B 95 -9.45 -7.04 1.64
N THR B 96 -10.52 -6.54 2.26
CA THR B 96 -10.43 -5.68 3.45
C THR B 96 -11.40 -6.11 4.54
N VAL B 97 -11.01 -5.88 5.80
CA VAL B 97 -11.70 -6.35 7.01
C VAL B 97 -11.89 -5.17 7.94
N ARG B 98 -13.15 -4.79 8.15
CA ARG B 98 -13.56 -3.56 8.85
C ARG B 98 -14.21 -3.93 10.19
N TRP B 99 -13.43 -3.88 11.27
CA TRP B 99 -13.90 -4.13 12.64
C TRP B 99 -13.95 -2.81 13.43
N GLU B 100 -15.12 -2.53 13.99
CA GLU B 100 -15.40 -1.40 14.89
C GLU B 100 -15.82 -1.93 16.28
N ASN B 101 -15.89 -1.04 17.27
CA ASN B 101 -16.35 -1.36 18.62
C ASN B 101 -17.05 -0.14 19.27
N LYS B 102 -17.12 -0.09 20.62
CA LYS B 102 -17.60 1.02 21.45
C LYS B 102 -17.25 2.40 20.87
N THR B 103 -15.96 2.73 20.83
CA THR B 103 -15.43 4.01 20.34
C THR B 103 -14.15 3.89 19.49
N MET B 104 -13.64 2.67 19.24
CA MET B 104 -12.48 2.41 18.36
C MET B 104 -12.89 1.99 16.95
N TYR B 105 -12.00 2.26 16.00
CA TYR B 105 -12.04 1.75 14.62
C TYR B 105 -10.68 1.13 14.28
N CYS B 106 -10.69 -0.16 13.94
CA CYS B 106 -9.50 -0.93 13.60
C CYS B 106 -9.68 -1.65 12.24
N ILE B 107 -9.52 -0.88 11.16
CA ILE B 107 -9.69 -1.32 9.77
C ILE B 107 -8.35 -1.82 9.17
N VAL B 108 -8.38 -2.94 8.46
CA VAL B 108 -7.23 -3.55 7.78
C VAL B 108 -7.55 -3.84 6.31
N SER B 109 -6.71 -3.34 5.41
CA SER B 109 -6.83 -3.46 3.95
C SER B 109 -5.69 -4.31 3.39
N ALA B 110 -6.02 -5.28 2.52
CA ALA B 110 -5.09 -6.19 1.87
C ALA B 110 -5.23 -6.17 0.34
N PHE B 111 -4.11 -6.42 -0.33
CA PHE B 111 -4.01 -6.56 -1.78
C PHE B 111 -2.97 -7.66 -2.09
N GLY B 112 -3.42 -8.88 -2.35
CA GLY B 112 -2.58 -10.00 -2.81
C GLY B 112 -3.42 -11.02 -3.58
N LEU B 113 -3.46 -10.90 -4.92
CA LEU B 113 -4.30 -11.68 -5.84
C LEU B 113 -3.63 -11.88 -7.20
N SER B 114 -2.65 -12.80 -7.28
CA SER B 114 -1.90 -13.07 -8.51
C SER B 114 -1.49 -14.54 -8.63
N ILE B 115 -2.32 -15.36 -9.31
CA ILE B 115 -2.12 -16.81 -9.47
C ILE B 115 -1.70 -17.25 -10.89
N GLY B 116 -1.80 -16.37 -11.89
CA GLY B 116 -1.41 -16.63 -13.28
C GLY B 116 -0.65 -15.49 -13.97
N GLY B 117 -0.49 -14.33 -13.30
CA GLY B 117 0.15 -13.12 -13.83
C GLY B 117 -0.58 -12.40 -14.97
N GLY B 118 -1.77 -12.89 -15.36
CA GLY B 118 -2.61 -12.36 -16.45
C GLY B 118 -4.03 -12.91 -16.42
N SER B 119 -4.88 -12.37 -17.31
CA SER B 119 -6.28 -12.80 -17.51
C SER B 119 -6.40 -14.17 -18.22
N GLY B 120 -7.63 -14.69 -18.34
CA GLY B 120 -7.93 -16.00 -18.98
C GLY B 120 -8.16 -17.16 -18.00
N GLN B 121 -8.57 -16.84 -16.76
CA GLN B 121 -8.95 -17.79 -15.70
C GLN B 121 -10.18 -18.65 -16.10
N SER B 122 -10.48 -19.70 -15.31
CA SER B 122 -11.60 -20.63 -15.57
C SER B 122 -13.00 -19.98 -15.46
N GLY B 123 -13.12 -18.86 -14.73
CA GLY B 123 -14.36 -18.07 -14.57
C GLY B 123 -14.12 -16.59 -14.87
N PRO B 124 -14.00 -16.18 -16.15
CA PRO B 124 -13.74 -14.79 -16.53
C PRO B 124 -14.99 -13.92 -16.37
N ILE B 125 -14.81 -12.67 -15.95
CA ILE B 125 -15.88 -11.67 -15.75
C ILE B 125 -15.50 -10.31 -16.35
N LYS B 126 -16.51 -9.50 -16.71
CA LYS B 126 -16.35 -8.15 -17.30
C LYS B 126 -17.08 -7.10 -16.47
N LEU B 127 -16.31 -6.20 -15.85
CA LEU B 127 -16.71 -5.07 -15.02
C LEU B 127 -15.80 -3.83 -15.30
N GLY B 128 -15.99 -2.74 -14.56
CA GLY B 128 -15.27 -1.48 -14.77
C GLY B 128 -15.47 -0.48 -13.64
N MET B 129 -14.55 -0.48 -12.66
CA MET B 129 -14.64 0.30 -11.42
C MET B 129 -13.23 0.64 -10.91
N ALA B 130 -12.94 1.92 -10.59
CA ALA B 130 -11.67 2.39 -10.01
C ALA B 130 -11.76 3.84 -9.50
N LYS B 131 -11.69 4.05 -8.17
CA LYS B 131 -11.63 5.37 -7.50
C LYS B 131 -10.57 5.41 -6.39
N ILE B 132 -9.98 6.59 -6.17
CA ILE B 132 -8.96 6.89 -5.12
C ILE B 132 -9.52 6.61 -3.71
N THR B 133 -8.65 6.25 -2.76
CA THR B 133 -9.00 5.91 -1.36
C THR B 133 -8.36 6.91 -0.39
N GLN B 134 -9.05 8.01 -0.09
CA GLN B 134 -8.66 8.93 0.98
C GLN B 134 -9.50 8.67 2.25
N VAL B 135 -8.87 8.91 3.40
CA VAL B 135 -9.45 8.82 4.75
C VAL B 135 -8.93 10.01 5.58
N ASP B 136 -9.75 11.04 5.66
CA ASP B 136 -9.52 12.27 6.43
C ASP B 136 -10.80 12.80 7.07
N PHE B 137 -10.66 13.62 8.11
CA PHE B 137 -11.76 14.37 8.74
C PHE B 137 -11.60 15.86 8.37
N PRO B 138 -12.25 16.36 7.29
CA PRO B 138 -12.19 17.76 6.91
C PRO B 138 -12.94 18.62 7.94
N PRO B 139 -12.27 19.54 8.68
CA PRO B 139 -12.91 20.32 9.74
C PRO B 139 -13.87 21.38 9.18
N ARG B 140 -13.50 21.97 8.03
CA ARG B 140 -14.18 23.02 7.25
C ARG B 140 -13.80 22.91 5.77
N GLU B 141 -14.43 23.73 4.94
CA GLU B 141 -14.05 23.96 3.54
C GLU B 141 -12.67 24.63 3.42
N ILE B 142 -11.84 24.13 2.50
CA ILE B 142 -10.47 24.62 2.22
C ILE B 142 -10.21 24.70 0.70
N VAL B 143 -9.07 25.27 0.31
CA VAL B 143 -8.58 25.35 -1.09
C VAL B 143 -7.99 24.01 -1.55
N GLY A 1 10.98 -17.71 -34.84
CA GLY A 1 11.19 -17.27 -33.45
C GLY A 1 10.57 -15.90 -33.19
N SER A 2 10.03 -15.69 -31.98
CA SER A 2 9.40 -14.43 -31.54
C SER A 2 9.94 -13.89 -30.21
N MET A 3 10.31 -14.75 -29.26
CA MET A 3 10.89 -14.36 -27.96
C MET A 3 12.21 -13.59 -28.11
N GLU A 4 13.00 -13.90 -29.15
CA GLU A 4 14.23 -13.19 -29.52
C GLU A 4 13.99 -11.85 -30.28
N ASP A 5 12.78 -11.62 -30.80
CA ASP A 5 12.43 -10.40 -31.54
C ASP A 5 12.03 -9.24 -30.62
N TYR A 6 11.44 -9.55 -29.45
CA TYR A 6 11.21 -8.58 -28.36
C TYR A 6 12.54 -8.19 -27.69
N GLN A 7 12.63 -6.94 -27.20
CA GLN A 7 13.84 -6.42 -26.54
C GLN A 7 13.50 -5.34 -25.49
N ALA A 8 14.17 -5.41 -24.33
CA ALA A 8 14.07 -4.43 -23.24
C ALA A 8 14.85 -3.15 -23.56
N ALA A 9 14.17 -2.13 -24.09
CA ALA A 9 14.72 -0.81 -24.42
C ALA A 9 15.07 0.00 -23.15
N GLU A 10 16.28 -0.17 -22.61
CA GLU A 10 16.76 0.47 -21.37
C GLU A 10 16.68 2.01 -21.41
N GLU A 11 16.73 2.61 -22.61
CA GLU A 11 16.60 4.05 -22.86
C GLU A 11 15.18 4.62 -22.63
N THR A 12 14.14 3.78 -22.71
CA THR A 12 12.73 4.15 -22.44
C THR A 12 12.22 3.55 -21.13
N ALA A 13 12.91 2.54 -20.57
CA ALA A 13 12.68 2.04 -19.23
C ALA A 13 12.99 3.10 -18.14
N PHE A 14 12.55 2.84 -16.91
CA PHE A 14 12.79 3.66 -15.71
C PHE A 14 13.22 2.79 -14.51
N VAL A 15 13.64 3.42 -13.42
CA VAL A 15 14.08 2.76 -12.18
C VAL A 15 13.74 3.61 -10.95
N VAL A 16 13.72 2.98 -9.77
CA VAL A 16 13.48 3.61 -8.47
C VAL A 16 14.45 4.77 -8.20
N ASP A 17 15.74 4.56 -8.48
CA ASP A 17 16.79 5.59 -8.31
C ASP A 17 16.56 6.85 -9.17
N GLU A 18 15.83 6.72 -10.30
CA GLU A 18 15.38 7.85 -11.10
C GLU A 18 14.18 8.56 -10.44
N VAL A 19 13.08 7.82 -10.19
CA VAL A 19 11.85 8.33 -9.53
C VAL A 19 12.15 9.10 -8.24
N SER A 20 13.06 8.56 -7.42
CA SER A 20 13.53 9.15 -6.16
C SER A 20 14.26 10.50 -6.32
N ASN A 21 14.56 10.93 -7.56
CA ASN A 21 15.05 12.27 -7.91
C ASN A 21 13.99 13.11 -8.67
N ILE A 22 13.18 12.49 -9.55
CA ILE A 22 12.02 13.15 -10.20
C ILE A 22 11.14 13.83 -9.15
N VAL A 23 10.86 13.17 -8.02
CA VAL A 23 10.03 13.77 -6.98
C VAL A 23 10.61 15.09 -6.43
N LYS A 24 11.93 15.18 -6.21
CA LYS A 24 12.57 16.41 -5.73
C LYS A 24 12.53 17.49 -6.80
N GLU A 25 12.96 17.18 -8.02
CA GLU A 25 12.99 18.17 -9.11
C GLU A 25 11.59 18.69 -9.48
N ALA A 26 10.54 17.86 -9.35
CA ALA A 26 9.15 18.26 -9.54
C ALA A 26 8.63 19.11 -8.36
N ILE A 27 8.85 18.69 -7.09
CA ILE A 27 8.44 19.47 -5.92
C ILE A 27 9.11 20.85 -5.93
N GLU A 28 10.45 20.92 -5.95
CA GLU A 28 11.16 22.20 -5.84
C GLU A 28 10.88 23.15 -7.02
N SER A 29 10.55 22.63 -8.21
CA SER A 29 10.00 23.40 -9.32
C SER A 29 8.62 23.98 -8.99
N ALA A 30 7.69 23.15 -8.52
CA ALA A 30 6.34 23.56 -8.08
C ALA A 30 6.35 24.57 -6.89
N ILE A 31 7.34 24.49 -6.00
CA ILE A 31 7.56 25.41 -4.86
C ILE A 31 7.83 26.85 -5.31
N GLY A 32 8.47 27.04 -6.47
CA GLY A 32 9.14 28.28 -6.89
C GLY A 32 8.32 29.55 -7.08
N GLY A 33 7.03 29.58 -6.73
CA GLY A 33 6.19 30.77 -6.77
C GLY A 33 6.61 31.89 -5.81
N ASN A 34 7.07 31.57 -4.59
CA ASN A 34 7.46 32.60 -3.59
C ASN A 34 8.62 32.17 -2.68
N ALA A 35 8.93 32.99 -1.66
CA ALA A 35 9.83 32.69 -0.54
C ALA A 35 9.32 31.51 0.32
N TYR A 36 10.05 31.18 1.39
CA TYR A 36 9.72 30.11 2.36
C TYR A 36 8.26 30.16 2.87
N GLN A 37 7.75 29.00 3.30
CA GLN A 37 6.34 28.79 3.63
C GLN A 37 6.16 28.01 4.95
N HIS A 38 4.92 27.90 5.44
CA HIS A 38 4.53 27.12 6.63
C HIS A 38 4.11 25.70 6.22
N SER A 39 2.84 25.30 6.38
CA SER A 39 2.29 23.95 6.12
C SER A 39 2.12 23.60 4.63
N LYS A 40 2.54 24.47 3.70
CA LYS A 40 2.45 24.29 2.23
C LYS A 40 2.94 22.94 1.74
N VAL A 41 3.94 22.36 2.39
CA VAL A 41 4.46 21.01 2.11
C VAL A 41 3.36 19.94 2.01
N ASN A 42 2.25 20.08 2.76
CA ASN A 42 1.06 19.22 2.68
C ASN A 42 0.35 19.33 1.32
N GLN A 43 0.02 20.55 0.87
CA GLN A 43 -0.57 20.76 -0.46
C GLN A 43 0.40 20.41 -1.60
N TRP A 44 1.71 20.50 -1.38
CA TRP A 44 2.75 20.18 -2.37
C TRP A 44 2.92 18.68 -2.54
N THR A 45 3.16 17.95 -1.45
CA THR A 45 3.31 16.49 -1.46
C THR A 45 2.06 15.77 -2.00
N THR A 46 0.87 16.38 -1.93
CA THR A 46 -0.29 15.91 -2.71
C THR A 46 -0.25 16.38 -4.17
N ASN A 47 -0.31 17.70 -4.45
CA ASN A 47 -0.47 18.27 -5.80
C ASN A 47 0.61 17.82 -6.81
N VAL A 48 1.87 17.75 -6.37
CA VAL A 48 3.01 17.35 -7.20
C VAL A 48 2.89 15.92 -7.61
N VAL A 49 2.89 15.00 -6.63
CA VAL A 49 2.69 13.55 -6.83
C VAL A 49 1.47 13.29 -7.70
N GLU A 50 0.44 14.14 -7.62
CA GLU A 50 -0.83 13.98 -8.36
C GLU A 50 -0.65 14.02 -9.90
N GLN A 51 0.35 14.77 -10.39
CA GLN A 51 0.72 14.85 -11.81
C GLN A 51 2.08 14.16 -12.08
N THR A 52 3.05 14.35 -11.20
CA THR A 52 4.42 13.82 -11.24
C THR A 52 4.46 12.29 -11.28
N LEU A 53 3.76 11.62 -10.35
CA LEU A 53 3.70 10.16 -10.32
C LEU A 53 3.03 9.58 -11.59
N SER A 54 1.99 10.26 -12.08
CA SER A 54 1.36 9.95 -13.37
C SER A 54 2.36 10.12 -14.54
N GLN A 55 3.10 11.22 -14.57
CA GLN A 55 4.12 11.56 -15.57
C GLN A 55 5.26 10.53 -15.63
N LEU A 56 5.86 10.14 -14.50
CA LEU A 56 6.96 9.17 -14.50
C LEU A 56 6.56 7.74 -14.86
N THR A 57 5.28 7.38 -14.64
CA THR A 57 4.69 6.17 -15.22
C THR A 57 4.73 6.22 -16.76
N LYS A 58 4.71 7.42 -17.35
CA LYS A 58 4.81 7.62 -18.82
C LYS A 58 6.26 7.71 -19.31
N LEU A 59 7.17 8.19 -18.46
CA LEU A 59 8.62 8.24 -18.72
C LEU A 59 9.26 6.84 -18.70
N GLY A 60 8.61 5.85 -18.06
CA GLY A 60 8.96 4.44 -18.06
C GLY A 60 8.03 3.59 -18.93
N LYS A 61 7.21 2.75 -18.28
CA LYS A 61 6.29 1.77 -18.89
C LYS A 61 4.91 1.76 -18.19
N PRO A 62 3.81 1.48 -18.90
CA PRO A 62 2.46 1.50 -18.35
C PRO A 62 2.18 0.33 -17.38
N PHE A 63 1.84 0.65 -16.13
CA PHE A 63 1.46 -0.32 -15.09
C PHE A 63 0.60 0.32 -13.99
N LYS A 64 -0.04 -0.51 -13.14
CA LYS A 64 -0.66 -0.09 -11.87
C LYS A 64 0.41 0.29 -10.84
N TYR A 65 0.76 1.57 -10.79
CA TYR A 65 1.38 2.19 -9.61
C TYR A 65 0.36 2.28 -8.45
N ILE A 66 0.88 2.48 -7.24
CA ILE A 66 0.11 2.86 -6.04
C ILE A 66 0.94 3.84 -5.22
N VAL A 67 0.24 4.67 -4.45
CA VAL A 67 0.82 5.60 -3.48
C VAL A 67 -0.08 5.73 -2.26
N THR A 68 0.53 6.04 -1.12
CA THR A 68 -0.16 6.41 0.11
C THR A 68 0.64 7.48 0.87
N CYS A 69 0.01 8.25 1.77
CA CYS A 69 0.65 9.26 2.62
C CYS A 69 -0.12 9.46 3.94
N VAL A 70 0.60 9.87 5.00
CA VAL A 70 0.05 10.08 6.35
C VAL A 70 0.55 11.43 6.89
N ILE A 71 -0.40 12.29 7.25
CA ILE A 71 -0.20 13.67 7.72
C ILE A 71 -0.56 13.75 9.22
N MET A 72 0.48 13.90 10.03
CA MET A 72 0.48 13.83 11.51
C MET A 72 1.32 14.98 12.10
N GLN A 73 1.01 15.40 13.33
CA GLN A 73 1.58 16.60 13.99
C GLN A 73 1.78 16.39 15.50
N LYS A 74 2.80 17.03 16.08
CA LYS A 74 3.11 16.88 17.52
C LYS A 74 2.24 17.74 18.45
N ASN A 75 1.51 18.73 17.90
CA ASN A 75 0.72 19.70 18.67
C ASN A 75 -0.64 19.16 19.20
N GLY A 76 -1.05 17.94 18.82
CA GLY A 76 -2.30 17.34 19.31
C GLY A 76 -2.76 16.05 18.61
N ALA A 77 -1.85 15.28 18.01
CA ALA A 77 -2.14 14.17 17.10
C ALA A 77 -1.21 12.95 17.34
N GLY A 78 -1.80 11.76 17.56
CA GLY A 78 -1.06 10.52 17.80
C GLY A 78 -1.93 9.27 17.85
N LEU A 79 -1.94 8.50 16.75
CA LEU A 79 -2.75 7.29 16.49
C LEU A 79 -1.83 6.06 16.38
N HIS A 80 -2.39 4.88 16.04
CA HIS A 80 -1.60 3.68 15.70
C HIS A 80 -1.73 3.36 14.20
N THR A 81 -0.62 3.13 13.50
CA THR A 81 -0.57 2.71 12.10
C THR A 81 0.49 1.63 11.92
N ALA A 82 0.22 0.64 11.07
CA ALA A 82 1.13 -0.45 10.73
C ALA A 82 1.11 -0.73 9.22
N SER A 83 2.27 -0.96 8.62
CA SER A 83 2.43 -1.30 7.21
C SER A 83 3.51 -2.35 7.01
N SER A 84 3.15 -3.51 6.44
CA SER A 84 4.09 -4.60 6.14
C SER A 84 4.96 -4.32 4.90
N CYS A 85 4.97 -3.07 4.42
CA CYS A 85 5.92 -2.58 3.44
C CYS A 85 7.38 -2.66 3.92
N PHE A 86 8.29 -2.53 2.96
CA PHE A 86 9.74 -2.58 3.13
C PHE A 86 10.42 -1.91 1.94
N TRP A 87 11.68 -1.47 2.12
CA TRP A 87 12.53 -1.03 1.02
C TRP A 87 13.15 -2.25 0.33
N ASP A 88 13.22 -2.22 -0.99
CA ASP A 88 13.96 -3.15 -1.85
C ASP A 88 14.35 -2.48 -3.19
N SER A 89 15.31 -3.09 -3.91
CA SER A 89 15.82 -2.60 -5.21
C SER A 89 15.92 -3.72 -6.24
N SER A 90 16.70 -4.78 -5.96
CA SER A 90 16.80 -5.99 -6.79
C SER A 90 15.58 -6.90 -6.61
N THR A 91 15.10 -7.01 -5.36
CA THR A 91 14.03 -7.92 -4.93
C THR A 91 12.71 -7.63 -5.66
N ASP A 92 12.24 -6.38 -5.60
CA ASP A 92 11.01 -5.90 -6.26
C ASP A 92 11.10 -4.41 -6.66
N GLY A 93 11.08 -3.50 -5.69
CA GLY A 93 11.17 -2.04 -5.84
C GLY A 93 10.16 -1.27 -4.97
N SER A 94 10.51 -0.04 -4.59
CA SER A 94 9.68 0.95 -3.89
C SER A 94 10.30 2.34 -3.96
N CYS A 95 9.50 3.38 -4.12
CA CYS A 95 9.96 4.77 -4.30
C CYS A 95 9.31 5.75 -3.30
N THR A 96 9.61 5.54 -2.01
CA THR A 96 9.16 6.35 -0.86
C THR A 96 9.91 7.69 -0.73
N VAL A 97 9.26 8.72 -0.17
CA VAL A 97 9.79 10.08 -0.02
C VAL A 97 9.34 10.69 1.32
N ARG A 98 10.27 11.33 2.03
CA ARG A 98 10.06 11.83 3.40
C ARG A 98 10.15 13.36 3.46
N TRP A 99 9.06 13.99 3.90
CA TRP A 99 8.88 15.44 3.99
C TRP A 99 8.30 15.82 5.36
N GLU A 100 9.17 16.24 6.27
CA GLU A 100 8.82 16.90 7.52
C GLU A 100 8.70 18.43 7.36
N ASN A 101 8.25 19.11 8.41
CA ASN A 101 8.14 20.57 8.51
C ASN A 101 8.49 21.06 9.93
N LYS A 102 8.36 22.37 10.19
CA LYS A 102 8.68 23.01 11.47
C LYS A 102 8.03 22.35 12.70
N THR A 103 6.74 21.99 12.58
CA THR A 103 5.96 21.26 13.60
C THR A 103 5.06 20.15 13.03
N MET A 104 5.19 19.84 11.73
CA MET A 104 4.37 18.84 11.01
C MET A 104 5.20 17.74 10.37
N TYR A 105 4.53 16.66 9.95
CA TYR A 105 5.11 15.45 9.38
C TYR A 105 4.16 14.87 8.31
N CYS A 106 4.61 14.79 7.06
CA CYS A 106 3.81 14.36 5.90
C CYS A 106 4.66 13.54 4.90
N ILE A 107 4.96 12.28 5.25
CA ILE A 107 5.65 11.34 4.35
C ILE A 107 4.72 10.81 3.24
N VAL A 108 5.28 10.31 2.14
CA VAL A 108 4.58 9.66 1.02
C VAL A 108 5.34 8.41 0.59
N SER A 109 4.64 7.34 0.25
CA SER A 109 5.24 6.04 -0.08
C SER A 109 4.61 5.42 -1.33
N ALA A 110 5.44 5.08 -2.32
CA ALA A 110 5.02 4.60 -3.64
C ALA A 110 5.57 3.21 -3.98
N PHE A 111 4.76 2.41 -4.68
CA PHE A 111 5.06 1.05 -5.13
C PHE A 111 4.38 0.77 -6.51
N GLY A 112 4.48 -0.45 -7.03
CA GLY A 112 3.89 -0.85 -8.32
C GLY A 112 4.81 -0.55 -9.53
N LEU A 113 5.73 -1.47 -9.80
CA LEU A 113 6.89 -1.33 -10.71
C LEU A 113 7.27 -2.66 -11.42
N SER A 114 6.28 -3.38 -11.95
CA SER A 114 6.45 -4.74 -12.48
C SER A 114 5.98 -4.87 -13.94
N ILE A 115 6.81 -4.39 -14.86
CA ILE A 115 6.46 -4.18 -16.29
C ILE A 115 6.89 -5.32 -17.23
N GLY A 116 7.70 -6.28 -16.76
CA GLY A 116 8.20 -7.43 -17.52
C GLY A 116 7.62 -8.79 -17.12
N GLY A 117 6.79 -8.85 -16.08
CA GLY A 117 6.16 -10.07 -15.56
C GLY A 117 7.10 -11.04 -14.81
N GLY A 118 8.38 -10.67 -14.62
CA GLY A 118 9.41 -11.45 -13.94
C GLY A 118 10.56 -10.59 -13.40
N SER A 119 11.49 -11.22 -12.66
CA SER A 119 12.72 -10.59 -12.13
C SER A 119 13.76 -10.27 -13.21
N GLY A 120 14.87 -9.61 -12.82
CA GLY A 120 15.96 -9.20 -13.72
C GLY A 120 15.91 -7.74 -14.18
N GLN A 121 15.29 -6.85 -13.38
CA GLN A 121 15.18 -5.41 -13.64
C GLN A 121 16.54 -4.70 -13.76
N SER A 122 16.53 -3.46 -14.29
CA SER A 122 17.69 -2.59 -14.49
C SER A 122 18.22 -1.90 -13.21
N GLY A 123 17.78 -2.33 -12.02
CA GLY A 123 18.21 -1.78 -10.72
C GLY A 123 19.53 -2.38 -10.19
N PRO A 124 20.19 -1.71 -9.22
CA PRO A 124 21.43 -2.19 -8.60
C PRO A 124 21.20 -3.38 -7.65
N ILE A 125 22.31 -3.97 -7.18
CA ILE A 125 22.35 -5.13 -6.26
C ILE A 125 23.24 -4.85 -5.05
N LYS A 126 22.73 -5.17 -3.85
CA LYS A 126 23.42 -5.04 -2.56
C LYS A 126 22.87 -5.99 -1.49
N LEU A 127 23.66 -6.23 -0.43
CA LEU A 127 23.29 -7.05 0.73
C LEU A 127 22.48 -6.27 1.78
N GLY A 128 21.70 -6.97 2.60
CA GLY A 128 20.84 -6.41 3.64
C GLY A 128 19.62 -7.28 3.98
N MET A 129 18.71 -6.73 4.79
CA MET A 129 17.45 -7.35 5.23
C MET A 129 16.28 -6.35 5.20
N ALA A 130 15.06 -6.87 5.39
CA ALA A 130 13.79 -6.13 5.43
C ALA A 130 12.92 -6.59 6.62
N LYS A 131 12.20 -5.65 7.23
CA LYS A 131 11.28 -5.84 8.37
C LYS A 131 9.97 -5.06 8.17
N ILE A 132 8.97 -5.31 9.02
CA ILE A 132 7.70 -4.57 9.08
C ILE A 132 7.95 -3.10 9.49
N THR A 133 7.15 -2.16 8.96
CA THR A 133 7.18 -0.73 9.32
C THR A 133 5.97 -0.37 10.19
N GLN A 134 6.20 -0.04 11.46
CA GLN A 134 5.14 0.47 12.36
C GLN A 134 5.41 1.92 12.74
N VAL A 135 4.32 2.69 12.90
CA VAL A 135 4.29 4.13 13.17
C VAL A 135 3.14 4.44 14.13
N ASP A 136 3.46 4.70 15.40
CA ASP A 136 2.48 5.10 16.42
C ASP A 136 3.03 6.21 17.34
N PHE A 137 2.12 7.04 17.85
CA PHE A 137 2.43 8.23 18.68
C PHE A 137 1.51 8.30 19.92
N PRO A 138 1.91 9.02 20.99
CA PRO A 138 1.15 9.09 22.25
C PRO A 138 -0.13 9.94 22.11
N PRO A 139 -1.11 9.79 23.03
CA PRO A 139 -2.41 10.46 22.95
C PRO A 139 -2.31 11.99 23.13
N ARG A 140 -1.45 12.46 24.03
CA ARG A 140 -1.11 13.87 24.28
C ARG A 140 0.31 14.01 24.84
N GLU A 141 0.72 15.23 25.15
CA GLU A 141 1.96 15.53 25.89
C GLU A 141 1.67 15.96 27.34
N ILE A 142 2.45 15.43 28.29
CA ILE A 142 2.39 15.72 29.74
C ILE A 142 3.80 15.83 30.35
N VAL A 143 3.90 16.37 31.57
CA VAL A 143 5.13 16.46 32.39
C VAL A 143 5.43 15.13 33.08
N GLY B 1 7.10 -27.91 -28.59
CA GLY B 1 6.21 -26.98 -27.86
C GLY B 1 6.48 -26.99 -26.36
N SER B 2 6.38 -25.82 -25.71
CA SER B 2 6.50 -25.68 -24.24
C SER B 2 5.40 -24.82 -23.61
N MET B 3 4.96 -23.74 -24.28
CA MET B 3 3.86 -22.87 -23.81
C MET B 3 2.54 -23.63 -23.61
N GLU B 4 2.28 -24.64 -24.44
CA GLU B 4 1.13 -25.56 -24.34
C GLU B 4 1.27 -26.64 -23.25
N ASP B 5 2.48 -26.89 -22.74
CA ASP B 5 2.76 -27.90 -21.70
C ASP B 5 2.50 -27.37 -20.28
N TYR B 6 2.70 -26.07 -20.06
CA TYR B 6 2.27 -25.37 -18.83
C TYR B 6 0.73 -25.26 -18.76
N GLN B 7 0.17 -25.28 -17.55
CA GLN B 7 -1.29 -25.18 -17.33
C GLN B 7 -1.62 -24.52 -15.98
N ALA B 8 -2.63 -23.63 -15.98
CA ALA B 8 -3.17 -22.95 -14.81
C ALA B 8 -4.09 -23.88 -14.00
N ALA B 9 -3.55 -24.52 -12.94
CA ALA B 9 -4.28 -25.40 -12.03
C ALA B 9 -5.25 -24.61 -11.12
N GLU B 10 -6.48 -24.36 -11.60
CA GLU B 10 -7.52 -23.60 -10.90
C GLU B 10 -7.87 -24.17 -9.51
N GLU B 11 -7.66 -25.47 -9.29
CA GLU B 11 -7.85 -26.17 -8.01
C GLU B 11 -6.82 -25.84 -6.92
N THR B 12 -5.62 -25.38 -7.31
CA THR B 12 -4.56 -24.93 -6.37
C THR B 12 -4.43 -23.40 -6.34
N ALA B 13 -4.92 -22.69 -7.36
CA ALA B 13 -5.04 -21.24 -7.34
C ALA B 13 -6.03 -20.76 -6.26
N PHE B 14 -5.92 -19.50 -5.85
CA PHE B 14 -6.91 -18.81 -5.01
C PHE B 14 -7.30 -17.45 -5.62
N VAL B 15 -8.43 -16.89 -5.16
CA VAL B 15 -8.96 -15.60 -5.62
C VAL B 15 -9.49 -14.77 -4.45
N VAL B 16 -9.59 -13.45 -4.65
CA VAL B 16 -9.95 -12.42 -3.68
C VAL B 16 -11.27 -12.70 -2.97
N ASP B 17 -12.25 -13.22 -3.71
CA ASP B 17 -13.57 -13.62 -3.20
C ASP B 17 -13.50 -14.71 -2.11
N GLU B 18 -12.47 -15.57 -2.14
CA GLU B 18 -12.26 -16.62 -1.14
C GLU B 18 -11.40 -16.11 0.01
N VAL B 19 -10.28 -15.44 -0.31
CA VAL B 19 -9.38 -14.76 0.63
C VAL B 19 -10.14 -13.85 1.61
N SER B 20 -11.13 -13.10 1.11
CA SER B 20 -12.04 -12.25 1.90
C SER B 20 -12.96 -13.01 2.87
N ASN B 21 -13.00 -14.35 2.82
CA ASN B 21 -13.69 -15.24 3.78
C ASN B 21 -12.69 -16.00 4.70
N ILE B 22 -11.51 -16.39 4.19
CA ILE B 22 -10.40 -16.94 5.00
C ILE B 22 -10.12 -16.05 6.20
N VAL B 23 -10.11 -14.72 6.02
CA VAL B 23 -9.89 -13.80 7.13
C VAL B 23 -10.95 -13.93 8.24
N LYS B 24 -12.25 -14.05 7.91
CA LYS B 24 -13.32 -14.20 8.90
C LYS B 24 -13.20 -15.53 9.64
N GLU B 25 -13.07 -16.63 8.90
CA GLU B 25 -12.98 -17.96 9.53
C GLU B 25 -11.71 -18.11 10.39
N ALA B 26 -10.59 -17.48 10.01
CA ALA B 26 -9.36 -17.45 10.81
C ALA B 26 -9.51 -16.55 12.06
N ILE B 27 -10.08 -15.35 11.94
CA ILE B 27 -10.33 -14.48 13.10
C ILE B 27 -11.24 -15.18 14.11
N GLU B 28 -12.45 -15.58 13.72
CA GLU B 28 -13.39 -16.18 14.67
C GLU B 28 -12.88 -17.48 15.32
N SER B 29 -12.05 -18.25 14.60
CA SER B 29 -11.29 -19.38 15.17
C SER B 29 -10.28 -18.91 16.24
N ALA B 30 -9.44 -17.93 15.92
CA ALA B 30 -8.46 -17.34 16.85
C ALA B 30 -9.08 -16.63 18.07
N ILE B 31 -10.30 -16.05 17.92
CA ILE B 31 -11.11 -15.51 19.02
C ILE B 31 -11.43 -16.59 20.07
N GLY B 32 -11.62 -17.84 19.65
CA GLY B 32 -11.92 -18.99 20.51
C GLY B 32 -13.36 -19.05 21.03
N GLY B 33 -14.24 -18.15 20.57
CA GLY B 33 -15.66 -18.09 20.94
C GLY B 33 -15.95 -17.79 22.42
N ASN B 34 -15.03 -17.14 23.14
CA ASN B 34 -15.21 -16.79 24.56
C ASN B 34 -16.26 -15.66 24.76
N ALA B 35 -16.47 -15.18 26.00
CA ALA B 35 -17.28 -14.00 26.28
C ALA B 35 -16.79 -12.78 25.48
N TYR B 36 -17.70 -11.83 25.23
CA TYR B 36 -17.42 -10.56 24.56
C TYR B 36 -16.20 -9.82 25.15
N GLN B 37 -15.51 -9.05 24.30
CA GLN B 37 -14.25 -8.38 24.63
C GLN B 37 -14.30 -6.87 24.30
N HIS B 38 -13.33 -6.11 24.82
CA HIS B 38 -13.17 -4.66 24.55
C HIS B 38 -12.31 -4.44 23.29
N SER B 39 -11.12 -3.86 23.41
CA SER B 39 -10.21 -3.52 22.29
C SER B 39 -9.48 -4.72 21.65
N LYS B 40 -9.78 -5.96 22.04
CA LYS B 40 -9.17 -7.21 21.53
C LYS B 40 -9.11 -7.30 20.00
N VAL B 41 -10.09 -6.75 19.30
CA VAL B 41 -10.14 -6.66 17.83
C VAL B 41 -8.84 -6.10 17.24
N ASN B 42 -8.15 -5.17 17.92
CA ASN B 42 -6.84 -4.63 17.55
C ASN B 42 -5.74 -5.71 17.57
N GLN B 43 -5.58 -6.45 18.68
CA GLN B 43 -4.62 -7.56 18.73
C GLN B 43 -4.98 -8.72 17.79
N TRP B 44 -6.26 -8.89 17.47
CA TRP B 44 -6.74 -9.96 16.58
C TRP B 44 -6.47 -9.62 15.11
N THR B 45 -6.88 -8.45 14.64
CA THR B 45 -6.65 -7.99 13.26
C THR B 45 -5.15 -7.90 12.93
N THR B 46 -4.26 -7.74 13.92
CA THR B 46 -2.82 -7.95 13.71
C THR B 46 -2.45 -9.45 13.76
N ASN B 47 -2.60 -10.14 14.90
CA ASN B 47 -2.12 -11.51 15.14
C ASN B 47 -2.61 -12.54 14.12
N VAL B 48 -3.88 -12.44 13.69
CA VAL B 48 -4.50 -13.36 12.73
C VAL B 48 -3.88 -13.19 11.37
N VAL B 49 -4.01 -12.00 10.78
CA VAL B 49 -3.39 -11.63 9.49
C VAL B 49 -1.90 -11.98 9.49
N GLU B 50 -1.23 -11.94 10.65
CA GLU B 50 0.21 -12.21 10.78
C GLU B 50 0.59 -13.65 10.37
N GLN B 51 -0.30 -14.62 10.57
CA GLN B 51 -0.14 -16.02 10.16
C GLN B 51 -1.07 -16.38 8.98
N THR B 52 -2.32 -15.91 9.02
CA THR B 52 -3.40 -16.14 8.05
C THR B 52 -3.05 -15.64 6.65
N LEU B 53 -2.60 -14.39 6.52
CA LEU B 53 -2.20 -13.82 5.22
C LEU B 53 -0.98 -14.57 4.64
N SER B 54 -0.04 -14.95 5.50
CA SER B 54 1.08 -15.83 5.11
C SER B 54 0.58 -17.20 4.62
N GLN B 55 -0.35 -17.83 5.35
CA GLN B 55 -0.98 -19.12 5.05
C GLN B 55 -1.72 -19.13 3.70
N LEU B 56 -2.59 -18.16 3.42
CA LEU B 56 -3.34 -18.13 2.14
C LEU B 56 -2.46 -17.88 0.92
N THR B 57 -1.33 -17.17 1.09
CA THR B 57 -0.27 -17.09 0.07
C THR B 57 0.28 -18.48 -0.26
N LYS B 58 0.25 -19.43 0.69
CA LYS B 58 0.70 -20.81 0.48
C LYS B 58 -0.40 -21.73 -0.08
N LEU B 59 -1.66 -21.42 0.22
CA LEU B 59 -2.82 -22.18 -0.23
C LEU B 59 -3.19 -21.85 -1.68
N GLY B 60 -2.72 -20.69 -2.19
CA GLY B 60 -2.82 -20.24 -3.57
C GLY B 60 -1.50 -20.43 -4.34
N LYS B 61 -0.79 -19.32 -4.54
CA LYS B 61 0.48 -19.22 -5.30
C LYS B 61 1.48 -18.25 -4.64
N PRO B 62 2.80 -18.51 -4.70
CA PRO B 62 3.83 -17.67 -4.08
C PRO B 62 4.03 -16.33 -4.80
N PHE B 63 3.86 -15.22 -4.09
CA PHE B 63 4.13 -13.85 -4.58
C PHE B 63 4.35 -12.85 -3.42
N LYS B 64 4.85 -11.65 -3.72
CA LYS B 64 4.87 -10.49 -2.80
C LYS B 64 3.44 -9.98 -2.57
N TYR B 65 2.77 -10.48 -1.53
CA TYR B 65 1.65 -9.79 -0.90
C TYR B 65 2.13 -8.52 -0.17
N ILE B 66 1.20 -7.61 0.11
CA ILE B 66 1.37 -6.48 1.03
C ILE B 66 0.08 -6.29 1.83
N VAL B 67 0.22 -5.72 3.02
CA VAL B 67 -0.88 -5.32 3.88
C VAL B 67 -0.55 -4.03 4.63
N THR B 68 -1.57 -3.27 4.96
CA THR B 68 -1.49 -2.11 5.85
C THR B 68 -2.75 -2.03 6.72
N CYS B 69 -2.68 -1.36 7.88
CA CYS B 69 -3.80 -1.17 8.82
C CYS B 69 -3.62 0.13 9.63
N VAL B 70 -4.72 0.77 10.00
CA VAL B 70 -4.77 2.04 10.75
C VAL B 70 -5.77 1.91 11.90
N ILE B 71 -5.33 2.23 13.11
CA ILE B 71 -6.06 2.13 14.38
C ILE B 71 -6.29 3.55 14.94
N MET B 72 -7.56 3.96 14.93
CA MET B 72 -8.07 5.31 15.23
C MET B 72 -9.32 5.22 16.14
N GLN B 73 -9.59 6.26 16.93
CA GLN B 73 -10.63 6.31 17.97
C GLN B 73 -11.30 7.69 18.09
N LYS B 74 -12.61 7.73 18.37
CA LYS B 74 -13.36 8.99 18.49
C LYS B 74 -13.11 9.75 19.81
N ASN B 75 -12.54 9.09 20.83
CA ASN B 75 -12.34 9.64 22.17
C ASN B 75 -11.17 10.66 22.31
N GLY B 76 -10.35 10.85 21.27
CA GLY B 76 -9.25 11.83 21.29
C GLY B 76 -8.26 11.77 20.12
N ALA B 77 -8.66 11.24 18.96
CA ALA B 77 -7.77 10.89 17.85
C ALA B 77 -8.36 11.27 16.47
N GLY B 78 -7.64 12.08 15.68
CA GLY B 78 -8.06 12.53 14.35
C GLY B 78 -6.96 13.24 13.55
N LEU B 79 -6.38 12.53 12.58
CA LEU B 79 -5.26 12.93 11.71
C LEU B 79 -5.72 13.02 10.24
N HIS B 80 -4.80 13.26 9.30
CA HIS B 80 -5.08 13.18 7.85
C HIS B 80 -4.33 11.99 7.22
N THR B 81 -5.01 11.15 6.46
CA THR B 81 -4.42 10.06 5.66
C THR B 81 -5.04 10.03 4.27
N ALA B 82 -4.24 9.69 3.27
CA ALA B 82 -4.72 9.46 1.90
C ALA B 82 -4.06 8.22 1.29
N SER B 83 -4.82 7.48 0.50
CA SER B 83 -4.35 6.29 -0.23
C SER B 83 -5.01 6.21 -1.61
N SER B 84 -4.18 6.18 -2.66
CA SER B 84 -4.65 6.06 -4.05
C SER B 84 -5.05 4.62 -4.42
N CYS B 85 -5.22 3.75 -3.42
CA CYS B 85 -5.85 2.45 -3.55
C CYS B 85 -7.31 2.54 -4.02
N PHE B 86 -7.82 1.39 -4.46
CA PHE B 86 -9.18 1.20 -4.98
C PHE B 86 -9.56 -0.29 -4.92
N TRP B 87 -10.86 -0.59 -4.96
CA TRP B 87 -11.36 -1.95 -5.13
C TRP B 87 -11.33 -2.32 -6.62
N ASP B 88 -10.85 -3.53 -6.91
CA ASP B 88 -10.94 -4.19 -8.21
C ASP B 88 -10.96 -5.72 -8.07
N SER B 89 -11.38 -6.42 -9.13
CA SER B 89 -11.49 -7.90 -9.19
C SER B 89 -10.97 -8.46 -10.52
N SER B 90 -11.56 -8.05 -11.65
CA SER B 90 -11.07 -8.38 -13.00
C SER B 90 -9.82 -7.58 -13.35
N THR B 91 -9.80 -6.29 -12.98
CA THR B 91 -8.76 -5.31 -13.29
C THR B 91 -7.40 -5.72 -12.73
N ASP B 92 -7.33 -5.99 -11.41
CA ASP B 92 -6.12 -6.45 -10.71
C ASP B 92 -6.44 -7.36 -9.50
N GLY B 93 -7.00 -6.81 -8.41
CA GLY B 93 -7.40 -7.50 -7.17
C GLY B 93 -7.03 -6.72 -5.89
N SER B 94 -7.79 -6.92 -4.80
CA SER B 94 -7.58 -6.31 -3.47
C SER B 94 -8.49 -6.90 -2.39
N CYS B 95 -7.91 -7.34 -1.28
CA CYS B 95 -8.56 -8.10 -0.21
C CYS B 95 -8.62 -7.32 1.12
N THR B 96 -9.37 -6.21 1.13
CA THR B 96 -9.59 -5.33 2.30
C THR B 96 -10.59 -5.91 3.30
N VAL B 97 -10.41 -5.65 4.61
CA VAL B 97 -11.23 -6.18 5.71
C VAL B 97 -11.48 -5.13 6.78
N ARG B 98 -12.75 -4.75 6.92
CA ARG B 98 -13.20 -3.70 7.85
C ARG B 98 -13.66 -4.27 9.20
N TRP B 99 -12.99 -3.87 10.27
CA TRP B 99 -13.29 -4.25 11.66
C TRP B 99 -13.36 -3.00 12.55
N GLU B 100 -14.58 -2.64 12.94
CA GLU B 100 -14.88 -1.63 13.96
C GLU B 100 -15.12 -2.28 15.33
N ASN B 101 -15.20 -1.45 16.38
CA ASN B 101 -15.49 -1.84 17.76
C ASN B 101 -16.41 -0.80 18.45
N LYS B 102 -16.74 -0.97 19.73
CA LYS B 102 -17.67 -0.12 20.50
C LYS B 102 -17.38 1.38 20.41
N THR B 103 -16.09 1.75 20.50
CA THR B 103 -15.59 3.13 20.36
C THR B 103 -14.29 3.25 19.53
N MET B 104 -13.83 2.16 18.90
CA MET B 104 -12.57 2.09 18.15
C MET B 104 -12.79 1.66 16.68
N TYR B 105 -11.81 1.97 15.82
CA TYR B 105 -11.81 1.72 14.37
C TYR B 105 -10.44 1.18 13.93
N CYS B 106 -10.42 -0.03 13.37
CA CYS B 106 -9.20 -0.77 13.00
C CYS B 106 -9.36 -1.54 11.68
N ILE B 107 -9.37 -0.81 10.56
CA ILE B 107 -9.53 -1.34 9.19
C ILE B 107 -8.19 -1.79 8.58
N VAL B 108 -8.10 -3.04 8.11
CA VAL B 108 -6.93 -3.61 7.43
C VAL B 108 -7.18 -3.71 5.92
N SER B 109 -6.14 -3.57 5.11
CA SER B 109 -6.23 -3.61 3.64
C SER B 109 -5.06 -4.38 3.02
N ALA B 110 -5.35 -5.33 2.12
CA ALA B 110 -4.38 -6.23 1.50
C ALA B 110 -4.41 -6.18 -0.04
N PHE B 111 -3.23 -6.33 -0.65
CA PHE B 111 -2.98 -6.31 -2.09
C PHE B 111 -1.81 -7.26 -2.44
N GLY B 112 -1.38 -7.32 -3.72
CA GLY B 112 -0.28 -8.17 -4.20
C GLY B 112 -0.74 -9.59 -4.57
N LEU B 113 -1.22 -9.75 -5.81
CA LEU B 113 -1.96 -10.91 -6.33
C LEU B 113 -1.71 -11.15 -7.84
N SER B 114 -0.45 -11.15 -8.27
CA SER B 114 -0.06 -11.18 -9.68
C SER B 114 0.92 -12.33 -9.99
N ILE B 115 0.36 -13.55 -10.11
CA ILE B 115 1.11 -14.82 -10.16
C ILE B 115 1.37 -15.38 -11.56
N GLY B 116 0.73 -14.82 -12.60
CA GLY B 116 0.84 -15.25 -14.00
C GLY B 116 1.57 -14.25 -14.92
N GLY B 117 1.95 -13.07 -14.41
CA GLY B 117 2.63 -12.01 -15.17
C GLY B 117 1.77 -11.24 -16.18
N GLY B 118 0.47 -11.52 -16.26
CA GLY B 118 -0.51 -10.90 -17.15
C GLY B 118 -1.97 -11.03 -16.65
N SER B 119 -2.89 -10.38 -17.35
CA SER B 119 -4.35 -10.43 -17.09
C SER B 119 -4.99 -11.80 -17.45
N GLY B 120 -6.28 -11.96 -17.15
CA GLY B 120 -7.05 -13.19 -17.40
C GLY B 120 -7.22 -14.11 -16.18
N GLN B 121 -7.16 -13.55 -14.96
CA GLN B 121 -7.34 -14.27 -13.69
C GLN B 121 -8.71 -14.96 -13.56
N SER B 122 -8.82 -15.86 -12.58
CA SER B 122 -10.01 -16.67 -12.25
C SER B 122 -11.12 -15.89 -11.49
N GLY B 123 -11.10 -14.56 -11.51
CA GLY B 123 -12.07 -13.69 -10.82
C GLY B 123 -13.30 -13.31 -11.66
N PRO B 124 -14.40 -12.86 -11.03
CA PRO B 124 -15.62 -12.44 -11.71
C PRO B 124 -15.47 -11.11 -12.47
N ILE B 125 -16.45 -10.80 -13.32
CA ILE B 125 -16.50 -9.60 -14.18
C ILE B 125 -17.80 -8.81 -13.97
N LYS B 126 -17.65 -7.53 -13.58
CA LYS B 126 -18.75 -6.56 -13.38
C LYS B 126 -18.41 -5.13 -13.79
N LEU B 127 -19.42 -4.33 -14.12
CA LEU B 127 -19.29 -2.89 -14.40
C LEU B 127 -19.06 -2.08 -13.11
N GLY B 128 -18.58 -0.83 -13.26
CA GLY B 128 -18.27 0.09 -12.16
C GLY B 128 -17.13 1.05 -12.45
N MET B 129 -16.72 1.82 -11.45
CA MET B 129 -15.60 2.78 -11.47
C MET B 129 -14.79 2.71 -10.16
N ALA B 130 -13.62 3.38 -10.16
CA ALA B 130 -12.68 3.48 -9.05
C ALA B 130 -12.21 4.94 -8.85
N LYS B 131 -12.03 5.35 -7.59
CA LYS B 131 -11.57 6.68 -7.14
C LYS B 131 -10.53 6.56 -6.02
N ILE B 132 -9.88 7.67 -5.67
CA ILE B 132 -8.94 7.79 -4.53
C ILE B 132 -9.68 7.57 -3.20
N THR B 133 -9.02 6.98 -2.21
CA THR B 133 -9.53 6.76 -0.84
C THR B 133 -8.83 7.69 0.15
N GLN B 134 -9.52 8.76 0.59
CA GLN B 134 -9.05 9.64 1.66
C GLN B 134 -9.80 9.37 2.97
N VAL B 135 -9.12 9.53 4.09
CA VAL B 135 -9.61 9.31 5.46
C VAL B 135 -8.98 10.33 6.42
N ASP B 136 -9.78 11.29 6.87
CA ASP B 136 -9.37 12.29 7.87
C ASP B 136 -10.47 12.57 8.91
N PHE B 137 -10.05 12.95 10.12
CA PHE B 137 -10.91 13.20 11.28
C PHE B 137 -10.55 14.54 11.98
N PRO B 138 -11.47 15.15 12.75
CA PRO B 138 -11.26 16.45 13.40
C PRO B 138 -10.28 16.37 14.59
N PRO B 139 -9.70 17.52 15.01
CA PRO B 139 -8.68 17.55 16.06
C PRO B 139 -9.21 17.15 17.45
N ARG B 140 -10.43 17.56 17.79
CA ARG B 140 -11.18 17.20 19.01
C ARG B 140 -12.70 17.27 18.76
N GLU B 141 -13.49 17.02 19.80
CA GLU B 141 -14.94 17.25 19.81
C GLU B 141 -15.32 18.48 20.66
N ILE B 142 -16.23 19.31 20.15
CA ILE B 142 -16.78 20.51 20.80
C ILE B 142 -18.30 20.64 20.55
N VAL B 143 -18.96 21.52 21.32
CA VAL B 143 -20.39 21.89 21.17
C VAL B 143 -20.59 22.92 20.06
N GLY A 1 5.88 -13.25 -30.87
CA GLY A 1 7.01 -12.32 -30.70
C GLY A 1 7.99 -12.42 -31.85
N SER A 2 8.08 -11.38 -32.69
CA SER A 2 8.93 -11.32 -33.88
C SER A 2 10.37 -10.86 -33.58
N MET A 3 11.32 -11.18 -34.47
CA MET A 3 12.73 -10.75 -34.37
C MET A 3 12.91 -9.23 -34.32
N GLU A 4 12.13 -8.47 -35.11
CA GLU A 4 12.16 -7.01 -35.13
C GLU A 4 11.39 -6.35 -33.96
N ASP A 5 10.58 -7.12 -33.23
CA ASP A 5 9.69 -6.60 -32.17
C ASP A 5 10.42 -6.40 -30.82
N TYR A 6 11.56 -7.08 -30.63
CA TYR A 6 12.52 -6.85 -29.55
C TYR A 6 13.19 -5.47 -29.72
N GLN A 7 13.36 -4.74 -28.62
CA GLN A 7 13.89 -3.36 -28.61
C GLN A 7 14.78 -3.10 -27.38
N ALA A 8 15.66 -2.09 -27.47
CA ALA A 8 16.63 -1.72 -26.42
C ALA A 8 15.98 -0.95 -25.25
N ALA A 9 15.15 -1.63 -24.46
CA ALA A 9 14.48 -1.10 -23.27
C ALA A 9 15.42 -0.82 -22.06
N GLU A 10 16.72 -1.07 -22.19
CA GLU A 10 17.73 -0.82 -21.14
C GLU A 10 17.84 0.67 -20.72
N GLU A 11 17.58 1.61 -21.64
CA GLU A 11 17.66 3.06 -21.39
C GLU A 11 16.31 3.71 -21.02
N THR A 12 15.18 3.11 -21.45
CA THR A 12 13.84 3.52 -21.02
C THR A 12 13.53 3.03 -19.59
N ALA A 13 14.25 2.02 -19.10
CA ALA A 13 14.11 1.54 -17.72
C ALA A 13 14.43 2.65 -16.69
N PHE A 14 13.73 2.61 -15.55
CA PHE A 14 13.87 3.56 -14.44
C PHE A 14 14.20 2.82 -13.13
N VAL A 15 14.67 3.54 -12.11
CA VAL A 15 14.99 3.00 -10.77
C VAL A 15 14.65 4.01 -9.67
N VAL A 16 14.53 3.53 -8.43
CA VAL A 16 14.23 4.34 -7.23
C VAL A 16 15.21 5.48 -7.04
N ASP A 17 16.49 5.25 -7.37
CA ASP A 17 17.56 6.24 -7.27
C ASP A 17 17.32 7.47 -8.17
N GLU A 18 16.56 7.31 -9.26
CA GLU A 18 16.09 8.42 -10.09
C GLU A 18 14.86 9.06 -9.47
N VAL A 19 13.79 8.27 -9.28
CA VAL A 19 12.48 8.70 -8.72
C VAL A 19 12.61 9.51 -7.43
N SER A 20 13.49 9.09 -6.53
CA SER A 20 13.83 9.77 -5.28
C SER A 20 14.39 11.19 -5.48
N ASN A 21 14.92 11.53 -6.65
CA ASN A 21 15.35 12.88 -7.03
C ASN A 21 14.31 13.62 -7.91
N ILE A 22 13.57 12.91 -8.79
CA ILE A 22 12.44 13.47 -9.55
C ILE A 22 11.46 14.18 -8.62
N VAL A 23 11.14 13.60 -7.45
CA VAL A 23 10.24 14.25 -6.49
C VAL A 23 10.81 15.57 -5.95
N LYS A 24 12.10 15.65 -5.58
CA LYS A 24 12.71 16.91 -5.09
C LYS A 24 12.71 17.99 -6.16
N GLU A 25 13.22 17.68 -7.36
CA GLU A 25 13.27 18.67 -8.45
C GLU A 25 11.86 19.13 -8.89
N ALA A 26 10.85 18.25 -8.86
CA ALA A 26 9.47 18.59 -9.19
C ALA A 26 8.77 19.42 -8.10
N ILE A 27 8.98 19.10 -6.81
CA ILE A 27 8.44 19.93 -5.71
C ILE A 27 9.02 21.34 -5.83
N GLU A 28 10.34 21.48 -5.84
CA GLU A 28 10.97 22.81 -5.83
C GLU A 28 10.66 23.65 -7.09
N SER A 29 10.48 23.03 -8.26
CA SER A 29 10.00 23.74 -9.46
C SER A 29 8.54 24.17 -9.35
N ALA A 30 7.67 23.36 -8.73
CA ALA A 30 6.27 23.68 -8.46
C ALA A 30 6.07 24.72 -7.33
N ILE A 31 7.00 24.80 -6.35
CA ILE A 31 7.08 25.88 -5.35
C ILE A 31 7.23 27.25 -6.02
N GLY A 32 7.93 27.31 -7.16
CA GLY A 32 8.17 28.54 -7.94
C GLY A 32 9.22 29.49 -7.35
N GLY A 33 9.90 29.09 -6.27
CA GLY A 33 10.93 29.87 -5.57
C GLY A 33 10.44 31.15 -4.88
N ASN A 34 9.13 31.28 -4.64
CA ASN A 34 8.54 32.41 -3.89
C ASN A 34 8.84 32.31 -2.38
N ALA A 35 8.25 33.19 -1.55
CA ALA A 35 8.34 33.18 -0.09
C ALA A 35 8.01 31.79 0.48
N TYR A 36 8.99 31.14 1.11
CA TYR A 36 8.89 29.75 1.59
C TYR A 36 7.84 29.63 2.71
N GLN A 37 6.87 28.72 2.56
CA GLN A 37 5.75 28.54 3.50
C GLN A 37 5.60 27.08 3.96
N HIS A 38 5.55 26.89 5.28
CA HIS A 38 5.22 25.61 5.92
C HIS A 38 3.79 25.14 5.62
N SER A 39 2.80 26.03 5.66
CA SER A 39 1.38 25.68 5.42
C SER A 39 1.14 25.14 4.00
N LYS A 40 1.96 25.57 3.03
CA LYS A 40 1.91 25.12 1.63
C LYS A 40 2.44 23.70 1.39
N VAL A 41 3.34 23.18 2.22
CA VAL A 41 3.95 21.84 2.01
C VAL A 41 2.90 20.74 1.84
N ASN A 42 1.76 20.83 2.53
CA ASN A 42 0.63 19.92 2.41
C ASN A 42 -0.02 19.96 1.01
N GLN A 43 -0.33 21.15 0.48
CA GLN A 43 -0.85 21.28 -0.90
C GLN A 43 0.20 20.89 -1.96
N TRP A 44 1.50 21.02 -1.65
CA TRP A 44 2.59 20.69 -2.58
C TRP A 44 2.82 19.18 -2.66
N THR A 45 3.00 18.51 -1.52
CA THR A 45 3.17 17.05 -1.45
C THR A 45 1.97 16.28 -2.02
N THR A 46 0.76 16.87 -2.08
CA THR A 46 -0.35 16.32 -2.87
C THR A 46 -0.26 16.71 -4.35
N ASN A 47 -0.30 18.01 -4.70
CA ASN A 47 -0.37 18.50 -6.10
C ASN A 47 0.78 18.01 -7.00
N VAL A 48 2.00 17.95 -6.47
CA VAL A 48 3.21 17.53 -7.20
C VAL A 48 3.13 16.07 -7.52
N VAL A 49 3.11 15.20 -6.50
CA VAL A 49 2.96 13.74 -6.62
C VAL A 49 1.80 13.40 -7.56
N GLU A 50 0.76 14.23 -7.62
CA GLU A 50 -0.42 14.03 -8.49
C GLU A 50 -0.06 13.88 -9.97
N GLN A 51 0.92 14.66 -10.45
CA GLN A 51 1.40 14.70 -11.84
C GLN A 51 2.82 14.16 -12.00
N THR A 52 3.68 14.37 -11.00
CA THR A 52 5.05 13.86 -10.90
C THR A 52 5.11 12.33 -10.85
N LEU A 53 4.36 11.70 -9.94
CA LEU A 53 4.31 10.23 -9.84
C LEU A 53 3.74 9.60 -11.13
N SER A 54 2.79 10.30 -11.77
CA SER A 54 2.36 9.99 -13.14
C SER A 54 3.51 10.10 -14.15
N GLN A 55 4.21 11.24 -14.22
CA GLN A 55 5.32 11.52 -15.15
C GLN A 55 6.42 10.46 -15.11
N LEU A 56 6.93 10.12 -13.92
CA LEU A 56 8.01 9.14 -13.79
C LEU A 56 7.62 7.71 -14.12
N THR A 57 6.34 7.36 -13.96
CA THR A 57 5.79 6.14 -14.52
C THR A 57 5.95 6.17 -16.04
N LYS A 58 5.66 7.31 -16.69
CA LYS A 58 5.75 7.44 -18.17
C LYS A 58 7.18 7.44 -18.71
N LEU A 59 8.14 7.79 -17.87
CA LEU A 59 9.58 7.69 -18.14
C LEU A 59 10.12 6.25 -18.09
N GLY A 60 9.26 5.23 -17.94
CA GLY A 60 9.60 3.82 -18.20
C GLY A 60 8.41 2.90 -18.52
N LYS A 61 7.91 2.17 -17.51
CA LYS A 61 6.84 1.15 -17.66
C LYS A 61 5.45 1.73 -18.02
N PRO A 62 4.45 0.89 -18.35
CA PRO A 62 3.06 1.32 -18.41
C PRO A 62 2.51 1.75 -17.04
N PHE A 63 1.34 2.39 -17.03
CA PHE A 63 0.59 2.79 -15.84
C PHE A 63 0.28 1.59 -14.91
N LYS A 64 0.87 1.62 -13.70
CA LYS A 64 0.77 0.66 -12.58
C LYS A 64 1.77 1.04 -11.46
N TYR A 65 1.25 1.76 -10.47
CA TYR A 65 1.87 2.08 -9.18
C TYR A 65 0.77 2.17 -8.10
N ILE A 66 1.17 2.30 -6.84
CA ILE A 66 0.32 2.74 -5.73
C ILE A 66 1.10 3.76 -4.91
N VAL A 67 0.40 4.67 -4.22
CA VAL A 67 0.96 5.53 -3.18
C VAL A 67 0.00 5.64 -2.01
N THR A 68 0.56 5.65 -0.81
CA THR A 68 -0.11 5.99 0.45
C THR A 68 0.67 7.09 1.15
N CYS A 69 0.00 8.05 1.78
CA CYS A 69 0.65 9.03 2.65
C CYS A 69 -0.15 9.32 3.94
N VAL A 70 0.57 9.59 5.03
CA VAL A 70 0.04 9.79 6.38
C VAL A 70 0.56 11.11 6.95
N ILE A 71 -0.34 11.98 7.38
CA ILE A 71 -0.11 13.37 7.81
C ILE A 71 -0.68 13.52 9.23
N MET A 72 0.22 13.57 10.22
CA MET A 72 -0.13 13.62 11.64
C MET A 72 0.65 14.72 12.39
N GLN A 73 0.21 15.04 13.62
CA GLN A 73 0.67 16.21 14.39
C GLN A 73 1.19 15.81 15.77
N LYS A 74 2.51 15.90 15.98
CA LYS A 74 3.15 15.63 17.29
C LYS A 74 2.71 16.58 18.42
N ASN A 75 2.14 17.75 18.10
CA ASN A 75 1.66 18.72 19.09
C ASN A 75 0.34 18.31 19.79
N GLY A 76 -0.44 17.35 19.26
CA GLY A 76 -1.71 16.93 19.87
C GLY A 76 -2.60 15.95 19.08
N ALA A 77 -2.07 15.23 18.10
CA ALA A 77 -2.82 14.40 17.16
C ALA A 77 -2.13 13.02 16.92
N GLY A 78 -2.07 12.20 17.97
CA GLY A 78 -1.50 10.85 17.94
C GLY A 78 -2.47 9.80 17.39
N LEU A 79 -1.95 8.66 16.92
CA LEU A 79 -2.68 7.56 16.25
C LEU A 79 -1.87 6.24 16.27
N HIS A 80 -2.46 5.13 15.79
CA HIS A 80 -1.77 3.85 15.57
C HIS A 80 -1.86 3.43 14.09
N THR A 81 -0.75 3.03 13.48
CA THR A 81 -0.67 2.47 12.13
C THR A 81 0.35 1.32 12.10
N ALA A 82 0.06 0.30 11.30
CA ALA A 82 0.93 -0.85 11.07
C ALA A 82 0.92 -1.24 9.60
N SER A 83 2.10 -1.34 8.98
CA SER A 83 2.27 -1.63 7.56
C SER A 83 3.25 -2.79 7.36
N SER A 84 2.73 -3.91 6.85
CA SER A 84 3.50 -5.14 6.58
C SER A 84 4.34 -5.04 5.29
N CYS A 85 4.44 -3.84 4.72
CA CYS A 85 5.25 -3.50 3.55
C CYS A 85 6.74 -3.82 3.75
N PHE A 86 7.47 -3.88 2.64
CA PHE A 86 8.88 -4.24 2.59
C PHE A 86 9.52 -3.72 1.28
N TRP A 87 10.72 -3.18 1.36
CA TRP A 87 11.50 -2.76 0.19
C TRP A 87 12.05 -3.99 -0.54
N ASP A 88 12.21 -3.88 -1.86
CA ASP A 88 12.88 -4.86 -2.72
C ASP A 88 13.80 -4.16 -3.73
N SER A 89 14.86 -4.85 -4.16
CA SER A 89 15.86 -4.34 -5.12
C SER A 89 15.71 -5.00 -6.50
N SER A 90 15.91 -6.33 -6.59
CA SER A 90 15.76 -7.10 -7.84
C SER A 90 14.30 -7.53 -8.09
N THR A 91 13.54 -7.80 -7.03
CA THR A 91 12.18 -8.35 -7.07
C THR A 91 11.17 -7.36 -7.63
N ASP A 92 11.18 -6.13 -7.11
CA ASP A 92 10.27 -5.01 -7.42
C ASP A 92 10.99 -3.65 -7.22
N GLY A 93 10.29 -2.53 -7.34
CA GLY A 93 10.78 -1.19 -6.97
C GLY A 93 9.79 -0.42 -6.08
N SER A 94 10.29 0.43 -5.20
CA SER A 94 9.49 1.19 -4.22
C SER A 94 10.23 2.48 -3.80
N CYS A 95 9.56 3.63 -3.80
CA CYS A 95 10.16 4.93 -3.43
C CYS A 95 9.39 5.60 -2.29
N THR A 96 10.09 6.17 -1.31
CA THR A 96 9.49 6.85 -0.15
C THR A 96 10.07 8.25 0.03
N VAL A 97 9.21 9.20 0.39
CA VAL A 97 9.46 10.65 0.41
C VAL A 97 8.95 11.23 1.72
N ARG A 98 9.89 11.72 2.55
CA ARG A 98 9.65 12.22 3.91
C ARG A 98 9.98 13.71 4.01
N TRP A 99 8.94 14.52 4.26
CA TRP A 99 9.00 15.99 4.35
C TRP A 99 8.42 16.43 5.70
N GLU A 100 9.32 16.85 6.60
CA GLU A 100 8.94 17.50 7.86
C GLU A 100 8.27 18.87 7.62
N ASN A 101 7.66 19.42 8.68
CA ASN A 101 7.07 20.76 8.66
C ASN A 101 7.23 21.46 10.04
N LYS A 102 6.72 22.69 10.16
CA LYS A 102 6.81 23.55 11.36
C LYS A 102 6.35 22.85 12.65
N THR A 103 5.14 22.28 12.62
CA THR A 103 4.49 21.57 13.75
C THR A 103 4.00 20.15 13.39
N MET A 104 3.61 19.94 12.12
CA MET A 104 3.24 18.63 11.56
C MET A 104 4.42 17.98 10.82
N TYR A 105 4.21 16.79 10.26
CA TYR A 105 5.10 16.10 9.33
C TYR A 105 4.28 15.26 8.36
N CYS A 106 4.79 15.02 7.14
CA CYS A 106 4.14 14.21 6.11
C CYS A 106 5.12 13.16 5.55
N ILE A 107 4.61 11.93 5.36
CA ILE A 107 5.37 10.79 4.83
C ILE A 107 4.57 10.10 3.70
N VAL A 108 5.20 9.96 2.54
CA VAL A 108 4.63 9.38 1.31
C VAL A 108 5.41 8.12 0.94
N SER A 109 4.73 7.00 0.71
CA SER A 109 5.32 5.70 0.36
C SER A 109 4.69 5.13 -0.92
N ALA A 110 5.47 5.12 -2.00
CA ALA A 110 5.13 4.55 -3.30
C ALA A 110 5.66 3.13 -3.48
N PHE A 111 4.89 2.27 -4.16
CA PHE A 111 5.25 0.91 -4.51
C PHE A 111 4.89 0.63 -5.99
N GLY A 112 5.87 0.18 -6.77
CA GLY A 112 5.79 -0.09 -8.21
C GLY A 112 6.06 -1.57 -8.51
N LEU A 113 5.07 -2.42 -8.20
CA LEU A 113 5.13 -3.88 -8.37
C LEU A 113 5.32 -4.25 -9.85
N SER A 114 6.39 -5.00 -10.15
CA SER A 114 6.89 -5.28 -11.51
C SER A 114 7.60 -6.63 -11.61
N ILE A 115 6.81 -7.71 -11.72
CA ILE A 115 7.30 -9.11 -11.86
C ILE A 115 6.99 -9.77 -13.23
N GLY A 116 6.35 -9.05 -14.15
CA GLY A 116 5.89 -9.57 -15.45
C GLY A 116 6.99 -9.83 -16.51
N GLY A 117 8.26 -9.55 -16.19
CA GLY A 117 9.44 -9.83 -17.04
C GLY A 117 9.83 -8.71 -18.01
N GLY A 118 9.14 -7.57 -17.98
CA GLY A 118 9.43 -6.37 -18.77
C GLY A 118 10.52 -5.47 -18.18
N SER A 119 10.56 -4.22 -18.67
CA SER A 119 11.37 -3.12 -18.14
C SER A 119 10.95 -2.69 -16.71
N GLY A 120 11.51 -1.60 -16.19
CA GLY A 120 11.19 -1.03 -14.86
C GLY A 120 12.19 -1.38 -13.75
N GLN A 121 13.42 -1.75 -14.12
CA GLN A 121 14.50 -2.18 -13.22
C GLN A 121 15.85 -1.58 -13.62
N SER A 122 16.81 -1.53 -12.69
CA SER A 122 18.16 -0.97 -12.95
C SER A 122 19.01 -1.82 -13.90
N GLY A 123 18.75 -3.13 -13.99
CA GLY A 123 19.49 -4.12 -14.78
C GLY A 123 20.02 -5.29 -13.93
N PRO A 124 21.08 -5.07 -13.12
CA PRO A 124 21.66 -6.12 -12.25
C PRO A 124 20.76 -6.43 -11.04
N ILE A 125 21.06 -7.54 -10.36
CA ILE A 125 20.35 -8.01 -9.15
C ILE A 125 21.18 -7.71 -7.88
N LYS A 126 20.52 -7.16 -6.85
CA LYS A 126 21.07 -6.94 -5.49
C LYS A 126 20.06 -7.35 -4.41
N LEU A 127 20.53 -7.45 -3.16
CA LEU A 127 19.75 -7.68 -1.95
C LEU A 127 19.19 -6.36 -1.34
N GLY A 128 18.33 -6.50 -0.33
CA GLY A 128 17.81 -5.41 0.50
C GLY A 128 17.09 -5.90 1.76
N MET A 129 16.98 -5.04 2.78
CA MET A 129 16.29 -5.35 4.04
C MET A 129 14.76 -5.33 3.85
N ALA A 130 14.08 -6.36 4.36
CA ALA A 130 12.63 -6.57 4.23
C ALA A 130 12.00 -6.97 5.56
N LYS A 131 11.65 -5.99 6.39
CA LYS A 131 10.97 -6.20 7.68
C LYS A 131 9.70 -5.35 7.80
N ILE A 132 8.85 -5.68 8.78
CA ILE A 132 7.59 -4.98 9.11
C ILE A 132 7.86 -3.54 9.57
N THR A 133 6.95 -2.60 9.29
CA THR A 133 7.04 -1.19 9.67
C THR A 133 5.79 -0.75 10.44
N GLN A 134 5.88 -0.68 11.77
CA GLN A 134 4.86 -0.04 12.60
C GLN A 134 5.19 1.44 12.84
N VAL A 135 4.15 2.26 13.01
CA VAL A 135 4.19 3.72 13.23
C VAL A 135 3.02 4.12 14.14
N ASP A 136 3.31 4.38 15.42
CA ASP A 136 2.32 4.79 16.42
C ASP A 136 2.83 5.91 17.34
N PHE A 137 1.91 6.65 17.94
CA PHE A 137 2.17 7.80 18.81
C PHE A 137 1.45 7.66 20.19
N PRO A 138 1.95 8.36 21.23
CA PRO A 138 1.39 8.28 22.59
C PRO A 138 -0.01 8.92 22.70
N PRO A 139 -0.75 8.65 23.81
CA PRO A 139 -2.06 9.26 24.08
C PRO A 139 -1.94 10.76 24.38
N ARG A 140 -3.10 11.45 24.41
CA ARG A 140 -3.23 12.91 24.63
C ARG A 140 -4.16 13.20 25.81
N GLU A 141 -4.18 14.47 26.25
CA GLU A 141 -5.16 14.99 27.20
C GLU A 141 -6.58 14.95 26.61
N ILE A 142 -7.54 14.50 27.41
CA ILE A 142 -8.98 14.44 27.09
C ILE A 142 -9.83 15.03 28.23
N VAL A 143 -11.07 15.39 27.94
CA VAL A 143 -12.05 15.99 28.88
C VAL A 143 -13.49 15.55 28.59
N GLY B 1 9.25 -24.63 -21.71
CA GLY B 1 7.93 -25.11 -21.23
C GLY B 1 7.49 -26.35 -21.99
N SER B 2 7.40 -27.49 -21.29
CA SER B 2 7.07 -28.82 -21.83
C SER B 2 5.55 -29.08 -21.86
N MET B 3 5.10 -30.01 -22.71
CA MET B 3 3.70 -30.45 -22.80
C MET B 3 3.12 -30.99 -21.48
N GLU B 4 3.91 -31.75 -20.72
CA GLU B 4 3.52 -32.29 -19.42
C GLU B 4 3.62 -31.28 -18.26
N ASP B 5 4.28 -30.13 -18.47
CA ASP B 5 4.56 -29.13 -17.43
C ASP B 5 3.37 -28.19 -17.16
N TYR B 6 2.46 -28.06 -18.15
CA TYR B 6 1.15 -27.41 -18.02
C TYR B 6 0.25 -28.22 -17.06
N GLN B 7 -0.48 -27.54 -16.18
CA GLN B 7 -1.31 -28.14 -15.12
C GLN B 7 -2.62 -27.36 -14.91
N ALA B 8 -3.64 -28.02 -14.34
CA ALA B 8 -4.98 -27.47 -14.10
C ALA B 8 -5.03 -26.52 -12.87
N ALA B 9 -4.39 -25.35 -13.00
CA ALA B 9 -4.36 -24.29 -11.98
C ALA B 9 -5.71 -23.55 -11.76
N GLU B 10 -6.77 -23.91 -12.49
CA GLU B 10 -8.10 -23.32 -12.37
C GLU B 10 -8.75 -23.49 -10.98
N GLU B 11 -8.43 -24.58 -10.26
CA GLU B 11 -8.97 -24.88 -8.92
C GLU B 11 -8.06 -24.44 -7.77
N THR B 12 -6.74 -24.34 -8.01
CA THR B 12 -5.79 -23.74 -7.05
C THR B 12 -5.90 -22.21 -7.02
N ALA B 13 -6.44 -21.58 -8.07
CA ALA B 13 -6.69 -20.16 -8.10
C ALA B 13 -7.65 -19.71 -6.97
N PHE B 14 -7.39 -18.53 -6.40
CA PHE B 14 -8.20 -17.91 -5.34
C PHE B 14 -8.78 -16.56 -5.81
N VAL B 15 -9.72 -15.99 -5.05
CA VAL B 15 -10.38 -14.71 -5.35
C VAL B 15 -10.64 -13.91 -4.08
N VAL B 16 -10.85 -12.60 -4.20
CA VAL B 16 -11.16 -11.69 -3.08
C VAL B 16 -12.44 -12.09 -2.35
N ASP B 17 -13.45 -12.57 -3.08
CA ASP B 17 -14.71 -13.08 -2.50
C ASP B 17 -14.48 -14.27 -1.54
N GLU B 18 -13.41 -15.05 -1.76
CA GLU B 18 -12.95 -16.11 -0.85
C GLU B 18 -12.21 -15.52 0.36
N VAL B 19 -11.12 -14.77 0.14
CA VAL B 19 -10.32 -14.09 1.20
C VAL B 19 -11.18 -13.28 2.18
N SER B 20 -12.17 -12.56 1.66
CA SER B 20 -13.14 -11.78 2.44
C SER B 20 -13.95 -12.62 3.43
N ASN B 21 -14.03 -13.95 3.26
CA ASN B 21 -14.62 -14.88 4.23
C ASN B 21 -13.56 -15.64 5.06
N ILE B 22 -12.38 -15.97 4.49
CA ILE B 22 -11.24 -16.54 5.24
C ILE B 22 -10.92 -15.68 6.46
N VAL B 23 -10.88 -14.35 6.30
CA VAL B 23 -10.59 -13.46 7.44
C VAL B 23 -11.62 -13.58 8.58
N LYS B 24 -12.93 -13.64 8.28
CA LYS B 24 -13.96 -13.81 9.32
C LYS B 24 -13.86 -15.17 10.01
N GLU B 25 -13.80 -16.25 9.24
CA GLU B 25 -13.73 -17.60 9.82
C GLU B 25 -12.44 -17.81 10.64
N ALA B 26 -11.32 -17.20 10.25
CA ALA B 26 -10.06 -17.26 10.99
C ALA B 26 -10.05 -16.38 12.24
N ILE B 27 -10.59 -15.15 12.18
CA ILE B 27 -10.72 -14.30 13.39
C ILE B 27 -11.60 -15.02 14.41
N GLU B 28 -12.83 -15.36 14.04
CA GLU B 28 -13.80 -15.93 14.99
C GLU B 28 -13.36 -17.29 15.59
N SER B 29 -12.61 -18.12 14.84
CA SER B 29 -12.01 -19.34 15.39
C SER B 29 -10.88 -19.05 16.38
N ALA B 30 -10.05 -18.02 16.13
CA ALA B 30 -9.00 -17.56 17.05
C ALA B 30 -9.57 -16.86 18.31
N ILE B 31 -10.72 -16.19 18.21
CA ILE B 31 -11.44 -15.55 19.34
C ILE B 31 -11.84 -16.57 20.43
N GLY B 32 -12.20 -17.80 20.03
CA GLY B 32 -12.99 -18.77 20.79
C GLY B 32 -12.48 -19.24 22.17
N GLY B 33 -11.31 -18.78 22.63
CA GLY B 33 -10.75 -19.10 23.95
C GLY B 33 -11.59 -18.67 25.15
N ASN B 34 -12.33 -17.56 25.06
CA ASN B 34 -13.21 -17.07 26.14
C ASN B 34 -14.37 -16.18 25.61
N ALA B 35 -15.06 -15.47 26.50
CA ALA B 35 -16.10 -14.49 26.17
C ALA B 35 -15.58 -13.35 25.27
N TYR B 36 -16.51 -12.64 24.64
CA TYR B 36 -16.24 -11.60 23.65
C TYR B 36 -15.69 -10.32 24.32
N GLN B 37 -14.58 -9.79 23.79
CA GLN B 37 -13.88 -8.62 24.34
C GLN B 37 -13.53 -7.59 23.26
N HIS B 38 -13.80 -6.32 23.56
CA HIS B 38 -13.43 -5.18 22.69
C HIS B 38 -11.93 -4.87 22.71
N SER B 39 -11.29 -4.87 23.87
CA SER B 39 -9.86 -4.56 24.01
C SER B 39 -8.95 -5.55 23.24
N LYS B 40 -9.42 -6.79 23.06
CA LYS B 40 -8.76 -7.85 22.31
C LYS B 40 -8.77 -7.69 20.79
N VAL B 41 -9.75 -7.00 20.20
CA VAL B 41 -9.88 -6.89 18.72
C VAL B 41 -8.60 -6.39 18.05
N ASN B 42 -7.85 -5.50 18.72
CA ASN B 42 -6.54 -5.01 18.27
C ASN B 42 -5.48 -6.12 18.19
N GLN B 43 -5.32 -6.94 19.23
CA GLN B 43 -4.41 -8.09 19.18
C GLN B 43 -4.88 -9.19 18.21
N TRP B 44 -6.19 -9.27 17.93
CA TRP B 44 -6.75 -10.27 17.01
C TRP B 44 -6.54 -9.88 15.55
N THR B 45 -6.93 -8.67 15.16
CA THR B 45 -6.73 -8.15 13.80
C THR B 45 -5.24 -8.09 13.40
N THR B 46 -4.30 -8.04 14.36
CA THR B 46 -2.88 -8.29 14.06
C THR B 46 -2.54 -9.79 14.03
N ASN B 47 -2.73 -10.55 15.12
CA ASN B 47 -2.31 -11.96 15.26
C ASN B 47 -2.88 -12.90 14.18
N VAL B 48 -4.15 -12.74 13.83
CA VAL B 48 -4.86 -13.54 12.82
C VAL B 48 -4.28 -13.28 11.47
N VAL B 49 -4.40 -12.05 10.96
CA VAL B 49 -3.85 -11.60 9.67
C VAL B 49 -2.38 -12.03 9.54
N GLU B 50 -1.64 -12.11 10.65
CA GLU B 50 -0.21 -12.51 10.67
C GLU B 50 0.03 -13.90 10.04
N GLN B 51 -0.88 -14.85 10.27
CA GLN B 51 -0.82 -16.23 9.79
C GLN B 51 -1.90 -16.53 8.74
N THR B 52 -3.08 -15.95 8.86
CA THR B 52 -4.21 -16.03 7.94
C THR B 52 -3.88 -15.46 6.55
N LEU B 53 -3.36 -14.22 6.49
CA LEU B 53 -2.96 -13.60 5.21
C LEU B 53 -1.82 -14.40 4.53
N SER B 54 -0.92 -14.97 5.34
CA SER B 54 0.05 -15.97 4.89
C SER B 54 -0.63 -17.23 4.32
N GLN B 55 -1.54 -17.87 5.06
CA GLN B 55 -2.27 -19.09 4.69
C GLN B 55 -3.00 -18.96 3.34
N LEU B 56 -3.80 -17.90 3.16
CA LEU B 56 -4.57 -17.72 1.92
C LEU B 56 -3.74 -17.41 0.69
N THR B 57 -2.56 -16.82 0.88
CA THR B 57 -1.54 -16.75 -0.16
C THR B 57 -1.17 -18.17 -0.59
N LYS B 58 -0.98 -19.09 0.37
CA LYS B 58 -0.56 -20.48 0.08
C LYS B 58 -1.66 -21.33 -0.57
N LEU B 59 -2.92 -20.94 -0.37
CA LEU B 59 -4.09 -21.51 -1.02
C LEU B 59 -4.23 -21.10 -2.51
N GLY B 60 -3.26 -20.37 -3.09
CA GLY B 60 -3.12 -20.22 -4.54
C GLY B 60 -1.70 -19.88 -5.02
N LYS B 61 -1.43 -18.59 -5.25
CA LYS B 61 -0.17 -18.08 -5.83
C LYS B 61 1.07 -18.24 -4.91
N PRO B 62 2.31 -17.97 -5.41
CA PRO B 62 3.47 -17.83 -4.53
C PRO B 62 3.37 -16.59 -3.63
N PHE B 63 4.28 -16.50 -2.65
CA PHE B 63 4.43 -15.36 -1.74
C PHE B 63 4.64 -14.03 -2.49
N LYS B 64 3.66 -13.13 -2.36
CA LYS B 64 3.57 -11.75 -2.91
C LYS B 64 2.19 -11.15 -2.60
N TYR B 65 2.15 -10.35 -1.54
CA TYR B 65 1.05 -9.47 -1.12
C TYR B 65 1.64 -8.25 -0.38
N ILE B 66 0.81 -7.27 -0.07
CA ILE B 66 1.04 -6.21 0.92
C ILE B 66 -0.23 -6.04 1.75
N VAL B 67 -0.08 -5.57 2.99
CA VAL B 67 -1.19 -5.08 3.81
C VAL B 67 -0.78 -3.82 4.57
N THR B 68 -1.72 -2.90 4.67
CA THR B 68 -1.65 -1.71 5.52
C THR B 68 -2.88 -1.67 6.42
N CYS B 69 -2.71 -1.30 7.69
CA CYS B 69 -3.84 -1.01 8.57
C CYS B 69 -3.63 0.26 9.41
N VAL B 70 -4.74 0.92 9.73
CA VAL B 70 -4.81 2.20 10.45
C VAL B 70 -5.85 2.08 11.56
N ILE B 71 -5.42 2.37 12.78
CA ILE B 71 -6.17 2.23 14.03
C ILE B 71 -6.23 3.61 14.70
N MET B 72 -7.41 4.23 14.62
CA MET B 72 -7.63 5.57 15.16
C MET B 72 -8.91 5.66 16.01
N GLN B 73 -9.00 6.72 16.82
CA GLN B 73 -10.07 6.95 17.79
C GLN B 73 -10.88 8.21 17.45
N LYS B 74 -12.20 8.11 17.58
CA LYS B 74 -13.13 9.23 17.37
C LYS B 74 -13.41 10.06 18.63
N ASN B 75 -13.05 9.56 19.82
CA ASN B 75 -13.26 10.24 21.11
C ASN B 75 -12.24 11.37 21.41
N GLY B 76 -11.09 11.42 20.71
CA GLY B 76 -10.06 12.45 20.94
C GLY B 76 -8.73 12.32 20.17
N ALA B 77 -8.68 11.58 19.06
CA ALA B 77 -7.44 11.26 18.34
C ALA B 77 -7.61 11.33 16.80
N GLY B 78 -7.71 12.56 16.26
CA GLY B 78 -7.86 12.83 14.82
C GLY B 78 -6.52 12.92 14.07
N LEU B 79 -6.55 12.75 12.74
CA LEU B 79 -5.39 12.75 11.83
C LEU B 79 -5.82 12.98 10.35
N HIS B 80 -4.86 13.07 9.43
CA HIS B 80 -5.08 13.13 7.97
C HIS B 80 -4.34 11.99 7.26
N THR B 81 -5.03 11.26 6.37
CA THR B 81 -4.45 10.21 5.52
C THR B 81 -5.02 10.31 4.11
N ALA B 82 -4.19 10.03 3.10
CA ALA B 82 -4.58 10.01 1.69
C ALA B 82 -3.95 8.82 0.98
N SER B 83 -4.78 8.03 0.27
CA SER B 83 -4.34 6.82 -0.42
C SER B 83 -4.85 6.82 -1.86
N SER B 84 -3.92 6.87 -2.82
CA SER B 84 -4.21 6.85 -4.27
C SER B 84 -4.52 5.44 -4.79
N CYS B 85 -4.72 4.49 -3.88
CA CYS B 85 -5.10 3.10 -4.16
C CYS B 85 -6.43 3.00 -4.92
N PHE B 86 -6.66 1.84 -5.52
CA PHE B 86 -7.82 1.55 -6.37
C PHE B 86 -8.06 0.03 -6.46
N TRP B 87 -9.32 -0.39 -6.40
CA TRP B 87 -9.71 -1.78 -6.62
C TRP B 87 -9.59 -2.13 -8.11
N ASP B 88 -9.21 -3.37 -8.40
CA ASP B 88 -9.24 -3.99 -9.73
C ASP B 88 -9.93 -5.37 -9.65
N SER B 89 -10.56 -5.79 -10.76
CA SER B 89 -11.26 -7.07 -10.89
C SER B 89 -10.48 -8.07 -11.77
N SER B 90 -10.29 -7.76 -13.06
CA SER B 90 -9.53 -8.61 -14.00
C SER B 90 -8.01 -8.33 -13.94
N THR B 91 -7.62 -7.10 -13.63
CA THR B 91 -6.22 -6.63 -13.64
C THR B 91 -5.39 -7.25 -12.52
N ASP B 92 -5.91 -7.21 -11.29
CA ASP B 92 -5.31 -7.66 -10.03
C ASP B 92 -6.39 -8.13 -9.03
N GLY B 93 -6.01 -8.47 -7.79
CA GLY B 93 -6.92 -8.70 -6.66
C GLY B 93 -6.54 -7.87 -5.43
N SER B 94 -7.52 -7.42 -4.65
CA SER B 94 -7.34 -6.61 -3.43
C SER B 94 -8.50 -6.84 -2.45
N CYS B 95 -8.21 -7.18 -1.20
CA CYS B 95 -9.20 -7.49 -0.16
C CYS B 95 -9.07 -6.55 1.05
N THR B 96 -10.16 -5.96 1.49
CA THR B 96 -10.19 -5.02 2.64
C THR B 96 -11.20 -5.46 3.69
N VAL B 97 -10.86 -5.24 4.96
CA VAL B 97 -11.61 -5.73 6.14
C VAL B 97 -11.72 -4.60 7.16
N ARG B 98 -12.94 -4.38 7.66
CA ARG B 98 -13.31 -3.27 8.54
C ARG B 98 -14.00 -3.79 9.81
N TRP B 99 -13.35 -3.60 10.95
CA TRP B 99 -13.77 -4.06 12.28
C TRP B 99 -13.86 -2.86 13.24
N GLU B 100 -15.08 -2.41 13.50
CA GLU B 100 -15.37 -1.43 14.54
C GLU B 100 -15.04 -1.95 15.95
N ASN B 101 -14.99 -1.05 16.93
CA ASN B 101 -14.80 -1.39 18.34
C ASN B 101 -15.61 -0.45 19.26
N LYS B 102 -15.50 -0.64 20.58
CA LYS B 102 -16.22 0.11 21.63
C LYS B 102 -16.11 1.63 21.50
N THR B 103 -14.87 2.13 21.37
CA THR B 103 -14.53 3.57 21.23
C THR B 103 -13.60 3.87 20.04
N MET B 104 -12.73 2.92 19.67
CA MET B 104 -11.87 2.97 18.48
C MET B 104 -12.49 2.21 17.29
N TYR B 105 -11.79 2.19 16.16
CA TYR B 105 -12.09 1.36 15.00
C TYR B 105 -10.78 0.99 14.28
N CYS B 106 -10.76 -0.17 13.60
CA CYS B 106 -9.61 -0.66 12.85
C CYS B 106 -10.00 -1.07 11.41
N ILE B 107 -9.17 -0.70 10.45
CA ILE B 107 -9.34 -1.00 9.03
C ILE B 107 -8.03 -1.55 8.44
N VAL B 108 -8.09 -2.67 7.73
CA VAL B 108 -6.96 -3.35 7.11
C VAL B 108 -7.23 -3.61 5.63
N SER B 109 -6.32 -3.15 4.77
CA SER B 109 -6.42 -3.15 3.31
C SER B 109 -5.26 -3.93 2.68
N ALA B 110 -5.57 -5.11 2.12
CA ALA B 110 -4.64 -5.98 1.41
C ALA B 110 -4.69 -5.75 -0.11
N PHE B 111 -3.52 -5.86 -0.76
CA PHE B 111 -3.34 -5.75 -2.21
C PHE B 111 -2.43 -6.88 -2.71
N GLY B 112 -2.92 -7.70 -3.63
CA GLY B 112 -2.25 -8.88 -4.20
C GLY B 112 -1.99 -8.71 -5.69
N LEU B 113 -1.00 -7.88 -6.02
CA LEU B 113 -0.60 -7.54 -7.39
C LEU B 113 -0.15 -8.80 -8.16
N SER B 114 -0.82 -9.09 -9.29
CA SER B 114 -0.72 -10.35 -10.04
C SER B 114 -0.97 -10.13 -11.55
N ILE B 115 0.04 -9.59 -12.24
CA ILE B 115 0.01 -9.28 -13.69
C ILE B 115 0.90 -10.20 -14.57
N GLY B 116 1.62 -11.15 -13.97
CA GLY B 116 2.64 -11.99 -14.63
C GLY B 116 2.10 -13.13 -15.52
N GLY B 117 0.79 -13.29 -15.65
CA GLY B 117 0.14 -14.28 -16.53
C GLY B 117 -0.14 -15.65 -15.90
N GLY B 118 0.18 -15.84 -14.61
CA GLY B 118 -0.08 -17.05 -13.83
C GLY B 118 -1.51 -17.13 -13.25
N SER B 119 -1.69 -18.02 -12.27
CA SER B 119 -2.89 -18.15 -11.43
C SER B 119 -3.13 -16.90 -10.53
N GLY B 120 -4.11 -16.98 -9.62
CA GLY B 120 -4.46 -15.91 -8.66
C GLY B 120 -5.67 -15.05 -9.06
N GLN B 121 -6.53 -15.56 -9.93
CA GLN B 121 -7.72 -14.89 -10.47
C GLN B 121 -8.94 -15.82 -10.53
N SER B 122 -10.15 -15.25 -10.59
CA SER B 122 -11.41 -16.02 -10.64
C SER B 122 -11.62 -16.77 -11.96
N GLY B 123 -11.02 -16.29 -13.06
CA GLY B 123 -11.13 -16.84 -14.43
C GLY B 123 -11.63 -15.80 -15.44
N PRO B 124 -12.92 -15.41 -15.44
CA PRO B 124 -13.48 -14.41 -16.34
C PRO B 124 -13.03 -12.98 -16.01
N ILE B 125 -13.26 -12.05 -16.95
CA ILE B 125 -12.94 -10.61 -16.81
C ILE B 125 -14.21 -9.79 -16.52
N LYS B 126 -14.12 -8.87 -15.55
CA LYS B 126 -15.17 -7.88 -15.21
C LYS B 126 -14.54 -6.50 -14.95
N LEU B 127 -15.39 -5.47 -14.89
CA LEU B 127 -15.06 -4.08 -14.53
C LEU B 127 -15.11 -3.84 -13.00
N GLY B 128 -14.68 -2.65 -12.57
CA GLY B 128 -14.79 -2.16 -11.20
C GLY B 128 -14.47 -0.66 -11.05
N MET B 129 -14.94 -0.03 -9.98
CA MET B 129 -14.69 1.38 -9.67
C MET B 129 -13.27 1.58 -9.12
N ALA B 130 -12.53 2.54 -9.71
CA ALA B 130 -11.13 2.85 -9.41
C ALA B 130 -10.91 4.35 -9.22
N LYS B 131 -11.18 4.88 -8.03
CA LYS B 131 -10.98 6.29 -7.68
C LYS B 131 -10.13 6.45 -6.39
N ILE B 132 -9.65 7.67 -6.14
CA ILE B 132 -8.83 8.04 -4.97
C ILE B 132 -9.61 7.87 -3.65
N THR B 133 -8.92 7.54 -2.56
CA THR B 133 -9.50 7.36 -1.21
C THR B 133 -8.76 8.22 -0.18
N GLN B 134 -9.33 9.38 0.18
CA GLN B 134 -8.87 10.17 1.33
C GLN B 134 -9.68 9.82 2.59
N VAL B 135 -9.05 9.94 3.76
CA VAL B 135 -9.60 9.65 5.09
C VAL B 135 -8.94 10.55 6.14
N ASP B 136 -9.68 11.56 6.60
CA ASP B 136 -9.24 12.54 7.60
C ASP B 136 -10.31 12.83 8.66
N PHE B 137 -9.88 13.34 9.80
CA PHE B 137 -10.71 13.66 10.96
C PHE B 137 -10.53 15.12 11.42
N PRO B 138 -11.52 15.71 12.13
CA PRO B 138 -11.48 17.10 12.59
C PRO B 138 -10.43 17.34 13.70
N PRO B 139 -10.09 18.61 13.99
CA PRO B 139 -9.18 18.98 15.07
C PRO B 139 -9.78 18.69 16.46
N ARG B 140 -8.94 18.77 17.50
CA ARG B 140 -9.28 18.50 18.92
C ARG B 140 -8.94 19.69 19.82
N GLU B 141 -9.40 19.65 21.07
CA GLU B 141 -9.00 20.57 22.13
C GLU B 141 -7.50 20.43 22.45
N ILE B 142 -6.81 21.56 22.57
CA ILE B 142 -5.39 21.66 22.93
C ILE B 142 -5.18 22.71 24.04
N VAL B 143 -4.12 22.53 24.84
CA VAL B 143 -3.72 23.39 25.99
C VAL B 143 -2.21 23.60 26.00
N GLY A 1 15.87 2.89 -32.75
CA GLY A 1 14.93 3.06 -33.88
C GLY A 1 15.66 3.41 -35.16
N SER A 2 15.30 4.54 -35.78
CA SER A 2 15.80 5.05 -37.07
C SER A 2 17.27 5.51 -37.03
N MET A 3 18.22 4.56 -37.19
CA MET A 3 19.68 4.76 -37.23
C MET A 3 20.19 5.84 -38.22
N GLU A 4 19.37 6.28 -39.17
CA GLU A 4 19.73 7.29 -40.18
C GLU A 4 19.92 8.71 -39.65
N ASP A 5 19.10 9.13 -38.69
CA ASP A 5 19.12 10.47 -38.07
C ASP A 5 18.98 10.41 -36.54
N TYR A 6 18.80 9.21 -36.00
CA TYR A 6 18.51 8.90 -34.58
C TYR A 6 19.37 7.74 -34.06
N GLN A 7 19.30 7.47 -32.76
CA GLN A 7 20.05 6.40 -32.07
C GLN A 7 19.29 5.88 -30.83
N ALA A 8 19.83 4.87 -30.14
CA ALA A 8 19.35 4.36 -28.86
C ALA A 8 20.20 4.93 -27.70
N ALA A 9 19.57 5.64 -26.76
CA ALA A 9 20.22 6.36 -25.66
C ALA A 9 19.94 5.69 -24.30
N GLU A 10 20.88 4.91 -23.75
CA GLU A 10 20.73 4.23 -22.45
C GLU A 10 20.49 5.16 -21.25
N GLU A 11 20.79 6.47 -21.37
CA GLU A 11 20.40 7.50 -20.39
C GLU A 11 18.88 7.63 -20.17
N THR A 12 18.07 7.00 -21.03
CA THR A 12 16.62 6.82 -20.85
C THR A 12 16.24 6.00 -19.61
N ALA A 13 17.17 5.23 -19.03
CA ALA A 13 16.95 4.56 -17.74
C ALA A 13 16.87 5.58 -16.58
N PHE A 14 16.08 5.26 -15.55
CA PHE A 14 15.91 6.08 -14.33
C PHE A 14 16.44 5.35 -13.08
N VAL A 15 16.52 6.05 -11.94
CA VAL A 15 17.01 5.50 -10.65
C VAL A 15 16.34 6.21 -9.47
N VAL A 16 16.30 5.56 -8.31
CA VAL A 16 15.73 6.07 -7.05
C VAL A 16 16.32 7.43 -6.66
N ASP A 17 17.63 7.62 -6.84
CA ASP A 17 18.34 8.88 -6.59
C ASP A 17 17.85 10.05 -7.49
N GLU A 18 17.30 9.75 -8.66
CA GLU A 18 16.60 10.73 -9.52
C GLU A 18 15.17 10.95 -9.02
N VAL A 19 14.36 9.89 -8.90
CA VAL A 19 12.97 9.91 -8.41
C VAL A 19 12.81 10.71 -7.11
N SER A 20 13.74 10.54 -6.17
CA SER A 20 13.82 11.24 -4.88
C SER A 20 14.05 12.76 -5.00
N ASN A 21 14.35 13.28 -6.20
CA ASN A 21 14.44 14.70 -6.53
C ASN A 21 13.30 15.17 -7.47
N ILE A 22 12.81 14.30 -8.37
CA ILE A 22 11.57 14.55 -9.15
C ILE A 22 10.42 14.96 -8.22
N VAL A 23 10.27 14.28 -7.08
CA VAL A 23 9.23 14.63 -6.11
C VAL A 23 9.35 16.06 -5.59
N LYS A 24 10.56 16.54 -5.24
CA LYS A 24 10.77 17.92 -4.75
C LYS A 24 10.48 18.95 -5.84
N GLU A 25 11.09 18.78 -7.03
CA GLU A 25 10.88 19.74 -8.12
C GLU A 25 9.42 19.79 -8.59
N ALA A 26 8.71 18.65 -8.57
CA ALA A 26 7.29 18.57 -8.91
C ALA A 26 6.39 19.18 -7.83
N ILE A 27 6.66 18.95 -6.53
CA ILE A 27 5.91 19.60 -5.44
C ILE A 27 6.02 21.12 -5.57
N GLU A 28 7.23 21.67 -5.53
CA GLU A 28 7.41 23.13 -5.56
C GLU A 28 6.89 23.80 -6.84
N SER A 29 6.93 23.08 -7.98
CA SER A 29 6.26 23.48 -9.23
C SER A 29 4.74 23.59 -9.06
N ALA A 30 4.09 22.56 -8.49
CA ALA A 30 2.64 22.56 -8.21
C ALA A 30 2.20 23.57 -7.14
N ILE A 31 3.06 23.86 -6.15
CA ILE A 31 2.84 24.90 -5.12
C ILE A 31 2.66 26.29 -5.76
N GLY A 32 3.44 26.62 -6.79
CA GLY A 32 3.42 27.93 -7.47
C GLY A 32 4.27 29.03 -6.81
N GLY A 33 5.14 28.68 -5.86
CA GLY A 33 6.11 29.57 -5.21
C GLY A 33 5.79 29.98 -3.76
N ASN A 34 4.68 29.51 -3.18
CA ASN A 34 4.35 29.66 -1.75
C ASN A 34 5.40 28.96 -0.85
N ALA A 35 5.44 29.30 0.45
CA ALA A 35 6.30 28.71 1.46
C ALA A 35 5.57 27.56 2.21
N TYR A 36 6.15 27.13 3.34
CA TYR A 36 5.61 26.16 4.30
C TYR A 36 4.13 26.40 4.61
N GLN A 37 3.29 25.40 4.36
CA GLN A 37 1.84 25.46 4.55
C GLN A 37 1.34 24.49 5.63
N HIS A 38 0.05 24.64 5.98
CA HIS A 38 -0.62 23.84 7.02
C HIS A 38 -1.29 22.62 6.36
N SER A 39 -2.59 22.71 6.03
CA SER A 39 -3.34 21.64 5.34
C SER A 39 -3.06 21.55 3.83
N LYS A 40 -2.55 22.62 3.20
CA LYS A 40 -2.20 22.63 1.76
C LYS A 40 -1.20 21.53 1.39
N VAL A 41 -0.19 21.30 2.24
CA VAL A 41 0.80 20.20 2.05
C VAL A 41 0.15 18.82 1.91
N ASN A 42 -0.96 18.56 2.61
CA ASN A 42 -1.72 17.30 2.47
C ASN A 42 -2.32 17.13 1.07
N GLN A 43 -2.98 18.17 0.52
CA GLN A 43 -3.45 18.11 -0.86
C GLN A 43 -2.30 18.05 -1.87
N TRP A 44 -1.11 18.54 -1.53
CA TRP A 44 0.06 18.54 -2.42
C TRP A 44 0.73 17.17 -2.48
N THR A 45 1.06 16.56 -1.33
CA THR A 45 1.62 15.21 -1.28
C THR A 45 0.72 14.17 -1.96
N THR A 46 -0.61 14.37 -1.98
CA THR A 46 -1.49 13.53 -2.82
C THR A 46 -1.50 13.98 -4.29
N ASN A 47 -1.90 15.22 -4.62
CA ASN A 47 -2.09 15.72 -6.00
C ASN A 47 -0.84 15.63 -6.88
N VAL A 48 0.34 15.91 -6.30
CA VAL A 48 1.63 15.90 -7.02
C VAL A 48 1.96 14.49 -7.42
N VAL A 49 2.18 13.64 -6.41
CA VAL A 49 2.50 12.22 -6.56
C VAL A 49 1.49 11.53 -7.50
N GLU A 50 0.25 12.03 -7.57
CA GLU A 50 -0.80 11.53 -8.47
C GLU A 50 -0.34 11.49 -9.95
N GLN A 51 0.13 12.63 -10.45
CA GLN A 51 0.63 12.80 -11.82
C GLN A 51 2.14 12.61 -11.93
N THR A 52 2.89 13.02 -10.92
CA THR A 52 4.36 12.91 -10.81
C THR A 52 4.84 11.47 -10.86
N LEU A 53 4.32 10.60 -9.99
CA LEU A 53 4.67 9.17 -9.99
C LEU A 53 4.30 8.50 -11.34
N SER A 54 3.17 8.89 -11.94
CA SER A 54 2.79 8.50 -13.31
C SER A 54 3.77 9.01 -14.37
N GLN A 55 4.29 10.24 -14.27
CA GLN A 55 5.26 10.85 -15.18
C GLN A 55 6.63 10.16 -15.13
N LEU A 56 7.21 9.95 -13.95
CA LEU A 56 8.52 9.28 -13.82
C LEU A 56 8.52 7.79 -14.19
N THR A 57 7.35 7.14 -14.10
CA THR A 57 7.11 5.84 -14.74
C THR A 57 7.37 5.89 -16.24
N LYS A 58 7.08 7.04 -16.89
CA LYS A 58 7.29 7.24 -18.33
C LYS A 58 8.71 7.67 -18.68
N LEU A 59 9.36 8.41 -17.77
CA LEU A 59 10.74 8.85 -17.95
C LEU A 59 11.72 7.68 -17.90
N GLY A 60 11.38 6.62 -17.14
CA GLY A 60 12.14 5.38 -16.98
C GLY A 60 11.56 4.22 -17.78
N LYS A 61 10.81 3.32 -17.11
CA LYS A 61 10.22 2.10 -17.72
C LYS A 61 8.76 1.85 -17.26
N PRO A 62 7.88 1.37 -18.17
CA PRO A 62 6.45 1.16 -17.90
C PRO A 62 6.20 -0.06 -16.98
N PHE A 63 5.88 0.20 -15.71
CA PHE A 63 5.59 -0.80 -14.67
C PHE A 63 4.46 -0.33 -13.72
N LYS A 64 4.10 -1.15 -12.72
CA LYS A 64 2.97 -0.92 -11.80
C LYS A 64 3.45 -0.37 -10.43
N TYR A 65 3.53 0.95 -10.35
CA TYR A 65 3.92 1.69 -9.15
C TYR A 65 2.69 1.96 -8.26
N ILE A 66 2.90 1.99 -6.94
CA ILE A 66 1.92 2.34 -5.91
C ILE A 66 2.53 3.34 -4.93
N VAL A 67 1.70 4.16 -4.30
CA VAL A 67 2.08 5.07 -3.21
C VAL A 67 1.03 5.08 -2.12
N THR A 68 1.51 5.25 -0.90
CA THR A 68 0.73 5.34 0.34
C THR A 68 1.36 6.42 1.24
N CYS A 69 0.57 7.38 1.70
CA CYS A 69 1.02 8.41 2.65
C CYS A 69 0.07 8.56 3.85
N VAL A 70 0.66 8.70 5.05
CA VAL A 70 -0.03 8.58 6.35
C VAL A 70 0.33 9.79 7.22
N ILE A 71 -0.56 10.78 7.24
CA ILE A 71 -0.36 12.09 7.86
C ILE A 71 -1.21 12.13 9.16
N MET A 72 -0.58 11.74 10.26
CA MET A 72 -1.18 11.60 11.60
C MET A 72 -0.16 11.93 12.68
N GLN A 73 -0.16 13.18 13.12
CA GLN A 73 0.57 13.70 14.28
C GLN A 73 -0.08 14.99 14.79
N LYS A 74 -0.29 15.10 16.10
CA LYS A 74 -0.93 16.25 16.78
C LYS A 74 -0.41 16.45 18.21
N ASN A 75 -0.43 15.38 19.02
CA ASN A 75 0.18 15.33 20.37
C ASN A 75 1.35 14.34 20.48
N GLY A 76 1.42 13.31 19.60
CA GLY A 76 2.45 12.27 19.59
C GLY A 76 1.99 10.89 20.10
N ALA A 77 0.73 10.77 20.53
CA ALA A 77 0.11 9.55 21.07
C ALA A 77 -1.32 9.35 20.50
N GLY A 78 -1.40 9.05 19.20
CA GLY A 78 -2.68 9.03 18.44
C GLY A 78 -2.66 8.35 17.07
N LEU A 79 -1.64 7.55 16.80
CA LEU A 79 -1.18 7.14 15.46
C LEU A 79 -0.72 5.67 15.50
N HIS A 80 -1.52 4.74 14.97
CA HIS A 80 -1.13 3.32 14.83
C HIS A 80 -1.33 2.90 13.37
N THR A 81 -0.36 2.23 12.75
CA THR A 81 -0.41 1.85 11.32
C THR A 81 0.47 0.62 11.11
N ALA A 82 0.04 -0.32 10.27
CA ALA A 82 0.78 -1.54 9.99
C ALA A 82 0.59 -2.04 8.55
N SER A 83 1.69 -2.48 7.92
CA SER A 83 1.73 -2.78 6.49
C SER A 83 2.60 -4.01 6.24
N SER A 84 2.10 -5.00 5.48
CA SER A 84 2.91 -6.17 5.07
C SER A 84 3.84 -5.86 3.88
N CYS A 85 3.95 -4.59 3.49
CA CYS A 85 4.83 -4.11 2.44
C CYS A 85 6.31 -4.27 2.80
N PHE A 86 7.15 -4.20 1.77
CA PHE A 86 8.61 -4.33 1.84
C PHE A 86 9.26 -3.61 0.65
N TRP A 87 10.50 -3.14 0.83
CA TRP A 87 11.31 -2.56 -0.25
C TRP A 87 11.90 -3.66 -1.15
N ASP A 88 12.46 -3.26 -2.30
CA ASP A 88 13.20 -4.15 -3.20
C ASP A 88 14.46 -3.45 -3.77
N SER A 89 15.50 -4.26 -4.03
CA SER A 89 16.78 -3.83 -4.60
C SER A 89 16.98 -4.39 -6.02
N SER A 90 17.18 -5.71 -6.15
CA SER A 90 17.34 -6.39 -7.45
C SER A 90 15.98 -6.73 -8.08
N THR A 91 15.02 -7.16 -7.26
CA THR A 91 13.71 -7.68 -7.70
C THR A 91 12.83 -6.61 -8.36
N ASP A 92 12.75 -5.44 -7.73
CA ASP A 92 11.93 -4.27 -8.12
C ASP A 92 12.58 -2.95 -7.63
N GLY A 93 11.90 -1.81 -7.71
CA GLY A 93 12.33 -0.51 -7.17
C GLY A 93 11.45 0.05 -6.03
N SER A 94 11.87 1.16 -5.43
CA SER A 94 11.19 1.88 -4.34
C SER A 94 11.58 3.36 -4.32
N CYS A 95 10.83 4.22 -3.63
CA CYS A 95 11.19 5.62 -3.33
C CYS A 95 10.30 6.23 -2.23
N THR A 96 10.86 6.57 -1.07
CA THR A 96 10.12 7.18 0.06
C THR A 96 10.58 8.61 0.35
N VAL A 97 9.64 9.47 0.79
CA VAL A 97 9.80 10.92 0.97
C VAL A 97 9.13 11.37 2.27
N ARG A 98 9.66 12.44 2.89
CA ARG A 98 9.33 12.90 4.25
C ARG A 98 9.21 14.43 4.30
N TRP A 99 8.05 14.94 4.72
CA TRP A 99 7.68 16.36 4.70
C TRP A 99 7.01 16.78 6.02
N GLU A 100 7.75 17.47 6.88
CA GLU A 100 7.21 18.06 8.11
C GLU A 100 6.17 19.17 7.81
N ASN A 101 5.11 19.28 8.62
CA ASN A 101 4.12 20.37 8.58
C ASN A 101 3.95 21.00 9.98
N LYS A 102 2.92 21.83 10.18
CA LYS A 102 2.63 22.60 11.42
C LYS A 102 2.76 21.80 12.72
N THR A 103 2.09 20.64 12.75
CA THR A 103 2.13 19.65 13.84
C THR A 103 2.13 18.22 13.30
N MET A 104 1.41 17.99 12.19
CA MET A 104 1.35 16.72 11.46
C MET A 104 2.59 16.51 10.57
N TYR A 105 3.44 15.54 10.87
CA TYR A 105 4.52 15.13 9.98
C TYR A 105 3.97 14.21 8.88
N CYS A 106 4.05 14.64 7.61
CA CYS A 106 3.69 13.82 6.45
C CYS A 106 4.84 12.87 6.05
N ILE A 107 4.50 11.60 5.79
CA ILE A 107 5.38 10.58 5.20
C ILE A 107 4.68 9.91 4.02
N VAL A 108 5.37 9.77 2.88
CA VAL A 108 4.88 9.10 1.66
C VAL A 108 5.88 8.05 1.19
N SER A 109 5.42 6.82 0.98
CA SER A 109 6.24 5.69 0.52
C SER A 109 5.73 5.17 -0.82
N ALA A 110 6.51 5.36 -1.89
CA ALA A 110 6.32 4.71 -3.18
C ALA A 110 7.01 3.34 -3.23
N PHE A 111 6.35 2.35 -3.82
CA PHE A 111 6.92 1.05 -4.20
C PHE A 111 6.70 0.82 -5.69
N GLY A 112 7.78 0.52 -6.42
CA GLY A 112 7.83 0.43 -7.88
C GLY A 112 8.03 -0.99 -8.38
N LEU A 113 6.96 -1.78 -8.38
CA LEU A 113 6.94 -3.21 -8.68
C LEU A 113 7.10 -3.47 -10.19
N SER A 114 8.12 -4.25 -10.57
CA SER A 114 8.67 -4.39 -11.94
C SER A 114 8.99 -5.84 -12.30
N ILE A 115 8.05 -6.55 -12.95
CA ILE A 115 8.16 -7.98 -13.27
C ILE A 115 8.93 -8.32 -14.56
N GLY A 116 9.38 -7.30 -15.31
CA GLY A 116 10.03 -7.43 -16.63
C GLY A 116 11.56 -7.43 -16.62
N GLY A 117 12.20 -7.42 -15.44
CA GLY A 117 13.67 -7.48 -15.28
C GLY A 117 14.37 -6.13 -15.21
N GLY A 118 13.65 -5.03 -14.93
CA GLY A 118 14.23 -3.70 -14.72
C GLY A 118 15.26 -3.65 -13.59
N SER A 119 16.36 -2.92 -13.80
CA SER A 119 17.52 -2.80 -12.89
C SER A 119 17.97 -1.34 -12.71
N GLY A 120 19.09 -1.11 -12.02
CA GLY A 120 19.70 0.22 -11.81
C GLY A 120 19.83 0.67 -10.35
N GLN A 121 19.64 -0.24 -9.39
CA GLN A 121 19.70 0.00 -7.94
C GLN A 121 21.02 0.61 -7.43
N SER A 122 20.96 1.16 -6.20
CA SER A 122 22.08 1.78 -5.47
C SER A 122 22.66 0.89 -4.37
N GLY A 123 21.79 0.27 -3.55
CA GLY A 123 22.17 -0.61 -2.43
C GLY A 123 22.57 -2.03 -2.85
N PRO A 124 22.89 -2.91 -1.87
CA PRO A 124 23.26 -4.30 -2.13
C PRO A 124 22.07 -5.10 -2.67
N ILE A 125 22.32 -5.98 -3.64
CA ILE A 125 21.29 -6.85 -4.25
C ILE A 125 20.92 -8.03 -3.33
N LYS A 126 19.61 -8.21 -3.09
CA LYS A 126 19.03 -9.36 -2.38
C LYS A 126 17.75 -9.87 -3.05
N LEU A 127 17.44 -11.14 -2.84
CA LEU A 127 16.25 -11.88 -3.27
C LEU A 127 15.87 -12.92 -2.20
N GLY A 128 14.59 -13.28 -2.11
CA GLY A 128 14.06 -14.28 -1.18
C GLY A 128 12.75 -13.84 -0.52
N MET A 129 12.51 -14.30 0.71
CA MET A 129 11.41 -13.82 1.57
C MET A 129 11.56 -12.33 1.94
N ALA A 130 10.58 -11.77 2.64
CA ALA A 130 10.51 -10.37 3.04
C ALA A 130 10.08 -10.20 4.51
N LYS A 131 10.06 -8.93 4.96
CA LYS A 131 9.73 -8.50 6.33
C LYS A 131 8.48 -7.61 6.35
N ILE A 132 8.05 -7.20 7.54
CA ILE A 132 6.84 -6.40 7.79
C ILE A 132 7.22 -4.97 8.20
N THR A 133 6.41 -3.99 7.80
CA THR A 133 6.62 -2.56 8.06
C THR A 133 5.48 -2.00 8.91
N GLN A 134 5.65 -2.05 10.24
CA GLN A 134 4.72 -1.47 11.21
C GLN A 134 5.28 -0.17 11.80
N VAL A 135 4.40 0.83 11.94
CA VAL A 135 4.62 2.18 12.46
C VAL A 135 3.57 2.48 13.53
N ASP A 136 3.97 2.32 14.79
CA ASP A 136 3.21 2.78 15.94
C ASP A 136 4.11 3.49 16.98
N PHE A 137 3.49 4.16 17.94
CA PHE A 137 4.14 4.65 19.17
C PHE A 137 3.87 3.66 20.32
N PRO A 138 4.74 3.60 21.35
CA PRO A 138 4.54 2.72 22.51
C PRO A 138 3.36 3.19 23.39
N PRO A 139 2.26 2.41 23.51
CA PRO A 139 1.07 2.84 24.26
C PRO A 139 1.32 2.90 25.78
N ARG A 140 1.80 1.79 26.35
CA ARG A 140 2.17 1.58 27.77
C ARG A 140 3.03 0.31 27.91
N GLU A 141 3.37 -0.07 29.13
CA GLU A 141 3.91 -1.40 29.48
C GLU A 141 2.86 -2.23 30.26
N ILE A 142 2.80 -3.54 29.97
CA ILE A 142 1.88 -4.54 30.54
C ILE A 142 2.60 -5.87 30.80
N VAL A 143 1.88 -6.86 31.37
CA VAL A 143 2.33 -8.25 31.62
C VAL A 143 1.88 -9.20 30.50
N GLY B 1 -1.15 -35.48 -10.97
CA GLY B 1 -2.62 -35.39 -10.84
C GLY B 1 -3.24 -36.77 -10.74
N SER B 2 -4.27 -37.05 -11.52
CA SER B 2 -5.07 -38.31 -11.51
C SER B 2 -4.31 -39.54 -12.03
N MET B 3 -3.33 -40.03 -11.25
CA MET B 3 -2.62 -41.29 -11.46
C MET B 3 -3.47 -42.50 -11.05
N GLU B 4 -3.53 -42.84 -9.75
CA GLU B 4 -4.16 -44.07 -9.25
C GLU B 4 -5.64 -43.92 -8.88
N ASP B 5 -5.91 -43.10 -7.87
CA ASP B 5 -7.23 -42.78 -7.33
C ASP B 5 -7.40 -41.26 -7.13
N TYR B 6 -6.37 -40.49 -7.52
CA TYR B 6 -6.34 -39.02 -7.44
C TYR B 6 -7.31 -38.36 -8.43
N GLN B 7 -7.62 -37.07 -8.21
CA GLN B 7 -8.49 -36.24 -9.05
C GLN B 7 -8.06 -34.76 -9.05
N ALA B 8 -8.69 -33.95 -9.89
CA ALA B 8 -8.50 -32.50 -10.01
C ALA B 8 -9.75 -31.73 -9.56
N ALA B 9 -9.71 -31.16 -8.35
CA ALA B 9 -10.83 -30.49 -7.68
C ALA B 9 -10.84 -28.96 -7.91
N GLU B 10 -11.67 -28.45 -8.82
CA GLU B 10 -11.78 -27.00 -9.11
C GLU B 10 -12.23 -26.15 -7.91
N GLU B 11 -12.84 -26.75 -6.87
CA GLU B 11 -13.13 -26.09 -5.58
C GLU B 11 -11.89 -25.54 -4.84
N THR B 12 -10.69 -25.93 -5.28
CA THR B 12 -9.41 -25.37 -4.81
C THR B 12 -9.29 -23.85 -5.03
N ALA B 13 -9.97 -23.26 -6.03
CA ALA B 13 -9.99 -21.81 -6.22
C ALA B 13 -10.75 -21.08 -5.10
N PHE B 14 -10.19 -19.99 -4.56
CA PHE B 14 -10.82 -19.15 -3.54
C PHE B 14 -11.39 -17.84 -4.15
N VAL B 15 -12.34 -17.21 -3.44
CA VAL B 15 -12.98 -15.92 -3.79
C VAL B 15 -13.06 -15.01 -2.56
N VAL B 16 -13.14 -13.70 -2.81
CA VAL B 16 -13.18 -12.58 -1.84
C VAL B 16 -14.25 -12.79 -0.77
N ASP B 17 -15.42 -13.30 -1.15
CA ASP B 17 -16.52 -13.64 -0.26
C ASP B 17 -16.11 -14.66 0.84
N GLU B 18 -15.13 -15.52 0.57
CA GLU B 18 -14.57 -16.46 1.55
C GLU B 18 -13.39 -15.84 2.28
N VAL B 19 -12.46 -15.22 1.55
CA VAL B 19 -11.29 -14.49 2.12
C VAL B 19 -11.72 -13.51 3.23
N SER B 20 -12.83 -12.80 3.02
CA SER B 20 -13.48 -11.88 3.97
C SER B 20 -14.02 -12.56 5.25
N ASN B 21 -14.04 -13.90 5.32
CA ASN B 21 -14.38 -14.70 6.50
C ASN B 21 -13.15 -15.44 7.09
N ILE B 22 -12.17 -15.84 6.26
CA ILE B 22 -10.85 -16.33 6.73
C ILE B 22 -10.22 -15.35 7.72
N VAL B 23 -10.32 -14.04 7.46
CA VAL B 23 -9.80 -13.03 8.40
C VAL B 23 -10.49 -13.10 9.78
N LYS B 24 -11.82 -13.24 9.86
CA LYS B 24 -12.54 -13.34 11.15
C LYS B 24 -12.17 -14.61 11.91
N GLU B 25 -12.26 -15.77 11.25
CA GLU B 25 -11.92 -17.03 11.91
C GLU B 25 -10.45 -17.10 12.35
N ALA B 26 -9.54 -16.51 11.58
CA ALA B 26 -8.12 -16.43 11.94
C ALA B 26 -7.84 -15.43 13.08
N ILE B 27 -8.49 -14.26 13.10
CA ILE B 27 -8.37 -13.32 14.22
C ILE B 27 -8.81 -14.00 15.51
N GLU B 28 -10.06 -14.48 15.60
CA GLU B 28 -10.57 -15.07 16.85
C GLU B 28 -9.81 -16.34 17.29
N SER B 29 -9.26 -17.11 16.35
CA SER B 29 -8.32 -18.21 16.62
C SER B 29 -7.03 -17.70 17.30
N ALA B 30 -6.39 -16.66 16.76
CA ALA B 30 -5.19 -16.04 17.32
C ALA B 30 -5.43 -15.32 18.66
N ILE B 31 -6.63 -14.75 18.88
CA ILE B 31 -7.06 -14.14 20.15
C ILE B 31 -7.01 -15.16 21.31
N GLY B 32 -7.43 -16.40 21.08
CA GLY B 32 -7.49 -17.47 22.08
C GLY B 32 -8.77 -17.48 22.94
N GLY B 33 -9.80 -16.72 22.56
CA GLY B 33 -11.13 -16.71 23.19
C GLY B 33 -11.47 -15.47 24.04
N ASN B 34 -10.55 -14.50 24.16
CA ASN B 34 -10.80 -13.19 24.76
C ASN B 34 -11.89 -12.38 23.98
N ALA B 35 -12.47 -11.36 24.60
CA ALA B 35 -13.44 -10.44 24.01
C ALA B 35 -12.75 -9.19 23.43
N TYR B 36 -13.55 -8.16 23.12
CA TYR B 36 -13.15 -6.83 22.66
C TYR B 36 -11.97 -6.25 23.47
N GLN B 37 -10.90 -5.85 22.79
CA GLN B 37 -9.67 -5.34 23.39
C GLN B 37 -9.32 -3.90 22.97
N HIS B 38 -8.41 -3.28 23.73
CA HIS B 38 -8.03 -1.86 23.62
C HIS B 38 -6.91 -1.68 22.57
N SER B 39 -5.69 -2.11 22.90
CA SER B 39 -4.50 -2.07 22.01
C SER B 39 -4.08 -3.45 21.48
N LYS B 40 -4.52 -4.54 22.12
CA LYS B 40 -4.30 -5.93 21.65
C LYS B 40 -4.77 -6.13 20.20
N VAL B 41 -5.93 -5.56 19.86
CA VAL B 41 -6.50 -5.55 18.50
C VAL B 41 -5.57 -4.99 17.42
N ASN B 42 -4.69 -4.03 17.75
CA ASN B 42 -3.66 -3.53 16.83
C ASN B 42 -2.58 -4.58 16.54
N GLN B 43 -2.05 -5.27 17.57
CA GLN B 43 -1.13 -6.39 17.32
C GLN B 43 -1.80 -7.56 16.61
N TRP B 44 -3.13 -7.72 16.73
CA TRP B 44 -3.88 -8.80 16.08
C TRP B 44 -4.12 -8.52 14.60
N THR B 45 -4.68 -7.36 14.24
CA THR B 45 -4.86 -6.98 12.83
C THR B 45 -3.54 -7.00 12.04
N THR B 46 -2.39 -6.75 12.68
CA THR B 46 -1.09 -6.98 12.02
C THR B 46 -0.68 -8.46 12.03
N ASN B 47 -0.48 -9.10 13.20
CA ASN B 47 0.05 -10.46 13.37
C ASN B 47 -0.77 -11.54 12.62
N VAL B 48 -2.09 -11.41 12.61
CA VAL B 48 -3.00 -12.36 11.97
C VAL B 48 -2.82 -12.29 10.48
N VAL B 49 -3.15 -11.15 9.89
CA VAL B 49 -3.02 -10.85 8.46
C VAL B 49 -1.61 -11.21 7.95
N GLU B 50 -0.60 -11.13 8.81
CA GLU B 50 0.79 -11.50 8.51
C GLU B 50 0.90 -12.92 7.95
N GLN B 51 0.38 -13.90 8.70
CA GLN B 51 0.38 -15.33 8.34
C GLN B 51 -0.89 -15.76 7.60
N THR B 52 -2.04 -15.17 7.94
CA THR B 52 -3.36 -15.40 7.36
C THR B 52 -3.41 -15.07 5.88
N LEU B 53 -3.04 -13.85 5.49
CA LEU B 53 -3.03 -13.44 4.07
C LEU B 53 -2.05 -14.30 3.23
N SER B 54 -0.91 -14.66 3.83
CA SER B 54 0.01 -15.67 3.28
C SER B 54 -0.69 -17.03 3.09
N GLN B 55 -1.36 -17.57 4.11
CA GLN B 55 -2.06 -18.85 4.10
C GLN B 55 -3.15 -18.93 3.03
N LEU B 56 -4.07 -17.96 2.96
CA LEU B 56 -5.16 -17.98 1.97
C LEU B 56 -4.71 -17.82 0.51
N THR B 57 -3.59 -17.14 0.28
CA THR B 57 -2.88 -17.19 -1.01
C THR B 57 -2.50 -18.63 -1.38
N LYS B 58 -2.15 -19.46 -0.39
CA LYS B 58 -1.78 -20.86 -0.65
C LYS B 58 -2.98 -21.77 -0.85
N LEU B 59 -4.09 -21.46 -0.18
CA LEU B 59 -5.32 -22.25 -0.25
C LEU B 59 -6.04 -22.03 -1.59
N GLY B 60 -5.86 -20.85 -2.19
CA GLY B 60 -6.42 -20.44 -3.49
C GLY B 60 -5.40 -20.58 -4.63
N LYS B 61 -4.71 -19.48 -4.96
CA LYS B 61 -3.70 -19.41 -6.04
C LYS B 61 -2.46 -18.57 -5.66
N PRO B 62 -1.24 -18.95 -6.10
CA PRO B 62 -0.01 -18.22 -5.80
C PRO B 62 0.06 -16.88 -6.57
N PHE B 63 0.03 -15.76 -5.83
CA PHE B 63 0.09 -14.39 -6.36
C PHE B 63 0.74 -13.39 -5.36
N LYS B 64 0.93 -12.13 -5.76
CA LYS B 64 1.58 -11.08 -4.95
C LYS B 64 0.55 -10.24 -4.19
N TYR B 65 0.20 -10.71 -3.01
CA TYR B 65 -0.62 -9.97 -2.05
C TYR B 65 0.14 -8.82 -1.39
N ILE B 66 -0.60 -7.80 -0.95
CA ILE B 66 -0.18 -6.73 -0.05
C ILE B 66 -1.35 -6.37 0.86
N VAL B 67 -1.05 -5.86 2.05
CA VAL B 67 -2.02 -5.31 2.99
C VAL B 67 -1.48 -4.05 3.64
N THR B 68 -2.40 -3.12 3.89
CA THR B 68 -2.16 -1.84 4.57
C THR B 68 -3.31 -1.58 5.52
N CYS B 69 -3.02 -1.38 6.81
CA CYS B 69 -4.00 -0.98 7.81
C CYS B 69 -3.58 0.31 8.54
N VAL B 70 -4.58 1.15 8.81
CA VAL B 70 -4.41 2.52 9.31
C VAL B 70 -5.39 2.71 10.46
N ILE B 71 -4.84 2.84 11.67
CA ILE B 71 -5.56 2.86 12.94
C ILE B 71 -5.46 4.27 13.53
N MET B 72 -6.44 5.09 13.16
CA MET B 72 -6.53 6.50 13.56
C MET B 72 -7.41 6.68 14.79
N GLN B 73 -7.28 7.83 15.45
CA GLN B 73 -8.04 8.15 16.65
C GLN B 73 -9.50 8.51 16.34
N LYS B 74 -10.44 8.01 17.16
CA LYS B 74 -11.90 8.16 17.03
C LYS B 74 -12.42 9.58 17.38
N ASN B 75 -11.53 10.49 17.80
CA ASN B 75 -11.81 11.91 18.08
C ASN B 75 -12.47 12.67 16.90
N GLY B 76 -12.18 12.26 15.66
CA GLY B 76 -12.80 12.82 14.43
C GLY B 76 -12.05 13.99 13.79
N ALA B 77 -10.94 14.44 14.38
CA ALA B 77 -10.09 15.53 13.92
C ALA B 77 -8.60 15.22 14.10
N GLY B 78 -8.13 14.15 13.44
CA GLY B 78 -6.71 13.75 13.43
C GLY B 78 -6.41 12.50 12.62
N LEU B 79 -6.70 12.60 11.33
CA LEU B 79 -6.69 11.51 10.34
C LEU B 79 -6.57 12.11 8.93
N HIS B 80 -5.35 12.18 8.37
CA HIS B 80 -5.13 12.60 6.98
C HIS B 80 -4.32 11.51 6.26
N THR B 81 -4.94 10.66 5.45
CA THR B 81 -4.23 9.57 4.74
C THR B 81 -4.63 9.58 3.27
N ALA B 82 -3.68 9.36 2.37
CA ALA B 82 -3.92 9.35 0.93
C ALA B 82 -3.10 8.27 0.20
N SER B 83 -3.72 7.58 -0.74
CA SER B 83 -3.14 6.43 -1.44
C SER B 83 -3.52 6.44 -2.92
N SER B 84 -2.56 6.18 -3.81
CA SER B 84 -2.85 6.01 -5.25
C SER B 84 -3.35 4.59 -5.59
N CYS B 85 -3.63 3.78 -4.58
CA CYS B 85 -4.17 2.43 -4.73
C CYS B 85 -5.59 2.43 -5.33
N PHE B 86 -5.98 1.25 -5.83
CA PHE B 86 -7.26 0.98 -6.47
C PHE B 86 -7.61 -0.51 -6.35
N TRP B 87 -8.91 -0.82 -6.30
CA TRP B 87 -9.38 -2.21 -6.37
C TRP B 87 -9.34 -2.75 -7.82
N ASP B 88 -9.50 -4.05 -7.98
CA ASP B 88 -9.66 -4.71 -9.27
C ASP B 88 -10.73 -5.82 -9.20
N SER B 89 -11.41 -6.04 -10.33
CA SER B 89 -12.47 -7.05 -10.50
C SER B 89 -12.02 -8.19 -11.41
N SER B 90 -11.83 -7.91 -12.72
CA SER B 90 -11.34 -8.90 -13.69
C SER B 90 -9.82 -9.00 -13.69
N THR B 91 -9.13 -7.86 -13.57
CA THR B 91 -7.66 -7.75 -13.69
C THR B 91 -6.90 -8.48 -12.57
N ASP B 92 -7.32 -8.29 -11.32
CA ASP B 92 -6.73 -8.81 -10.08
C ASP B 92 -7.84 -9.01 -9.01
N GLY B 93 -7.48 -9.31 -7.75
CA GLY B 93 -8.41 -9.40 -6.60
C GLY B 93 -8.15 -8.35 -5.49
N SER B 94 -9.04 -8.31 -4.49
CA SER B 94 -9.01 -7.40 -3.33
C SER B 94 -9.73 -8.03 -2.12
N CYS B 95 -9.52 -7.52 -0.91
CA CYS B 95 -10.27 -7.88 0.31
C CYS B 95 -10.05 -6.87 1.46
N THR B 96 -11.08 -6.09 1.84
CA THR B 96 -10.99 -5.08 2.91
C THR B 96 -11.87 -5.44 4.12
N VAL B 97 -11.43 -5.07 5.33
CA VAL B 97 -12.04 -5.42 6.63
C VAL B 97 -12.00 -4.21 7.58
N ARG B 98 -12.95 -4.17 8.52
CA ARG B 98 -13.16 -3.06 9.48
C ARG B 98 -13.39 -3.58 10.91
N TRP B 99 -12.67 -3.02 11.88
CA TRP B 99 -12.65 -3.43 13.30
C TRP B 99 -12.63 -2.18 14.20
N GLU B 100 -13.77 -1.82 14.76
CA GLU B 100 -13.89 -0.74 15.75
C GLU B 100 -13.21 -1.10 17.08
N ASN B 101 -12.63 -0.10 17.77
CA ASN B 101 -11.92 -0.27 19.05
C ASN B 101 -12.37 0.84 20.05
N LYS B 102 -11.74 0.90 21.24
CA LYS B 102 -12.09 1.82 22.36
C LYS B 102 -12.22 3.30 21.96
N THR B 103 -11.09 3.90 21.57
CA THR B 103 -10.97 5.33 21.17
C THR B 103 -10.16 5.49 19.87
N MET B 104 -10.02 4.40 19.13
CA MET B 104 -9.41 4.31 17.79
C MET B 104 -10.26 3.38 16.91
N TYR B 105 -10.15 3.52 15.59
CA TYR B 105 -10.86 2.67 14.62
C TYR B 105 -9.87 2.04 13.64
N CYS B 106 -9.88 0.71 13.54
CA CYS B 106 -9.03 -0.04 12.61
C CYS B 106 -9.75 -0.31 11.30
N ILE B 107 -9.07 -0.01 10.19
CA ILE B 107 -9.42 -0.40 8.82
C ILE B 107 -8.20 -1.06 8.16
N VAL B 108 -8.37 -2.24 7.56
CA VAL B 108 -7.33 -3.01 6.85
C VAL B 108 -7.79 -3.32 5.44
N SER B 109 -6.98 -2.95 4.45
CA SER B 109 -7.25 -3.18 3.03
C SER B 109 -6.19 -4.08 2.40
N ALA B 110 -6.56 -5.31 2.04
CA ALA B 110 -5.76 -6.20 1.21
C ALA B 110 -6.01 -5.94 -0.29
N PHE B 111 -4.95 -6.00 -1.08
CA PHE B 111 -4.99 -6.05 -2.54
C PHE B 111 -4.21 -7.28 -3.03
N GLY B 112 -4.87 -8.12 -3.85
CA GLY B 112 -4.37 -9.43 -4.30
C GLY B 112 -3.99 -9.40 -5.78
N LEU B 113 -2.82 -8.83 -6.09
CA LEU B 113 -2.33 -8.58 -7.45
C LEU B 113 -1.85 -9.87 -8.14
N SER B 114 -2.43 -10.18 -9.30
CA SER B 114 -2.39 -11.47 -10.01
C SER B 114 -2.17 -11.30 -11.52
N ILE B 115 -0.93 -11.49 -11.99
CA ILE B 115 -0.55 -11.33 -13.42
C ILE B 115 -0.71 -12.61 -14.27
N GLY B 116 -1.07 -13.74 -13.65
CA GLY B 116 -1.21 -15.06 -14.30
C GLY B 116 -2.60 -15.39 -14.87
N GLY B 117 -3.57 -14.46 -14.79
CA GLY B 117 -4.92 -14.62 -15.35
C GLY B 117 -5.97 -15.20 -14.40
N GLY B 118 -5.71 -15.18 -13.08
CA GLY B 118 -6.66 -15.62 -12.04
C GLY B 118 -8.01 -14.87 -12.08
N SER B 119 -9.11 -15.59 -11.86
CA SER B 119 -10.50 -15.10 -11.96
C SER B 119 -11.36 -15.57 -10.76
N GLY B 120 -12.67 -15.31 -10.79
CA GLY B 120 -13.63 -15.75 -9.77
C GLY B 120 -14.39 -14.62 -9.04
N GLN B 121 -14.31 -13.39 -9.54
CA GLN B 121 -14.94 -12.18 -8.97
C GLN B 121 -16.46 -12.25 -8.76
N SER B 122 -16.98 -11.34 -7.93
CA SER B 122 -18.39 -11.20 -7.57
C SER B 122 -19.09 -10.02 -8.31
N GLY B 123 -18.44 -8.85 -8.35
CA GLY B 123 -18.95 -7.63 -8.99
C GLY B 123 -18.80 -7.61 -10.52
N PRO B 124 -19.21 -6.51 -11.18
CA PRO B 124 -19.09 -6.35 -12.63
C PRO B 124 -17.62 -6.25 -13.06
N ILE B 125 -17.28 -6.87 -14.19
CA ILE B 125 -15.93 -6.85 -14.76
C ILE B 125 -15.61 -5.52 -15.46
N LYS B 126 -14.48 -4.90 -15.11
CA LYS B 126 -13.91 -3.70 -15.75
C LYS B 126 -12.39 -3.80 -15.91
N LEU B 127 -11.87 -3.07 -16.91
CA LEU B 127 -10.45 -2.91 -17.25
C LEU B 127 -10.23 -1.47 -17.79
N GLY B 128 -9.01 -0.94 -17.64
CA GLY B 128 -8.61 0.39 -18.12
C GLY B 128 -7.76 1.15 -17.10
N MET B 129 -7.86 2.48 -17.11
CA MET B 129 -7.31 3.36 -16.07
C MET B 129 -7.96 3.13 -14.69
N ALA B 130 -7.45 3.81 -13.65
CA ALA B 130 -7.92 3.70 -12.28
C ALA B 130 -8.07 5.07 -11.60
N LYS B 131 -8.54 5.05 -10.34
CA LYS B 131 -8.82 6.22 -9.51
C LYS B 131 -7.93 6.24 -8.24
N ILE B 132 -8.06 7.30 -7.44
CA ILE B 132 -7.26 7.56 -6.23
C ILE B 132 -8.12 7.29 -4.98
N THR B 133 -7.50 6.82 -3.90
CA THR B 133 -8.16 6.46 -2.63
C THR B 133 -7.58 7.30 -1.50
N GLN B 134 -8.19 8.45 -1.24
CA GLN B 134 -7.85 9.36 -0.14
C GLN B 134 -8.94 9.35 0.94
N VAL B 135 -8.51 9.39 2.21
CA VAL B 135 -9.30 9.29 3.43
C VAL B 135 -8.81 10.35 4.44
N ASP B 136 -9.47 11.50 4.43
CA ASP B 136 -9.27 12.57 5.41
C ASP B 136 -10.60 13.10 6.00
N PHE B 137 -10.52 13.89 7.07
CA PHE B 137 -11.62 14.71 7.59
C PHE B 137 -11.55 16.14 7.01
N PRO B 138 -12.69 16.86 6.88
CA PRO B 138 -12.71 18.24 6.44
C PRO B 138 -12.09 19.18 7.51
N PRO B 139 -10.94 19.83 7.23
CA PRO B 139 -10.24 20.64 8.24
C PRO B 139 -11.01 21.93 8.58
N ARG B 140 -11.38 22.71 7.56
CA ARG B 140 -12.16 23.96 7.59
C ARG B 140 -12.65 24.31 6.17
N GLU B 141 -13.30 25.46 6.01
CA GLU B 141 -13.57 26.09 4.71
C GLU B 141 -12.71 27.35 4.53
N ILE B 142 -12.20 27.55 3.30
CA ILE B 142 -11.32 28.66 2.86
C ILE B 142 -11.71 29.17 1.46
N VAL B 143 -11.02 30.21 0.98
CA VAL B 143 -11.15 30.80 -0.38
C VAL B 143 -10.10 30.22 -1.35
N GLY A 1 11.61 -21.22 -11.27
CA GLY A 1 12.22 -19.87 -11.20
C GLY A 1 13.27 -19.68 -12.29
N SER A 2 12.85 -19.26 -13.50
CA SER A 2 13.72 -19.05 -14.66
C SER A 2 13.65 -17.64 -15.25
N MET A 3 12.62 -16.85 -14.90
CA MET A 3 12.47 -15.44 -15.30
C MET A 3 13.57 -14.53 -14.73
N GLU A 4 14.24 -14.96 -13.66
CA GLU A 4 15.44 -14.31 -13.10
C GLU A 4 16.66 -14.31 -14.04
N ASP A 5 16.71 -15.20 -15.04
CA ASP A 5 17.81 -15.30 -16.01
C ASP A 5 17.68 -14.27 -17.16
N TYR A 6 16.45 -13.79 -17.44
CA TYR A 6 16.21 -12.67 -18.35
C TYR A 6 16.63 -11.32 -17.74
N GLN A 7 17.01 -10.37 -18.60
CA GLN A 7 17.41 -9.00 -18.25
C GLN A 7 17.09 -8.02 -19.41
N ALA A 8 17.19 -6.71 -19.14
CA ALA A 8 16.94 -5.62 -20.09
C ALA A 8 18.13 -4.64 -20.19
N ALA A 9 18.04 -3.68 -21.12
CA ALA A 9 19.08 -2.67 -21.35
C ALA A 9 19.26 -1.69 -20.17
N GLU A 10 20.48 -1.16 -20.02
CA GLU A 10 20.82 -0.20 -18.94
C GLU A 10 20.06 1.13 -19.06
N GLU A 11 19.59 1.49 -20.27
CA GLU A 11 18.84 2.73 -20.55
C GLU A 11 17.35 2.69 -20.15
N THR A 12 16.73 1.50 -20.12
CA THR A 12 15.35 1.29 -19.66
C THR A 12 15.28 0.91 -18.17
N ALA A 13 16.38 0.39 -17.61
CA ALA A 13 16.57 0.20 -16.19
C ALA A 13 16.66 1.55 -15.43
N PHE A 14 15.85 1.71 -14.37
CA PHE A 14 15.90 2.85 -13.43
C PHE A 14 16.55 2.45 -12.09
N VAL A 15 16.73 3.40 -11.18
CA VAL A 15 17.26 3.18 -9.81
C VAL A 15 16.54 4.04 -8.77
N VAL A 16 16.53 3.59 -7.51
CA VAL A 16 15.97 4.30 -6.35
C VAL A 16 16.63 5.67 -6.15
N ASP A 17 17.97 5.76 -6.24
CA ASP A 17 18.72 7.00 -6.06
C ASP A 17 18.37 8.08 -7.11
N GLU A 18 17.93 7.66 -8.30
CA GLU A 18 17.42 8.52 -9.37
C GLU A 18 15.99 8.95 -9.04
N VAL A 19 15.04 8.01 -8.89
CA VAL A 19 13.62 8.25 -8.51
C VAL A 19 13.48 9.16 -7.29
N SER A 20 14.32 8.95 -6.26
CA SER A 20 14.40 9.77 -5.05
C SER A 20 14.92 11.20 -5.28
N ASN A 21 15.43 11.53 -6.48
CA ASN A 21 15.86 12.86 -6.90
C ASN A 21 14.88 13.50 -7.91
N ILE A 22 14.23 12.69 -8.79
CA ILE A 22 13.12 13.13 -9.65
C ILE A 22 12.07 13.86 -8.81
N VAL A 23 11.71 13.32 -7.64
CA VAL A 23 10.73 13.97 -6.75
C VAL A 23 11.16 15.38 -6.31
N LYS A 24 12.43 15.58 -5.90
CA LYS A 24 12.90 16.91 -5.46
C LYS A 24 12.94 17.90 -6.61
N GLU A 25 13.55 17.54 -7.74
CA GLU A 25 13.64 18.45 -8.89
C GLU A 25 12.25 18.79 -9.47
N ALA A 26 11.30 17.85 -9.44
CA ALA A 26 9.92 18.08 -9.86
C ALA A 26 9.16 19.00 -8.88
N ILE A 27 9.29 18.79 -7.56
CA ILE A 27 8.68 19.67 -6.54
C ILE A 27 9.20 21.09 -6.71
N GLU A 28 10.51 21.32 -6.65
CA GLU A 28 11.08 22.68 -6.75
C GLU A 28 10.82 23.38 -8.09
N SER A 29 10.63 22.62 -9.17
CA SER A 29 10.10 23.15 -10.44
C SER A 29 8.64 23.61 -10.28
N ALA A 30 7.76 22.76 -9.72
CA ALA A 30 6.33 23.04 -9.48
C ALA A 30 6.09 24.13 -8.41
N ILE A 31 7.00 24.36 -7.47
CA ILE A 31 6.97 25.41 -6.43
C ILE A 31 6.81 26.84 -7.02
N GLY A 32 7.33 27.03 -8.24
CA GLY A 32 7.41 28.26 -9.00
C GLY A 32 6.22 29.26 -9.02
N GLY A 33 5.04 28.88 -8.60
CA GLY A 33 3.80 29.70 -8.51
C GLY A 33 3.94 31.04 -7.79
N ASN A 34 4.65 31.11 -6.65
CA ASN A 34 4.73 32.34 -5.82
C ASN A 34 6.12 32.48 -5.11
N ALA A 35 6.21 33.40 -4.17
CA ALA A 35 7.27 33.56 -3.17
C ALA A 35 7.44 32.30 -2.27
N TYR A 36 8.24 32.40 -1.21
CA TYR A 36 8.65 31.29 -0.33
C TYR A 36 7.49 30.86 0.60
N GLN A 37 6.82 29.74 0.32
CA GLN A 37 5.62 29.26 1.05
C GLN A 37 5.79 27.84 1.64
N HIS A 38 6.30 27.73 2.87
CA HIS A 38 6.43 26.45 3.60
C HIS A 38 5.05 25.76 3.94
N SER A 39 3.94 26.48 3.87
CA SER A 39 2.58 25.97 4.05
C SER A 39 1.97 25.25 2.82
N LYS A 40 2.36 25.66 1.58
CA LYS A 40 1.91 25.10 0.29
C LYS A 40 2.27 23.63 0.08
N VAL A 41 3.17 23.07 0.87
CA VAL A 41 3.70 21.71 0.74
C VAL A 41 2.60 20.64 0.62
N ASN A 42 1.42 20.85 1.22
CA ASN A 42 0.27 19.95 1.10
C ASN A 42 -0.23 19.79 -0.35
N GLN A 43 -0.52 20.91 -1.04
CA GLN A 43 -0.93 20.84 -2.45
C GLN A 43 0.21 20.38 -3.37
N TRP A 44 1.46 20.61 -2.99
CA TRP A 44 2.64 20.26 -3.79
C TRP A 44 2.94 18.75 -3.71
N THR A 45 3.04 18.20 -2.50
CA THR A 45 3.26 16.76 -2.28
C THR A 45 2.13 15.89 -2.88
N THR A 46 0.89 16.40 -3.00
CA THR A 46 -0.14 15.71 -3.80
C THR A 46 0.03 15.95 -5.31
N ASN A 47 -0.01 17.20 -5.80
CA ASN A 47 -0.01 17.54 -7.24
C ASN A 47 1.22 17.03 -7.99
N VAL A 48 2.40 17.07 -7.38
CA VAL A 48 3.66 16.66 -8.01
C VAL A 48 3.69 15.16 -8.18
N VAL A 49 3.58 14.40 -7.09
CA VAL A 49 3.49 12.93 -7.11
C VAL A 49 2.43 12.46 -8.12
N GLU A 50 1.39 13.26 -8.35
CA GLU A 50 0.29 12.94 -9.28
C GLU A 50 0.74 12.81 -10.75
N GLN A 51 1.81 13.54 -11.15
CA GLN A 51 2.43 13.51 -12.48
C GLN A 51 3.83 12.90 -12.46
N THR A 52 4.65 13.23 -11.46
CA THR A 52 5.99 12.70 -11.19
C THR A 52 6.02 11.18 -11.07
N LEU A 53 5.19 10.60 -10.18
CA LEU A 53 5.15 9.15 -9.98
C LEU A 53 4.72 8.42 -11.29
N SER A 54 3.76 9.01 -12.01
CA SER A 54 3.38 8.55 -13.36
C SER A 54 4.57 8.58 -14.32
N GLN A 55 5.27 9.72 -14.43
CA GLN A 55 6.44 9.99 -15.28
C GLN A 55 7.61 9.03 -15.03
N LEU A 56 8.02 8.80 -13.77
CA LEU A 56 9.17 7.93 -13.47
C LEU A 56 8.93 6.44 -13.74
N THR A 57 7.68 5.98 -13.69
CA THR A 57 7.29 4.66 -14.22
C THR A 57 7.56 4.55 -15.72
N LYS A 58 7.60 5.69 -16.44
CA LYS A 58 7.90 5.73 -17.89
C LYS A 58 9.40 5.91 -18.18
N LEU A 59 10.18 6.41 -17.23
CA LEU A 59 11.66 6.30 -17.22
C LEU A 59 12.13 4.87 -16.88
N GLY A 60 11.31 4.07 -16.21
CA GLY A 60 11.51 2.64 -15.96
C GLY A 60 10.72 1.77 -16.95
N LYS A 61 10.42 0.55 -16.51
CA LYS A 61 9.54 -0.43 -17.18
C LYS A 61 8.06 -0.29 -16.75
N PRO A 62 7.10 -0.83 -17.52
CA PRO A 62 5.68 -0.86 -17.16
C PRO A 62 5.38 -1.89 -16.04
N PHE A 63 4.96 -1.41 -14.86
CA PHE A 63 4.47 -2.23 -13.74
C PHE A 63 3.42 -1.47 -12.89
N LYS A 64 2.68 -2.18 -12.04
CA LYS A 64 1.76 -1.62 -11.01
C LYS A 64 2.55 -1.05 -9.81
N TYR A 65 2.87 0.25 -9.83
CA TYR A 65 3.30 0.98 -8.62
C TYR A 65 2.15 1.12 -7.61
N ILE A 66 2.49 1.43 -6.36
CA ILE A 66 1.58 1.94 -5.32
C ILE A 66 2.26 3.12 -4.61
N VAL A 67 1.46 4.07 -4.12
CA VAL A 67 1.89 5.07 -3.14
C VAL A 67 0.84 5.28 -2.06
N THR A 68 1.30 5.59 -0.85
CA THR A 68 0.48 6.07 0.26
C THR A 68 1.21 7.18 1.02
N CYS A 69 0.46 8.05 1.73
CA CYS A 69 0.98 9.11 2.58
C CYS A 69 0.10 9.31 3.83
N VAL A 70 0.75 9.69 4.94
CA VAL A 70 0.12 9.86 6.26
C VAL A 70 0.41 11.28 6.73
N ILE A 71 -0.66 12.02 7.06
CA ILE A 71 -0.72 13.46 7.33
C ILE A 71 -1.21 13.63 8.79
N MET A 72 -0.31 14.13 9.65
CA MET A 72 -0.52 14.28 11.10
C MET A 72 0.08 15.60 11.62
N GLN A 73 -0.53 16.20 12.63
CA GLN A 73 -0.19 17.54 13.14
C GLN A 73 0.78 17.48 14.35
N LYS A 74 1.86 18.28 14.29
CA LYS A 74 2.99 18.28 15.24
C LYS A 74 2.65 18.85 16.64
N ASN A 75 1.47 19.45 16.79
CA ASN A 75 0.92 20.02 18.04
C ASN A 75 0.82 19.01 19.20
N GLY A 76 0.80 17.69 18.90
CA GLY A 76 0.76 16.61 19.87
C GLY A 76 -0.19 15.46 19.53
N ALA A 77 -0.93 15.55 18.41
CA ALA A 77 -1.73 14.43 17.89
C ALA A 77 -0.83 13.23 17.49
N GLY A 78 -1.41 12.02 17.47
CA GLY A 78 -0.70 10.78 17.16
C GLY A 78 -1.63 9.64 16.77
N LEU A 79 -1.09 8.63 16.09
CA LEU A 79 -1.83 7.49 15.49
C LEU A 79 -1.00 6.20 15.47
N HIS A 80 -1.63 5.05 15.16
CA HIS A 80 -0.92 3.80 14.89
C HIS A 80 -1.26 3.26 13.49
N THR A 81 -0.26 2.87 12.71
CA THR A 81 -0.41 2.28 11.37
C THR A 81 0.58 1.13 11.20
N ALA A 82 0.19 0.09 10.46
CA ALA A 82 1.05 -1.05 10.16
C ALA A 82 0.76 -1.62 8.76
N SER A 83 1.79 -2.13 8.09
CA SER A 83 1.66 -2.72 6.75
C SER A 83 2.65 -3.85 6.51
N SER A 84 2.27 -4.80 5.65
CA SER A 84 3.11 -5.94 5.29
C SER A 84 4.19 -5.59 4.25
N CYS A 85 4.39 -4.30 3.96
CA CYS A 85 5.47 -3.82 3.10
C CYS A 85 6.87 -4.11 3.70
N PHE A 86 7.89 -3.81 2.89
CA PHE A 86 9.30 -3.83 3.23
C PHE A 86 10.11 -3.05 2.18
N TRP A 87 11.27 -2.53 2.57
CA TRP A 87 12.23 -1.86 1.67
C TRP A 87 12.99 -2.89 0.83
N ASP A 88 13.35 -2.53 -0.41
CA ASP A 88 13.98 -3.46 -1.37
C ASP A 88 14.73 -2.75 -2.52
N SER A 89 15.98 -2.30 -2.28
CA SER A 89 16.81 -1.61 -3.29
C SER A 89 17.17 -2.50 -4.49
N SER A 90 17.91 -3.59 -4.24
CA SER A 90 18.37 -4.56 -5.23
C SER A 90 17.47 -5.81 -5.33
N THR A 91 16.54 -5.97 -4.39
CA THR A 91 15.58 -7.07 -4.33
C THR A 91 14.42 -6.90 -5.33
N ASP A 92 13.80 -5.70 -5.39
CA ASP A 92 12.60 -5.47 -6.22
C ASP A 92 12.36 -4.00 -6.68
N GLY A 93 12.42 -2.99 -5.80
CA GLY A 93 12.23 -1.57 -6.12
C GLY A 93 11.24 -0.81 -5.21
N SER A 94 11.77 0.12 -4.39
CA SER A 94 10.99 1.04 -3.54
C SER A 94 11.66 2.42 -3.39
N CYS A 95 10.93 3.43 -2.93
CA CYS A 95 11.40 4.79 -2.61
C CYS A 95 10.47 5.48 -1.60
N THR A 96 10.96 6.37 -0.73
CA THR A 96 10.14 7.10 0.25
C THR A 96 10.61 8.55 0.42
N VAL A 97 9.69 9.49 0.61
CA VAL A 97 9.95 10.94 0.51
C VAL A 97 9.28 11.67 1.67
N ARG A 98 10.11 12.12 2.61
CA ARG A 98 9.67 12.87 3.81
C ARG A 98 9.66 14.39 3.58
N TRP A 99 8.52 15.02 3.80
CA TRP A 99 8.33 16.48 3.76
C TRP A 99 7.58 16.98 5.00
N GLU A 100 8.05 18.10 5.56
CA GLU A 100 7.44 18.83 6.67
C GLU A 100 6.59 20.03 6.16
N ASN A 101 5.73 20.57 7.03
CA ASN A 101 4.82 21.68 6.76
C ASN A 101 4.79 22.66 7.95
N LYS A 102 4.00 23.73 7.89
CA LYS A 102 3.88 24.83 8.85
C LYS A 102 3.66 24.38 10.31
N THR A 103 2.70 23.48 10.53
CA THR A 103 2.36 22.90 11.85
C THR A 103 2.12 21.38 11.81
N MET A 104 2.27 20.76 10.64
CA MET A 104 2.04 19.33 10.38
C MET A 104 3.19 18.70 9.59
N TYR A 105 3.12 17.40 9.36
CA TYR A 105 4.05 16.65 8.52
C TYR A 105 3.29 15.66 7.61
N CYS A 106 3.83 15.44 6.41
CA CYS A 106 3.14 14.83 5.28
C CYS A 106 4.09 13.92 4.47
N ILE A 107 4.47 12.79 5.08
CA ILE A 107 5.41 11.81 4.49
C ILE A 107 4.70 10.91 3.45
N VAL A 108 5.36 10.62 2.32
CA VAL A 108 4.85 9.77 1.23
C VAL A 108 5.80 8.60 0.93
N SER A 109 5.24 7.45 0.57
CA SER A 109 5.92 6.16 0.51
C SER A 109 5.52 5.38 -0.75
N ALA A 110 6.48 5.04 -1.60
CA ALA A 110 6.29 4.34 -2.88
C ALA A 110 6.91 2.94 -2.89
N PHE A 111 6.18 1.98 -3.43
CA PHE A 111 6.59 0.58 -3.57
C PHE A 111 6.27 0.12 -5.01
N GLY A 112 7.30 -0.24 -5.78
CA GLY A 112 7.25 -0.37 -7.24
C GLY A 112 8.11 -1.52 -7.75
N LEU A 113 7.62 -2.75 -7.52
CA LEU A 113 8.39 -3.99 -7.64
C LEU A 113 8.61 -4.37 -9.12
N SER A 114 9.83 -4.47 -9.58
CA SER A 114 10.19 -4.51 -11.00
C SER A 114 11.33 -5.49 -11.32
N ILE A 115 10.97 -6.79 -11.40
CA ILE A 115 11.87 -7.92 -11.78
C ILE A 115 12.50 -7.78 -13.16
N GLY A 116 12.07 -6.89 -14.01
CA GLY A 116 12.57 -6.65 -15.37
C GLY A 116 13.81 -5.75 -15.46
N GLY A 117 14.33 -5.27 -14.31
CA GLY A 117 15.58 -4.49 -14.23
C GLY A 117 15.51 -3.22 -13.37
N GLY A 118 14.44 -2.98 -12.61
CA GLY A 118 14.26 -1.77 -11.79
C GLY A 118 14.96 -1.78 -10.43
N SER A 119 15.95 -2.65 -10.26
CA SER A 119 16.53 -3.08 -8.99
C SER A 119 18.01 -2.71 -8.87
N GLY A 120 18.32 -1.43 -8.71
CA GLY A 120 19.69 -0.91 -8.50
C GLY A 120 20.56 -0.80 -9.76
N GLN A 121 20.03 -1.14 -10.94
CA GLN A 121 20.80 -1.39 -12.17
C GLN A 121 21.26 -0.11 -12.92
N SER A 122 22.12 0.67 -12.28
CA SER A 122 22.86 1.78 -12.89
C SER A 122 24.10 2.24 -12.10
N GLY A 123 24.26 1.76 -10.86
CA GLY A 123 25.37 2.05 -9.94
C GLY A 123 25.59 0.90 -8.94
N PRO A 124 26.42 1.09 -7.90
CA PRO A 124 26.69 0.06 -6.91
C PRO A 124 25.46 -0.22 -6.02
N ILE A 125 25.21 -1.51 -5.75
CA ILE A 125 24.21 -1.98 -4.78
C ILE A 125 24.74 -1.88 -3.33
N LYS A 126 23.84 -2.03 -2.35
CA LYS A 126 24.14 -2.10 -0.91
C LYS A 126 23.32 -3.20 -0.20
N LEU A 127 23.63 -3.46 1.07
CA LEU A 127 22.86 -4.35 1.95
C LEU A 127 21.44 -3.82 2.23
N GLY A 128 20.59 -4.67 2.80
CA GLY A 128 19.21 -4.36 3.16
C GLY A 128 18.56 -5.43 4.05
N MET A 129 17.27 -5.25 4.33
CA MET A 129 16.41 -6.16 5.10
C MET A 129 15.03 -6.28 4.46
N ALA A 130 14.25 -7.29 4.84
CA ALA A 130 12.88 -7.52 4.37
C ALA A 130 11.94 -7.93 5.50
N LYS A 131 11.51 -6.95 6.31
CA LYS A 131 10.56 -7.14 7.41
C LYS A 131 9.39 -6.13 7.35
N ILE A 132 8.32 -6.43 8.08
CA ILE A 132 7.05 -5.68 8.20
C ILE A 132 7.30 -4.17 8.48
N THR A 133 6.54 -3.30 7.82
CA THR A 133 6.63 -1.83 7.94
C THR A 133 5.54 -1.28 8.85
N GLN A 134 5.85 -1.16 10.14
CA GLN A 134 5.03 -0.41 11.11
C GLN A 134 5.45 1.08 11.17
N VAL A 135 4.49 1.94 11.49
CA VAL A 135 4.63 3.39 11.66
C VAL A 135 3.65 3.86 12.76
N ASP A 136 4.17 4.12 13.95
CA ASP A 136 3.41 4.68 15.07
C ASP A 136 4.16 5.85 15.71
N PHE A 137 3.44 6.96 15.89
CA PHE A 137 3.91 8.19 16.54
C PHE A 137 2.91 8.57 17.64
N PRO A 138 3.10 8.09 18.89
CA PRO A 138 2.22 8.43 20.02
C PRO A 138 2.40 9.91 20.46
N PRO A 139 1.48 10.45 21.28
CA PRO A 139 1.54 11.84 21.73
C PRO A 139 2.78 12.14 22.59
N ARG A 140 2.96 11.38 23.68
CA ARG A 140 4.03 11.42 24.69
C ARG A 140 4.00 10.13 25.52
N GLU A 141 5.02 9.91 26.34
CA GLU A 141 4.99 8.91 27.43
C GLU A 141 4.10 9.40 28.59
N ILE A 142 3.26 8.53 29.13
CA ILE A 142 2.34 8.78 30.26
C ILE A 142 2.35 7.60 31.26
N VAL A 143 1.81 7.83 32.47
CA VAL A 143 1.61 6.83 33.54
C VAL A 143 0.34 6.00 33.28
N GLY B 1 -0.98 -5.55 -26.08
CA GLY B 1 -1.83 -6.15 -25.03
C GLY B 1 -2.48 -7.43 -25.53
N SER B 2 -1.79 -8.56 -25.36
CA SER B 2 -2.23 -9.91 -25.78
C SER B 2 -2.33 -10.92 -24.63
N MET B 3 -1.72 -10.62 -23.47
CA MET B 3 -1.80 -11.44 -22.25
C MET B 3 -3.23 -11.53 -21.68
N GLU B 4 -4.10 -10.59 -22.03
CA GLU B 4 -5.55 -10.63 -21.74
C GLU B 4 -6.31 -11.79 -22.41
N ASP B 5 -5.77 -12.36 -23.49
CA ASP B 5 -6.38 -13.49 -24.22
C ASP B 5 -6.10 -14.85 -23.55
N TYR B 6 -5.03 -14.97 -22.76
CA TYR B 6 -4.77 -16.12 -21.89
C TYR B 6 -5.73 -16.16 -20.68
N GLN B 7 -5.98 -17.37 -20.18
CA GLN B 7 -6.84 -17.65 -19.02
C GLN B 7 -6.39 -18.93 -18.29
N ALA B 8 -6.94 -19.19 -17.10
CA ALA B 8 -6.66 -20.34 -16.24
C ALA B 8 -7.93 -21.12 -15.84
N ALA B 9 -7.77 -22.25 -15.15
CA ALA B 9 -8.86 -23.09 -14.67
C ALA B 9 -9.71 -22.40 -13.58
N GLU B 10 -10.98 -22.80 -13.47
CA GLU B 10 -11.91 -22.25 -12.47
C GLU B 10 -11.50 -22.63 -11.03
N GLU B 11 -10.81 -23.75 -10.84
CA GLU B 11 -10.38 -24.26 -9.52
C GLU B 11 -9.18 -23.51 -8.91
N THR B 12 -8.32 -22.90 -9.73
CA THR B 12 -7.20 -22.05 -9.28
C THR B 12 -7.57 -20.57 -9.18
N ALA B 13 -8.64 -20.15 -9.85
CA ALA B 13 -9.21 -18.80 -9.76
C ALA B 13 -10.01 -18.60 -8.45
N PHE B 14 -9.53 -17.69 -7.59
CA PHE B 14 -10.22 -17.24 -6.37
C PHE B 14 -11.24 -16.11 -6.66
N VAL B 15 -11.94 -15.62 -5.62
CA VAL B 15 -12.78 -14.41 -5.71
C VAL B 15 -12.77 -13.58 -4.41
N VAL B 16 -13.06 -12.29 -4.51
CA VAL B 16 -13.19 -11.33 -3.39
C VAL B 16 -14.23 -11.78 -2.37
N ASP B 17 -15.41 -12.26 -2.81
CA ASP B 17 -16.48 -12.73 -1.93
C ASP B 17 -16.08 -13.98 -1.10
N GLU B 18 -15.13 -14.77 -1.62
CA GLU B 18 -14.51 -15.90 -0.92
C GLU B 18 -13.45 -15.39 0.07
N VAL B 19 -12.42 -14.67 -0.41
CA VAL B 19 -11.33 -14.05 0.40
C VAL B 19 -11.87 -13.25 1.59
N SER B 20 -12.93 -12.46 1.37
CA SER B 20 -13.63 -11.68 2.37
C SER B 20 -14.39 -12.53 3.41
N ASN B 21 -14.51 -13.84 3.22
CA ASN B 21 -15.08 -14.81 4.16
C ASN B 21 -14.01 -15.70 4.82
N ILE B 22 -12.90 -16.02 4.11
CA ILE B 22 -11.70 -16.68 4.67
C ILE B 22 -11.24 -15.92 5.92
N VAL B 23 -11.19 -14.59 5.87
CA VAL B 23 -10.81 -13.77 7.02
C VAL B 23 -11.71 -13.97 8.25
N LYS B 24 -13.05 -14.00 8.08
CA LYS B 24 -13.97 -14.19 9.22
C LYS B 24 -13.85 -15.60 9.80
N GLU B 25 -13.90 -16.64 8.97
CA GLU B 25 -13.80 -18.02 9.46
C GLU B 25 -12.43 -18.31 10.12
N ALA B 26 -11.35 -17.70 9.63
CA ALA B 26 -10.02 -17.80 10.23
C ALA B 26 -9.92 -17.06 11.56
N ILE B 27 -10.45 -15.82 11.66
CA ILE B 27 -10.49 -15.07 12.93
C ILE B 27 -11.26 -15.86 13.99
N GLU B 28 -12.52 -16.22 13.73
CA GLU B 28 -13.34 -16.93 14.72
C GLU B 28 -12.82 -18.33 15.10
N SER B 29 -12.06 -18.98 14.22
CA SER B 29 -11.26 -20.17 14.56
C SER B 29 -10.12 -19.83 15.54
N ALA B 30 -9.32 -18.79 15.23
CA ALA B 30 -8.21 -18.31 16.06
C ALA B 30 -8.65 -17.66 17.40
N ILE B 31 -9.86 -17.14 17.51
CA ILE B 31 -10.48 -16.55 18.73
C ILE B 31 -10.48 -17.56 19.92
N GLY B 32 -10.56 -18.85 19.61
CA GLY B 32 -10.67 -20.00 20.49
C GLY B 32 -9.84 -20.06 21.80
N GLY B 33 -8.84 -19.24 22.00
CA GLY B 33 -7.97 -19.14 23.18
C GLY B 33 -8.68 -19.00 24.52
N ASN B 34 -9.75 -18.20 24.63
CA ASN B 34 -10.44 -17.90 25.92
C ASN B 34 -11.97 -17.67 25.73
N ALA B 35 -12.63 -17.18 26.76
CA ALA B 35 -13.98 -16.61 26.78
C ALA B 35 -14.13 -15.40 25.82
N TYR B 36 -15.26 -14.69 25.90
CA TYR B 36 -15.67 -13.62 24.99
C TYR B 36 -14.86 -12.33 25.24
N GLN B 37 -13.86 -12.03 24.40
CA GLN B 37 -12.92 -10.89 24.56
C GLN B 37 -12.91 -9.93 23.36
N HIS B 38 -13.79 -8.92 23.35
CA HIS B 38 -13.82 -7.87 22.31
C HIS B 38 -12.52 -7.00 22.25
N SER B 39 -11.72 -6.96 23.31
CA SER B 39 -10.45 -6.25 23.41
C SER B 39 -9.25 -6.95 22.73
N LYS B 40 -9.28 -8.30 22.64
CA LYS B 40 -8.23 -9.14 21.99
C LYS B 40 -8.06 -8.90 20.50
N VAL B 41 -9.01 -8.26 19.84
CA VAL B 41 -9.05 -8.04 18.39
C VAL B 41 -7.75 -7.48 17.78
N ASN B 42 -6.96 -6.70 18.54
CA ASN B 42 -5.67 -6.18 18.10
C ASN B 42 -4.66 -7.32 17.78
N GLN B 43 -4.45 -8.26 18.71
CA GLN B 43 -3.56 -9.40 18.44
C GLN B 43 -4.14 -10.36 17.37
N TRP B 44 -5.48 -10.40 17.23
CA TRP B 44 -6.17 -11.29 16.29
C TRP B 44 -6.07 -10.76 14.85
N THR B 45 -6.45 -9.50 14.62
CA THR B 45 -6.36 -8.84 13.31
C THR B 45 -4.93 -8.79 12.77
N THR B 46 -3.90 -8.77 13.64
CA THR B 46 -2.51 -8.99 13.18
C THR B 46 -2.19 -10.48 12.96
N ASN B 47 -2.29 -11.35 13.97
CA ASN B 47 -1.86 -12.76 13.91
C ASN B 47 -2.57 -13.57 12.83
N VAL B 48 -3.86 -13.33 12.61
CA VAL B 48 -4.68 -14.05 11.62
C VAL B 48 -4.27 -13.69 10.23
N VAL B 49 -4.36 -12.41 9.86
CA VAL B 49 -3.90 -11.88 8.56
C VAL B 49 -2.46 -12.36 8.27
N GLU B 50 -1.64 -12.57 9.30
CA GLU B 50 -0.24 -13.02 9.16
C GLU B 50 -0.09 -14.42 8.53
N GLN B 51 -1.09 -15.29 8.69
CA GLN B 51 -1.18 -16.64 8.12
C GLN B 51 -2.29 -16.76 7.06
N THR B 52 -3.47 -16.19 7.32
CA THR B 52 -4.63 -16.10 6.43
C THR B 52 -4.32 -15.45 5.09
N LEU B 53 -3.74 -14.25 5.10
CA LEU B 53 -3.42 -13.55 3.85
C LEU B 53 -2.39 -14.34 3.02
N SER B 54 -1.41 -14.95 3.69
CA SER B 54 -0.46 -15.89 3.08
C SER B 54 -1.20 -17.09 2.44
N GLN B 55 -2.08 -17.76 3.19
CA GLN B 55 -2.88 -18.92 2.79
C GLN B 55 -3.78 -18.66 1.58
N LEU B 56 -4.55 -17.56 1.55
CA LEU B 56 -5.47 -17.28 0.44
C LEU B 56 -4.78 -16.93 -0.88
N THR B 57 -3.55 -16.41 -0.84
CA THR B 57 -2.69 -16.30 -2.03
C THR B 57 -2.37 -17.68 -2.61
N LYS B 58 -2.41 -18.74 -1.79
CA LYS B 58 -2.18 -20.13 -2.23
C LYS B 58 -3.46 -20.84 -2.69
N LEU B 59 -4.63 -20.36 -2.27
CA LEU B 59 -5.93 -20.68 -2.88
C LEU B 59 -6.14 -19.99 -4.25
N GLY B 60 -5.43 -18.89 -4.51
CA GLY B 60 -5.37 -18.19 -5.79
C GLY B 60 -4.09 -18.53 -6.57
N LYS B 61 -3.68 -17.59 -7.43
CA LYS B 61 -2.42 -17.60 -8.17
C LYS B 61 -1.30 -16.82 -7.43
N PRO B 62 -0.01 -17.12 -7.72
CA PRO B 62 1.14 -16.44 -7.11
C PRO B 62 1.28 -14.99 -7.62
N PHE B 63 1.07 -14.01 -6.73
CA PHE B 63 1.33 -12.58 -6.99
C PHE B 63 1.78 -11.84 -5.71
N LYS B 64 2.43 -10.70 -5.89
CA LYS B 64 2.78 -9.70 -4.85
C LYS B 64 1.53 -8.98 -4.30
N TYR B 65 0.80 -9.64 -3.38
CA TYR B 65 -0.18 -8.94 -2.53
C TYR B 65 0.51 -7.87 -1.67
N ILE B 66 -0.29 -6.91 -1.21
CA ILE B 66 0.04 -5.95 -0.15
C ILE B 66 -1.16 -5.81 0.78
N VAL B 67 -0.88 -5.44 2.02
CA VAL B 67 -1.88 -5.05 3.01
C VAL B 67 -1.34 -3.90 3.85
N THR B 68 -2.26 -3.03 4.28
CA THR B 68 -2.01 -2.00 5.28
C THR B 68 -3.23 -1.91 6.23
N CYS B 69 -3.03 -1.40 7.44
CA CYS B 69 -4.07 -1.15 8.42
C CYS B 69 -3.79 0.12 9.26
N VAL B 70 -4.86 0.74 9.75
CA VAL B 70 -4.83 1.99 10.51
C VAL B 70 -5.63 1.80 11.80
N ILE B 71 -5.01 2.15 12.93
CA ILE B 71 -5.45 1.95 14.31
C ILE B 71 -5.57 3.34 14.95
N MET B 72 -6.81 3.72 15.30
CA MET B 72 -7.19 5.03 15.86
C MET B 72 -8.25 4.87 16.96
N GLN B 73 -8.23 5.75 17.96
CA GLN B 73 -9.04 5.67 19.18
C GLN B 73 -10.31 6.54 19.09
N LYS B 74 -11.48 5.93 19.38
CA LYS B 74 -12.82 6.50 19.24
C LYS B 74 -13.15 7.64 20.24
N ASN B 75 -12.29 7.86 21.23
CA ASN B 75 -12.38 8.89 22.26
C ASN B 75 -12.49 10.34 21.73
N GLY B 76 -12.05 10.58 20.48
CA GLY B 76 -12.14 11.86 19.78
C GLY B 76 -10.89 12.28 19.00
N ALA B 77 -9.80 11.49 19.06
CA ALA B 77 -8.64 11.66 18.19
C ALA B 77 -8.98 11.38 16.70
N GLY B 78 -8.09 11.81 15.79
CA GLY B 78 -8.29 11.69 14.34
C GLY B 78 -7.06 12.11 13.52
N LEU B 79 -7.01 11.71 12.25
CA LEU B 79 -5.85 11.87 11.35
C LEU B 79 -6.26 11.98 9.86
N HIS B 80 -5.30 12.29 8.97
CA HIS B 80 -5.52 12.29 7.51
C HIS B 80 -4.57 11.30 6.81
N THR B 81 -5.08 10.48 5.88
CA THR B 81 -4.29 9.56 5.04
C THR B 81 -4.80 9.57 3.61
N ALA B 82 -3.91 9.40 2.64
CA ALA B 82 -4.27 9.30 1.23
C ALA B 82 -3.37 8.31 0.49
N SER B 83 -3.93 7.60 -0.51
CA SER B 83 -3.19 6.64 -1.33
C SER B 83 -3.71 6.56 -2.76
N SER B 84 -2.82 6.22 -3.69
CA SER B 84 -3.17 6.04 -5.12
C SER B 84 -3.82 4.68 -5.40
N CYS B 85 -4.21 3.94 -4.36
CA CYS B 85 -5.01 2.72 -4.50
C CYS B 85 -6.41 3.00 -5.10
N PHE B 86 -7.13 1.92 -5.38
CA PHE B 86 -8.53 1.88 -5.79
C PHE B 86 -9.09 0.48 -5.59
N TRP B 87 -10.41 0.35 -5.45
CA TRP B 87 -11.11 -0.93 -5.46
C TRP B 87 -11.15 -1.50 -6.89
N ASP B 88 -10.92 -2.80 -7.03
CA ASP B 88 -11.04 -3.54 -8.28
C ASP B 88 -11.54 -4.98 -8.05
N SER B 89 -12.82 -5.23 -8.37
CA SER B 89 -13.41 -6.58 -8.31
C SER B 89 -13.00 -7.42 -9.53
N SER B 90 -13.60 -7.15 -10.70
CA SER B 90 -13.34 -7.87 -11.95
C SER B 90 -12.15 -7.30 -12.73
N THR B 91 -11.73 -6.06 -12.43
CA THR B 91 -10.62 -5.34 -13.06
C THR B 91 -9.26 -5.94 -12.72
N ASP B 92 -9.03 -6.33 -11.46
CA ASP B 92 -7.78 -6.97 -10.99
C ASP B 92 -7.99 -7.90 -9.77
N GLY B 93 -8.14 -7.36 -8.55
CA GLY B 93 -8.25 -8.15 -7.31
C GLY B 93 -7.95 -7.36 -6.02
N SER B 94 -9.01 -7.03 -5.26
CA SER B 94 -8.93 -6.33 -3.97
C SER B 94 -9.88 -6.92 -2.90
N CYS B 95 -9.63 -6.62 -1.64
CA CYS B 95 -10.51 -6.94 -0.49
C CYS B 95 -10.22 -5.98 0.68
N THR B 96 -11.19 -5.75 1.59
CA THR B 96 -10.99 -4.91 2.79
C THR B 96 -11.85 -5.41 3.95
N VAL B 97 -11.35 -5.30 5.18
CA VAL B 97 -11.93 -5.93 6.38
C VAL B 97 -11.94 -4.95 7.55
N ARG B 98 -13.13 -4.63 8.05
CA ARG B 98 -13.35 -3.67 9.14
C ARG B 98 -13.72 -4.37 10.45
N TRP B 99 -12.93 -4.11 11.50
CA TRP B 99 -13.13 -4.60 12.86
C TRP B 99 -13.04 -3.46 13.88
N GLU B 100 -13.93 -3.50 14.88
CA GLU B 100 -13.98 -2.58 16.02
C GLU B 100 -13.40 -3.22 17.30
N ASN B 101 -13.01 -2.38 18.27
CA ASN B 101 -12.34 -2.75 19.52
C ASN B 101 -13.01 -2.02 20.71
N LYS B 102 -12.55 -2.27 21.95
CA LYS B 102 -13.05 -1.76 23.22
C LYS B 102 -13.24 -0.24 23.27
N THR B 103 -12.23 0.51 22.83
CA THR B 103 -12.22 2.00 22.76
C THR B 103 -11.62 2.55 21.45
N MET B 104 -11.18 1.66 20.55
CA MET B 104 -10.52 1.99 19.28
C MET B 104 -11.13 1.22 18.10
N TYR B 105 -10.63 1.46 16.90
CA TYR B 105 -10.98 0.73 15.68
C TYR B 105 -9.73 0.43 14.85
N CYS B 106 -9.74 -0.71 14.16
CA CYS B 106 -8.55 -1.35 13.57
C CYS B 106 -8.89 -1.96 12.19
N ILE B 107 -9.10 -1.10 11.19
CA ILE B 107 -9.46 -1.49 9.81
C ILE B 107 -8.23 -1.91 9.00
N VAL B 108 -8.35 -2.95 8.17
CA VAL B 108 -7.29 -3.49 7.30
C VAL B 108 -7.78 -3.57 5.85
N SER B 109 -6.91 -3.22 4.90
CA SER B 109 -7.20 -3.22 3.46
C SER B 109 -6.13 -3.95 2.66
N ALA B 110 -6.54 -4.73 1.66
CA ALA B 110 -5.70 -5.64 0.87
C ALA B 110 -5.86 -5.42 -0.65
N PHE B 111 -4.73 -5.47 -1.34
CA PHE B 111 -4.65 -5.32 -2.80
C PHE B 111 -3.75 -6.44 -3.36
N GLY B 112 -4.37 -7.39 -4.06
CA GLY B 112 -3.77 -8.62 -4.57
C GLY B 112 -4.13 -8.82 -6.05
N LEU B 113 -3.60 -7.92 -6.88
CA LEU B 113 -3.97 -7.77 -8.29
C LEU B 113 -3.64 -9.03 -9.10
N SER B 114 -4.50 -9.39 -10.06
CA SER B 114 -4.33 -10.64 -10.83
C SER B 114 -4.94 -10.57 -12.22
N ILE B 115 -4.15 -10.95 -13.23
CA ILE B 115 -4.51 -10.99 -14.67
C ILE B 115 -4.57 -12.42 -15.24
N GLY B 116 -4.16 -13.43 -14.46
CA GLY B 116 -4.15 -14.86 -14.82
C GLY B 116 -5.31 -15.66 -14.21
N GLY B 117 -6.40 -14.99 -13.80
CA GLY B 117 -7.54 -15.59 -13.11
C GLY B 117 -7.67 -15.12 -11.66
N GLY B 118 -7.80 -13.80 -11.48
CA GLY B 118 -8.13 -13.16 -10.20
C GLY B 118 -9.64 -13.13 -9.93
N SER B 119 -10.06 -12.23 -9.03
CA SER B 119 -11.47 -11.97 -8.73
C SER B 119 -12.32 -11.70 -9.98
N GLY B 120 -13.60 -12.09 -9.91
CA GLY B 120 -14.55 -12.07 -11.05
C GLY B 120 -14.66 -13.38 -11.83
N GLN B 121 -13.96 -14.45 -11.41
CA GLN B 121 -13.91 -15.76 -12.10
C GLN B 121 -14.38 -16.94 -11.22
N SER B 122 -15.60 -16.85 -10.70
CA SER B 122 -16.28 -17.96 -10.01
C SER B 122 -17.81 -17.77 -9.87
N GLY B 123 -18.26 -16.52 -9.84
CA GLY B 123 -19.67 -16.08 -9.78
C GLY B 123 -19.91 -14.79 -10.59
N PRO B 124 -21.11 -14.19 -10.50
CA PRO B 124 -21.46 -13.00 -11.29
C PRO B 124 -20.65 -11.76 -10.89
N ILE B 125 -20.21 -11.00 -11.89
CA ILE B 125 -19.54 -9.69 -11.71
C ILE B 125 -20.56 -8.58 -11.43
N LYS B 126 -20.07 -7.41 -11.00
CA LYS B 126 -20.84 -6.17 -10.79
C LYS B 126 -20.09 -4.92 -11.31
N LEU B 127 -20.75 -3.76 -11.31
CA LEU B 127 -20.14 -2.45 -11.60
C LEU B 127 -19.10 -2.04 -10.54
N GLY B 128 -18.31 -1.01 -10.87
CA GLY B 128 -17.26 -0.47 -10.00
C GLY B 128 -16.72 0.87 -10.50
N MET B 129 -15.69 1.37 -9.80
CA MET B 129 -14.94 2.60 -10.11
C MET B 129 -13.43 2.40 -9.90
N ALA B 130 -12.62 3.32 -10.42
CA ALA B 130 -11.16 3.33 -10.24
C ALA B 130 -10.62 4.74 -9.99
N LYS B 131 -10.78 5.24 -8.76
CA LYS B 131 -10.27 6.54 -8.32
C LYS B 131 -9.46 6.43 -7.01
N ILE B 132 -8.68 7.48 -6.72
CA ILE B 132 -7.77 7.64 -5.56
C ILE B 132 -8.47 7.31 -4.23
N THR B 133 -7.80 6.56 -3.35
CA THR B 133 -8.30 6.15 -2.03
C THR B 133 -7.77 7.10 -0.93
N GLN B 134 -8.50 8.18 -0.69
CA GLN B 134 -8.34 9.00 0.52
C GLN B 134 -9.16 8.44 1.68
N VAL B 135 -8.69 8.65 2.91
CA VAL B 135 -9.33 8.25 4.17
C VAL B 135 -8.92 9.23 5.28
N ASP B 136 -9.85 10.07 5.70
CA ASP B 136 -9.68 11.02 6.79
C ASP B 136 -10.88 10.99 7.75
N PHE B 137 -10.58 10.94 9.04
CA PHE B 137 -11.55 10.98 10.14
C PHE B 137 -11.13 12.09 11.12
N PRO B 138 -11.62 13.34 10.93
CA PRO B 138 -11.31 14.46 11.83
C PRO B 138 -11.99 14.29 13.21
N PRO B 139 -11.59 15.08 14.23
CA PRO B 139 -12.15 14.98 15.58
C PRO B 139 -13.64 15.33 15.65
N ARG B 140 -14.00 16.53 15.16
CA ARG B 140 -15.34 17.15 15.07
C ARG B 140 -15.28 18.35 14.13
N GLU B 141 -16.45 18.91 13.79
CA GLU B 141 -16.54 20.24 13.18
C GLU B 141 -16.30 21.35 14.23
N ILE B 142 -15.50 22.36 13.87
CA ILE B 142 -15.14 23.52 14.70
C ILE B 142 -15.21 24.84 13.90
N VAL B 143 -15.23 25.98 14.60
CA VAL B 143 -15.17 27.35 14.03
C VAL B 143 -13.73 27.71 13.63
N GLY A 1 15.35 -18.21 -18.13
CA GLY A 1 16.23 -17.49 -19.08
C GLY A 1 17.58 -18.18 -19.20
N SER A 2 18.01 -18.51 -20.42
CA SER A 2 19.32 -19.10 -20.73
C SER A 2 20.47 -18.10 -20.49
N MET A 3 21.71 -18.59 -20.38
CA MET A 3 22.92 -17.75 -20.22
C MET A 3 23.02 -16.66 -21.29
N GLU A 4 22.88 -17.02 -22.58
CA GLU A 4 22.93 -16.06 -23.69
C GLU A 4 21.67 -15.20 -23.88
N ASP A 5 20.56 -15.53 -23.20
CA ASP A 5 19.30 -14.76 -23.28
C ASP A 5 19.31 -13.52 -22.36
N TYR A 6 20.13 -13.52 -21.30
CA TYR A 6 20.44 -12.33 -20.52
C TYR A 6 21.17 -11.27 -21.36
N GLN A 7 20.85 -10.00 -21.11
CA GLN A 7 21.38 -8.82 -21.83
C GLN A 7 21.78 -7.71 -20.82
N ALA A 8 22.23 -6.55 -21.32
CA ALA A 8 22.68 -5.39 -20.52
C ALA A 8 21.74 -4.16 -20.60
N ALA A 9 20.55 -4.32 -21.20
CA ALA A 9 19.57 -3.27 -21.51
C ALA A 9 18.89 -2.58 -20.30
N GLU A 10 19.17 -2.99 -19.08
CA GLU A 10 18.59 -2.45 -17.83
C GLU A 10 18.85 -0.94 -17.62
N GLU A 11 19.80 -0.34 -18.34
CA GLU A 11 19.98 1.13 -18.42
C GLU A 11 18.72 1.89 -18.90
N THR A 12 17.79 1.21 -19.59
CA THR A 12 16.47 1.75 -20.00
C THR A 12 15.48 1.88 -18.83
N ALA A 13 15.63 1.09 -17.77
CA ALA A 13 14.80 1.16 -16.57
C ALA A 13 15.19 2.36 -15.69
N PHE A 14 14.25 2.82 -14.84
CA PHE A 14 14.49 3.89 -13.86
C PHE A 14 14.82 3.33 -12.47
N VAL A 15 15.36 4.19 -11.60
CA VAL A 15 15.81 3.82 -10.26
C VAL A 15 15.53 4.92 -9.23
N VAL A 16 15.48 4.53 -7.95
CA VAL A 16 15.22 5.38 -6.79
C VAL A 16 16.16 6.58 -6.71
N ASP A 17 17.45 6.41 -7.05
CA ASP A 17 18.44 7.49 -7.07
C ASP A 17 18.08 8.62 -8.06
N GLU A 18 17.25 8.33 -9.07
CA GLU A 18 16.71 9.33 -10.01
C GLU A 18 15.30 9.79 -9.60
N VAL A 19 14.37 8.86 -9.34
CA VAL A 19 13.00 9.14 -8.84
C VAL A 19 13.00 10.09 -7.63
N SER A 20 13.97 9.95 -6.72
CA SER A 20 14.23 10.83 -5.57
C SER A 20 14.61 12.27 -5.94
N ASN A 21 14.96 12.55 -7.21
CA ASN A 21 15.19 13.88 -7.79
C ASN A 21 13.98 14.35 -8.64
N ILE A 22 13.32 13.45 -9.40
CA ILE A 22 12.09 13.76 -10.15
C ILE A 22 11.05 14.40 -9.23
N VAL A 23 10.88 13.90 -8.01
CA VAL A 23 9.92 14.47 -7.07
C VAL A 23 10.22 15.94 -6.74
N LYS A 24 11.50 16.33 -6.51
CA LYS A 24 11.85 17.74 -6.24
C LYS A 24 11.64 18.61 -7.46
N GLU A 25 12.17 18.21 -8.62
CA GLU A 25 12.04 19.03 -9.83
C GLU A 25 10.58 19.23 -10.25
N ALA A 26 9.70 18.25 -9.98
CA ALA A 26 8.27 18.37 -10.20
C ALA A 26 7.55 19.24 -9.15
N ILE A 27 7.86 19.06 -7.84
CA ILE A 27 7.30 19.92 -6.78
C ILE A 27 7.67 21.38 -7.04
N GLU A 28 8.96 21.72 -7.13
CA GLU A 28 9.39 23.11 -7.28
C GLU A 28 8.89 23.77 -8.59
N SER A 29 8.69 22.98 -9.65
CA SER A 29 8.01 23.42 -10.88
C SER A 29 6.54 23.80 -10.61
N ALA A 30 5.79 22.97 -9.87
CA ALA A 30 4.42 23.26 -9.46
C ALA A 30 4.31 24.45 -8.47
N ILE A 31 5.29 24.62 -7.57
CA ILE A 31 5.42 25.78 -6.68
C ILE A 31 5.61 27.06 -7.52
N GLY A 32 6.51 27.04 -8.50
CA GLY A 32 6.85 28.19 -9.33
C GLY A 32 7.90 29.14 -8.74
N GLY A 33 8.59 28.72 -7.66
CA GLY A 33 9.74 29.43 -7.07
C GLY A 33 9.50 30.17 -5.74
N ASN A 34 8.30 30.07 -5.15
CA ASN A 34 8.04 30.58 -3.80
C ASN A 34 8.96 29.88 -2.76
N ALA A 35 9.35 30.63 -1.72
CA ALA A 35 10.13 30.14 -0.59
C ALA A 35 9.26 29.33 0.40
N TYR A 36 9.73 29.16 1.64
CA TYR A 36 8.94 28.62 2.76
C TYR A 36 7.56 29.30 2.86
N GLN A 37 6.53 28.49 3.09
CA GLN A 37 5.11 28.88 3.08
C GLN A 37 4.34 28.27 4.26
N HIS A 38 3.05 28.57 4.34
CA HIS A 38 2.08 27.86 5.20
C HIS A 38 1.90 26.39 4.78
N SER A 39 0.83 25.76 5.27
CA SER A 39 0.28 24.45 4.87
C SER A 39 0.09 24.18 3.35
N LYS A 40 0.42 25.13 2.46
CA LYS A 40 0.47 25.01 0.98
C LYS A 40 1.12 23.69 0.51
N VAL A 41 2.19 23.26 1.18
CA VAL A 41 2.91 22.00 0.91
C VAL A 41 1.99 20.76 0.90
N ASN A 42 0.89 20.78 1.66
CA ASN A 42 -0.12 19.70 1.69
C ASN A 42 -0.81 19.51 0.31
N GLN A 43 -1.29 20.60 -0.31
CA GLN A 43 -1.87 20.50 -1.66
C GLN A 43 -0.80 20.16 -2.72
N TRP A 44 0.47 20.49 -2.49
CA TRP A 44 1.56 20.22 -3.42
C TRP A 44 1.96 18.74 -3.38
N THR A 45 2.28 18.22 -2.20
CA THR A 45 2.65 16.82 -2.00
C THR A 45 1.56 15.83 -2.46
N THR A 46 0.28 16.25 -2.50
CA THR A 46 -0.77 15.47 -3.18
C THR A 46 -0.83 15.74 -4.70
N ASN A 47 -1.06 16.98 -5.15
CA ASN A 47 -1.29 17.34 -6.56
C ASN A 47 -0.13 16.96 -7.50
N VAL A 48 1.10 17.12 -7.03
CA VAL A 48 2.32 16.82 -7.80
C VAL A 48 2.41 15.33 -8.05
N VAL A 49 2.53 14.55 -6.97
CA VAL A 49 2.54 13.08 -6.98
C VAL A 49 1.40 12.52 -7.83
N GLU A 50 0.26 13.23 -7.92
CA GLU A 50 -0.92 12.80 -8.69
C GLU A 50 -0.63 12.59 -10.19
N GLN A 51 0.26 13.41 -10.76
CA GLN A 51 0.69 13.36 -12.17
C GLN A 51 2.16 12.94 -12.32
N THR A 52 3.01 13.38 -11.39
CA THR A 52 4.45 13.08 -11.30
C THR A 52 4.69 11.59 -11.15
N LEU A 53 4.03 10.94 -10.18
CA LEU A 53 4.17 9.50 -9.98
C LEU A 53 3.69 8.71 -11.22
N SER A 54 2.56 9.11 -11.80
CA SER A 54 2.04 8.47 -13.02
C SER A 54 2.94 8.70 -14.24
N GLN A 55 3.72 9.80 -14.30
CA GLN A 55 4.72 10.13 -15.31
C GLN A 55 6.03 9.31 -15.16
N LEU A 56 6.64 9.28 -13.98
CA LEU A 56 7.95 8.62 -13.78
C LEU A 56 7.93 7.09 -13.95
N THR A 57 6.77 6.46 -13.73
CA THR A 57 6.54 5.06 -14.11
C THR A 57 6.70 4.88 -15.61
N LYS A 58 6.34 5.88 -16.41
CA LYS A 58 6.45 5.82 -17.88
C LYS A 58 7.88 6.08 -18.37
N LEU A 59 8.65 6.87 -17.62
CA LEU A 59 10.07 7.12 -17.90
C LEU A 59 10.91 5.82 -17.86
N GLY A 60 10.54 4.86 -16.99
CA GLY A 60 11.21 3.57 -16.84
C GLY A 60 10.51 2.44 -17.61
N LYS A 61 9.71 1.64 -16.90
CA LYS A 61 9.02 0.43 -17.41
C LYS A 61 7.55 0.34 -16.94
N PRO A 62 6.65 -0.21 -17.79
CA PRO A 62 5.22 -0.33 -17.49
C PRO A 62 4.93 -1.40 -16.42
N PHE A 63 4.73 -0.96 -15.18
CA PHE A 63 4.29 -1.77 -14.04
C PHE A 63 3.30 -1.00 -13.15
N LYS A 64 2.65 -1.73 -12.23
CA LYS A 64 1.78 -1.17 -11.18
C LYS A 64 2.59 -0.26 -10.26
N TYR A 65 2.07 0.95 -10.04
CA TYR A 65 2.57 1.93 -9.08
C TYR A 65 1.53 2.19 -7.98
N ILE A 66 2.02 2.56 -6.80
CA ILE A 66 1.22 3.03 -5.66
C ILE A 66 2.05 3.99 -4.82
N VAL A 67 1.36 4.82 -4.05
CA VAL A 67 1.89 5.65 -2.97
C VAL A 67 0.94 5.60 -1.79
N THR A 68 1.51 5.79 -0.61
CA THR A 68 0.81 6.15 0.62
C THR A 68 1.51 7.36 1.23
N CYS A 69 0.76 8.27 1.83
CA CYS A 69 1.32 9.32 2.68
C CYS A 69 0.49 9.53 3.95
N VAL A 70 1.13 10.03 5.00
CA VAL A 70 0.53 10.29 6.31
C VAL A 70 1.02 11.64 6.84
N ILE A 71 0.09 12.58 6.96
CA ILE A 71 0.31 13.96 7.40
C ILE A 71 -0.27 14.07 8.82
N MET A 72 0.62 13.96 9.82
CA MET A 72 0.25 13.83 11.23
C MET A 72 1.37 14.33 12.18
N GLN A 73 1.33 15.62 12.52
CA GLN A 73 1.99 16.24 13.67
C GLN A 73 1.17 17.48 14.10
N LYS A 74 1.06 17.73 15.42
CA LYS A 74 0.46 18.94 16.01
C LYS A 74 0.97 19.16 17.44
N ASN A 75 0.69 18.22 18.34
CA ASN A 75 1.10 18.23 19.76
C ASN A 75 2.08 17.09 20.14
N GLY A 76 2.30 16.11 19.24
CA GLY A 76 3.15 14.94 19.46
C GLY A 76 2.40 13.65 19.85
N ALA A 77 1.06 13.67 19.92
CA ALA A 77 0.23 12.46 20.02
C ALA A 77 0.19 11.67 18.69
N GLY A 78 -0.58 10.58 18.64
CA GLY A 78 -0.80 9.76 17.45
C GLY A 78 -1.80 8.62 17.64
N LEU A 79 -1.90 7.78 16.61
CA LEU A 79 -2.76 6.59 16.48
C LEU A 79 -1.94 5.37 16.02
N HIS A 80 -2.54 4.18 15.97
CA HIS A 80 -1.83 2.93 15.64
C HIS A 80 -2.05 2.57 14.17
N THR A 81 -1.08 2.85 13.30
CA THR A 81 -1.12 2.51 11.87
C THR A 81 -0.07 1.42 11.60
N ALA A 82 -0.37 0.47 10.73
CA ALA A 82 0.55 -0.60 10.37
C ALA A 82 0.42 -0.96 8.89
N SER A 83 1.55 -1.34 8.28
CA SER A 83 1.56 -1.81 6.89
C SER A 83 2.53 -2.97 6.70
N SER A 84 2.14 -3.92 5.84
CA SER A 84 3.00 -5.00 5.35
C SER A 84 3.92 -4.55 4.22
N CYS A 85 4.10 -3.24 4.01
CA CYS A 85 5.08 -2.71 3.06
C CYS A 85 6.52 -3.05 3.46
N PHE A 86 7.44 -2.96 2.49
CA PHE A 86 8.85 -3.28 2.63
C PHE A 86 9.71 -2.63 1.54
N TRP A 87 10.87 -2.09 1.91
CA TRP A 87 11.83 -1.55 0.96
C TRP A 87 12.48 -2.68 0.15
N ASP A 88 12.80 -2.39 -1.12
CA ASP A 88 13.64 -3.22 -1.99
C ASP A 88 14.58 -2.36 -2.83
N SER A 89 15.66 -2.97 -3.36
CA SER A 89 16.63 -2.36 -4.28
C SER A 89 16.65 -3.06 -5.64
N SER A 90 17.06 -4.34 -5.68
CA SER A 90 17.08 -5.15 -6.90
C SER A 90 15.74 -5.85 -7.15
N THR A 91 15.11 -6.35 -6.09
CA THR A 91 13.87 -7.15 -6.11
C THR A 91 12.70 -6.38 -6.74
N ASP A 92 12.43 -5.17 -6.22
CA ASP A 92 11.42 -4.20 -6.67
C ASP A 92 11.98 -2.77 -6.54
N GLY A 93 11.23 -1.75 -6.96
CA GLY A 93 11.56 -0.34 -6.74
C GLY A 93 10.68 0.30 -5.66
N SER A 94 11.28 1.15 -4.82
CA SER A 94 10.59 2.00 -3.84
C SER A 94 11.27 3.36 -3.73
N CYS A 95 10.53 4.43 -3.41
CA CYS A 95 11.07 5.78 -3.23
C CYS A 95 10.24 6.58 -2.21
N THR A 96 10.80 6.84 -1.02
CA THR A 96 10.17 7.65 0.04
C THR A 96 10.73 9.07 0.07
N VAL A 97 9.86 10.04 0.35
CA VAL A 97 10.09 11.49 0.22
C VAL A 97 9.52 12.21 1.45
N ARG A 98 10.34 13.05 2.09
CA ARG A 98 10.07 13.70 3.39
C ARG A 98 10.09 15.23 3.29
N TRP A 99 9.00 15.87 3.66
CA TRP A 99 8.79 17.32 3.58
C TRP A 99 8.20 17.87 4.89
N GLU A 100 8.94 18.76 5.55
CA GLU A 100 8.46 19.51 6.72
C GLU A 100 7.46 20.62 6.35
N ASN A 101 6.78 21.17 7.36
CA ASN A 101 5.68 22.13 7.21
C ASN A 101 5.58 23.08 8.43
N LYS A 102 4.56 23.96 8.48
CA LYS A 102 4.20 24.83 9.62
C LYS A 102 4.23 24.12 10.97
N THR A 103 3.42 23.07 11.09
CA THR A 103 3.35 22.15 12.25
C THR A 103 3.23 20.69 11.83
N MET A 104 2.50 20.39 10.74
CA MET A 104 2.19 19.04 10.27
C MET A 104 3.10 18.57 9.12
N TYR A 105 4.24 17.95 9.43
CA TYR A 105 5.12 17.35 8.41
C TYR A 105 4.36 16.30 7.57
N CYS A 106 4.85 16.06 6.36
CA CYS A 106 4.31 15.08 5.42
C CYS A 106 5.43 14.14 4.91
N ILE A 107 5.13 12.84 4.88
CA ILE A 107 5.98 11.78 4.35
C ILE A 107 5.20 10.91 3.36
N VAL A 108 5.69 10.81 2.13
CA VAL A 108 5.14 9.99 1.03
C VAL A 108 6.07 8.80 0.80
N SER A 109 5.54 7.60 0.58
CA SER A 109 6.31 6.40 0.28
C SER A 109 5.78 5.72 -0.99
N ALA A 110 6.55 5.81 -2.09
CA ALA A 110 6.21 5.20 -3.38
C ALA A 110 6.71 3.76 -3.49
N PHE A 111 5.95 2.95 -4.22
CA PHE A 111 6.16 1.53 -4.47
C PHE A 111 5.90 1.24 -5.95
N GLY A 112 6.93 0.77 -6.66
CA GLY A 112 6.92 0.38 -8.07
C GLY A 112 7.20 -1.12 -8.22
N LEU A 113 6.14 -1.90 -8.43
CA LEU A 113 6.20 -3.37 -8.52
C LEU A 113 7.14 -3.84 -9.64
N SER A 114 7.82 -4.97 -9.42
CA SER A 114 8.72 -5.57 -10.42
C SER A 114 8.85 -7.08 -10.30
N ILE A 115 8.49 -7.79 -11.37
CA ILE A 115 8.63 -9.24 -11.49
C ILE A 115 10.04 -9.57 -12.00
N GLY A 116 10.47 -8.85 -13.04
CA GLY A 116 11.74 -9.09 -13.74
C GLY A 116 13.01 -8.68 -12.96
N GLY A 117 12.90 -7.75 -12.00
CA GLY A 117 14.01 -7.31 -11.15
C GLY A 117 15.21 -6.73 -11.94
N GLY A 118 14.95 -5.98 -13.00
CA GLY A 118 15.93 -5.41 -13.93
C GLY A 118 16.78 -4.28 -13.33
N SER A 119 17.89 -4.65 -12.70
CA SER A 119 18.85 -3.79 -11.97
C SER A 119 20.29 -3.92 -12.52
N GLY A 120 21.23 -3.15 -11.95
CA GLY A 120 22.64 -3.11 -12.38
C GLY A 120 23.14 -1.72 -12.79
N GLN A 121 22.46 -0.66 -12.34
CA GLN A 121 22.80 0.76 -12.42
C GLN A 121 24.19 1.13 -11.83
N SER A 122 24.54 2.43 -11.82
CA SER A 122 25.78 2.96 -11.22
C SER A 122 25.96 2.61 -9.73
N GLY A 123 24.87 2.62 -8.94
CA GLY A 123 24.88 2.17 -7.53
C GLY A 123 24.83 0.64 -7.40
N PRO A 124 25.20 0.08 -6.23
CA PRO A 124 25.20 -1.36 -5.98
C PRO A 124 23.77 -1.95 -5.92
N ILE A 125 23.70 -3.28 -5.91
CA ILE A 125 22.45 -4.06 -5.78
C ILE A 125 22.49 -4.97 -4.54
N LYS A 126 21.33 -5.15 -3.89
CA LYS A 126 21.10 -6.17 -2.85
C LYS A 126 19.75 -6.88 -2.99
N LEU A 127 19.69 -8.08 -2.42
CA LEU A 127 18.56 -9.01 -2.37
C LEU A 127 18.48 -9.66 -0.97
N GLY A 128 17.31 -10.24 -0.62
CA GLY A 128 17.08 -10.90 0.68
C GLY A 128 15.63 -10.87 1.14
N MET A 129 15.40 -11.29 2.39
CA MET A 129 14.10 -11.17 3.07
C MET A 129 13.69 -9.71 3.36
N ALA A 130 12.49 -9.53 3.92
CA ALA A 130 11.93 -8.23 4.30
C ALA A 130 11.23 -8.27 5.67
N LYS A 131 10.86 -7.08 6.18
CA LYS A 131 10.19 -6.86 7.48
C LYS A 131 8.91 -6.01 7.32
N ILE A 132 8.03 -6.06 8.32
CA ILE A 132 6.80 -5.25 8.43
C ILE A 132 7.14 -3.81 8.84
N THR A 133 6.30 -2.83 8.47
CA THR A 133 6.48 -1.40 8.76
C THR A 133 5.29 -0.84 9.55
N GLN A 134 5.41 -0.82 10.88
CA GLN A 134 4.44 -0.13 11.75
C GLN A 134 4.82 1.36 11.95
N VAL A 135 3.80 2.19 12.15
CA VAL A 135 3.86 3.63 12.42
C VAL A 135 2.84 3.96 13.53
N ASP A 136 3.30 3.97 14.77
CA ASP A 136 2.52 4.25 15.98
C ASP A 136 3.29 5.10 17.00
N PHE A 137 2.56 5.64 17.97
CA PHE A 137 3.10 6.41 19.10
C PHE A 137 2.74 5.71 20.42
N PRO A 138 3.59 4.80 20.94
CA PRO A 138 3.32 4.05 22.17
C PRO A 138 3.43 4.97 23.41
N PRO A 139 2.36 5.22 24.17
CA PRO A 139 2.39 6.15 25.30
C PRO A 139 3.14 5.59 26.52
N ARG A 140 3.06 4.27 26.73
CA ARG A 140 3.69 3.45 27.78
C ARG A 140 3.83 2.01 27.31
N GLU A 141 4.50 1.17 28.09
CA GLU A 141 4.47 -0.28 27.93
C GLU A 141 3.10 -0.87 28.32
N ILE A 142 2.64 -1.87 27.56
CA ILE A 142 1.37 -2.59 27.75
C ILE A 142 1.57 -4.12 27.53
N VAL A 143 0.53 -4.91 27.81
CA VAL A 143 0.47 -6.38 27.64
C VAL A 143 -0.80 -6.78 26.87
N GLY B 1 -2.76 -13.77 -26.43
CA GLY B 1 -3.43 -15.08 -26.33
C GLY B 1 -4.40 -15.27 -27.49
N SER B 2 -4.25 -16.37 -28.24
CA SER B 2 -5.18 -16.79 -29.32
C SER B 2 -6.55 -17.22 -28.75
N MET B 3 -7.58 -17.25 -29.61
CA MET B 3 -8.93 -17.71 -29.23
C MET B 3 -8.94 -19.10 -28.56
N GLU B 4 -8.26 -20.09 -29.16
CA GLU B 4 -8.15 -21.45 -28.60
C GLU B 4 -7.16 -21.59 -27.42
N ASP B 5 -6.32 -20.59 -27.15
CA ASP B 5 -5.36 -20.61 -26.03
C ASP B 5 -6.01 -20.24 -24.69
N TYR B 6 -7.13 -19.49 -24.72
CA TYR B 6 -7.98 -19.28 -23.55
C TYR B 6 -8.60 -20.60 -23.06
N GLN B 7 -8.73 -20.75 -21.75
CA GLN B 7 -9.24 -21.94 -21.05
C GLN B 7 -10.25 -21.54 -19.94
N ALA B 8 -10.76 -22.51 -19.17
CA ALA B 8 -11.75 -22.32 -18.09
C ALA B 8 -11.19 -22.61 -16.67
N ALA B 9 -9.87 -22.77 -16.54
CA ALA B 9 -9.16 -23.19 -15.32
C ALA B 9 -9.13 -22.18 -14.15
N GLU B 10 -9.71 -20.98 -14.32
CA GLU B 10 -9.76 -19.91 -13.31
C GLU B 10 -10.46 -20.30 -12.00
N GLU B 11 -11.23 -21.40 -11.97
CA GLU B 11 -11.74 -22.03 -10.75
C GLU B 11 -10.64 -22.43 -9.73
N THR B 12 -9.39 -22.60 -10.19
CA THR B 12 -8.20 -22.83 -9.33
C THR B 12 -7.76 -21.58 -8.55
N ALA B 13 -8.06 -20.38 -9.04
CA ALA B 13 -7.75 -19.12 -8.36
C ALA B 13 -8.74 -18.83 -7.21
N PHE B 14 -8.30 -18.05 -6.22
CA PHE B 14 -9.16 -17.56 -5.13
C PHE B 14 -9.73 -16.17 -5.42
N VAL B 15 -10.83 -15.83 -4.73
CA VAL B 15 -11.57 -14.58 -4.91
C VAL B 15 -12.06 -14.04 -3.56
N VAL B 16 -12.36 -12.74 -3.51
CA VAL B 16 -12.73 -11.96 -2.31
C VAL B 16 -13.91 -12.57 -1.55
N ASP B 17 -14.88 -13.15 -2.25
CA ASP B 17 -16.03 -13.84 -1.65
C ASP B 17 -15.63 -15.06 -0.80
N GLU B 18 -14.45 -15.64 -1.05
CA GLU B 18 -13.82 -16.66 -0.20
C GLU B 18 -12.99 -16.01 0.90
N VAL B 19 -12.06 -15.12 0.51
CA VAL B 19 -11.09 -14.45 1.41
C VAL B 19 -11.77 -13.74 2.58
N SER B 20 -12.93 -13.12 2.32
CA SER B 20 -13.81 -12.48 3.31
C SER B 20 -14.37 -13.45 4.36
N ASN B 21 -14.22 -14.76 4.19
CA ASN B 21 -14.49 -15.80 5.19
C ASN B 21 -13.19 -16.42 5.75
N ILE B 22 -12.14 -16.62 4.93
CA ILE B 22 -10.82 -17.08 5.39
C ILE B 22 -10.30 -16.24 6.56
N VAL B 23 -10.50 -14.92 6.52
CA VAL B 23 -10.09 -14.04 7.62
C VAL B 23 -10.82 -14.34 8.93
N LYS B 24 -12.14 -14.62 8.92
CA LYS B 24 -12.91 -14.94 10.14
C LYS B 24 -12.53 -16.30 10.70
N GLU B 25 -12.50 -17.33 9.86
CA GLU B 25 -12.16 -18.69 10.33
C GLU B 25 -10.73 -18.75 10.91
N ALA B 26 -9.81 -17.92 10.41
CA ALA B 26 -8.46 -17.80 10.97
C ALA B 26 -8.42 -16.96 12.27
N ILE B 27 -9.12 -15.82 12.35
CA ILE B 27 -9.21 -15.02 13.58
C ILE B 27 -9.82 -15.87 14.69
N GLU B 28 -11.03 -16.40 14.52
CA GLU B 28 -11.71 -17.15 15.58
C GLU B 28 -10.98 -18.42 16.01
N SER B 29 -10.22 -19.05 15.11
CA SER B 29 -9.28 -20.13 15.44
C SER B 29 -8.15 -19.66 16.38
N ALA B 30 -7.54 -18.51 16.09
CA ALA B 30 -6.53 -17.89 16.95
C ALA B 30 -7.09 -17.40 18.30
N ILE B 31 -8.33 -16.90 18.33
CA ILE B 31 -9.07 -16.55 19.54
C ILE B 31 -9.26 -17.80 20.43
N GLY B 32 -9.71 -18.91 19.84
CA GLY B 32 -10.00 -20.17 20.53
C GLY B 32 -11.41 -20.24 21.17
N GLY B 33 -12.31 -19.31 20.82
CA GLY B 33 -13.73 -19.32 21.20
C GLY B 33 -14.17 -18.34 22.28
N ASN B 34 -13.28 -17.46 22.78
CA ASN B 34 -13.65 -16.36 23.68
C ASN B 34 -14.67 -15.41 23.00
N ALA B 35 -15.59 -14.84 23.79
CA ALA B 35 -16.56 -13.83 23.36
C ALA B 35 -15.92 -12.44 23.20
N TYR B 36 -16.73 -11.38 23.21
CA TYR B 36 -16.28 -9.99 23.30
C TYR B 36 -15.25 -9.80 24.43
N GLN B 37 -14.19 -9.02 24.14
CA GLN B 37 -13.02 -8.82 25.00
C GLN B 37 -12.59 -7.34 25.03
N HIS B 38 -11.54 -7.04 25.80
CA HIS B 38 -10.79 -5.77 25.73
C HIS B 38 -10.10 -5.59 24.35
N SER B 39 -9.15 -4.65 24.28
CA SER B 39 -8.18 -4.40 23.20
C SER B 39 -7.42 -5.63 22.61
N LYS B 40 -7.64 -6.85 23.10
CA LYS B 40 -7.13 -8.14 22.59
C LYS B 40 -7.20 -8.27 21.07
N VAL B 41 -8.30 -7.79 20.46
CA VAL B 41 -8.52 -7.76 19.00
C VAL B 41 -7.37 -7.09 18.22
N ASN B 42 -6.66 -6.14 18.82
CA ASN B 42 -5.50 -5.47 18.22
C ASN B 42 -4.34 -6.45 17.94
N GLN B 43 -3.95 -7.28 18.92
CA GLN B 43 -2.94 -8.32 18.68
C GLN B 43 -3.43 -9.42 17.73
N TRP B 44 -4.74 -9.65 17.64
CA TRP B 44 -5.32 -10.67 16.75
C TRP B 44 -5.33 -10.20 15.30
N THR B 45 -5.89 -9.02 15.03
CA THR B 45 -5.95 -8.43 13.69
C THR B 45 -4.54 -8.20 13.08
N THR B 46 -3.48 -8.08 13.90
CA THR B 46 -2.09 -8.17 13.39
C THR B 46 -1.59 -9.62 13.27
N ASN B 47 -1.54 -10.40 14.36
CA ASN B 47 -0.92 -11.75 14.41
C ASN B 47 -1.53 -12.74 13.40
N VAL B 48 -2.86 -12.69 13.22
CA VAL B 48 -3.61 -13.57 12.32
C VAL B 48 -3.21 -13.29 10.90
N VAL B 49 -3.47 -12.07 10.43
CA VAL B 49 -3.11 -11.56 9.11
C VAL B 49 -1.63 -11.83 8.81
N GLU B 50 -0.77 -11.87 9.83
CA GLU B 50 0.68 -12.11 9.66
C GLU B 50 1.00 -13.46 9.00
N GLN B 51 0.18 -14.49 9.24
CA GLN B 51 0.30 -15.85 8.65
C GLN B 51 -0.87 -16.21 7.72
N THR B 52 -2.07 -15.74 8.05
CA THR B 52 -3.31 -15.90 7.28
C THR B 52 -3.23 -15.27 5.91
N LEU B 53 -2.76 -14.02 5.82
CA LEU B 53 -2.55 -13.34 4.53
C LEU B 53 -1.49 -14.09 3.69
N SER B 54 -0.38 -14.48 4.31
CA SER B 54 0.67 -15.24 3.61
C SER B 54 0.21 -16.65 3.18
N GLN B 55 -0.77 -17.25 3.86
CA GLN B 55 -1.43 -18.52 3.56
C GLN B 55 -2.42 -18.42 2.38
N LEU B 56 -3.40 -17.52 2.42
CA LEU B 56 -4.47 -17.49 1.39
C LEU B 56 -3.96 -17.16 -0.01
N THR B 57 -2.83 -16.44 -0.10
CA THR B 57 -2.11 -16.22 -1.37
C THR B 57 -1.72 -17.56 -2.00
N LYS B 58 -1.28 -18.53 -1.19
CA LYS B 58 -0.87 -19.86 -1.65
C LYS B 58 -2.06 -20.75 -2.03
N LEU B 59 -3.22 -20.52 -1.40
CA LEU B 59 -4.45 -21.22 -1.75
C LEU B 59 -4.91 -20.93 -3.20
N GLY B 60 -4.63 -19.72 -3.69
CA GLY B 60 -4.98 -19.26 -5.05
C GLY B 60 -3.83 -19.36 -6.04
N LYS B 61 -3.13 -18.23 -6.27
CA LYS B 61 -2.05 -18.08 -7.25
C LYS B 61 -0.84 -17.29 -6.70
N PRO B 62 0.40 -17.61 -7.13
CA PRO B 62 1.62 -16.96 -6.66
C PRO B 62 1.78 -15.53 -7.24
N PHE B 63 1.38 -14.54 -6.44
CA PHE B 63 1.58 -13.11 -6.71
C PHE B 63 1.95 -12.33 -5.44
N LYS B 64 2.41 -11.08 -5.62
CA LYS B 64 2.67 -10.12 -4.54
C LYS B 64 1.39 -9.82 -3.75
N TYR B 65 1.49 -9.88 -2.44
CA TYR B 65 0.45 -9.51 -1.47
C TYR B 65 0.93 -8.35 -0.60
N ILE B 66 -0.03 -7.55 -0.12
CA ILE B 66 0.16 -6.48 0.86
C ILE B 66 -1.15 -6.29 1.64
N VAL B 67 -1.01 -5.72 2.83
CA VAL B 67 -2.09 -5.15 3.64
C VAL B 67 -1.64 -3.82 4.22
N THR B 68 -2.63 -2.97 4.47
CA THR B 68 -2.53 -1.81 5.36
C THR B 68 -3.68 -1.89 6.36
N CYS B 69 -3.43 -1.48 7.60
CA CYS B 69 -4.49 -1.26 8.58
C CYS B 69 -4.26 0.02 9.40
N VAL B 70 -5.34 0.57 9.94
CA VAL B 70 -5.34 1.77 10.77
C VAL B 70 -6.31 1.61 11.93
N ILE B 71 -5.78 1.79 13.14
CA ILE B 71 -6.45 1.64 14.42
C ILE B 71 -6.49 3.02 15.09
N MET B 72 -7.62 3.70 14.96
CA MET B 72 -7.85 5.08 15.41
C MET B 72 -8.92 5.13 16.51
N GLN B 73 -8.86 6.13 17.39
CA GLN B 73 -9.76 6.22 18.54
C GLN B 73 -11.15 6.75 18.16
N LYS B 74 -12.19 6.30 18.86
CA LYS B 74 -13.59 6.72 18.71
C LYS B 74 -13.91 8.11 19.32
N ASN B 75 -12.92 8.79 19.91
CA ASN B 75 -13.06 10.12 20.53
C ASN B 75 -13.43 11.28 19.56
N GLY B 76 -13.33 11.07 18.24
CA GLY B 76 -13.66 12.06 17.20
C GLY B 76 -12.48 12.89 16.68
N ALA B 77 -11.25 12.60 17.12
CA ALA B 77 -10.02 13.14 16.55
C ALA B 77 -9.69 12.54 15.16
N GLY B 78 -8.49 12.80 14.64
CA GLY B 78 -7.99 12.22 13.38
C GLY B 78 -6.70 12.86 12.87
N LEU B 79 -6.33 12.49 11.64
CA LEU B 79 -5.13 12.93 10.90
C LEU B 79 -5.47 13.23 9.43
N HIS B 80 -4.46 13.48 8.59
CA HIS B 80 -4.60 13.49 7.12
C HIS B 80 -3.80 12.34 6.49
N THR B 81 -4.43 11.19 6.23
CA THR B 81 -3.79 10.07 5.51
C THR B 81 -4.37 9.99 4.11
N ALA B 82 -3.54 9.68 3.11
CA ALA B 82 -3.98 9.51 1.73
C ALA B 82 -3.26 8.31 1.09
N SER B 83 -3.99 7.55 0.28
CA SER B 83 -3.43 6.43 -0.46
C SER B 83 -3.92 6.41 -1.91
N SER B 84 -3.01 6.09 -2.83
CA SER B 84 -3.34 5.84 -4.24
C SER B 84 -3.88 4.41 -4.47
N CYS B 85 -4.29 3.71 -3.39
CA CYS B 85 -4.96 2.41 -3.51
C CYS B 85 -6.33 2.53 -4.21
N PHE B 86 -6.83 1.40 -4.70
CA PHE B 86 -8.08 1.28 -5.44
C PHE B 86 -8.63 -0.15 -5.42
N TRP B 87 -9.94 -0.31 -5.27
CA TRP B 87 -10.60 -1.61 -5.36
C TRP B 87 -10.60 -2.11 -6.82
N ASP B 88 -10.51 -3.42 -7.00
CA ASP B 88 -10.72 -4.12 -8.27
C ASP B 88 -11.50 -5.43 -8.05
N SER B 89 -12.12 -5.94 -9.12
CA SER B 89 -12.84 -7.24 -9.14
C SER B 89 -12.19 -8.23 -10.13
N SER B 90 -12.23 -7.92 -11.43
CA SER B 90 -11.61 -8.74 -12.48
C SER B 90 -10.14 -8.38 -12.70
N THR B 91 -9.81 -7.08 -12.65
CA THR B 91 -8.49 -6.50 -12.93
C THR B 91 -7.40 -7.05 -11.98
N ASP B 92 -7.64 -6.94 -10.66
CA ASP B 92 -6.83 -7.43 -9.54
C ASP B 92 -7.75 -7.96 -8.42
N GLY B 93 -7.18 -8.51 -7.34
CA GLY B 93 -7.92 -8.90 -6.13
C GLY B 93 -7.68 -7.94 -4.96
N SER B 94 -8.72 -7.64 -4.20
CA SER B 94 -8.66 -6.88 -2.93
C SER B 94 -9.66 -7.46 -1.93
N CYS B 95 -9.38 -7.37 -0.63
CA CYS B 95 -10.27 -7.82 0.45
C CYS B 95 -10.10 -6.96 1.71
N THR B 96 -11.09 -6.11 2.01
CA THR B 96 -11.12 -5.27 3.23
C THR B 96 -12.00 -5.90 4.31
N VAL B 97 -11.55 -5.77 5.57
CA VAL B 97 -12.09 -6.45 6.75
C VAL B 97 -12.19 -5.44 7.90
N ARG B 98 -13.40 -5.29 8.45
CA ARG B 98 -13.77 -4.28 9.45
C ARG B 98 -14.14 -4.93 10.79
N TRP B 99 -13.41 -4.60 11.84
CA TRP B 99 -13.62 -5.09 13.22
C TRP B 99 -13.75 -3.90 14.19
N GLU B 100 -14.54 -4.09 15.24
CA GLU B 100 -14.76 -3.12 16.31
C GLU B 100 -14.10 -3.56 17.62
N ASN B 101 -13.97 -2.63 18.57
CA ASN B 101 -13.21 -2.78 19.81
C ASN B 101 -13.80 -1.90 20.93
N LYS B 102 -13.17 -1.87 22.10
CA LYS B 102 -13.51 -1.02 23.26
C LYS B 102 -13.75 0.45 22.88
N THR B 103 -12.67 1.11 22.44
CA THR B 103 -12.63 2.54 22.04
C THR B 103 -11.78 2.80 20.79
N MET B 104 -11.25 1.74 20.15
CA MET B 104 -10.28 1.81 19.05
C MET B 104 -10.65 0.88 17.89
N TYR B 105 -11.56 1.33 17.02
CA TYR B 105 -11.99 0.58 15.83
C TYR B 105 -10.80 0.26 14.90
N CYS B 106 -10.86 -0.89 14.22
CA CYS B 106 -9.74 -1.44 13.45
C CYS B 106 -10.19 -1.94 12.06
N ILE B 107 -9.67 -1.31 11.00
CA ILE B 107 -9.94 -1.68 9.60
C ILE B 107 -8.65 -2.11 8.89
N VAL B 108 -8.70 -3.27 8.22
CA VAL B 108 -7.61 -3.86 7.42
C VAL B 108 -8.05 -3.89 5.95
N SER B 109 -7.16 -3.57 5.01
CA SER B 109 -7.43 -3.64 3.57
C SER B 109 -6.31 -4.41 2.85
N ALA B 110 -6.63 -5.61 2.37
CA ALA B 110 -5.70 -6.47 1.62
C ALA B 110 -5.75 -6.19 0.12
N PHE B 111 -4.60 -6.37 -0.53
CA PHE B 111 -4.35 -6.15 -1.96
C PHE B 111 -3.51 -7.33 -2.49
N GLY B 112 -4.06 -8.06 -3.46
CA GLY B 112 -3.45 -9.19 -4.17
C GLY B 112 -3.28 -8.86 -5.64
N LEU B 113 -2.05 -8.47 -6.02
CA LEU B 113 -1.70 -8.03 -7.38
C LEU B 113 -2.01 -9.11 -8.44
N SER B 114 -2.42 -8.68 -9.63
CA SER B 114 -2.72 -9.60 -10.75
C SER B 114 -2.50 -8.98 -12.12
N ILE B 115 -1.63 -9.61 -12.91
CA ILE B 115 -1.35 -9.24 -14.31
C ILE B 115 -2.36 -9.95 -15.23
N GLY B 116 -2.55 -11.25 -15.00
CA GLY B 116 -3.37 -12.12 -15.84
C GLY B 116 -4.89 -11.89 -15.72
N GLY B 117 -5.38 -11.33 -14.61
CA GLY B 117 -6.80 -11.01 -14.40
C GLY B 117 -7.73 -12.22 -14.51
N GLY B 118 -7.31 -13.38 -13.98
CA GLY B 118 -8.00 -14.67 -14.06
C GLY B 118 -9.27 -14.75 -13.19
N SER B 119 -10.40 -14.33 -13.77
CA SER B 119 -11.74 -14.21 -13.16
C SER B 119 -12.80 -15.04 -13.92
N GLY B 120 -14.04 -15.04 -13.44
CA GLY B 120 -15.17 -15.81 -13.99
C GLY B 120 -15.82 -16.80 -13.01
N GLN B 121 -15.65 -16.55 -11.70
CA GLN B 121 -16.28 -17.19 -10.55
C GLN B 121 -17.83 -17.17 -10.57
N SER B 122 -18.48 -17.71 -9.53
CA SER B 122 -19.94 -17.69 -9.34
C SER B 122 -20.56 -16.28 -9.33
N GLY B 123 -19.88 -15.29 -8.76
CA GLY B 123 -20.28 -13.87 -8.82
C GLY B 123 -19.89 -13.20 -10.15
N PRO B 124 -20.48 -12.04 -10.48
CA PRO B 124 -20.20 -11.31 -11.72
C PRO B 124 -18.81 -10.68 -11.73
N ILE B 125 -18.39 -10.18 -12.88
CA ILE B 125 -17.12 -9.47 -13.11
C ILE B 125 -17.36 -8.03 -13.61
N LYS B 126 -16.51 -7.09 -13.20
CA LYS B 126 -16.40 -5.74 -13.78
C LYS B 126 -14.96 -5.27 -13.98
N LEU B 127 -14.81 -4.31 -14.89
CA LEU B 127 -13.56 -3.65 -15.31
C LEU B 127 -13.83 -2.14 -15.50
N GLY B 128 -12.76 -1.33 -15.53
CA GLY B 128 -12.85 0.14 -15.71
C GLY B 128 -11.70 0.91 -15.05
N MET B 129 -11.83 2.25 -15.04
CA MET B 129 -10.93 3.15 -14.30
C MET B 129 -11.05 2.99 -12.76
N ALA B 130 -10.21 3.73 -12.03
CA ALA B 130 -10.18 3.77 -10.57
C ALA B 130 -10.02 5.20 -10.01
N LYS B 131 -10.17 5.34 -8.69
CA LYS B 131 -10.07 6.59 -7.92
C LYS B 131 -9.09 6.47 -6.75
N ILE B 132 -8.64 7.62 -6.23
CA ILE B 132 -7.77 7.74 -5.03
C ILE B 132 -8.60 7.52 -3.76
N THR B 133 -7.97 7.04 -2.68
CA THR B 133 -8.60 6.75 -1.37
C THR B 133 -7.92 7.58 -0.27
N GLN B 134 -8.47 8.77 0.00
CA GLN B 134 -8.09 9.55 1.19
C GLN B 134 -8.91 9.14 2.41
N VAL B 135 -8.32 9.29 3.59
CA VAL B 135 -8.92 9.08 4.92
C VAL B 135 -8.40 10.17 5.89
N ASP B 136 -9.24 11.18 6.08
CA ASP B 136 -9.00 12.32 6.96
C ASP B 136 -10.26 12.73 7.73
N PHE B 137 -10.10 13.58 8.74
CA PHE B 137 -11.19 14.16 9.54
C PHE B 137 -11.20 15.69 9.36
N PRO B 138 -11.92 16.23 8.35
CA PRO B 138 -11.95 17.66 8.06
C PRO B 138 -12.72 18.43 9.15
N PRO B 139 -12.07 19.32 9.93
CA PRO B 139 -12.73 20.01 11.05
C PRO B 139 -13.71 21.09 10.59
N ARG B 140 -13.39 21.76 9.48
CA ARG B 140 -14.14 22.83 8.78
C ARG B 140 -13.72 22.89 7.31
N GLU B 141 -14.39 23.72 6.52
CA GLU B 141 -13.92 24.09 5.18
C GLU B 141 -12.67 24.99 5.25
N ILE B 142 -11.74 24.79 4.33
CA ILE B 142 -10.47 25.53 4.18
C ILE B 142 -10.17 25.84 2.70
N VAL B 143 -9.13 26.64 2.42
CA VAL B 143 -8.63 27.02 1.09
C VAL B 143 -7.12 26.79 0.99
N GLY A 1 15.87 -12.60 -8.33
CA GLY A 1 16.09 -12.14 -9.72
C GLY A 1 16.98 -13.09 -10.50
N SER A 2 16.41 -14.19 -11.02
CA SER A 2 17.13 -15.24 -11.77
C SER A 2 17.30 -14.94 -13.27
N MET A 3 16.82 -13.78 -13.74
CA MET A 3 16.86 -13.34 -15.15
C MET A 3 18.27 -13.08 -15.73
N GLU A 4 19.32 -13.20 -14.92
CA GLU A 4 20.74 -12.95 -15.26
C GLU A 4 21.29 -13.73 -16.47
N ASP A 5 20.62 -14.80 -16.91
CA ASP A 5 20.91 -15.52 -18.16
C ASP A 5 20.69 -14.67 -19.43
N TYR A 6 19.86 -13.61 -19.34
CA TYR A 6 19.44 -12.72 -20.42
C TYR A 6 19.45 -11.24 -19.96
N GLN A 7 18.91 -10.33 -20.78
CA GLN A 7 18.70 -8.92 -20.41
C GLN A 7 17.39 -8.36 -20.99
N ALA A 8 16.72 -7.51 -20.20
CA ALA A 8 15.49 -6.79 -20.54
C ALA A 8 15.77 -5.34 -21.00
N ALA A 9 14.72 -4.57 -21.30
CA ALA A 9 14.77 -3.14 -21.66
C ALA A 9 15.12 -2.20 -20.46
N GLU A 10 16.14 -2.53 -19.67
CA GLU A 10 16.66 -1.67 -18.60
C GLU A 10 17.19 -0.32 -19.14
N GLU A 11 17.53 -0.23 -20.43
CA GLU A 11 17.96 1.00 -21.11
C GLU A 11 16.95 2.16 -21.04
N THR A 12 15.65 1.87 -20.88
CA THR A 12 14.59 2.87 -20.67
C THR A 12 14.11 2.94 -19.21
N ALA A 13 14.34 1.88 -18.40
CA ALA A 13 13.99 1.85 -16.98
C ALA A 13 14.73 2.92 -16.13
N PHE A 14 14.25 3.15 -14.90
CA PHE A 14 14.83 4.12 -13.96
C PHE A 14 15.09 3.53 -12.57
N VAL A 15 16.08 4.11 -11.88
CA VAL A 15 16.53 3.77 -10.52
C VAL A 15 15.79 4.61 -9.47
N VAL A 16 15.81 4.16 -8.22
CA VAL A 16 15.23 4.81 -7.03
C VAL A 16 15.87 6.18 -6.77
N ASP A 17 17.17 6.30 -7.04
CA ASP A 17 17.91 7.55 -7.01
C ASP A 17 17.47 8.59 -8.08
N GLU A 18 16.42 8.31 -8.87
CA GLU A 18 15.88 9.26 -9.84
C GLU A 18 14.53 9.75 -9.33
N VAL A 19 13.59 8.83 -9.13
CA VAL A 19 12.29 9.02 -8.46
C VAL A 19 12.40 9.85 -7.16
N SER A 20 13.42 9.59 -6.35
CA SER A 20 13.72 10.35 -5.12
C SER A 20 14.03 11.85 -5.34
N ASN A 21 14.23 12.29 -6.59
CA ASN A 21 14.45 13.69 -7.00
C ASN A 21 13.31 14.23 -7.89
N ILE A 22 12.70 13.39 -8.74
CA ILE A 22 11.43 13.70 -9.44
C ILE A 22 10.38 14.21 -8.46
N VAL A 23 10.26 13.62 -7.27
CA VAL A 23 9.30 14.10 -6.28
C VAL A 23 9.56 15.56 -5.87
N LYS A 24 10.81 15.97 -5.65
CA LYS A 24 11.16 17.35 -5.28
C LYS A 24 10.87 18.31 -6.42
N GLU A 25 11.39 18.02 -7.62
CA GLU A 25 11.18 18.91 -8.78
C GLU A 25 9.70 19.04 -9.16
N ALA A 26 8.88 18.00 -8.96
CA ALA A 26 7.45 18.02 -9.21
C ALA A 26 6.66 18.76 -8.11
N ILE A 27 6.98 18.54 -6.81
CA ILE A 27 6.36 19.31 -5.71
C ILE A 27 6.65 20.80 -5.92
N GLU A 28 7.92 21.20 -6.00
CA GLU A 28 8.28 22.61 -6.10
C GLU A 28 7.75 23.29 -7.38
N SER A 29 7.58 22.54 -8.46
CA SER A 29 6.85 22.98 -9.67
C SER A 29 5.37 23.29 -9.38
N ALA A 30 4.65 22.40 -8.67
CA ALA A 30 3.27 22.63 -8.22
C ALA A 30 3.15 23.79 -7.21
N ILE A 31 4.16 24.00 -6.34
CA ILE A 31 4.26 25.18 -5.45
C ILE A 31 4.45 26.48 -6.26
N GLY A 32 5.11 26.42 -7.41
CA GLY A 32 5.35 27.57 -8.30
C GLY A 32 6.22 28.68 -7.67
N GLY A 33 6.93 28.38 -6.59
CA GLY A 33 7.72 29.36 -5.81
C GLY A 33 6.91 30.29 -4.91
N ASN A 34 5.67 29.94 -4.53
CA ASN A 34 4.89 30.68 -3.52
C ASN A 34 5.65 30.83 -2.18
N ALA A 35 5.27 31.85 -1.38
CA ALA A 35 5.76 32.09 -0.02
C ALA A 35 5.27 31.00 0.97
N TYR A 36 5.64 31.13 2.24
CA TYR A 36 5.22 30.26 3.36
C TYR A 36 3.70 30.00 3.38
N GLN A 37 3.29 28.78 3.72
CA GLN A 37 1.89 28.33 3.74
C GLN A 37 1.52 27.57 5.04
N HIS A 38 0.23 27.28 5.21
CA HIS A 38 -0.33 26.45 6.29
C HIS A 38 -0.42 24.98 5.82
N SER A 39 -1.63 24.43 5.68
CA SER A 39 -1.92 23.03 5.32
C SER A 39 -1.61 22.66 3.86
N LYS A 40 -1.13 23.59 3.02
CA LYS A 40 -0.88 23.40 1.58
C LYS A 40 -0.06 22.14 1.28
N VAL A 41 0.96 21.86 2.07
CA VAL A 41 1.82 20.68 1.91
C VAL A 41 1.03 19.36 1.92
N ASN A 42 -0.10 19.25 2.64
CA ASN A 42 -1.04 18.13 2.56
C ASN A 42 -1.64 17.97 1.15
N GLN A 43 -2.25 19.03 0.62
CA GLN A 43 -2.84 18.99 -0.73
C GLN A 43 -1.77 18.83 -1.83
N TRP A 44 -0.53 19.24 -1.57
CA TRP A 44 0.59 19.09 -2.50
C TRP A 44 1.11 17.67 -2.53
N THR A 45 1.51 17.11 -1.38
CA THR A 45 2.01 15.73 -1.30
C THR A 45 0.99 14.70 -1.82
N THR A 46 -0.33 14.99 -1.77
CA THR A 46 -1.33 14.16 -2.46
C THR A 46 -1.46 14.50 -3.95
N ASN A 47 -1.75 15.75 -4.35
CA ASN A 47 -1.99 16.15 -5.75
C ASN A 47 -0.79 15.90 -6.68
N VAL A 48 0.43 16.06 -6.17
CA VAL A 48 1.67 15.89 -6.92
C VAL A 48 1.86 14.43 -7.22
N VAL A 49 2.04 13.59 -6.18
CA VAL A 49 2.16 12.14 -6.28
C VAL A 49 1.03 11.55 -7.14
N GLU A 50 -0.14 12.17 -7.17
CA GLU A 50 -1.30 11.69 -7.97
C GLU A 50 -1.02 11.62 -9.48
N GLN A 51 -0.18 12.53 -10.02
CA GLN A 51 0.24 12.58 -11.43
C GLN A 51 1.73 12.30 -11.62
N THR A 52 2.56 12.73 -10.67
CA THR A 52 4.01 12.52 -10.60
C THR A 52 4.37 11.05 -10.50
N LEU A 53 3.77 10.33 -9.55
CA LEU A 53 4.02 8.89 -9.38
C LEU A 53 3.55 8.12 -10.63
N SER A 54 2.38 8.45 -11.18
CA SER A 54 1.90 7.83 -12.41
C SER A 54 2.75 8.18 -13.64
N GLN A 55 3.43 9.34 -13.66
CA GLN A 55 4.39 9.79 -14.68
C GLN A 55 5.75 9.08 -14.60
N LEU A 56 6.40 8.99 -13.42
CA LEU A 56 7.72 8.35 -13.30
C LEU A 56 7.72 6.84 -13.58
N THR A 57 6.59 6.17 -13.31
CA THR A 57 6.33 4.80 -13.77
C THR A 57 6.42 4.69 -15.29
N LYS A 58 6.15 5.77 -16.03
CA LYS A 58 6.27 5.82 -17.51
C LYS A 58 7.64 6.26 -17.99
N LEU A 59 8.36 7.05 -17.19
CA LEU A 59 9.72 7.48 -17.50
C LEU A 59 10.67 6.29 -17.40
N GLY A 60 10.39 5.37 -16.47
CA GLY A 60 11.14 4.14 -16.25
C GLY A 60 10.47 2.93 -16.91
N LYS A 61 9.72 2.15 -16.12
CA LYS A 61 9.11 0.86 -16.52
C LYS A 61 7.64 0.72 -16.10
N PRO A 62 6.68 0.53 -17.05
CA PRO A 62 5.25 0.49 -16.77
C PRO A 62 4.84 -0.75 -15.94
N PHE A 63 4.51 -0.53 -14.67
CA PHE A 63 4.01 -1.54 -13.71
C PHE A 63 3.00 -0.93 -12.70
N LYS A 64 2.35 -1.78 -11.90
CA LYS A 64 1.44 -1.40 -10.82
C LYS A 64 2.21 -0.94 -9.57
N TYR A 65 2.65 0.32 -9.59
CA TYR A 65 3.19 1.06 -8.43
C TYR A 65 2.06 1.43 -7.46
N ILE A 66 2.30 1.28 -6.15
CA ILE A 66 1.42 1.73 -5.06
C ILE A 66 2.15 2.76 -4.19
N VAL A 67 1.40 3.64 -3.51
CA VAL A 67 1.88 4.43 -2.38
C VAL A 67 0.83 4.49 -1.27
N THR A 68 1.30 4.80 -0.07
CA THR A 68 0.48 5.34 1.02
C THR A 68 1.21 6.49 1.72
N CYS A 69 0.47 7.48 2.20
CA CYS A 69 0.96 8.58 3.03
C CYS A 69 0.00 8.86 4.19
N VAL A 70 0.56 9.20 5.36
CA VAL A 70 -0.17 9.43 6.61
C VAL A 70 0.13 10.84 7.09
N ILE A 71 -0.76 11.77 6.75
CA ILE A 71 -0.65 13.19 7.13
C ILE A 71 -1.40 13.38 8.46
N MET A 72 -0.63 13.71 9.50
CA MET A 72 -1.11 13.91 10.87
C MET A 72 -0.46 15.15 11.51
N GLN A 73 -1.04 15.67 12.59
CA GLN A 73 -0.44 16.74 13.38
C GLN A 73 0.84 16.27 14.11
N LYS A 74 1.76 17.19 14.36
CA LYS A 74 3.00 17.02 15.14
C LYS A 74 2.81 16.73 16.65
N ASN A 75 1.55 16.62 17.12
CA ASN A 75 1.19 16.32 18.51
C ASN A 75 1.79 15.01 19.07
N GLY A 76 2.19 14.07 18.20
CA GLY A 76 2.94 12.86 18.60
C GLY A 76 2.11 11.85 19.40
N ALA A 77 0.81 11.75 19.09
CA ALA A 77 -0.16 10.87 19.73
C ALA A 77 0.12 9.36 19.53
N GLY A 78 -0.75 8.50 20.04
CA GLY A 78 -0.69 7.04 19.92
C GLY A 78 -1.15 6.49 18.58
N LEU A 79 -0.70 7.06 17.44
CA LEU A 79 -0.98 6.53 16.10
C LEU A 79 -0.39 5.11 15.98
N HIS A 80 -1.19 4.11 15.60
CA HIS A 80 -0.76 2.72 15.38
C HIS A 80 -1.05 2.32 13.93
N THR A 81 -0.10 2.49 13.02
CA THR A 81 -0.26 2.17 11.59
C THR A 81 0.61 0.96 11.25
N ALA A 82 0.12 0.08 10.38
CA ALA A 82 0.85 -1.11 9.95
C ALA A 82 0.67 -1.39 8.45
N SER A 83 1.75 -1.80 7.79
CA SER A 83 1.84 -1.95 6.34
C SER A 83 2.60 -3.22 5.99
N SER A 84 2.06 -4.11 5.14
CA SER A 84 2.82 -5.30 4.69
C SER A 84 3.90 -4.99 3.63
N CYS A 85 4.22 -3.70 3.46
CA CYS A 85 5.34 -3.20 2.69
C CYS A 85 6.70 -3.73 3.18
N PHE A 86 7.72 -3.58 2.34
CA PHE A 86 9.08 -4.07 2.54
C PHE A 86 10.03 -3.44 1.51
N TRP A 87 11.24 -3.05 1.95
CA TRP A 87 12.30 -2.55 1.08
C TRP A 87 13.08 -3.71 0.44
N ASP A 88 13.59 -3.49 -0.78
CA ASP A 88 14.52 -4.37 -1.51
C ASP A 88 15.57 -3.55 -2.27
N SER A 89 16.70 -4.18 -2.62
CA SER A 89 17.70 -3.67 -3.59
C SER A 89 17.78 -4.57 -4.83
N SER A 90 18.22 -5.82 -4.64
CA SER A 90 18.44 -6.77 -5.74
C SER A 90 17.20 -7.58 -6.14
N THR A 91 16.19 -7.61 -5.26
CA THR A 91 14.94 -8.38 -5.41
C THR A 91 13.85 -7.60 -6.16
N ASP A 92 13.69 -6.30 -5.87
CA ASP A 92 12.71 -5.37 -6.46
C ASP A 92 13.07 -3.89 -6.18
N GLY A 93 12.17 -2.95 -6.51
CA GLY A 93 12.34 -1.50 -6.32
C GLY A 93 11.26 -0.84 -5.44
N SER A 94 11.68 0.10 -4.58
CA SER A 94 10.82 0.93 -3.70
C SER A 94 11.50 2.25 -3.32
N CYS A 95 10.73 3.26 -2.92
CA CYS A 95 11.20 4.60 -2.55
C CYS A 95 10.32 5.21 -1.44
N THR A 96 10.81 6.21 -0.71
CA THR A 96 10.05 6.92 0.35
C THR A 96 10.47 8.38 0.46
N VAL A 97 9.51 9.26 0.76
CA VAL A 97 9.67 10.72 0.71
C VAL A 97 9.07 11.32 1.97
N ARG A 98 9.94 11.70 2.91
CA ARG A 98 9.58 12.27 4.22
C ARG A 98 9.62 13.80 4.22
N TRP A 99 8.46 14.46 4.18
CA TRP A 99 8.32 15.90 4.38
C TRP A 99 7.76 16.20 5.79
N GLU A 100 8.24 17.30 6.38
CA GLU A 100 7.97 17.74 7.76
C GLU A 100 7.90 19.27 7.84
N ASN A 101 7.08 19.81 8.75
CA ASN A 101 6.79 21.24 8.86
C ASN A 101 6.67 21.71 10.32
N LYS A 102 6.25 22.97 10.52
CA LYS A 102 6.06 23.67 11.81
C LYS A 102 5.35 22.83 12.89
N THR A 103 4.13 22.37 12.60
CA THR A 103 3.28 21.58 13.51
C THR A 103 2.50 20.46 12.80
N MET A 104 2.96 20.04 11.61
CA MET A 104 2.39 18.94 10.82
C MET A 104 3.50 18.07 10.21
N TYR A 105 3.19 16.79 10.01
CA TYR A 105 4.07 15.75 9.45
C TYR A 105 3.39 15.09 8.26
N CYS A 106 4.08 15.01 7.12
CA CYS A 106 3.51 14.54 5.86
C CYS A 106 4.48 13.60 5.09
N ILE A 107 4.49 12.32 5.46
CA ILE A 107 5.41 11.31 4.94
C ILE A 107 4.72 10.29 4.03
N VAL A 108 5.30 10.00 2.86
CA VAL A 108 4.80 9.04 1.86
C VAL A 108 5.81 7.91 1.61
N SER A 109 5.31 6.72 1.33
CA SER A 109 6.10 5.52 1.04
C SER A 109 5.53 4.80 -0.19
N ALA A 110 6.41 4.49 -1.16
CA ALA A 110 6.07 4.00 -2.50
C ALA A 110 6.77 2.67 -2.83
N PHE A 111 6.03 1.74 -3.42
CA PHE A 111 6.48 0.38 -3.73
C PHE A 111 6.12 0.04 -5.18
N GLY A 112 7.14 -0.15 -6.02
CA GLY A 112 7.05 -0.23 -7.48
C GLY A 112 7.35 -1.62 -8.02
N LEU A 113 6.56 -2.61 -7.57
CA LEU A 113 6.81 -4.04 -7.77
C LEU A 113 6.90 -4.44 -9.25
N SER A 114 8.01 -5.06 -9.63
CA SER A 114 8.41 -5.36 -11.01
C SER A 114 8.89 -6.81 -11.18
N ILE A 115 7.97 -7.74 -11.48
CA ILE A 115 8.27 -9.19 -11.61
C ILE A 115 9.15 -9.56 -12.81
N GLY A 116 9.41 -8.63 -13.73
CA GLY A 116 10.17 -8.85 -14.98
C GLY A 116 11.66 -9.18 -14.80
N GLY A 117 12.24 -8.92 -13.60
CA GLY A 117 13.59 -9.35 -13.22
C GLY A 117 14.75 -8.64 -13.96
N GLY A 118 14.48 -7.56 -14.68
CA GLY A 118 15.43 -6.83 -15.54
C GLY A 118 16.70 -6.35 -14.83
N SER A 119 17.81 -7.05 -15.08
CA SER A 119 19.17 -6.77 -14.58
C SER A 119 19.62 -5.31 -14.81
N GLY A 120 20.27 -4.70 -13.82
CA GLY A 120 20.81 -3.33 -13.87
C GLY A 120 20.07 -2.30 -13.01
N GLN A 121 18.97 -2.71 -12.34
CA GLN A 121 18.10 -1.85 -11.51
C GLN A 121 18.38 -1.96 -9.99
N SER A 122 19.59 -2.37 -9.62
CA SER A 122 20.03 -2.60 -8.24
C SER A 122 21.37 -1.91 -7.92
N GLY A 123 22.43 -2.25 -8.65
CA GLY A 123 23.81 -1.78 -8.40
C GLY A 123 24.50 -2.66 -7.35
N PRO A 124 24.82 -2.14 -6.14
CA PRO A 124 25.43 -2.94 -5.08
C PRO A 124 24.43 -3.96 -4.48
N ILE A 125 24.92 -5.16 -4.21
CA ILE A 125 24.18 -6.24 -3.54
C ILE A 125 24.44 -6.21 -2.03
N LYS A 126 23.37 -6.29 -1.22
CA LYS A 126 23.42 -6.27 0.25
C LYS A 126 22.55 -7.37 0.84
N LEU A 127 23.11 -8.17 1.75
CA LEU A 127 22.37 -9.19 2.50
C LEU A 127 21.44 -8.52 3.53
N GLY A 128 20.14 -8.80 3.44
CA GLY A 128 19.10 -8.33 4.36
C GLY A 128 17.83 -9.18 4.28
N MET A 129 16.96 -9.06 5.29
CA MET A 129 15.70 -9.81 5.42
C MET A 129 14.50 -8.87 5.43
N ALA A 130 13.65 -8.99 4.40
CA ALA A 130 12.41 -8.24 4.25
C ALA A 130 11.34 -8.72 5.23
N LYS A 131 10.85 -7.81 6.09
CA LYS A 131 9.75 -8.03 7.04
C LYS A 131 8.68 -6.93 6.92
N ILE A 132 7.56 -7.09 7.63
CA ILE A 132 6.44 -6.13 7.70
C ILE A 132 6.92 -4.75 8.18
N THR A 133 6.37 -3.66 7.61
CA THR A 133 6.65 -2.27 7.99
C THR A 133 5.52 -1.72 8.87
N GLN A 134 5.64 -1.91 10.19
CA GLN A 134 4.84 -1.15 11.16
C GLN A 134 5.42 0.25 11.39
N VAL A 135 4.54 1.22 11.65
CA VAL A 135 4.82 2.63 12.00
C VAL A 135 3.89 3.03 13.14
N ASP A 136 4.39 2.94 14.38
CA ASP A 136 3.66 3.32 15.59
C ASP A 136 4.56 4.04 16.61
N PHE A 137 3.94 4.61 17.65
CA PHE A 137 4.61 5.24 18.79
C PHE A 137 4.27 4.48 20.09
N PRO A 138 5.05 3.46 20.47
CA PRO A 138 4.80 2.66 21.67
C PRO A 138 5.15 3.41 22.98
N PRO A 139 4.71 2.92 24.16
CA PRO A 139 4.95 3.58 25.44
C PRO A 139 6.42 3.52 25.88
N ARG A 140 7.11 2.39 25.65
CA ARG A 140 8.55 2.20 25.93
C ARG A 140 9.17 1.10 25.06
N GLU A 141 8.72 -0.13 25.30
CA GLU A 141 9.19 -1.37 24.65
C GLU A 141 8.44 -1.65 23.33
N ILE A 142 8.75 -2.75 22.64
CA ILE A 142 8.12 -3.20 21.40
C ILE A 142 7.49 -4.60 21.52
N VAL A 143 6.60 -4.95 20.58
CA VAL A 143 5.86 -6.23 20.49
C VAL A 143 5.93 -6.78 19.06
N GLY B 1 -7.97 -7.17 -19.11
CA GLY B 1 -7.67 -8.62 -19.14
C GLY B 1 -7.99 -9.23 -20.50
N SER B 2 -7.05 -9.14 -21.45
CA SER B 2 -7.18 -9.62 -22.85
C SER B 2 -6.87 -11.12 -23.02
N MET B 3 -6.56 -11.83 -21.94
CA MET B 3 -6.18 -13.26 -21.92
C MET B 3 -7.31 -14.24 -22.30
N GLU B 4 -8.52 -13.76 -22.58
CA GLU B 4 -9.73 -14.52 -22.94
C GLU B 4 -9.60 -15.47 -24.16
N ASP B 5 -8.55 -15.31 -24.99
CA ASP B 5 -8.18 -16.27 -26.04
C ASP B 5 -7.74 -17.65 -25.50
N TYR B 6 -7.32 -17.71 -24.23
CA TYR B 6 -6.77 -18.89 -23.54
C TYR B 6 -7.31 -19.02 -22.11
N GLN B 7 -6.78 -19.95 -21.32
CA GLN B 7 -7.09 -20.12 -19.90
C GLN B 7 -5.85 -20.46 -19.07
N ALA B 8 -5.80 -19.92 -17.85
CA ALA B 8 -4.76 -20.12 -16.84
C ALA B 8 -5.21 -21.12 -15.74
N ALA B 9 -4.35 -21.38 -14.76
CA ALA B 9 -4.62 -22.23 -13.59
C ALA B 9 -5.59 -21.59 -12.56
N GLU B 10 -6.73 -21.07 -13.00
CA GLU B 10 -7.80 -20.56 -12.12
C GLU B 10 -8.39 -21.67 -11.21
N GLU B 11 -8.24 -22.95 -11.58
CA GLU B 11 -8.68 -24.11 -10.79
C GLU B 11 -8.08 -24.19 -9.37
N THR B 12 -6.94 -23.52 -9.12
CA THR B 12 -6.34 -23.36 -7.79
C THR B 12 -6.48 -21.94 -7.22
N ALA B 13 -6.71 -20.92 -8.07
CA ALA B 13 -6.92 -19.53 -7.64
C ALA B 13 -8.16 -19.34 -6.73
N PHE B 14 -8.23 -18.21 -6.03
CA PHE B 14 -9.33 -17.85 -5.13
C PHE B 14 -9.93 -16.47 -5.41
N VAL B 15 -11.20 -16.30 -5.03
CA VAL B 15 -12.00 -15.08 -5.15
C VAL B 15 -11.96 -14.25 -3.86
N VAL B 16 -12.25 -12.96 -3.97
CA VAL B 16 -12.32 -11.99 -2.86
C VAL B 16 -13.33 -12.41 -1.78
N ASP B 17 -14.46 -13.00 -2.19
CA ASP B 17 -15.50 -13.52 -1.29
C ASP B 17 -14.99 -14.66 -0.38
N GLU B 18 -13.92 -15.37 -0.76
CA GLU B 18 -13.24 -16.32 0.14
C GLU B 18 -12.38 -15.57 1.16
N VAL B 19 -11.42 -14.77 0.68
CA VAL B 19 -10.48 -13.94 1.47
C VAL B 19 -11.17 -13.12 2.56
N SER B 20 -12.31 -12.52 2.22
CA SER B 20 -13.20 -11.76 3.13
C SER B 20 -13.78 -12.59 4.29
N ASN B 21 -13.63 -13.92 4.28
CA ASN B 21 -14.04 -14.85 5.34
C ASN B 21 -12.83 -15.55 6.01
N ILE B 22 -11.75 -15.84 5.25
CA ILE B 22 -10.44 -16.25 5.81
C ILE B 22 -9.98 -15.29 6.91
N VAL B 23 -10.15 -13.98 6.72
CA VAL B 23 -9.76 -13.00 7.75
C VAL B 23 -10.51 -13.23 9.08
N LYS B 24 -11.83 -13.50 9.04
CA LYS B 24 -12.63 -13.75 10.26
C LYS B 24 -12.20 -15.04 10.94
N GLU B 25 -12.17 -16.15 10.19
CA GLU B 25 -11.80 -17.45 10.76
C GLU B 25 -10.35 -17.46 11.32
N ALA B 26 -9.43 -16.70 10.73
CA ALA B 26 -8.06 -16.56 11.21
C ALA B 26 -7.95 -15.63 12.43
N ILE B 27 -8.63 -14.48 12.45
CA ILE B 27 -8.68 -13.61 13.64
C ILE B 27 -9.25 -14.38 14.82
N GLU B 28 -10.46 -14.91 14.70
CA GLU B 28 -11.12 -15.59 15.83
C GLU B 28 -10.37 -16.85 16.31
N SER B 29 -9.62 -17.51 15.42
CA SER B 29 -8.66 -18.57 15.78
C SER B 29 -7.52 -18.04 16.66
N ALA B 30 -6.89 -16.90 16.29
CA ALA B 30 -5.88 -16.23 17.11
C ALA B 30 -6.42 -15.70 18.46
N ILE B 31 -7.68 -15.24 18.50
CA ILE B 31 -8.41 -14.88 19.73
C ILE B 31 -8.63 -16.11 20.63
N GLY B 32 -8.78 -17.31 20.06
CA GLY B 32 -9.00 -18.56 20.79
C GLY B 32 -10.28 -18.60 21.64
N GLY B 33 -11.24 -17.70 21.38
CA GLY B 33 -12.48 -17.54 22.16
C GLY B 33 -12.32 -16.86 23.52
N ASN B 34 -11.25 -16.07 23.75
CA ASN B 34 -11.09 -15.23 24.95
C ASN B 34 -12.28 -14.26 25.15
N ALA B 35 -12.49 -13.81 26.40
CA ALA B 35 -13.46 -12.80 26.79
C ALA B 35 -13.11 -11.40 26.23
N TYR B 36 -13.93 -10.39 26.54
CA TYR B 36 -13.73 -8.98 26.18
C TYR B 36 -12.30 -8.47 26.49
N GLN B 37 -11.73 -7.64 25.62
CA GLN B 37 -10.37 -7.09 25.73
C GLN B 37 -10.33 -5.57 25.50
N HIS B 38 -9.15 -4.97 25.74
CA HIS B 38 -8.83 -3.57 25.46
C HIS B 38 -8.21 -3.45 24.05
N SER B 39 -6.93 -3.08 23.95
CA SER B 39 -6.19 -2.83 22.70
C SER B 39 -5.84 -4.10 21.90
N LYS B 40 -6.21 -5.31 22.36
CA LYS B 40 -5.86 -6.61 21.73
C LYS B 40 -6.15 -6.66 20.23
N VAL B 41 -7.30 -6.11 19.81
CA VAL B 41 -7.70 -6.06 18.40
C VAL B 41 -6.66 -5.38 17.50
N ASN B 42 -5.87 -4.43 17.99
CA ASN B 42 -4.70 -3.85 17.29
C ASN B 42 -3.62 -4.92 17.02
N GLN B 43 -3.13 -5.60 18.07
CA GLN B 43 -2.12 -6.66 17.89
C GLN B 43 -2.65 -7.85 17.09
N TRP B 44 -3.95 -8.09 17.09
CA TRP B 44 -4.59 -9.16 16.31
C TRP B 44 -4.69 -8.80 14.83
N THR B 45 -5.31 -7.66 14.48
CA THR B 45 -5.43 -7.23 13.08
C THR B 45 -4.05 -7.07 12.39
N THR B 46 -2.97 -6.80 13.15
CA THR B 46 -1.60 -6.88 12.59
C THR B 46 -1.05 -8.32 12.56
N ASN B 47 -0.96 -9.03 13.69
CA ASN B 47 -0.35 -10.38 13.79
C ASN B 47 -1.03 -11.44 12.90
N VAL B 48 -2.34 -11.34 12.74
CA VAL B 48 -3.14 -12.28 11.94
C VAL B 48 -2.83 -12.08 10.48
N VAL B 49 -3.14 -10.90 9.94
CA VAL B 49 -2.84 -10.49 8.56
C VAL B 49 -1.37 -10.77 8.21
N GLU B 50 -0.46 -10.72 9.20
CA GLU B 50 0.99 -10.96 8.98
C GLU B 50 1.30 -12.38 8.44
N GLN B 51 0.51 -13.39 8.83
CA GLN B 51 0.63 -14.79 8.38
C GLN B 51 -0.56 -15.24 7.53
N THR B 52 -1.76 -14.76 7.86
CA THR B 52 -3.03 -15.00 7.16
C THR B 52 -3.00 -14.48 5.73
N LEU B 53 -2.62 -13.22 5.53
CA LEU B 53 -2.53 -12.63 4.19
C LEU B 53 -1.47 -13.35 3.35
N SER B 54 -0.30 -13.65 3.94
CA SER B 54 0.73 -14.43 3.24
C SER B 54 0.32 -15.88 2.94
N GLN B 55 -0.57 -16.49 3.74
CA GLN B 55 -1.19 -17.81 3.55
C GLN B 55 -2.25 -17.83 2.44
N LEU B 56 -3.23 -16.93 2.43
CA LEU B 56 -4.29 -16.93 1.40
C LEU B 56 -3.80 -16.64 -0.03
N THR B 57 -2.71 -15.87 -0.15
CA THR B 57 -1.96 -15.72 -1.41
C THR B 57 -1.47 -17.09 -1.93
N LYS B 58 -1.23 -18.05 -1.03
CA LYS B 58 -0.83 -19.43 -1.41
C LYS B 58 -2.00 -20.36 -1.64
N LEU B 59 -3.13 -20.12 -0.97
CA LEU B 59 -4.35 -20.90 -1.15
C LEU B 59 -4.94 -20.62 -2.53
N GLY B 60 -4.78 -19.39 -3.03
CA GLY B 60 -5.21 -18.93 -4.35
C GLY B 60 -4.08 -18.93 -5.37
N LYS B 61 -3.47 -17.76 -5.60
CA LYS B 61 -2.46 -17.52 -6.65
C LYS B 61 -1.24 -16.72 -6.12
N PRO B 62 0.00 -17.26 -6.20
CA PRO B 62 1.20 -16.62 -5.66
C PRO B 62 1.59 -15.34 -6.43
N PHE B 63 1.37 -14.19 -5.80
CA PHE B 63 1.72 -12.84 -6.28
C PHE B 63 2.09 -11.89 -5.13
N LYS B 64 2.58 -10.69 -5.46
CA LYS B 64 2.87 -9.59 -4.52
C LYS B 64 1.59 -8.86 -4.08
N TYR B 65 0.93 -9.42 -3.09
CA TYR B 65 -0.14 -8.79 -2.32
C TYR B 65 0.45 -7.74 -1.35
N ILE B 66 -0.23 -6.62 -1.18
CA ILE B 66 0.06 -5.59 -0.16
C ILE B 66 -1.19 -5.31 0.68
N VAL B 67 -0.99 -4.80 1.89
CA VAL B 67 -2.02 -4.18 2.72
C VAL B 67 -1.48 -2.94 3.42
N THR B 68 -2.40 -2.07 3.83
CA THR B 68 -2.17 -1.09 4.90
C THR B 68 -3.36 -1.03 5.85
N CYS B 69 -3.11 -0.68 7.11
CA CYS B 69 -4.13 -0.38 8.12
C CYS B 69 -3.72 0.79 9.02
N VAL B 70 -4.72 1.53 9.53
CA VAL B 70 -4.56 2.71 10.38
C VAL B 70 -5.43 2.54 11.62
N ILE B 71 -4.80 2.19 12.73
CA ILE B 71 -5.44 1.95 14.02
C ILE B 71 -5.28 3.20 14.89
N MET B 72 -6.40 3.83 15.24
CA MET B 72 -6.41 5.07 16.05
C MET B 72 -7.59 5.07 17.04
N GLN B 73 -7.36 5.71 18.20
CA GLN B 73 -8.28 5.84 19.32
C GLN B 73 -7.98 7.14 20.10
N LYS B 74 -8.64 8.25 19.75
CA LYS B 74 -8.52 9.54 20.47
C LYS B 74 -9.80 10.38 20.41
N ASN B 75 -10.24 10.75 19.21
CA ASN B 75 -11.40 11.61 18.98
C ASN B 75 -12.28 11.16 17.79
N GLY B 76 -11.67 10.85 16.64
CA GLY B 76 -12.34 10.36 15.42
C GLY B 76 -12.32 11.31 14.22
N ALA B 77 -11.86 12.56 14.40
CA ALA B 77 -11.81 13.60 13.38
C ALA B 77 -10.52 14.43 13.47
N GLY B 78 -9.42 13.89 12.95
CA GLY B 78 -8.09 14.54 12.96
C GLY B 78 -7.01 13.84 12.14
N LEU B 79 -7.39 13.01 11.16
CA LEU B 79 -6.53 12.17 10.33
C LEU B 79 -6.69 12.48 8.83
N HIS B 80 -5.58 12.62 8.10
CA HIS B 80 -5.56 12.87 6.64
C HIS B 80 -4.65 11.83 5.96
N THR B 81 -5.18 10.67 5.59
CA THR B 81 -4.41 9.60 4.93
C THR B 81 -4.78 9.52 3.46
N ALA B 82 -3.80 9.26 2.59
CA ALA B 82 -4.03 9.12 1.15
C ALA B 82 -3.25 7.93 0.57
N SER B 83 -3.90 7.18 -0.31
CA SER B 83 -3.41 5.90 -0.85
C SER B 83 -3.65 5.85 -2.35
N SER B 84 -2.64 5.54 -3.17
CA SER B 84 -2.85 5.40 -4.64
C SER B 84 -3.56 4.10 -5.04
N CYS B 85 -4.08 3.37 -4.05
CA CYS B 85 -4.92 2.19 -4.23
C CYS B 85 -6.22 2.49 -4.98
N PHE B 86 -6.89 1.42 -5.41
CA PHE B 86 -8.11 1.43 -6.21
C PHE B 86 -8.78 0.04 -6.22
N TRP B 87 -10.10 -0.02 -6.27
CA TRP B 87 -10.86 -1.27 -6.42
C TRP B 87 -11.01 -1.64 -7.91
N ASP B 88 -11.12 -2.94 -8.18
CA ASP B 88 -11.43 -3.53 -9.49
C ASP B 88 -12.09 -4.93 -9.39
N SER B 89 -12.77 -5.33 -10.47
CA SER B 89 -13.63 -6.52 -10.57
C SER B 89 -13.22 -7.45 -11.74
N SER B 90 -13.12 -6.87 -12.95
CA SER B 90 -12.69 -7.56 -14.19
C SER B 90 -11.26 -7.19 -14.61
N THR B 91 -10.62 -6.23 -13.94
CA THR B 91 -9.24 -5.76 -14.20
C THR B 91 -8.21 -6.50 -13.35
N ASP B 92 -8.50 -6.73 -12.07
CA ASP B 92 -7.65 -7.39 -11.06
C ASP B 92 -8.48 -7.78 -9.81
N GLY B 93 -7.84 -8.12 -8.68
CA GLY B 93 -8.48 -8.40 -7.38
C GLY B 93 -7.97 -7.55 -6.20
N SER B 94 -8.89 -7.17 -5.31
CA SER B 94 -8.64 -6.44 -4.05
C SER B 94 -9.73 -6.73 -2.99
N CYS B 95 -9.42 -6.53 -1.71
CA CYS B 95 -10.29 -6.81 -0.56
C CYS B 95 -10.09 -5.78 0.57
N THR B 96 -11.05 -5.63 1.49
CA THR B 96 -10.92 -4.73 2.65
C THR B 96 -11.72 -5.26 3.84
N VAL B 97 -11.20 -5.03 5.06
CA VAL B 97 -11.72 -5.61 6.31
C VAL B 97 -11.78 -4.53 7.38
N ARG B 98 -12.99 -4.05 7.66
CA ARG B 98 -13.27 -3.00 8.65
C ARG B 98 -13.70 -3.59 10.00
N TRP B 99 -12.80 -3.58 10.99
CA TRP B 99 -13.12 -3.89 12.39
C TRP B 99 -13.32 -2.60 13.20
N GLU B 100 -14.32 -2.61 14.08
CA GLU B 100 -14.77 -1.49 14.90
C GLU B 100 -15.12 -1.95 16.32
N ASN B 101 -14.94 -1.07 17.31
CA ASN B 101 -15.03 -1.39 18.74
C ASN B 101 -15.66 -0.22 19.54
N LYS B 102 -15.54 -0.27 20.88
CA LYS B 102 -16.01 0.73 21.87
C LYS B 102 -15.74 2.19 21.46
N THR B 103 -14.46 2.53 21.28
CA THR B 103 -14.00 3.88 20.86
C THR B 103 -12.75 3.85 19.96
N MET B 104 -12.15 2.68 19.75
CA MET B 104 -11.09 2.44 18.76
C MET B 104 -11.70 1.92 17.46
N TYR B 105 -11.05 2.23 16.34
CA TYR B 105 -11.40 1.76 14.98
C TYR B 105 -10.14 1.25 14.30
N CYS B 106 -10.24 0.08 13.65
CA CYS B 106 -9.10 -0.64 13.11
C CYS B 106 -9.41 -1.28 11.74
N ILE B 107 -9.28 -0.50 10.67
CA ILE B 107 -9.61 -0.91 9.30
C ILE B 107 -8.35 -1.23 8.49
N VAL B 108 -8.37 -2.32 7.73
CA VAL B 108 -7.29 -2.76 6.83
C VAL B 108 -7.81 -2.87 5.38
N SER B 109 -6.96 -2.51 4.43
CA SER B 109 -7.26 -2.56 2.99
C SER B 109 -6.14 -3.26 2.23
N ALA B 110 -6.50 -4.26 1.42
CA ALA B 110 -5.61 -5.23 0.77
C ALA B 110 -5.77 -5.24 -0.76
N PHE B 111 -4.65 -5.29 -1.48
CA PHE B 111 -4.59 -5.20 -2.93
C PHE B 111 -3.65 -6.31 -3.46
N GLY B 112 -4.21 -7.24 -4.23
CA GLY B 112 -3.58 -8.52 -4.60
C GLY B 112 -3.27 -8.61 -6.10
N LEU B 113 -2.42 -7.70 -6.58
CA LEU B 113 -2.20 -7.43 -8.00
C LEU B 113 -1.65 -8.63 -8.78
N SER B 114 -2.33 -8.99 -9.87
CA SER B 114 -2.13 -10.23 -10.64
C SER B 114 -2.10 -9.96 -12.16
N ILE B 115 -0.93 -9.63 -12.71
CA ILE B 115 -0.75 -9.28 -14.14
C ILE B 115 -0.98 -10.46 -15.11
N GLY B 116 -1.10 -11.69 -14.61
CA GLY B 116 -1.30 -12.92 -15.41
C GLY B 116 -2.60 -12.97 -16.22
N GLY B 117 -3.59 -12.14 -15.89
CA GLY B 117 -4.80 -11.90 -16.69
C GLY B 117 -5.80 -13.06 -16.79
N GLY B 118 -5.63 -14.12 -15.98
CA GLY B 118 -6.42 -15.36 -16.05
C GLY B 118 -7.94 -15.15 -16.01
N SER B 119 -8.67 -15.99 -16.75
CA SER B 119 -10.14 -16.09 -16.72
C SER B 119 -10.68 -16.49 -15.33
N GLY B 120 -12.01 -16.49 -15.14
CA GLY B 120 -12.65 -16.85 -13.87
C GLY B 120 -12.31 -15.88 -12.73
N GLN B 121 -12.33 -14.58 -13.02
CA GLN B 121 -12.17 -13.46 -12.09
C GLN B 121 -13.40 -13.31 -11.15
N SER B 122 -13.73 -12.09 -10.69
CA SER B 122 -14.92 -11.82 -9.85
C SER B 122 -16.22 -12.42 -10.42
N GLY B 123 -16.39 -12.34 -11.76
CA GLY B 123 -17.49 -12.96 -12.51
C GLY B 123 -18.31 -11.92 -13.30
N PRO B 124 -19.22 -11.18 -12.65
CA PRO B 124 -20.02 -10.14 -13.30
C PRO B 124 -19.14 -8.94 -13.72
N ILE B 125 -19.46 -8.33 -14.85
CA ILE B 125 -18.81 -7.12 -15.38
C ILE B 125 -19.60 -5.87 -14.97
N LYS B 126 -18.91 -4.88 -14.38
CA LYS B 126 -19.49 -3.61 -13.91
C LYS B 126 -18.65 -2.43 -14.42
N LEU B 127 -19.27 -1.50 -15.15
CA LEU B 127 -18.63 -0.26 -15.60
C LEU B 127 -18.32 0.64 -14.38
N GLY B 128 -17.05 1.00 -14.22
CA GLY B 128 -16.56 1.90 -13.18
C GLY B 128 -15.17 2.48 -13.51
N MET B 129 -14.81 3.58 -12.86
CA MET B 129 -13.55 4.30 -13.07
C MET B 129 -12.70 4.28 -11.79
N ALA B 130 -11.55 3.63 -11.86
CA ALA B 130 -10.56 3.53 -10.78
C ALA B 130 -9.82 4.85 -10.58
N LYS B 131 -9.92 5.43 -9.38
CA LYS B 131 -9.23 6.66 -8.95
C LYS B 131 -8.51 6.44 -7.60
N ILE B 132 -7.72 7.43 -7.16
CA ILE B 132 -6.99 7.43 -5.88
C ILE B 132 -7.96 7.25 -4.69
N THR B 133 -7.53 6.53 -3.64
CA THR B 133 -8.29 6.31 -2.40
C THR B 133 -7.71 7.15 -1.26
N GLN B 134 -8.23 8.38 -1.10
CA GLN B 134 -8.03 9.16 0.12
C GLN B 134 -9.03 8.75 1.23
N VAL B 135 -8.60 8.88 2.47
CA VAL B 135 -9.36 8.64 3.71
C VAL B 135 -8.99 9.71 4.74
N ASP B 136 -9.80 10.77 4.78
CA ASP B 136 -9.65 11.92 5.69
C ASP B 136 -11.00 12.35 6.30
N PHE B 137 -10.95 13.22 7.29
CA PHE B 137 -12.12 13.88 7.90
C PHE B 137 -12.07 15.40 7.65
N PRO B 138 -12.68 15.90 6.55
CA PRO B 138 -12.69 17.32 6.22
C PRO B 138 -13.65 18.13 7.12
N PRO B 139 -13.56 19.48 7.12
CA PRO B 139 -14.41 20.34 7.95
C PRO B 139 -15.89 20.37 7.50
N ARG B 140 -16.14 20.38 6.18
CA ARG B 140 -17.48 20.32 5.58
C ARG B 140 -17.46 19.77 4.15
N GLU B 141 -16.84 20.52 3.25
CA GLU B 141 -16.72 20.23 1.81
C GLU B 141 -15.49 19.35 1.50
N ILE B 142 -15.25 19.02 0.23
CA ILE B 142 -14.13 18.22 -0.26
C ILE B 142 -13.25 19.00 -1.27
N VAL B 143 -12.07 18.47 -1.59
CA VAL B 143 -11.07 19.03 -2.55
C VAL B 143 -10.48 17.95 -3.46
N GLY A 1 12.59 -23.37 -18.64
CA GLY A 1 13.76 -22.56 -18.26
C GLY A 1 14.88 -22.70 -19.28
N SER A 2 15.18 -21.63 -20.03
CA SER A 2 16.25 -21.57 -21.04
C SER A 2 17.44 -20.70 -20.59
N MET A 3 18.61 -20.95 -21.16
CA MET A 3 19.86 -20.23 -20.83
C MET A 3 19.98 -18.89 -21.58
N GLU A 4 19.76 -18.89 -22.89
CA GLU A 4 19.83 -17.67 -23.73
C GLU A 4 18.72 -16.64 -23.45
N ASP A 5 17.69 -17.02 -22.69
CA ASP A 5 16.62 -16.14 -22.20
C ASP A 5 17.09 -15.12 -21.15
N TYR A 6 18.22 -15.37 -20.45
CA TYR A 6 18.84 -14.38 -19.55
C TYR A 6 19.46 -13.22 -20.35
N GLN A 7 19.18 -11.99 -19.93
CA GLN A 7 19.64 -10.76 -20.58
C GLN A 7 19.89 -9.63 -19.56
N ALA A 8 20.83 -8.72 -19.87
CA ALA A 8 21.29 -7.63 -19.00
C ALA A 8 20.57 -6.27 -19.23
N ALA A 9 19.49 -6.26 -20.04
CA ALA A 9 18.74 -5.06 -20.46
C ALA A 9 18.08 -4.26 -19.31
N GLU A 10 18.05 -4.82 -18.10
CA GLU A 10 17.59 -4.19 -16.86
C GLU A 10 18.26 -2.83 -16.57
N GLU A 11 19.43 -2.54 -17.14
CA GLU A 11 20.10 -1.23 -17.08
C GLU A 11 19.24 -0.05 -17.58
N THR A 12 18.23 -0.31 -18.42
CA THR A 12 17.26 0.70 -18.89
C THR A 12 16.24 1.10 -17.80
N ALA A 13 16.05 0.28 -16.77
CA ALA A 13 15.14 0.59 -15.66
C ALA A 13 15.65 1.80 -14.86
N PHE A 14 14.71 2.60 -14.34
CA PHE A 14 15.00 3.70 -13.42
C PHE A 14 15.60 3.15 -12.10
N VAL A 15 16.37 3.98 -11.38
CA VAL A 15 17.01 3.65 -10.09
C VAL A 15 16.40 4.48 -8.96
N VAL A 16 16.49 4.00 -7.71
CA VAL A 16 15.97 4.66 -6.50
C VAL A 16 16.57 6.05 -6.33
N ASP A 17 17.88 6.15 -6.55
CA ASP A 17 18.65 7.40 -6.57
C ASP A 17 18.28 8.35 -7.74
N GLU A 18 17.23 8.05 -8.52
CA GLU A 18 16.79 8.87 -9.66
C GLU A 18 15.35 9.29 -9.42
N VAL A 19 14.46 8.32 -9.19
CA VAL A 19 13.11 8.58 -8.65
C VAL A 19 13.10 9.56 -7.48
N SER A 20 14.03 9.41 -6.52
CA SER A 20 14.20 10.32 -5.37
C SER A 20 14.59 11.76 -5.75
N ASN A 21 14.94 12.02 -7.01
CA ASN A 21 15.27 13.34 -7.58
C ASN A 21 14.15 13.87 -8.51
N ILE A 22 13.51 13.00 -9.30
CA ILE A 22 12.30 13.28 -10.10
C ILE A 22 11.23 13.95 -9.23
N VAL A 23 11.03 13.47 -7.99
CA VAL A 23 10.05 14.10 -7.09
C VAL A 23 10.36 15.58 -6.79
N LYS A 24 11.63 15.95 -6.55
CA LYS A 24 12.02 17.35 -6.31
C LYS A 24 11.81 18.20 -7.56
N GLU A 25 12.35 17.76 -8.70
CA GLU A 25 12.23 18.54 -9.94
C GLU A 25 10.77 18.71 -10.42
N ALA A 26 9.89 17.75 -10.13
CA ALA A 26 8.47 17.81 -10.44
C ALA A 26 7.66 18.66 -9.43
N ILE A 27 7.95 18.57 -8.11
CA ILE A 27 7.31 19.42 -7.10
C ILE A 27 7.58 20.90 -7.43
N GLU A 28 8.84 21.28 -7.57
CA GLU A 28 9.21 22.68 -7.83
C GLU A 28 8.63 23.22 -9.16
N SER A 29 8.45 22.36 -10.17
CA SER A 29 7.69 22.65 -11.40
C SER A 29 6.22 23.02 -11.09
N ALA A 30 5.50 22.23 -10.29
CA ALA A 30 4.15 22.52 -9.85
C ALA A 30 4.03 23.74 -8.90
N ILE A 31 5.05 24.01 -8.06
CA ILE A 31 5.14 25.22 -7.22
C ILE A 31 5.19 26.50 -8.09
N GLY A 32 5.87 26.44 -9.24
CA GLY A 32 6.07 27.59 -10.13
C GLY A 32 7.07 28.64 -9.60
N GLY A 33 7.89 28.27 -8.61
CA GLY A 33 8.89 29.15 -7.97
C GLY A 33 8.34 30.16 -6.96
N ASN A 34 7.11 29.97 -6.47
CA ASN A 34 6.47 30.86 -5.49
C ASN A 34 7.19 30.90 -4.11
N ALA A 35 6.81 31.85 -3.25
CA ALA A 35 7.33 32.06 -1.90
C ALA A 35 6.84 30.99 -0.88
N TYR A 36 7.07 31.25 0.41
CA TYR A 36 6.54 30.48 1.54
C TYR A 36 5.00 30.31 1.48
N GLN A 37 4.48 29.20 2.02
CA GLN A 37 3.06 28.86 2.03
C GLN A 37 2.63 28.13 3.33
N HIS A 38 1.32 27.91 3.50
CA HIS A 38 0.69 27.24 4.66
C HIS A 38 0.60 25.71 4.45
N SER A 39 -0.53 25.22 3.92
CA SER A 39 -0.87 23.83 3.62
C SER A 39 -0.67 23.44 2.15
N LYS A 40 -0.14 24.35 1.30
CA LYS A 40 0.21 24.06 -0.11
C LYS A 40 1.04 22.79 -0.26
N VAL A 41 2.04 22.60 0.61
CA VAL A 41 2.91 21.41 0.63
C VAL A 41 2.13 20.09 0.68
N ASN A 42 1.00 20.02 1.40
CA ASN A 42 0.10 18.86 1.42
C ASN A 42 -0.59 18.62 0.05
N GLN A 43 -1.22 19.65 -0.53
CA GLN A 43 -1.84 19.52 -1.86
C GLN A 43 -0.80 19.29 -2.98
N TRP A 44 0.46 19.68 -2.77
CA TRP A 44 1.57 19.45 -3.70
C TRP A 44 2.06 18.01 -3.63
N THR A 45 2.45 17.52 -2.45
CA THR A 45 2.90 16.13 -2.28
C THR A 45 1.86 15.10 -2.75
N THR A 46 0.55 15.41 -2.68
CA THR A 46 -0.48 14.56 -3.30
C THR A 46 -0.57 14.78 -4.82
N ASN A 47 -0.85 16.01 -5.32
CA ASN A 47 -1.09 16.30 -6.74
C ASN A 47 0.10 15.93 -7.65
N VAL A 48 1.32 16.22 -7.22
CA VAL A 48 2.56 15.98 -7.98
C VAL A 48 2.77 14.50 -8.15
N VAL A 49 2.96 13.78 -7.04
CA VAL A 49 3.12 12.32 -7.02
C VAL A 49 2.00 11.64 -7.82
N GLU A 50 0.80 12.25 -7.89
CA GLU A 50 -0.35 11.67 -8.62
C GLU A 50 -0.05 11.42 -10.11
N GLN A 51 0.69 12.33 -10.74
CA GLN A 51 1.09 12.28 -12.16
C GLN A 51 2.58 11.94 -12.34
N THR A 52 3.44 12.50 -11.49
CA THR A 52 4.89 12.31 -11.44
C THR A 52 5.28 10.86 -11.19
N LEU A 53 4.72 10.22 -10.17
CA LEU A 53 4.98 8.81 -9.86
C LEU A 53 4.46 7.88 -10.97
N SER A 54 3.33 8.24 -11.58
CA SER A 54 2.81 7.57 -12.78
C SER A 54 3.76 7.74 -13.99
N GLN A 55 4.35 8.91 -14.18
CA GLN A 55 5.30 9.26 -15.25
C GLN A 55 6.64 8.50 -15.12
N LEU A 56 7.29 8.47 -13.96
CA LEU A 56 8.56 7.75 -13.78
C LEU A 56 8.44 6.22 -13.93
N THR A 57 7.26 5.68 -13.67
CA THR A 57 6.90 4.29 -14.00
C THR A 57 6.94 4.03 -15.51
N LYS A 58 6.79 5.09 -16.33
CA LYS A 58 6.87 5.01 -17.80
C LYS A 58 8.29 5.27 -18.35
N LEU A 59 9.12 5.99 -17.59
CA LEU A 59 10.53 6.27 -17.91
C LEU A 59 11.44 5.03 -17.94
N GLY A 60 11.04 3.94 -17.25
CA GLY A 60 11.74 2.65 -17.24
C GLY A 60 10.79 1.47 -17.48
N LYS A 61 10.85 0.44 -16.63
CA LYS A 61 9.99 -0.77 -16.73
C LYS A 61 8.50 -0.43 -16.50
N PRO A 62 7.59 -0.68 -17.46
CA PRO A 62 6.14 -0.41 -17.31
C PRO A 62 5.45 -1.48 -16.44
N PHE A 63 4.81 -1.06 -15.33
CA PHE A 63 4.13 -1.91 -14.34
C PHE A 63 3.19 -1.11 -13.41
N LYS A 64 2.64 -1.72 -12.35
CA LYS A 64 1.83 -1.05 -11.31
C LYS A 64 2.69 -0.61 -10.11
N TYR A 65 2.67 0.68 -9.76
CA TYR A 65 3.35 1.30 -8.62
C TYR A 65 2.31 1.81 -7.62
N ILE A 66 2.41 1.42 -6.34
CA ILE A 66 1.55 1.93 -5.25
C ILE A 66 2.29 3.01 -4.46
N VAL A 67 1.54 3.97 -3.93
CA VAL A 67 2.00 4.94 -2.95
C VAL A 67 0.96 5.18 -1.86
N THR A 68 1.43 5.61 -0.70
CA THR A 68 0.61 6.03 0.44
C THR A 68 1.24 7.26 1.10
N CYS A 69 0.43 8.07 1.78
CA CYS A 69 0.89 9.20 2.59
C CYS A 69 0.02 9.43 3.83
N VAL A 70 0.63 9.95 4.89
CA VAL A 70 0.00 10.21 6.20
C VAL A 70 0.34 11.64 6.63
N ILE A 71 -0.71 12.43 6.88
CA ILE A 71 -0.67 13.85 7.21
C ILE A 71 -1.18 14.01 8.65
N MET A 72 -0.24 14.12 9.58
CA MET A 72 -0.49 14.29 11.00
C MET A 72 -0.09 15.71 11.47
N GLN A 73 -0.68 16.17 12.57
CA GLN A 73 -0.54 17.53 13.08
C GLN A 73 -0.02 17.52 14.53
N LYS A 74 0.98 18.37 14.81
CA LYS A 74 1.67 18.46 16.12
C LYS A 74 0.80 18.91 17.30
N ASN A 75 -0.43 19.37 17.04
CA ASN A 75 -1.42 19.81 18.03
C ASN A 75 -1.79 18.75 19.09
N GLY A 76 -1.52 17.47 18.81
CA GLY A 76 -1.66 16.36 19.76
C GLY A 76 -2.66 15.28 19.32
N ALA A 77 -2.65 14.90 18.04
CA ALA A 77 -3.65 14.03 17.44
C ALA A 77 -3.00 12.89 16.60
N GLY A 78 -2.44 11.90 17.29
CA GLY A 78 -1.67 10.79 16.70
C GLY A 78 -2.15 9.39 17.08
N LEU A 79 -1.75 8.39 16.29
CA LEU A 79 -2.32 7.03 16.28
C LEU A 79 -1.28 5.93 15.98
N HIS A 80 -1.72 4.67 15.91
CA HIS A 80 -0.88 3.53 15.51
C HIS A 80 -1.24 3.08 14.08
N THR A 81 -0.33 3.29 13.12
CA THR A 81 -0.48 2.88 11.71
C THR A 81 0.51 1.76 11.40
N ALA A 82 0.13 0.81 10.54
CA ALA A 82 0.96 -0.33 10.16
C ALA A 82 0.75 -0.73 8.69
N SER A 83 1.81 -1.22 8.06
CA SER A 83 1.76 -1.69 6.67
C SER A 83 2.63 -2.92 6.45
N SER A 84 2.11 -3.88 5.67
CA SER A 84 2.84 -5.08 5.23
C SER A 84 3.76 -4.79 4.02
N CYS A 85 4.06 -3.52 3.77
CA CYS A 85 5.12 -3.09 2.87
C CYS A 85 6.50 -3.55 3.36
N PHE A 86 7.50 -3.29 2.52
CA PHE A 86 8.91 -3.67 2.70
C PHE A 86 9.78 -2.81 1.76
N TRP A 87 11.01 -2.54 2.16
CA TRP A 87 12.02 -1.92 1.32
C TRP A 87 12.71 -2.99 0.46
N ASP A 88 12.87 -2.71 -0.83
CA ASP A 88 13.56 -3.57 -1.80
C ASP A 88 14.45 -2.70 -2.71
N SER A 89 15.76 -2.97 -2.69
CA SER A 89 16.80 -2.25 -3.44
C SER A 89 17.30 -3.00 -4.69
N SER A 90 17.60 -4.30 -4.54
CA SER A 90 18.04 -5.19 -5.65
C SER A 90 16.96 -6.18 -6.09
N THR A 91 15.98 -6.47 -5.22
CA THR A 91 14.86 -7.40 -5.45
C THR A 91 13.71 -6.75 -6.24
N ASP A 92 13.51 -5.45 -6.06
CA ASP A 92 12.45 -4.63 -6.67
C ASP A 92 12.81 -3.13 -6.56
N GLY A 93 11.86 -2.21 -6.80
CA GLY A 93 12.00 -0.77 -6.54
C GLY A 93 11.20 -0.29 -5.33
N SER A 94 11.72 0.71 -4.60
CA SER A 94 11.00 1.43 -3.53
C SER A 94 11.69 2.77 -3.20
N CYS A 95 10.94 3.77 -2.74
CA CYS A 95 11.45 5.06 -2.28
C CYS A 95 10.48 5.77 -1.30
N THR A 96 10.92 6.88 -0.70
CA THR A 96 10.11 7.68 0.24
C THR A 96 10.57 9.14 0.28
N VAL A 97 9.67 10.07 0.56
CA VAL A 97 9.91 11.52 0.52
C VAL A 97 9.20 12.19 1.71
N ARG A 98 9.91 13.09 2.39
CA ARG A 98 9.47 13.78 3.61
C ARG A 98 9.50 15.30 3.45
N TRP A 99 8.37 15.95 3.71
CA TRP A 99 8.15 17.39 3.54
C TRP A 99 7.42 17.95 4.77
N GLU A 100 8.04 18.92 5.46
CA GLU A 100 7.40 19.67 6.55
C GLU A 100 6.54 20.84 6.01
N ASN A 101 5.53 21.23 6.78
CA ASN A 101 4.59 22.32 6.46
C ASN A 101 4.66 23.39 7.57
N LYS A 102 3.75 24.37 7.58
CA LYS A 102 3.66 25.42 8.60
C LYS A 102 3.64 24.89 10.05
N THR A 103 2.70 23.99 10.34
CA THR A 103 2.48 23.37 11.66
C THR A 103 2.20 21.85 11.62
N MET A 104 1.71 21.34 10.49
CA MET A 104 1.63 19.89 10.20
C MET A 104 2.88 19.38 9.48
N TYR A 105 2.93 18.07 9.20
CA TYR A 105 3.96 17.42 8.39
C TYR A 105 3.33 16.32 7.54
N CYS A 106 3.86 16.11 6.34
CA CYS A 106 3.40 15.10 5.40
C CYS A 106 4.58 14.24 4.90
N ILE A 107 4.41 12.92 4.96
CA ILE A 107 5.37 11.94 4.44
C ILE A 107 4.67 11.02 3.44
N VAL A 108 5.31 10.80 2.29
CA VAL A 108 4.81 9.98 1.18
C VAL A 108 5.82 8.86 0.88
N SER A 109 5.35 7.63 0.80
CA SER A 109 6.18 6.45 0.52
C SER A 109 5.63 5.65 -0.66
N ALA A 110 6.54 5.02 -1.41
CA ALA A 110 6.28 4.36 -2.67
C ALA A 110 6.96 2.99 -2.72
N PHE A 111 6.20 1.97 -3.13
CA PHE A 111 6.69 0.59 -3.23
C PHE A 111 6.32 0.01 -4.60
N GLY A 112 7.34 -0.29 -5.40
CA GLY A 112 7.23 -0.78 -6.76
C GLY A 112 7.49 -2.28 -6.82
N LEU A 113 6.44 -3.08 -6.55
CA LEU A 113 6.51 -4.55 -6.53
C LEU A 113 6.18 -5.17 -7.89
N SER A 114 7.07 -6.03 -8.39
CA SER A 114 6.99 -6.64 -9.72
C SER A 114 7.58 -8.06 -9.75
N ILE A 115 6.74 -9.07 -10.04
CA ILE A 115 7.11 -10.49 -10.05
C ILE A 115 8.21 -10.86 -11.07
N GLY A 116 8.48 -9.99 -12.06
CA GLY A 116 9.49 -10.18 -13.10
C GLY A 116 10.94 -10.11 -12.60
N GLY A 117 11.19 -9.59 -11.39
CA GLY A 117 12.51 -9.57 -10.75
C GLY A 117 13.56 -8.70 -11.45
N GLY A 118 13.15 -7.75 -12.29
CA GLY A 118 14.00 -6.93 -13.17
C GLY A 118 14.74 -5.80 -12.47
N SER A 119 15.45 -6.10 -11.38
CA SER A 119 16.20 -5.16 -10.52
C SER A 119 17.57 -5.74 -10.12
N GLY A 120 18.45 -4.89 -9.56
CA GLY A 120 19.82 -5.24 -9.15
C GLY A 120 20.95 -4.58 -9.93
N GLN A 121 20.66 -3.49 -10.65
CA GLN A 121 21.60 -2.65 -11.41
C GLN A 121 22.51 -1.77 -10.54
N SER A 122 23.13 -2.39 -9.54
CA SER A 122 23.93 -1.74 -8.49
C SER A 122 25.14 -2.57 -8.04
N GLY A 123 25.43 -3.68 -8.73
CA GLY A 123 26.52 -4.63 -8.47
C GLY A 123 26.19 -5.54 -7.28
N PRO A 124 26.85 -5.39 -6.11
CA PRO A 124 26.49 -6.15 -4.91
C PRO A 124 25.10 -5.77 -4.38
N ILE A 125 24.35 -6.77 -3.90
CA ILE A 125 23.04 -6.59 -3.26
C ILE A 125 23.15 -5.72 -1.99
N LYS A 126 22.39 -4.62 -1.90
CA LYS A 126 22.27 -3.81 -0.67
C LYS A 126 21.72 -4.63 0.50
N LEU A 127 22.17 -4.31 1.70
CA LEU A 127 21.76 -4.94 2.97
C LEU A 127 20.47 -4.28 3.49
N GLY A 128 19.48 -5.10 3.88
CA GLY A 128 18.16 -4.64 4.32
C GLY A 128 17.08 -5.72 4.19
N MET A 129 16.65 -6.30 5.33
CA MET A 129 15.56 -7.28 5.40
C MET A 129 14.18 -6.67 5.07
N ALA A 130 13.25 -7.52 4.64
CA ALA A 130 11.88 -7.16 4.22
C ALA A 130 10.83 -7.60 5.26
N LYS A 131 10.62 -6.78 6.30
CA LYS A 131 9.63 -7.07 7.36
C LYS A 131 8.54 -5.98 7.44
N ILE A 132 7.49 -6.24 8.24
CA ILE A 132 6.34 -5.34 8.48
C ILE A 132 6.80 -3.94 8.91
N THR A 133 6.31 -2.89 8.24
CA THR A 133 6.64 -1.48 8.49
C THR A 133 5.56 -0.82 9.34
N GLN A 134 5.80 -0.65 10.64
CA GLN A 134 4.92 0.13 11.53
C GLN A 134 5.37 1.61 11.61
N VAL A 135 4.40 2.51 11.77
CA VAL A 135 4.54 3.97 11.89
C VAL A 135 3.60 4.49 12.99
N ASP A 136 4.16 5.01 14.08
CA ASP A 136 3.41 5.65 15.16
C ASP A 136 4.09 6.93 15.66
N PHE A 137 3.29 7.95 15.96
CA PHE A 137 3.70 9.25 16.48
C PHE A 137 2.69 9.70 17.57
N PRO A 138 2.94 9.45 18.86
CA PRO A 138 2.06 9.88 19.94
C PRO A 138 2.10 11.42 20.14
N PRO A 139 1.13 12.01 20.87
CA PRO A 139 1.03 13.46 21.09
C PRO A 139 2.22 14.01 21.90
N ARG A 140 2.41 13.51 23.12
CA ARG A 140 3.58 13.76 23.99
C ARG A 140 3.70 12.65 25.04
N GLU A 141 2.67 12.54 25.85
CA GLU A 141 2.52 11.55 26.93
C GLU A 141 1.85 10.24 26.41
N ILE A 142 1.59 9.30 27.33
CA ILE A 142 0.85 8.05 27.10
C ILE A 142 -0.46 8.03 27.91
N VAL A 143 -1.40 7.15 27.52
CA VAL A 143 -2.73 6.94 28.14
C VAL A 143 -3.02 5.44 28.30
N GLY B 1 1.28 -11.63 -30.31
CA GLY B 1 -0.11 -11.89 -29.86
C GLY B 1 -0.75 -13.01 -30.66
N SER B 2 -0.96 -14.16 -30.03
CA SER B 2 -1.59 -15.37 -30.62
C SER B 2 -3.04 -15.57 -30.14
N MET B 3 -3.84 -16.30 -30.92
CA MET B 3 -5.26 -16.57 -30.63
C MET B 3 -5.43 -17.75 -29.66
N GLU B 4 -4.78 -18.88 -29.91
CA GLU B 4 -4.85 -20.09 -29.07
C GLU B 4 -4.22 -19.92 -27.66
N ASP B 5 -3.47 -18.83 -27.44
CA ASP B 5 -2.91 -18.43 -26.15
C ASP B 5 -3.97 -17.97 -25.13
N TYR B 6 -5.16 -17.55 -25.58
CA TYR B 6 -6.29 -17.26 -24.68
C TYR B 6 -6.87 -18.55 -24.07
N GLN B 7 -7.09 -18.54 -22.74
CA GLN B 7 -7.58 -19.68 -21.97
C GLN B 7 -8.46 -19.22 -20.79
N ALA B 8 -9.41 -20.06 -20.38
CA ALA B 8 -10.42 -19.79 -19.34
C ALA B 8 -10.04 -20.31 -17.92
N ALA B 9 -8.80 -20.76 -17.73
CA ALA B 9 -8.29 -21.37 -16.49
C ALA B 9 -8.31 -20.46 -15.24
N GLU B 10 -8.57 -19.16 -15.43
CA GLU B 10 -8.76 -18.15 -14.38
C GLU B 10 -9.80 -18.55 -13.30
N GLU B 11 -10.73 -19.46 -13.61
CA GLU B 11 -11.68 -20.04 -12.64
C GLU B 11 -11.02 -20.69 -11.41
N THR B 12 -9.75 -21.10 -11.50
CA THR B 12 -8.96 -21.64 -10.38
C THR B 12 -8.51 -20.57 -9.38
N ALA B 13 -8.47 -19.28 -9.77
CA ALA B 13 -8.13 -18.17 -8.87
C ALA B 13 -9.18 -18.02 -7.76
N PHE B 14 -8.75 -17.54 -6.59
CA PHE B 14 -9.65 -17.17 -5.49
C PHE B 14 -10.55 -15.97 -5.87
N VAL B 15 -11.61 -15.75 -5.10
CA VAL B 15 -12.57 -14.64 -5.29
C VAL B 15 -12.69 -13.80 -4.02
N VAL B 16 -13.08 -12.53 -4.15
CA VAL B 16 -13.22 -11.59 -3.02
C VAL B 16 -14.17 -12.12 -1.94
N ASP B 17 -15.29 -12.71 -2.36
CA ASP B 17 -16.30 -13.31 -1.49
C ASP B 17 -15.78 -14.53 -0.69
N GLU B 18 -14.75 -15.21 -1.20
CA GLU B 18 -14.00 -16.27 -0.51
C GLU B 18 -13.01 -15.67 0.49
N VAL B 19 -12.09 -14.79 0.05
CA VAL B 19 -11.07 -14.12 0.89
C VAL B 19 -11.70 -13.45 2.12
N SER B 20 -12.82 -12.76 1.93
CA SER B 20 -13.60 -12.11 2.98
C SER B 20 -14.16 -13.10 4.03
N ASN B 21 -14.15 -14.41 3.75
CA ASN B 21 -14.53 -15.50 4.66
C ASN B 21 -13.29 -16.20 5.29
N ILE B 22 -12.21 -16.40 4.52
CA ILE B 22 -10.90 -16.90 4.99
C ILE B 22 -10.41 -16.10 6.20
N VAL B 23 -10.55 -14.77 6.16
CA VAL B 23 -10.14 -13.94 7.31
C VAL B 23 -10.91 -14.28 8.60
N LYS B 24 -12.23 -14.52 8.55
CA LYS B 24 -13.01 -14.92 9.74
C LYS B 24 -12.59 -16.29 10.25
N GLU B 25 -12.55 -17.30 9.36
CA GLU B 25 -12.18 -18.66 9.79
C GLU B 25 -10.74 -18.77 10.33
N ALA B 26 -9.81 -17.94 9.85
CA ALA B 26 -8.43 -17.87 10.34
C ALA B 26 -8.29 -17.06 11.64
N ILE B 27 -9.00 -15.93 11.79
CA ILE B 27 -9.00 -15.16 13.04
C ILE B 27 -9.50 -16.05 14.18
N GLU B 28 -10.68 -16.62 14.06
CA GLU B 28 -11.28 -17.47 15.11
C GLU B 28 -10.42 -18.70 15.47
N SER B 29 -9.68 -19.26 14.50
CA SER B 29 -8.63 -20.26 14.72
C SER B 29 -7.52 -19.74 15.66
N ALA B 30 -6.95 -18.55 15.41
CA ALA B 30 -5.96 -17.90 16.27
C ALA B 30 -6.53 -17.46 17.64
N ILE B 31 -7.81 -17.08 17.74
CA ILE B 31 -8.50 -16.76 19.01
C ILE B 31 -8.55 -18.00 19.92
N GLY B 32 -8.74 -19.19 19.35
CA GLY B 32 -8.89 -20.46 20.09
C GLY B 32 -10.23 -20.60 20.83
N GLY B 33 -11.23 -19.80 20.48
CA GLY B 33 -12.58 -19.81 21.07
C GLY B 33 -12.71 -19.12 22.44
N ASN B 34 -11.75 -18.27 22.82
CA ASN B 34 -11.77 -17.51 24.09
C ASN B 34 -12.92 -16.48 24.19
N ALA B 35 -13.09 -15.85 25.36
CA ALA B 35 -14.15 -14.89 25.65
C ALA B 35 -13.85 -13.48 25.11
N TYR B 36 -14.53 -12.47 25.65
CA TYR B 36 -14.21 -11.04 25.53
C TYR B 36 -12.72 -10.74 25.82
N GLN B 37 -12.18 -9.68 25.20
CA GLN B 37 -10.80 -9.20 25.37
C GLN B 37 -10.69 -7.66 25.23
N HIS B 38 -9.50 -7.11 25.54
CA HIS B 38 -9.18 -5.66 25.45
C HIS B 38 -8.64 -5.30 24.05
N SER B 39 -7.31 -5.32 23.88
CA SER B 39 -6.55 -5.01 22.66
C SER B 39 -6.13 -6.25 21.86
N LYS B 40 -6.54 -7.46 22.26
CA LYS B 40 -6.29 -8.71 21.51
C LYS B 40 -6.66 -8.60 20.04
N VAL B 41 -7.82 -8.01 19.74
CA VAL B 41 -8.32 -7.78 18.37
C VAL B 41 -7.29 -7.07 17.48
N ASN B 42 -6.51 -6.11 18.00
CA ASN B 42 -5.41 -5.45 17.28
C ASN B 42 -4.25 -6.43 16.95
N GLN B 43 -3.72 -7.14 17.95
CA GLN B 43 -2.67 -8.15 17.72
C GLN B 43 -3.15 -9.33 16.86
N TRP B 44 -4.46 -9.60 16.81
CA TRP B 44 -5.07 -10.63 15.97
C TRP B 44 -5.18 -10.17 14.51
N THR B 45 -5.81 -9.04 14.24
CA THR B 45 -5.94 -8.51 12.87
C THR B 45 -4.57 -8.28 12.21
N THR B 46 -3.49 -8.02 12.97
CA THR B 46 -2.13 -8.04 12.41
C THR B 46 -1.57 -9.46 12.26
N ASN B 47 -1.44 -10.25 13.34
CA ASN B 47 -0.79 -11.59 13.33
C ASN B 47 -1.43 -12.58 12.36
N VAL B 48 -2.76 -12.60 12.29
CA VAL B 48 -3.55 -13.51 11.44
C VAL B 48 -3.30 -13.19 9.98
N VAL B 49 -3.67 -11.99 9.55
CA VAL B 49 -3.44 -11.48 8.18
C VAL B 49 -1.97 -11.66 7.77
N GLU B 50 -1.03 -11.65 8.73
CA GLU B 50 0.41 -11.81 8.45
C GLU B 50 0.75 -13.14 7.74
N GLN B 51 0.04 -14.22 8.12
CA GLN B 51 0.21 -15.58 7.58
C GLN B 51 -0.99 -16.00 6.72
N THR B 52 -2.20 -15.63 7.13
CA THR B 52 -3.50 -15.89 6.46
C THR B 52 -3.57 -15.24 5.09
N LEU B 53 -3.27 -13.94 4.99
CA LEU B 53 -3.28 -13.25 3.69
C LEU B 53 -2.15 -13.80 2.78
N SER B 54 -0.99 -14.14 3.36
CA SER B 54 0.08 -14.84 2.64
C SER B 54 -0.40 -16.21 2.10
N GLN B 55 -1.14 -16.98 2.88
CA GLN B 55 -1.71 -18.30 2.55
C GLN B 55 -2.76 -18.24 1.43
N LEU B 56 -3.76 -17.38 1.52
CA LEU B 56 -4.83 -17.32 0.51
C LEU B 56 -4.35 -16.85 -0.88
N THR B 57 -3.30 -16.06 -0.92
CA THR B 57 -2.58 -15.74 -2.17
C THR B 57 -2.06 -17.03 -2.81
N LYS B 58 -1.61 -18.01 -2.01
CA LYS B 58 -1.07 -19.29 -2.52
C LYS B 58 -2.15 -20.26 -2.98
N LEU B 59 -3.36 -20.13 -2.43
CA LEU B 59 -4.53 -20.94 -2.76
C LEU B 59 -4.91 -20.93 -4.26
N GLY B 60 -4.57 -19.89 -5.04
CA GLY B 60 -4.87 -19.80 -6.47
C GLY B 60 -3.74 -19.21 -7.33
N LYS B 61 -3.67 -17.86 -7.37
CA LYS B 61 -2.67 -17.08 -8.14
C LYS B 61 -1.21 -17.23 -7.61
N PRO B 62 -0.19 -16.69 -8.30
CA PRO B 62 1.16 -16.53 -7.72
C PRO B 62 1.21 -15.46 -6.63
N PHE B 63 2.34 -15.38 -5.91
CA PHE B 63 2.65 -14.33 -4.95
C PHE B 63 2.59 -12.92 -5.55
N LYS B 64 1.60 -12.13 -5.09
CA LYS B 64 1.40 -10.68 -5.32
C LYS B 64 0.17 -10.18 -4.56
N TYR B 65 0.40 -9.52 -3.43
CA TYR B 65 -0.57 -8.67 -2.72
C TYR B 65 0.16 -7.59 -1.91
N ILE B 66 -0.60 -6.62 -1.41
CA ILE B 66 -0.23 -5.78 -0.27
C ILE B 66 -1.42 -5.70 0.69
N VAL B 67 -1.13 -5.42 1.96
CA VAL B 67 -2.13 -5.01 2.95
C VAL B 67 -1.62 -3.85 3.80
N THR B 68 -2.56 -3.06 4.29
CA THR B 68 -2.32 -2.01 5.29
C THR B 68 -3.38 -2.08 6.38
N CYS B 69 -3.07 -1.52 7.56
CA CYS B 69 -4.06 -1.32 8.62
C CYS B 69 -3.76 -0.07 9.47
N VAL B 70 -4.80 0.45 10.12
CA VAL B 70 -4.72 1.70 10.87
C VAL B 70 -5.62 1.65 12.10
N ILE B 71 -5.03 1.95 13.25
CA ILE B 71 -5.57 1.77 14.60
C ILE B 71 -5.65 3.17 15.25
N MET B 72 -6.84 3.74 15.20
CA MET B 72 -7.17 5.04 15.82
C MET B 72 -8.00 4.83 17.10
N GLN B 73 -7.95 5.80 18.01
CA GLN B 73 -8.60 5.75 19.32
C GLN B 73 -9.58 6.92 19.49
N LYS B 74 -10.80 6.62 19.95
CA LYS B 74 -11.91 7.58 20.11
C LYS B 74 -11.67 8.71 21.14
N ASN B 75 -10.59 8.61 21.93
CA ASN B 75 -10.17 9.60 22.95
C ASN B 75 -9.94 11.02 22.40
N GLY B 76 -9.73 11.16 21.09
CA GLY B 76 -9.65 12.47 20.38
C GLY B 76 -8.34 12.68 19.62
N ALA B 77 -7.83 11.65 18.93
CA ALA B 77 -6.52 11.67 18.30
C ALA B 77 -6.59 11.28 16.80
N GLY B 78 -7.15 12.17 15.98
CA GLY B 78 -7.44 11.97 14.56
C GLY B 78 -6.63 12.82 13.58
N LEU B 79 -6.48 12.34 12.35
CA LEU B 79 -5.54 12.83 11.32
C LEU B 79 -6.05 12.60 9.89
N HIS B 80 -5.29 13.04 8.87
CA HIS B 80 -5.64 12.85 7.44
C HIS B 80 -4.70 11.82 6.78
N THR B 81 -5.20 10.64 6.42
CA THR B 81 -4.46 9.62 5.64
C THR B 81 -4.98 9.59 4.20
N ALA B 82 -4.09 9.34 3.24
CA ALA B 82 -4.42 9.22 1.84
C ALA B 82 -3.61 8.11 1.17
N SER B 83 -4.23 7.34 0.28
CA SER B 83 -3.53 6.28 -0.47
C SER B 83 -3.95 6.26 -1.94
N SER B 84 -2.99 5.97 -2.83
CA SER B 84 -3.22 5.81 -4.27
C SER B 84 -3.69 4.39 -4.62
N CYS B 85 -4.13 3.62 -3.62
CA CYS B 85 -4.87 2.37 -3.81
C CYS B 85 -6.19 2.59 -4.56
N PHE B 86 -6.80 1.49 -4.99
CA PHE B 86 -8.02 1.43 -5.81
C PHE B 86 -8.70 0.07 -5.61
N TRP B 87 -10.02 0.06 -5.69
CA TRP B 87 -10.82 -1.18 -5.72
C TRP B 87 -10.85 -1.69 -7.16
N ASP B 88 -10.52 -2.97 -7.34
CA ASP B 88 -10.56 -3.70 -8.61
C ASP B 88 -11.26 -5.06 -8.39
N SER B 89 -12.40 -5.26 -9.05
CA SER B 89 -13.25 -6.46 -8.97
C SER B 89 -13.07 -7.46 -10.12
N SER B 90 -13.06 -6.97 -11.36
CA SER B 90 -12.85 -7.78 -12.59
C SER B 90 -11.47 -7.57 -13.22
N THR B 91 -10.81 -6.45 -12.91
CA THR B 91 -9.47 -6.07 -13.40
C THR B 91 -8.33 -6.70 -12.60
N ASP B 92 -8.55 -6.97 -11.31
CA ASP B 92 -7.60 -7.49 -10.32
C ASP B 92 -8.39 -8.04 -9.10
N GLY B 93 -7.73 -8.34 -7.98
CA GLY B 93 -8.36 -8.66 -6.69
C GLY B 93 -8.18 -7.55 -5.64
N SER B 94 -9.18 -7.35 -4.77
CA SER B 94 -9.10 -6.47 -3.59
C SER B 94 -10.18 -6.81 -2.56
N CYS B 95 -9.90 -6.64 -1.26
CA CYS B 95 -10.83 -6.89 -0.16
C CYS B 95 -10.51 -6.01 1.08
N THR B 96 -11.39 -5.96 2.08
CA THR B 96 -11.20 -5.18 3.31
C THR B 96 -12.01 -5.75 4.48
N VAL B 97 -11.54 -5.56 5.72
CA VAL B 97 -12.11 -6.13 6.95
C VAL B 97 -12.07 -5.10 8.07
N ARG B 98 -13.15 -5.03 8.86
CA ARG B 98 -13.33 -4.06 9.96
C ARG B 98 -13.70 -4.76 11.27
N TRP B 99 -12.95 -4.45 12.33
CA TRP B 99 -13.04 -5.07 13.66
C TRP B 99 -12.96 -3.98 14.75
N GLU B 100 -14.01 -3.87 15.57
CA GLU B 100 -14.02 -2.99 16.76
C GLU B 100 -13.34 -3.67 17.96
N ASN B 101 -12.81 -2.85 18.87
CA ASN B 101 -12.11 -3.27 20.10
C ASN B 101 -12.84 -2.67 21.33
N LYS B 102 -12.26 -2.78 22.54
CA LYS B 102 -12.81 -2.21 23.77
C LYS B 102 -13.16 -0.72 23.67
N THR B 103 -12.18 0.10 23.27
CA THR B 103 -12.31 1.57 23.14
C THR B 103 -11.66 2.16 21.86
N MET B 104 -10.71 1.43 21.26
CA MET B 104 -10.17 1.71 19.92
C MET B 104 -10.92 0.92 18.83
N TYR B 105 -10.54 1.12 17.58
CA TYR B 105 -11.02 0.36 16.43
C TYR B 105 -9.86 0.14 15.43
N CYS B 106 -9.86 -1.01 14.75
CA CYS B 106 -8.85 -1.37 13.76
C CYS B 106 -9.52 -1.81 12.44
N ILE B 107 -9.02 -1.28 11.32
CA ILE B 107 -9.45 -1.65 9.98
C ILE B 107 -8.24 -2.07 9.14
N VAL B 108 -8.41 -3.14 8.35
CA VAL B 108 -7.36 -3.75 7.51
C VAL B 108 -7.87 -3.89 6.09
N SER B 109 -7.08 -3.41 5.12
CA SER B 109 -7.41 -3.43 3.69
C SER B 109 -6.34 -4.15 2.87
N ALA B 110 -6.75 -4.79 1.78
CA ALA B 110 -5.91 -5.62 0.92
C ALA B 110 -6.16 -5.36 -0.57
N PHE B 111 -5.07 -5.32 -1.34
CA PHE B 111 -5.06 -5.04 -2.76
C PHE B 111 -4.06 -5.97 -3.48
N GLY B 112 -4.54 -6.74 -4.45
CA GLY B 112 -3.78 -7.76 -5.19
C GLY B 112 -3.58 -7.37 -6.65
N LEU B 113 -2.56 -6.53 -6.92
CA LEU B 113 -2.34 -5.88 -8.22
C LEU B 113 -1.37 -6.63 -9.13
N SER B 114 -1.89 -7.30 -10.15
CA SER B 114 -1.17 -8.24 -11.00
C SER B 114 -1.32 -7.94 -12.50
N ILE B 115 -0.23 -7.52 -13.14
CA ILE B 115 -0.18 -7.09 -14.56
C ILE B 115 -0.68 -8.14 -15.57
N GLY B 116 -0.76 -9.42 -15.18
CA GLY B 116 -1.26 -10.52 -16.01
C GLY B 116 -2.75 -10.45 -16.35
N GLY B 117 -3.54 -9.64 -15.63
CA GLY B 117 -4.96 -9.39 -15.92
C GLY B 117 -5.90 -10.58 -15.70
N GLY B 118 -5.45 -11.63 -15.00
CA GLY B 118 -6.15 -12.90 -14.79
C GLY B 118 -7.28 -12.83 -13.75
N SER B 119 -8.27 -11.97 -14.00
CA SER B 119 -9.48 -11.75 -13.17
C SER B 119 -10.72 -11.54 -14.06
N GLY B 120 -11.92 -11.57 -13.44
CA GLY B 120 -13.22 -11.40 -14.13
C GLY B 120 -14.12 -12.63 -14.15
N GLN B 121 -13.89 -13.60 -13.25
CA GLN B 121 -14.67 -14.83 -13.05
C GLN B 121 -16.04 -14.60 -12.38
N SER B 122 -16.81 -13.66 -12.92
CA SER B 122 -18.05 -13.14 -12.35
C SER B 122 -19.08 -12.72 -13.41
N GLY B 123 -18.81 -13.00 -14.69
CA GLY B 123 -19.65 -12.69 -15.86
C GLY B 123 -19.54 -11.21 -16.25
N PRO B 124 -20.59 -10.38 -16.05
CA PRO B 124 -20.51 -8.94 -16.29
C PRO B 124 -19.52 -8.24 -15.32
N ILE B 125 -18.78 -7.26 -15.83
CA ILE B 125 -17.89 -6.40 -15.04
C ILE B 125 -18.68 -5.58 -14.00
N LYS B 126 -18.31 -5.67 -12.72
CA LYS B 126 -18.87 -4.82 -11.65
C LYS B 126 -18.57 -3.33 -11.89
N LEU B 127 -19.50 -2.48 -11.43
CA LEU B 127 -19.42 -1.02 -11.50
C LEU B 127 -18.61 -0.48 -10.32
N GLY B 128 -17.64 0.40 -10.59
CA GLY B 128 -16.71 0.93 -9.58
C GLY B 128 -15.42 1.49 -10.19
N MET B 129 -15.33 2.82 -10.32
CA MET B 129 -14.15 3.53 -10.82
C MET B 129 -12.95 3.44 -9.85
N ALA B 130 -11.74 3.62 -10.38
CA ALA B 130 -10.46 3.52 -9.67
C ALA B 130 -9.84 4.91 -9.46
N LYS B 131 -10.01 5.47 -8.25
CA LYS B 131 -9.43 6.77 -7.84
C LYS B 131 -8.63 6.76 -6.53
N ILE B 132 -8.04 7.89 -6.16
CA ILE B 132 -7.34 8.08 -4.87
C ILE B 132 -8.29 7.82 -3.70
N THR B 133 -7.88 6.98 -2.74
CA THR B 133 -8.64 6.58 -1.56
C THR B 133 -8.14 7.34 -0.34
N GLN B 134 -8.77 8.47 -0.02
CA GLN B 134 -8.53 9.20 1.23
C GLN B 134 -9.41 8.67 2.38
N VAL B 135 -8.90 8.76 3.61
CA VAL B 135 -9.53 8.32 4.85
C VAL B 135 -9.11 9.24 6.00
N ASP B 136 -10.09 9.92 6.61
CA ASP B 136 -9.91 10.80 7.76
C ASP B 136 -11.04 10.64 8.78
N PHE B 137 -10.68 10.72 10.06
CA PHE B 137 -11.58 10.64 11.21
C PHE B 137 -11.17 11.70 12.25
N PRO B 138 -11.79 12.90 12.26
CA PRO B 138 -11.48 13.94 13.25
C PRO B 138 -11.97 13.56 14.66
N PRO B 139 -11.49 14.26 15.72
CA PRO B 139 -11.85 13.96 17.11
C PRO B 139 -13.35 14.20 17.41
N ARG B 140 -13.82 15.44 17.20
CA ARG B 140 -15.25 15.84 17.22
C ARG B 140 -15.45 17.13 16.44
N GLU B 141 -14.78 18.18 16.91
CA GLU B 141 -14.77 19.53 16.35
C GLU B 141 -13.66 19.71 15.28
N ILE B 142 -13.52 20.92 14.74
CA ILE B 142 -12.46 21.36 13.83
C ILE B 142 -11.55 22.43 14.49
N VAL B 143 -10.34 22.63 13.93
CA VAL B 143 -9.32 23.60 14.37
C VAL B 143 -8.73 24.34 13.17
#